data_9NGV
#
_entry.id   9NGV
#
_cell.length_a   1.00
_cell.length_b   1.00
_cell.length_c   1.00
_cell.angle_alpha   90.00
_cell.angle_beta   90.00
_cell.angle_gamma   90.00
#
_symmetry.space_group_name_H-M   'P 1'
#
loop_
_entity.id
_entity.type
_entity.pdbx_description
1 polymer 'unknown peptide A'
2 polymer 'unknown peptide B'
3 polymer 'unknown peptide C'
4 polymer 'unknown peptide D'
5 polymer 'IcmG (DotF)'
6 polymer 'IcmE (DotG)'
7 polymer 'IcmK (DotH)'
#
loop_
_entity_poly.entity_id
_entity_poly.type
_entity_poly.pdbx_seq_one_letter_code
_entity_poly.pdbx_strand_id
1 'polypeptide(L)' CTDAALAALEYHKSNA Aa,Ah,Ao,Av,Bc,Bj,Bq,Bx,Ce,Cl,Cs,Cz,Dg,Dn,Du,Eb,Ei,Ep
2 'polypeptide(L)' CVSMIGGSR Ab,Ai,Ap,Aw,Bd,Bk,Br,By,Cf,Cm,Ct,Da,Dh,Do,Dv,Ec,Ej,Eq
3 'polypeptide(L)' RVSIGGTVYTAKKYDD Ac,Aj,Aq,Ax,Be,Bl,Bs,Bz,Cg,Cn,Cu,Db,Di,Dp,Dw,Ed,Ek,Er
4 'polypeptide(L)' PFGAD Ad,Ak,Ar,Ay,Bf,Bm,Bt,Ca,Ch,Co,Cv,Dc,Dj,Dq,Dx,Ee,El,Es
5 'polypeptide(L)'
;MMAEHDQNNDEYKFAELDSYDMDQAGESDLDSEASYQSGKEGLTKKKDIKRNALIAIGAVVFIMVMYKIIGWMFFSDKSS
QVTSKPAIPPVTQVATPQPVQTIPTTTPIQQVQPTTIIEDDPDLKKKVSAIEMTQQSLRSEVNALSEQINAVNNNIKNLN
AQIVNLNQIIGNMSNQIARQSEVINVLMARTTPKKVVKVSRPIVQARIIYYIQAVIPGRAWLIGSNGSTLTVREGSKIPG
YGMVKLIDSLQGRILTSSGQVIKFSQEDS
;
Ae,Al,As,Az,Bg,Bn,Bu,Cb,Ci,Cp,Cw,Dd,Dk,Dr,Dy,Ef,Em,Et
6 'polypeptide(L)'
;MASKKENLKSLFSNTRTRVIIIFTAALLIIAVVIGFFKIRGATTGSIAAAEVSTVPGGIQSIPGVLDPTAQYAKLQEEQN
ITQAQVAEKTGGSAIPTIIRTQALGEGVGVIGSQSGVGFAALAQEELGGPQRSLWIQELQDGSCSKSVITKVVNQGAQLT
DLKAACSCVQLKDSGYGLQELEQVCECKELKSAGYNARQLKEAGYSAGRLRNCGFDACELRNAGFTAQEMKDGGFSDGEL
KGAGFSDAEIAKASGLPDGITADDVRKAGCGAAALAKLRQAGVSASAIRKISGCTAEQLKAAGYTAKELKDAGFSAADLR
RAGFSAAELKDAGFTARDLLNAGFTPADLAKAGFSDAQIKAAQAELPPGITPQDVKNAGCDVEALKKEREAGVSAALIRQ
YAGCSAQALKAAGFTDADLANAGFTPAQISAATPLSDAEIKAAGCDPDKLKKLFSAGVSAKRIKELNGCSAEALKAAGYD
AQSLLAAGFTPQELLAAGFTPKQLEDAGLNPVSIIADGRVADCSVESLKKARAAGVSALTIKQTLGCSAAALKAAGYTAK
ELKDAGFTAAELKAAGFSAKELKDAGFTAKELRDAGFSAQELKDVGFSAKDLKDAGFSAAELKAAGFTAAQLKAAGFSAK
DLKDAGFSAAELKAAGFSAKELKDAGFSASDLKNAGFSAKELKDAGFSASDLKSAGFSASELKNAGYSADELKKAGYTSA
ELRNAGFSPQESAVAGLQGPDLQQLDSSITGIPSIPGATPRPTTSDAASSAEQLQAILQKQNEQLAEQKYQQEIQQRTSD
MLTAATQLVQDWKQVETQVYTEGTEETKTSGGESAVPGTGTGTGSNNQPVDQGAVSAQNQAIIKTGDIMFAVLDTSVNSD
EPGPILATIVTGKLKGSKLIGSFNLPSNADKMVITFNTMSIPGAEKTISISAYAIDPNTARTALASRTNHHYLMRYGSLF
ASSFLQGFGNAFQSANTTITIGGTGGGNNITVANGVGRSTLENAVIGLATVGKAWSQQAQQLFNTPTTVEVYSGTGLGIL
FTQDVTTI
;
Af,Am,At,Ba,Bh,Bo,Bv,Cc,Cj,Cq,Cx,De,Dl,Ds,Dz,Eg,En,Eu
7 'polypeptide(L)'
;MMKKYDQLCKYCLVIGLTFSMSCSIYAADQSDDAQQALQQLRMLQQKLSQNPSPDAQSGAGDGGDNAASDSTQQPNQSGQ
ANAPAANQTATAGGDGQIISQDDAEVIDKKAFKDMTRNLYPLNPEQVVKLKQIYETSEYAKAATPGTPPKPTATSQFVNL
SPGSTPPVIRLSQGFVSSLVFLDSTGAPWPIAAYDLGDPSSFNIQWDKTSNTLMIQATKLYNYGNLAVRLRGLNTPVMLT
LIPGQKAVDYRVDLRVQGYGPNAKSMPTEEGIPPSANDLLLHVLEGVPPPGSRRLVVSGGDARAWLSNEKMYVRTNLTIL
SPGWLASMTSADGTHAYEMQKSPVLLVSWHGKVMQLKVEGL
;
Ag,An,Au,Bb,Bi,Bp,Bw,Cd,Ck,Cr,Cy,Df,Dm,Dt,Ea,Eh,Eo,Ev
#
# COMPACT_ATOMS: atom_id res chain seq x y z
N CYS A 1 63.09 -57.59 -1.80
CA CYS A 1 62.79 -56.16 -1.77
C CYS A 1 63.58 -55.42 -2.83
N THR A 2 64.80 -54.99 -2.52
CA THR A 2 65.63 -54.35 -3.53
C THR A 2 65.96 -55.28 -4.68
N ASP A 3 65.95 -56.59 -4.42
CA ASP A 3 66.10 -57.56 -5.51
C ASP A 3 64.95 -57.44 -6.50
N ALA A 4 63.72 -57.32 -6.00
CA ALA A 4 62.56 -57.14 -6.87
C ALA A 4 62.65 -55.82 -7.62
N ALA A 5 63.10 -54.76 -6.94
CA ALA A 5 63.21 -53.46 -7.60
C ALA A 5 64.22 -53.50 -8.73
N LEU A 6 65.40 -54.08 -8.48
CA LEU A 6 66.42 -54.17 -9.54
C LEU A 6 65.96 -55.09 -10.67
N ALA A 7 65.30 -56.19 -10.34
CA ALA A 7 64.82 -57.10 -11.39
C ALA A 7 63.76 -56.41 -12.26
N ALA A 8 62.84 -55.68 -11.64
CA ALA A 8 61.84 -54.95 -12.42
C ALA A 8 62.47 -53.84 -13.24
N LEU A 9 63.48 -53.16 -12.68
CA LEU A 9 64.16 -52.10 -13.43
C LEU A 9 64.87 -52.67 -14.66
N GLU A 10 65.56 -53.80 -14.50
CA GLU A 10 66.24 -54.39 -15.64
C GLU A 10 65.25 -54.98 -16.64
N TYR A 11 64.09 -55.47 -16.16
CA TYR A 11 63.05 -55.93 -17.07
C TYR A 11 62.49 -54.78 -17.89
N HIS A 12 62.31 -53.61 -17.26
CA HIS A 12 61.86 -52.43 -17.99
C HIS A 12 62.92 -51.95 -18.97
N LYS A 13 64.19 -51.96 -18.56
CA LYS A 13 65.25 -51.47 -19.44
C LYS A 13 65.45 -52.39 -20.64
N SER A 14 65.40 -53.70 -20.45
CA SER A 14 65.53 -54.64 -21.56
C SER A 14 64.29 -54.65 -22.44
N ASN A 15 63.10 -54.55 -21.85
CA ASN A 15 61.84 -54.50 -22.58
C ASN A 15 61.32 -53.07 -22.45
N ALA A 16 61.68 -52.22 -23.40
CA ALA A 16 61.40 -50.78 -23.35
C ALA A 16 59.93 -50.46 -23.12
N CYS B 1 63.26 -44.46 -12.96
CA CYS B 1 62.25 -45.15 -13.76
C CYS B 1 61.37 -46.04 -12.89
N VAL B 2 61.91 -46.45 -11.74
CA VAL B 2 61.20 -47.32 -10.81
C VAL B 2 60.55 -46.45 -9.73
N SER B 3 59.25 -46.66 -9.53
CA SER B 3 58.53 -46.00 -8.45
C SER B 3 58.52 -46.95 -7.25
N MET B 4 59.11 -46.50 -6.14
CA MET B 4 59.30 -47.40 -5.01
C MET B 4 57.99 -47.77 -4.34
N ILE B 5 56.98 -46.91 -4.44
CA ILE B 5 55.70 -47.16 -3.78
C ILE B 5 55.02 -48.39 -4.35
N GLY B 6 55.12 -48.61 -5.65
CA GLY B 6 54.55 -49.79 -6.27
C GLY B 6 55.43 -51.01 -6.11
N GLY B 7 56.00 -51.19 -4.93
CA GLY B 7 56.89 -52.30 -4.67
C GLY B 7 56.14 -53.52 -4.16
N SER B 8 56.40 -54.65 -4.80
CA SER B 8 55.80 -55.92 -4.40
C SER B 8 56.82 -57.02 -4.62
N ARG B 9 57.05 -57.85 -3.61
CA ARG B 9 58.03 -58.91 -3.70
C ARG B 9 57.59 -59.95 -4.72
N ARG C 1 55.24 -52.92 -10.17
CA ARG C 1 55.92 -51.71 -10.61
C ARG C 1 55.56 -51.37 -12.05
N VAL C 2 55.43 -50.08 -12.35
CA VAL C 2 55.03 -49.61 -13.67
C VAL C 2 55.97 -48.48 -14.09
N SER C 3 56.45 -48.54 -15.32
CA SER C 3 57.45 -47.61 -15.84
C SER C 3 56.80 -46.26 -16.17
N ILE C 4 57.64 -45.26 -16.42
CA ILE C 4 57.19 -43.93 -16.84
C ILE C 4 56.75 -43.92 -18.30
N GLY C 5 57.08 -44.95 -19.08
CA GLY C 5 56.50 -45.06 -20.40
C GLY C 5 55.00 -45.27 -20.42
N GLY C 6 54.39 -45.55 -19.27
CA GLY C 6 52.98 -45.84 -19.19
C GLY C 6 52.64 -47.32 -19.19
N THR C 7 53.59 -48.18 -19.55
CA THR C 7 53.36 -49.61 -19.57
C THR C 7 53.84 -50.24 -18.27
N VAL C 8 53.18 -51.33 -17.89
CA VAL C 8 53.49 -52.04 -16.65
C VAL C 8 54.64 -53.00 -16.89
N TYR C 9 55.67 -52.92 -16.04
CA TYR C 9 56.83 -53.80 -16.12
C TYR C 9 57.23 -54.17 -14.70
N THR C 10 56.93 -55.41 -14.30
CA THR C 10 57.09 -55.85 -12.93
C THR C 10 57.88 -57.15 -12.88
N ALA C 11 58.65 -57.31 -11.80
CA ALA C 11 59.35 -58.57 -11.55
C ALA C 11 58.35 -59.63 -11.08
N LYS C 12 58.76 -60.90 -11.21
CA LYS C 12 57.83 -61.99 -10.91
C LYS C 12 57.74 -62.28 -9.42
N LYS C 13 58.83 -62.75 -8.82
CA LYS C 13 58.86 -63.18 -7.42
C LYS C 13 60.28 -62.98 -6.91
N TYR C 14 60.46 -62.10 -5.94
CA TYR C 14 61.79 -61.83 -5.38
C TYR C 14 61.65 -61.45 -3.92
N ASP C 15 62.33 -62.19 -3.05
CA ASP C 15 62.29 -61.97 -1.61
C ASP C 15 63.69 -61.77 -1.06
N ASP C 16 63.78 -61.04 0.04
CA ASP C 16 65.06 -60.79 0.69
C ASP C 16 65.00 -61.14 2.18
N PRO D 1 56.10 -51.04 0.45
CA PRO D 1 55.66 -52.18 1.27
C PRO D 1 56.79 -53.16 1.55
N PHE D 2 57.74 -52.76 2.39
CA PHE D 2 58.99 -53.48 2.55
C PHE D 2 59.27 -53.73 4.02
N GLY D 3 60.21 -54.64 4.28
CA GLY D 3 60.51 -55.04 5.64
C GLY D 3 61.77 -54.42 6.21
N ALA D 4 62.53 -53.73 5.36
CA ALA D 4 63.74 -53.04 5.77
C ALA D 4 63.48 -51.58 6.10
N ASP D 5 62.22 -51.19 6.27
CA ASP D 5 61.85 -49.80 6.54
C ASP D 5 62.43 -49.31 7.86
N ARG E 207 88.33 -42.18 2.45
CA ARG E 207 87.55 -41.52 1.41
C ARG E 207 86.56 -40.53 2.00
N ILE E 208 85.48 -40.26 1.28
CA ILE E 208 84.42 -39.36 1.72
C ILE E 208 83.15 -40.18 1.85
N ILE E 209 82.52 -40.11 3.02
CA ILE E 209 81.31 -40.87 3.32
C ILE E 209 80.11 -39.97 3.08
N TYR E 210 79.17 -40.46 2.26
CA TYR E 210 77.99 -39.69 1.88
C TYR E 210 76.77 -40.23 2.61
N TYR E 211 76.01 -39.34 3.22
CA TYR E 211 74.76 -39.66 3.88
C TYR E 211 73.60 -39.04 3.10
N ILE E 212 72.40 -39.57 3.32
CA ILE E 212 71.21 -39.01 2.70
C ILE E 212 70.72 -37.84 3.54
N GLN E 213 70.71 -36.65 2.95
CA GLN E 213 70.06 -35.52 3.61
C GLN E 213 68.55 -35.59 3.42
N ALA E 214 68.10 -35.81 2.20
CA ALA E 214 66.68 -35.99 1.93
C ALA E 214 66.52 -36.93 0.74
N VAL E 215 65.37 -37.58 0.65
CA VAL E 215 65.13 -38.55 -0.41
C VAL E 215 63.68 -38.46 -0.86
N ILE E 216 63.48 -38.53 -2.17
CA ILE E 216 62.15 -38.63 -2.78
C ILE E 216 62.25 -39.56 -3.97
N PRO E 217 61.10 -40.06 -4.46
CA PRO E 217 61.14 -40.87 -5.69
C PRO E 217 61.83 -40.14 -6.83
N GLY E 218 62.99 -40.65 -7.24
CA GLY E 218 63.83 -39.95 -8.19
C GLY E 218 65.05 -39.32 -7.54
N ARG E 219 65.02 -38.00 -7.37
CA ARG E 219 66.16 -37.28 -6.82
C ARG E 219 66.43 -37.68 -5.37
N ALA E 220 67.68 -37.51 -4.95
CA ALA E 220 68.08 -37.71 -3.57
C ALA E 220 69.18 -36.70 -3.25
N TRP E 221 68.94 -35.87 -2.23
CA TRP E 221 69.91 -34.88 -1.79
C TRP E 221 70.80 -35.50 -0.74
N LEU E 222 72.12 -35.47 -0.97
CA LEU E 222 73.10 -36.08 -0.09
C LEU E 222 74.08 -35.04 0.41
N ILE E 223 74.57 -35.26 1.63
CA ILE E 223 75.60 -34.42 2.25
C ILE E 223 76.74 -35.33 2.68
N GLY E 224 77.97 -34.96 2.28
CA GLY E 224 79.15 -35.73 2.60
C GLY E 224 79.79 -35.27 3.90
N SER E 225 81.03 -35.72 4.10
CA SER E 225 81.80 -35.37 5.28
C SER E 225 82.48 -34.02 5.17
N ASN E 226 82.56 -33.44 3.98
CA ASN E 226 83.18 -32.14 3.78
C ASN E 226 82.18 -30.99 3.85
N GLY E 227 80.91 -31.27 4.12
CA GLY E 227 79.87 -30.27 4.06
C GLY E 227 79.31 -30.03 2.68
N SER E 228 79.84 -30.71 1.66
CA SER E 228 79.31 -30.57 0.31
C SER E 228 77.94 -31.21 0.19
N THR E 229 77.12 -30.64 -0.69
CA THR E 229 75.77 -31.13 -0.93
C THR E 229 75.61 -31.44 -2.42
N LEU E 230 75.09 -32.62 -2.73
CA LEU E 230 74.80 -33.02 -4.09
C LEU E 230 73.37 -33.51 -4.18
N THR E 231 72.90 -33.70 -5.41
CA THR E 231 71.62 -34.36 -5.67
C THR E 231 71.83 -35.37 -6.78
N VAL E 232 71.29 -36.56 -6.61
CA VAL E 232 71.55 -37.68 -7.50
C VAL E 232 70.23 -38.27 -7.98
N ARG E 233 70.31 -38.96 -9.12
CA ARG E 233 69.14 -39.60 -9.73
C ARG E 233 69.46 -41.08 -9.95
N GLU E 234 68.59 -41.75 -10.72
CA GLU E 234 68.66 -43.20 -10.88
C GLU E 234 70.06 -43.66 -11.28
N GLY E 235 70.62 -43.04 -12.32
CA GLY E 235 72.01 -43.29 -12.66
C GLY E 235 72.82 -42.02 -12.63
N SER E 236 73.74 -41.90 -11.68
CA SER E 236 74.46 -40.65 -11.48
C SER E 236 75.78 -40.94 -10.78
N LYS E 237 76.85 -40.31 -11.26
CA LYS E 237 78.18 -40.52 -10.71
C LYS E 237 78.30 -39.86 -9.35
N ILE E 238 78.83 -40.60 -8.38
CA ILE E 238 79.13 -40.08 -7.05
C ILE E 238 80.62 -40.30 -6.80
N PRO E 239 81.37 -39.26 -6.40
CA PRO E 239 82.82 -39.42 -6.24
C PRO E 239 83.16 -40.46 -5.18
N GLY E 240 83.86 -41.51 -5.60
CA GLY E 240 84.28 -42.59 -4.73
C GLY E 240 83.27 -43.70 -4.57
N TYR E 241 81.98 -43.38 -4.65
CA TYR E 241 80.93 -44.37 -4.47
C TYR E 241 80.51 -45.05 -5.77
N GLY E 242 81.05 -44.64 -6.90
CA GLY E 242 80.70 -45.23 -8.17
C GLY E 242 79.55 -44.48 -8.84
N MET E 243 78.56 -45.23 -9.33
CA MET E 243 77.39 -44.68 -10.00
C MET E 243 76.14 -45.24 -9.35
N VAL E 244 75.13 -44.37 -9.16
CA VAL E 244 73.90 -44.78 -8.50
C VAL E 244 73.22 -45.88 -9.30
N LYS E 245 72.79 -46.92 -8.59
CA LYS E 245 72.07 -48.04 -9.18
C LYS E 245 70.59 -48.08 -8.81
N LEU E 246 70.24 -47.67 -7.59
CA LEU E 246 68.85 -47.65 -7.16
C LEU E 246 68.71 -46.66 -6.02
N ILE E 247 67.53 -46.04 -5.94
CA ILE E 247 67.22 -45.06 -4.89
C ILE E 247 65.89 -45.49 -4.27
N ASP E 248 65.97 -46.25 -3.17
CA ASP E 248 64.79 -46.64 -2.40
C ASP E 248 64.39 -45.46 -1.53
N SER E 249 63.29 -44.79 -1.91
CA SER E 249 62.86 -43.60 -1.18
C SER E 249 62.15 -43.96 0.12
N LEU E 250 61.41 -45.07 0.14
CA LEU E 250 60.68 -45.45 1.35
C LEU E 250 61.63 -45.80 2.49
N GLN E 251 62.68 -46.56 2.21
CA GLN E 251 63.65 -46.93 3.22
C GLN E 251 64.77 -45.93 3.39
N GLY E 252 64.84 -44.91 2.53
CA GLY E 252 65.97 -44.00 2.57
C GLY E 252 67.29 -44.67 2.27
N ARG E 253 67.32 -45.54 1.26
CA ARG E 253 68.52 -46.27 0.89
C ARG E 253 68.91 -45.91 -0.53
N ILE E 254 70.21 -45.99 -0.81
CA ILE E 254 70.74 -45.76 -2.15
C ILE E 254 71.77 -46.84 -2.44
N LEU E 255 71.46 -47.73 -3.38
CA LEU E 255 72.40 -48.73 -3.84
C LEU E 255 73.22 -48.15 -4.98
N THR E 256 74.54 -48.21 -4.85
CA THR E 256 75.46 -47.76 -5.88
C THR E 256 76.13 -48.95 -6.55
N SER E 257 76.92 -48.66 -7.59
CA SER E 257 77.54 -49.72 -8.37
C SER E 257 78.67 -50.40 -7.60
N SER E 258 79.41 -49.65 -6.78
CA SER E 258 80.51 -50.22 -6.02
C SER E 258 80.05 -51.06 -4.84
N GLY E 259 78.75 -51.23 -4.66
CA GLY E 259 78.22 -51.99 -3.55
C GLY E 259 77.99 -51.21 -2.27
N GLN E 260 78.54 -50.00 -2.18
CA GLN E 260 78.33 -49.19 -1.00
C GLN E 260 76.91 -48.63 -0.99
N VAL E 261 76.30 -48.62 0.20
CA VAL E 261 74.93 -48.18 0.37
C VAL E 261 74.93 -46.84 1.09
N ILE E 262 74.21 -45.87 0.54
CA ILE E 262 74.04 -44.56 1.16
C ILE E 262 72.74 -44.59 1.96
N LYS E 263 72.82 -44.16 3.21
CA LYS E 263 71.65 -44.10 4.08
C LYS E 263 71.69 -42.80 4.86
N PHE E 264 70.57 -42.51 5.52
CA PHE E 264 70.51 -41.36 6.42
C PHE E 264 71.59 -41.49 7.50
N SER E 265 72.12 -40.35 7.92
CA SER E 265 73.14 -40.35 8.96
C SER E 265 72.58 -40.92 10.26
N GLN E 266 73.44 -41.61 11.01
CA GLN E 266 72.99 -42.26 12.24
C GLN E 266 72.46 -41.24 13.24
N GLU E 267 73.14 -40.10 13.36
CA GLU E 267 72.69 -39.01 14.22
C GLU E 267 71.73 -38.06 13.52
N ASP E 268 71.09 -38.52 12.44
CA ASP E 268 70.12 -37.71 11.72
C ASP E 268 68.81 -38.43 11.41
N SER E 269 68.77 -39.75 11.46
CA SER E 269 67.55 -40.49 11.17
C SER E 269 66.84 -40.94 12.46
N GLN F 791 25.72 -63.89 5.23
CA GLN F 791 26.54 -63.23 4.23
C GLN F 791 26.29 -61.73 4.19
N GLN F 792 25.05 -61.34 4.52
CA GLN F 792 24.70 -59.92 4.55
C GLN F 792 25.37 -59.21 5.72
N GLU F 793 25.67 -59.94 6.81
CA GLU F 793 26.37 -59.34 7.93
C GLU F 793 27.75 -58.83 7.52
N ILE F 794 28.39 -59.49 6.55
CA ILE F 794 29.67 -59.02 6.04
C ILE F 794 29.51 -57.65 5.39
N GLN F 795 28.47 -57.50 4.57
CA GLN F 795 28.23 -56.21 3.93
C GLN F 795 27.91 -55.12 4.96
N GLN F 796 27.10 -55.46 5.97
CA GLN F 796 26.76 -54.49 7.01
C GLN F 796 28.01 -54.05 7.77
N ARG F 797 28.87 -55.02 8.12
CA ARG F 797 30.11 -54.71 8.83
C ARG F 797 31.01 -53.82 7.98
N THR F 798 31.16 -54.16 6.70
CA THR F 798 31.98 -53.34 5.80
C THR F 798 31.43 -51.93 5.73
N SER F 799 30.09 -51.79 5.71
CA SER F 799 29.49 -50.47 5.69
C SER F 799 29.82 -49.68 6.95
N ASP F 800 29.73 -50.31 8.13
CA ASP F 800 30.03 -49.58 9.36
C ASP F 800 31.48 -49.12 9.41
N MET F 801 32.41 -50.02 9.07
CA MET F 801 33.82 -49.62 9.13
C MET F 801 34.16 -48.61 8.06
N LEU F 802 33.55 -48.68 6.88
CA LEU F 802 33.77 -47.64 5.88
C LEU F 802 33.26 -46.29 6.37
N THR F 803 32.08 -46.29 7.01
CA THR F 803 31.53 -45.04 7.54
C THR F 803 32.45 -44.44 8.59
N ALA F 804 32.98 -45.27 9.49
CA ALA F 804 33.88 -44.74 10.52
C ALA F 804 35.20 -44.28 9.91
N ALA F 805 35.73 -45.04 8.94
CA ALA F 805 37.07 -44.75 8.44
C ALA F 805 37.09 -43.58 7.46
N THR F 806 35.98 -43.28 6.78
CA THR F 806 35.93 -42.03 6.03
C THR F 806 36.09 -40.84 6.96
N GLN F 807 35.43 -40.88 8.12
CA GLN F 807 35.62 -39.85 9.12
C GLN F 807 37.06 -39.84 9.65
N LEU F 808 37.64 -41.02 9.85
CA LEU F 808 39.02 -41.10 10.32
C LEU F 808 39.98 -40.46 9.31
N VAL F 809 39.80 -40.77 8.03
CA VAL F 809 40.66 -40.19 6.99
C VAL F 809 40.46 -38.69 6.92
N GLN F 810 39.21 -38.23 7.03
CA GLN F 810 38.94 -36.79 7.03
C GLN F 810 39.64 -36.11 8.21
N ASP F 811 39.62 -36.74 9.38
CA ASP F 811 40.33 -36.19 10.53
C ASP F 811 41.82 -36.12 10.28
N TRP F 812 42.38 -37.17 9.66
CA TRP F 812 43.82 -37.16 9.37
C TRP F 812 44.19 -36.10 8.34
N LYS F 813 43.30 -35.83 7.38
CA LYS F 813 43.59 -34.81 6.37
C LYS F 813 43.62 -33.41 6.95
N GLN F 814 42.99 -33.19 8.10
CA GLN F 814 42.94 -31.86 8.69
C GLN F 814 44.30 -31.45 9.24
N VAL F 815 44.75 -30.25 8.85
CA VAL F 815 45.97 -29.65 9.39
C VAL F 815 45.64 -28.23 9.77
N GLU F 816 45.79 -27.89 11.05
CA GLU F 816 45.52 -26.53 11.51
C GLU F 816 46.76 -25.68 11.28
N THR F 817 46.58 -24.57 10.56
CA THR F 817 47.70 -23.69 10.27
C THR F 817 48.25 -23.08 11.56
N GLN F 818 49.56 -22.89 11.59
CA GLN F 818 50.22 -22.38 12.78
C GLN F 818 49.79 -20.95 13.08
N VAL F 819 49.99 -20.54 14.33
CA VAL F 819 49.62 -19.22 14.80
C VAL F 819 50.87 -18.51 15.32
N TYR F 820 51.01 -17.24 14.94
CA TYR F 820 52.09 -16.38 15.41
C TYR F 820 51.51 -15.33 16.32
N THR F 821 51.99 -15.28 17.55
CA THR F 821 51.54 -14.30 18.55
C THR F 821 52.70 -13.35 18.84
N GLU F 822 52.56 -12.10 18.43
CA GLU F 822 53.58 -11.10 18.66
C GLU F 822 53.41 -10.48 20.04
N GLY F 823 54.53 -10.30 20.74
CA GLY F 823 54.49 -9.71 22.05
C GLY F 823 54.24 -8.21 21.99
N THR F 824 53.92 -7.65 23.16
CA THR F 824 53.65 -6.22 23.28
C THR F 824 54.94 -5.43 23.40
N ALA G 104 3.53 -59.12 46.80
CA ALA G 104 3.63 -58.21 47.94
C ALA G 104 4.59 -57.07 47.64
N GLU G 105 5.68 -57.01 48.39
CA GLU G 105 6.69 -55.97 48.23
C GLU G 105 7.88 -56.41 47.37
N VAL G 106 7.94 -57.67 46.97
CA VAL G 106 9.00 -58.11 46.07
C VAL G 106 8.87 -57.47 44.70
N ILE G 107 7.65 -57.07 44.32
CA ILE G 107 7.46 -56.34 43.07
C ILE G 107 8.26 -55.04 43.10
N ASP G 108 8.28 -54.37 44.24
CA ASP G 108 9.07 -53.14 44.36
C ASP G 108 10.55 -53.40 44.14
N LYS G 109 11.09 -54.47 44.76
CA LYS G 109 12.51 -54.76 44.62
C LYS G 109 12.88 -55.10 43.19
N LYS G 110 12.07 -55.96 42.54
CA LYS G 110 12.39 -56.36 41.17
C LYS G 110 12.16 -55.22 40.19
N ALA G 111 11.16 -54.36 40.43
CA ALA G 111 11.00 -53.16 39.61
C ALA G 111 12.16 -52.22 39.80
N PHE G 112 12.71 -52.12 41.02
CA PHE G 112 13.88 -51.28 41.24
C PHE G 112 15.09 -51.83 40.49
N LYS G 113 15.26 -53.16 40.50
CA LYS G 113 16.36 -53.76 39.76
C LYS G 113 16.23 -53.46 38.27
N ASP G 114 15.03 -53.64 37.71
CA ASP G 114 14.82 -53.35 36.30
C ASP G 114 15.05 -51.87 36.00
N MET G 115 14.58 -50.99 36.88
CA MET G 115 14.72 -49.56 36.66
C MET G 115 16.19 -49.14 36.70
N THR G 116 16.96 -49.66 37.65
CA THR G 116 18.36 -49.29 37.74
C THR G 116 19.19 -49.94 36.64
N ARG G 117 18.71 -51.03 36.05
CA ARG G 117 19.38 -51.54 34.85
C ARG G 117 19.04 -50.73 33.62
N ASN G 118 17.82 -50.19 33.54
CA ASN G 118 17.44 -49.37 32.39
C ASN G 118 18.02 -47.96 32.45
N LEU G 119 18.14 -47.39 33.66
CA LEU G 119 18.63 -46.02 33.78
C LEU G 119 20.13 -45.94 33.54
N TYR G 120 20.88 -46.92 34.04
CA TYR G 120 22.33 -46.99 33.88
C TYR G 120 22.66 -48.32 33.21
N PRO G 121 22.47 -48.41 31.89
CA PRO G 121 22.72 -49.68 31.20
C PRO G 121 24.17 -50.14 31.27
N LEU G 122 25.11 -49.23 31.45
CA LEU G 122 26.52 -49.57 31.55
C LEU G 122 26.91 -49.65 33.03
N ASN G 123 27.39 -50.82 33.43
CA ASN G 123 27.82 -51.03 34.80
C ASN G 123 29.03 -50.14 35.10
N PRO G 124 29.33 -49.91 36.38
CA PRO G 124 30.55 -49.17 36.71
C PRO G 124 31.80 -49.83 36.15
N GLU G 125 31.81 -51.16 36.01
CA GLU G 125 32.92 -51.84 35.36
C GLU G 125 32.89 -51.63 33.85
N GLN G 126 31.70 -51.71 33.25
CA GLN G 126 31.60 -51.47 31.81
C GLN G 126 31.92 -50.03 31.44
N VAL G 127 31.72 -49.08 32.36
CA VAL G 127 32.09 -47.70 32.08
C VAL G 127 33.60 -47.56 31.95
N VAL G 128 34.35 -48.19 32.86
CA VAL G 128 35.81 -48.14 32.73
C VAL G 128 36.26 -48.95 31.51
N LYS G 129 35.54 -50.03 31.18
CA LYS G 129 35.80 -50.73 29.92
C LYS G 129 35.70 -49.78 28.73
N LEU G 130 34.59 -49.05 28.65
CA LEU G 130 34.36 -48.14 27.53
C LEU G 130 35.37 -47.02 27.51
N LYS G 131 35.71 -46.47 28.68
CA LYS G 131 36.70 -45.40 28.73
C LYS G 131 38.06 -45.88 28.25
N GLN G 132 38.48 -47.07 28.68
CA GLN G 132 39.75 -47.61 28.23
C GLN G 132 39.72 -47.90 26.73
N ILE G 133 38.61 -48.41 26.21
CA ILE G 133 38.50 -48.68 24.78
C ILE G 133 38.59 -47.38 24.00
N TYR G 134 37.93 -46.33 24.47
CA TYR G 134 37.99 -45.04 23.81
C TYR G 134 39.41 -44.47 23.82
N GLU G 135 40.10 -44.56 24.96
CA GLU G 135 41.47 -44.06 25.00
C GLU G 135 42.38 -44.87 24.08
N THR G 136 42.17 -46.19 24.02
CA THR G 136 42.96 -47.02 23.12
C THR G 136 42.70 -46.66 21.66
N SER G 137 41.44 -46.41 21.30
CA SER G 137 41.11 -46.01 19.94
C SER G 137 41.74 -44.67 19.59
N GLU G 138 41.71 -43.72 20.52
CA GLU G 138 42.34 -42.42 20.28
C GLU G 138 43.85 -42.57 20.17
N TYR G 139 44.43 -43.48 20.94
CA TYR G 139 45.86 -43.76 20.82
C TYR G 139 46.20 -44.30 19.45
N ALA G 140 45.41 -45.25 18.95
CA ALA G 140 45.65 -45.79 17.61
C ALA G 140 45.46 -44.73 16.55
N LYS G 141 44.45 -43.87 16.71
CA LYS G 141 44.20 -42.81 15.74
C LYS G 141 45.34 -41.80 15.72
N ALA G 142 45.86 -41.44 16.88
CA ALA G 142 46.91 -40.44 16.99
C ALA G 142 48.31 -40.99 16.79
N ALA G 143 48.46 -42.31 16.73
CA ALA G 143 49.78 -42.91 16.56
C ALA G 143 50.28 -42.67 15.14
N THR G 144 51.50 -42.19 15.03
CA THR G 144 52.09 -41.93 13.72
C THR G 144 52.53 -43.22 13.07
N PRO G 145 52.37 -43.35 11.75
CA PRO G 145 52.84 -44.56 11.06
C PRO G 145 54.36 -44.53 10.89
N GLY G 146 55.02 -45.55 11.41
CA GLY G 146 56.45 -45.62 11.35
C GLY G 146 57.12 -44.75 12.39
N THR G 147 58.42 -44.59 12.21
CA THR G 147 59.21 -43.77 13.13
C THR G 147 58.96 -42.29 12.85
N PRO G 148 58.63 -41.49 13.86
CA PRO G 148 58.55 -40.05 13.65
C PRO G 148 59.89 -39.50 13.26
N PRO G 149 59.92 -38.41 12.48
CA PRO G 149 61.20 -37.82 12.09
C PRO G 149 61.98 -37.36 13.31
N LYS G 150 63.29 -37.54 13.26
CA LYS G 150 64.15 -37.09 14.34
C LYS G 150 64.17 -35.56 14.36
N PRO G 151 63.83 -34.92 15.49
CA PRO G 151 63.88 -33.45 15.55
C PRO G 151 65.32 -32.96 15.65
N THR G 152 65.83 -32.40 14.57
CA THR G 152 67.21 -31.96 14.49
C THR G 152 67.28 -30.47 14.23
N ALA G 153 68.23 -29.81 14.89
CA ALA G 153 68.55 -28.42 14.60
C ALA G 153 69.89 -28.42 13.88
N THR G 154 69.86 -28.20 12.57
CA THR G 154 71.04 -28.34 11.72
C THR G 154 71.54 -26.97 11.29
N SER G 155 72.72 -26.96 10.70
CA SER G 155 73.34 -25.74 10.17
C SER G 155 73.90 -26.03 8.80
N GLN G 156 73.57 -25.17 7.84
CA GLN G 156 74.02 -25.31 6.46
C GLN G 156 74.77 -24.05 6.03
N PHE G 157 75.67 -24.21 5.07
CA PHE G 157 76.37 -23.09 4.46
C PHE G 157 75.82 -22.88 3.06
N VAL G 158 75.22 -21.71 2.82
CA VAL G 158 74.58 -21.41 1.54
C VAL G 158 75.66 -20.86 0.60
N ASN G 159 75.96 -21.62 -0.44
CA ASN G 159 76.88 -21.18 -1.48
C ASN G 159 76.08 -20.69 -2.67
N LEU G 160 76.28 -19.44 -3.06
CA LEU G 160 75.50 -18.81 -4.12
C LEU G 160 76.19 -18.85 -5.47
N SER G 161 77.37 -19.45 -5.57
CA SER G 161 78.03 -19.58 -6.84
C SER G 161 77.25 -20.51 -7.77
N PRO G 162 77.22 -20.23 -9.06
CA PRO G 162 76.51 -21.11 -9.99
C PRO G 162 77.10 -22.52 -9.98
N GLY G 163 76.22 -23.51 -10.06
CA GLY G 163 76.60 -24.91 -10.00
C GLY G 163 76.40 -25.56 -8.65
N SER G 164 76.19 -24.77 -7.60
CA SER G 164 75.97 -25.31 -6.27
C SER G 164 74.50 -25.59 -6.04
N THR G 165 74.22 -26.70 -5.36
CA THR G 165 72.84 -27.12 -5.17
C THR G 165 72.17 -26.26 -4.10
N PRO G 166 70.92 -25.86 -4.33
CA PRO G 166 70.19 -25.11 -3.32
C PRO G 166 70.02 -25.93 -2.06
N PRO G 167 70.04 -25.30 -0.90
CA PRO G 167 69.87 -26.04 0.36
C PRO G 167 68.51 -26.71 0.45
N VAL G 168 68.50 -27.91 1.03
CA VAL G 168 67.28 -28.69 1.22
C VAL G 168 66.88 -28.60 2.69
N ILE G 169 65.58 -28.40 2.92
CA ILE G 169 65.03 -28.22 4.26
C ILE G 169 64.05 -29.36 4.52
N ARG G 170 64.32 -30.15 5.56
CA ARG G 170 63.48 -31.27 5.91
C ARG G 170 62.33 -30.79 6.79
N LEU G 171 61.10 -31.01 6.33
CA LEU G 171 59.90 -30.57 7.02
C LEU G 171 59.10 -31.77 7.49
N SER G 172 57.95 -31.48 8.11
CA SER G 172 57.00 -32.49 8.54
C SER G 172 55.63 -31.86 8.59
N GLN G 173 54.61 -32.64 8.23
CA GLN G 173 53.25 -32.13 8.18
C GLN G 173 52.77 -31.67 9.55
N GLY G 174 52.44 -30.39 9.66
CA GLY G 174 51.93 -29.83 10.89
C GLY G 174 52.99 -29.37 11.89
N PHE G 175 54.26 -29.41 11.52
CA PHE G 175 55.35 -29.03 12.41
C PHE G 175 56.02 -27.75 11.94
N VAL G 176 56.53 -26.99 12.90
CA VAL G 176 57.13 -25.69 12.65
C VAL G 176 58.62 -25.85 12.41
N SER G 177 59.11 -25.28 11.32
CA SER G 177 60.54 -25.28 10.99
C SER G 177 60.94 -23.86 10.63
N SER G 178 61.82 -23.26 11.42
CA SER G 178 62.29 -21.92 11.09
C SER G 178 63.67 -22.00 10.48
N LEU G 179 63.89 -21.19 9.46
CA LEU G 179 65.23 -20.87 9.00
C LEU G 179 65.59 -19.47 9.50
N VAL G 180 66.71 -19.39 10.21
CA VAL G 180 67.34 -18.12 10.54
C VAL G 180 68.47 -17.91 9.54
N PHE G 181 68.56 -16.72 8.98
CA PHE G 181 69.53 -16.42 7.94
C PHE G 181 70.68 -15.64 8.56
N LEU G 182 71.89 -16.16 8.40
CA LEU G 182 73.10 -15.56 8.93
C LEU G 182 74.10 -15.41 7.80
N ASP G 183 74.96 -14.40 7.91
CA ASP G 183 76.02 -14.20 6.94
C ASP G 183 77.20 -15.11 7.30
N SER G 184 78.33 -14.92 6.61
CA SER G 184 79.49 -15.78 6.84
C SER G 184 80.02 -15.64 8.26
N THR G 185 80.01 -14.43 8.80
CA THR G 185 80.50 -14.19 10.16
C THR G 185 79.52 -14.66 11.22
N GLY G 186 78.41 -15.28 10.84
CA GLY G 186 77.45 -15.79 11.79
C GLY G 186 76.48 -14.77 12.34
N ALA G 187 76.59 -13.52 11.92
CA ALA G 187 75.71 -12.44 12.37
C ALA G 187 74.35 -12.57 11.69
N PRO G 188 73.30 -11.99 12.29
CA PRO G 188 71.99 -12.03 11.65
C PRO G 188 71.99 -11.32 10.30
N TRP G 189 71.11 -11.79 9.43
CA TRP G 189 70.91 -11.18 8.11
C TRP G 189 69.41 -11.02 7.87
N PRO G 190 68.85 -9.83 8.12
CA PRO G 190 67.41 -9.65 7.96
C PRO G 190 66.93 -9.96 6.55
N ILE G 191 65.62 -10.14 6.41
CA ILE G 191 65.01 -10.63 5.19
C ILE G 191 64.28 -9.47 4.54
N ALA G 192 64.66 -9.16 3.31
CA ALA G 192 63.96 -8.09 2.57
C ALA G 192 62.60 -8.58 2.08
N ALA G 193 62.53 -9.79 1.55
CA ALA G 193 61.27 -10.34 1.05
C ALA G 193 61.44 -11.84 0.87
N TYR G 194 60.30 -12.51 0.67
CA TYR G 194 60.33 -13.93 0.31
C TYR G 194 59.20 -14.21 -0.67
N ASP G 195 59.39 -15.26 -1.46
CA ASP G 195 58.45 -15.68 -2.49
C ASP G 195 58.28 -17.19 -2.38
N LEU G 196 57.04 -17.64 -2.19
CA LEU G 196 56.75 -19.04 -1.91
C LEU G 196 56.01 -19.66 -3.09
N GLY G 197 56.67 -20.60 -3.76
CA GLY G 197 56.00 -21.39 -4.77
C GLY G 197 55.20 -22.52 -4.13
N ASP G 198 53.99 -22.75 -4.67
CA ASP G 198 53.05 -23.71 -4.13
C ASP G 198 52.75 -23.39 -2.66
N PRO G 199 52.06 -22.28 -2.39
CA PRO G 199 51.77 -21.91 -0.99
C PRO G 199 50.67 -22.74 -0.34
N SER G 200 50.05 -23.66 -1.07
CA SER G 200 49.04 -24.54 -0.50
C SER G 200 49.64 -25.70 0.27
N SER G 201 50.92 -25.99 0.09
CA SER G 201 51.59 -27.08 0.78
C SER G 201 52.50 -26.60 1.90
N PHE G 202 52.74 -25.29 2.01
CA PHE G 202 53.56 -24.74 3.08
C PHE G 202 52.93 -23.44 3.56
N ASN G 203 52.91 -23.25 4.87
CA ASN G 203 52.42 -22.02 5.49
C ASN G 203 53.59 -21.30 6.15
N ILE G 204 53.78 -20.04 5.79
CA ILE G 204 54.94 -19.28 6.23
C ILE G 204 54.48 -18.18 7.18
N GLN G 205 55.08 -18.13 8.36
CA GLN G 205 54.91 -17.03 9.30
C GLN G 205 56.24 -16.30 9.44
N TRP G 206 56.17 -14.98 9.31
CA TRP G 206 57.37 -14.15 9.36
C TRP G 206 56.94 -12.72 9.64
N ASP G 207 57.22 -12.22 10.84
CA ASP G 207 57.11 -10.79 11.08
C ASP G 207 58.15 -10.06 10.23
N LYS G 208 57.75 -8.92 9.66
CA LYS G 208 58.41 -8.38 8.48
C LYS G 208 59.82 -7.88 8.71
N THR G 209 60.29 -7.80 9.96
CA THR G 209 61.58 -7.20 10.27
C THR G 209 62.71 -8.20 10.47
N SER G 210 62.41 -9.38 11.02
CA SER G 210 63.46 -10.31 11.44
C SER G 210 64.03 -11.08 10.25
N ASN G 211 64.87 -12.07 10.56
CA ASN G 211 65.50 -12.92 9.56
C ASN G 211 64.97 -14.34 9.59
N THR G 212 63.91 -14.60 10.35
CA THR G 212 63.49 -15.95 10.68
C THR G 212 62.16 -16.26 10.00
N LEU G 213 62.13 -17.33 9.21
CA LEU G 213 60.91 -17.78 8.55
C LEU G 213 60.46 -19.10 9.17
N MET G 214 59.19 -19.18 9.57
CA MET G 214 58.65 -20.39 10.18
C MET G 214 57.67 -21.02 9.21
N ILE G 215 58.06 -22.15 8.61
CA ILE G 215 57.22 -22.87 7.66
C ILE G 215 56.62 -24.10 8.35
N GLN G 216 55.32 -24.28 8.18
CA GLN G 216 54.61 -25.48 8.58
C GLN G 216 54.18 -26.21 7.31
N ALA G 217 54.58 -27.46 7.17
CA ALA G 217 54.21 -28.25 5.99
C ALA G 217 52.74 -28.60 6.08
N THR G 218 51.92 -28.02 5.20
CA THR G 218 50.49 -28.30 5.21
C THR G 218 50.19 -29.70 4.66
N LYS G 219 50.89 -30.13 3.61
CA LYS G 219 50.67 -31.41 2.99
C LYS G 219 51.76 -32.40 3.40
N LEU G 220 51.43 -33.69 3.29
CA LEU G 220 52.31 -34.74 3.80
C LEU G 220 53.63 -34.77 3.05
N TYR G 221 53.59 -35.07 1.75
CA TYR G 221 54.80 -35.36 0.99
C TYR G 221 55.05 -34.41 -0.16
N ASN G 222 54.23 -33.38 -0.34
CA ASN G 222 54.42 -32.45 -1.45
C ASN G 222 55.55 -31.49 -1.13
N TYR G 223 56.57 -31.47 -1.99
CA TYR G 223 57.73 -30.61 -1.80
C TYR G 223 57.69 -29.44 -2.78
N GLY G 224 58.43 -28.39 -2.44
CA GLY G 224 58.45 -27.21 -3.25
C GLY G 224 59.76 -26.47 -3.09
N ASN G 225 59.75 -25.19 -3.47
CA ASN G 225 60.93 -24.34 -3.29
C ASN G 225 60.49 -22.97 -2.76
N LEU G 226 61.49 -22.13 -2.48
CA LEU G 226 61.26 -20.84 -1.84
C LEU G 226 62.41 -19.91 -2.16
N ALA G 227 62.07 -18.65 -2.43
CA ALA G 227 63.04 -17.58 -2.67
C ALA G 227 63.07 -16.66 -1.46
N VAL G 228 64.27 -16.32 -1.00
CA VAL G 228 64.45 -15.44 0.15
C VAL G 228 65.41 -14.35 -0.28
N ARG G 229 64.89 -13.17 -0.58
CA ARG G 229 65.71 -12.01 -0.92
C ARG G 229 66.11 -11.31 0.38
N LEU G 230 67.41 -11.32 0.69
CA LEU G 230 67.91 -10.72 1.91
C LEU G 230 68.15 -9.23 1.70
N ARG G 231 68.67 -8.57 2.74
CA ARG G 231 68.79 -7.11 2.71
C ARG G 231 69.87 -6.65 1.73
N GLY G 232 71.11 -7.06 1.98
CA GLY G 232 72.22 -6.63 1.16
C GLY G 232 72.53 -7.49 -0.05
N LEU G 233 71.69 -8.49 -0.33
CA LEU G 233 71.95 -9.44 -1.40
C LEU G 233 71.11 -9.13 -2.63
N ASN G 234 71.77 -8.95 -3.78
CA ASN G 234 71.05 -8.94 -5.04
C ASN G 234 70.64 -10.34 -5.45
N THR G 235 71.50 -11.32 -5.20
CA THR G 235 71.19 -12.72 -5.51
C THR G 235 70.29 -13.29 -4.43
N PRO G 236 69.08 -13.73 -4.76
CA PRO G 236 68.21 -14.33 -3.74
C PRO G 236 68.72 -15.71 -3.33
N VAL G 237 68.37 -16.09 -2.10
CA VAL G 237 68.70 -17.42 -1.58
C VAL G 237 67.54 -18.35 -1.96
N MET G 238 67.83 -19.34 -2.79
CA MET G 238 66.81 -20.30 -3.20
C MET G 238 67.00 -21.60 -2.43
N LEU G 239 65.93 -22.05 -1.80
CA LEU G 239 65.93 -23.28 -1.02
C LEU G 239 64.82 -24.19 -1.53
N THR G 240 64.99 -25.49 -1.30
CA THR G 240 63.93 -26.46 -1.55
C THR G 240 63.44 -27.01 -0.22
N LEU G 241 62.15 -27.27 -0.14
CA LEU G 241 61.50 -27.71 1.09
C LEU G 241 60.82 -29.04 0.83
N ILE G 242 61.26 -30.08 1.53
CA ILE G 242 60.73 -31.43 1.34
C ILE G 242 60.20 -31.92 2.68
N PRO G 243 58.90 -32.18 2.81
CA PRO G 243 58.36 -32.73 4.06
C PRO G 243 58.30 -34.25 4.01
N GLY G 244 58.01 -34.83 5.17
CA GLY G 244 57.85 -36.28 5.27
C GLY G 244 59.13 -37.08 5.24
N GLN G 245 60.23 -36.50 5.72
CA GLN G 245 61.51 -37.19 5.73
C GLN G 245 61.74 -37.88 7.07
N LYS G 246 62.80 -38.69 7.14
CA LYS G 246 63.14 -39.36 8.39
C LYS G 246 63.73 -38.40 9.41
N ALA G 247 64.03 -37.17 9.02
CA ALA G 247 64.47 -36.11 9.93
C ALA G 247 63.59 -34.89 9.72
N VAL G 248 63.29 -34.19 10.80
CA VAL G 248 62.54 -32.93 10.73
C VAL G 248 63.44 -31.83 11.26
N ASP G 249 63.69 -30.83 10.42
CA ASP G 249 64.58 -29.72 10.74
C ASP G 249 63.80 -28.69 11.55
N TYR G 250 63.92 -28.77 12.88
CA TYR G 250 63.24 -27.81 13.73
C TYR G 250 63.74 -26.40 13.48
N ARG G 251 65.06 -26.23 13.38
CA ARG G 251 65.67 -24.95 13.09
C ARG G 251 66.89 -25.17 12.20
N VAL G 252 67.02 -24.33 11.17
CA VAL G 252 68.12 -24.41 10.22
C VAL G 252 68.91 -23.11 10.29
N ASP G 253 70.19 -23.21 10.60
CA ASP G 253 71.08 -22.05 10.68
C ASP G 253 71.79 -21.92 9.34
N LEU G 254 71.28 -21.06 8.47
CA LEU G 254 71.80 -20.93 7.11
C LEU G 254 72.89 -19.86 7.09
N ARG G 255 74.07 -20.24 6.64
CA ARG G 255 75.23 -19.35 6.58
C ARG G 255 75.42 -18.91 5.14
N VAL G 256 74.75 -17.81 4.77
CA VAL G 256 74.88 -17.28 3.41
C VAL G 256 76.31 -16.79 3.17
N GLN G 257 76.68 -16.73 1.89
CA GLN G 257 78.07 -16.45 1.53
C GLN G 257 78.49 -15.02 1.82
N GLY G 258 77.57 -14.07 1.70
CA GLY G 258 77.91 -12.66 1.79
C GLY G 258 78.07 -12.18 3.23
N TYR G 259 78.23 -10.86 3.35
CA TYR G 259 78.30 -10.17 4.64
C TYR G 259 77.06 -9.31 4.77
N GLY G 260 76.30 -9.51 5.84
CA GLY G 260 75.05 -8.81 6.04
C GLY G 260 75.24 -7.42 6.58
N PRO G 261 74.12 -6.75 6.92
CA PRO G 261 74.21 -5.40 7.48
C PRO G 261 74.79 -5.34 8.88
N ASN G 262 74.99 -6.49 9.54
CA ASN G 262 75.62 -6.56 10.85
C ASN G 262 76.92 -7.34 10.72
N ALA G 263 78.00 -6.75 11.20
CA ALA G 263 79.32 -7.37 11.10
C ALA G 263 79.91 -7.63 12.48
N CYS H 1 63.13 -48.66 -28.90
CA CYS H 1 63.19 -47.23 -28.61
C CYS H 1 63.45 -46.43 -29.86
N THR H 2 64.72 -46.08 -30.07
CA THR H 2 65.08 -45.20 -31.19
C THR H 2 65.03 -45.93 -32.53
N ASP H 3 65.22 -47.25 -32.53
CA ASP H 3 65.16 -48.00 -33.78
C ASP H 3 63.78 -47.90 -34.41
N ALA H 4 62.73 -48.08 -33.61
CA ALA H 4 61.37 -47.98 -34.13
C ALA H 4 61.07 -46.57 -34.62
N ALA H 5 61.53 -45.55 -33.88
CA ALA H 5 61.29 -44.17 -34.29
C ALA H 5 61.98 -43.87 -35.62
N LEU H 6 63.24 -44.29 -35.77
CA LEU H 6 63.95 -44.04 -37.02
C LEU H 6 63.34 -44.81 -38.17
N ALA H 7 62.91 -46.05 -37.93
CA ALA H 7 62.25 -46.83 -38.97
C ALA H 7 60.95 -46.18 -39.41
N ALA H 8 60.16 -45.68 -38.45
CA ALA H 8 58.92 -44.98 -38.80
C ALA H 8 59.21 -43.69 -39.54
N LEU H 9 60.27 -42.97 -39.14
CA LEU H 9 60.63 -41.74 -39.83
C LEU H 9 61.03 -42.00 -41.27
N GLU H 10 61.81 -43.05 -41.51
CA GLU H 10 62.19 -43.37 -42.89
C GLU H 10 61.01 -43.91 -43.67
N TYR H 11 60.08 -44.62 -43.02
CA TYR H 11 58.86 -45.05 -43.69
C TYR H 11 58.02 -43.87 -44.12
N HIS H 12 57.91 -42.84 -43.27
CA HIS H 12 57.18 -41.64 -43.65
C HIS H 12 57.91 -40.84 -44.73
N LYS H 13 59.23 -40.78 -44.67
CA LYS H 13 59.98 -40.05 -45.70
C LYS H 13 59.88 -40.74 -47.05
N SER H 14 59.98 -42.06 -47.09
CA SER H 14 59.86 -42.78 -48.36
C SER H 14 58.41 -42.83 -48.84
N ASN H 15 57.46 -43.08 -47.94
CA ASN H 15 56.02 -43.05 -48.25
C ASN H 15 55.50 -41.73 -47.70
N ALA H 16 55.57 -40.69 -48.53
CA ALA H 16 55.38 -39.31 -48.08
C ALA H 16 53.95 -39.03 -47.61
N CYS I 1 59.37 -34.51 -37.85
CA CYS I 1 58.14 -35.08 -38.36
C CYS I 1 57.57 -36.11 -37.39
N VAL I 2 58.43 -36.64 -36.52
CA VAL I 2 58.06 -37.66 -35.55
C VAL I 2 57.84 -36.99 -34.20
N SER I 3 56.70 -37.28 -33.58
CA SER I 3 56.43 -36.86 -32.20
C SER I 3 56.79 -38.03 -31.29
N MET I 4 57.73 -37.79 -30.38
CA MET I 4 58.29 -38.87 -29.58
C MET I 4 57.28 -39.46 -28.60
N ILE I 5 56.25 -38.69 -28.24
CA ILE I 5 55.28 -39.19 -27.25
C ILE I 5 54.46 -40.34 -27.83
N GLY I 6 54.25 -40.35 -29.16
CA GLY I 6 53.54 -41.44 -29.79
C GLY I 6 54.45 -42.60 -30.14
N GLY I 7 55.29 -42.99 -29.18
CA GLY I 7 56.26 -44.04 -29.42
C GLY I 7 55.73 -45.41 -29.04
N SER I 8 55.97 -46.39 -29.91
CA SER I 8 55.56 -47.76 -29.67
C SER I 8 56.49 -48.68 -30.44
N ARG I 9 57.08 -49.65 -29.73
CA ARG I 9 58.01 -50.57 -30.36
C ARG I 9 57.28 -51.48 -31.35
N ARG J 1 53.09 -44.11 -34.47
CA ARG J 1 53.55 -42.77 -34.82
C ARG J 1 52.76 -42.21 -36.00
N VAL J 2 52.50 -40.91 -35.98
CA VAL J 2 51.72 -40.25 -37.02
C VAL J 2 52.43 -38.97 -37.43
N SER J 3 52.50 -38.73 -38.73
CA SER J 3 53.30 -37.67 -39.32
C SER J 3 52.59 -36.32 -39.21
N ILE J 4 53.32 -35.25 -39.57
CA ILE J 4 52.77 -33.90 -39.61
C ILE J 4 51.85 -33.70 -40.81
N GLY J 5 51.80 -34.66 -41.74
CA GLY J 5 50.87 -34.56 -42.85
C GLY J 5 49.44 -34.93 -42.51
N GLY J 6 49.19 -35.44 -41.31
CA GLY J 6 47.88 -35.91 -40.91
C GLY J 6 47.65 -37.39 -41.14
N THR J 7 48.52 -38.06 -41.90
CA THR J 7 48.39 -39.48 -42.15
C THR J 7 49.27 -40.27 -41.20
N VAL J 8 48.86 -41.50 -40.92
CA VAL J 8 49.56 -42.36 -39.97
C VAL J 8 50.64 -43.13 -40.70
N TYR J 9 51.86 -43.09 -40.14
CA TYR J 9 52.98 -43.88 -40.64
C TYR J 9 53.74 -44.44 -39.45
N THR J 10 53.60 -45.74 -39.23
CA THR J 10 54.14 -46.39 -38.03
C THR J 10 55.01 -47.56 -38.43
N ALA J 11 56.04 -47.82 -37.62
CA ALA J 11 56.91 -48.96 -37.82
C ALA J 11 56.21 -50.24 -37.34
N LYS J 12 56.72 -51.38 -37.83
CA LYS J 12 56.07 -52.66 -37.52
C LYS J 12 56.45 -53.15 -36.14
N LYS J 13 57.72 -53.45 -35.92
CA LYS J 13 58.19 -54.00 -34.65
C LYS J 13 59.69 -53.79 -34.55
N TYR J 14 60.13 -53.03 -33.55
CA TYR J 14 61.54 -52.76 -33.34
C TYR J 14 61.81 -52.59 -31.86
N ASP J 15 62.70 -53.40 -31.30
CA ASP J 15 63.04 -53.36 -29.89
C ASP J 15 64.48 -52.90 -29.71
N ASP J 16 64.70 -52.13 -28.65
CA ASP J 16 66.04 -51.64 -28.34
C ASP J 16 66.55 -52.25 -27.03
N PRO K 1 57.19 -43.61 -24.63
CA PRO K 1 57.17 -44.87 -23.88
C PRO K 1 58.34 -45.78 -24.21
N PHE K 2 59.48 -45.55 -23.55
CA PHE K 2 60.71 -46.29 -23.82
C PHE K 2 61.31 -46.77 -22.51
N GLY K 3 62.38 -47.55 -22.62
CA GLY K 3 63.06 -48.10 -21.46
C GLY K 3 64.34 -47.37 -21.10
N ALA K 4 64.77 -46.45 -21.97
CA ALA K 4 65.99 -45.68 -21.75
C ALA K 4 65.71 -44.33 -21.09
N ASP K 5 64.54 -44.17 -20.48
CA ASP K 5 64.18 -42.90 -19.83
C ASP K 5 65.07 -42.62 -18.63
N ARG L 207 87.79 -31.72 -29.86
CA ARG L 207 86.71 -30.97 -30.49
C ARG L 207 85.91 -30.18 -29.46
N ILE L 208 84.64 -29.88 -29.78
CA ILE L 208 83.70 -29.20 -28.89
C ILE L 208 82.58 -30.17 -28.55
N ILE L 209 82.33 -30.35 -27.27
CA ILE L 209 81.28 -31.24 -26.78
C ILE L 209 80.02 -30.43 -26.57
N TYR L 210 78.91 -30.90 -27.15
CA TYR L 210 77.61 -30.26 -27.05
C TYR L 210 76.71 -31.06 -26.13
N TYR L 211 76.08 -30.38 -25.18
CA TYR L 211 75.11 -30.98 -24.27
C TYR L 211 73.75 -30.38 -24.52
N ILE L 212 72.71 -31.13 -24.19
CA ILE L 212 71.34 -30.63 -24.30
C ILE L 212 71.07 -29.70 -23.12
N GLN L 213 70.70 -28.46 -23.42
CA GLN L 213 70.27 -27.52 -22.40
C GLN L 213 68.77 -27.63 -22.15
N ALA L 214 67.99 -27.80 -23.22
CA ALA L 214 66.56 -28.06 -23.11
C ALA L 214 66.12 -28.78 -24.37
N VAL L 215 65.02 -29.53 -24.26
CA VAL L 215 64.54 -30.32 -25.39
C VAL L 215 63.02 -30.36 -25.35
N ILE L 216 62.41 -30.14 -26.52
CA ILE L 216 60.97 -30.29 -26.72
C ILE L 216 60.76 -31.01 -28.04
N PRO L 217 59.55 -31.59 -28.25
CA PRO L 217 59.27 -32.22 -29.56
C PRO L 217 59.55 -31.28 -30.71
N GLY L 218 60.57 -31.60 -31.51
CA GLY L 218 61.04 -30.68 -32.52
C GLY L 218 62.35 -30.03 -32.14
N ARG L 219 62.31 -28.76 -31.75
CA ARG L 219 63.51 -28.00 -31.45
C ARG L 219 64.23 -28.57 -30.23
N ALA L 220 65.54 -28.34 -30.19
CA ALA L 220 66.36 -28.68 -29.03
C ALA L 220 67.41 -27.60 -28.86
N TRP L 221 67.44 -27.00 -27.67
CA TRP L 221 68.45 -25.99 -27.33
C TRP L 221 69.64 -26.68 -26.69
N LEU L 222 70.82 -26.47 -27.25
CA LEU L 222 72.06 -27.07 -26.79
C LEU L 222 73.03 -26.00 -26.35
N ILE L 223 73.91 -26.36 -25.42
CA ILE L 223 75.00 -25.49 -24.99
C ILE L 223 76.29 -26.28 -25.08
N GLY L 224 77.28 -25.70 -25.75
CA GLY L 224 78.56 -26.34 -25.91
C GLY L 224 79.49 -26.03 -24.77
N SER L 225 80.76 -26.34 -24.98
CA SER L 225 81.83 -26.04 -24.04
C SER L 225 82.33 -24.59 -24.12
N ASN L 226 81.95 -23.86 -25.18
CA ASN L 226 82.29 -22.46 -25.38
C ASN L 226 81.36 -21.52 -24.57
N GLY L 227 80.29 -22.08 -24.02
CA GLY L 227 79.22 -21.25 -23.54
C GLY L 227 78.43 -20.62 -24.66
N SER L 228 78.69 -21.05 -25.90
CA SER L 228 77.80 -20.83 -27.02
C SER L 228 76.48 -21.58 -26.86
N THR L 229 75.41 -20.98 -27.39
CA THR L 229 74.08 -21.58 -27.37
C THR L 229 73.60 -21.79 -28.80
N LEU L 230 73.05 -22.97 -29.07
CA LEU L 230 72.57 -23.34 -30.38
C LEU L 230 71.18 -23.92 -30.24
N THR L 231 70.42 -23.92 -31.34
CA THR L 231 69.13 -24.62 -31.40
C THR L 231 69.07 -25.42 -32.68
N VAL L 232 68.60 -26.66 -32.59
CA VAL L 232 68.62 -27.60 -33.69
C VAL L 232 67.24 -28.22 -33.88
N ARG L 233 66.98 -28.67 -35.10
CA ARG L 233 65.73 -29.32 -35.48
C ARG L 233 66.02 -30.75 -35.95
N GLU L 234 64.98 -31.41 -36.48
CA GLU L 234 65.11 -32.80 -36.90
C GLU L 234 66.31 -33.02 -37.81
N GLY L 235 66.41 -32.21 -38.87
CA GLY L 235 67.61 -32.21 -39.68
C GLY L 235 68.32 -30.87 -39.63
N SER L 236 69.49 -30.83 -39.00
CA SER L 236 70.18 -29.56 -38.79
C SER L 236 71.65 -29.82 -38.54
N LYS L 237 72.50 -29.00 -39.14
CA LYS L 237 73.94 -29.17 -39.04
C LYS L 237 74.44 -28.74 -37.67
N ILE L 238 75.36 -29.51 -37.10
CA ILE L 238 76.03 -29.20 -35.85
C ILE L 238 77.53 -29.28 -36.10
N PRO L 239 78.30 -28.25 -35.74
CA PRO L 239 79.75 -28.30 -36.01
C PRO L 239 80.44 -29.40 -35.22
N GLY L 240 81.07 -30.32 -35.95
CA GLY L 240 81.79 -31.44 -35.37
C GLY L 240 80.96 -32.68 -35.15
N TYR L 241 79.67 -32.51 -34.81
CA TYR L 241 78.79 -33.64 -34.57
C TYR L 241 78.06 -34.12 -35.82
N GLY L 242 78.24 -33.44 -36.94
CA GLY L 242 77.60 -33.85 -38.18
C GLY L 242 76.25 -33.17 -38.37
N MET L 243 75.22 -33.96 -38.66
CA MET L 243 73.87 -33.46 -38.88
C MET L 243 72.91 -34.23 -37.99
N VAL L 244 71.95 -33.51 -37.41
CA VAL L 244 70.99 -34.13 -36.50
C VAL L 244 70.16 -35.16 -37.27
N LYS L 245 70.07 -36.36 -36.71
CA LYS L 245 69.29 -37.45 -37.31
C LYS L 245 67.99 -37.71 -36.57
N LEU L 246 67.95 -37.50 -35.26
CA LEU L 246 66.75 -37.73 -34.48
C LEU L 246 66.87 -36.97 -33.16
N ILE L 247 65.72 -36.50 -32.67
CA ILE L 247 65.66 -35.76 -31.41
C ILE L 247 64.61 -36.44 -30.54
N ASP L 248 65.06 -37.29 -29.61
CA ASP L 248 64.19 -37.95 -28.66
C ASP L 248 63.96 -37.02 -27.47
N SER L 249 62.77 -36.43 -27.41
CA SER L 249 62.48 -35.45 -26.37
C SER L 249 62.21 -36.08 -25.02
N LEU L 250 61.59 -37.27 -24.98
CA LEU L 250 61.30 -37.91 -23.70
C LEU L 250 62.58 -38.37 -23.00
N GLN L 251 63.49 -39.01 -23.74
CA GLN L 251 64.75 -39.43 -23.14
C GLN L 251 65.77 -38.31 -23.06
N GLY L 252 65.51 -37.17 -23.68
CA GLY L 252 66.53 -36.12 -23.76
C GLY L 252 67.76 -36.56 -24.52
N ARG L 253 67.58 -37.22 -25.65
CA ARG L 253 68.67 -37.70 -26.47
C ARG L 253 68.61 -37.06 -27.86
N ILE L 254 69.77 -36.94 -28.50
CA ILE L 254 69.86 -36.46 -29.86
C ILE L 254 70.83 -37.37 -30.61
N LEU L 255 70.30 -38.13 -31.57
CA LEU L 255 71.13 -38.96 -32.44
C LEU L 255 71.55 -38.11 -33.63
N THR L 256 72.86 -38.05 -33.89
CA THR L 256 73.41 -37.34 -35.03
C THR L 256 73.97 -38.33 -36.04
N SER L 257 74.35 -37.80 -37.21
CA SER L 257 74.78 -38.65 -38.31
C SER L 257 76.16 -39.24 -38.06
N SER L 258 76.99 -38.57 -37.26
CA SER L 258 78.33 -39.08 -36.97
C SER L 258 78.33 -40.17 -35.92
N GLY L 259 77.17 -40.52 -35.37
CA GLY L 259 77.06 -41.50 -34.31
C GLY L 259 77.15 -40.93 -32.92
N GLN L 260 77.64 -39.71 -32.76
CA GLN L 260 77.71 -39.08 -31.45
C GLN L 260 76.31 -38.74 -30.97
N VAL L 261 76.04 -39.00 -29.70
CA VAL L 261 74.74 -38.75 -29.08
C VAL L 261 74.88 -37.54 -28.16
N ILE L 262 73.98 -36.58 -28.33
CA ILE L 262 73.92 -35.41 -27.46
C ILE L 262 72.92 -35.68 -26.36
N LYS L 263 73.35 -35.48 -25.11
CA LYS L 263 72.52 -35.72 -23.95
C LYS L 263 72.66 -34.55 -22.98
N PHE L 264 71.75 -34.51 -22.01
CA PHE L 264 71.87 -33.54 -20.93
C PHE L 264 73.20 -33.71 -20.21
N SER L 265 73.75 -32.59 -19.74
CA SER L 265 75.03 -32.63 -19.04
C SER L 265 74.91 -33.47 -17.77
N GLN L 266 76.00 -34.16 -17.43
CA GLN L 266 75.99 -35.03 -16.26
C GLN L 266 75.73 -34.24 -14.98
N GLU L 267 76.34 -33.06 -14.86
CA GLU L 267 76.12 -32.18 -13.72
C GLU L 267 74.91 -31.27 -13.91
N ASP L 268 73.99 -31.62 -14.80
CA ASP L 268 72.80 -30.82 -15.05
C ASP L 268 71.50 -31.59 -15.06
N SER L 269 71.52 -32.90 -15.30
CA SER L 269 70.29 -33.68 -15.34
C SER L 269 70.10 -34.51 -14.07
N GLN M 791 30.47 -60.33 -13.88
CA GLN M 791 30.54 -59.38 -14.97
C GLN M 791 30.17 -57.97 -14.50
N GLN M 792 29.07 -57.88 -13.75
CA GLN M 792 28.62 -56.59 -13.25
C GLN M 792 29.59 -56.00 -12.23
N GLU M 793 30.24 -56.86 -11.44
CA GLU M 793 31.22 -56.37 -10.48
C GLU M 793 32.39 -55.71 -11.20
N ILE M 794 32.70 -56.14 -12.43
CA ILE M 794 33.74 -55.48 -13.22
C ILE M 794 33.34 -54.04 -13.52
N GLN M 795 32.09 -53.85 -13.95
CA GLN M 795 31.61 -52.51 -14.24
C GLN M 795 31.60 -51.64 -12.98
N GLN M 796 31.18 -52.21 -11.85
CA GLN M 796 31.18 -51.45 -10.61
C GLN M 796 32.59 -51.04 -10.20
N ARG M 797 33.55 -51.97 -10.32
CA ARG M 797 34.93 -51.66 -9.99
C ARG M 797 35.49 -50.58 -10.91
N THR M 798 35.20 -50.67 -12.21
CA THR M 798 35.66 -49.66 -13.15
C THR M 798 35.06 -48.30 -12.82
N SER M 799 33.78 -48.27 -12.44
CA SER M 799 33.16 -47.01 -12.03
C SER M 799 33.83 -46.44 -10.79
N ASP M 800 34.19 -47.30 -9.83
CA ASP M 800 34.87 -46.81 -8.63
C ASP M 800 36.22 -46.21 -8.97
N MET M 801 37.01 -46.89 -9.82
CA MET M 801 38.29 -46.33 -10.21
C MET M 801 38.12 -45.02 -10.98
N LEU M 802 37.11 -44.93 -11.84
CA LEU M 802 36.88 -43.69 -12.57
C LEU M 802 36.51 -42.55 -11.62
N THR M 803 35.65 -42.84 -10.64
CA THR M 803 35.24 -41.81 -9.69
C THR M 803 36.42 -41.32 -8.88
N ALA M 804 37.29 -42.23 -8.43
CA ALA M 804 38.47 -41.79 -7.69
C ALA M 804 39.46 -41.05 -8.58
N ALA M 805 39.62 -41.50 -9.82
CA ALA M 805 40.65 -40.97 -10.69
C ALA M 805 40.31 -39.61 -11.26
N THR M 806 39.03 -39.32 -11.48
CA THR M 806 38.68 -37.97 -11.89
C THR M 806 39.08 -36.97 -10.81
N GLN M 807 38.80 -37.30 -9.55
CA GLN M 807 39.23 -36.44 -8.45
C GLN M 807 40.75 -36.36 -8.37
N LEU M 808 41.44 -37.48 -8.58
CA LEU M 808 42.91 -37.48 -8.53
C LEU M 808 43.48 -36.57 -9.61
N VAL M 809 42.96 -36.67 -10.83
CA VAL M 809 43.46 -35.85 -11.93
C VAL M 809 43.13 -34.38 -11.69
N GLN M 810 41.94 -34.10 -11.16
CA GLN M 810 41.58 -32.72 -10.82
C GLN M 810 42.53 -32.15 -9.78
N ASP M 811 42.91 -32.97 -8.78
CA ASP M 811 43.87 -32.52 -7.78
C ASP M 811 45.24 -32.26 -8.41
N TRP M 812 45.65 -33.11 -9.34
CA TRP M 812 46.94 -32.92 -9.99
C TRP M 812 46.95 -31.68 -10.88
N LYS M 813 45.82 -31.36 -11.51
CA LYS M 813 45.77 -30.17 -12.38
C LYS M 813 45.92 -28.89 -11.58
N GLN M 814 45.50 -28.88 -10.32
CA GLN M 814 45.54 -27.67 -9.53
C GLN M 814 46.98 -27.24 -9.25
N VAL M 815 47.27 -25.96 -9.48
CA VAL M 815 48.55 -25.36 -9.16
C VAL M 815 48.27 -24.04 -8.44
N GLU M 816 48.82 -23.89 -7.25
CA GLU M 816 48.65 -22.67 -6.48
C GLU M 816 49.68 -21.64 -6.92
N THR M 817 49.22 -20.47 -7.33
CA THR M 817 50.11 -19.42 -7.78
C THR M 817 51.00 -18.95 -6.65
N GLN M 818 52.25 -18.60 -6.97
CA GLN M 818 53.20 -18.16 -5.97
C GLN M 818 52.75 -16.85 -5.34
N VAL M 819 53.11 -16.68 -4.08
CA VAL M 819 52.83 -15.45 -3.33
C VAL M 819 54.15 -14.77 -3.03
N TYR M 820 54.19 -13.46 -3.22
CA TYR M 820 55.37 -12.65 -2.93
C TYR M 820 55.04 -11.73 -1.77
N THR M 821 55.80 -11.83 -0.69
CA THR M 821 55.58 -11.03 0.51
C THR M 821 56.72 -10.04 0.65
N GLU M 822 56.37 -8.76 0.76
CA GLU M 822 57.36 -7.70 0.89
C GLU M 822 57.55 -7.33 2.35
N GLY M 823 58.81 -7.14 2.74
CA GLY M 823 59.10 -6.74 4.10
C GLY M 823 58.74 -5.29 4.38
N THR M 824 58.73 -4.96 5.66
CA THR M 824 58.38 -3.61 6.09
C THR M 824 59.59 -2.68 5.98
N ALA N 104 21.08 -65.03 32.40
CA ALA N 104 21.22 -64.22 33.59
C ALA N 104 21.95 -62.91 33.28
N GLU N 105 23.22 -62.84 33.68
CA GLU N 105 24.05 -61.67 33.44
C GLU N 105 24.96 -61.82 32.23
N VAL N 106 25.01 -63.01 31.61
CA VAL N 106 25.79 -63.18 30.39
C VAL N 106 25.20 -62.37 29.25
N ILE N 107 23.90 -62.08 29.29
CA ILE N 107 23.29 -61.20 28.30
C ILE N 107 23.98 -59.84 28.32
N ASP N 108 24.28 -59.33 29.51
CA ASP N 108 24.98 -58.05 29.61
C ASP N 108 26.37 -58.12 28.96
N LYS N 109 27.11 -59.19 29.23
CA LYS N 109 28.46 -59.30 28.68
C LYS N 109 28.45 -59.38 27.16
N LYS N 110 27.61 -60.25 26.60
CA LYS N 110 27.60 -60.40 25.16
C LYS N 110 26.96 -59.19 24.47
N ALA N 111 26.01 -58.53 25.13
CA ALA N 111 25.48 -57.27 24.62
C ALA N 111 26.57 -56.20 24.61
N PHE N 112 27.43 -56.17 25.63
CA PHE N 112 28.54 -55.22 25.63
C PHE N 112 29.53 -55.55 24.52
N LYS N 113 29.75 -56.83 24.24
CA LYS N 113 30.63 -57.21 23.13
C LYS N 113 30.09 -56.71 21.80
N ASP N 114 28.81 -56.98 21.52
CA ASP N 114 28.20 -56.51 20.28
C ASP N 114 28.19 -54.98 20.24
N MET N 115 27.87 -54.36 21.37
CA MET N 115 27.96 -52.91 21.56
C MET N 115 29.31 -52.34 21.16
N THR N 116 30.39 -52.86 21.76
CA THR N 116 31.71 -52.29 21.53
C THR N 116 32.25 -52.64 20.15
N ARG N 117 31.71 -53.68 19.50
CA ARG N 117 32.02 -53.91 18.10
C ARG N 117 31.29 -52.92 17.20
N ASN N 118 30.06 -52.54 17.57
CA ASN N 118 29.30 -51.58 16.76
C ASN N 118 29.79 -50.15 16.93
N LEU N 119 30.23 -49.77 18.14
CA LEU N 119 30.63 -48.39 18.37
C LEU N 119 31.97 -48.08 17.72
N TYR N 120 32.91 -49.03 17.78
CA TYR N 120 34.25 -48.88 17.20
C TYR N 120 34.44 -50.02 16.21
N PRO N 121 33.88 -49.89 15.00
CA PRO N 121 34.00 -50.98 14.03
C PRO N 121 35.43 -51.27 13.59
N LEU N 122 36.36 -50.34 13.79
CA LEU N 122 37.75 -50.56 13.47
C LEU N 122 38.52 -50.85 14.74
N ASN N 123 39.20 -52.00 14.78
CA ASN N 123 40.02 -52.35 15.91
C ASN N 123 41.21 -51.40 16.01
N PRO N 124 41.86 -51.32 17.17
CA PRO N 124 43.07 -50.48 17.27
C PRO N 124 44.14 -50.88 16.27
N GLU N 125 44.21 -52.16 15.91
CA GLU N 125 45.12 -52.59 14.86
C GLU N 125 44.61 -52.18 13.48
N GLN N 126 43.31 -52.30 13.25
CA GLN N 126 42.76 -51.88 11.97
C GLN N 126 42.88 -50.37 11.77
N VAL N 127 42.92 -49.59 12.85
CA VAL N 127 43.08 -48.16 12.73
C VAL N 127 44.47 -47.82 12.21
N VAL N 128 45.50 -48.48 12.74
CA VAL N 128 46.85 -48.26 12.24
C VAL N 128 46.97 -48.80 10.82
N LYS N 129 46.27 -49.90 10.50
CA LYS N 129 46.20 -50.36 9.12
C LYS N 129 45.69 -49.26 8.21
N LEU N 130 44.55 -48.67 8.56
CA LEU N 130 43.94 -47.64 7.73
C LEU N 130 44.84 -46.41 7.62
N LYS N 131 45.48 -46.02 8.72
CA LYS N 131 46.38 -44.88 8.68
C LYS N 131 47.55 -45.14 7.75
N GLN N 132 48.12 -46.34 7.81
CA GLN N 132 49.24 -46.67 6.92
C GLN N 132 48.80 -46.68 5.46
N ILE N 133 47.63 -47.25 5.16
CA ILE N 133 47.15 -47.25 3.78
C ILE N 133 46.90 -45.83 3.30
N TYR N 134 46.35 -44.97 4.17
CA TYR N 134 46.13 -43.58 3.79
C TYR N 134 47.44 -42.87 3.49
N GLU N 135 48.45 -43.07 4.35
CA GLU N 135 49.74 -42.41 4.11
C GLU N 135 50.40 -42.94 2.84
N THR N 136 50.30 -44.24 2.57
CA THR N 136 50.86 -44.79 1.35
C THR N 136 50.15 -44.23 0.12
N SER N 137 48.82 -44.08 0.20
CA SER N 137 48.08 -43.49 -0.90
C SER N 137 48.50 -42.05 -1.15
N GLU N 138 48.67 -41.27 -0.08
CA GLU N 138 49.13 -39.89 -0.24
C GLU N 138 50.54 -39.84 -0.81
N TYR N 139 51.41 -40.76 -0.39
CA TYR N 139 52.76 -40.80 -0.95
C TYR N 139 52.74 -41.13 -2.43
N ALA N 140 51.89 -42.08 -2.84
CA ALA N 140 51.77 -42.40 -4.26
C ALA N 140 51.21 -41.23 -5.05
N LYS N 141 50.24 -40.52 -4.47
CA LYS N 141 49.64 -39.37 -5.14
C LYS N 141 50.65 -38.23 -5.31
N ALA N 142 51.48 -37.99 -4.30
CA ALA N 142 52.42 -36.88 -4.32
C ALA N 142 53.74 -37.22 -4.99
N ALA N 143 53.95 -38.47 -5.37
CA ALA N 143 55.21 -38.86 -5.99
C ALA N 143 55.29 -38.32 -7.41
N THR N 144 56.44 -37.75 -7.76
CA THR N 144 56.65 -37.23 -9.10
C THR N 144 56.91 -38.39 -10.07
N PRO N 145 56.29 -38.40 -11.24
CA PRO N 145 56.57 -39.46 -12.22
C PRO N 145 57.93 -39.25 -12.85
N GLY N 146 58.79 -40.26 -12.71
CA GLY N 146 60.15 -40.15 -13.19
C GLY N 146 61.04 -39.38 -12.25
N THR N 147 62.20 -39.03 -12.76
CA THR N 147 63.16 -38.27 -11.96
C THR N 147 62.75 -36.80 -11.89
N PRO N 148 62.60 -36.24 -10.69
CA PRO N 148 62.31 -34.82 -10.61
C PRO N 148 63.46 -34.00 -11.18
N PRO N 149 63.17 -32.80 -11.69
CA PRO N 149 64.24 -31.99 -12.28
C PRO N 149 65.32 -31.66 -11.26
N LYS N 150 66.57 -31.67 -11.71
CA LYS N 150 67.67 -31.31 -10.85
C LYS N 150 67.64 -29.81 -10.58
N PRO N 151 67.63 -29.38 -9.32
CA PRO N 151 67.64 -27.94 -9.01
C PRO N 151 69.02 -27.35 -9.21
N THR N 152 69.18 -26.55 -10.28
CA THR N 152 70.47 -25.99 -10.63
C THR N 152 70.38 -24.47 -10.63
N ALA N 153 71.46 -23.83 -10.18
CA ALA N 153 71.61 -22.39 -10.27
C ALA N 153 72.64 -22.12 -11.36
N THR N 154 72.17 -21.68 -12.52
CA THR N 154 73.02 -21.53 -13.70
C THR N 154 73.30 -20.06 -13.96
N SER N 155 74.22 -19.82 -14.91
CA SER N 155 74.60 -18.48 -15.32
C SER N 155 74.77 -18.47 -16.83
N GLN N 156 74.10 -17.52 -17.50
CA GLN N 156 74.15 -17.41 -18.94
C GLN N 156 74.61 -16.00 -19.32
N PHE N 157 75.28 -15.91 -20.48
CA PHE N 157 75.69 -14.64 -21.04
C PHE N 157 74.73 -14.27 -22.16
N VAL N 158 73.99 -13.18 -21.97
CA VAL N 158 72.99 -12.75 -22.95
C VAL N 158 73.71 -11.97 -24.04
N ASN N 159 73.72 -12.52 -25.25
CA ASN N 159 74.30 -11.85 -26.41
C ASN N 159 73.17 -11.27 -27.24
N LEU N 160 73.15 -9.95 -27.39
CA LEU N 160 72.07 -9.24 -28.05
C LEU N 160 72.35 -8.99 -29.53
N SER N 161 73.48 -9.44 -30.05
CA SER N 161 73.77 -9.26 -31.46
C SER N 161 72.80 -10.11 -32.29
N PRO N 162 72.43 -9.63 -33.48
CA PRO N 162 71.54 -10.40 -34.34
C PRO N 162 72.13 -11.75 -34.71
N GLY N 163 71.28 -12.77 -34.77
CA GLY N 163 71.70 -14.13 -35.05
C GLY N 163 71.99 -14.96 -33.82
N SER N 164 72.04 -14.35 -32.64
CA SER N 164 72.28 -15.07 -31.40
C SER N 164 70.97 -15.58 -30.83
N THR N 165 70.98 -16.83 -30.40
CA THR N 165 69.76 -17.47 -29.90
C THR N 165 69.38 -16.87 -28.55
N PRO N 166 68.10 -16.54 -28.35
CA PRO N 166 67.67 -16.04 -27.06
C PRO N 166 67.91 -17.08 -25.98
N PRO N 167 68.29 -16.64 -24.78
CA PRO N 167 68.52 -17.60 -23.70
C PRO N 167 67.26 -18.35 -23.32
N VAL N 168 67.45 -19.62 -22.95
CA VAL N 168 66.35 -20.49 -22.53
C VAL N 168 66.40 -20.64 -21.02
N ILE N 169 65.23 -20.69 -20.39
CA ILE N 169 65.09 -20.87 -18.96
C ILE N 169 64.32 -22.16 -18.71
N ARG N 170 64.97 -23.11 -18.03
CA ARG N 170 64.35 -24.37 -17.67
C ARG N 170 63.51 -24.16 -16.42
N LEU N 171 62.20 -24.33 -16.54
CA LEU N 171 61.27 -24.14 -15.44
C LEU N 171 60.70 -25.50 -15.02
N SER N 172 59.78 -25.46 -14.06
CA SER N 172 59.06 -26.63 -13.61
C SER N 172 57.72 -26.19 -13.05
N GLN N 173 56.70 -27.03 -13.24
CA GLN N 173 55.36 -26.68 -12.81
C GLN N 173 55.31 -26.55 -11.29
N GLY N 174 54.86 -25.38 -10.81
CA GLY N 174 54.74 -25.12 -9.39
C GLY N 174 56.03 -24.69 -8.71
N PHE N 175 57.14 -24.59 -9.44
CA PHE N 175 58.42 -24.22 -8.87
C PHE N 175 58.80 -22.82 -9.32
N VAL N 176 59.48 -22.09 -8.45
CA VAL N 176 59.88 -20.71 -8.72
C VAL N 176 61.26 -20.72 -9.36
N SER N 177 61.39 -20.02 -10.48
CA SER N 177 62.68 -19.76 -11.12
C SER N 177 62.94 -18.27 -11.05
N SER N 178 64.04 -17.88 -10.41
CA SER N 178 64.35 -16.48 -10.16
C SER N 178 65.48 -16.05 -11.09
N LEU N 179 65.15 -15.21 -12.07
CA LEU N 179 66.14 -14.65 -12.99
C LEU N 179 66.56 -13.28 -12.47
N VAL N 180 67.86 -13.12 -12.24
CA VAL N 180 68.46 -11.84 -11.92
C VAL N 180 69.22 -11.36 -13.16
N PHE N 181 69.10 -10.07 -13.45
CA PHE N 181 69.72 -9.50 -14.64
C PHE N 181 70.95 -8.69 -14.24
N LEU N 182 72.08 -8.99 -14.86
CA LEU N 182 73.34 -8.33 -14.60
C LEU N 182 73.92 -7.82 -15.91
N ASP N 183 74.75 -6.80 -15.81
CA ASP N 183 75.48 -6.30 -16.96
C ASP N 183 76.78 -7.11 -17.13
N SER N 184 77.62 -6.71 -18.08
CA SER N 184 78.86 -7.45 -18.32
C SER N 184 79.82 -7.35 -17.13
N THR N 185 79.70 -6.32 -16.31
CA THR N 185 80.52 -6.19 -15.12
C THR N 185 80.00 -7.00 -13.94
N GLY N 186 78.87 -7.67 -14.09
CA GLY N 186 78.29 -8.45 -13.02
C GLY N 186 77.43 -7.66 -12.05
N ALA N 187 77.34 -6.35 -12.22
CA ALA N 187 76.54 -5.48 -11.38
C ALA N 187 75.06 -5.64 -11.70
N PRO N 188 74.18 -5.32 -10.74
CA PRO N 188 72.74 -5.40 -11.01
C PRO N 188 72.33 -4.48 -12.15
N TRP N 189 71.32 -4.91 -12.90
CA TRP N 189 70.74 -4.12 -13.98
C TRP N 189 69.24 -4.08 -13.80
N PRO N 190 68.69 -3.04 -13.16
CA PRO N 190 67.26 -3.01 -12.85
C PRO N 190 66.41 -3.13 -14.10
N ILE N 191 65.16 -3.56 -13.88
CA ILE N 191 64.23 -3.89 -14.96
C ILE N 191 63.27 -2.73 -15.12
N ALA N 192 63.23 -2.15 -16.32
CA ALA N 192 62.27 -1.09 -16.59
C ALA N 192 60.87 -1.64 -16.78
N ALA N 193 60.74 -2.75 -17.52
CA ALA N 193 59.43 -3.34 -17.78
C ALA N 193 59.62 -4.77 -18.28
N TYR N 194 58.52 -5.52 -18.29
CA TYR N 194 58.54 -6.87 -18.85
C TYR N 194 57.23 -7.12 -19.59
N ASP N 195 57.28 -8.04 -20.53
CA ASP N 195 56.14 -8.43 -21.34
C ASP N 195 56.10 -9.95 -21.41
N LEU N 196 54.99 -10.53 -20.96
CA LEU N 196 54.85 -11.97 -20.84
C LEU N 196 53.85 -12.48 -21.87
N GLY N 197 54.34 -13.17 -22.90
CA GLY N 197 53.46 -13.83 -23.83
C GLY N 197 52.94 -15.15 -23.24
N ASP N 198 51.65 -15.39 -23.45
CA ASP N 198 50.96 -16.53 -22.85
C ASP N 198 51.09 -16.49 -21.33
N PRO N 199 50.48 -15.52 -20.65
CA PRO N 199 50.60 -15.43 -19.19
C PRO N 199 49.74 -16.43 -18.43
N SER N 200 48.98 -17.29 -19.12
CA SER N 200 48.23 -18.34 -18.46
C SER N 200 49.09 -19.55 -18.10
N SER N 201 50.28 -19.66 -18.70
CA SER N 201 51.18 -20.77 -18.43
C SER N 201 52.34 -20.40 -17.53
N PHE N 202 52.56 -19.12 -17.28
CA PHE N 202 53.60 -18.66 -16.37
C PHE N 202 53.07 -17.53 -15.50
N ASN N 203 53.44 -17.55 -14.23
CA ASN N 203 53.09 -16.50 -13.29
C ASN N 203 54.37 -15.79 -12.86
N ILE N 204 54.42 -14.47 -13.08
CA ILE N 204 55.63 -13.69 -12.83
C ILE N 204 55.37 -12.76 -11.66
N GLN N 205 56.22 -12.84 -10.65
CA GLN N 205 56.22 -11.93 -9.51
C GLN N 205 57.47 -11.06 -9.58
N TRP N 206 57.29 -9.75 -9.45
CA TRP N 206 58.40 -8.82 -9.58
C TRP N 206 57.99 -7.50 -8.94
N ASP N 207 58.63 -7.15 -7.83
CA ASP N 207 58.51 -5.79 -7.32
C ASP N 207 59.12 -4.82 -8.34
N LYS N 208 58.47 -3.68 -8.52
CA LYS N 208 58.73 -2.84 -9.68
C LYS N 208 60.11 -2.20 -9.68
N THR N 209 60.89 -2.33 -8.60
CA THR N 209 62.17 -1.66 -8.49
C THR N 209 63.37 -2.55 -8.83
N SER N 210 63.34 -3.82 -8.45
CA SER N 210 64.53 -4.66 -8.52
C SER N 210 64.76 -5.17 -9.94
N ASN N 211 65.70 -6.10 -10.08
CA ASN N 211 66.04 -6.71 -11.36
C ASN N 211 65.70 -8.19 -11.40
N THR N 212 64.93 -8.69 -10.43
CA THR N 212 64.70 -10.12 -10.26
C THR N 212 63.26 -10.46 -10.60
N LEU N 213 63.08 -11.39 -11.52
CA LEU N 213 61.76 -11.91 -11.89
C LEU N 213 61.62 -13.32 -11.38
N MET N 214 60.54 -13.60 -10.66
CA MET N 214 60.28 -14.95 -10.15
C MET N 214 59.12 -15.53 -10.95
N ILE N 215 59.43 -16.50 -11.82
CA ILE N 215 58.47 -17.09 -12.73
C ILE N 215 58.16 -18.50 -12.26
N GLN N 216 56.88 -18.80 -12.11
CA GLN N 216 56.41 -20.13 -11.74
C GLN N 216 55.59 -20.70 -12.89
N ALA N 217 55.97 -21.88 -13.35
CA ALA N 217 55.28 -22.52 -14.47
C ALA N 217 53.92 -23.02 -14.00
N THR N 218 52.85 -22.39 -14.48
CA THR N 218 51.51 -22.83 -14.12
C THR N 218 51.16 -24.16 -14.78
N LYS N 219 51.55 -24.34 -16.04
CA LYS N 219 51.24 -25.53 -16.81
C LYS N 219 52.47 -26.43 -16.91
N LEU N 220 52.20 -27.71 -17.18
CA LEU N 220 53.26 -28.72 -17.15
C LEU N 220 54.31 -28.47 -18.23
N TYR N 221 53.90 -28.56 -19.50
CA TYR N 221 54.84 -28.57 -20.61
C TYR N 221 54.67 -27.42 -21.58
N ASN N 222 53.76 -26.49 -21.32
CA ASN N 222 53.53 -25.37 -22.23
C ASN N 222 54.63 -24.34 -22.08
N TYR N 223 55.37 -24.09 -23.16
CA TYR N 223 56.48 -23.15 -23.15
C TYR N 223 56.08 -21.85 -23.86
N GLY N 224 56.82 -20.80 -23.56
CA GLY N 224 56.56 -19.50 -24.13
C GLY N 224 57.81 -18.66 -24.19
N ASN N 225 57.62 -17.35 -24.33
CA ASN N 225 58.74 -16.43 -24.33
C ASN N 225 58.42 -15.24 -23.44
N LEU N 226 59.40 -14.35 -23.28
CA LEU N 226 59.31 -13.24 -22.37
C LEU N 226 60.26 -12.14 -22.82
N ALA N 227 59.80 -10.89 -22.73
CA ALA N 227 60.61 -9.72 -23.02
C ALA N 227 60.91 -8.98 -21.72
N VAL N 228 62.15 -8.54 -21.56
CA VAL N 228 62.58 -7.78 -20.40
C VAL N 228 63.31 -6.54 -20.90
N ARG N 229 62.63 -5.39 -20.81
CA ARG N 229 63.25 -4.11 -21.14
C ARG N 229 63.94 -3.60 -19.88
N LEU N 230 65.27 -3.53 -19.92
CA LEU N 230 66.06 -3.08 -18.78
C LEU N 230 66.11 -1.57 -18.75
N ARG N 231 66.89 -1.01 -17.83
CA ARG N 231 66.86 0.43 -17.60
C ARG N 231 67.53 1.20 -18.73
N GLY N 232 68.81 0.94 -18.95
CA GLY N 232 69.57 1.62 -19.99
C GLY N 232 69.59 0.95 -21.34
N LEU N 233 68.81 -0.10 -21.53
CA LEU N 233 68.82 -0.87 -22.77
C LEU N 233 67.72 -0.43 -23.71
N ASN N 234 68.08 -0.04 -24.93
CA ASN N 234 67.09 0.14 -25.97
C ASN N 234 66.60 -1.20 -26.49
N THR N 235 67.51 -2.15 -26.66
CA THR N 235 67.14 -3.48 -27.14
C THR N 235 66.62 -4.32 -25.99
N PRO N 236 65.39 -4.82 -26.05
CA PRO N 236 64.90 -5.69 -24.98
C PRO N 236 65.60 -7.03 -24.97
N VAL N 237 65.63 -7.65 -23.80
CA VAL N 237 66.22 -8.98 -23.63
C VAL N 237 65.11 -10.01 -23.79
N MET N 238 65.25 -10.90 -24.76
CA MET N 238 64.24 -11.90 -25.05
C MET N 238 64.70 -13.27 -24.55
N LEU N 239 63.82 -13.94 -23.82
CA LEU N 239 64.11 -15.26 -23.28
C LEU N 239 62.97 -16.20 -23.64
N THR N 240 63.28 -17.48 -23.74
CA THR N 240 62.29 -18.52 -23.96
C THR N 240 62.20 -19.40 -22.72
N LEU N 241 61.00 -19.48 -22.14
CA LEU N 241 60.75 -20.21 -20.91
C LEU N 241 60.17 -21.56 -21.27
N ILE N 242 60.87 -22.62 -20.88
CA ILE N 242 60.47 -23.99 -21.23
C ILE N 242 60.32 -24.78 -19.94
N PRO N 243 59.13 -25.22 -19.58
CA PRO N 243 58.95 -26.00 -18.35
C PRO N 243 59.01 -27.51 -18.63
N GLY N 244 59.09 -28.27 -17.54
CA GLY N 244 59.09 -29.72 -17.65
C GLY N 244 60.36 -30.31 -18.20
N GLN N 245 61.52 -29.79 -17.82
CA GLN N 245 62.80 -30.30 -18.31
C GLN N 245 63.47 -31.16 -17.25
N LYS N 246 64.56 -31.82 -17.66
CA LYS N 246 65.35 -32.64 -16.74
C LYS N 246 66.11 -31.80 -15.73
N ALA N 247 66.16 -30.49 -15.91
CA ALA N 247 66.75 -29.58 -14.95
C ALA N 247 65.78 -28.44 -14.69
N VAL N 248 65.75 -27.94 -13.47
CA VAL N 248 64.96 -26.78 -13.10
C VAL N 248 65.92 -25.68 -12.64
N ASP N 249 65.87 -24.55 -13.31
CA ASP N 249 66.77 -23.42 -13.03
C ASP N 249 66.17 -22.65 -11.86
N TYR N 250 66.69 -22.92 -10.66
CA TYR N 250 66.26 -22.16 -9.49
C TYR N 250 66.63 -20.69 -9.63
N ARG N 251 67.85 -20.42 -10.11
CA ARG N 251 68.29 -19.05 -10.28
C ARG N 251 69.23 -18.96 -11.47
N VAL N 252 69.01 -17.97 -12.32
CA VAL N 252 69.82 -17.75 -13.53
C VAL N 252 70.42 -16.36 -13.46
N ASP N 253 71.74 -16.27 -13.53
CA ASP N 253 72.45 -15.00 -13.59
C ASP N 253 72.66 -14.64 -15.05
N LEU N 254 71.85 -13.72 -15.57
CA LEU N 254 71.85 -13.37 -16.98
C LEU N 254 72.77 -12.17 -17.18
N ARG N 255 73.94 -12.42 -17.79
CA ARG N 255 74.95 -11.38 -18.02
C ARG N 255 74.68 -10.73 -19.36
N VAL N 256 73.88 -9.66 -19.35
CA VAL N 256 73.59 -8.93 -20.57
C VAL N 256 74.85 -8.26 -21.11
N GLN N 257 74.84 -7.96 -22.41
CA GLN N 257 76.05 -7.48 -23.09
C GLN N 257 76.43 -6.07 -22.65
N GLY N 258 75.45 -5.21 -22.37
CA GLY N 258 75.72 -3.82 -22.12
C GLY N 258 76.22 -3.55 -20.72
N TYR N 259 76.36 -2.26 -20.41
CA TYR N 259 76.73 -1.78 -19.10
C TYR N 259 75.53 -1.07 -18.49
N GLY N 260 75.10 -1.52 -17.31
CA GLY N 260 73.92 -0.99 -16.68
C GLY N 260 74.20 0.28 -15.90
N PRO N 261 73.19 0.76 -15.16
CA PRO N 261 73.36 1.97 -14.36
C PRO N 261 74.28 1.78 -13.15
N ASN N 262 74.74 0.56 -12.89
CA ASN N 262 75.68 0.28 -11.81
C ASN N 262 77.01 -0.15 -12.42
N ALA N 263 78.08 0.53 -12.05
CA ALA N 263 79.40 0.24 -12.60
C ALA N 263 80.36 -0.23 -11.51
N CYS O 1 54.94 -36.05 -54.05
CA CYS O 1 54.52 -34.78 -53.49
C CYS O 1 54.52 -33.69 -54.54
N THR O 2 55.72 -33.13 -54.77
CA THR O 2 55.88 -32.07 -55.76
C THR O 2 55.58 -32.57 -57.17
N ASP O 3 55.86 -33.84 -57.45
CA ASP O 3 55.48 -34.41 -58.73
C ASP O 3 53.97 -34.33 -58.93
N ALA O 4 53.21 -34.71 -57.90
CA ALA O 4 51.76 -34.61 -57.98
C ALA O 4 51.32 -33.15 -58.06
N ALA O 5 52.03 -32.26 -57.37
CA ALA O 5 51.67 -30.84 -57.40
C ALA O 5 51.80 -30.27 -58.81
N LEU O 6 52.96 -30.48 -59.45
CA LEU O 6 53.13 -29.99 -60.82
C LEU O 6 52.23 -30.73 -61.80
N ALA O 7 51.98 -32.01 -61.59
CA ALA O 7 51.06 -32.73 -62.48
C ALA O 7 49.66 -32.15 -62.41
N ALA O 8 49.16 -31.88 -61.20
CA ALA O 8 47.85 -31.28 -61.06
C ALA O 8 47.83 -29.85 -61.60
N LEU O 9 48.93 -29.11 -61.40
CA LEU O 9 49.00 -27.75 -61.94
C LEU O 9 48.93 -27.75 -63.46
N GLU O 10 49.66 -28.66 -64.12
CA GLU O 10 49.61 -28.73 -65.57
C GLU O 10 48.28 -29.28 -66.06
N TYR O 11 47.63 -30.16 -65.29
CA TYR O 11 46.30 -30.62 -65.64
C TYR O 11 45.29 -29.48 -65.59
N HIS O 12 45.40 -28.61 -64.58
CA HIS O 12 44.52 -27.45 -64.48
C HIS O 12 44.84 -26.40 -65.53
N LYS O 13 46.10 -26.24 -65.90
CA LYS O 13 46.45 -25.26 -66.93
C LYS O 13 46.03 -25.70 -68.32
N SER O 14 46.26 -26.97 -68.67
CA SER O 14 45.84 -27.48 -69.98
C SER O 14 44.32 -27.55 -70.07
N ASN O 15 43.65 -27.94 -68.99
CA ASN O 15 42.19 -28.00 -68.93
C ASN O 15 41.74 -26.80 -68.08
N ALA O 16 41.47 -25.69 -68.76
CA ALA O 16 41.18 -24.41 -68.11
C ALA O 16 40.06 -24.50 -67.07
N CYS P 1 48.02 -21.24 -58.42
CA CYS P 1 46.68 -21.79 -58.60
C CYS P 1 46.46 -23.03 -57.74
N VAL P 2 47.55 -23.52 -57.14
CA VAL P 2 47.51 -24.72 -56.32
C VAL P 2 47.65 -24.33 -54.85
N SER P 3 46.72 -24.79 -54.02
CA SER P 3 46.85 -24.66 -52.58
C SER P 3 47.53 -25.92 -52.05
N MET P 4 48.68 -25.74 -51.39
CA MET P 4 49.53 -26.88 -51.08
C MET P 4 48.89 -27.80 -50.05
N ILE P 5 48.06 -27.24 -49.16
CA ILE P 5 47.45 -28.05 -48.10
C ILE P 5 46.48 -29.08 -48.66
N GLY P 6 45.92 -28.84 -49.84
CA GLY P 6 45.07 -29.83 -50.48
C GLY P 6 45.87 -30.82 -51.30
N GLY P 7 46.99 -31.28 -50.73
CA GLY P 7 47.90 -32.15 -51.44
C GLY P 7 47.64 -33.62 -51.13
N SER P 8 47.65 -34.42 -52.19
CA SER P 8 47.46 -35.85 -52.07
C SER P 8 48.23 -36.53 -53.19
N ARG P 9 49.05 -37.51 -52.84
CA ARG P 9 49.85 -38.21 -53.84
C ARG P 9 48.95 -39.03 -54.76
N ARG Q 1 43.49 -31.74 -55.29
CA ARG Q 1 43.74 -30.33 -55.50
C ARG Q 1 42.61 -29.70 -56.31
N VAL Q 2 42.25 -28.46 -55.97
CA VAL Q 2 41.16 -27.74 -56.62
C VAL Q 2 41.62 -26.33 -56.96
N SER Q 3 41.36 -25.92 -58.19
CA SER Q 3 41.85 -24.67 -58.73
C SER Q 3 41.03 -23.49 -58.19
N ILE Q 4 41.55 -22.27 -58.39
CA ILE Q 4 40.83 -21.05 -58.03
C ILE Q 4 39.66 -20.77 -58.97
N GLY Q 5 39.53 -21.53 -60.05
CA GLY Q 5 38.34 -21.41 -60.86
C GLY Q 5 37.09 -22.00 -60.21
N GLY Q 6 37.24 -22.69 -59.09
CA GLY Q 6 36.13 -23.35 -58.43
C GLY Q 6 35.94 -24.80 -58.83
N THR Q 7 36.55 -25.22 -59.94
CA THR Q 7 36.46 -26.61 -60.39
C THR Q 7 37.63 -27.42 -59.85
N VAL Q 8 37.38 -28.71 -59.65
CA VAL Q 8 38.37 -29.63 -59.10
C VAL Q 8 39.25 -30.16 -60.23
N TYR Q 9 40.56 -30.03 -60.07
CA TYR Q 9 41.53 -30.57 -61.01
C TYR Q 9 42.66 -31.21 -60.21
N THR Q 10 42.68 -32.54 -60.17
CA THR Q 10 43.59 -33.28 -59.31
C THR Q 10 44.38 -34.29 -60.12
N ALA Q 11 45.60 -34.56 -59.68
CA ALA Q 11 46.43 -35.58 -60.30
C ALA Q 11 45.95 -36.97 -59.89
N LYS Q 12 46.41 -37.98 -60.62
CA LYS Q 12 45.97 -39.35 -60.40
C LYS Q 12 46.78 -40.04 -59.30
N LYS Q 13 48.07 -40.21 -59.52
CA LYS Q 13 48.94 -40.91 -58.57
C LYS Q 13 50.38 -40.53 -58.86
N TYR Q 14 51.06 -39.91 -57.89
CA TYR Q 14 52.46 -39.52 -58.07
C TYR Q 14 53.15 -39.59 -56.71
N ASP Q 15 54.24 -40.35 -56.64
CA ASP Q 15 54.98 -40.54 -55.40
C ASP Q 15 56.43 -40.15 -55.60
N ASP Q 16 57.07 -39.76 -54.50
CA ASP Q 16 58.48 -39.39 -54.53
C ASP Q 16 59.25 -40.08 -53.40
N PRO R 1 50.01 -32.53 -46.57
CA PRO R 1 50.24 -33.95 -46.25
C PRO R 1 51.40 -34.54 -47.04
N PHE R 2 52.63 -34.16 -46.67
CA PHE R 2 53.81 -34.50 -47.45
C PHE R 2 54.88 -35.06 -46.53
N GLY R 3 55.80 -35.81 -47.13
CA GLY R 3 56.83 -36.50 -46.37
C GLY R 3 58.16 -35.77 -46.31
N ALA R 4 58.32 -34.72 -47.10
CA ALA R 4 59.53 -33.91 -47.10
C ALA R 4 59.40 -32.70 -46.19
N ASP R 5 58.46 -32.71 -45.25
CA ASP R 5 58.24 -31.59 -44.35
C ASP R 5 59.44 -31.36 -43.45
N ARG S 207 77.14 -16.41 -58.09
CA ARG S 207 75.88 -15.71 -58.25
C ARG S 207 75.36 -15.21 -56.91
N ILE S 208 74.04 -14.99 -56.84
CA ILE S 208 73.37 -14.56 -55.63
C ILE S 208 72.41 -15.66 -55.21
N ILE S 209 72.51 -16.08 -53.95
CA ILE S 209 71.73 -17.20 -53.42
C ILE S 209 70.55 -16.63 -52.65
N TYR S 210 69.36 -17.14 -52.94
CA TYR S 210 68.12 -16.65 -52.34
C TYR S 210 67.57 -17.68 -51.36
N TYR S 211 67.22 -17.22 -50.17
CA TYR S 211 66.56 -18.02 -49.15
C TYR S 211 65.14 -17.51 -48.94
N ILE S 212 64.29 -18.38 -48.40
CA ILE S 212 62.92 -17.99 -48.07
C ILE S 212 62.91 -17.30 -46.72
N GLN S 213 62.55 -16.02 -46.70
CA GLN S 213 62.29 -15.32 -45.46
C GLN S 213 60.92 -15.70 -44.89
N ALA S 214 59.92 -15.84 -45.74
CA ALA S 214 58.60 -16.27 -45.31
C ALA S 214 57.88 -16.89 -46.49
N VAL S 215 56.90 -17.74 -46.21
CA VAL S 215 56.17 -18.42 -47.27
C VAL S 215 54.72 -18.62 -46.83
N ILE S 216 53.81 -18.41 -47.77
CA ILE S 216 52.38 -18.68 -47.61
C ILE S 216 51.85 -19.19 -48.94
N PRO S 217 50.67 -19.83 -48.94
CA PRO S 217 50.05 -20.22 -50.22
C PRO S 217 49.93 -19.02 -51.14
N GLY S 218 50.66 -19.06 -52.25
CA GLY S 218 50.77 -17.91 -53.12
C GLY S 218 52.10 -17.21 -53.02
N ARG S 219 52.13 -16.06 -52.35
CA ARG S 219 53.34 -15.26 -52.28
C ARG S 219 54.40 -15.94 -51.42
N ALA S 220 55.66 -15.59 -51.68
CA ALA S 220 56.79 -16.03 -50.87
C ALA S 220 57.79 -14.89 -50.82
N TRP S 221 58.14 -14.47 -49.61
CA TRP S 221 59.13 -13.40 -49.41
C TRP S 221 60.50 -14.04 -49.28
N LEU S 222 61.43 -13.63 -50.14
CA LEU S 222 62.79 -14.14 -50.17
C LEU S 222 63.78 -13.04 -49.84
N ILE S 223 64.88 -13.44 -49.21
CA ILE S 223 66.01 -12.55 -48.93
C ILE S 223 67.26 -13.16 -49.53
N GLY S 224 68.00 -12.37 -50.30
CA GLY S 224 69.21 -12.83 -50.95
C GLY S 224 70.44 -12.60 -50.09
N SER S 225 71.61 -12.78 -50.72
CA SER S 225 72.87 -12.58 -50.03
C SER S 225 73.28 -11.12 -49.93
N ASN S 226 72.65 -10.23 -50.69
CA ASN S 226 72.96 -8.80 -50.64
C ASN S 226 72.09 -8.04 -49.65
N GLY S 227 71.21 -8.73 -48.93
CA GLY S 227 70.25 -8.07 -48.09
C GLY S 227 69.00 -7.61 -48.80
N SER S 228 68.90 -7.82 -50.11
CA SER S 228 67.71 -7.44 -50.85
C SER S 228 66.55 -8.37 -50.50
N THR S 229 65.34 -7.83 -50.60
CA THR S 229 64.12 -8.57 -50.29
C THR S 229 63.21 -8.54 -51.51
N LEU S 230 62.72 -9.72 -51.90
CA LEU S 230 61.80 -9.86 -53.01
C LEU S 230 60.56 -10.61 -52.55
N THR S 231 59.50 -10.54 -53.34
CA THR S 231 58.31 -11.35 -53.14
C THR S 231 57.92 -11.97 -54.47
N VAL S 232 57.62 -13.26 -54.46
CA VAL S 232 57.41 -14.02 -55.68
C VAL S 232 56.07 -14.74 -55.60
N ARG S 233 55.52 -15.03 -56.78
CA ARG S 233 54.26 -15.75 -56.93
C ARG S 233 54.51 -17.02 -57.76
N GLU S 234 53.43 -17.70 -58.13
CA GLU S 234 53.52 -18.98 -58.83
C GLU S 234 54.42 -18.88 -60.06
N GLY S 235 54.15 -17.91 -60.92
CA GLY S 235 55.05 -17.65 -62.04
C GLY S 235 55.67 -16.27 -61.95
N SER S 236 56.97 -16.21 -61.67
CA SER S 236 57.62 -14.93 -61.44
C SER S 236 59.12 -15.08 -61.66
N LYS S 237 59.73 -14.07 -62.29
CA LYS S 237 61.15 -14.11 -62.60
C LYS S 237 61.97 -13.83 -61.36
N ILE S 238 63.02 -14.61 -61.16
CA ILE S 238 64.00 -14.40 -60.10
C ILE S 238 65.36 -14.26 -60.75
N PRO S 239 66.12 -13.19 -60.48
CA PRO S 239 67.42 -13.01 -61.14
C PRO S 239 68.39 -14.12 -60.78
N GLY S 240 68.86 -14.81 -61.82
CA GLY S 240 69.80 -15.92 -61.67
C GLY S 240 69.15 -17.27 -61.46
N TYR S 241 67.99 -17.30 -60.79
CA TYR S 241 67.31 -18.55 -60.50
C TYR S 241 66.27 -18.92 -61.54
N GLY S 242 66.08 -18.10 -62.57
CA GLY S 242 65.13 -18.41 -63.63
C GLY S 242 63.74 -17.86 -63.31
N MET S 243 62.73 -18.72 -63.42
CA MET S 243 61.35 -18.36 -63.18
C MET S 243 60.72 -19.36 -62.21
N VAL S 244 59.93 -18.85 -61.26
CA VAL S 244 59.31 -19.70 -60.26
C VAL S 244 58.38 -20.69 -60.94
N LYS S 245 58.49 -21.97 -60.57
CA LYS S 245 57.65 -23.03 -61.11
C LYS S 245 56.66 -23.57 -60.11
N LEU S 246 56.99 -23.56 -58.83
CA LEU S 246 56.08 -24.05 -57.79
C LEU S 246 56.54 -23.49 -56.44
N ILE S 247 55.57 -23.22 -55.58
CA ILE S 247 55.83 -22.69 -54.23
C ILE S 247 55.14 -23.63 -53.24
N ASP S 248 55.90 -24.60 -52.72
CA ASP S 248 55.42 -25.51 -51.69
C ASP S 248 55.48 -24.77 -50.36
N SER S 249 54.32 -24.29 -49.90
CA SER S 249 54.27 -23.50 -48.68
C SER S 249 54.43 -24.35 -47.42
N LEU S 250 53.99 -25.61 -47.46
CA LEU S 250 54.08 -26.45 -46.27
C LEU S 250 55.51 -26.83 -45.95
N GLN S 251 56.30 -27.17 -46.97
CA GLN S 251 57.69 -27.53 -46.76
C GLN S 251 58.63 -26.34 -46.84
N GLY S 252 58.12 -25.15 -47.15
CA GLY S 252 58.99 -24.00 -47.36
C GLY S 252 59.95 -24.18 -48.52
N ARG S 253 59.46 -24.73 -49.63
CA ARG S 253 60.28 -24.98 -50.80
C ARG S 253 59.76 -24.17 -51.97
N ILE S 254 60.67 -23.82 -52.88
CA ILE S 254 60.32 -23.13 -54.11
C ILE S 254 61.10 -23.78 -55.25
N LEU S 255 60.39 -24.46 -56.14
CA LEU S 255 60.97 -25.03 -57.34
C LEU S 255 60.94 -23.97 -58.43
N THR S 256 62.09 -23.73 -59.06
CA THR S 256 62.21 -22.79 -60.17
C THR S 256 62.51 -23.54 -61.46
N SER S 257 62.54 -22.78 -62.56
CA SER S 257 62.71 -23.40 -63.88
C SER S 257 64.12 -23.93 -64.07
N SER S 258 65.12 -23.25 -63.51
CA SER S 258 66.51 -23.65 -63.65
C SER S 258 66.88 -24.86 -62.80
N GLY S 259 65.92 -25.43 -62.07
CA GLY S 259 66.17 -26.55 -61.20
C GLY S 259 66.65 -26.19 -59.82
N GLN S 260 67.06 -24.95 -59.60
CA GLN S 260 67.49 -24.52 -58.27
C GLN S 260 66.30 -24.41 -57.34
N VAL S 261 66.44 -24.97 -56.14
CA VAL S 261 65.38 -24.98 -55.13
C VAL S 261 65.71 -23.92 -54.09
N ILE S 262 64.73 -23.08 -53.80
CA ILE S 262 64.84 -22.06 -52.75
C ILE S 262 64.22 -22.61 -51.48
N LYS S 263 64.97 -22.55 -50.39
CA LYS S 263 64.50 -23.02 -49.09
C LYS S 263 64.87 -22.01 -48.02
N PHE S 264 64.38 -22.25 -46.82
CA PHE S 264 64.74 -21.42 -45.68
C PHE S 264 66.23 -21.54 -45.41
N SER S 265 66.82 -20.47 -44.88
CA SER S 265 68.24 -20.48 -44.56
C SER S 265 68.52 -21.52 -43.48
N GLN S 266 69.70 -22.15 -43.57
CA GLN S 266 70.06 -23.18 -42.61
C GLN S 266 70.12 -22.63 -41.19
N GLU S 267 70.68 -21.43 -41.03
CA GLU S 267 70.74 -20.76 -39.74
C GLU S 267 69.46 -20.00 -39.41
N ASP S 268 68.37 -20.25 -40.15
CA ASP S 268 67.10 -19.57 -39.91
C ASP S 268 65.91 -20.51 -39.84
N SER S 269 66.07 -21.79 -40.15
CA SER S 269 64.95 -22.73 -40.14
C SER S 269 65.07 -23.72 -38.97
N GLN T 791 28.89 -53.66 -32.38
CA GLN T 791 28.64 -52.60 -33.35
C GLN T 791 28.32 -51.29 -32.65
N GLN T 792 27.52 -51.37 -31.58
CA GLN T 792 27.15 -50.19 -30.81
C GLN T 792 28.32 -49.66 -29.98
N GLU T 793 29.23 -50.55 -29.56
CA GLU T 793 30.42 -50.09 -28.85
C GLU T 793 31.28 -49.19 -29.74
N ILE T 794 31.21 -49.38 -31.06
CA ILE T 794 31.91 -48.48 -31.97
C ILE T 794 31.36 -47.07 -31.85
N GLN T 795 30.03 -46.95 -31.84
CA GLN T 795 29.41 -45.63 -31.70
C GLN T 795 29.71 -45.02 -30.34
N GLN T 796 29.70 -45.84 -29.28
CA GLN T 796 30.00 -45.34 -27.95
C GLN T 796 31.42 -44.79 -27.89
N ARG T 797 32.38 -45.55 -28.45
CA ARG T 797 33.78 -45.12 -28.48
C ARG T 797 33.95 -43.85 -29.29
N THR T 798 33.31 -43.78 -30.46
CA THR T 798 33.40 -42.59 -31.30
C THR T 798 32.86 -41.37 -30.58
N SER T 799 31.72 -41.53 -29.88
CA SER T 799 31.18 -40.42 -29.10
C SER T 799 32.13 -40.00 -28.00
N ASP T 800 32.80 -40.97 -27.36
CA ASP T 800 33.76 -40.63 -26.30
C ASP T 800 34.92 -39.80 -26.85
N MET T 801 35.52 -40.24 -27.96
CA MET T 801 36.60 -39.45 -28.53
C MET T 801 36.12 -38.08 -29.00
N LEU T 802 34.91 -38.01 -29.56
CA LEU T 802 34.39 -36.71 -29.98
C LEU T 802 34.21 -35.77 -28.79
N THR T 803 33.66 -36.28 -27.69
CA THR T 803 33.45 -35.45 -26.51
C THR T 803 34.77 -34.96 -25.94
N ALA T 804 35.78 -35.84 -25.89
CA ALA T 804 37.08 -35.40 -25.38
C ALA T 804 37.75 -34.41 -26.33
N ALA T 805 37.65 -34.65 -27.63
CA ALA T 805 38.42 -33.88 -28.59
C ALA T 805 37.81 -32.53 -28.92
N THR T 806 36.49 -32.38 -28.78
CA THR T 806 35.94 -31.03 -28.87
C THR T 806 36.52 -30.14 -27.78
N GLN T 807 36.61 -30.66 -26.56
CA GLN T 807 37.26 -29.94 -25.48
C GLN T 807 38.74 -29.71 -25.78
N LEU T 808 39.42 -30.70 -26.36
CA LEU T 808 40.83 -30.54 -26.70
C LEU T 808 41.04 -29.43 -27.72
N VAL T 809 40.20 -29.40 -28.76
CA VAL T 809 40.29 -28.37 -29.79
C VAL T 809 39.98 -27.00 -29.18
N GLN T 810 38.97 -26.93 -28.31
CA GLN T 810 38.65 -25.68 -27.65
C GLN T 810 39.83 -25.18 -26.82
N ASP T 811 40.51 -26.09 -26.12
CA ASP T 811 41.69 -25.72 -25.35
C ASP T 811 42.80 -25.20 -26.25
N TRP T 812 42.99 -25.85 -27.40
CA TRP T 812 44.04 -25.39 -28.32
C TRP T 812 43.71 -24.04 -28.93
N LYS T 813 42.43 -23.76 -29.16
CA LYS T 813 42.03 -22.47 -29.73
C LYS T 813 42.30 -21.31 -28.79
N GLN T 814 42.37 -21.56 -27.49
CA GLN T 814 42.55 -20.48 -26.53
C GLN T 814 43.96 -19.92 -26.59
N VAL T 815 44.06 -18.60 -26.70
CA VAL T 815 45.34 -17.89 -26.66
C VAL T 815 45.19 -16.74 -25.68
N GLU T 816 46.02 -16.74 -24.64
CA GLU T 816 45.98 -15.68 -23.64
C GLU T 816 46.77 -14.48 -24.13
N THR T 817 46.13 -13.31 -24.15
CA THR T 817 46.78 -12.11 -24.62
C THR T 817 47.95 -11.74 -23.72
N GLN T 818 49.02 -11.24 -24.32
CA GLN T 818 50.21 -10.88 -23.57
C GLN T 818 49.93 -9.71 -22.63
N VAL T 819 50.67 -9.66 -21.53
CA VAL T 819 50.49 -8.63 -20.51
C VAL T 819 51.77 -7.81 -20.45
N TYR T 820 51.62 -6.49 -20.42
CA TYR T 820 52.73 -5.56 -20.29
C TYR T 820 52.69 -4.94 -18.90
N THR T 821 53.77 -5.11 -18.15
CA THR T 821 53.88 -4.58 -16.79
C THR T 821 54.94 -3.47 -16.80
N GLU T 822 54.53 -2.27 -16.38
CA GLU T 822 55.42 -1.13 -16.33
C GLU T 822 56.01 -0.98 -14.93
N GLY T 823 57.31 -0.74 -14.88
CA GLY T 823 57.97 -0.53 -13.61
C GLY T 823 57.63 0.82 -12.99
N THR T 824 57.97 0.95 -11.72
CA THR T 824 57.70 2.18 -10.98
C THR T 824 58.76 3.24 -11.28
N ALA U 104 33.54 -66.37 12.99
CA ALA U 104 34.13 -65.77 14.17
C ALA U 104 34.70 -64.38 13.87
N GLU U 105 36.01 -64.24 14.01
CA GLU U 105 36.69 -62.97 13.75
C GLU U 105 37.19 -62.85 12.31
N VAL U 106 37.08 -63.91 11.51
CA VAL U 106 37.48 -63.82 10.10
C VAL U 106 36.54 -62.91 9.32
N ILE U 107 35.30 -62.74 9.80
CA ILE U 107 34.38 -61.78 9.19
C ILE U 107 34.98 -60.39 9.24
N ASP U 108 35.60 -60.03 10.37
CA ASP U 108 36.23 -58.72 10.48
C ASP U 108 37.36 -58.55 9.47
N LYS U 109 38.20 -59.58 9.30
CA LYS U 109 39.32 -59.47 8.37
C LYS U 109 38.83 -59.33 6.94
N LYS U 110 37.88 -60.17 6.53
CA LYS U 110 37.41 -60.11 5.15
C LYS U 110 36.61 -58.83 4.90
N ALA U 111 35.88 -58.35 5.90
CA ALA U 111 35.20 -57.07 5.78
C ALA U 111 36.20 -55.93 5.65
N PHE U 112 37.32 -56.01 6.38
CA PHE U 112 38.35 -54.97 6.24
C PHE U 112 38.98 -55.01 4.85
N LYS U 113 39.21 -56.21 4.31
CA LYS U 113 39.76 -56.30 2.96
C LYS U 113 38.81 -55.68 1.94
N ASP U 114 37.52 -56.06 1.99
CA ASP U 114 36.55 -55.51 1.06
C ASP U 114 36.41 -54.00 1.24
N MET U 115 36.37 -53.54 2.48
CA MET U 115 36.24 -52.12 2.76
C MET U 115 37.43 -51.33 2.23
N THR U 116 38.65 -51.80 2.50
CA THR U 116 39.83 -51.07 2.05
C THR U 116 40.01 -51.15 0.55
N ARG U 117 39.40 -52.14 -0.10
CA ARG U 117 39.33 -52.10 -1.56
C ARG U 117 38.31 -51.07 -2.03
N ASN U 118 37.21 -50.89 -1.28
CA ASN U 118 36.19 -49.93 -1.69
C ASN U 118 36.64 -48.50 -1.46
N LEU U 119 37.35 -48.24 -0.35
CA LEU U 119 37.71 -46.87 0.02
C LEU U 119 38.76 -46.31 -0.93
N TYR U 120 39.81 -47.09 -1.21
CA TYR U 120 40.87 -46.71 -2.13
C TYR U 120 40.83 -47.68 -3.30
N PRO U 121 39.94 -47.44 -4.26
CA PRO U 121 39.85 -48.37 -5.40
C PRO U 121 41.11 -48.42 -6.25
N LEU U 122 41.96 -47.39 -6.18
CA LEU U 122 43.21 -47.35 -6.91
C LEU U 122 44.34 -47.72 -5.95
N ASN U 123 45.05 -48.80 -6.25
CA ASN U 123 46.22 -49.17 -5.49
C ASN U 123 47.31 -48.12 -5.69
N PRO U 124 48.29 -48.04 -4.79
CA PRO U 124 49.40 -47.08 -5.01
C PRO U 124 50.10 -47.28 -6.34
N GLU U 125 50.31 -48.53 -6.77
CA GLU U 125 50.86 -48.78 -8.09
C GLU U 125 49.93 -48.26 -9.18
N GLN U 126 48.63 -48.49 -9.04
CA GLN U 126 47.68 -47.92 -9.99
C GLN U 126 47.62 -46.40 -9.92
N VAL U 127 47.92 -45.81 -8.76
CA VAL U 127 47.96 -44.36 -8.64
C VAL U 127 49.14 -43.79 -9.41
N VAL U 128 50.31 -44.43 -9.30
CA VAL U 128 51.44 -43.97 -10.11
C VAL U 128 51.18 -44.22 -11.58
N LYS U 129 50.48 -45.32 -11.92
CA LYS U 129 50.04 -45.55 -13.29
C LYS U 129 49.21 -44.39 -13.80
N LEU U 130 48.19 -43.99 -13.03
CA LEU U 130 47.29 -42.94 -13.46
C LEU U 130 48.02 -41.60 -13.57
N LYS U 131 48.92 -41.31 -12.63
CA LYS U 131 49.68 -40.07 -12.70
C LYS U 131 50.56 -40.02 -13.93
N GLN U 132 51.23 -41.15 -14.24
CA GLN U 132 52.06 -41.20 -15.43
C GLN U 132 51.23 -41.05 -16.70
N ILE U 133 50.05 -41.69 -16.75
CA ILE U 133 49.18 -41.58 -17.90
C ILE U 133 48.72 -40.14 -18.08
N TYR U 134 48.37 -39.47 -16.97
CA TYR U 134 47.95 -38.07 -17.04
C TYR U 134 49.07 -37.18 -17.55
N GLU U 135 50.29 -37.38 -17.05
CA GLU U 135 51.41 -36.56 -17.51
C GLU U 135 51.70 -36.83 -18.98
N THR U 136 51.59 -38.09 -19.41
CA THR U 136 51.78 -38.41 -20.83
C THR U 136 50.73 -37.73 -21.70
N SER U 137 49.47 -37.73 -21.24
CA SER U 137 48.41 -37.08 -21.99
C SER U 137 48.65 -35.57 -22.08
N GLU U 138 49.08 -34.95 -20.99
CA GLU U 138 49.39 -33.52 -21.03
C GLU U 138 50.56 -33.23 -21.94
N TYR U 139 51.58 -34.11 -21.94
CA TYR U 139 52.71 -33.94 -22.85
C TYR U 139 52.26 -34.02 -24.31
N ALA U 140 51.40 -34.99 -24.63
CA ALA U 140 50.90 -35.12 -25.99
C ALA U 140 50.05 -33.90 -26.37
N LYS U 141 49.24 -33.40 -25.44
CA LYS U 141 48.41 -32.24 -25.73
C LYS U 141 49.26 -30.98 -25.96
N ALA U 142 50.32 -30.81 -25.18
CA ALA U 142 51.14 -29.61 -25.26
C ALA U 142 52.25 -29.72 -26.30
N ALA U 143 52.42 -30.87 -26.93
CA ALA U 143 53.45 -31.03 -27.93
C ALA U 143 53.05 -30.32 -29.22
N THR U 144 53.93 -29.46 -29.72
CA THR U 144 53.65 -28.72 -30.93
C THR U 144 53.82 -29.62 -32.15
N PRO U 145 52.95 -29.50 -33.16
CA PRO U 145 53.11 -30.34 -34.36
C PRO U 145 54.22 -29.80 -35.25
N GLY U 146 55.12 -30.69 -35.65
CA GLY U 146 56.25 -30.30 -36.47
C GLY U 146 57.32 -29.61 -35.66
N THR U 147 58.33 -29.14 -36.38
CA THR U 147 59.42 -28.42 -35.72
C THR U 147 58.92 -27.04 -35.26
N PRO U 148 59.13 -26.69 -33.99
CA PRO U 148 58.80 -25.33 -33.57
C PRO U 148 59.65 -24.32 -34.33
N PRO U 149 59.12 -23.12 -34.54
CA PRO U 149 59.91 -22.10 -35.26
C PRO U 149 61.19 -21.78 -34.52
N LYS U 150 62.26 -21.60 -35.28
CA LYS U 150 63.54 -21.24 -34.68
C LYS U 150 63.48 -19.83 -34.13
N PRO U 151 63.79 -19.60 -32.86
CA PRO U 151 63.77 -18.25 -32.29
C PRO U 151 64.98 -17.47 -32.75
N THR U 152 64.77 -16.52 -33.67
CA THR U 152 65.85 -15.74 -34.25
C THR U 152 65.67 -14.27 -33.94
N ALA U 153 66.77 -13.58 -33.70
CA ALA U 153 66.80 -12.13 -33.53
C ALA U 153 67.43 -11.56 -34.80
N THR U 154 66.60 -11.10 -35.73
CA THR U 154 67.06 -10.65 -37.03
C THR U 154 67.18 -9.13 -37.07
N SER U 155 67.77 -8.64 -38.15
CA SER U 155 67.96 -7.21 -38.38
C SER U 155 67.69 -6.93 -39.85
N GLN U 156 66.77 -6.01 -40.11
CA GLN U 156 66.38 -5.64 -41.46
C GLN U 156 66.67 -4.16 -41.69
N PHE U 157 66.92 -3.81 -42.95
CA PHE U 157 67.09 -2.41 -43.34
C PHE U 157 65.84 -1.98 -44.10
N VAL U 158 65.09 -1.05 -43.51
CA VAL U 158 63.84 -0.59 -44.09
C VAL U 158 64.17 0.42 -45.18
N ASN U 159 63.83 0.09 -46.43
CA ASN U 159 63.99 0.99 -47.55
C ASN U 159 62.62 1.55 -47.92
N LEU U 160 62.47 2.88 -47.82
CA LEU U 160 61.19 3.54 -48.03
C LEU U 160 61.01 4.04 -49.46
N SER U 161 61.99 3.81 -50.33
CA SER U 161 61.84 4.24 -51.71
C SER U 161 60.73 3.44 -52.40
N PRO U 162 59.98 4.06 -53.31
CA PRO U 162 58.92 3.33 -54.01
C PRO U 162 59.49 2.15 -54.80
N GLY U 163 58.74 1.05 -54.81
CA GLY U 163 59.17 -0.18 -55.44
C GLY U 163 59.83 -1.17 -54.51
N SER U 164 60.19 -0.76 -53.30
CA SER U 164 60.82 -1.63 -52.33
C SER U 164 59.76 -2.38 -51.52
N THR U 165 59.96 -3.68 -51.38
CA THR U 165 59.00 -4.52 -50.68
C THR U 165 59.01 -4.22 -49.19
N PRO U 166 57.84 -4.07 -48.58
CA PRO U 166 57.77 -3.82 -47.13
C PRO U 166 58.39 -4.95 -46.35
N PRO U 167 59.06 -4.65 -45.24
CA PRO U 167 59.66 -5.73 -44.43
C PRO U 167 58.63 -6.70 -43.89
N VAL U 168 59.03 -7.96 -43.82
CA VAL U 168 58.18 -9.04 -43.31
C VAL U 168 58.62 -9.40 -41.90
N ILE U 169 57.66 -9.73 -41.05
CA ILE U 169 57.91 -10.10 -39.66
C ILE U 169 57.33 -11.49 -39.44
N ARG U 170 58.19 -12.43 -39.06
CA ARG U 170 57.78 -13.81 -38.78
C ARG U 170 57.31 -13.88 -37.34
N LEU U 171 56.02 -14.15 -37.14
CA LEU U 171 55.43 -14.25 -35.81
C LEU U 171 55.10 -15.71 -35.50
N SER U 172 54.50 -15.91 -34.33
CA SER U 172 54.04 -17.23 -33.91
C SER U 172 52.90 -17.05 -32.93
N GLN U 173 51.97 -18.00 -32.95
CA GLN U 173 50.78 -17.89 -32.12
C GLN U 173 51.14 -17.95 -30.64
N GLY U 174 50.83 -16.88 -29.92
CA GLY U 174 51.10 -16.78 -28.50
C GLY U 174 52.50 -16.36 -28.13
N PHE U 175 53.35 -16.02 -29.10
CA PHE U 175 54.72 -15.62 -28.85
C PHE U 175 54.88 -14.12 -29.11
N VAL U 176 55.79 -13.50 -28.37
CA VAL U 176 56.00 -12.06 -28.45
C VAL U 176 57.15 -11.77 -29.40
N SER U 177 56.90 -10.94 -30.40
CA SER U 177 57.91 -10.44 -31.31
C SER U 177 58.08 -8.95 -31.09
N SER U 178 59.30 -8.54 -30.77
CA SER U 178 59.59 -7.16 -30.41
C SER U 178 60.28 -6.47 -31.59
N LEU U 179 59.59 -5.51 -32.18
CA LEU U 179 60.15 -4.70 -33.25
C LEU U 179 60.69 -3.40 -32.65
N VAL U 180 62.00 -3.20 -32.79
CA VAL U 180 62.65 -1.96 -32.39
C VAL U 180 63.03 -1.22 -33.67
N PHE U 181 62.74 0.08 -33.71
CA PHE U 181 63.01 0.90 -34.88
C PHE U 181 64.25 1.74 -34.62
N LEU U 182 65.22 1.63 -35.53
CA LEU U 182 66.46 2.39 -35.48
C LEU U 182 66.63 3.14 -36.79
N ASP U 183 67.28 4.28 -36.74
CA ASP U 183 67.60 5.03 -37.95
C ASP U 183 68.84 4.43 -38.60
N SER U 184 69.36 5.10 -39.63
CA SER U 184 70.53 4.59 -40.33
C SER U 184 71.74 4.52 -39.41
N THR U 185 71.89 5.48 -38.51
CA THR U 185 72.99 5.49 -37.56
C THR U 185 72.81 4.49 -36.43
N GLY U 186 71.72 3.73 -36.42
CA GLY U 186 71.48 2.74 -35.39
C GLY U 186 70.88 3.28 -34.11
N ALA U 187 70.62 4.57 -34.02
CA ALA U 187 70.04 5.20 -32.85
C ALA U 187 68.54 4.91 -32.78
N PRO U 188 67.96 4.95 -31.57
CA PRO U 188 66.52 4.71 -31.45
C PRO U 188 65.71 5.76 -32.21
N TRP U 189 64.55 5.34 -32.71
CA TRP U 189 63.63 6.22 -33.42
C TRP U 189 62.25 6.08 -32.80
N PRO U 190 61.86 6.96 -31.87
CA PRO U 190 60.58 6.80 -31.18
C PRO U 190 59.41 6.80 -32.14
N ILE U 191 58.32 6.15 -31.71
CA ILE U 191 57.16 5.89 -32.54
C ILE U 191 56.12 6.95 -32.24
N ALA U 192 55.70 7.69 -33.27
CA ALA U 192 54.64 8.66 -33.09
C ALA U 192 53.28 7.98 -32.97
N ALA U 193 53.01 6.98 -33.80
CA ALA U 193 51.74 6.28 -33.78
C ALA U 193 51.87 4.98 -34.57
N TYR U 194 50.90 4.09 -34.38
CA TYR U 194 50.83 2.87 -35.18
C TYR U 194 49.38 2.56 -35.51
N ASP U 195 49.21 1.80 -36.59
CA ASP U 195 47.90 1.42 -37.12
C ASP U 195 47.94 -0.05 -37.48
N LEU U 196 47.05 -0.84 -36.89
CA LEU U 196 47.08 -2.29 -37.02
C LEU U 196 45.86 -2.73 -37.83
N GLY U 197 46.10 -3.20 -39.05
CA GLY U 197 45.04 -3.83 -39.82
C GLY U 197 44.80 -5.25 -39.33
N ASP U 198 43.51 -5.58 -39.20
CA ASP U 198 43.07 -6.85 -38.63
C ASP U 198 43.64 -7.02 -37.23
N PRO U 199 43.20 -6.22 -36.26
CA PRO U 199 43.72 -6.34 -34.89
C PRO U 199 43.16 -7.52 -34.11
N SER U 200 42.25 -8.30 -34.71
CA SER U 200 41.76 -9.52 -34.10
C SER U 200 42.73 -10.68 -34.21
N SER U 201 43.74 -10.57 -35.07
CA SER U 201 44.74 -11.61 -35.25
C SER U 201 46.09 -11.25 -34.65
N PHE U 202 46.29 -9.99 -34.24
CA PHE U 202 47.53 -9.58 -33.61
C PHE U 202 47.22 -8.66 -32.43
N ASN U 203 47.93 -8.86 -31.33
CA ASN U 203 47.83 -8.02 -30.15
C ASN U 203 49.14 -7.27 -29.98
N ILE U 204 49.07 -5.94 -29.99
CA ILE U 204 50.25 -5.10 -29.96
C ILE U 204 50.27 -4.35 -28.62
N GLN U 205 51.38 -4.48 -27.90
CA GLN U 205 51.62 -3.73 -26.67
C GLN U 205 52.77 -2.74 -26.91
N TRP U 206 52.56 -1.50 -26.49
CA TRP U 206 53.54 -0.45 -26.74
C TRP U 206 53.27 0.70 -25.77
N ASP U 207 54.21 0.97 -24.87
CA ASP U 207 54.15 2.19 -24.09
C ASP U 207 54.32 3.38 -25.03
N LYS U 208 53.54 4.44 -24.78
CA LYS U 208 53.37 5.49 -25.77
C LYS U 208 54.64 6.30 -26.03
N THR U 209 55.68 6.13 -25.22
CA THR U 209 56.91 6.90 -25.36
C THR U 209 58.01 6.17 -26.12
N SER U 210 58.12 4.85 -25.96
CA SER U 210 59.25 4.12 -26.48
C SER U 210 59.14 3.92 -27.99
N ASN U 211 60.09 3.16 -28.55
CA ASN U 211 60.14 2.87 -29.97
C ASN U 211 59.97 1.39 -30.26
N THR U 212 59.52 0.60 -29.29
CA THR U 212 59.46 -0.84 -29.41
C THR U 212 58.02 -1.31 -29.36
N LEU U 213 57.61 -2.09 -30.36
CA LEU U 213 56.28 -2.68 -30.42
C LEU U 213 56.39 -4.17 -30.12
N MET U 214 55.52 -4.67 -29.24
CA MET U 214 55.54 -6.08 -28.85
C MET U 214 54.27 -6.73 -29.40
N ILE U 215 54.43 -7.52 -30.46
CA ILE U 215 53.31 -8.06 -31.23
C ILE U 215 53.19 -9.55 -30.94
N GLN U 216 51.97 -9.99 -30.62
CA GLN U 216 51.69 -11.39 -30.35
C GLN U 216 50.64 -11.87 -31.34
N ALA U 217 50.94 -12.94 -32.06
CA ALA U 217 50.00 -13.49 -33.03
C ALA U 217 48.89 -14.21 -32.30
N THR U 218 47.69 -13.63 -32.33
CA THR U 218 46.53 -14.27 -31.70
C THR U 218 46.08 -15.49 -32.47
N LYS U 219 46.16 -15.46 -33.80
CA LYS U 219 45.70 -16.56 -34.64
C LYS U 219 46.90 -17.29 -35.23
N LEU U 220 46.65 -18.54 -35.64
CA LEU U 220 47.72 -19.42 -36.08
C LEU U 220 48.40 -18.90 -37.34
N TYR U 221 47.65 -18.82 -38.45
CA TYR U 221 48.23 -18.55 -39.75
C TYR U 221 47.70 -17.28 -40.41
N ASN U 222 46.80 -16.56 -39.76
CA ASN U 222 46.26 -15.34 -40.36
C ASN U 222 47.29 -14.23 -40.33
N TYR U 223 47.67 -13.73 -41.50
CA TYR U 223 48.66 -12.67 -41.61
C TYR U 223 48.00 -11.35 -41.96
N GLY U 224 48.72 -10.27 -41.70
CA GLY U 224 48.20 -8.95 -41.95
C GLY U 224 49.32 -7.97 -42.18
N ASN U 225 49.02 -6.69 -42.02
CA ASN U 225 50.03 -5.64 -42.15
C ASN U 225 49.90 -4.65 -41.01
N LEU U 226 50.84 -3.72 -40.96
CA LEU U 226 50.93 -2.75 -39.89
C LEU U 226 51.63 -1.49 -40.41
N ALA U 227 51.12 -0.33 -39.99
CA ALA U 227 51.70 0.96 -40.34
C ALA U 227 52.28 1.58 -39.08
N VAL U 228 53.52 2.08 -39.18
CA VAL U 228 54.20 2.68 -38.05
C VAL U 228 54.68 4.06 -38.46
N ARG U 229 54.02 5.10 -37.94
CA ARG U 229 54.44 6.47 -38.19
C ARG U 229 55.42 6.87 -37.10
N LEU U 230 56.67 7.11 -37.48
CA LEU U 230 57.73 7.44 -36.54
C LEU U 230 57.69 8.93 -36.22
N ARG U 231 58.66 9.41 -35.44
CA ARG U 231 58.60 10.78 -34.95
C ARG U 231 58.90 11.78 -36.05
N GLY U 232 60.09 11.72 -36.63
CA GLY U 232 60.51 12.65 -37.66
C GLY U 232 60.20 12.24 -39.08
N LEU U 233 59.47 11.15 -39.28
CA LEU U 233 59.20 10.62 -40.61
C LEU U 233 57.82 11.04 -41.09
N ASN U 234 57.77 11.63 -42.28
CA ASN U 234 56.49 11.83 -42.95
C ASN U 234 55.99 10.53 -43.57
N THR U 235 56.90 9.73 -44.12
CA THR U 235 56.55 8.47 -44.74
C THR U 235 56.38 7.39 -43.69
N PRO U 236 55.19 6.79 -43.54
CA PRO U 236 55.03 5.71 -42.57
C PRO U 236 55.76 4.44 -43.02
N VAL U 237 56.12 3.64 -42.03
CA VAL U 237 56.81 2.37 -42.27
C VAL U 237 55.76 1.27 -42.38
N MET U 238 55.80 0.52 -43.48
CA MET U 238 54.83 -0.53 -43.74
C MET U 238 55.49 -1.89 -43.51
N LEU U 239 54.85 -2.71 -42.67
CA LEU U 239 55.35 -4.05 -42.39
C LEU U 239 54.24 -5.06 -42.64
N THR U 240 54.63 -6.26 -43.05
CA THR U 240 53.70 -7.36 -43.22
C THR U 240 54.02 -8.44 -42.19
N LEU U 241 53.05 -8.76 -41.34
CA LEU U 241 53.23 -9.69 -40.24
C LEU U 241 52.61 -11.02 -40.62
N ILE U 242 53.44 -12.06 -40.70
CA ILE U 242 53.01 -13.40 -41.07
C ILE U 242 53.33 -14.34 -39.92
N PRO U 243 52.35 -14.96 -39.27
CA PRO U 243 52.63 -15.95 -38.24
C PRO U 243 52.67 -17.36 -38.81
N GLY U 244 53.20 -18.28 -38.01
CA GLY U 244 53.22 -19.68 -38.37
C GLY U 244 54.33 -20.07 -39.33
N GLN U 245 55.44 -19.35 -39.33
CA GLN U 245 56.55 -19.66 -40.21
C GLN U 245 57.54 -20.59 -39.52
N LYS U 246 58.49 -21.11 -40.29
CA LYS U 246 59.51 -22.00 -39.74
C LYS U 246 60.51 -21.25 -38.87
N ALA U 247 60.48 -19.92 -38.86
CA ALA U 247 61.26 -19.11 -37.94
C ALA U 247 60.33 -18.14 -37.22
N VAL U 248 60.65 -17.85 -35.97
CA VAL U 248 59.94 -16.86 -35.19
C VAL U 248 60.91 -15.75 -34.86
N ASP U 249 60.62 -14.55 -35.35
CA ASP U 249 61.45 -13.38 -35.10
C ASP U 249 61.15 -12.88 -33.69
N TYR U 250 61.98 -13.27 -32.73
CA TYR U 250 61.81 -12.74 -31.39
C TYR U 250 62.02 -11.23 -31.38
N ARG U 251 63.12 -10.75 -31.97
CA ARG U 251 63.38 -9.32 -32.03
C ARG U 251 63.88 -8.96 -33.42
N VAL U 252 63.34 -7.87 -33.97
CA VAL U 252 63.74 -7.36 -35.28
C VAL U 252 64.19 -5.92 -35.11
N ASP U 253 65.42 -5.62 -35.52
CA ASP U 253 65.95 -4.26 -35.48
C ASP U 253 65.78 -3.66 -36.88
N LEU U 254 64.77 -2.82 -37.04
CA LEU U 254 64.40 -2.27 -38.34
C LEU U 254 65.16 -0.97 -38.56
N ARG U 255 66.14 -0.99 -39.45
CA ARG U 255 66.99 0.16 -39.73
C ARG U 255 66.33 1.02 -40.80
N VAL U 256 65.51 1.97 -40.38
CA VAL U 256 64.83 2.86 -41.30
C VAL U 256 65.85 3.73 -42.05
N GLN U 257 65.45 4.18 -43.24
CA GLN U 257 66.38 4.91 -44.11
C GLN U 257 66.78 6.26 -43.54
N GLY U 258 65.87 6.95 -42.85
CA GLY U 258 66.10 8.32 -42.45
C GLY U 258 67.00 8.44 -41.23
N TYR U 259 67.08 9.67 -40.73
CA TYR U 259 67.82 10.01 -39.51
C TYR U 259 66.82 10.43 -38.45
N GLY U 260 66.81 9.73 -37.32
CA GLY U 260 65.86 10.00 -36.28
C GLY U 260 66.25 11.18 -35.41
N PRO U 261 65.44 11.44 -34.39
CA PRO U 261 65.74 12.53 -33.45
C PRO U 261 66.97 12.27 -32.58
N ASN U 262 67.59 11.10 -32.69
CA ASN U 262 68.82 10.79 -31.97
C ASN U 262 69.93 10.61 -32.99
N ALA U 263 71.02 11.35 -32.82
CA ALA U 263 72.13 11.31 -33.76
C ALA U 263 73.39 10.76 -33.10
N CYS V 1 38.83 -20.67 -72.35
CA CYS V 1 38.59 -19.53 -71.48
C CYS V 1 38.33 -18.27 -72.30
N THR V 2 39.39 -17.65 -72.80
CA THR V 2 39.24 -16.43 -73.60
C THR V 2 38.54 -16.72 -74.93
N ASP V 3 38.80 -17.88 -75.52
CA ASP V 3 38.13 -18.23 -76.77
C ASP V 3 36.63 -18.34 -76.57
N ALA V 4 36.21 -19.00 -75.49
CA ALA V 4 34.79 -19.10 -75.19
C ALA V 4 34.17 -17.74 -74.91
N ALA V 5 34.90 -16.88 -74.19
CA ALA V 5 34.41 -15.54 -73.90
C ALA V 5 34.20 -14.73 -75.18
N LEU V 6 35.17 -14.78 -76.10
CA LEU V 6 35.03 -14.04 -77.35
C LEU V 6 33.93 -14.61 -78.22
N ALA V 7 33.79 -15.95 -78.25
CA ALA V 7 32.72 -16.56 -79.02
C ALA V 7 31.35 -16.17 -78.47
N ALA V 8 31.21 -16.18 -77.14
CA ALA V 8 29.94 -15.77 -76.55
C ALA V 8 29.67 -14.29 -76.78
N LEU V 9 30.71 -13.45 -76.75
CA LEU V 9 30.54 -12.03 -77.01
C LEU V 9 30.07 -11.79 -78.44
N GLU V 10 30.66 -12.50 -79.41
CA GLU V 10 30.21 -12.33 -80.79
C GLU V 10 28.83 -12.93 -81.02
N TYR V 11 28.49 -14.00 -80.29
CA TYR V 11 27.14 -14.54 -80.36
C TYR V 11 26.11 -13.55 -79.82
N HIS V 12 26.44 -12.85 -78.74
CA HIS V 12 25.54 -11.85 -78.19
C HIS V 12 25.46 -10.61 -79.09
N LYS V 13 26.57 -10.23 -79.72
CA LYS V 13 26.54 -9.08 -80.61
C LYS V 13 25.75 -9.37 -81.88
N SER V 14 25.91 -10.56 -82.46
CA SER V 14 25.14 -10.92 -83.65
C SER V 14 23.67 -11.14 -83.31
N ASN V 15 23.38 -11.76 -82.16
CA ASN V 15 22.03 -12.01 -81.70
C ASN V 15 21.78 -11.07 -80.52
N ALA V 16 21.22 -9.89 -80.82
CA ALA V 16 21.07 -8.82 -79.85
C ALA V 16 20.33 -9.25 -78.58
N CYS W 1 30.07 -6.16 -72.25
CA CYS W 1 28.80 -6.89 -72.19
C CYS W 1 28.99 -8.24 -71.53
N VAL W 2 30.23 -8.72 -71.51
CA VAL W 2 30.56 -10.01 -70.92
C VAL W 2 31.07 -9.81 -69.50
N SER W 3 30.51 -10.57 -68.57
CA SER W 3 31.01 -10.63 -67.21
C SER W 3 31.93 -11.84 -67.11
N MET W 4 33.19 -11.60 -66.78
CA MET W 4 34.20 -12.65 -66.84
C MET W 4 33.93 -13.78 -65.86
N ILE W 5 33.25 -13.47 -64.75
CA ILE W 5 33.05 -14.48 -63.70
C ILE W 5 32.08 -15.56 -64.16
N GLY W 6 31.14 -15.23 -65.04
CA GLY W 6 30.22 -16.22 -65.57
C GLY W 6 30.79 -16.95 -66.77
N GLY W 7 32.04 -17.38 -66.65
CA GLY W 7 32.75 -18.04 -67.75
C GLY W 7 32.70 -19.55 -67.61
N SER W 8 32.52 -20.21 -68.76
CA SER W 8 32.49 -21.67 -68.80
C SER W 8 32.93 -22.11 -70.19
N ARG W 9 33.88 -23.02 -70.24
CA ARG W 9 34.39 -23.51 -71.52
C ARG W 9 33.35 -24.40 -72.19
N ARG X 1 27.67 -17.57 -70.14
CA ARG X 1 27.72 -16.11 -70.13
C ARG X 1 26.33 -15.54 -70.38
N VAL X 2 26.03 -14.40 -69.75
CA VAL X 2 24.73 -13.75 -69.86
C VAL X 2 24.94 -12.26 -70.14
N SER X 3 24.14 -11.73 -71.05
CA SER X 3 24.31 -10.37 -71.57
C SER X 3 23.74 -9.34 -70.60
N ILE X 4 24.07 -8.07 -70.85
CA ILE X 4 23.54 -6.95 -70.07
C ILE X 4 22.10 -6.62 -70.43
N GLY X 5 21.55 -7.25 -71.47
CA GLY X 5 20.14 -7.08 -71.78
C GLY X 5 19.20 -7.91 -70.93
N GLY X 6 19.75 -8.80 -70.09
CA GLY X 6 18.95 -9.71 -69.31
C GLY X 6 18.77 -11.09 -69.92
N THR X 7 19.07 -11.24 -71.21
CA THR X 7 18.98 -12.54 -71.86
C THR X 7 20.33 -13.25 -71.82
N VAL X 8 20.28 -14.58 -71.84
CA VAL X 8 21.46 -15.42 -71.76
C VAL X 8 21.98 -15.69 -73.15
N TYR X 9 23.28 -15.46 -73.36
CA TYR X 9 23.96 -15.76 -74.62
C TYR X 9 25.29 -16.40 -74.27
N THR X 10 25.39 -17.72 -74.46
CA THR X 10 26.56 -18.49 -74.04
C THR X 10 27.13 -19.27 -75.22
N ALA X 11 28.45 -19.47 -75.19
CA ALA X 11 29.10 -20.28 -76.20
C ALA X 11 28.87 -21.75 -75.93
N LYS X 12 29.11 -22.57 -76.95
CA LYS X 12 28.86 -24.01 -76.87
C LYS X 12 30.00 -24.75 -76.17
N LYS X 13 31.18 -24.74 -76.77
CA LYS X 13 32.33 -25.47 -76.22
C LYS X 13 33.60 -24.89 -76.84
N TYR X 14 34.48 -24.33 -76.00
CA TYR X 14 35.72 -23.75 -76.47
C TYR X 14 36.78 -23.95 -75.39
N ASP X 15 37.88 -24.61 -75.74
CA ASP X 15 38.96 -24.88 -74.80
C ASP X 15 40.25 -24.24 -75.31
N ASP X 16 41.10 -23.85 -74.37
CA ASP X 16 42.38 -23.25 -74.69
C ASP X 16 43.51 -23.91 -73.91
N PRO Y 1 36.34 -19.03 -63.73
CA PRO Y 1 36.74 -20.43 -63.81
C PRO Y 1 37.64 -20.72 -65.01
N PHE Y 2 38.88 -20.23 -64.95
CA PHE Y 2 39.80 -20.28 -66.08
C PHE Y 2 41.14 -20.85 -65.62
N GLY Y 3 41.90 -21.36 -66.59
CA GLY Y 3 43.16 -22.02 -66.29
C GLY Y 3 44.38 -21.14 -66.38
N ALA Y 4 44.23 -19.95 -66.96
CA ALA Y 4 45.33 -19.00 -67.08
C ALA Y 4 45.35 -17.99 -65.94
N ASP Y 5 44.81 -18.35 -64.79
CA ASP Y 5 44.76 -17.45 -63.64
C ASP Y 5 46.15 -17.23 -63.06
N ARG Z 207 57.75 1.78 -79.06
CA ARG Z 207 56.45 2.36 -78.74
C ARG Z 207 56.31 2.61 -77.25
N ILE Z 208 55.06 2.65 -76.77
CA ILE Z 208 54.75 2.86 -75.36
C ILE Z 208 54.08 1.60 -74.84
N ILE Z 209 54.61 1.06 -73.74
CA ILE Z 209 54.12 -0.19 -73.18
C ILE Z 209 53.11 0.12 -72.08
N TYR Z 210 51.93 -0.47 -72.17
CA TYR Z 210 50.85 -0.26 -71.23
C TYR Z 210 50.66 -1.50 -70.37
N TYR Z 211 50.65 -1.31 -69.06
CA TYR Z 211 50.36 -2.37 -68.10
C TYR Z 211 49.03 -2.08 -67.42
N ILE Z 212 48.47 -3.10 -66.78
CA ILE Z 212 47.24 -2.94 -66.02
C ILE Z 212 47.61 -2.46 -64.61
N GLN Z 213 47.06 -1.31 -64.23
CA GLN Z 213 47.15 -0.84 -62.86
C GLN Z 213 46.06 -1.46 -62.00
N ALA Z 214 44.84 -1.53 -62.52
CA ALA Z 214 43.75 -2.21 -61.84
C ALA Z 214 42.74 -2.67 -62.87
N VAL Z 215 41.96 -3.68 -62.51
CA VAL Z 215 41.00 -4.26 -63.44
C VAL Z 215 39.75 -4.69 -62.69
N ILE Z 216 38.60 -4.42 -63.29
CA ILE Z 216 37.29 -4.88 -62.81
C ILE Z 216 36.45 -5.26 -64.01
N PRO Z 217 35.36 -6.01 -63.79
CA PRO Z 217 34.44 -6.29 -64.90
C PRO Z 217 33.96 -5.00 -65.55
N GLY Z 218 34.35 -4.78 -66.81
CA GLY Z 218 34.11 -3.52 -67.45
C GLY Z 218 35.36 -2.69 -67.58
N ARG Z 219 35.48 -1.66 -66.74
CA ARG Z 219 36.60 -0.74 -66.82
C ARG Z 219 37.92 -1.44 -66.46
N ALA Z 220 39.01 -0.86 -66.96
CA ALA Z 220 40.35 -1.30 -66.59
C ALA Z 220 41.26 -0.09 -66.60
N TRP Z 221 41.90 0.20 -65.48
CA TRP Z 221 42.82 1.33 -65.37
C TRP Z 221 44.22 0.87 -65.70
N LEU Z 222 44.84 1.51 -66.69
CA LEU Z 222 46.16 1.15 -67.20
C LEU Z 222 47.15 2.27 -66.94
N ILE Z 223 48.42 1.90 -66.79
CA ILE Z 223 49.51 2.86 -66.65
C ILE Z 223 50.59 2.50 -67.67
N GLY Z 224 51.02 3.50 -68.43
CA GLY Z 224 52.02 3.30 -69.47
C GLY Z 224 53.43 3.50 -68.95
N SER Z 225 54.37 3.57 -69.89
CA SER Z 225 55.77 3.77 -69.56
C SER Z 225 56.11 5.23 -69.29
N ASN Z 226 55.23 6.17 -69.66
CA ASN Z 226 55.47 7.58 -69.44
C ASN Z 226 54.87 8.08 -68.13
N GLY Z 227 54.29 7.20 -67.33
CA GLY Z 227 53.55 7.61 -66.15
C GLY Z 227 52.13 8.04 -66.42
N SER Z 228 51.69 8.03 -67.68
CA SER Z 228 50.32 8.38 -68.00
C SER Z 228 49.36 7.30 -67.51
N THR Z 229 48.17 7.73 -67.11
CA THR Z 229 47.13 6.84 -66.62
C THR Z 229 45.91 6.94 -67.53
N LEU Z 230 45.39 5.79 -67.93
CA LEU Z 230 44.24 5.69 -68.82
C LEU Z 230 43.22 4.74 -68.20
N THR Z 231 42.00 4.77 -68.72
CA THR Z 231 40.98 3.81 -68.35
C THR Z 231 40.27 3.37 -69.62
N VAL Z 232 40.02 2.06 -69.73
CA VAL Z 232 39.49 1.48 -70.97
C VAL Z 232 38.27 0.64 -70.65
N ARG Z 233 37.42 0.50 -71.66
CA ARG Z 233 36.19 -0.28 -71.61
C ARG Z 233 36.28 -1.42 -72.64
N GLU Z 234 35.18 -2.17 -72.78
CA GLU Z 234 35.17 -3.36 -73.63
C GLU Z 234 35.72 -3.07 -75.01
N GLY Z 235 35.23 -2.01 -75.65
CA GLY Z 235 35.85 -1.55 -76.88
C GLY Z 235 36.28 -0.10 -76.75
N SER Z 236 37.58 0.15 -76.76
CA SER Z 236 38.10 1.49 -76.54
C SER Z 236 39.49 1.60 -77.16
N LYS Z 237 39.78 2.75 -77.74
CA LYS Z 237 41.04 2.96 -78.45
C LYS Z 237 42.18 3.12 -77.46
N ILE Z 238 43.29 2.42 -77.73
CA ILE Z 238 44.52 2.54 -76.97
C ILE Z 238 45.62 2.95 -77.95
N PRO Z 239 46.40 4.00 -77.67
CA PRO Z 239 47.46 4.40 -78.60
C PRO Z 239 48.52 3.32 -78.73
N GLY Z 240 48.69 2.82 -79.94
CA GLY Z 240 49.66 1.77 -80.25
C GLY Z 240 49.11 0.36 -80.18
N TYR Z 241 48.23 0.10 -79.22
CA TYR Z 241 47.64 -1.23 -79.05
C TYR Z 241 46.36 -1.42 -79.86
N GLY Z 242 45.88 -0.39 -80.54
CA GLY Z 242 44.69 -0.52 -81.36
C GLY Z 242 43.42 -0.23 -80.57
N MET Z 243 42.50 -1.20 -80.55
CA MET Z 243 41.24 -1.07 -79.84
C MET Z 243 41.03 -2.29 -78.95
N VAL Z 244 40.48 -2.05 -77.75
CA VAL Z 244 40.29 -3.14 -76.80
C VAL Z 244 39.27 -4.12 -77.35
N LYS Z 245 39.63 -5.40 -77.34
CA LYS Z 245 38.75 -6.47 -77.79
C LYS Z 245 38.10 -7.24 -76.64
N LEU Z 246 38.81 -7.42 -75.53
CA LEU Z 246 38.27 -8.15 -74.39
C LEU Z 246 39.05 -7.77 -73.15
N ILE Z 247 38.36 -7.75 -72.01
CA ILE Z 247 38.96 -7.43 -70.71
C ILE Z 247 38.66 -8.58 -69.77
N ASP Z 248 39.60 -9.51 -69.63
CA ASP Z 248 39.49 -10.63 -68.70
C ASP Z 248 39.92 -10.12 -67.33
N SER Z 249 38.93 -9.87 -66.46
CA SER Z 249 39.22 -9.30 -65.15
C SER Z 249 39.79 -10.33 -64.18
N LEU Z 250 39.39 -11.59 -64.30
CA LEU Z 250 39.88 -12.62 -63.38
C LEU Z 250 41.36 -12.90 -63.60
N GLN Z 251 41.79 -12.99 -64.86
CA GLN Z 251 43.20 -13.22 -65.16
C GLN Z 251 44.00 -11.93 -65.22
N GLY Z 252 43.36 -10.78 -65.14
CA GLY Z 252 44.06 -9.52 -65.31
C GLY Z 252 44.66 -9.36 -66.69
N ARG Z 253 43.93 -9.77 -67.72
CA ARG Z 253 44.40 -9.71 -69.10
C ARG Z 253 43.50 -8.79 -69.91
N ILE Z 254 44.07 -8.19 -70.95
CA ILE Z 254 43.31 -7.36 -71.88
C ILE Z 254 43.77 -7.74 -73.29
N LEU Z 255 42.87 -8.33 -74.06
CA LEU Z 255 43.12 -8.64 -75.46
C LEU Z 255 42.73 -7.43 -76.30
N THR Z 256 43.66 -6.96 -77.12
CA THR Z 256 43.42 -5.85 -78.02
C THR Z 256 43.34 -6.35 -79.47
N SER Z 257 42.97 -5.43 -80.37
CA SER Z 257 42.76 -5.81 -81.76
C SER Z 257 44.07 -6.12 -82.47
N SER Z 258 45.15 -5.43 -82.09
CA SER Z 258 46.45 -5.64 -82.73
C SER Z 258 47.14 -6.92 -82.28
N GLY Z 259 46.49 -7.73 -81.43
CA GLY Z 259 47.07 -8.94 -80.92
C GLY Z 259 47.89 -8.76 -79.67
N GLN Z 260 48.25 -7.53 -79.32
CA GLN Z 260 49.02 -7.28 -78.11
C GLN Z 260 48.14 -7.47 -76.88
N VAL Z 261 48.70 -8.12 -75.86
CA VAL Z 261 47.98 -8.41 -74.62
C VAL Z 261 48.54 -7.52 -73.52
N ILE Z 262 47.64 -6.81 -72.84
CA ILE Z 262 48.00 -5.96 -71.72
C ILE Z 262 47.76 -6.73 -70.43
N LYS Z 263 48.78 -6.77 -69.57
CA LYS Z 263 48.70 -7.51 -68.31
C LYS Z 263 49.29 -6.65 -67.20
N PHE Z 264 49.11 -7.12 -65.97
CA PHE Z 264 49.77 -6.50 -64.83
C PHE Z 264 51.28 -6.54 -65.03
N SER Z 265 51.96 -5.46 -64.64
CA SER Z 265 53.40 -5.41 -64.77
C SER Z 265 54.04 -6.50 -63.92
N GLN Z 266 55.15 -7.05 -64.42
CA GLN Z 266 55.84 -8.11 -63.70
C GLN Z 266 56.33 -7.64 -62.34
N GLU Z 267 56.74 -6.37 -62.23
CA GLU Z 267 57.16 -5.79 -60.96
C GLU Z 267 55.97 -5.38 -60.09
N ASP Z 268 54.74 -5.73 -60.49
CA ASP Z 268 53.57 -5.30 -59.74
C ASP Z 268 52.56 -6.41 -59.50
N SER Z 269 52.69 -7.57 -60.14
CA SER Z 269 51.73 -8.64 -59.97
C SER Z 269 52.26 -9.76 -59.06
N GLN AA 791 21.76 -44.20 -48.27
CA GLN AA 791 20.98 -43.07 -48.76
C GLN AA 791 20.83 -42.01 -47.68
N GLN AA 792 20.43 -42.46 -46.48
CA GLN AA 792 20.26 -41.54 -45.36
C GLN AA 792 21.60 -40.92 -44.93
N GLU AA 793 22.68 -41.69 -44.97
CA GLU AA 793 23.98 -41.15 -44.62
C GLU AA 793 24.40 -40.03 -45.57
N ILE AA 794 23.90 -40.06 -46.80
CA ILE AA 794 24.20 -38.99 -47.75
C ILE AA 794 23.65 -37.66 -47.25
N GLN AA 795 22.37 -37.63 -46.87
CA GLN AA 795 21.79 -36.40 -46.35
C GLN AA 795 22.39 -36.02 -45.00
N GLN AA 796 22.73 -37.01 -44.16
CA GLN AA 796 23.37 -36.69 -42.89
C GLN AA 796 24.71 -36.00 -43.11
N ARG AA 797 25.52 -36.53 -44.02
CA ARG AA 797 26.81 -35.91 -44.34
C ARG AA 797 26.62 -34.53 -44.94
N THR AA 798 25.67 -34.39 -45.86
CA THR AA 798 25.42 -33.08 -46.47
C THR AA 798 25.03 -32.06 -45.42
N SER AA 799 24.17 -32.44 -44.47
CA SER AA 799 23.78 -31.53 -43.40
C SER AA 799 24.96 -31.18 -42.51
N ASP AA 800 25.81 -32.16 -42.18
CA ASP AA 800 26.96 -31.88 -41.32
C ASP AA 800 27.89 -30.86 -41.97
N MET AA 801 28.24 -31.08 -43.24
CA MET AA 801 29.13 -30.12 -43.88
C MET AA 801 28.42 -28.82 -44.25
N LEU AA 802 27.09 -28.81 -44.33
CA LEU AA 802 26.38 -27.53 -44.44
C LEU AA 802 26.54 -26.71 -43.16
N THR AA 803 26.38 -27.37 -41.99
CA THR AA 803 26.60 -26.68 -40.73
C THR AA 803 28.03 -26.19 -40.60
N ALA AA 804 28.99 -26.99 -41.08
CA ALA AA 804 30.38 -26.54 -41.07
C ALA AA 804 30.59 -25.35 -42.02
N ALA AA 805 30.01 -25.42 -43.21
CA ALA AA 805 30.27 -24.42 -44.25
C ALA AA 805 29.64 -23.08 -43.91
N THR AA 806 28.45 -23.08 -43.31
CA THR AA 806 27.85 -21.82 -42.89
C THR AA 806 28.73 -21.11 -41.88
N GLN AA 807 29.24 -21.85 -40.89
CA GLN AA 807 30.14 -21.26 -39.91
C GLN AA 807 31.43 -20.77 -40.56
N LEU AA 808 31.97 -21.55 -41.50
CA LEU AA 808 33.21 -21.13 -42.17
C LEU AA 808 32.99 -19.85 -42.97
N VAL AA 809 31.88 -19.75 -43.69
CA VAL AA 809 31.57 -18.55 -44.46
C VAL AA 809 31.37 -17.36 -43.52
N GLN AA 810 30.68 -17.59 -42.40
CA GLN AA 810 30.49 -16.51 -41.43
C GLN AA 810 31.83 -16.02 -40.88
N ASP AA 811 32.76 -16.95 -40.62
CA ASP AA 811 34.09 -16.56 -40.16
C ASP AA 811 34.82 -15.76 -41.22
N TRP AA 812 34.71 -16.18 -42.49
CA TRP AA 812 35.40 -15.46 -43.56
C TRP AA 812 34.82 -14.07 -43.80
N LYS AA 813 33.50 -13.91 -43.62
CA LYS AA 813 32.87 -12.61 -43.80
C LYS AA 813 33.34 -11.58 -42.78
N GLN AA 814 33.84 -12.03 -41.63
CA GLN AA 814 34.21 -11.11 -40.57
C GLN AA 814 35.50 -10.37 -40.91
N VAL AA 815 35.48 -9.06 -40.76
CA VAL AA 815 36.66 -8.21 -40.93
C VAL AA 815 36.72 -7.27 -39.75
N GLU AA 816 37.84 -7.30 -39.02
CA GLU AA 816 38.03 -6.43 -37.87
C GLU AA 816 38.63 -5.10 -38.33
N THR AA 817 37.95 -4.00 -38.00
CA THR AA 817 38.39 -2.69 -38.45
C THR AA 817 39.72 -2.33 -37.82
N GLN AA 818 40.51 -1.55 -38.56
CA GLN AA 818 41.83 -1.13 -38.09
C GLN AA 818 41.71 -0.24 -36.87
N VAL AA 819 42.76 -0.26 -36.05
CA VAL AA 819 42.84 0.54 -34.83
C VAL AA 819 44.03 1.47 -34.94
N TYR AA 820 43.79 2.77 -34.73
CA TYR AA 820 44.84 3.78 -34.75
C TYR AA 820 45.15 4.19 -33.32
N THR AA 821 46.39 3.99 -32.89
CA THR AA 821 46.82 4.32 -31.54
C THR AA 821 47.78 5.51 -31.62
N GLU AA 822 47.41 6.61 -30.97
CA GLU AA 822 48.22 7.82 -30.97
C GLU AA 822 49.18 7.81 -29.80
N GLY AA 823 50.40 8.26 -30.05
CA GLY AA 823 51.40 8.34 -29.00
C GLY AA 823 51.14 9.48 -28.04
N THR AA 824 51.87 9.46 -26.93
CA THR AA 824 51.73 10.48 -25.90
C THR AA 824 52.49 11.74 -26.29
N ALA BA 104 40.27 -63.36 -9.24
CA ALA BA 104 40.98 -62.84 -8.07
C ALA BA 104 41.33 -61.37 -8.26
N GLU BA 105 42.61 -61.09 -8.49
CA GLU BA 105 43.10 -59.73 -8.69
C GLU BA 105 43.17 -59.33 -10.16
N VAL BA 106 42.90 -60.27 -11.08
CA VAL BA 106 42.87 -59.91 -12.49
C VAL BA 106 41.70 -59.00 -12.80
N ILE BA 107 40.64 -59.08 -11.99
CA ILE BA 107 39.51 -58.16 -12.14
C ILE BA 107 39.98 -56.73 -11.96
N ASP BA 108 40.85 -56.50 -10.97
CA ASP BA 108 41.38 -55.16 -10.75
C ASP BA 108 42.16 -54.66 -11.96
N LYS BA 109 43.01 -55.51 -12.52
CA LYS BA 109 43.82 -55.10 -13.67
C LYS BA 109 42.96 -54.77 -14.88
N LYS BA 110 42.02 -55.65 -15.22
CA LYS BA 110 41.22 -55.42 -16.41
C LYS BA 110 40.22 -54.28 -16.21
N ALA BA 111 39.71 -54.11 -14.98
CA ALA BA 111 38.88 -52.96 -14.68
C ALA BA 111 39.67 -51.66 -14.78
N PHE BA 112 40.94 -51.67 -14.34
CA PHE BA 112 41.78 -50.48 -14.50
C PHE BA 112 42.05 -50.18 -15.97
N LYS BA 113 42.24 -51.23 -16.78
CA LYS BA 113 42.45 -51.00 -18.21
C LYS BA 113 41.21 -50.37 -18.86
N ASP BA 114 40.03 -50.92 -18.57
CA ASP BA 114 38.80 -50.34 -19.10
C ASP BA 114 38.60 -48.91 -18.58
N MET BA 115 38.90 -48.70 -17.31
CA MET BA 115 38.85 -47.36 -16.71
C MET BA 115 39.75 -46.37 -17.44
N THR BA 116 41.01 -46.76 -17.69
CA THR BA 116 41.94 -45.84 -18.34
C THR BA 116 41.53 -45.58 -19.79
N ARG BA 117 40.95 -46.58 -20.45
CA ARG BA 117 40.42 -46.33 -21.79
C ARG BA 117 39.23 -45.37 -21.74
N ASN BA 118 38.42 -45.45 -20.69
CA ASN BA 118 37.26 -44.56 -20.59
C ASN BA 118 37.64 -43.14 -20.19
N LEU BA 119 38.65 -42.97 -19.34
CA LEU BA 119 39.03 -41.65 -18.85
C LEU BA 119 39.76 -40.84 -19.92
N TYR BA 120 40.63 -41.50 -20.68
CA TYR BA 120 41.41 -40.87 -21.75
C TYR BA 120 41.09 -41.61 -23.04
N PRO BA 121 39.95 -41.33 -23.66
CA PRO BA 121 39.58 -42.07 -24.88
C PRO BA 121 40.53 -41.85 -26.03
N LEU BA 122 41.32 -40.78 -26.01
CA LEU BA 122 42.30 -40.50 -27.05
C LEU BA 122 43.68 -40.89 -26.55
N ASN BA 123 44.33 -41.80 -27.26
CA ASN BA 123 45.71 -42.15 -26.97
C ASN BA 123 46.61 -40.94 -27.25
N PRO BA 124 47.80 -40.88 -26.66
CA PRO BA 124 48.72 -39.78 -26.97
C PRO BA 124 49.01 -39.66 -28.45
N GLU BA 125 49.16 -40.81 -29.14
CA GLU BA 125 49.32 -40.79 -30.59
C GLU BA 125 48.07 -40.21 -31.27
N GLN BA 126 46.88 -40.61 -30.80
CA GLN BA 126 45.66 -40.02 -31.34
C GLN BA 126 45.54 -38.54 -30.98
N VAL BA 127 46.13 -38.13 -29.86
CA VAL BA 127 46.11 -36.72 -29.50
C VAL BA 127 46.97 -35.90 -30.44
N VAL BA 128 48.16 -36.40 -30.78
CA VAL BA 128 48.97 -35.68 -31.77
C VAL BA 128 48.30 -35.73 -33.14
N LYS BA 129 47.61 -36.84 -33.45
CA LYS BA 129 46.80 -36.90 -34.66
C LYS BA 129 45.78 -35.77 -34.70
N LEU BA 130 45.02 -35.62 -33.62
CA LEU BA 130 43.99 -34.59 -33.54
C LEU BA 130 44.59 -33.19 -33.63
N LYS BA 131 45.71 -32.97 -32.94
CA LYS BA 131 46.35 -31.65 -33.00
C LYS BA 131 46.81 -31.32 -34.40
N GLN BA 132 47.42 -32.30 -35.09
CA GLN BA 132 47.86 -32.06 -36.46
C GLN BA 132 46.67 -31.81 -37.39
N ILE BA 133 45.59 -32.56 -37.22
CA ILE BA 133 44.40 -32.36 -38.05
C ILE BA 133 43.82 -30.97 -37.82
N TYR BA 134 43.78 -30.53 -36.56
CA TYR BA 134 43.28 -29.20 -36.24
C TYR BA 134 44.16 -28.12 -36.87
N GLU BA 135 45.48 -28.26 -36.77
CA GLU BA 135 46.37 -27.27 -37.37
C GLU BA 135 46.23 -27.25 -38.89
N THR BA 136 46.08 -28.43 -39.50
CA THR BA 136 45.89 -28.48 -40.95
C THR BA 136 44.58 -27.82 -41.36
N SER BA 137 43.51 -28.05 -40.59
CA SER BA 137 42.23 -27.40 -40.88
C SER BA 137 42.35 -25.89 -40.76
N GLU BA 138 43.06 -25.41 -39.73
CA GLU BA 138 43.25 -23.96 -39.59
C GLU BA 138 44.08 -23.40 -40.73
N TYR BA 139 45.09 -24.16 -41.19
CA TYR BA 139 45.88 -23.71 -42.33
C TYR BA 139 45.04 -23.61 -43.58
N ALA BA 140 44.18 -24.61 -43.81
CA ALA BA 140 43.30 -24.57 -44.98
C ALA BA 140 42.32 -23.41 -44.89
N LYS BA 141 41.78 -23.15 -43.69
CA LYS BA 141 40.83 -22.06 -43.51
C LYS BA 141 41.49 -20.70 -43.71
N ALA BA 142 42.72 -20.55 -43.24
CA ALA BA 142 43.42 -19.26 -43.31
C ALA BA 142 44.17 -19.07 -44.62
N ALA BA 143 44.28 -20.10 -45.45
CA ALA BA 143 44.98 -19.96 -46.73
C ALA BA 143 44.14 -19.12 -47.69
N THR BA 144 44.79 -18.14 -48.31
CA THR BA 144 44.07 -17.30 -49.25
C THR BA 144 43.88 -18.03 -50.58
N PRO BA 145 42.79 -17.73 -51.30
CA PRO BA 145 42.60 -18.33 -52.63
C PRO BA 145 43.40 -17.57 -53.68
N GLY BA 146 44.27 -18.30 -54.37
CA GLY BA 146 45.13 -17.69 -55.36
C GLY BA 146 46.32 -17.00 -54.72
N THR BA 147 47.07 -16.28 -55.55
CA THR BA 147 48.21 -15.55 -55.05
C THR BA 147 47.74 -14.33 -54.27
N PRO BA 148 48.26 -14.08 -53.07
CA PRO BA 148 47.96 -12.83 -52.38
C PRO BA 148 48.47 -11.66 -53.18
N PRO BA 149 47.83 -10.49 -53.05
CA PRO BA 149 48.30 -9.31 -53.78
C PRO BA 149 49.72 -8.96 -53.39
N LYS BA 150 50.50 -8.54 -54.38
CA LYS BA 150 51.88 -8.15 -54.12
C LYS BA 150 51.89 -6.86 -53.33
N PRO BA 151 52.56 -6.83 -52.16
CA PRO BA 151 52.62 -5.59 -51.37
C PRO BA 151 53.61 -4.61 -51.97
N THR BA 152 53.08 -3.55 -52.59
CA THR BA 152 53.90 -2.57 -53.29
C THR BA 152 53.72 -1.20 -52.67
N ALA BA 153 54.81 -0.44 -52.62
CA ALA BA 153 54.78 0.96 -52.23
C ALA BA 153 54.99 1.78 -53.50
N THR BA 154 53.91 2.33 -54.03
CA THR BA 154 53.92 3.01 -55.32
C THR BA 154 53.88 4.52 -55.13
N SER BA 155 54.13 5.22 -56.23
CA SER BA 155 54.09 6.68 -56.25
C SER BA 155 53.37 7.12 -57.52
N GLN BA 156 52.45 8.07 -57.38
CA GLN BA 156 51.66 8.59 -58.49
C GLN BA 156 51.77 10.11 -58.53
N PHE BA 157 51.56 10.67 -59.72
CA PHE BA 157 51.50 12.12 -59.90
C PHE BA 157 50.05 12.50 -60.18
N VAL BA 158 49.45 13.26 -59.26
CA VAL BA 158 48.05 13.65 -59.38
C VAL BA 158 47.97 14.86 -60.29
N ASN BA 159 47.38 14.68 -61.47
CA ASN BA 159 47.15 15.77 -62.41
C ASN BA 159 45.70 16.21 -62.29
N LEU BA 160 45.50 17.45 -61.85
CA LEU BA 160 44.17 17.97 -61.57
C LEU BA 160 43.53 18.67 -62.77
N SER BA 161 44.22 18.74 -63.90
CA SER BA 161 43.65 19.35 -65.09
C SER BA 161 42.45 18.52 -65.57
N PRO BA 162 41.44 19.19 -66.14
CA PRO BA 162 40.28 18.45 -66.65
C PRO BA 162 40.68 17.48 -67.75
N GLY BA 163 40.03 16.31 -67.75
CA GLY BA 163 40.34 15.25 -68.68
C GLY BA 163 41.31 14.21 -68.16
N SER BA 164 41.96 14.47 -67.02
CA SER BA 164 42.90 13.53 -66.44
C SER BA 164 42.18 12.56 -65.51
N THR BA 165 42.53 11.28 -65.63
CA THR BA 165 41.87 10.23 -64.88
C THR BA 165 42.26 10.31 -63.40
N PRO BA 166 41.30 10.13 -62.49
CA PRO BA 166 41.62 10.16 -61.07
C PRO BA 166 42.54 9.03 -60.69
N PRO BA 167 43.42 9.25 -59.70
CA PRO BA 167 44.37 8.20 -59.31
C PRO BA 167 43.67 6.97 -58.74
N VAL BA 168 44.27 5.81 -59.00
CA VAL BA 168 43.75 4.52 -58.59
C VAL BA 168 44.51 4.03 -57.38
N ILE BA 169 43.79 3.55 -56.37
CA ILE BA 169 44.39 2.96 -55.18
C ILE BA 169 43.98 1.49 -55.12
N ARG BA 170 44.97 0.60 -55.20
CA ARG BA 170 44.75 -0.84 -55.10
C ARG BA 170 44.73 -1.21 -53.62
N LEU BA 171 43.56 -1.64 -53.13
CA LEU BA 171 43.40 -2.04 -51.74
C LEU BA 171 43.30 -3.55 -51.64
N SER BA 172 43.09 -4.03 -50.42
CA SER BA 172 42.88 -5.44 -50.15
C SER BA 172 42.10 -5.56 -48.85
N GLN BA 173 41.26 -6.59 -48.76
CA GLN BA 173 40.38 -6.73 -47.61
C GLN BA 173 41.20 -6.98 -46.34
N GLY BA 174 41.00 -6.14 -45.34
CA GLY BA 174 41.68 -6.27 -44.07
C GLY BA 174 43.09 -5.72 -44.02
N PHE BA 175 43.56 -5.08 -45.08
CA PHE BA 175 44.91 -4.55 -45.15
C PHE BA 175 44.88 -3.03 -45.17
N VAL BA 176 45.88 -2.43 -44.54
CA VAL BA 176 45.96 -0.97 -44.42
C VAL BA 176 46.77 -0.43 -45.60
N SER BA 177 46.16 0.47 -46.36
CA SER BA 177 46.81 1.18 -47.45
C SER BA 177 46.88 2.65 -47.06
N SER BA 178 48.09 3.20 -47.07
CA SER BA 178 48.31 4.58 -46.62
C SER BA 178 48.55 5.47 -47.83
N LEU BA 179 47.75 6.51 -47.95
CA LEU BA 179 48.01 7.58 -48.92
C LEU BA 179 48.62 8.76 -48.18
N VAL BA 180 49.85 9.11 -48.55
CA VAL BA 180 50.50 10.33 -48.11
C VAL BA 180 50.45 11.30 -49.28
N PHE BA 181 50.05 12.54 -48.99
CA PHE BA 181 49.86 13.55 -50.02
C PHE BA 181 51.05 14.49 -50.00
N LEU BA 182 51.68 14.66 -51.15
CA LEU BA 182 52.84 15.53 -51.32
C LEU BA 182 52.58 16.47 -52.47
N ASP BA 183 53.19 17.66 -52.41
CA ASP BA 183 53.09 18.61 -53.50
C ASP BA 183 54.13 18.24 -54.57
N SER BA 184 54.24 19.08 -55.60
CA SER BA 184 55.16 18.78 -56.69
C SER BA 184 56.62 18.81 -56.22
N THR BA 185 56.91 19.52 -55.14
CA THR BA 185 58.26 19.57 -54.60
C THR BA 185 58.57 18.38 -53.69
N GLY BA 186 57.60 17.49 -53.46
CA GLY BA 186 57.82 16.34 -52.61
C GLY BA 186 57.56 16.58 -51.14
N ALA BA 187 57.32 17.81 -50.73
CA ALA BA 187 57.01 18.19 -49.35
C ALA BA 187 55.60 17.73 -48.98
N PRO BA 188 55.35 17.51 -47.69
CA PRO BA 188 54.00 17.09 -47.27
C PRO BA 188 52.96 18.16 -47.60
N TRP BA 189 51.73 17.70 -47.84
CA TRP BA 189 50.59 18.57 -48.05
C TRP BA 189 49.48 18.17 -47.10
N PRO BA 190 49.31 18.89 -45.98
CA PRO BA 190 48.31 18.48 -44.98
C PRO BA 190 46.91 18.46 -45.56
N ILE BA 191 46.05 17.68 -44.91
CA ILE BA 191 44.70 17.40 -45.41
C ILE BA 191 43.73 18.26 -44.63
N ALA BA 192 42.98 19.11 -45.34
CA ALA BA 192 41.95 19.92 -44.69
C ALA BA 192 40.74 19.07 -44.33
N ALA BA 193 40.31 18.19 -45.23
CA ALA BA 193 39.14 17.36 -44.99
C ALA BA 193 39.13 16.22 -45.99
N TYR BA 194 38.30 15.22 -45.70
CA TYR BA 194 38.08 14.13 -46.64
C TYR BA 194 36.61 13.74 -46.62
N ASP BA 195 36.15 13.22 -47.76
CA ASP BA 195 34.77 12.80 -47.95
C ASP BA 195 34.79 11.41 -48.58
N LEU BA 196 34.25 10.42 -47.87
CA LEU BA 196 34.31 9.02 -48.28
C LEU BA 196 32.93 8.58 -48.73
N GLY BA 197 32.79 8.32 -50.03
CA GLY BA 197 31.56 7.74 -50.54
C GLY BA 197 31.56 6.23 -50.32
N ASP BA 198 30.40 5.72 -49.91
CA ASP BA 198 30.24 4.32 -49.52
C ASP BA 198 31.22 3.98 -48.40
N PRO BA 199 31.04 4.54 -47.20
CA PRO BA 199 31.96 4.25 -46.10
C PRO BA 199 31.74 2.89 -45.46
N SER BA 200 30.78 2.11 -45.94
CA SER BA 200 30.55 0.76 -45.46
C SER BA 200 31.51 -0.26 -46.08
N SER BA 201 32.26 0.13 -47.11
CA SER BA 201 33.20 -0.76 -47.76
C SER BA 201 34.66 -0.38 -47.50
N PHE BA 202 34.92 0.81 -46.95
CA PHE BA 202 36.26 1.23 -46.60
C PHE BA 202 36.23 1.91 -45.24
N ASN BA 203 37.25 1.63 -44.42
CA ASN BA 203 37.43 2.27 -43.12
C ASN BA 203 38.66 3.16 -43.19
N ILE BA 204 38.50 4.43 -42.88
CA ILE BA 204 39.57 5.41 -43.01
C ILE BA 204 39.94 5.93 -41.63
N GLN BA 205 41.21 5.80 -41.28
CA GLN BA 205 41.77 6.38 -40.08
C GLN BA 205 42.70 7.53 -40.45
N TRP BA 206 42.54 8.65 -39.75
CA TRP BA 206 43.31 9.86 -40.07
C TRP BA 206 43.27 10.78 -38.87
N ASP BA 207 44.43 11.02 -38.25
CA ASP BA 207 44.51 12.09 -37.27
C ASP BA 207 44.30 13.42 -37.97
N LYS BA 208 43.57 14.33 -37.33
CA LYS BA 208 43.02 15.49 -38.01
C LYS BA 208 44.08 16.47 -38.50
N THR BA 209 45.33 16.32 -38.07
CA THR BA 209 46.38 17.27 -38.40
C THR BA 209 47.28 16.80 -39.54
N SER BA 210 47.52 15.50 -39.67
CA SER BA 210 48.52 14.98 -40.59
C SER BA 210 48.00 14.99 -42.03
N ASN BA 211 48.81 14.45 -42.94
CA ASN BA 211 48.50 14.38 -44.36
C ASN BA 211 48.35 12.94 -44.84
N THR BA 212 48.24 11.98 -43.93
CA THR BA 212 48.23 10.56 -44.27
C THR BA 212 46.87 9.97 -43.94
N LEU BA 213 46.25 9.32 -44.93
CA LEU BA 213 45.03 8.57 -44.74
C LEU BA 213 45.35 7.08 -44.72
N MET BA 214 44.68 6.34 -43.83
CA MET BA 214 44.92 4.90 -43.66
C MET BA 214 43.61 4.20 -43.97
N ILE BA 215 43.49 3.62 -45.16
CA ILE BA 215 42.24 3.03 -45.63
C ILE BA 215 42.37 1.52 -45.61
N GLN BA 216 41.38 0.86 -45.02
CA GLN BA 216 41.29 -0.59 -44.98
C GLN BA 216 40.04 -1.00 -45.72
N ALA BA 217 40.20 -1.87 -46.71
CA ALA BA 217 39.05 -2.37 -47.47
C ALA BA 217 38.24 -3.32 -46.61
N THR BA 218 37.06 -2.88 -46.19
CA THR BA 218 36.21 -3.75 -45.38
C THR BA 218 35.63 -4.89 -46.21
N LYS BA 219 35.23 -4.61 -47.44
CA LYS BA 219 34.62 -5.61 -48.31
C LYS BA 219 35.63 -6.10 -49.34
N LEU BA 220 35.36 -7.29 -49.88
CA LEU BA 220 36.29 -7.96 -50.77
C LEU BA 220 36.51 -7.17 -52.06
N TYR BA 221 35.47 -7.00 -52.86
CA TYR BA 221 35.60 -6.47 -54.21
C TYR BA 221 34.83 -5.18 -54.44
N ASN BA 222 34.16 -4.64 -53.43
CA ASN BA 222 33.39 -3.41 -53.61
C ASN BA 222 34.33 -2.22 -53.70
N TYR BA 223 34.29 -1.51 -54.81
CA TYR BA 223 35.14 -0.35 -55.03
C TYR BA 223 34.32 0.93 -54.96
N GLY BA 224 35.02 2.03 -54.69
CA GLY BA 224 34.38 3.31 -54.56
C GLY BA 224 35.33 4.43 -54.88
N ASN BA 225 35.03 5.61 -54.34
CA ASN BA 225 35.90 6.77 -54.53
C ASN BA 225 36.02 7.56 -53.23
N LEU BA 226 36.86 8.57 -53.27
CA LEU BA 226 37.15 9.40 -52.09
C LEU BA 226 37.62 10.76 -52.54
N ALA BA 227 37.12 11.81 -51.90
CA ALA BA 227 37.55 13.18 -52.16
C ALA BA 227 38.41 13.66 -51.00
N VAL BA 228 39.53 14.31 -51.32
CA VAL BA 228 40.47 14.79 -50.32
C VAL BA 228 40.70 16.27 -50.59
N ARG BA 229 40.15 17.14 -49.74
CA ARG BA 229 40.39 18.57 -49.83
C ARG BA 229 41.63 18.89 -49.02
N LEU BA 230 42.68 19.33 -49.70
CA LEU BA 230 43.96 19.65 -49.05
C LEU BA 230 43.93 21.08 -48.53
N ARG BA 231 45.05 21.50 -47.93
CA ARG BA 231 45.09 22.78 -47.23
C ARG BA 231 45.01 23.95 -48.20
N GLY BA 232 45.98 24.06 -49.10
CA GLY BA 232 46.05 25.16 -50.04
C GLY BA 232 45.34 24.95 -51.35
N LEU BA 233 44.60 23.86 -51.50
CA LEU BA 233 43.95 23.52 -52.76
C LEU BA 233 42.47 23.83 -52.68
N ASN BA 234 41.98 24.63 -53.64
CA ASN BA 234 40.53 24.75 -53.82
C ASN BA 234 39.98 23.53 -54.55
N THR BA 235 40.74 22.98 -55.48
CA THR BA 235 40.31 21.80 -56.22
C THR BA 235 40.54 20.55 -55.37
N PRO BA 236 39.50 19.80 -55.03
CA PRO BA 236 39.70 18.56 -54.27
C PRO BA 236 40.35 17.49 -55.12
N VAL BA 237 41.07 16.59 -54.45
CA VAL BA 237 41.73 15.47 -55.11
C VAL BA 237 40.77 14.29 -55.07
N MET BA 238 40.35 13.81 -56.24
CA MET BA 238 39.42 12.70 -56.33
C MET BA 238 40.20 11.43 -56.68
N LEU BA 239 40.00 10.38 -55.88
CA LEU BA 239 40.68 9.11 -56.08
C LEU BA 239 39.65 8.01 -56.13
N THR BA 240 39.98 6.94 -56.86
CA THR BA 240 39.14 5.74 -56.91
C THR BA 240 39.86 4.58 -56.22
N LEU BA 241 39.16 3.94 -55.30
CA LEU BA 241 39.72 2.87 -54.48
C LEU BA 241 39.10 1.54 -54.92
N ILE BA 242 39.93 0.63 -55.40
CA ILE BA 242 39.48 -0.68 -55.84
C ILE BA 242 40.23 -1.74 -55.04
N PRO BA 243 39.53 -2.57 -54.27
CA PRO BA 243 40.19 -3.65 -53.54
C PRO BA 243 40.20 -4.95 -54.35
N GLY BA 244 40.90 -5.94 -53.80
CA GLY BA 244 40.95 -7.26 -54.43
C GLY BA 244 41.68 -7.31 -55.74
N GLN BA 245 42.80 -6.60 -55.86
CA GLN BA 245 43.59 -6.59 -57.07
C GLN BA 245 44.79 -7.52 -56.94
N LYS BA 246 45.49 -7.71 -58.06
CA LYS BA 246 46.72 -8.51 -58.04
C LYS BA 246 47.85 -7.82 -57.28
N ALA BA 247 47.69 -6.53 -56.97
CA ALA BA 247 48.64 -5.80 -56.15
C ALA BA 247 47.90 -5.06 -55.05
N VAL BA 248 48.56 -4.90 -53.91
CA VAL BA 248 48.02 -4.13 -52.80
C VAL BA 248 48.99 -3.00 -52.51
N ASP BA 249 48.50 -1.77 -52.56
CA ASP BA 249 49.33 -0.58 -52.35
C ASP BA 249 49.44 -0.36 -50.85
N TYR BA 250 50.54 -0.83 -50.25
CA TYR BA 250 50.77 -0.59 -48.84
C TYR BA 250 50.93 0.91 -48.57
N ARG BA 251 51.48 1.65 -49.53
CA ARG BA 251 51.66 3.09 -49.38
C ARG BA 251 51.71 3.72 -50.77
N VAL BA 252 51.00 4.83 -50.93
CA VAL BA 252 50.97 5.59 -52.17
C VAL BA 252 51.42 7.01 -51.87
N ASP BA 253 52.44 7.47 -52.59
CA ASP BA 253 52.93 8.85 -52.45
C ASP BA 253 52.33 9.67 -53.57
N LEU BA 254 51.23 10.37 -53.27
CA LEU BA 254 50.47 11.10 -54.28
C LEU BA 254 51.05 12.50 -54.45
N ARG BA 255 51.68 12.74 -55.60
CA ARG BA 255 52.32 14.01 -55.89
C ARG BA 255 51.31 14.93 -56.58
N VAL BA 256 50.60 15.71 -55.78
CA VAL BA 256 49.62 16.65 -56.34
C VAL BA 256 50.33 17.72 -57.16
N GLN BA 257 49.58 18.37 -58.04
CA GLN BA 257 50.15 19.29 -59.00
C GLN BA 257 50.61 20.60 -58.34
N GLY BA 258 49.91 21.06 -57.32
CA GLY BA 258 50.16 22.35 -56.74
C GLY BA 258 51.35 22.37 -55.80
N TYR BA 259 51.54 23.51 -55.15
CA TYR BA 259 52.58 23.72 -54.16
C TYR BA 259 51.92 23.89 -52.80
N GLY BA 260 52.29 23.03 -51.84
CA GLY BA 260 51.67 23.03 -50.54
C GLY BA 260 52.24 24.09 -49.63
N PRO BA 261 51.73 24.11 -48.39
CA PRO BA 261 52.21 25.10 -47.40
C PRO BA 261 53.64 24.87 -46.95
N ASN BA 262 54.29 23.78 -47.38
CA ASN BA 262 55.69 23.53 -47.10
C ASN BA 262 56.45 23.54 -48.42
N ALA BA 263 57.49 24.35 -48.50
CA ALA BA 263 58.26 24.49 -49.74
C ALA BA 263 59.71 24.05 -49.54
N CYS CA 1 17.77 -4.54 -82.80
CA CYS CA 1 18.01 -3.40 -81.93
C CYS CA 1 17.15 -2.21 -82.32
N THR CA 2 17.77 -1.27 -83.05
CA THR CA 2 17.09 -0.04 -83.42
C THR CA 2 16.04 -0.25 -84.51
N ASP CA 3 16.18 -1.28 -85.34
CA ASP CA 3 15.18 -1.54 -86.36
C ASP CA 3 13.82 -1.86 -85.74
N ALA CA 4 13.82 -2.70 -84.71
CA ALA CA 4 12.57 -3.03 -84.02
C ALA CA 4 11.97 -1.80 -83.35
N ALA CA 5 12.83 -0.97 -82.72
CA ALA CA 5 12.34 0.23 -82.05
C ALA CA 5 11.70 1.19 -83.05
N LEU CA 6 12.36 1.40 -84.21
CA LEU CA 6 11.82 2.32 -85.20
C LEU CA 6 10.54 1.77 -85.82
N ALA CA 7 10.49 0.45 -86.08
CA ALA CA 7 9.27 -0.14 -86.62
C ALA CA 7 8.12 -0.02 -85.63
N ALA CA 8 8.38 -0.26 -84.36
CA ALA CA 8 7.33 -0.10 -83.35
C ALA CA 8 6.90 1.36 -83.23
N LEU CA 9 7.85 2.29 -83.34
CA LEU CA 9 7.51 3.70 -83.28
C LEU CA 9 6.62 4.10 -84.45
N GLU CA 10 6.94 3.63 -85.66
CA GLU CA 10 6.10 3.96 -86.81
C GLU CA 10 4.74 3.27 -86.75
N TYR CA 11 4.69 2.06 -86.17
CA TYR CA 11 3.41 1.40 -85.95
C TYR CA 11 2.56 2.18 -84.96
N HIS CA 12 3.17 2.71 -83.91
CA HIS CA 12 2.45 3.52 -82.93
C HIS CA 12 2.00 4.84 -83.53
N LYS CA 13 2.82 5.45 -84.38
CA LYS CA 13 2.45 6.72 -84.98
C LYS CA 13 1.34 6.56 -86.01
N SER CA 14 1.40 5.52 -86.84
CA SER CA 14 0.35 5.28 -87.82
C SER CA 14 -0.96 4.88 -87.15
N ASN CA 15 -0.89 4.08 -86.08
CA ASN CA 15 -2.05 3.65 -85.32
C ASN CA 15 -2.00 4.38 -83.97
N ALA CA 16 -2.66 5.52 -83.91
CA ALA CA 16 -2.60 6.41 -82.75
C ALA CA 16 -2.93 5.72 -81.43
N CYS DA 1 8.07 8.78 -77.52
CA CYS DA 1 6.95 7.87 -77.31
C CYS DA 1 7.42 6.45 -77.03
N VAL DA 2 8.69 6.19 -77.33
CA VAL DA 2 9.29 4.88 -77.14
C VAL DA 2 10.15 4.90 -75.88
N SER DA 3 9.98 3.88 -75.05
CA SER DA 3 10.84 3.67 -73.89
C SER DA 3 11.71 2.45 -74.19
N MET DA 4 13.03 2.66 -74.16
CA MET DA 4 13.95 1.66 -74.69
C MET DA 4 14.00 0.39 -73.84
N ILE DA 5 13.58 0.47 -72.57
CA ILE DA 5 13.61 -0.70 -71.71
C ILE DA 5 12.69 -1.78 -72.24
N GLY DA 6 11.53 -1.39 -72.76
CA GLY DA 6 10.61 -2.33 -73.36
C GLY DA 6 11.00 -2.72 -74.78
N GLY DA 7 12.29 -2.99 -74.99
CA GLY DA 7 12.81 -3.36 -76.29
C GLY DA 7 12.92 -4.86 -76.44
N SER DA 8 12.46 -5.35 -77.59
CA SER DA 8 12.52 -6.78 -77.89
C SER DA 8 12.50 -6.95 -79.41
N ARG DA 9 13.41 -7.77 -79.91
CA ARG DA 9 13.49 -8.00 -81.35
C ARG DA 9 12.26 -8.76 -81.83
N ARG EA 1 7.11 -3.08 -77.00
CA ARG EA 1 7.09 -1.66 -76.74
C ARG EA 1 5.65 -1.20 -76.50
N VAL EA 2 5.47 -0.22 -75.61
CA VAL EA 2 4.16 0.30 -75.26
C VAL EA 2 4.18 1.81 -75.32
N SER EA 3 3.12 2.39 -75.88
CA SER EA 3 3.04 3.81 -76.17
C SER EA 3 2.74 4.61 -74.90
N ILE EA 4 2.85 5.94 -75.00
CA ILE EA 4 2.54 6.84 -73.88
C ILE EA 4 1.04 7.03 -73.72
N GLY EA 5 0.23 6.46 -74.61
CA GLY EA 5 -1.21 6.49 -74.41
C GLY EA 5 -1.75 5.42 -73.50
N GLY EA 6 -0.91 4.49 -73.06
CA GLY EA 6 -1.35 3.34 -72.30
C GLY EA 6 -1.67 2.11 -73.12
N THR EA 7 -1.74 2.25 -74.44
CA THR EA 7 -2.00 1.12 -75.32
C THR EA 7 -0.68 0.52 -75.81
N VAL EA 8 -0.69 -0.79 -76.00
CA VAL EA 8 0.50 -1.52 -76.43
C VAL EA 8 0.60 -1.47 -77.95
N TYR EA 9 1.78 -1.14 -78.45
CA TYR EA 9 2.08 -1.13 -79.88
C TYR EA 9 3.47 -1.72 -80.07
N THR EA 10 3.53 -2.97 -80.51
CA THR EA 10 4.78 -3.72 -80.57
C THR EA 10 5.09 -4.13 -82.00
N ALA EA 11 6.38 -4.15 -82.33
CA ALA EA 11 6.83 -4.67 -83.61
C ALA EA 11 6.80 -6.20 -83.60
N LYS EA 12 6.79 -6.78 -84.80
CA LYS EA 12 6.68 -8.23 -84.93
C LYS EA 12 8.02 -8.93 -84.72
N LYS EA 13 8.97 -8.68 -85.61
CA LYS EA 13 10.28 -9.34 -85.53
C LYS EA 13 11.29 -8.53 -86.33
N TYR EA 14 12.32 -8.03 -85.67
CA TYR EA 14 13.34 -7.23 -86.33
C TYR EA 14 14.67 -7.45 -85.61
N ASP EA 15 15.66 -7.97 -86.32
CA ASP EA 15 16.97 -8.24 -85.76
C ASP EA 15 18.01 -7.33 -86.38
N ASP EA 16 18.93 -6.85 -85.55
CA ASP EA 16 20.01 -5.99 -86.01
C ASP EA 16 21.35 -6.71 -85.97
N PRO FA 1 17.36 -4.21 -73.99
CA PRO FA 1 17.99 -5.52 -74.15
C PRO FA 1 18.48 -5.77 -75.58
N PHE FA 2 19.69 -5.29 -75.89
CA PHE FA 2 20.24 -5.37 -77.24
C PHE FA 2 21.66 -5.90 -77.19
N GLY FA 3 22.27 -6.03 -78.35
CA GLY FA 3 23.63 -6.53 -78.47
C GLY FA 3 24.66 -5.46 -78.72
N ALA FA 4 24.21 -4.24 -78.99
CA ALA FA 4 25.09 -3.11 -79.26
C ALA FA 4 25.38 -2.28 -78.01
N ASP FA 5 25.11 -2.82 -76.82
CA ASP FA 5 25.35 -2.10 -75.58
C ASP FA 5 26.82 -1.82 -75.35
N ARG GA 207 31.94 20.67 -90.25
CA ARG GA 207 30.76 21.03 -89.48
C ARG GA 207 31.05 21.01 -87.98
N ILE GA 208 30.00 20.85 -87.19
CA ILE GA 208 30.10 20.78 -85.73
C ILE GA 208 29.67 19.39 -85.29
N ILE GA 209 30.51 18.73 -84.50
CA ILE GA 209 30.26 17.37 -84.06
C ILE GA 209 29.63 17.40 -82.68
N TYR GA 210 28.53 16.67 -82.52
CA TYR GA 210 27.79 16.63 -81.26
C TYR GA 210 27.95 15.25 -80.61
N TYR GA 211 28.30 15.26 -79.33
CA TYR GA 211 28.39 14.05 -78.52
C TYR GA 211 27.32 14.07 -77.44
N ILE GA 212 26.96 12.89 -76.96
CA ILE GA 212 26.02 12.79 -75.85
C ILE GA 212 26.75 13.12 -74.56
N GLN GA 213 26.25 14.10 -73.83
CA GLN GA 213 26.69 14.37 -72.47
C GLN GA 213 25.95 13.51 -71.46
N ALA GA 214 24.64 13.36 -71.63
CA ALA GA 214 23.86 12.45 -70.82
C ALA GA 214 22.61 12.05 -71.60
N VAL GA 215 22.06 10.89 -71.27
CA VAL GA 215 20.90 10.39 -71.99
C VAL GA 215 19.98 9.68 -71.01
N ILE GA 216 18.68 9.97 -71.14
CA ILE GA 216 17.62 9.27 -70.42
C ILE GA 216 16.49 9.00 -71.38
N PRO GA 217 15.59 8.06 -71.03
CA PRO GA 217 14.40 7.85 -71.87
C PRO GA 217 13.65 9.16 -72.13
N GLY GA 218 13.64 9.59 -73.38
CA GLY GA 218 13.12 10.91 -73.72
C GLY GA 218 14.22 11.90 -74.04
N ARG GA 219 14.50 12.82 -73.12
CA ARG GA 219 15.48 13.87 -73.37
C ARG GA 219 16.90 13.29 -73.46
N ALA GA 220 17.78 14.08 -74.06
CA ALA GA 220 19.20 13.74 -74.13
C ALA GA 220 19.98 15.04 -74.21
N TRP GA 221 20.88 15.25 -73.24
CA TRP GA 221 21.73 16.43 -73.21
C TRP GA 221 22.99 16.15 -74.02
N LEU GA 222 23.27 17.01 -75.00
CA LEU GA 222 24.40 16.88 -75.89
C LEU GA 222 25.33 18.08 -75.75
N ILE GA 223 26.63 17.84 -75.97
CA ILE GA 223 27.65 18.87 -75.99
C ILE GA 223 28.39 18.79 -77.32
N GLY GA 224 28.51 19.93 -77.99
CA GLY GA 224 29.16 20.01 -79.28
C GLY GA 224 30.65 20.28 -79.17
N SER GA 225 31.24 20.61 -80.31
CA SER GA 225 32.67 20.92 -80.37
C SER GA 225 32.99 22.35 -79.97
N ASN GA 226 31.99 23.22 -79.89
CA ASN GA 226 32.20 24.62 -79.50
C ASN GA 226 31.99 24.83 -78.01
N GLY GA 227 31.72 23.78 -77.25
CA GLY GA 227 31.33 23.92 -75.86
C GLY GA 227 29.86 24.21 -75.65
N SER GA 228 29.08 24.34 -76.72
CA SER GA 228 27.65 24.57 -76.59
C SER GA 228 26.95 23.31 -76.08
N THR GA 229 25.88 23.52 -75.33
CA THR GA 229 25.10 22.43 -74.76
C THR GA 229 23.65 22.56 -75.19
N LEU GA 230 23.08 21.47 -75.68
CA LEU GA 230 21.68 21.41 -76.05
C LEU GA 230 21.01 20.23 -75.36
N THR GA 231 19.68 20.18 -75.44
CA THR GA 231 18.92 19.02 -75.02
C THR GA 231 17.88 18.71 -76.08
N VAL GA 232 17.79 17.46 -76.50
CA VAL GA 232 16.97 17.06 -77.63
C VAL GA 232 16.00 15.98 -77.20
N ARG GA 233 14.88 15.90 -77.90
CA ARG GA 233 13.82 14.94 -77.63
C ARG GA 233 13.61 14.09 -78.89
N GLU GA 234 12.54 13.28 -78.86
CA GLU GA 234 12.29 12.30 -79.92
C GLU GA 234 12.41 12.92 -81.31
N GLY GA 235 11.66 13.98 -81.57
CA GLY GA 235 11.85 14.73 -82.80
C GLY GA 235 12.29 16.15 -82.51
N SER GA 236 13.55 16.46 -82.83
CA SER GA 236 14.10 17.76 -82.47
C SER GA 236 15.21 18.12 -83.45
N LYS GA 237 15.24 19.38 -83.85
CA LYS GA 237 16.20 19.84 -84.84
C LYS GA 237 17.58 20.02 -84.20
N ILE GA 238 18.59 19.44 -84.84
CA ILE GA 238 19.99 19.61 -84.44
C ILE GA 238 20.72 20.25 -85.61
N PRO GA 239 21.41 21.37 -85.41
CA PRO GA 239 22.08 22.04 -86.53
C PRO GA 239 23.16 21.15 -87.13
N GLY GA 240 23.02 20.84 -88.42
CA GLY GA 240 23.93 20.00 -89.15
C GLY GA 240 23.58 18.53 -89.15
N TYR GA 241 23.01 18.04 -88.05
CA TYR GA 241 22.62 16.64 -87.93
C TYR GA 241 21.19 16.37 -88.38
N GLY GA 242 20.43 17.40 -88.74
CA GLY GA 242 19.08 17.21 -89.21
C GLY GA 242 18.08 17.23 -88.07
N MET GA 243 17.24 16.20 -88.00
CA MET GA 243 16.21 16.08 -86.98
C MET GA 243 16.35 14.74 -86.28
N VAL GA 244 16.21 14.74 -84.96
CA VAL GA 244 16.34 13.51 -84.18
C VAL GA 244 15.27 12.52 -84.60
N LYS GA 245 15.66 11.27 -84.83
CA LYS GA 245 14.75 10.21 -85.22
C LYS GA 245 14.54 9.16 -84.14
N LEU GA 246 15.55 8.92 -83.31
CA LEU GA 246 15.43 7.94 -82.22
C LEU GA 246 16.50 8.25 -81.18
N ILE GA 247 16.17 7.99 -79.91
CA ILE GA 247 17.08 8.19 -78.79
C ILE GA 247 17.13 6.89 -78.01
N ASP GA 248 18.14 6.07 -78.27
CA ASP GA 248 18.37 4.83 -77.55
C ASP GA 248 19.13 5.15 -76.28
N SER GA 249 18.44 5.12 -75.14
CA SER GA 249 19.07 5.47 -73.87
C SER GA 249 19.96 4.37 -73.34
N LEU GA 250 19.60 3.10 -73.58
CA LEU GA 250 20.40 1.99 -73.05
C LEU GA 250 21.77 1.92 -73.72
N GLN GA 251 21.82 2.08 -75.05
CA GLN GA 251 23.08 2.09 -75.76
C GLN GA 251 23.74 3.46 -75.81
N GLY GA 252 23.06 4.50 -75.37
CA GLY GA 252 23.59 5.85 -75.52
C GLY GA 252 23.76 6.26 -76.97
N ARG GA 253 22.79 5.95 -77.81
CA ARG GA 253 22.84 6.29 -79.22
C ARG GA 253 21.71 7.26 -79.56
N ILE GA 254 21.92 8.08 -80.58
CA ILE GA 254 20.89 8.97 -81.09
C ILE GA 254 20.94 8.88 -82.62
N LEU GA 255 19.91 8.29 -83.20
CA LEU GA 255 19.76 8.23 -84.65
C LEU GA 255 19.06 9.50 -85.13
N THR GA 256 19.67 10.18 -86.08
CA THR GA 256 19.10 11.38 -86.68
C THR GA 256 18.64 11.10 -88.11
N SER GA 257 17.95 12.08 -88.70
CA SER GA 257 17.38 11.90 -90.02
C SER GA 257 18.46 11.88 -91.10
N SER GA 258 19.56 12.59 -90.89
CA SER GA 258 20.63 12.62 -91.88
C SER GA 258 21.49 11.36 -91.86
N GLY GA 259 21.16 10.38 -91.02
CA GLY GA 259 21.94 9.18 -90.89
C GLY GA 259 23.08 9.26 -89.90
N GLN GA 260 23.46 10.46 -89.49
CA GLN GA 260 24.52 10.61 -88.49
C GLN GA 260 24.04 10.13 -87.14
N VAL GA 261 24.91 9.41 -86.43
CA VAL GA 261 24.60 8.86 -85.11
C VAL GA 261 25.38 9.65 -84.08
N ILE GA 262 24.69 10.14 -83.05
CA ILE GA 262 25.30 10.86 -81.94
C ILE GA 262 25.52 9.88 -80.79
N LYS GA 263 26.74 9.80 -80.32
CA LYS GA 263 27.11 8.88 -79.24
C LYS GA 263 27.94 9.61 -78.21
N PHE GA 264 28.19 8.93 -77.09
CA PHE GA 264 29.10 9.46 -76.09
C PHE GA 264 30.49 9.65 -76.68
N SER GA 265 31.19 10.68 -76.21
CA SER GA 265 32.52 10.96 -76.70
C SER GA 265 33.47 9.80 -76.39
N GLN GA 266 34.43 9.58 -77.29
CA GLN GA 266 35.34 8.45 -77.13
C GLN GA 266 36.15 8.58 -75.84
N GLU GA 267 36.61 9.79 -75.52
CA GLU GA 267 37.34 10.05 -74.29
C GLU GA 267 36.42 10.41 -73.13
N ASP GA 268 35.14 10.03 -73.21
CA ASP GA 268 34.19 10.33 -72.15
C ASP GA 268 33.33 9.14 -71.74
N SER GA 269 33.39 8.03 -72.45
CA SER GA 269 32.58 6.87 -72.09
C SER GA 269 33.44 5.63 -71.84
N GLN HA 791 9.45 -33.44 -59.59
CA GLN HA 791 8.60 -32.29 -59.80
C GLN HA 791 8.65 -31.36 -58.59
N GLN HA 792 8.62 -31.96 -57.40
CA GLN HA 792 8.68 -31.18 -56.15
C GLN HA 792 10.05 -30.55 -55.94
N GLU HA 793 11.12 -31.23 -56.38
CA GLU HA 793 12.46 -30.65 -56.27
C GLU HA 793 12.57 -29.35 -57.06
N ILE HA 794 11.79 -29.22 -58.14
CA ILE HA 794 11.75 -27.96 -58.89
C ILE HA 794 11.27 -26.83 -57.99
N GLN HA 795 10.16 -27.03 -57.30
CA GLN HA 795 9.63 -26.00 -56.42
C GLN HA 795 10.56 -25.72 -55.26
N GLN HA 796 11.18 -26.77 -54.69
CA GLN HA 796 12.13 -26.55 -53.60
C GLN HA 796 13.32 -25.72 -54.07
N ARG HA 797 13.87 -26.03 -55.24
CA ARG HA 797 14.99 -25.28 -55.78
C ARG HA 797 14.58 -23.83 -56.02
N THR HA 798 13.40 -23.62 -56.62
CA THR HA 798 12.95 -22.26 -56.90
C THR HA 798 12.78 -21.46 -55.62
N SER HA 799 12.24 -22.10 -54.58
CA SER HA 799 12.11 -21.43 -53.29
C SER HA 799 13.47 -21.06 -52.72
N ASP HA 800 14.46 -21.96 -52.83
CA ASP HA 800 15.79 -21.66 -52.33
C ASP HA 800 16.41 -20.46 -53.04
N MET HA 801 16.30 -20.44 -54.38
CA MET HA 801 16.86 -19.32 -55.13
C MET HA 801 16.10 -18.02 -54.83
N LEU HA 802 14.79 -18.09 -54.61
CA LEU HA 802 14.04 -16.90 -54.23
C LEU HA 802 14.49 -16.37 -52.88
N THR HA 803 14.72 -17.27 -51.91
CA THR HA 803 15.20 -16.84 -50.61
C THR HA 803 16.58 -16.20 -50.70
N ALA HA 804 17.46 -16.75 -51.54
CA ALA HA 804 18.75 -16.11 -51.76
C ALA HA 804 18.60 -14.75 -52.45
N ALA HA 805 17.69 -14.66 -53.41
CA ALA HA 805 17.60 -13.47 -54.24
C ALA HA 805 16.98 -12.30 -53.49
N THR HA 806 16.04 -12.57 -52.58
CA THR HA 806 15.49 -11.48 -51.77
C THR HA 806 16.60 -10.81 -50.98
N GLN HA 807 17.46 -11.62 -50.34
CA GLN HA 807 18.59 -11.06 -49.61
C GLN HA 807 19.57 -10.36 -50.54
N LEU HA 808 19.83 -10.94 -51.72
CA LEU HA 808 20.77 -10.32 -52.65
C LEU HA 808 20.27 -8.96 -53.12
N VAL HA 809 18.99 -8.87 -53.48
CA VAL HA 809 18.42 -7.60 -53.93
C VAL HA 809 18.39 -6.60 -52.79
N GLN HA 810 18.08 -7.06 -51.57
CA GLN HA 810 18.12 -6.17 -50.43
C GLN HA 810 19.51 -5.60 -50.21
N ASP HA 811 20.54 -6.44 -50.39
CA ASP HA 811 21.92 -5.96 -50.27
C ASP HA 811 22.25 -4.96 -51.36
N TRP HA 812 21.79 -5.21 -52.59
CA TRP HA 812 22.06 -4.28 -53.68
C TRP HA 812 21.35 -2.95 -53.49
N LYS HA 813 20.16 -2.96 -52.90
CA LYS HA 813 19.43 -1.72 -52.65
C LYS HA 813 20.13 -0.83 -51.62
N GLN HA 814 20.95 -1.42 -50.76
CA GLN HA 814 21.58 -0.63 -49.69
C GLN HA 814 22.65 0.29 -50.26
N VAL HA 815 22.57 1.57 -49.88
CA VAL HA 815 23.59 2.56 -50.21
C VAL HA 815 23.95 3.30 -48.95
N GLU HA 816 25.22 3.23 -48.55
CA GLU HA 816 25.68 3.93 -47.35
C GLU HA 816 26.00 5.37 -47.71
N THR HA 817 25.37 6.30 -46.98
CA THR HA 817 25.56 7.72 -47.28
C THR HA 817 26.99 8.14 -47.01
N GLN HA 818 27.47 9.10 -47.80
CA GLN HA 818 28.84 9.56 -47.69
C GLN HA 818 29.05 10.25 -46.33
N VAL HA 819 30.30 10.23 -45.87
CA VAL HA 819 30.70 10.86 -44.62
C VAL HA 819 31.74 11.92 -44.93
N TYR HA 820 31.53 13.12 -44.40
CA TYR HA 820 32.46 14.22 -44.52
C TYR HA 820 33.14 14.44 -43.18
N THR HA 821 34.46 14.30 -43.16
CA THR HA 821 35.25 14.44 -41.94
C THR HA 821 36.07 15.72 -42.04
N GLU HA 822 35.90 16.60 -41.05
CA GLU HA 822 36.57 17.90 -41.05
C GLU HA 822 37.83 17.84 -40.20
N GLY HA 823 38.89 18.44 -40.72
CA GLY HA 823 40.14 18.50 -39.99
C GLY HA 823 40.09 19.48 -38.84
N THR HA 824 41.09 19.36 -37.96
CA THR HA 824 41.18 20.21 -36.78
C THR HA 824 41.74 21.59 -37.14
N ALA IA 104 39.85 -56.17 -31.30
CA ALA IA 104 40.88 -55.78 -30.34
C ALA IA 104 41.07 -54.27 -30.31
N GLU IA 105 42.16 -53.80 -30.90
CA GLU IA 105 42.48 -52.38 -30.95
C GLU IA 105 42.12 -51.74 -32.29
N VAL IA 106 41.67 -52.53 -33.27
CA VAL IA 106 41.23 -51.95 -34.54
C VAL IA 106 39.95 -51.14 -34.33
N ILE IA 107 39.18 -51.47 -33.28
CA ILE IA 107 38.00 -50.69 -32.96
C ILE IA 107 38.40 -49.25 -32.65
N ASP IA 108 39.49 -49.06 -31.91
CA ASP IA 108 39.95 -47.71 -31.59
C ASP IA 108 40.32 -46.95 -32.87
N LYS IA 109 41.04 -47.61 -33.78
CA LYS IA 109 41.47 -46.93 -35.01
C LYS IA 109 40.27 -46.53 -35.86
N LYS IA 110 39.36 -47.46 -36.10
CA LYS IA 110 38.22 -47.15 -36.97
C LYS IA 110 37.25 -46.17 -36.30
N ALA IA 111 37.11 -46.25 -34.97
CA ALA IA 111 36.30 -45.26 -34.27
C ALA IA 111 36.93 -43.88 -34.33
N PHE IA 112 38.26 -43.81 -34.26
CA PHE IA 112 38.92 -42.51 -34.40
C PHE IA 112 38.75 -41.97 -35.82
N LYS IA 113 38.78 -42.84 -36.82
CA LYS IA 113 38.55 -42.39 -38.19
C LYS IA 113 37.15 -41.82 -38.36
N ASP IA 114 36.14 -42.55 -37.88
CA ASP IA 114 34.77 -42.06 -37.94
C ASP IA 114 34.61 -40.76 -37.16
N MET IA 115 35.23 -40.69 -35.98
CA MET IA 115 35.18 -39.48 -35.16
C MET IA 115 35.77 -38.29 -35.90
N THR IA 116 36.99 -38.44 -36.42
CA THR IA 116 37.64 -37.32 -37.08
C THR IA 116 36.96 -36.94 -38.39
N ARG IA 117 36.20 -37.86 -38.98
CA ARG IA 117 35.33 -37.46 -40.08
C ARG IA 117 34.13 -36.66 -39.59
N ASN IA 118 33.62 -36.99 -38.40
CA ASN IA 118 32.46 -36.26 -37.87
C ASN IA 118 32.86 -34.87 -37.36
N LEU IA 119 34.06 -34.74 -36.79
CA LEU IA 119 34.47 -33.48 -36.19
C LEU IA 119 34.77 -32.43 -37.24
N TYR IA 120 35.51 -32.82 -38.29
CA TYR IA 120 35.85 -31.93 -39.39
C TYR IA 120 35.23 -32.52 -40.66
N PRO IA 121 33.93 -32.29 -40.87
CA PRO IA 121 33.28 -32.87 -42.06
C PRO IA 121 33.84 -32.35 -43.37
N LEU IA 122 34.47 -31.18 -43.38
CA LEU IA 122 35.09 -30.63 -44.57
C LEU IA 122 36.58 -30.93 -44.55
N ASN IA 123 37.06 -31.62 -45.58
CA ASN IA 123 38.47 -31.92 -45.69
C ASN IA 123 39.27 -30.65 -45.93
N PRO IA 124 40.58 -30.67 -45.68
CA PRO IA 124 41.39 -29.49 -46.00
C PRO IA 124 41.30 -29.07 -47.46
N GLU IA 125 41.06 -30.02 -48.37
CA GLU IA 125 40.82 -29.66 -49.76
C GLU IA 125 39.43 -29.07 -49.95
N GLN IA 126 38.42 -29.65 -49.28
CA GLN IA 126 37.07 -29.11 -49.39
C GLN IA 126 36.97 -27.73 -48.75
N VAL IA 127 37.82 -27.42 -47.78
CA VAL IA 127 37.81 -26.10 -47.16
C VAL IA 127 38.27 -25.05 -48.16
N VAL IA 128 39.34 -25.33 -48.91
CA VAL IA 128 39.78 -24.39 -49.94
C VAL IA 128 38.76 -24.34 -51.07
N LYS IA 129 38.11 -25.46 -51.37
CA LYS IA 129 36.99 -25.43 -52.32
C LYS IA 129 35.94 -24.43 -51.89
N LEU IA 130 35.49 -24.54 -50.63
CA LEU IA 130 34.44 -23.66 -50.12
C LEU IA 130 34.90 -22.21 -50.09
N LYS IA 131 36.15 -21.97 -49.71
CA LYS IA 131 36.67 -20.61 -49.69
C LYS IA 131 36.67 -20.00 -51.09
N GLN IA 132 37.12 -20.76 -52.08
CA GLN IA 132 37.13 -20.27 -53.45
C GLN IA 132 35.71 -20.02 -53.95
N ILE IA 133 34.78 -20.91 -53.62
CA ILE IA 133 33.39 -20.73 -54.05
C ILE IA 133 32.81 -19.48 -53.41
N TYR IA 134 33.10 -19.24 -52.13
CA TYR IA 134 32.61 -18.05 -51.45
C TYR IA 134 33.19 -16.78 -52.08
N GLU IA 135 34.49 -16.78 -52.37
CA GLU IA 135 35.09 -15.61 -53.00
C GLU IA 135 34.52 -15.36 -54.39
N THR IA 136 34.26 -16.45 -55.14
CA THR IA 136 33.65 -16.31 -56.45
C THR IA 136 32.24 -15.74 -56.35
N SER IA 137 31.46 -16.19 -55.37
CA SER IA 137 30.12 -15.66 -55.18
C SER IA 137 30.16 -14.19 -54.80
N GLU IA 138 31.09 -13.79 -53.93
CA GLU IA 138 31.22 -12.39 -53.58
C GLU IA 138 31.65 -11.55 -54.78
N TYR IA 139 32.53 -12.09 -55.61
CA TYR IA 139 32.94 -11.39 -56.83
C TYR IA 139 31.76 -11.19 -57.77
N ALA IA 140 30.94 -12.23 -57.95
CA ALA IA 140 29.77 -12.11 -58.82
C ALA IA 140 28.78 -11.09 -58.25
N LYS IA 141 28.60 -11.10 -56.93
CA LYS IA 141 27.68 -10.15 -56.30
C LYS IA 141 28.18 -8.71 -56.44
N ALA IA 142 29.49 -8.51 -56.32
CA ALA IA 142 30.07 -7.17 -56.35
C ALA IA 142 30.35 -6.65 -57.75
N ALA IA 143 30.21 -7.49 -58.77
CA ALA IA 143 30.52 -7.06 -60.13
C ALA IA 143 29.43 -6.13 -60.65
N THR IA 144 29.85 -5.01 -61.22
CA THR IA 144 28.91 -4.05 -61.78
C THR IA 144 28.36 -4.58 -63.11
N PRO IA 145 27.05 -4.51 -63.33
CA PRO IA 145 26.50 -4.93 -64.62
C PRO IA 145 26.88 -3.96 -65.72
N GLY IA 146 27.41 -4.49 -66.81
CA GLY IA 146 27.88 -3.65 -67.89
C GLY IA 146 29.18 -2.94 -67.55
N THR IA 147 29.49 -1.93 -68.34
CA THR IA 147 30.70 -1.16 -68.12
C THR IA 147 30.47 -0.14 -67.01
N PRO IA 148 31.31 -0.10 -65.99
CA PRO IA 148 31.21 0.98 -65.00
C PRO IA 148 31.48 2.32 -65.66
N PRO IA 149 30.88 3.39 -65.13
CA PRO IA 149 31.08 4.71 -65.74
C PRO IA 149 32.54 5.12 -65.73
N LYS IA 150 32.95 5.79 -66.81
CA LYS IA 150 34.30 6.32 -66.87
C LYS IA 150 34.45 7.47 -65.88
N PRO IA 151 35.41 7.42 -64.96
CA PRO IA 151 35.61 8.52 -64.02
C PRO IA 151 36.32 9.68 -64.68
N THR IA 152 35.58 10.76 -64.93
CA THR IA 152 36.10 11.91 -65.62
C THR IA 152 36.02 13.14 -64.74
N ALA IA 153 36.99 14.03 -64.88
CA ALA IA 153 37.00 15.34 -64.24
C ALA IA 153 36.78 16.37 -65.34
N THR IA 154 35.56 16.86 -65.47
CA THR IA 154 35.17 17.73 -66.57
C THR IA 154 35.13 19.18 -66.13
N SER IA 155 34.92 20.06 -67.09
CA SER IA 155 34.82 21.49 -66.85
C SER IA 155 33.74 22.05 -67.76
N GLN IA 156 32.84 22.86 -67.19
CA GLN IA 156 31.73 23.46 -67.92
C GLN IA 156 31.71 24.95 -67.69
N PHE IA 157 31.18 25.69 -68.67
CA PHE IA 157 30.96 27.12 -68.55
C PHE IA 157 29.48 27.37 -68.33
N VAL IA 158 29.14 27.93 -67.18
CA VAL IA 158 27.75 28.18 -66.82
C VAL IA 158 27.30 29.50 -67.43
N ASN IA 159 26.37 29.43 -68.38
CA ASN IA 159 25.80 30.62 -68.99
C ASN IA 159 24.43 30.86 -68.37
N LEU IA 160 24.27 32.00 -67.71
CA LEU IA 160 23.06 32.32 -66.96
C LEU IA 160 22.05 33.12 -67.77
N SER IA 161 22.35 33.41 -69.03
CA SER IA 161 21.40 34.12 -69.86
C SER IA 161 20.17 33.26 -70.13
N PRO IA 162 18.99 33.87 -70.24
CA PRO IA 162 17.78 33.08 -70.56
C PRO IA 162 17.92 32.37 -71.89
N GLY IA 163 17.40 31.16 -71.95
CA GLY IA 163 17.50 30.33 -73.13
C GLY IA 163 18.63 29.33 -73.11
N SER IA 164 19.57 29.45 -72.18
CA SER IA 164 20.70 28.54 -72.09
C SER IA 164 20.35 27.37 -71.18
N THR IA 165 20.71 26.17 -71.63
CA THR IA 165 20.38 24.96 -70.91
C THR IA 165 21.17 24.88 -69.60
N PRO IA 166 20.53 24.51 -68.50
CA PRO IA 166 21.26 24.35 -67.24
C PRO IA 166 22.31 23.28 -67.37
N PRO IA 167 23.46 23.46 -66.71
CA PRO IA 167 24.51 22.43 -66.78
C PRO IA 167 24.05 21.11 -66.20
N VAL IA 168 24.55 20.03 -66.80
CA VAL IA 168 24.19 18.67 -66.41
C VAL IA 168 25.37 18.05 -65.68
N ILE IA 169 25.07 17.21 -64.70
CA ILE IA 169 26.06 16.53 -63.88
C ILE IA 169 25.81 15.04 -63.96
N ARG IA 170 26.81 14.29 -64.42
CA ARG IA 170 26.75 12.84 -64.52
C ARG IA 170 27.18 12.26 -63.18
N LEU IA 171 26.27 11.58 -62.50
CA LEU IA 171 26.53 10.98 -61.20
C LEU IA 171 26.56 9.46 -61.33
N SER IA 172 26.72 8.80 -60.18
CA SER IA 172 26.68 7.35 -60.10
C SER IA 172 26.30 6.97 -58.68
N GLN IA 173 25.56 5.87 -58.54
CA GLN IA 173 25.06 5.46 -57.24
C GLN IA 173 26.21 5.09 -56.32
N GLY IA 174 26.30 5.78 -55.18
CA GLY IA 174 27.34 5.53 -54.21
C GLY IA 174 28.67 6.20 -54.47
N PHE IA 175 28.77 7.03 -55.51
CA PHE IA 175 30.01 7.70 -55.86
C PHE IA 175 29.86 9.20 -55.64
N VAL IA 176 30.93 9.81 -55.12
CA VAL IA 176 30.93 11.23 -54.79
C VAL IA 176 31.33 12.03 -56.02
N SER IA 177 30.48 12.99 -56.38
CA SER IA 177 30.76 13.95 -57.45
C SER IA 177 30.91 15.32 -56.81
N SER IA 178 32.05 15.96 -57.05
CA SER IA 178 32.38 17.22 -56.40
C SER IA 178 32.28 18.35 -57.41
N LEU IA 179 31.32 19.25 -57.20
CA LEU IA 179 31.20 20.46 -58.01
C LEU IA 179 31.85 21.61 -57.26
N VAL IA 180 32.86 22.22 -57.89
CA VAL IA 180 33.45 23.46 -57.42
C VAL IA 180 32.99 24.57 -58.35
N PHE IA 181 32.61 25.70 -57.78
CA PHE IA 181 32.07 26.82 -58.55
C PHE IA 181 33.14 27.90 -58.67
N LEU IA 182 33.53 28.19 -59.91
CA LEU IA 182 34.49 29.23 -60.20
C LEU IA 182 33.81 30.34 -61.01
N ASP IA 183 34.35 31.54 -60.92
CA ASP IA 183 33.87 32.64 -61.75
C ASP IA 183 34.58 32.59 -63.10
N SER IA 184 34.42 33.66 -63.89
CA SER IA 184 35.03 33.69 -65.22
C SER IA 184 36.55 33.65 -65.13
N THR IA 185 37.13 34.34 -64.15
CA THR IA 185 38.58 34.37 -63.99
C THR IA 185 39.14 33.08 -63.39
N GLY IA 186 38.29 32.10 -63.12
CA GLY IA 186 38.74 30.84 -62.55
C GLY IA 186 38.90 30.83 -61.05
N ALA IA 187 38.68 31.95 -60.40
CA ALA IA 187 38.76 32.08 -58.95
C ALA IA 187 37.55 31.42 -58.29
N PRO IA 188 37.69 30.99 -57.04
CA PRO IA 188 36.56 30.35 -56.34
C PRO IA 188 35.40 31.32 -56.17
N TRP IA 189 34.19 30.76 -56.13
CA TRP IA 189 32.98 31.54 -55.88
C TRP IA 189 32.23 30.89 -54.72
N PRO IA 190 32.39 31.38 -53.49
CA PRO IA 190 31.79 30.71 -52.33
C PRO IA 190 30.28 30.64 -52.44
N ILE IA 191 29.73 29.57 -51.90
CA ILE IA 191 28.32 29.24 -52.06
C ILE IA 191 27.56 29.87 -50.90
N ALA IA 192 26.59 30.73 -51.22
CA ALA IA 192 25.74 31.31 -50.19
C ALA IA 192 24.79 30.26 -49.63
N ALA IA 193 24.14 29.51 -50.50
CA ALA IA 193 23.20 28.47 -50.07
C ALA IA 193 22.94 27.54 -51.24
N TYR IA 194 22.27 26.42 -50.95
CA TYR IA 194 21.83 25.51 -52.00
C TYR IA 194 20.46 24.96 -51.63
N ASP IA 195 19.73 24.53 -52.66
CA ASP IA 195 18.39 24.00 -52.53
C ASP IA 195 18.29 22.74 -53.38
N LEU IA 196 18.09 21.60 -52.73
CA LEU IA 196 18.13 20.30 -53.39
C LEU IA 196 16.71 19.78 -53.56
N GLY IA 197 16.27 19.64 -54.82
CA GLY IA 197 15.01 19.00 -55.10
C GLY IA 197 15.16 17.49 -55.14
N ASP IA 198 14.18 16.80 -54.55
CA ASP IA 198 14.21 15.35 -54.39
C ASP IA 198 15.47 14.94 -53.63
N PRO IA 199 15.58 15.26 -52.34
CA PRO IA 199 16.78 14.91 -51.59
C PRO IA 199 16.88 13.45 -51.19
N SER IA 200 15.89 12.62 -51.56
CA SER IA 200 15.97 11.20 -51.29
C SER IA 200 16.84 10.47 -52.30
N SER IA 201 17.11 11.08 -53.46
CA SER IA 201 17.92 10.46 -54.50
C SER IA 201 19.33 11.01 -54.56
N PHE IA 202 19.62 12.10 -53.86
CA PHE IA 202 20.97 12.67 -53.81
C PHE IA 202 21.27 13.13 -52.41
N ASN IA 203 22.47 12.81 -51.92
CA ASN IA 203 22.96 13.26 -50.63
C ASN IA 203 24.07 14.27 -50.87
N ILE IA 204 23.90 15.48 -50.35
CA ILE IA 204 24.82 16.58 -50.59
C ILE IA 204 25.54 16.91 -49.28
N GLN IA 205 26.87 16.87 -49.32
CA GLN IA 205 27.72 17.30 -48.23
C GLN IA 205 28.44 18.57 -48.62
N TRP IA 206 28.40 19.57 -47.73
CA TRP IA 206 29.00 20.86 -48.01
C TRP IA 206 29.22 21.58 -46.70
N ASP IA 207 30.48 21.77 -46.31
CA ASP IA 207 30.78 22.67 -45.21
C ASP IA 207 30.37 24.08 -45.60
N LYS IA 208 29.80 24.82 -44.66
CA LYS IA 208 29.01 26.01 -44.97
C LYS IA 208 29.85 27.16 -45.53
N THR IA 209 31.18 27.07 -45.50
CA THR IA 209 32.04 28.17 -45.91
C THR IA 209 32.54 28.04 -47.34
N SER IA 210 32.81 26.83 -47.82
CA SER IA 210 33.53 26.64 -49.07
C SER IA 210 32.61 26.80 -50.27
N ASN IA 211 33.12 26.46 -51.45
CA ASN IA 211 32.38 26.54 -52.71
C ASN IA 211 32.19 25.17 -53.35
N THR IA 212 32.39 24.09 -52.61
CA THR IA 212 32.39 22.74 -53.16
C THR IA 212 31.24 21.94 -52.58
N LEU IA 213 30.44 21.35 -53.46
CA LEU IA 213 29.36 20.45 -53.07
C LEU IA 213 29.72 19.03 -53.47
N MET IA 214 29.60 18.09 -52.55
CA MET IA 214 29.86 16.68 -52.82
C MET IA 214 28.53 15.93 -52.81
N ILE IA 215 28.09 15.51 -53.98
CA ILE IA 215 26.79 14.85 -54.16
C ILE IA 215 27.02 13.37 -54.42
N GLN IA 216 26.33 12.53 -53.67
CA GLN IA 216 26.36 11.09 -53.85
C GLN IA 216 24.96 10.65 -54.26
N ALA IA 217 24.86 9.97 -55.40
CA ALA IA 217 23.57 9.52 -55.89
C ALA IA 217 23.11 8.34 -55.04
N THR IA 218 22.03 8.55 -54.28
CA THR IA 218 21.49 7.47 -53.45
C THR IA 218 20.78 6.43 -54.30
N LYS IA 219 20.03 6.87 -55.31
CA LYS IA 219 19.27 5.98 -56.17
C LYS IA 219 19.98 5.77 -57.50
N LEU IA 220 19.64 4.66 -58.15
CA LEU IA 220 20.36 4.25 -59.36
C LEU IA 220 20.17 5.24 -60.49
N TYR IA 221 18.93 5.40 -60.95
CA TYR IA 221 18.65 6.17 -62.16
C TYR IA 221 17.76 7.38 -61.93
N ASN IA 222 17.31 7.62 -60.70
CA ASN IA 222 16.46 8.77 -60.43
C ASN IA 222 17.27 10.05 -60.53
N TYR IA 223 16.86 10.93 -61.45
CA TYR IA 223 17.54 12.20 -61.67
C TYR IA 223 16.71 13.35 -61.11
N GLY IA 224 17.37 14.46 -60.87
CA GLY IA 224 16.71 15.63 -60.34
C GLY IA 224 17.45 16.89 -60.72
N ASN IA 225 17.20 17.95 -59.96
CA ASN IA 225 17.90 19.21 -60.18
C ASN IA 225 18.34 19.78 -58.83
N LEU IA 226 19.09 20.88 -58.91
CA LEU IA 226 19.66 21.52 -57.74
C LEU IA 226 19.86 23.00 -58.03
N ALA IA 227 19.65 23.83 -57.01
CA ALA IA 227 19.86 25.26 -57.09
C ALA IA 227 21.02 25.65 -56.20
N VAL IA 228 21.91 26.50 -56.72
CA VAL IA 228 23.09 26.94 -56.00
C VAL IA 228 23.14 28.46 -56.04
N ARG IA 229 22.76 29.10 -54.93
CA ARG IA 229 22.85 30.54 -54.81
C ARG IA 229 24.24 30.89 -54.32
N LEU IA 230 25.01 31.58 -55.17
CA LEU IA 230 26.39 31.94 -54.86
C LEU IA 230 26.43 33.24 -54.06
N ARG IA 231 27.65 33.70 -53.76
CA ARG IA 231 27.82 34.84 -52.85
C ARG IA 231 27.36 36.14 -53.50
N GLY IA 232 28.02 36.53 -54.58
CA GLY IA 232 27.72 37.77 -55.26
C GLY IA 232 26.67 37.69 -56.35
N LEU IA 233 26.02 36.54 -56.51
CA LEU IA 233 25.06 36.33 -57.58
C LEU IA 233 23.64 36.45 -57.05
N ASN IA 234 22.85 37.32 -57.68
CA ASN IA 234 21.41 37.30 -57.48
C ASN IA 234 20.75 36.16 -58.25
N THR IA 235 21.30 35.83 -59.41
CA THR IA 235 20.75 34.76 -60.23
C THR IA 235 21.30 33.41 -59.75
N PRO IA 236 20.45 32.50 -59.28
CA PRO IA 236 20.95 31.20 -58.82
C PRO IA 236 21.41 30.34 -59.98
N VAL IA 237 22.32 29.42 -59.68
CA VAL IA 237 22.85 28.49 -60.67
C VAL IA 237 21.98 27.24 -60.63
N MET IA 238 21.40 26.90 -61.78
CA MET IA 238 20.52 25.74 -61.89
C MET IA 238 21.29 24.60 -62.54
N LEU IA 239 21.32 23.44 -61.87
CA LEU IA 239 21.97 22.27 -62.43
C LEU IA 239 21.02 21.10 -62.42
N THR IA 240 21.19 20.19 -63.38
CA THR IA 240 20.42 18.96 -63.42
C THR IA 240 21.35 17.77 -63.23
N LEU IA 241 21.03 16.93 -62.26
CA LEU IA 241 21.88 15.80 -61.86
C LEU IA 241 21.22 14.52 -62.32
N ILE IA 242 21.91 13.78 -63.21
CA ILE IA 242 21.44 12.48 -63.68
C ILE IA 242 22.48 11.43 -63.29
N PRO IA 243 22.12 10.41 -62.52
CA PRO IA 243 23.04 9.31 -62.22
C PRO IA 243 22.88 8.18 -63.22
N GLY IA 244 23.78 7.21 -63.12
CA GLY IA 244 23.71 6.03 -63.96
C GLY IA 244 24.06 6.27 -65.41
N GLN IA 245 25.00 7.16 -65.70
CA GLN IA 245 25.42 7.45 -67.05
C GLN IA 245 26.68 6.66 -67.40
N LYS IA 246 27.05 6.70 -68.68
CA LYS IA 246 28.28 6.05 -69.13
C LYS IA 246 29.53 6.76 -68.61
N ALA IA 247 29.38 7.96 -68.07
CA ALA IA 247 30.47 8.68 -67.43
C ALA IA 247 30.02 9.11 -66.04
N VAL IA 248 30.98 9.16 -65.12
CA VAL IA 248 30.74 9.68 -63.77
C VAL IA 248 31.70 10.84 -63.55
N ASP IA 249 31.13 11.99 -63.20
CA ASP IA 249 31.92 13.21 -63.00
C ASP IA 249 32.46 13.21 -61.59
N TYR IA 250 33.73 12.79 -61.44
CA TYR IA 250 34.36 12.86 -60.13
C TYR IA 250 34.51 14.30 -59.68
N ARG IA 251 34.64 15.24 -60.61
CA ARG IA 251 34.73 16.65 -60.28
C ARG IA 251 34.34 17.47 -61.51
N VAL IA 252 33.53 18.51 -61.28
CA VAL IA 252 33.09 19.41 -62.33
C VAL IA 252 33.54 20.82 -61.96
N ASP IA 253 34.27 21.47 -62.87
CA ASP IA 253 34.74 22.84 -62.67
C ASP IA 253 33.75 23.77 -63.37
N LEU IA 254 32.82 24.31 -62.59
CA LEU IA 254 31.71 25.09 -63.15
C LEU IA 254 32.10 26.56 -63.20
N ARG IA 255 32.39 27.06 -64.39
CA ARG IA 255 32.83 28.45 -64.58
C ARG IA 255 31.61 29.32 -64.82
N VAL IA 256 31.09 29.90 -63.73
CA VAL IA 256 29.92 30.77 -63.82
C VAL IA 256 30.28 32.06 -64.55
N GLN IA 257 29.27 32.68 -65.16
CA GLN IA 257 29.49 33.81 -66.06
C GLN IA 257 30.03 35.05 -65.34
N GLY IA 258 29.66 35.24 -64.08
CA GLY IA 258 29.97 36.48 -63.38
C GLY IA 258 31.37 36.51 -62.81
N TYR IA 259 31.63 37.56 -62.04
CA TYR IA 259 32.88 37.74 -61.31
C TYR IA 259 32.59 37.63 -59.82
N GLY IA 260 33.28 36.71 -59.15
CA GLY IA 260 33.04 36.44 -57.75
C GLY IA 260 33.76 37.40 -56.84
N PRO IA 261 33.72 37.13 -55.52
CA PRO IA 261 34.39 38.00 -54.56
C PRO IA 261 35.91 37.94 -54.62
N ASN IA 262 36.48 36.98 -55.33
CA ASN IA 262 37.92 36.88 -55.54
C ASN IA 262 38.23 37.11 -57.01
N ALA IA 263 39.16 38.02 -57.27
CA ALA IA 263 39.53 38.36 -58.65
C ALA IA 263 41.02 38.10 -58.91
N CYS JA 1 -7.93 10.25 -83.09
CA CYS JA 1 -7.32 11.25 -82.21
C CYS JA 1 -7.99 12.60 -82.36
N THR JA 2 -7.39 13.48 -83.17
CA THR JA 2 -7.97 14.80 -83.39
C THR JA 2 -9.29 14.72 -84.15
N ASP JA 3 -9.36 13.88 -85.18
CA ASP JA 3 -10.62 13.74 -85.92
C ASP JA 3 -11.71 13.16 -85.03
N ALA JA 4 -11.37 12.15 -84.23
CA ALA JA 4 -12.35 11.57 -83.32
C ALA JA 4 -12.79 12.60 -82.28
N ALA JA 5 -11.86 13.40 -81.77
CA ALA JA 5 -12.21 14.42 -80.78
C ALA JA 5 -13.15 15.47 -81.38
N LEU JA 6 -12.85 15.94 -82.59
CA LEU JA 6 -13.71 16.93 -83.22
C LEU JA 6 -15.09 16.35 -83.56
N ALA JA 7 -15.12 15.09 -84.01
CA ALA JA 7 -16.40 14.45 -84.31
C ALA JA 7 -17.23 14.28 -83.04
N ALA JA 8 -16.60 13.88 -81.94
CA ALA JA 8 -17.33 13.76 -80.68
C ALA JA 8 -17.80 15.12 -80.18
N LEU JA 9 -16.98 16.15 -80.35
CA LEU JA 9 -17.39 17.50 -79.94
C LEU JA 9 -18.59 17.97 -80.74
N GLU JA 10 -18.59 17.75 -82.06
CA GLU JA 10 -19.74 18.16 -82.86
C GLU JA 10 -20.96 17.30 -82.57
N TYR JA 11 -20.76 16.02 -82.22
CA TYR JA 11 -21.88 15.18 -81.81
C TYR JA 11 -22.50 15.69 -80.51
N HIS JA 12 -21.67 16.12 -79.56
CA HIS JA 12 -22.17 16.68 -78.32
C HIS JA 12 -22.84 18.03 -78.54
N LYS JA 13 -22.31 18.85 -79.45
CA LYS JA 13 -22.91 20.14 -79.71
C LYS JA 13 -24.25 20.02 -80.43
N SER JA 14 -24.35 19.11 -81.41
CA SER JA 14 -25.62 18.90 -82.09
C SER JA 14 -26.63 18.20 -81.19
N ASN JA 15 -26.17 17.23 -80.40
CA ASN JA 15 -27.01 16.51 -79.45
C ASN JA 15 -26.64 17.03 -78.05
N ALA JA 16 -27.34 18.08 -77.62
CA ALA JA 16 -27.01 18.82 -76.40
C ALA JA 16 -26.82 17.92 -75.18
N CYS KA 1 -15.51 21.58 -73.82
CA CYS KA 1 -16.46 20.56 -73.40
C CYS KA 1 -15.84 19.17 -73.49
N VAL KA 2 -14.69 19.08 -74.14
CA VAL KA 2 -13.99 17.83 -74.34
C VAL KA 2 -12.83 17.73 -73.35
N SER KA 3 -12.71 16.57 -72.70
CA SER KA 3 -11.57 16.25 -71.87
C SER KA 3 -10.67 15.31 -72.67
N MET KA 4 -9.42 15.71 -72.88
CA MET KA 4 -8.58 15.03 -73.86
C MET KA 4 -8.23 13.61 -73.43
N ILE KA 5 -8.22 13.33 -72.13
CA ILE KA 5 -7.86 12.00 -71.65
C ILE KA 5 -8.86 10.93 -72.07
N GLY KA 6 -10.14 11.28 -72.14
CA GLY KA 6 -11.15 10.33 -72.58
C GLY KA 6 -11.20 10.21 -74.09
N GLY KA 7 -10.04 10.20 -74.73
CA GLY KA 7 -9.95 10.11 -76.18
C GLY KA 7 -9.74 8.67 -76.62
N SER KA 8 -10.53 8.26 -77.60
CA SER KA 8 -10.44 6.90 -78.14
C SER KA 8 -10.87 6.95 -79.60
N ARG KA 9 -10.05 6.37 -80.48
CA ARG KA 9 -10.38 6.34 -81.89
C ARG KA 9 -11.61 5.49 -82.15
N ARG LA 1 -15.54 9.70 -75.08
CA ARG LA 1 -15.57 11.06 -74.59
C ARG LA 1 -16.89 11.34 -73.88
N VAL LA 2 -16.85 12.16 -72.83
CA VAL LA 2 -18.02 12.48 -72.02
C VAL LA 2 -18.08 13.99 -71.81
N SER LA 3 -19.28 14.55 -71.96
CA SER LA 3 -19.49 15.98 -71.96
C SER LA 3 -19.51 16.54 -70.54
N ILE LA 4 -19.51 17.87 -70.43
CA ILE LA 4 -19.60 18.55 -69.13
C ILE LA 4 -21.03 18.53 -68.58
N GLY LA 5 -22.00 18.08 -69.36
CA GLY LA 5 -23.35 17.92 -68.84
C GLY LA 5 -23.56 16.67 -68.02
N GLY LA 6 -22.58 15.78 -67.97
CA GLY LA 6 -22.71 14.50 -67.28
C GLY LA 6 -23.12 13.35 -68.17
N THR LA 7 -23.54 13.62 -69.40
CA THR LA 7 -23.94 12.58 -70.32
C THR LA 7 -22.78 12.19 -71.23
N VAL LA 8 -22.80 10.95 -71.71
CA VAL LA 8 -21.76 10.43 -72.58
C VAL LA 8 -22.09 10.79 -74.03
N TYR LA 9 -21.11 11.32 -74.75
CA TYR LA 9 -21.22 11.62 -76.17
C TYR LA 9 -19.88 11.29 -76.80
N THR LA 10 -19.80 10.17 -77.52
CA THR LA 10 -18.54 9.63 -78.01
C THR LA 10 -18.61 9.39 -79.51
N ALA LA 11 -17.46 9.53 -80.16
CA ALA LA 11 -17.35 9.28 -81.59
C ALA LA 11 -17.32 7.77 -81.86
N LYS LA 12 -17.58 7.41 -83.12
CA LYS LA 12 -17.68 6.00 -83.47
C LYS LA 12 -16.33 5.38 -83.80
N LYS LA 13 -15.68 5.85 -84.87
CA LYS LA 13 -14.40 5.30 -85.31
C LYS LA 13 -13.73 6.29 -86.24
N TYR LA 14 -12.62 6.87 -85.80
CA TYR LA 14 -11.89 7.85 -86.61
C TYR LA 14 -10.40 7.67 -86.36
N ASP LA 15 -9.64 7.53 -87.43
CA ASP LA 15 -8.20 7.30 -87.37
C ASP LA 15 -7.47 8.29 -88.26
N ASP LA 16 -6.21 8.57 -87.91
CA ASP LA 16 -5.36 9.45 -88.72
C ASP LA 16 -3.91 9.01 -88.65
N PRO MA 1 -4.64 9.30 -75.37
CA PRO MA 1 -3.95 8.09 -75.83
C PRO MA 1 -3.83 8.04 -77.34
N PHE MA 2 -2.89 8.80 -77.90
CA PHE MA 2 -2.80 9.02 -79.34
C PHE MA 2 -1.39 8.69 -79.82
N GLY MA 3 -1.13 8.96 -81.09
CA GLY MA 3 0.14 8.63 -81.70
C GLY MA 3 0.98 9.84 -82.07
N ALA MA 4 0.40 11.03 -81.95
CA ALA MA 4 1.10 12.27 -82.25
C ALA MA 4 1.72 12.90 -81.01
N ASP MA 5 1.78 12.17 -79.90
CA ASP MA 5 2.34 12.69 -78.66
C ASP MA 5 3.82 13.08 -78.82
N ARG NA 207 2.81 38.10 -90.22
CA ARG NA 207 1.89 38.15 -89.09
C ARG NA 207 2.63 37.91 -87.78
N ILE NA 208 1.89 37.49 -86.76
CA ILE NA 208 2.44 37.18 -85.44
C ILE NA 208 2.24 35.70 -85.18
N ILE NA 209 3.32 35.01 -84.85
CA ILE NA 209 3.29 33.57 -84.62
C ILE NA 209 3.09 33.32 -83.13
N TYR NA 210 2.12 32.47 -82.81
CA TYR NA 210 1.78 32.14 -81.42
C TYR NA 210 2.23 30.73 -81.10
N TYR NA 211 2.93 30.58 -79.98
CA TYR NA 211 3.35 29.28 -79.46
C TYR NA 211 2.61 29.02 -78.15
N ILE NA 212 2.46 27.75 -77.81
CA ILE NA 212 1.88 27.38 -76.52
C ILE NA 212 2.95 27.55 -75.45
N GLN NA 213 2.65 28.38 -74.45
CA GLN NA 213 3.47 28.48 -73.26
C GLN NA 213 3.13 27.38 -72.26
N ALA NA 214 1.84 27.15 -72.03
CA ALA NA 214 1.39 26.05 -71.18
C ALA NA 214 0.02 25.62 -71.65
N VAL NA 215 -0.34 24.37 -71.35
CA VAL NA 215 -1.62 23.82 -71.77
C VAL NA 215 -2.16 22.90 -70.68
N ILE NA 216 -3.46 22.96 -70.47
CA ILE NA 216 -4.20 22.08 -69.57
C ILE NA 216 -5.54 21.80 -70.23
N PRO NA 217 -6.30 20.78 -69.81
CA PRO NA 217 -7.65 20.61 -70.36
C PRO NA 217 -8.50 21.84 -70.19
N GLY NA 218 -8.88 22.47 -71.31
CA GLY NA 218 -9.54 23.75 -71.26
C GLY NA 218 -8.64 24.90 -71.67
N ARG NA 219 -8.18 25.69 -70.71
CA ARG NA 219 -7.38 26.86 -71.00
C ARG NA 219 -6.03 26.47 -71.59
N ALA NA 220 -5.47 27.39 -72.37
CA ALA NA 220 -4.12 27.26 -72.91
C ALA NA 220 -3.48 28.64 -72.91
N TRP NA 221 -2.35 28.77 -72.22
CA TRP NA 221 -1.59 30.02 -72.19
C TRP NA 221 -0.61 30.01 -73.35
N LEU NA 222 -0.66 31.06 -74.17
CA LEU NA 222 0.18 31.19 -75.35
C LEU NA 222 1.03 32.45 -75.25
N ILE NA 223 2.19 32.41 -75.90
CA ILE NA 223 3.08 33.55 -76.01
C ILE NA 223 3.42 33.75 -77.48
N GLY NA 224 3.27 35.00 -77.96
CA GLY NA 224 3.54 35.33 -79.33
C GLY NA 224 4.97 35.77 -79.55
N SER NA 225 5.21 36.34 -80.74
CA SER NA 225 6.53 36.83 -81.09
C SER NA 225 6.83 38.21 -80.52
N ASN NA 226 5.81 38.92 -80.03
CA ASN NA 226 6.00 40.24 -79.44
C ASN NA 226 6.21 40.18 -77.94
N GLY NA 227 6.26 38.99 -77.35
CA GLY NA 227 6.33 38.85 -75.92
C GLY NA 227 4.99 38.95 -75.21
N SER NA 228 3.89 39.16 -75.95
CA SER NA 228 2.58 39.23 -75.34
C SER NA 228 2.14 37.85 -74.87
N THR NA 229 1.37 37.83 -73.78
CA THR NA 229 0.85 36.60 -73.20
C THR NA 229 -0.67 36.60 -73.33
N LEU NA 230 -1.22 35.48 -73.78
CA LEU NA 230 -2.65 35.32 -73.99
C LEU NA 230 -3.09 34.01 -73.35
N THR NA 231 -4.39 33.89 -73.11
CA THR NA 231 -4.98 32.64 -72.66
C THR NA 231 -6.25 32.38 -73.47
N VAL NA 232 -6.42 31.15 -73.94
CA VAL NA 232 -7.50 30.81 -74.85
C VAL NA 232 -8.25 29.59 -74.34
N ARG NA 233 -9.50 29.47 -74.78
CA ARG NA 233 -10.39 28.38 -74.40
C ARG NA 233 -10.86 27.68 -75.67
N GLU NA 234 -11.78 26.71 -75.51
CA GLU NA 234 -12.20 25.85 -76.61
C GLU NA 234 -12.60 26.66 -77.84
N GLY NA 235 -13.44 27.68 -77.66
CA GLY NA 235 -13.72 28.62 -78.72
C GLY NA 235 -13.37 30.03 -78.30
N SER NA 236 -12.36 30.61 -78.93
CA SER NA 236 -11.89 31.93 -78.54
C SER NA 236 -11.09 32.54 -79.68
N LYS NA 237 -11.30 33.83 -79.91
CA LYS NA 237 -10.65 34.52 -81.01
C LYS NA 237 -9.17 34.73 -80.73
N ILE NA 238 -8.33 34.47 -81.73
CA ILE NA 238 -6.91 34.75 -81.68
C ILE NA 238 -6.58 35.69 -82.83
N PRO NA 239 -5.89 36.80 -82.60
CA PRO NA 239 -5.58 37.73 -83.70
C PRO NA 239 -4.68 37.08 -84.73
N GLY NA 240 -5.18 36.99 -85.96
CA GLY NA 240 -4.45 36.40 -87.07
C GLY NA 240 -4.68 34.91 -87.26
N TYR NA 241 -4.86 34.18 -86.17
CA TYR NA 241 -5.06 32.74 -86.24
C TYR NA 241 -6.53 32.34 -86.32
N GLY NA 242 -7.45 33.29 -86.29
CA GLY NA 242 -8.86 32.98 -86.39
C GLY NA 242 -9.53 32.74 -85.05
N MET NA 243 -10.20 31.60 -84.92
CA MET NA 243 -10.89 31.22 -83.69
C MET NA 243 -10.46 29.81 -83.30
N VAL NA 244 -10.25 29.60 -82.01
CA VAL NA 244 -9.81 28.29 -81.52
C VAL NA 244 -10.89 27.26 -81.80
N LYS NA 245 -10.50 26.12 -82.36
CA LYS NA 245 -11.42 25.03 -82.68
C LYS NA 245 -11.25 23.83 -81.76
N LEU NA 246 -10.03 23.55 -81.33
CA LEU NA 246 -9.77 22.42 -80.43
C LEU NA 246 -8.46 22.66 -79.71
N ILE NA 247 -8.37 22.18 -78.47
CA ILE NA 247 -7.19 22.30 -77.64
C ILE NA 247 -6.83 20.91 -77.15
N ASP NA 248 -5.92 20.24 -77.85
CA ASP NA 248 -5.40 18.94 -77.46
C ASP NA 248 -4.35 19.16 -76.38
N SER NA 249 -4.73 18.93 -75.12
CA SER NA 249 -3.82 19.17 -74.01
C SER NA 249 -2.75 18.09 -73.90
N LEU NA 250 -3.04 16.86 -74.33
CA LEU NA 250 -2.07 15.78 -74.19
C LEU NA 250 -0.92 15.96 -75.18
N GLN NA 251 -1.21 16.32 -76.43
CA GLN NA 251 -0.16 16.56 -77.40
C GLN NA 251 0.35 17.99 -77.38
N GLY NA 252 -0.28 18.88 -76.62
CA GLY NA 252 0.11 20.28 -76.66
C GLY NA 252 -0.16 20.93 -78.00
N ARG NA 253 -1.32 20.63 -78.60
CA ARG NA 253 -1.69 21.17 -79.90
C ARG NA 253 -2.94 22.02 -79.77
N ILE NA 254 -3.08 22.99 -80.67
CA ILE NA 254 -4.27 23.82 -80.74
C ILE NA 254 -4.66 23.95 -82.20
N LEU NA 255 -5.81 23.37 -82.57
CA LEU NA 255 -6.36 23.52 -83.91
C LEU NA 255 -7.24 24.77 -83.93
N THR NA 256 -6.98 25.66 -84.87
CA THR NA 256 -7.76 26.87 -85.06
C THR NA 256 -8.59 26.77 -86.33
N SER NA 257 -9.49 27.74 -86.51
CA SER NA 257 -10.41 27.72 -87.64
C SER NA 257 -9.69 27.96 -88.96
N SER NA 258 -8.66 28.81 -88.97
CA SER NA 258 -7.93 29.12 -90.19
C SER NA 258 -6.99 28.00 -90.61
N GLY NA 259 -7.01 26.87 -89.93
CA GLY NA 259 -6.14 25.76 -90.24
C GLY NA 259 -4.78 25.82 -89.59
N GLN NA 260 -4.38 26.97 -89.06
CA GLN NA 260 -3.10 27.08 -88.39
C GLN NA 260 -3.13 26.32 -87.07
N VAL NA 261 -2.02 25.63 -86.78
CA VAL NA 261 -1.89 24.83 -85.56
C VAL NA 261 -0.89 25.51 -84.64
N ILE NA 262 -1.29 25.70 -83.39
CA ILE NA 262 -0.42 26.26 -82.36
C ILE NA 262 0.20 25.11 -81.58
N LYS NA 263 1.52 25.15 -81.43
CA LYS NA 263 2.25 24.11 -80.71
C LYS NA 263 3.27 24.77 -79.81
N PHE NA 264 3.85 23.96 -78.92
CA PHE NA 264 4.97 24.42 -78.10
C PHE NA 264 6.12 24.87 -78.98
N SER NA 265 6.83 25.90 -78.53
CA SER NA 265 7.94 26.43 -79.30
C SER NA 265 9.02 25.37 -79.46
N GLN NA 266 9.68 25.40 -80.63
CA GLN NA 266 10.68 24.38 -80.94
C GLN NA 266 11.84 24.41 -79.94
N GLU NA 267 12.28 25.60 -79.56
CA GLU NA 267 13.33 25.76 -78.57
C GLU NA 267 12.80 25.76 -77.14
N ASP NA 268 11.58 25.24 -76.93
CA ASP NA 268 10.99 25.18 -75.60
C ASP NA 268 10.40 23.82 -75.24
N SER NA 269 10.06 22.98 -76.20
CA SER NA 269 9.45 21.69 -75.91
C SER NA 269 10.47 20.57 -75.88
N GLN OA 791 -6.04 -22.76 -65.02
CA GLN OA 791 -6.92 -21.60 -64.86
C GLN OA 791 -6.55 -20.81 -63.60
N GLN OA 792 -6.39 -21.52 -62.49
CA GLN OA 792 -6.12 -20.88 -61.21
C GLN OA 792 -4.76 -20.16 -61.21
N GLU OA 793 -3.81 -20.64 -62.02
CA GLU OA 793 -2.53 -19.96 -62.13
C GLU OA 793 -2.69 -18.53 -62.63
N ILE OA 794 -3.75 -18.27 -63.41
CA ILE OA 794 -4.00 -16.92 -63.90
C ILE OA 794 -4.34 -15.98 -62.74
N GLN OA 795 -5.23 -16.43 -61.84
CA GLN OA 795 -5.54 -15.61 -60.66
C GLN OA 795 -4.32 -15.47 -59.77
N GLN OA 796 -3.52 -16.53 -59.63
CA GLN OA 796 -2.31 -16.43 -58.80
C GLN OA 796 -1.35 -15.38 -59.37
N ARG OA 797 -1.14 -15.41 -60.69
CA ARG OA 797 -0.27 -14.44 -61.34
C ARG OA 797 -0.82 -13.02 -61.20
N THR OA 798 -2.13 -12.86 -61.40
CA THR OA 798 -2.74 -11.55 -61.26
C THR OA 798 -2.56 -11.02 -59.84
N SER OA 799 -2.68 -11.90 -58.83
CA SER OA 799 -2.47 -11.48 -57.45
C SER OA 799 -1.03 -11.02 -57.23
N ASP OA 800 -0.06 -11.79 -57.73
CA ASP OA 800 1.34 -11.38 -57.55
C ASP OA 800 1.61 -10.02 -58.20
N MET OA 801 1.15 -9.85 -59.44
CA MET OA 801 1.42 -8.59 -60.11
C MET OA 801 0.63 -7.43 -59.49
N LEU OA 802 -0.53 -7.69 -58.90
CA LEU OA 802 -1.24 -6.62 -58.20
C LEU OA 802 -0.50 -6.21 -56.95
N THR OA 803 0.08 -7.18 -56.22
CA THR OA 803 0.89 -6.84 -55.06
C THR OA 803 2.12 -6.02 -55.48
N ALA OA 804 2.72 -6.37 -56.62
CA ALA OA 804 3.83 -5.57 -57.13
C ALA OA 804 3.38 -4.18 -57.55
N ALA OA 805 2.20 -4.09 -58.18
CA ALA OA 805 1.75 -2.83 -58.76
C ALA OA 805 1.34 -1.83 -57.70
N THR OA 806 0.70 -2.29 -56.62
CA THR OA 806 0.35 -1.39 -55.54
C THR OA 806 1.61 -0.77 -54.93
N GLN OA 807 2.64 -1.59 -54.70
CA GLN OA 807 3.89 -1.06 -54.16
C GLN OA 807 4.55 -0.10 -55.14
N LEU OA 808 4.53 -0.42 -56.44
CA LEU OA 808 5.12 0.46 -57.44
C LEU OA 808 4.41 1.81 -57.48
N VAL OA 809 3.07 1.79 -57.45
CA VAL OA 809 2.31 3.03 -57.45
C VAL OA 809 2.58 3.83 -56.19
N GLN OA 810 2.66 3.16 -55.04
CA GLN OA 810 2.97 3.84 -53.80
C GLN OA 810 4.35 4.50 -53.86
N ASP OA 811 5.33 3.81 -54.45
CA ASP OA 811 6.66 4.40 -54.61
C ASP OA 811 6.63 5.60 -55.54
N TRP OA 812 5.82 5.53 -56.60
CA TRP OA 812 5.74 6.65 -57.53
C TRP OA 812 5.03 7.85 -56.90
N LYS OA 813 4.06 7.61 -56.01
CA LYS OA 813 3.36 8.70 -55.36
C LYS OA 813 4.26 9.50 -54.41
N GLN OA 814 5.34 8.89 -53.92
CA GLN OA 814 6.20 9.57 -52.96
C GLN OA 814 6.99 10.68 -53.63
N VAL OA 815 7.01 11.85 -53.00
CA VAL OA 815 7.81 12.98 -53.43
C VAL OA 815 8.42 13.61 -52.19
N GLU OA 816 9.76 13.64 -52.13
CA GLU OA 816 10.46 14.23 -51.00
C GLU OA 816 10.55 15.74 -51.19
N THR OA 817 10.11 16.49 -50.19
CA THR OA 817 10.12 17.94 -50.28
C THR OA 817 11.55 18.46 -50.35
N GLN OA 818 11.72 19.57 -51.06
CA GLN OA 818 13.04 20.16 -51.25
C GLN OA 818 13.59 20.65 -49.92
N VAL OA 819 14.92 20.65 -49.82
CA VAL OA 819 15.63 21.10 -48.63
C VAL OA 819 16.44 22.34 -48.98
N TYR OA 820 16.34 23.36 -48.14
CA TYR OA 820 17.09 24.60 -48.31
C TYR OA 820 18.11 24.70 -47.19
N THR OA 821 19.38 24.69 -47.55
CA THR OA 821 20.48 24.71 -46.60
C THR OA 821 21.18 26.06 -46.69
N GLU OA 822 21.03 26.87 -45.64
CA GLU OA 822 21.65 28.19 -45.60
C GLU OA 822 23.10 28.10 -45.16
N GLY OA 823 23.94 28.92 -45.78
CA GLY OA 823 25.34 28.95 -45.43
C GLY OA 823 25.60 29.69 -44.13
N THR OA 824 26.84 29.61 -43.68
CA THR OA 824 27.26 30.26 -42.44
C THR OA 824 27.67 31.71 -42.69
N ALA PA 104 32.47 -45.61 -50.66
CA ALA PA 104 33.75 -45.24 -50.07
C ALA PA 104 33.85 -43.74 -49.85
N GLU PA 105 34.75 -43.08 -50.57
CA GLU PA 105 34.95 -41.65 -50.46
C GLU PA 105 34.18 -40.85 -51.50
N VAL PA 106 33.51 -41.50 -52.45
CA VAL PA 106 32.68 -40.78 -53.41
C VAL PA 106 31.47 -40.16 -52.72
N ILE PA 107 31.03 -40.73 -51.61
CA ILE PA 107 29.97 -40.12 -50.82
C ILE PA 107 30.37 -38.72 -50.39
N ASP PA 108 31.63 -38.54 -49.99
CA ASP PA 108 32.10 -37.20 -49.60
C ASP PA 108 32.04 -36.23 -50.77
N LYS PA 109 32.47 -36.66 -51.97
CA LYS PA 109 32.47 -35.76 -53.12
C LYS PA 109 31.05 -35.34 -53.51
N LYS PA 110 30.15 -36.31 -53.62
CA LYS PA 110 28.79 -35.99 -54.03
C LYS PA 110 28.03 -35.25 -52.93
N ALA PA 111 28.33 -35.52 -51.66
CA ALA PA 111 27.77 -34.74 -50.58
C ALA PA 111 28.27 -33.30 -50.62
N PHE PA 112 29.54 -33.11 -51.01
CA PHE PA 112 30.04 -31.75 -51.16
C PHE PA 112 29.35 -31.04 -52.31
N LYS PA 113 29.10 -31.75 -53.42
CA LYS PA 113 28.37 -31.15 -54.53
C LYS PA 113 26.98 -30.69 -54.07
N ASP PA 114 26.25 -31.57 -53.39
CA ASP PA 114 24.94 -31.20 -52.88
C ASP PA 114 25.04 -30.04 -51.89
N MET PA 115 26.08 -30.04 -51.06
CA MET PA 115 26.22 -29.02 -50.03
C MET PA 115 26.49 -27.64 -50.65
N THR PA 116 27.36 -27.57 -51.66
CA THR PA 116 27.60 -26.27 -52.28
C THR PA 116 26.42 -25.83 -53.14
N ARG PA 117 25.64 -26.78 -53.67
CA ARG PA 117 24.43 -26.37 -54.38
C ARG PA 117 23.37 -25.84 -53.42
N ASN PA 118 23.29 -26.39 -52.21
CA ASN PA 118 22.33 -25.90 -51.23
C ASN PA 118 22.79 -24.60 -50.57
N LEU PA 119 24.09 -24.42 -50.36
CA LEU PA 119 24.57 -23.22 -49.68
C LEU PA 119 24.47 -22.00 -50.58
N TYR PA 120 24.82 -22.15 -51.87
CA TYR PA 120 24.80 -21.07 -52.84
C TYR PA 120 23.88 -21.52 -53.98
N PRO PA 121 22.57 -21.39 -53.80
CA PRO PA 121 21.63 -21.84 -54.85
C PRO PA 121 21.79 -21.09 -56.17
N LEU PA 122 22.33 -19.88 -56.15
CA LEU PA 122 22.54 -19.10 -57.36
C LEU PA 122 24.00 -19.20 -57.77
N ASN PA 123 24.23 -19.71 -58.99
CA ASN PA 123 25.56 -19.74 -59.56
C ASN PA 123 26.05 -18.31 -59.80
N PRO PA 124 27.36 -18.11 -59.91
CA PRO PA 124 27.84 -16.75 -60.23
C PRO PA 124 27.24 -16.19 -61.51
N GLU PA 125 27.07 -17.02 -62.54
CA GLU PA 125 26.40 -16.60 -63.75
C GLU PA 125 24.97 -16.17 -63.46
N GLN PA 126 24.26 -16.96 -62.64
CA GLN PA 126 22.90 -16.59 -62.26
C GLN PA 126 22.89 -15.38 -61.34
N VAL PA 127 23.96 -15.14 -60.59
CA VAL PA 127 24.04 -13.94 -59.76
C VAL PA 127 24.15 -12.70 -60.65
N VAL PA 128 24.98 -12.76 -61.69
CA VAL PA 128 25.03 -11.61 -62.60
C VAL PA 128 23.72 -11.48 -63.37
N LYS PA 129 23.07 -12.60 -63.69
CA LYS PA 129 21.72 -12.55 -64.26
C LYS PA 129 20.78 -11.76 -63.37
N LEU PA 130 20.73 -12.12 -62.09
CA LEU PA 130 19.82 -11.48 -61.15
C LEU PA 130 20.16 -10.01 -60.98
N LYS PA 131 21.45 -9.67 -60.91
CA LYS PA 131 21.84 -8.28 -60.77
C LYS PA 131 21.41 -7.46 -61.99
N GLN PA 132 21.60 -8.01 -63.19
CA GLN PA 132 21.18 -7.31 -64.40
C GLN PA 132 19.66 -7.15 -64.45
N ILE PA 133 18.92 -8.19 -64.05
CA ILE PA 133 17.47 -8.10 -64.04
C ILE PA 133 17.01 -7.03 -63.06
N TYR PA 134 17.64 -6.97 -61.88
CA TYR PA 134 17.31 -5.94 -60.90
C TYR PA 134 17.59 -4.54 -61.44
N GLU PA 135 18.75 -4.35 -62.09
CA GLU PA 135 19.07 -3.04 -62.62
C GLU PA 135 18.10 -2.64 -63.73
N THR PA 136 17.72 -3.59 -64.59
CA THR PA 136 16.74 -3.29 -65.64
C THR PA 136 15.39 -2.92 -65.04
N SER PA 137 14.98 -3.63 -63.97
CA SER PA 137 13.73 -3.29 -63.30
C SER PA 137 13.79 -1.88 -62.70
N GLU PA 138 14.92 -1.52 -62.09
CA GLU PA 138 15.04 -0.18 -61.54
C GLU PA 138 15.05 0.88 -62.64
N TYR PA 139 15.67 0.59 -63.78
CA TYR PA 139 15.64 1.51 -64.91
C TYR PA 139 14.22 1.70 -65.43
N ALA PA 140 13.45 0.60 -65.52
CA ALA PA 140 12.06 0.71 -65.94
C ALA PA 140 11.24 1.51 -64.94
N LYS PA 141 11.49 1.30 -63.64
CA LYS PA 141 10.73 2.01 -62.61
C LYS PA 141 11.06 3.50 -62.60
N ALA PA 142 12.32 3.85 -62.85
CA ALA PA 142 12.76 5.24 -62.80
C ALA PA 142 12.59 5.97 -64.13
N ALA PA 143 12.19 5.27 -65.19
CA ALA PA 143 12.05 5.91 -66.49
C ALA PA 143 10.83 6.83 -66.50
N THR PA 144 11.02 8.03 -67.02
CA THR PA 144 9.93 8.99 -67.14
C THR PA 144 9.03 8.60 -68.31
N PRO PA 145 7.71 8.55 -68.11
CA PRO PA 145 6.81 8.23 -69.24
C PRO PA 145 6.75 9.37 -70.22
N GLY PA 146 7.12 9.08 -71.47
CA GLY PA 146 7.20 10.10 -72.48
C GLY PA 146 8.47 10.92 -72.36
N THR PA 147 8.46 12.05 -73.04
CA THR PA 147 9.60 12.95 -73.00
C THR PA 147 9.62 13.73 -71.69
N PRO PA 148 10.74 13.75 -70.97
CA PRO PA 148 10.85 14.66 -69.83
C PRO PA 148 10.78 16.10 -70.29
N PRO PA 149 10.28 17.00 -69.44
CA PRO PA 149 10.19 18.41 -69.85
C PRO PA 149 11.57 18.99 -70.12
N LYS PA 150 11.63 19.86 -71.12
CA LYS PA 150 12.89 20.53 -71.45
C LYS PA 150 13.23 21.52 -70.35
N PRO PA 151 14.42 21.43 -69.76
CA PRO PA 151 14.80 22.39 -68.71
C PRO PA 151 15.21 23.73 -69.32
N THR PA 152 14.37 24.74 -69.13
CA THR PA 152 14.59 26.05 -69.72
C THR PA 152 14.67 27.10 -68.62
N ALA PA 153 15.53 28.09 -68.83
CA ALA PA 153 15.59 29.28 -67.99
C ALA PA 153 14.99 30.43 -68.79
N THR PA 154 13.76 30.80 -68.45
CA THR PA 154 13.02 31.79 -69.23
C THR PA 154 13.02 33.15 -68.53
N SER PA 155 12.52 34.15 -69.26
CA SER PA 155 12.42 35.51 -68.75
C SER PA 155 11.08 36.09 -69.21
N GLN PA 156 10.31 36.59 -68.25
CA GLN PA 156 9.00 37.17 -68.54
C GLN PA 156 8.98 38.61 -68.06
N PHE PA 157 8.09 39.40 -68.67
CA PHE PA 157 7.85 40.78 -68.24
C PHE PA 157 6.46 40.83 -67.62
N VAL PA 158 6.40 41.21 -66.34
CA VAL PA 158 5.15 41.24 -65.59
C VAL PA 158 4.48 42.59 -65.84
N ASN PA 159 3.32 42.55 -66.48
CA ASN PA 159 2.51 43.75 -66.71
C ASN PA 159 1.37 43.75 -65.69
N LEU PA 160 1.38 44.75 -64.80
CA LEU PA 160 0.41 44.83 -63.72
C LEU PA 160 -0.83 45.62 -64.09
N SER PA 161 -0.90 46.15 -65.31
CA SER PA 161 -2.09 46.87 -65.73
C SER PA 161 -3.28 45.91 -65.80
N PRO PA 162 -4.48 46.38 -65.46
CA PRO PA 162 -5.66 45.50 -65.53
C PRO PA 162 -5.90 45.02 -66.96
N GLY PA 163 -6.34 43.76 -67.06
CA GLY PA 163 -6.54 43.11 -68.34
C GLY PA 163 -5.36 42.29 -68.82
N SER PA 164 -4.22 42.38 -68.15
CA SER PA 164 -3.04 41.60 -68.52
C SER PA 164 -3.05 40.25 -67.82
N THR PA 165 -2.72 39.22 -68.59
CA THR PA 165 -2.75 37.86 -68.06
C THR PA 165 -1.63 37.64 -67.07
N PRO PA 166 -1.89 37.06 -65.91
CA PRO PA 166 -0.82 36.79 -64.95
C PRO PA 166 0.19 35.82 -65.54
N PRO PA 167 1.47 35.99 -65.20
CA PRO PA 167 2.49 35.08 -65.75
C PRO PA 167 2.27 33.65 -65.30
N VAL PA 168 2.63 32.73 -66.19
CA VAL PA 168 2.48 31.29 -65.95
C VAL PA 168 3.86 30.70 -65.77
N ILE PA 169 4.01 29.89 -64.72
CA ILE PA 169 5.27 29.23 -64.38
C ILE PA 169 5.11 27.75 -64.63
N ARG PA 170 5.95 27.20 -65.51
CA ARG PA 170 5.94 25.79 -65.85
C ARG PA 170 6.78 25.05 -64.82
N LEU PA 171 6.13 24.17 -64.06
CA LEU PA 171 6.79 23.38 -63.02
C LEU PA 171 6.87 21.93 -63.43
N SER PA 172 7.41 21.11 -62.54
CA SER PA 172 7.49 19.67 -62.73
C SER PA 172 7.56 19.02 -61.36
N GLN PA 173 6.91 17.87 -61.23
CA GLN PA 173 6.83 17.20 -59.93
C GLN PA 173 8.21 16.80 -59.45
N GLY PA 174 8.60 17.28 -58.27
CA GLY PA 174 9.89 16.99 -57.70
C GLY PA 174 11.04 17.85 -58.18
N PHE PA 175 10.78 18.87 -58.99
CA PHE PA 175 11.81 19.72 -59.54
C PHE PA 175 11.68 21.13 -58.97
N VAL PA 176 12.84 21.75 -58.72
CA VAL PA 176 12.89 23.09 -58.14
C VAL PA 176 12.85 24.12 -59.26
N SER PA 177 11.87 25.03 -59.19
CA SER PA 177 11.77 26.16 -60.08
C SER PA 177 11.96 27.44 -59.27
N SER PA 178 12.93 28.25 -59.66
CA SER PA 178 13.30 29.45 -58.92
C SER PA 178 12.85 30.68 -59.70
N LEU PA 179 12.05 31.52 -59.06
CA LEU PA 179 11.68 32.82 -59.63
C LEU PA 179 12.52 33.89 -58.96
N VAL PA 180 13.24 34.66 -59.75
CA VAL PA 180 13.86 35.90 -59.29
C VAL PA 180 12.99 37.05 -59.77
N PHE PA 181 12.70 37.99 -58.87
CA PHE PA 181 11.87 39.14 -59.19
C PHE PA 181 12.77 40.35 -59.39
N LEU PA 182 12.66 40.94 -60.58
CA LEU PA 182 13.45 42.10 -60.96
C LEU PA 182 12.50 43.22 -61.36
N ASP PA 183 12.96 44.45 -61.19
CA ASP PA 183 12.21 45.62 -61.63
C ASP PA 183 12.46 45.84 -63.11
N SER PA 184 11.93 46.93 -63.66
CA SER PA 184 12.11 47.21 -65.09
C SER PA 184 13.57 47.48 -65.43
N THR PA 185 14.37 47.90 -64.45
CA THR PA 185 15.79 48.14 -64.68
C THR PA 185 16.64 46.88 -64.56
N GLY PA 186 16.03 45.74 -64.23
CA GLY PA 186 16.76 44.49 -64.10
C GLY PA 186 17.37 44.25 -62.75
N ALA PA 187 17.30 45.21 -61.84
CA ALA PA 187 17.84 45.09 -60.49
C ALA PA 187 16.95 44.19 -59.64
N PRO PA 188 17.51 43.58 -58.60
CA PRO PA 188 16.68 42.73 -57.73
C PRO PA 188 15.56 43.53 -57.06
N TRP PA 189 14.45 42.84 -56.82
CA TRP PA 189 13.30 43.42 -56.12
C TRP PA 189 12.92 42.50 -54.97
N PRO PA 190 13.40 42.77 -53.76
CA PRO PA 190 13.15 41.85 -52.63
C PRO PA 190 11.67 41.63 -52.39
N ILE PA 191 11.37 40.50 -51.77
CA ILE PA 191 9.99 40.04 -51.59
C ILE PA 191 9.57 40.39 -50.17
N ALA PA 192 8.48 41.16 -50.05
CA ALA PA 192 7.95 41.47 -48.73
C ALA PA 192 7.21 40.27 -48.14
N ALA PA 193 6.42 39.58 -48.95
CA ALA PA 193 5.66 38.42 -48.47
C ALA PA 193 5.16 37.64 -49.67
N TYR PA 194 4.66 36.43 -49.40
CA TYR PA 194 4.03 35.62 -50.43
C TYR PA 194 2.85 34.87 -49.82
N ASP PA 195 1.92 34.47 -50.68
CA ASP PA 195 0.71 33.77 -50.29
C ASP PA 195 0.45 32.67 -51.30
N LEU PA 196 0.46 31.43 -50.84
CA LEU PA 196 0.39 30.26 -51.71
C LEU PA 196 -0.98 29.60 -51.54
N GLY PA 197 -1.83 29.72 -52.57
CA GLY PA 197 -3.07 28.98 -52.59
C GLY PA 197 -2.82 27.53 -52.98
N ASP PA 198 -3.52 26.63 -52.29
CA ASP PA 198 -3.32 25.19 -52.43
C ASP PA 198 -1.86 24.84 -52.15
N PRO PA 199 -1.39 24.98 -50.91
CA PRO PA 199 0.00 24.64 -50.60
C PRO PA 199 0.29 23.16 -50.47
N SER PA 200 -0.70 22.29 -50.69
CA SER PA 200 -0.48 20.85 -50.69
C SER PA 200 0.08 20.35 -52.02
N SER PA 201 0.00 21.16 -53.08
CA SER PA 201 0.50 20.78 -54.39
C SER PA 201 1.80 21.49 -54.75
N PHE PA 202 2.23 22.46 -53.96
CA PHE PA 202 3.48 23.18 -54.19
C PHE PA 202 4.18 23.44 -52.86
N ASN PA 203 5.49 23.22 -52.84
CA ASN PA 203 6.32 23.51 -51.67
C ASN PA 203 7.24 24.67 -52.00
N ILE PA 204 7.18 25.73 -51.21
CA ILE PA 204 7.92 26.95 -51.49
C ILE PA 204 8.98 27.15 -50.42
N GLN PA 205 10.22 27.31 -50.86
CA GLN PA 205 11.35 27.65 -50.00
C GLN PA 205 11.82 29.05 -50.35
N TRP PA 206 11.99 29.88 -49.32
CA TRP PA 206 12.38 31.27 -49.50
C TRP PA 206 12.93 31.80 -48.18
N ASP PA 207 14.23 32.08 -48.14
CA ASP PA 207 14.76 32.85 -47.03
C ASP PA 207 14.15 34.25 -47.06
N LYS PA 208 13.82 34.77 -45.88
CA LYS PA 208 12.91 35.90 -45.79
C LYS PA 208 13.48 37.20 -46.33
N THR PA 209 14.77 37.25 -46.66
CA THR PA 209 15.42 38.47 -47.11
C THR PA 209 15.50 38.62 -48.63
N SER PA 210 15.69 37.52 -49.35
CA SER PA 210 16.04 37.60 -50.77
C SER PA 210 14.80 37.88 -51.61
N ASN PA 211 14.99 37.84 -52.94
CA ASN PA 211 13.93 38.09 -53.91
C ASN PA 211 13.60 36.84 -54.73
N THR PA 212 14.01 35.66 -54.24
CA THR PA 212 13.98 34.44 -55.03
C THR PA 212 13.15 33.38 -54.32
N LEU PA 213 12.20 32.80 -55.03
CA LEU PA 213 11.34 31.74 -54.50
C LEU PA 213 11.65 30.43 -55.20
N MET PA 214 11.64 29.32 -54.45
CA MET PA 214 11.88 28.00 -55.01
C MET PA 214 10.64 27.15 -54.79
N ILE PA 215 9.88 26.88 -55.85
CA ILE PA 215 8.71 25.99 -55.75
C ILE PA 215 9.10 24.63 -56.30
N GLN PA 216 8.74 23.59 -55.55
CA GLN PA 216 8.79 22.21 -56.01
C GLN PA 216 7.36 21.71 -56.12
N ALA PA 217 6.98 21.24 -57.30
CA ALA PA 217 5.63 20.75 -57.51
C ALA PA 217 5.45 19.42 -56.78
N THR PA 218 4.61 19.42 -55.75
CA THR PA 218 4.37 18.20 -54.99
C THR PA 218 3.49 17.22 -55.78
N LYS PA 219 2.49 17.73 -56.48
CA LYS PA 219 1.57 16.91 -57.24
C LYS PA 219 1.90 16.94 -58.72
N LEU PA 220 1.46 15.90 -59.44
CA LEU PA 220 1.83 15.74 -60.83
C LEU PA 220 1.31 16.88 -61.69
N TYR PA 221 -0.02 16.99 -61.80
CA TYR PA 221 -0.63 17.95 -62.71
C TYR PA 221 -1.55 18.95 -62.04
N ASN PA 222 -1.58 19.00 -60.71
CA ASN PA 222 -2.43 19.97 -60.02
C ASN PA 222 -1.80 21.35 -60.08
N TYR PA 223 -2.49 22.29 -60.71
CA TYR PA 223 -2.01 23.65 -60.86
C TYR PA 223 -2.73 24.58 -59.90
N GLY PA 224 -2.11 25.72 -59.63
CA GLY PA 224 -2.68 26.69 -58.72
C GLY PA 224 -2.17 28.07 -59.04
N ASN PA 225 -2.20 28.94 -58.04
CA ASN PA 225 -1.69 30.29 -58.19
C ASN PA 225 -0.93 30.71 -56.94
N LEU PA 226 -0.26 31.86 -57.04
CA LEU PA 226 0.60 32.37 -55.99
C LEU PA 226 0.64 33.89 -56.07
N ALA PA 227 0.60 34.54 -54.92
CA ALA PA 227 0.68 35.98 -54.80
C ALA PA 227 2.03 36.35 -54.19
N VAL PA 228 2.70 37.33 -54.77
CA VAL PA 228 4.01 37.77 -54.32
C VAL PA 228 3.94 39.27 -54.11
N ARG PA 229 3.89 39.70 -52.85
CA ARG PA 229 3.92 41.11 -52.51
C ARG PA 229 5.36 41.55 -52.35
N LEU PA 230 5.82 42.44 -53.23
CA LEU PA 230 7.20 42.89 -53.24
C LEU PA 230 7.38 44.04 -52.26
N ARG PA 231 8.60 44.58 -52.22
CA ARG PA 231 8.95 45.58 -51.21
C ARG PA 231 8.25 46.91 -51.48
N GLY PA 232 8.56 47.52 -52.62
CA GLY PA 232 7.99 48.81 -52.97
C GLY PA 232 6.68 48.76 -53.72
N LEU PA 233 6.11 47.57 -53.91
CA LEU PA 233 4.90 47.42 -54.70
C LEU PA 233 3.67 47.36 -53.80
N ASN PA 234 2.70 48.23 -54.08
CA ASN PA 234 1.38 48.09 -53.46
C ASN PA 234 0.58 46.98 -54.13
N THR PA 235 0.74 46.83 -55.44
CA THR PA 235 0.02 45.80 -56.18
C THR PA 235 0.76 44.48 -56.11
N PRO PA 236 0.16 43.43 -55.54
CA PRO PA 236 0.82 42.13 -55.53
C PRO PA 236 0.95 41.54 -56.92
N VAL PA 237 1.99 40.74 -57.11
CA VAL PA 237 2.26 40.08 -58.38
C VAL PA 237 1.60 38.71 -58.35
N MET PA 238 0.73 38.44 -59.32
CA MET PA 238 -0.03 37.19 -59.36
C MET PA 238 0.54 36.29 -60.43
N LEU PA 239 0.80 35.04 -60.06
CA LEU PA 239 1.33 34.05 -60.99
C LEU PA 239 0.51 32.78 -60.89
N THR PA 240 0.40 32.07 -62.01
CA THR PA 240 -0.25 30.78 -62.04
C THR PA 240 0.79 29.69 -62.28
N LEU PA 241 0.82 28.71 -61.39
CA LEU PA 241 1.84 27.66 -61.39
C LEU PA 241 1.22 26.39 -61.94
N ILE PA 242 1.71 25.93 -63.09
CA ILE PA 242 1.18 24.76 -63.75
C ILE PA 242 2.29 23.72 -63.88
N PRO PA 243 2.18 22.57 -63.24
CA PRO PA 243 3.19 21.52 -63.37
C PRO PA 243 2.84 20.54 -64.49
N GLY PA 244 3.79 19.65 -64.76
CA GLY PA 244 3.57 18.61 -65.75
C GLY PA 244 3.44 19.09 -67.17
N GLN PA 245 4.23 20.08 -67.57
CA GLN PA 245 4.20 20.59 -68.93
C GLN PA 245 5.35 20.01 -69.75
N LYS PA 246 5.35 20.34 -71.05
CA LYS PA 246 6.43 19.87 -71.92
C LYS PA 246 7.71 20.67 -71.74
N ALA PA 247 7.68 21.72 -70.93
CA ALA PA 247 8.87 22.46 -70.53
C ALA PA 247 8.84 22.65 -69.02
N VAL PA 248 10.02 22.63 -68.40
CA VAL PA 248 10.16 22.89 -66.97
C VAL PA 248 11.03 24.12 -66.81
N ASP PA 249 10.48 25.15 -66.17
CA ASP PA 249 11.20 26.40 -65.96
C ASP PA 249 12.09 26.25 -64.75
N TYR PA 250 13.37 25.97 -64.99
CA TYR PA 250 14.32 25.91 -63.88
C TYR PA 250 14.45 27.26 -63.20
N ARG PA 251 14.47 28.34 -63.98
CA ARG PA 251 14.55 29.68 -63.41
C ARG PA 251 13.79 30.65 -64.31
N VAL PA 252 13.03 31.54 -63.69
CA VAL PA 252 12.26 32.55 -64.40
C VAL PA 252 12.68 33.93 -63.91
N ASP PA 253 13.00 34.81 -64.85
CA ASP PA 253 13.35 36.19 -64.55
C ASP PA 253 12.12 37.05 -64.78
N LEU PA 254 11.48 37.48 -63.70
CA LEU PA 254 10.21 38.20 -63.79
C LEU PA 254 10.48 39.70 -63.68
N ARG PA 255 10.35 40.40 -64.80
CA ARG PA 255 10.59 41.84 -64.89
C ARG PA 255 9.30 42.57 -64.58
N VAL PA 256 9.10 42.88 -63.29
CA VAL PA 256 7.91 43.61 -62.89
C VAL PA 256 7.94 45.03 -63.46
N GLN PA 257 6.76 45.63 -63.56
CA GLN PA 257 6.63 46.93 -64.24
C GLN PA 257 7.28 48.07 -63.46
N GLY PA 258 7.24 48.02 -62.13
CA GLY PA 258 7.68 49.13 -61.33
C GLY PA 258 9.19 49.22 -61.20
N TYR PA 259 9.62 50.17 -60.37
CA TYR PA 259 11.02 50.37 -60.03
C TYR PA 259 11.23 49.98 -58.58
N GLY PA 260 12.13 49.04 -58.34
CA GLY PA 260 12.35 48.51 -57.01
C GLY PA 260 13.23 49.39 -56.16
N PRO PA 261 13.56 48.92 -54.95
CA PRO PA 261 14.44 49.69 -54.06
C PRO PA 261 15.88 49.76 -54.55
N ASN PA 262 16.23 49.04 -55.61
CA ASN PA 262 17.56 49.10 -56.20
C ASN PA 262 17.44 49.73 -57.58
N ALA PA 263 18.22 50.79 -57.81
CA ALA PA 263 18.18 51.51 -59.08
C ALA PA 263 19.49 51.36 -59.83
N CYS QA 1 -31.57 22.58 -75.31
CA CYS QA 1 -30.98 23.51 -74.35
C CYS QA 1 -32.02 24.47 -73.79
N THR QA 2 -32.02 25.70 -74.32
CA THR QA 2 -32.89 26.76 -73.81
C THR QA 2 -34.35 26.56 -74.22
N ASP QA 3 -34.61 25.86 -75.32
CA ASP QA 3 -35.99 25.63 -75.74
C ASP QA 3 -36.75 24.83 -74.69
N ALA QA 4 -36.12 23.76 -74.18
CA ALA QA 4 -36.77 22.95 -73.15
C ALA QA 4 -36.96 23.75 -71.87
N ALA QA 5 -35.97 24.56 -71.50
CA ALA QA 5 -36.08 25.36 -70.29
C ALA QA 5 -37.22 26.36 -70.39
N LEU QA 6 -37.34 27.05 -71.54
CA LEU QA 6 -38.41 28.02 -71.70
C LEU QA 6 -39.78 27.34 -71.76
N ALA QA 7 -39.86 26.19 -72.42
CA ALA QA 7 -41.12 25.45 -72.48
C ALA QA 7 -41.54 25.00 -71.08
N ALA QA 8 -40.59 24.51 -70.28
CA ALA QA 8 -40.91 24.10 -68.92
C ALA QA 8 -41.30 25.30 -68.06
N LEU QA 9 -40.63 26.44 -68.26
CA LEU QA 9 -40.99 27.64 -67.51
C LEU QA 9 -42.40 28.09 -67.83
N GLU QA 10 -42.78 28.08 -69.12
CA GLU QA 10 -44.14 28.48 -69.47
C GLU QA 10 -45.16 27.45 -69.01
N TYR QA 11 -44.78 26.16 -68.99
CA TYR QA 11 -45.66 25.14 -68.44
C TYR QA 11 -45.91 25.36 -66.96
N HIS QA 12 -44.86 25.73 -66.21
CA HIS QA 12 -45.03 26.01 -64.79
C HIS QA 12 -45.79 27.29 -64.55
N LYS QA 13 -45.62 28.30 -65.41
CA LYS QA 13 -46.36 29.55 -65.24
C LYS QA 13 -47.83 29.38 -65.55
N SER QA 14 -48.17 28.65 -66.62
CA SER QA 14 -49.57 28.41 -66.94
C SER QA 14 -50.22 27.47 -65.93
N ASN QA 15 -49.49 26.45 -65.49
CA ASN QA 15 -49.96 25.49 -64.48
C ASN QA 15 -49.22 25.81 -63.19
N ALA QA 16 -49.83 26.65 -62.36
CA ALA QA 16 -49.20 27.19 -61.16
C ALA QA 16 -48.62 26.12 -60.24
N CYS RA 1 -37.74 30.93 -61.56
CA CYS RA 1 -38.39 29.74 -61.02
C CYS RA 1 -37.72 28.47 -61.51
N VAL RA 2 -36.87 28.62 -62.52
CA VAL RA 2 -36.18 27.49 -63.14
C VAL RA 2 -34.74 27.45 -62.61
N SER RA 3 -34.29 26.25 -62.26
CA SER RA 3 -32.90 25.99 -61.94
C SER RA 3 -32.28 25.22 -63.10
N MET RA 4 -31.28 25.81 -63.74
CA MET RA 4 -30.73 25.24 -64.97
C MET RA 4 -30.07 23.90 -64.74
N ILE RA 5 -29.63 23.60 -63.51
CA ILE RA 5 -28.88 22.38 -63.27
C ILE RA 5 -29.77 21.15 -63.47
N GLY RA 6 -31.07 21.29 -63.25
CA GLY RA 6 -31.99 20.20 -63.51
C GLY RA 6 -32.51 20.24 -64.93
N GLY RA 7 -31.61 20.44 -65.89
CA GLY RA 7 -32.00 20.56 -67.28
C GLY RA 7 -31.96 19.22 -68.00
N SER RA 8 -33.03 18.96 -68.75
CA SER RA 8 -33.15 17.74 -69.54
C SER RA 8 -33.94 18.05 -70.79
N ARG RA 9 -33.40 17.67 -71.95
CA ARG RA 9 -34.06 17.94 -73.21
C ARG RA 9 -35.26 17.02 -73.39
N ARG SA 1 -37.20 19.41 -64.72
CA ARG SA 1 -37.24 20.68 -64.03
C ARG SA 1 -38.35 20.71 -62.99
N VAL SA 2 -38.11 21.36 -61.85
CA VAL SA 2 -39.05 21.42 -60.75
C VAL SA 2 -39.12 22.86 -60.24
N SER SA 3 -40.35 23.32 -59.99
CA SER SA 3 -40.62 24.72 -59.68
C SER SA 3 -40.28 25.02 -58.22
N ILE SA 4 -40.27 26.31 -57.88
CA ILE SA 4 -40.03 26.76 -56.50
C ILE SA 4 -41.22 26.49 -55.60
N GLY SA 5 -42.35 26.04 -56.14
CA GLY SA 5 -43.46 25.64 -55.31
C GLY SA 5 -43.35 24.25 -54.72
N GLY SA 6 -42.35 23.48 -55.13
CA GLY SA 6 -42.20 22.11 -54.70
C GLY SA 6 -42.78 21.08 -55.64
N THR SA 7 -43.57 21.51 -56.62
CA THR SA 7 -44.18 20.59 -57.58
C THR SA 7 -43.33 20.47 -58.83
N VAL SA 8 -43.36 19.29 -59.44
CA VAL SA 8 -42.59 19.00 -60.65
C VAL SA 8 -43.34 19.57 -61.85
N TYR SA 9 -42.62 20.34 -62.68
CA TYR SA 9 -43.14 20.87 -63.93
C TYR SA 9 -42.03 20.81 -64.97
N THR SA 10 -42.10 19.84 -65.87
CA THR SA 10 -41.03 19.56 -66.82
C THR SA 10 -41.59 19.53 -68.24
N ALA SA 11 -40.73 19.91 -69.18
CA ALA SA 11 -41.09 19.85 -70.60
C ALA SA 11 -41.00 18.41 -71.10
N LYS SA 12 -41.63 18.15 -72.23
CA LYS SA 12 -41.70 16.80 -72.79
C LYS SA 12 -40.43 16.44 -73.55
N LYS SA 13 -40.15 17.15 -74.64
CA LYS SA 13 -38.99 16.85 -75.49
C LYS SA 13 -38.67 18.09 -76.32
N TYR SA 14 -37.49 18.65 -76.14
CA TYR SA 14 -37.07 19.83 -76.90
C TYR SA 14 -35.56 19.79 -77.08
N ASP SA 15 -35.11 19.75 -78.33
CA ASP SA 15 -33.70 19.70 -78.65
C ASP SA 15 -33.27 20.99 -79.33
N ASP SA 16 -32.10 21.49 -78.93
CA ASP SA 16 -31.55 22.71 -79.52
C ASP SA 16 -30.30 22.42 -80.32
N PRO TA 1 -27.02 20.35 -68.02
CA PRO TA 1 -26.61 19.37 -69.03
C PRO TA 1 -27.00 19.79 -70.45
N PHE TA 2 -26.19 20.65 -71.06
CA PHE TA 2 -26.48 21.20 -72.39
C PHE TA 2 -25.26 21.04 -73.29
N GLY TA 3 -25.47 21.30 -74.57
CA GLY TA 3 -24.41 21.18 -75.55
C GLY TA 3 -23.75 22.48 -75.92
N ALA TA 4 -24.32 23.60 -75.46
CA ALA TA 4 -23.78 24.92 -75.73
C ALA TA 4 -22.89 25.43 -74.60
N ASP TA 5 -22.42 24.55 -73.74
CA ASP TA 5 -21.58 24.93 -72.60
C ASP TA 5 -20.24 25.49 -73.08
N ARG UA 207 -26.06 51.76 -79.04
CA ARG UA 207 -26.60 51.55 -77.70
C ARG UA 207 -25.50 51.20 -76.71
N ILE UA 208 -25.89 50.55 -75.62
CA ILE UA 208 -24.97 50.11 -74.57
C ILE UA 208 -25.00 48.59 -74.54
N ILE UA 209 -23.83 47.97 -74.65
CA ILE UA 209 -23.71 46.52 -74.69
C ILE UA 209 -23.43 46.02 -73.28
N TYR UA 210 -24.22 45.04 -72.83
CA TYR UA 210 -24.10 44.48 -71.49
C TYR UA 210 -23.50 43.09 -71.57
N TYR UA 211 -22.49 42.84 -70.74
CA TYR UA 211 -21.87 41.54 -70.61
C TYR UA 211 -22.14 40.97 -69.23
N ILE UA 212 -22.08 39.65 -69.10
CA ILE UA 212 -22.25 39.01 -67.81
C ILE UA 212 -20.94 39.13 -67.03
N GLN UA 213 -20.99 39.75 -65.86
CA GLN UA 213 -19.87 39.77 -64.95
C GLN UA 213 -19.84 38.51 -64.09
N ALA UA 214 -20.99 38.11 -63.56
CA ALA UA 214 -21.10 36.85 -62.83
C ALA UA 214 -22.54 36.35 -62.97
N VAL UA 215 -22.71 35.04 -62.80
CA VAL UA 215 -24.03 34.44 -62.95
C VAL UA 215 -24.16 33.27 -61.99
N ILE UA 216 -25.29 33.24 -61.29
CA ILE UA 216 -25.68 32.11 -60.45
C ILE UA 216 -27.15 31.80 -60.72
N PRO UA 217 -27.62 30.60 -60.33
CA PRO UA 217 -29.05 30.30 -60.50
C PRO UA 217 -29.92 31.37 -59.87
N GLY UA 218 -30.67 32.10 -60.70
CA GLY UA 218 -31.39 33.27 -60.23
C GLY UA 218 -30.75 34.56 -60.67
N ARG UA 219 -30.05 35.25 -59.76
CA ARG UA 219 -29.47 36.54 -60.07
C ARG UA 219 -28.35 36.43 -61.10
N ALA UA 220 -28.05 37.57 -61.72
CA ALA UA 220 -26.95 37.66 -62.67
C ALA UA 220 -26.43 39.09 -62.64
N TRP UA 221 -25.16 39.25 -62.28
CA TRP UA 221 -24.53 40.55 -62.21
C TRP UA 221 -23.91 40.88 -63.56
N LEU UA 222 -24.33 41.99 -64.16
CA LEU UA 222 -23.89 42.42 -65.48
C LEU UA 222 -23.11 43.74 -65.37
N ILE UA 223 -22.12 43.88 -66.24
CA ILE UA 223 -21.35 45.11 -66.38
C ILE UA 223 -21.42 45.56 -67.82
N GLY UA 224 -21.80 46.82 -68.03
CA GLY UA 224 -21.95 47.38 -69.36
C GLY UA 224 -20.67 48.02 -69.87
N SER UA 225 -20.83 48.79 -70.95
CA SER UA 225 -19.71 49.50 -71.55
C SER UA 225 -19.37 50.80 -70.85
N ASN UA 226 -20.26 51.31 -69.99
CA ASN UA 226 -20.00 52.55 -69.26
C ASN UA 226 -19.36 52.30 -67.90
N GLY UA 227 -19.05 51.06 -67.57
CA GLY UA 227 -18.60 50.72 -66.24
C GLY UA 227 -19.70 50.54 -65.22
N SER UA 228 -20.96 50.74 -65.61
CA SER UA 228 -22.08 50.53 -64.71
C SER UA 228 -22.30 49.04 -64.45
N THR UA 229 -22.77 48.74 -63.25
CA THR UA 229 -23.04 47.37 -62.84
C THR UA 229 -24.50 47.26 -62.39
N LEU UA 230 -25.19 46.25 -62.91
CA LEU UA 230 -26.54 45.92 -62.48
C LEU UA 230 -26.61 44.47 -62.07
N THR UA 231 -27.74 44.09 -61.47
CA THR UA 231 -28.05 42.70 -61.19
C THR UA 231 -29.48 42.43 -61.62
N VAL UA 232 -29.69 41.31 -62.31
CA VAL UA 232 -30.98 41.01 -62.93
C VAL UA 232 -31.45 39.64 -62.47
N ARG UA 233 -32.76 39.45 -62.52
CA ARG UA 233 -33.40 38.19 -62.15
C ARG UA 233 -34.17 37.64 -63.35
N GLU UA 234 -34.98 36.60 -63.10
CA GLU UA 234 -35.67 35.89 -64.18
C GLU UA 234 -36.42 36.84 -65.09
N GLY UA 235 -37.21 37.74 -64.51
CA GLY UA 235 -37.81 38.81 -65.29
C GLY UA 235 -37.41 40.16 -64.74
N SER UA 236 -36.61 40.91 -65.50
CA SER UA 236 -36.07 42.17 -65.00
C SER UA 236 -35.75 43.08 -66.17
N LYS UA 237 -36.05 44.36 -66.02
CA LYS UA 237 -35.85 45.33 -67.09
C LYS UA 237 -34.37 45.67 -67.24
N ILE UA 238 -33.87 45.62 -68.47
CA ILE UA 238 -32.51 46.03 -68.81
C ILE UA 238 -32.61 47.14 -69.84
N PRO UA 239 -31.97 48.29 -69.64
CA PRO UA 239 -32.12 49.40 -70.60
C PRO UA 239 -31.54 49.03 -71.95
N GLY UA 240 -32.38 49.10 -72.98
CA GLY UA 240 -31.99 48.79 -74.34
C GLY UA 240 -32.14 47.34 -74.73
N TYR UA 241 -31.92 46.44 -73.76
CA TYR UA 241 -32.00 45.00 -74.04
C TYR UA 241 -33.39 44.43 -73.77
N GLY UA 242 -34.34 45.24 -73.32
CA GLY UA 242 -35.70 44.78 -73.07
C GLY UA 242 -35.84 44.21 -71.66
N MET UA 243 -36.48 43.06 -71.55
CA MET UA 243 -36.74 42.40 -70.27
C MET UA 243 -36.12 41.01 -70.27
N VAL UA 244 -35.51 40.63 -69.16
CA VAL UA 244 -34.90 39.32 -69.06
C VAL UA 244 -35.97 38.25 -69.20
N LYS UA 245 -35.71 37.27 -70.07
CA LYS UA 245 -36.61 36.16 -70.30
C LYS UA 245 -36.09 34.85 -69.70
N LEU UA 246 -34.78 34.65 -69.67
CA LEU UA 246 -34.21 33.43 -69.12
C LEU UA 246 -32.76 33.71 -68.76
N ILE UA 247 -32.28 33.04 -67.69
CA ILE UA 247 -30.91 33.18 -67.22
C ILE UA 247 -30.33 31.77 -67.11
N ASP UA 248 -29.61 31.35 -68.16
CA ASP UA 248 -28.92 30.06 -68.17
C ASP UA 248 -27.60 30.23 -67.43
N SER UA 249 -27.54 29.72 -66.20
CA SER UA 249 -26.34 29.88 -65.39
C SER UA 249 -25.21 28.95 -65.82
N LEU UA 250 -25.54 27.76 -66.31
CA LEU UA 250 -24.50 26.81 -66.70
C LEU UA 250 -23.72 27.30 -67.92
N GLN UA 251 -24.41 27.78 -68.94
CA GLN UA 251 -23.74 28.30 -70.12
C GLN UA 251 -23.30 29.75 -69.97
N GLY UA 252 -23.72 30.43 -68.91
CA GLY UA 252 -23.45 31.84 -68.78
C GLY UA 252 -24.14 32.65 -69.88
N ARG UA 253 -25.42 32.35 -70.12
CA ARG UA 253 -26.20 33.03 -71.13
C ARG UA 253 -27.42 33.70 -70.48
N ILE UA 254 -27.88 34.77 -71.10
CA ILE UA 254 -29.09 35.45 -70.66
C ILE UA 254 -29.90 35.80 -71.90
N LEU UA 255 -31.07 35.17 -72.03
CA LEU UA 255 -32.01 35.47 -73.12
C LEU UA 255 -32.94 36.58 -72.65
N THR UA 256 -33.04 37.64 -73.46
CA THR UA 256 -33.94 38.75 -73.18
C THR UA 256 -35.10 38.74 -74.18
N SER UA 257 -36.06 39.64 -73.94
CA SER UA 257 -37.26 39.66 -74.76
C SER UA 257 -37.00 40.25 -76.14
N SER UA 258 -36.00 41.11 -76.27
CA SER UA 258 -35.67 41.71 -77.56
C SER UA 258 -34.89 40.77 -78.46
N GLY UA 259 -34.54 39.58 -77.99
CA GLY UA 259 -33.74 38.65 -78.75
C GLY UA 259 -32.25 38.77 -78.53
N GLN UA 260 -31.78 39.88 -77.98
CA GLN UA 260 -30.37 40.04 -77.68
C GLN UA 260 -29.97 39.12 -76.53
N VAL UA 261 -28.82 38.45 -76.69
CA VAL UA 261 -28.33 37.50 -75.71
C VAL UA 261 -27.15 38.12 -74.99
N ILE UA 262 -27.17 38.09 -73.66
CA ILE UA 262 -26.08 38.59 -72.83
C ILE UA 262 -25.19 37.42 -72.46
N LYS UA 263 -23.89 37.56 -72.72
CA LYS UA 263 -22.91 36.53 -72.41
C LYS UA 263 -21.71 37.17 -71.75
N PHE UA 264 -20.86 36.32 -71.16
CA PHE UA 264 -19.59 36.78 -70.62
C PHE UA 264 -18.79 37.48 -71.71
N SER UA 265 -18.00 38.47 -71.30
CA SER UA 265 -17.19 39.22 -72.26
C SER UA 265 -16.17 38.29 -72.91
N GLN UA 266 -15.86 38.56 -74.19
CA GLN UA 266 -14.93 37.71 -74.93
C GLN UA 266 -13.56 37.69 -74.28
N GLU UA 267 -13.09 38.85 -73.80
CA GLU UA 267 -11.81 38.95 -73.11
C GLU UA 267 -11.95 38.79 -71.60
N ASP UA 268 -13.01 38.12 -71.15
CA ASP UA 268 -13.22 37.90 -69.73
C ASP UA 268 -13.66 36.47 -69.41
N SER UA 269 -13.83 35.61 -70.39
CA SER UA 269 -14.24 34.23 -70.13
C SER UA 269 -13.33 33.22 -70.81
N GLN VA 791 -23.39 -12.80 -63.62
CA GLN VA 791 -24.17 -11.66 -63.14
C GLN VA 791 -23.61 -11.11 -61.83
N GLN VA 792 -22.94 -11.98 -61.07
CA GLN VA 792 -22.30 -11.54 -59.83
C GLN VA 792 -21.07 -10.70 -60.10
N GLU VA 793 -20.39 -10.93 -61.23
CA GLU VA 793 -19.27 -10.09 -61.60
C GLU VA 793 -19.70 -8.64 -61.79
N ILE VA 794 -20.96 -8.42 -62.18
CA ILE VA 794 -21.48 -7.05 -62.26
C ILE VA 794 -21.44 -6.38 -60.90
N GLN VA 795 -21.95 -7.08 -59.87
CA GLN VA 795 -21.96 -6.52 -58.53
C GLN VA 795 -20.54 -6.31 -58.02
N GLN VA 796 -19.63 -7.26 -58.30
CA GLN VA 796 -18.25 -7.11 -57.87
C GLN VA 796 -17.61 -5.88 -58.50
N ARG VA 797 -17.81 -5.70 -59.81
CA ARG VA 797 -17.25 -4.55 -60.51
C ARG VA 797 -17.82 -3.25 -59.95
N THR VA 798 -19.15 -3.21 -59.76
CA THR VA 798 -19.78 -2.00 -59.23
C THR VA 798 -19.23 -1.67 -57.84
N SER VA 799 -19.04 -2.68 -57.00
CA SER VA 799 -18.46 -2.44 -55.68
C SER VA 799 -17.05 -1.89 -55.79
N ASP VA 800 -16.24 -2.45 -56.70
CA ASP VA 800 -14.86 -1.99 -56.84
C ASP VA 800 -14.81 -0.53 -57.24
N MET VA 801 -15.58 -0.15 -58.28
CA MET VA 801 -15.54 1.25 -58.70
C MET VA 801 -16.22 2.17 -57.71
N LEU VA 802 -17.16 1.66 -56.90
CA LEU VA 802 -17.72 2.49 -55.83
C LEU VA 802 -16.67 2.78 -54.76
N THR VA 803 -15.88 1.77 -54.39
CA THR VA 803 -14.80 1.98 -53.43
C THR VA 803 -13.77 2.97 -53.97
N ALA VA 804 -13.44 2.85 -55.25
CA ALA VA 804 -12.52 3.83 -55.86
C ALA VA 804 -13.14 5.22 -55.88
N ALA VA 805 -14.42 5.32 -56.19
CA ALA VA 805 -15.06 6.61 -56.40
C ALA VA 805 -15.27 7.36 -55.09
N THR VA 806 -15.54 6.64 -54.00
CA THR VA 806 -15.65 7.31 -52.71
C THR VA 806 -14.34 8.01 -52.35
N GLN VA 807 -13.22 7.31 -52.54
CA GLN VA 807 -11.92 7.91 -52.30
C GLN VA 807 -11.65 9.06 -53.25
N LEU VA 808 -12.04 8.92 -54.53
CA LEU VA 808 -11.80 9.99 -55.49
C LEU VA 808 -12.59 11.24 -55.12
N VAL VA 809 -13.86 11.09 -54.75
CA VAL VA 809 -14.67 12.23 -54.33
C VAL VA 809 -14.09 12.85 -53.06
N GLN VA 810 -13.66 12.02 -52.11
CA GLN VA 810 -13.04 12.53 -50.89
C GLN VA 810 -11.81 13.37 -51.21
N ASP VA 811 -10.99 12.90 -52.15
CA ASP VA 811 -9.82 13.67 -52.56
C ASP VA 811 -10.23 14.99 -53.21
N TRP VA 812 -11.31 14.97 -54.01
CA TRP VA 812 -11.74 16.20 -54.67
C TRP VA 812 -12.32 17.21 -53.68
N LYS VA 813 -12.98 16.75 -52.62
CA LYS VA 813 -13.53 17.68 -51.63
C LYS VA 813 -12.43 18.37 -50.84
N GLN VA 814 -11.25 17.78 -50.75
CA GLN VA 814 -10.17 18.36 -49.97
C GLN VA 814 -9.69 19.65 -50.60
N VAL VA 815 -9.57 20.69 -49.77
CA VAL VA 815 -9.03 21.98 -50.18
C VAL VA 815 -8.08 22.45 -49.08
N GLU VA 816 -6.80 22.58 -49.42
CA GLU VA 816 -5.82 23.02 -48.44
C GLU VA 816 -5.87 24.54 -48.32
N THR VA 817 -6.04 25.02 -47.09
CA THR VA 817 -6.12 26.46 -46.86
C THR VA 817 -4.82 27.13 -47.23
N GLN VA 818 -4.92 28.35 -47.75
CA GLN VA 818 -3.76 29.09 -48.20
C GLN VA 818 -2.86 29.45 -47.02
N VAL VA 819 -1.58 29.62 -47.31
CA VAL VA 819 -0.57 29.97 -46.30
C VAL VA 819 0.02 31.32 -46.66
N TYR VA 820 0.14 32.19 -45.67
CA TYR VA 820 0.73 33.51 -45.84
C TYR VA 820 2.02 33.56 -45.04
N THR VA 821 3.13 33.82 -45.72
CA THR VA 821 4.45 33.87 -45.12
C THR VA 821 4.93 35.32 -45.14
N GLU VA 822 5.29 35.85 -43.98
CA GLU VA 822 5.72 37.23 -43.85
C GLU VA 822 7.24 37.31 -43.88
N GLY VA 823 7.76 38.31 -44.59
CA GLY VA 823 9.19 38.51 -44.64
C GLY VA 823 9.75 39.07 -43.35
N THR VA 824 11.06 38.98 -43.21
CA THR VA 824 11.74 39.45 -42.02
C THR VA 824 12.00 40.95 -42.09
N ALA WA 104 19.29 -33.18 -65.04
CA ALA WA 104 20.67 -32.77 -64.77
C ALA WA 104 20.72 -31.32 -64.29
N GLU WA 105 21.24 -30.44 -65.15
CA GLU WA 105 21.36 -29.02 -64.83
C GLU WA 105 20.27 -28.17 -65.46
N VAL WA 106 19.40 -28.76 -66.29
CA VAL WA 106 18.29 -28.00 -66.84
C VAL WA 106 17.29 -27.64 -65.75
N ILE WA 107 17.26 -28.43 -64.67
CA ILE WA 107 16.42 -28.10 -63.52
C ILE WA 107 16.82 -26.74 -62.96
N ASP WA 108 18.12 -26.48 -62.88
CA ASP WA 108 18.58 -25.18 -62.39
C ASP WA 108 18.10 -24.05 -63.29
N LYS WA 109 18.21 -24.23 -64.61
CA LYS WA 109 17.81 -23.18 -65.54
C LYS WA 109 16.31 -22.89 -65.44
N LYS WA 110 15.49 -23.93 -65.47
CA LYS WA 110 14.04 -23.70 -65.45
C LYS WA 110 13.57 -23.24 -64.08
N ALA WA 111 14.22 -23.69 -63.00
CA ALA WA 111 13.92 -23.17 -61.68
C ALA WA 111 14.29 -21.70 -61.58
N PHE WA 112 15.40 -21.29 -62.18
CA PHE WA 112 15.75 -19.88 -62.21
C PHE WA 112 14.76 -19.07 -63.03
N LYS WA 113 14.23 -19.64 -64.12
CA LYS WA 113 13.21 -18.94 -64.89
C LYS WA 113 11.94 -18.71 -64.07
N ASP WA 114 11.44 -19.77 -63.42
CA ASP WA 114 10.25 -19.61 -62.58
C ASP WA 114 10.54 -18.67 -61.42
N MET WA 115 11.73 -18.78 -60.85
CA MET WA 115 12.24 -17.87 -59.82
C MET WA 115 12.17 -16.41 -60.23
N THR WA 116 12.75 -16.08 -61.38
CA THR WA 116 12.81 -14.69 -61.80
C THR WA 116 11.46 -14.19 -62.29
N ARG WA 117 10.55 -15.10 -62.64
CA ARG WA 117 9.18 -14.67 -62.91
C ARG WA 117 8.42 -14.38 -61.62
N ASN WA 118 8.69 -15.13 -60.54
CA ASN WA 118 8.03 -14.87 -59.27
C ASN WA 118 8.60 -13.65 -58.55
N LEU WA 119 9.90 -13.40 -58.67
CA LEU WA 119 10.50 -12.27 -57.96
C LEU WA 119 10.06 -10.94 -58.56
N TYR WA 120 10.01 -10.86 -59.89
CA TYR WA 120 9.64 -9.64 -60.61
C TYR WA 120 8.45 -9.99 -61.51
N PRO WA 121 7.24 -10.07 -60.94
CA PRO WA 121 6.07 -10.44 -61.75
C PRO WA 121 5.76 -9.44 -62.85
N LEU WA 122 6.19 -8.20 -62.71
CA LEU WA 122 5.97 -7.18 -63.73
C LEU WA 122 7.22 -7.08 -64.60
N ASN WA 123 7.06 -7.33 -65.90
CA ASN WA 123 8.16 -7.24 -66.82
C ASN WA 123 8.64 -5.80 -66.92
N PRO WA 124 9.88 -5.58 -67.37
CA PRO WA 124 10.34 -4.20 -67.58
C PRO WA 124 9.46 -3.42 -68.54
N GLU WA 125 8.82 -4.09 -69.49
CA GLU WA 125 7.83 -3.43 -70.35
C GLU WA 125 6.54 -3.14 -69.59
N GLN WA 126 6.06 -4.10 -68.81
CA GLN WA 126 4.84 -3.89 -68.05
C GLN WA 126 5.01 -2.87 -66.94
N VAL WA 127 6.24 -2.63 -66.48
CA VAL WA 127 6.47 -1.58 -65.49
C VAL WA 127 6.21 -0.21 -66.10
N VAL WA 128 6.72 0.02 -67.32
CA VAL WA 128 6.42 1.28 -67.99
C VAL WA 128 4.95 1.35 -68.36
N LYS WA 129 4.33 0.21 -68.69
CA LYS WA 129 2.88 0.18 -68.88
C LYS WA 129 2.15 0.70 -67.66
N LEU WA 130 2.48 0.16 -66.49
CA LEU WA 130 1.81 0.54 -65.25
C LEU WA 130 2.09 2.00 -64.91
N LYS WA 131 3.32 2.46 -65.13
CA LYS WA 131 3.65 3.86 -64.85
C LYS WA 131 2.85 4.80 -65.74
N GLN WA 132 2.73 4.47 -67.03
CA GLN WA 132 1.95 5.30 -67.93
C GLN WA 132 0.47 5.29 -67.55
N ILE WA 133 -0.05 4.12 -67.16
CA ILE WA 133 -1.45 4.04 -66.73
C ILE WA 133 -1.67 4.89 -65.49
N TYR WA 134 -0.73 4.84 -64.55
CA TYR WA 134 -0.84 5.66 -63.33
C TYR WA 134 -0.81 7.14 -63.65
N GLU WA 135 0.09 7.56 -64.55
CA GLU WA 135 0.15 8.97 -64.90
C GLU WA 135 -1.11 9.42 -65.63
N THR WA 136 -1.65 8.56 -66.50
CA THR WA 136 -2.90 8.91 -67.18
C THR WA 136 -4.05 9.03 -66.18
N SER WA 137 -4.10 8.13 -65.20
CA SER WA 137 -5.12 8.22 -64.16
C SER WA 137 -4.99 9.50 -63.36
N GLU WA 138 -3.75 9.88 -63.02
CA GLU WA 138 -3.54 11.13 -62.29
C GLU WA 138 -3.93 12.34 -63.12
N TYR WA 139 -3.64 12.32 -64.42
CA TYR WA 139 -4.04 13.40 -65.30
C TYR WA 139 -5.57 13.51 -65.39
N ALA WA 140 -6.25 12.36 -65.49
CA ALA WA 140 -7.71 12.39 -65.52
C ALA WA 140 -8.28 12.89 -64.21
N LYS WA 141 -7.68 12.50 -63.09
CA LYS WA 141 -8.17 12.94 -61.78
C LYS WA 141 -7.94 14.43 -61.57
N ALA WA 142 -6.80 14.95 -62.01
CA ALA WA 142 -6.45 16.35 -61.80
C ALA WA 142 -7.00 17.28 -62.88
N ALA WA 143 -7.58 16.73 -63.94
CA ALA WA 143 -8.14 17.56 -65.00
C ALA WA 143 -9.43 18.21 -64.51
N THR WA 144 -9.53 19.52 -64.70
CA THR WA 144 -10.74 20.21 -64.27
C THR WA 144 -11.88 19.94 -65.25
N PRO WA 145 -13.12 19.89 -64.76
CA PRO WA 145 -14.26 19.69 -65.66
C PRO WA 145 -14.61 20.97 -66.39
N GLY WA 146 -14.58 20.91 -67.72
CA GLY WA 146 -14.86 22.08 -68.52
C GLY WA 146 -13.67 23.01 -68.63
N THR WA 147 -13.96 24.25 -69.01
CA THR WA 147 -12.93 25.26 -69.16
C THR WA 147 -12.55 25.83 -67.80
N PRO WA 148 -11.26 25.86 -67.45
CA PRO WA 148 -10.86 26.55 -66.23
C PRO WA 148 -11.18 28.03 -66.34
N PRO WA 149 -11.46 28.68 -65.21
CA PRO WA 149 -11.76 30.12 -65.27
C PRO WA 149 -10.58 30.91 -65.82
N LYS WA 150 -10.89 31.92 -66.63
CA LYS WA 150 -9.86 32.77 -67.18
C LYS WA 150 -9.26 33.63 -66.06
N PRO WA 151 -7.94 33.59 -65.88
CA PRO WA 151 -7.32 34.42 -64.83
C PRO WA 151 -7.22 35.87 -65.27
N THR WA 152 -8.06 36.71 -64.69
CA THR WA 152 -8.13 38.12 -65.06
C THR WA 152 -7.79 38.99 -63.86
N ALA WA 153 -7.10 40.10 -64.13
CA ALA WA 153 -6.84 41.12 -63.13
C ALA WA 153 -7.68 42.33 -63.52
N THR WA 154 -8.81 42.52 -62.82
CA THR WA 154 -9.79 43.52 -63.19
C THR WA 154 -9.68 44.73 -62.27
N SER WA 155 -10.38 45.80 -62.67
CA SER WA 155 -10.45 47.02 -61.88
C SER WA 155 -11.89 47.49 -61.84
N GLN WA 156 -12.38 47.80 -60.65
CA GLN WA 156 -13.75 48.25 -60.44
C GLN WA 156 -13.75 49.57 -59.70
N PHE WA 157 -14.80 50.36 -59.92
CA PHE WA 157 -15.01 51.60 -59.18
C PHE WA 157 -16.14 51.37 -58.18
N VAL WA 158 -15.83 51.48 -56.90
CA VAL WA 158 -16.81 51.23 -55.84
C VAL WA 158 -17.61 52.50 -55.61
N ASN WA 159 -18.89 52.46 -55.94
CA ASN WA 159 -19.80 53.57 -55.70
C ASN WA 159 -20.58 53.28 -54.43
N LEU WA 160 -20.43 54.13 -53.42
CA LEU WA 160 -21.03 53.92 -52.11
C LEU WA 160 -22.38 54.61 -51.96
N SER WA 161 -22.85 55.31 -52.99
CA SER WA 161 -24.15 55.95 -52.91
C SER WA 161 -25.25 54.90 -52.82
N PRO WA 162 -26.33 55.20 -52.10
CA PRO WA 162 -27.44 54.24 -52.02
C PRO WA 162 -28.04 53.97 -53.39
N GLY WA 163 -28.44 52.72 -53.61
CA GLY WA 163 -28.96 52.28 -54.88
C GLY WA 163 -27.94 51.62 -55.78
N SER WA 164 -26.66 51.74 -55.48
CA SER WA 164 -25.61 51.12 -56.27
C SER WA 164 -25.39 49.68 -55.82
N THR WA 165 -25.07 48.81 -56.77
CA THR WA 165 -24.89 47.40 -56.52
C THR WA 165 -23.47 47.12 -56.02
N PRO WA 166 -23.35 46.36 -54.93
CA PRO WA 166 -22.02 46.07 -54.39
C PRO WA 166 -21.19 45.31 -55.39
N PRO WA 167 -19.88 45.57 -55.43
CA PRO WA 167 -19.03 44.92 -56.43
C PRO WA 167 -18.95 43.41 -56.24
N VAL WA 168 -18.75 42.71 -57.36
CA VAL WA 168 -18.70 41.25 -57.40
C VAL WA 168 -17.25 40.83 -57.56
N ILE WA 169 -16.83 39.87 -56.74
CA ILE WA 169 -15.50 39.29 -56.82
C ILE WA 169 -15.64 37.85 -57.31
N ARG WA 170 -15.12 37.58 -58.50
CA ARG WA 170 -15.15 36.23 -59.06
C ARG WA 170 -14.01 35.42 -58.47
N LEU WA 171 -14.35 34.41 -57.67
CA LEU WA 171 -13.36 33.55 -57.05
C LEU WA 171 -13.33 32.20 -57.74
N SER WA 172 -12.46 31.32 -57.25
CA SER WA 172 -12.38 29.94 -57.70
C SER WA 172 -11.85 29.09 -56.56
N GLN WA 173 -12.29 27.84 -56.51
CA GLN WA 173 -11.94 26.98 -55.39
C GLN WA 173 -10.43 26.71 -55.37
N GLY WA 174 -9.80 27.04 -54.25
CA GLY WA 174 -8.38 26.82 -54.08
C GLY WA 174 -7.48 27.87 -54.69
N PHE WA 175 -8.03 28.93 -55.25
CA PHE WA 175 -7.24 29.98 -55.89
C PHE WA 175 -7.34 31.27 -55.08
N VAL WA 176 -6.26 32.04 -55.11
CA VAL WA 176 -6.16 33.27 -54.32
C VAL WA 176 -6.64 34.44 -55.18
N SER WA 177 -7.64 35.16 -54.67
CA SER WA 177 -8.13 36.40 -55.28
C SER WA 177 -7.79 37.54 -54.34
N SER WA 178 -7.03 38.51 -54.83
CA SER WA 178 -6.53 39.60 -53.99
C SER WA 178 -7.27 40.89 -54.34
N LEU WA 179 -7.91 41.48 -53.35
CA LEU WA 179 -8.51 42.80 -53.48
C LEU WA 179 -7.58 43.82 -52.84
N VAL WA 180 -7.14 44.79 -53.64
CA VAL WA 180 -6.44 45.96 -53.16
C VAL WA 180 -7.42 47.13 -53.21
N PHE WA 181 -7.48 47.89 -52.13
CA PHE WA 181 -8.42 48.99 -52.01
C PHE WA 181 -7.69 50.31 -52.27
N LEU WA 182 -8.20 51.09 -53.21
CA LEU WA 182 -7.62 52.36 -53.58
C LEU WA 182 -8.71 53.42 -53.56
N ASP WA 183 -8.31 54.65 -53.27
CA ASP WA 183 -9.24 55.77 -53.30
C ASP WA 183 -9.42 56.24 -54.74
N SER WA 184 -10.18 57.32 -54.94
CA SER WA 184 -10.43 57.81 -56.29
C SER WA 184 -9.15 58.30 -56.95
N THR WA 185 -8.15 58.68 -56.17
CA THR WA 185 -6.87 59.11 -56.73
C THR WA 185 -5.95 57.94 -57.06
N GLY WA 186 -6.37 56.71 -56.79
CA GLY WA 186 -5.54 55.54 -57.06
C GLY WA 186 -4.55 55.18 -55.99
N ALA WA 187 -4.44 55.99 -54.93
CA ALA WA 187 -3.54 55.75 -53.82
C ALA WA 187 -4.07 54.63 -52.93
N PRO WA 188 -3.19 53.93 -52.22
CA PRO WA 188 -3.64 52.85 -51.33
C PRO WA 188 -4.55 53.39 -50.23
N TRP WA 189 -5.51 52.56 -49.82
CA TRP WA 189 -6.42 52.88 -48.72
C TRP WA 189 -6.39 51.76 -47.71
N PRO WA 190 -5.65 51.92 -46.60
CA PRO WA 190 -5.50 50.82 -45.64
C PRO WA 190 -6.83 50.38 -45.05
N ILE WA 191 -6.86 49.14 -44.60
CA ILE WA 191 -8.08 48.49 -44.14
C ILE WA 191 -8.10 48.55 -42.62
N ALA WA 192 -9.14 49.16 -42.06
CA ALA WA 192 -9.29 49.20 -40.61
C ALA WA 192 -9.75 47.86 -40.07
N ALA WA 193 -10.72 47.24 -40.72
CA ALA WA 193 -11.25 45.95 -40.27
C ALA WA 193 -12.04 45.30 -41.40
N TYR WA 194 -12.36 44.02 -41.22
CA TYR WA 194 -13.20 43.32 -42.18
C TYR WA 194 -14.07 42.34 -41.43
N ASP WA 195 -15.21 42.02 -42.04
CA ASP WA 195 -16.20 41.11 -41.49
C ASP WA 195 -16.63 40.14 -42.59
N LEU WA 196 -16.38 38.85 -42.38
CA LEU WA 196 -16.62 37.83 -43.40
C LEU WA 196 -17.84 37.01 -43.00
N GLY WA 197 -18.93 37.17 -43.75
CA GLY WA 197 -20.08 36.31 -43.56
C GLY WA 197 -19.86 34.96 -44.23
N ASP WA 198 -20.26 33.90 -43.53
CA ASP WA 198 -20.01 32.52 -43.95
C ASP WA 198 -18.51 32.31 -44.14
N PRO WA 199 -17.71 32.33 -43.07
CA PRO WA 199 -16.27 32.11 -43.21
C PRO WA 199 -15.87 30.66 -43.38
N SER WA 200 -16.83 29.74 -43.48
CA SER WA 200 -16.55 28.35 -43.79
C SER WA 200 -16.43 28.09 -45.29
N SER WA 201 -16.80 29.06 -46.11
CA SER WA 201 -16.68 28.93 -47.56
C SER WA 201 -15.59 29.79 -48.15
N PHE WA 202 -15.05 30.75 -47.40
CA PHE WA 202 -13.96 31.58 -47.86
C PHE WA 202 -12.92 31.72 -46.76
N ASN WA 203 -11.65 31.65 -47.14
CA ASN WA 203 -10.54 31.87 -46.22
C ASN WA 203 -9.84 33.17 -46.62
N ILE WA 204 -9.71 34.09 -45.68
CA ILE WA 204 -9.17 35.43 -45.95
C ILE WA 204 -7.86 35.59 -45.19
N GLN WA 205 -6.79 35.90 -45.93
CA GLN WA 205 -5.50 36.24 -45.34
C GLN WA 205 -5.25 37.73 -45.53
N TRP WA 206 -4.84 38.39 -44.44
CA TRP WA 206 -4.63 39.82 -44.46
C TRP WA 206 -3.76 40.18 -43.27
N ASP WA 207 -2.55 40.66 -43.53
CA ASP WA 207 -1.77 41.29 -42.47
C ASP WA 207 -2.47 42.58 -42.04
N LYS WA 208 -2.50 42.83 -40.74
CA LYS WA 208 -3.41 43.82 -40.17
C LYS WA 208 -3.07 45.25 -40.58
N THR WA 209 -1.91 45.49 -41.18
CA THR WA 209 -1.51 46.84 -41.54
C THR WA 209 -1.85 47.22 -42.97
N SER WA 210 -1.79 46.28 -43.90
CA SER WA 210 -1.87 46.59 -45.32
C SER WA 210 -3.32 46.82 -45.74
N ASN WA 211 -3.53 46.97 -47.06
CA ASN WA 211 -4.84 47.20 -47.64
C ASN WA 211 -5.26 46.10 -48.58
N THR WA 212 -4.57 44.96 -48.57
CA THR WA 212 -4.81 43.87 -49.51
C THR WA 212 -5.39 42.67 -48.77
N LEU WA 213 -6.55 42.22 -49.22
CA LEU WA 213 -7.16 40.99 -48.72
C LEU WA 213 -6.95 39.89 -49.74
N MET WA 214 -6.67 38.68 -49.27
CA MET WA 214 -6.41 37.54 -50.15
C MET WA 214 -7.41 36.45 -49.79
N ILE WA 215 -8.43 36.26 -50.62
CA ILE WA 215 -9.53 35.36 -50.33
C ILE WA 215 -9.38 34.12 -51.21
N GLN WA 216 -9.52 32.96 -50.58
CA GLN WA 216 -9.48 31.67 -51.28
C GLN WA 216 -10.80 30.97 -51.04
N ALA WA 217 -11.48 30.61 -52.13
CA ALA WA 217 -12.78 29.94 -52.04
C ALA WA 217 -12.58 28.51 -51.59
N THR WA 218 -13.04 28.20 -50.38
CA THR WA 218 -12.95 26.83 -49.87
C THR WA 218 -14.01 25.92 -50.49
N LYS WA 219 -15.11 26.49 -50.98
CA LYS WA 219 -16.20 25.71 -51.55
C LYS WA 219 -16.36 26.07 -53.03
N LEU WA 220 -16.93 25.11 -53.78
CA LEU WA 220 -17.01 25.25 -55.23
C LEU WA 220 -17.90 26.42 -55.63
N TYR WA 221 -19.19 26.36 -55.29
CA TYR WA 221 -20.17 27.31 -55.80
C TYR WA 221 -20.87 28.10 -54.71
N ASN WA 222 -20.44 27.99 -53.46
CA ASN WA 222 -21.10 28.71 -52.37
C ASN WA 222 -20.61 30.15 -52.34
N TYR WA 223 -21.52 31.09 -52.56
CA TYR WA 223 -21.20 32.51 -52.59
C TYR WA 223 -21.65 33.18 -51.30
N GLY WA 224 -21.04 34.33 -51.03
CA GLY WA 224 -21.35 35.08 -49.84
C GLY WA 224 -21.08 36.55 -50.03
N ASN WA 225 -20.93 37.26 -48.92
CA ASN WA 225 -20.60 38.68 -48.96
C ASN WA 225 -19.51 38.98 -47.94
N LEU WA 226 -19.04 40.23 -47.98
CA LEU WA 226 -17.92 40.65 -47.14
C LEU WA 226 -18.01 42.15 -46.90
N ALA WA 227 -17.69 42.56 -45.68
CA ALA WA 227 -17.65 43.97 -45.30
C ALA WA 227 -16.19 44.36 -45.05
N VAL WA 228 -15.80 45.52 -45.58
CA VAL WA 228 -14.44 46.03 -45.43
C VAL WA 228 -14.57 47.47 -44.94
N ARG WA 229 -14.31 47.69 -43.65
CA ARG WA 229 -14.25 49.03 -43.09
C ARG WA 229 -12.84 49.57 -43.27
N LEU WA 230 -12.72 50.64 -44.07
CA LEU WA 230 -11.42 51.23 -44.38
C LEU WA 230 -11.05 52.23 -43.28
N ARG WA 231 -9.93 52.93 -43.48
CA ARG WA 231 -9.38 53.76 -42.42
C ARG WA 231 -10.22 55.02 -42.20
N GLY WA 232 -10.34 55.86 -43.21
CA GLY WA 232 -11.08 57.09 -43.11
C GLY WA 232 -12.54 57.01 -43.50
N LEU WA 233 -13.05 55.81 -43.76
CA LEU WA 233 -14.42 55.64 -44.23
C LEU WA 233 -15.36 55.29 -43.09
N ASN WA 234 -16.43 56.07 -42.94
CA ASN WA 234 -17.52 55.68 -42.06
C ASN WA 234 -18.39 54.63 -42.72
N THR WA 235 -18.57 54.72 -44.03
CA THR WA 235 -19.40 53.76 -44.76
C THR WA 235 -18.57 52.54 -45.13
N PRO WA 236 -18.92 51.35 -44.64
CA PRO WA 236 -18.17 50.15 -45.00
C PRO WA 236 -18.36 49.78 -46.46
N VAL WA 237 -17.34 49.17 -47.04
CA VAL WA 237 -17.38 48.69 -48.42
C VAL WA 237 -17.97 47.29 -48.43
N MET WA 238 -19.06 47.10 -49.18
CA MET WA 238 -19.74 45.81 -49.25
C MET WA 238 -19.42 45.14 -50.58
N LEU WA 239 -19.01 43.88 -50.51
CA LEU WA 239 -18.70 43.11 -51.71
C LEU WA 239 -19.42 41.78 -51.65
N THR WA 240 -19.73 41.23 -52.82
CA THR WA 240 -20.28 39.89 -52.94
C THR WA 240 -19.26 38.99 -53.61
N LEU WA 241 -18.90 37.89 -52.95
CA LEU WA 241 -17.89 36.97 -53.41
C LEU WA 241 -18.59 35.75 -54.01
N ILE WA 242 -18.36 35.51 -55.30
CA ILE WA 242 -19.02 34.43 -56.01
C ILE WA 242 -17.96 33.53 -56.63
N PRO WA 243 -17.81 32.29 -56.17
CA PRO WA 243 -16.84 31.38 -56.76
C PRO WA 243 -17.45 30.53 -57.88
N GLY WA 244 -16.57 29.85 -58.60
CA GLY WA 244 -17.01 28.95 -59.65
C GLY WA 244 -17.54 29.63 -60.89
N GLN WA 245 -16.93 30.73 -61.32
CA GLN WA 245 -17.37 31.44 -62.50
C GLN WA 245 -16.46 31.13 -63.69
N LYS WA 246 -16.84 31.66 -64.85
CA LYS WA 246 -16.02 31.51 -66.05
C LYS WA 246 -14.79 32.40 -66.02
N ALA WA 247 -14.68 33.29 -65.03
CA ALA WA 247 -13.49 34.09 -64.82
C ALA WA 247 -13.10 34.01 -63.35
N VAL WA 248 -11.79 34.03 -63.11
CA VAL WA 248 -11.26 34.08 -61.75
C VAL WA 248 -10.44 35.36 -61.61
N ASP WA 249 -10.82 36.19 -60.64
CA ASP WA 249 -10.19 37.48 -60.44
C ASP WA 249 -8.94 37.29 -59.59
N TYR WA 250 -7.79 37.20 -60.25
CA TYR WA 250 -6.54 37.11 -59.51
C TYR WA 250 -6.30 38.36 -58.69
N ARG WA 251 -6.58 39.54 -59.24
CA ARG WA 251 -6.42 40.78 -58.51
C ARG WA 251 -7.49 41.76 -58.95
N VAL WA 252 -8.11 42.44 -57.98
CA VAL WA 252 -9.14 43.44 -58.22
C VAL WA 252 -8.70 44.73 -57.56
N ASP WA 253 -8.70 45.83 -58.32
CA ASP WA 253 -8.36 47.15 -57.79
C ASP WA 253 -9.66 47.90 -57.55
N LEU WA 254 -10.09 47.96 -56.29
CA LEU WA 254 -11.39 48.53 -55.93
C LEU WA 254 -11.20 50.02 -55.67
N ARG WA 255 -11.66 50.85 -56.61
CA ARG WA 255 -11.53 52.29 -56.52
C ARG WA 255 -12.69 52.86 -55.72
N VAL WA 256 -12.50 52.91 -54.39
CA VAL WA 256 -13.53 53.45 -53.52
C VAL WA 256 -13.75 54.94 -53.81
N GLN WA 257 -14.97 55.41 -53.53
CA GLN WA 257 -15.35 56.76 -53.92
C GLN WA 257 -14.57 57.82 -53.15
N GLY WA 258 -14.26 57.58 -51.88
CA GLY WA 258 -13.69 58.60 -51.03
C GLY WA 258 -12.22 58.85 -51.31
N TYR WA 259 -11.64 59.69 -50.45
CA TYR WA 259 -10.22 60.01 -50.49
C TYR WA 259 -9.57 59.42 -49.24
N GLY WA 260 -8.58 58.56 -49.44
CA GLY WA 260 -7.94 57.86 -48.34
C GLY WA 260 -6.89 58.71 -47.65
N PRO WA 261 -6.19 58.10 -46.68
CA PRO WA 261 -5.12 58.84 -45.98
C PRO WA 261 -3.90 59.12 -46.85
N ASN WA 262 -3.86 58.60 -48.07
CA ASN WA 262 -2.77 58.88 -49.01
C ASN WA 262 -3.32 59.71 -50.16
N ALA WA 263 -2.70 60.86 -50.41
CA ALA WA 263 -3.15 61.76 -51.45
C ALA WA 263 -2.09 61.94 -52.53
N CYS XA 1 -53.52 30.24 -58.31
CA CYS XA 1 -52.73 31.06 -57.40
C CYS XA 1 -53.63 31.81 -56.42
N THR XA 2 -53.89 33.08 -56.72
CA THR XA 2 -54.62 33.94 -55.80
C THR XA 2 -56.11 33.64 -55.79
N ASP XA 3 -56.67 33.13 -56.88
CA ASP XA 3 -58.10 32.83 -56.92
C ASP XA 3 -58.47 31.82 -55.85
N ALA XA 4 -57.67 30.76 -55.72
CA ALA XA 4 -57.91 29.77 -54.67
C ALA XA 4 -57.74 30.40 -53.29
N ALA XA 5 -56.80 31.32 -53.14
CA ALA XA 5 -56.59 31.97 -51.85
C ALA XA 5 -57.82 32.78 -51.43
N LEU XA 6 -58.34 33.61 -52.34
CA LEU XA 6 -59.54 34.39 -52.02
C LEU XA 6 -60.76 33.49 -51.81
N ALA XA 7 -60.89 32.43 -52.62
CA ALA XA 7 -62.01 31.52 -52.44
C ALA XA 7 -61.97 30.84 -51.08
N ALA XA 8 -60.79 30.36 -50.66
CA ALA XA 8 -60.66 29.73 -49.37
C ALA XA 8 -60.87 30.75 -48.24
N LEU XA 9 -60.40 31.98 -48.42
CA LEU XA 9 -60.61 33.01 -47.41
C LEU XA 9 -62.09 33.31 -47.23
N GLU XA 10 -62.83 33.43 -48.33
CA GLU XA 10 -64.26 33.71 -48.22
C GLU XA 10 -65.03 32.51 -47.69
N TYR XA 11 -64.57 31.28 -48.00
CA TYR XA 11 -65.18 30.09 -47.43
C TYR XA 11 -64.96 30.02 -45.93
N HIS XA 12 -63.77 30.43 -45.46
CA HIS XA 12 -63.50 30.45 -44.03
C HIS XA 12 -64.26 31.58 -43.34
N LYS XA 13 -64.44 32.72 -44.01
CA LYS XA 13 -65.17 33.83 -43.40
C LYS XA 13 -66.67 33.54 -43.32
N SER XA 14 -67.26 33.03 -44.40
CA SER XA 14 -68.69 32.70 -44.37
C SER XA 14 -68.96 31.50 -43.46
N ASN XA 15 -68.14 30.47 -43.54
CA ASN XA 15 -68.20 29.32 -42.64
C ASN XA 15 -67.11 29.52 -41.60
N ALA XA 16 -67.46 30.25 -40.53
CA ALA XA 16 -66.51 30.69 -39.53
C ALA XA 16 -65.76 29.55 -38.86
N CYS YA 1 -55.97 35.65 -42.17
CA CYS YA 1 -56.39 34.34 -41.70
C CYS YA 1 -55.86 33.24 -42.61
N VAL YA 2 -55.35 33.64 -43.78
CA VAL YA 2 -54.82 32.71 -44.77
C VAL YA 2 -53.32 32.66 -44.66
N SER YA 3 -52.76 31.45 -44.64
CA SER YA 3 -51.32 31.23 -44.69
C SER YA 3 -50.98 30.80 -46.11
N MET YA 4 -50.10 31.57 -46.76
CA MET YA 4 -49.88 31.39 -48.19
C MET YA 4 -49.22 30.06 -48.53
N ILE YA 5 -48.45 29.49 -47.60
CA ILE YA 5 -47.78 28.21 -47.84
C ILE YA 5 -48.78 27.07 -48.01
N GLY YA 6 -49.90 27.10 -47.29
CA GLY YA 6 -50.90 26.07 -47.44
C GLY YA 6 -51.79 26.27 -48.65
N GLY YA 7 -51.25 26.89 -49.68
CA GLY YA 7 -52.01 27.16 -50.89
C GLY YA 7 -51.93 26.00 -51.87
N SER YA 8 -53.10 25.60 -52.37
CA SER YA 8 -53.20 24.52 -53.34
C SER YA 8 -54.36 24.82 -54.28
N ARG YA 9 -54.11 24.71 -55.58
CA ARG YA 9 -55.15 24.98 -56.57
C ARG YA 9 -56.25 23.94 -56.47
N ARG ZA 1 -55.68 24.95 -47.36
CA ARG ZA 1 -55.56 26.08 -46.44
C ARG ZA 1 -56.28 25.79 -45.14
N VAL ZA 2 -55.71 26.26 -44.03
CA VAL ZA 2 -56.27 26.04 -42.70
C VAL ZA 2 -56.28 27.35 -41.94
N SER ZA 3 -57.41 27.66 -41.32
CA SER ZA 3 -57.63 28.93 -40.65
C SER ZA 3 -56.92 28.95 -39.30
N ILE ZA 4 -56.82 30.15 -38.69
CA ILE ZA 4 -56.28 30.32 -37.35
C ILE ZA 4 -57.25 29.83 -36.29
N GLY ZA 5 -58.49 29.50 -36.66
CA GLY ZA 5 -59.38 28.85 -35.71
C GLY ZA 5 -59.01 27.42 -35.39
N GLY ZA 6 -58.07 26.83 -36.14
CA GLY ZA 6 -57.69 25.45 -35.96
C GLY ZA 6 -58.44 24.47 -36.85
N THR ZA 7 -59.49 24.93 -37.53
CA THR ZA 7 -60.28 24.07 -38.41
C THR ZA 7 -59.88 24.32 -39.86
N VAL ZA 8 -59.79 23.24 -40.63
CA VAL ZA 8 -59.40 23.31 -42.03
C VAL ZA 8 -60.53 23.95 -42.83
N TYR ZA 9 -60.17 24.92 -43.68
CA TYR ZA 9 -61.11 25.56 -44.59
C TYR ZA 9 -60.38 25.79 -45.90
N THR ZA 10 -60.68 24.97 -46.91
CA THR ZA 10 -59.92 24.96 -48.15
C THR ZA 10 -60.86 25.07 -49.34
N ALA ZA 11 -60.34 25.68 -50.41
CA ALA ZA 11 -61.08 25.80 -51.66
C ALA ZA 11 -61.05 24.48 -52.43
N LYS ZA 12 -61.97 24.35 -53.37
CA LYS ZA 12 -62.11 23.10 -54.12
C LYS ZA 12 -61.11 23.01 -55.27
N LYS ZA 13 -61.22 23.91 -56.25
CA LYS ZA 13 -60.36 23.87 -57.43
C LYS ZA 13 -60.36 25.24 -58.07
N TYR ZA 14 -59.21 25.90 -58.12
CA TYR ZA 14 -59.09 27.23 -58.70
C TYR ZA 14 -57.70 27.38 -59.30
N ASP ZA 15 -57.63 27.61 -60.60
CA ASP ZA 15 -56.37 27.76 -61.32
C ASP ZA 15 -56.24 29.19 -61.84
N ASP ZA 16 -55.04 29.75 -61.71
CA ASP ZA 16 -54.76 31.09 -62.20
C ASP ZA 16 -53.83 31.06 -63.41
N PRO AB 1 -46.84 27.35 -53.08
CA PRO AB 1 -46.72 26.54 -54.30
C PRO AB 1 -47.53 27.11 -55.45
N PHE AB 2 -47.00 28.15 -56.10
CA PHE AB 2 -47.73 28.89 -57.13
C PHE AB 2 -46.83 29.07 -58.35
N GLY AB 3 -47.42 29.60 -59.42
CA GLY AB 3 -46.71 29.79 -60.67
C GLY AB 3 -46.29 31.22 -60.95
N ALA AB 4 -46.75 32.15 -60.12
CA ALA AB 4 -46.41 33.56 -60.27
C ALA AB 4 -45.23 33.97 -59.40
N ASP AB 5 -44.48 33.01 -58.87
CA ASP AB 5 -43.35 33.30 -58.00
C ASP AB 5 -42.25 34.06 -58.75
N ARG BB 207 -51.15 60.23 -57.98
CA ARG BB 207 -51.31 59.74 -56.61
C ARG BB 207 -49.96 59.34 -56.02
N ILE BB 208 -50.00 58.50 -54.99
CA ILE BB 208 -48.81 57.99 -54.32
C ILE BB 208 -48.76 56.48 -54.56
N ILE BB 209 -47.62 56.01 -55.04
CA ILE BB 209 -47.44 54.61 -55.41
C ILE BB 209 -46.70 53.89 -54.28
N TYR BB 210 -47.23 52.75 -53.85
CA TYR BB 210 -46.68 52.00 -52.73
C TYR BB 210 -46.02 50.72 -53.21
N TYR BB 211 -44.81 50.48 -52.72
CA TYR BB 211 -44.06 49.26 -52.97
C TYR BB 211 -43.95 48.45 -51.68
N ILE BB 212 -43.71 47.16 -51.83
CA ILE BB 212 -43.45 46.31 -50.68
C ILE BB 212 -41.98 46.45 -50.29
N GLN BB 213 -41.74 46.84 -49.05
CA GLN BB 213 -40.40 46.83 -48.49
C GLN BB 213 -40.05 45.46 -47.92
N ALA BB 214 -41.00 44.82 -47.25
CA ALA BB 214 -40.83 43.46 -46.77
C ALA BB 214 -42.22 42.84 -46.61
N VAL BB 215 -42.26 41.51 -46.66
CA VAL BB 215 -43.54 40.80 -46.55
C VAL BB 215 -43.33 39.51 -45.78
N ILE BB 216 -44.26 39.22 -44.88
CA ILE BB 216 -44.34 37.96 -44.15
C ILE BB 216 -45.79 37.54 -44.05
N PRO BB 217 -46.05 36.26 -43.76
CA PRO BB 217 -47.44 35.83 -43.54
C PRO BB 217 -48.14 36.69 -42.51
N GLY BB 218 -49.13 37.45 -42.96
CA GLY BB 218 -49.75 38.46 -42.10
C GLY BB 218 -49.33 39.87 -42.47
N ARG BB 219 -48.46 40.46 -41.66
CA ARG BB 219 -48.06 41.85 -41.86
C ARG BB 219 -47.23 42.02 -43.13
N ALA BB 220 -47.25 43.23 -43.66
CA ALA BB 220 -46.40 43.61 -44.79
C ALA BB 220 -45.97 45.05 -44.62
N TRP BB 221 -44.66 45.29 -44.66
CA TRP BB 221 -44.10 46.63 -44.56
C TRP BB 221 -43.94 47.22 -45.95
N LEU BB 222 -44.52 48.39 -46.17
CA LEU BB 222 -44.52 49.07 -47.45
C LEU BB 222 -43.83 50.42 -47.34
N ILE BB 223 -43.24 50.85 -48.46
CA ILE BB 223 -42.65 52.18 -48.58
C ILE BB 223 -43.23 52.85 -49.82
N GLY BB 224 -43.73 54.07 -49.66
CA GLY BB 224 -44.31 54.81 -50.75
C GLY BB 224 -43.30 55.67 -51.48
N SER BB 225 -43.82 56.59 -52.29
CA SER BB 225 -42.97 57.49 -53.05
C SER BB 225 -42.52 58.70 -52.25
N ASN BB 226 -43.11 58.96 -51.09
CA ASN BB 226 -42.72 60.07 -50.23
C ASN BB 226 -41.68 59.67 -49.18
N GLY BB 227 -41.22 58.42 -49.18
CA GLY BB 227 -40.36 57.93 -48.14
C GLY BB 227 -41.08 57.47 -46.89
N SER BB 228 -42.41 57.56 -46.86
CA SER BB 228 -43.17 57.11 -45.70
C SER BB 228 -43.16 55.59 -45.62
N THR BB 229 -43.17 55.08 -44.39
CA THR BB 229 -43.19 53.65 -44.13
C THR BB 229 -44.50 53.29 -43.46
N LEU BB 230 -45.12 52.20 -43.94
CA LEU BB 230 -46.41 51.75 -43.46
C LEU BB 230 -46.34 50.24 -43.22
N THR BB 231 -47.27 49.73 -42.41
CA THR BB 231 -47.41 48.30 -42.23
C THR BB 231 -48.88 47.94 -42.32
N VAL BB 232 -49.19 46.87 -43.06
CA VAL BB 232 -50.56 46.52 -43.38
C VAL BB 232 -50.82 45.06 -43.04
N ARG BB 233 -52.08 44.75 -42.77
CA ARG BB 233 -52.54 43.41 -42.42
C ARG BB 233 -53.58 42.97 -43.45
N GLU BB 234 -54.18 41.79 -43.21
CA GLU BB 234 -55.09 41.18 -44.18
C GLU BB 234 -56.16 42.16 -44.66
N GLY BB 235 -56.81 42.85 -43.72
CA GLY BB 235 -57.70 43.93 -44.09
C GLY BB 235 -57.28 45.22 -43.44
N SER BB 236 -56.83 46.18 -44.24
CA SER BB 236 -56.28 47.42 -43.69
C SER BB 236 -56.33 48.50 -44.74
N LYS BB 237 -56.65 49.72 -44.30
CA LYS BB 237 -56.80 50.84 -45.22
C LYS BB 237 -55.44 51.34 -45.67
N ILE BB 238 -55.30 51.55 -46.98
CA ILE BB 238 -54.13 52.16 -47.58
C ILE BB 238 -54.59 53.40 -48.33
N PRO BB 239 -54.00 54.58 -48.08
CA PRO BB 239 -54.46 55.79 -48.77
C PRO BB 239 -54.24 55.70 -50.27
N GLY BB 240 -55.33 55.84 -51.01
CA GLY BB 240 -55.32 55.77 -52.47
C GLY BB 240 -55.52 54.38 -53.04
N TYR BB 241 -54.98 53.36 -52.37
CA TYR BB 241 -55.10 51.99 -52.85
C TYR BB 241 -56.33 51.27 -52.32
N GLY BB 242 -57.10 51.89 -51.44
CA GLY BB 242 -58.31 51.27 -50.92
C GLY BB 242 -58.03 50.50 -49.63
N MET BB 243 -58.47 49.24 -49.60
CA MET BB 243 -58.31 48.37 -48.46
C MET BB 243 -57.63 47.08 -48.89
N VAL BB 244 -56.70 46.59 -48.06
CA VAL BB 244 -55.99 45.36 -48.37
C VAL BB 244 -56.98 44.20 -48.43
N LYS BB 245 -56.90 43.41 -49.50
CA LYS BB 245 -57.76 42.25 -49.68
C LYS BB 245 -57.01 40.93 -49.51
N LEU BB 246 -55.73 40.89 -49.85
CA LEU BB 246 -54.92 39.68 -49.69
C LEU BB 246 -53.45 40.07 -49.68
N ILE BB 247 -52.66 39.31 -48.91
CA ILE BB 247 -51.22 39.52 -48.81
C ILE BB 247 -50.55 38.19 -49.12
N ASP BB 248 -50.14 38.01 -50.38
CA ASP BB 248 -49.41 36.83 -50.81
C ASP BB 248 -47.94 37.02 -50.45
N SER BB 249 -47.50 36.35 -49.39
CA SER BB 249 -46.13 36.51 -48.92
C SER BB 249 -45.14 35.77 -49.82
N LEU BB 250 -45.56 34.64 -50.41
CA LEU BB 250 -44.64 33.86 -51.22
C LEU BB 250 -44.27 34.58 -52.51
N GLN BB 251 -45.25 35.19 -53.18
CA GLN BB 251 -45.00 35.95 -54.40
C GLN BB 251 -44.65 37.40 -54.13
N GLY BB 252 -44.74 37.86 -52.88
CA GLY BB 252 -44.53 39.26 -52.59
C GLY BB 252 -45.55 40.15 -53.23
N ARG BB 253 -46.82 39.75 -53.22
CA ARG BB 253 -47.90 40.51 -53.83
C ARG BB 253 -48.90 40.93 -52.76
N ILE BB 254 -49.60 42.03 -53.03
CA ILE BB 254 -50.67 42.51 -52.16
C ILE BB 254 -51.83 42.93 -53.05
N LEU BB 255 -52.94 42.20 -52.98
CA LEU BB 255 -54.15 42.56 -53.68
C LEU BB 255 -54.99 43.47 -52.80
N THR BB 256 -55.41 44.60 -53.34
CA THR BB 256 -56.27 45.55 -52.65
C THR BB 256 -57.65 45.59 -53.28
N SER BB 257 -58.55 46.34 -52.64
CA SER BB 257 -59.94 46.39 -53.09
C SER BB 257 -60.09 47.16 -54.39
N SER BB 258 -59.25 48.18 -54.61
CA SER BB 258 -59.33 48.99 -55.82
C SER BB 258 -58.80 48.28 -57.06
N GLY BB 259 -58.26 47.07 -56.91
CA GLY BB 259 -57.66 46.35 -58.00
C GLY BB 259 -56.17 46.60 -58.18
N GLN BB 260 -55.64 47.66 -57.58
CA GLN BB 260 -54.21 47.91 -57.64
C GLN BB 260 -53.45 46.87 -56.83
N VAL BB 261 -52.33 46.41 -57.37
CA VAL BB 261 -51.50 45.38 -56.74
C VAL BB 261 -50.21 46.03 -56.27
N ILE BB 262 -49.87 45.80 -55.01
CA ILE BB 262 -48.61 46.28 -54.43
C ILE BB 262 -47.59 45.17 -54.52
N LYS BB 263 -46.42 45.49 -55.08
CA LYS BB 263 -45.35 44.52 -55.24
C LYS BB 263 -44.04 45.15 -54.84
N PHE BB 264 -43.00 44.32 -54.75
CA PHE BB 264 -41.65 44.83 -54.53
C PHE BB 264 -41.25 45.76 -55.67
N SER BB 265 -40.45 46.77 -55.34
CA SER BB 265 -40.06 47.74 -56.35
C SER BB 265 -39.21 47.08 -57.43
N GLN BB 266 -39.30 47.63 -58.64
CA GLN BB 266 -38.57 47.05 -59.77
C GLN BB 266 -37.06 47.11 -59.53
N GLU BB 267 -36.56 48.22 -59.01
CA GLU BB 267 -35.14 48.37 -58.71
C GLU BB 267 -34.79 47.89 -57.30
N ASP BB 268 -35.65 47.07 -56.69
CA ASP BB 268 -35.43 46.58 -55.34
C ASP BB 268 -35.59 45.08 -55.23
N SER BB 269 -36.36 44.45 -56.12
CA SER BB 269 -36.58 43.01 -56.07
C SER BB 269 -35.60 42.26 -56.98
N GLN CB 791 -40.11 -5.07 -55.93
CA GLN CB 791 -40.84 -4.31 -54.92
C GLN CB 791 -39.90 -3.92 -53.77
N GLN CB 792 -39.00 -4.83 -53.41
CA GLN CB 792 -38.03 -4.55 -52.35
C GLN CB 792 -36.97 -3.57 -52.80
N GLU CB 793 -36.64 -3.58 -54.10
CA GLU CB 793 -35.68 -2.60 -54.61
C GLU CB 793 -36.19 -1.18 -54.45
N ILE CB 794 -37.51 -0.99 -54.49
CA ILE CB 794 -38.09 0.34 -54.23
C ILE CB 794 -37.76 0.78 -52.81
N GLN CB 795 -37.94 -0.12 -51.84
CA GLN CB 795 -37.63 0.20 -50.45
C GLN CB 795 -36.16 0.47 -50.25
N GLN CB 796 -35.29 -0.33 -50.89
CA GLN CB 796 -33.85 -0.09 -50.76
C GLN CB 796 -33.46 1.26 -51.35
N ARG CB 797 -34.01 1.60 -52.52
CA ARG CB 797 -33.74 2.88 -53.13
C ARG CB 797 -34.22 4.02 -52.23
N THR CB 798 -35.43 3.89 -51.68
CA THR CB 798 -35.97 4.93 -50.81
C THR CB 798 -35.10 5.11 -49.58
N SER CB 799 -34.61 4.01 -49.00
CA SER CB 799 -33.71 4.11 -47.86
C SER CB 799 -32.41 4.81 -48.23
N ASP CB 800 -31.85 4.49 -49.40
CA ASP CB 800 -30.61 5.14 -49.83
C ASP CB 800 -30.81 6.64 -49.98
N MET CB 801 -31.87 7.06 -50.66
CA MET CB 801 -32.08 8.49 -50.86
C MET CB 801 -32.51 9.18 -49.56
N LEU CB 802 -33.15 8.47 -48.63
CA LEU CB 802 -33.39 9.04 -47.32
C LEU CB 802 -32.08 9.31 -46.58
N THR CB 803 -31.15 8.35 -46.66
CA THR CB 803 -29.84 8.55 -46.05
C THR CB 803 -29.13 9.75 -46.65
N ALA CB 804 -29.20 9.89 -47.97
CA ALA CB 804 -28.58 11.05 -48.62
C ALA CB 804 -29.29 12.34 -48.24
N ALA CB 805 -30.62 12.32 -48.17
CA ALA CB 805 -31.39 13.55 -47.97
C ALA CB 805 -31.25 14.08 -46.56
N THR CB 806 -31.16 13.19 -45.57
CA THR CB 806 -30.92 13.66 -44.20
C THR CB 806 -29.59 14.40 -44.11
N GLN CB 807 -28.55 13.86 -44.74
CA GLN CB 807 -27.25 14.54 -44.75
C GLN CB 807 -27.33 15.86 -45.49
N LEU CB 808 -28.05 15.89 -46.62
CA LEU CB 808 -28.18 17.13 -47.37
C LEU CB 808 -28.89 18.21 -46.56
N VAL CB 809 -29.98 17.83 -45.88
CA VAL CB 809 -30.71 18.78 -45.05
C VAL CB 809 -29.84 19.26 -43.89
N GLN CB 810 -29.08 18.34 -43.29
CA GLN CB 810 -28.17 18.72 -42.20
C GLN CB 810 -27.13 19.72 -42.69
N ASP CB 811 -26.58 19.50 -43.88
CA ASP CB 811 -25.62 20.44 -44.45
C ASP CB 811 -26.26 21.79 -44.71
N TRP CB 812 -27.51 21.80 -45.19
CA TRP CB 812 -28.19 23.06 -45.44
C TRP CB 812 -28.51 23.81 -44.15
N LYS CB 813 -28.78 23.08 -43.06
CA LYS CB 813 -29.08 23.74 -41.78
C LYS CB 813 -27.88 24.48 -41.21
N GLN CB 814 -26.67 24.08 -41.57
CA GLN CB 814 -25.47 24.69 -41.00
C GLN CB 814 -25.31 26.13 -41.50
N VAL CB 815 -25.07 27.05 -40.58
CA VAL CB 815 -24.71 28.42 -40.88
C VAL CB 815 -23.49 28.77 -40.05
N GLU CB 816 -22.39 29.11 -40.71
CA GLU CB 816 -21.17 29.47 -40.01
C GLU CB 816 -21.23 30.94 -39.60
N THR CB 817 -21.09 31.19 -38.30
CA THR CB 817 -21.21 32.54 -37.77
C THR CB 817 -20.10 33.44 -38.34
N GLN CB 818 -20.46 34.69 -38.55
CA GLN CB 818 -19.53 35.67 -39.12
C GLN CB 818 -18.37 35.92 -38.16
N VAL CB 819 -17.23 36.30 -38.74
CA VAL CB 819 -16.02 36.61 -37.99
C VAL CB 819 -15.64 38.06 -38.27
N TYR CB 820 -15.28 38.78 -37.21
CA TYR CB 820 -14.85 40.17 -37.31
C TYR CB 820 -13.38 40.25 -36.95
N THR CB 821 -12.56 40.73 -37.88
CA THR CB 821 -11.12 40.83 -37.70
C THR CB 821 -10.77 42.32 -37.55
N GLU CB 822 -10.16 42.67 -36.42
CA GLU CB 822 -9.79 44.05 -36.15
C GLU CB 822 -8.33 44.27 -36.55
N GLY CB 823 -8.08 45.40 -37.22
CA GLY CB 823 -6.74 45.73 -37.62
C GLY CB 823 -5.86 46.14 -36.46
N THR CB 824 -4.57 46.22 -36.74
CA THR CB 824 -3.59 46.59 -35.71
C THR CB 824 -3.48 48.09 -35.58
N ALA DB 104 1.48 -20.11 -72.84
CA ALA DB 104 2.86 -19.64 -72.80
C ALA DB 104 2.95 -18.28 -72.10
N GLU DB 105 3.25 -17.24 -72.88
CA GLU DB 105 3.36 -15.89 -72.37
C GLU DB 105 2.07 -15.09 -72.48
N VAL DB 106 1.03 -15.65 -73.10
CA VAL DB 106 -0.25 -14.97 -73.16
C VAL DB 106 -0.89 -14.90 -71.78
N ILE DB 107 -0.53 -15.83 -70.89
CA ILE DB 107 -1.01 -15.77 -69.52
C ILE DB 107 -0.55 -14.48 -68.86
N ASP DB 108 0.70 -14.07 -69.11
CA ASP DB 108 1.20 -12.81 -68.57
C ASP DB 108 0.38 -11.62 -69.09
N LYS DB 109 0.08 -11.61 -70.38
CA LYS DB 109 -0.66 -10.48 -70.96
C LYS DB 109 -2.07 -10.39 -70.38
N LYS DB 110 -2.78 -11.52 -70.33
CA LYS DB 110 -4.15 -11.47 -69.83
C LYS DB 110 -4.19 -11.24 -68.33
N ALA DB 111 -3.20 -11.74 -67.58
CA ALA DB 111 -3.09 -11.41 -66.17
C ALA DB 111 -2.82 -9.93 -65.98
N PHE DB 112 -2.04 -9.32 -66.87
CA PHE DB 112 -1.79 -7.88 -66.77
C PHE DB 112 -3.06 -7.09 -67.08
N LYS DB 113 -3.85 -7.54 -68.04
CA LYS DB 113 -5.12 -6.88 -68.33
C LYS DB 113 -6.05 -6.94 -67.12
N ASP DB 114 -6.18 -8.12 -66.51
CA ASP DB 114 -7.01 -8.26 -65.32
C ASP DB 114 -6.45 -7.42 -64.17
N MET DB 115 -5.13 -7.40 -64.01
CA MET DB 115 -4.50 -6.63 -62.95
C MET DB 115 -4.75 -5.14 -63.11
N THR DB 116 -4.61 -4.62 -64.33
CA THR DB 116 -4.82 -3.19 -64.55
C THR DB 116 -6.29 -2.82 -64.52
N ARG DB 117 -7.19 -3.79 -64.76
CA ARG DB 117 -8.61 -3.49 -64.54
C ARG DB 117 -8.96 -3.50 -63.06
N ASN DB 118 -8.31 -4.35 -62.27
CA ASN DB 118 -8.58 -4.40 -60.83
C ASN DB 118 -7.95 -3.23 -60.08
N LEU DB 119 -6.78 -2.78 -60.52
CA LEU DB 119 -6.08 -1.70 -59.81
C LEU DB 119 -6.77 -0.35 -60.03
N TYR DB 120 -7.21 -0.10 -61.26
CA TYR DB 120 -7.87 1.15 -61.64
C TYR DB 120 -9.23 0.79 -62.21
N PRO DB 121 -10.22 0.49 -61.35
CA PRO DB 121 -11.54 0.10 -61.86
C PRO DB 121 -12.23 1.20 -62.65
N LEU DB 122 -11.88 2.46 -62.44
CA LEU DB 122 -12.45 3.56 -63.19
C LEU DB 122 -11.50 3.94 -64.31
N ASN DB 123 -12.00 3.92 -65.55
CA ASN DB 123 -11.20 4.30 -66.70
C ASN DB 123 -10.86 5.79 -66.62
N PRO DB 124 -9.84 6.22 -67.36
CA PRO DB 124 -9.57 7.67 -67.43
C PRO DB 124 -10.76 8.47 -67.91
N GLU DB 125 -11.60 7.89 -68.77
CA GLU DB 125 -12.84 8.54 -69.16
C GLU DB 125 -13.88 8.49 -68.04
N GLN DB 126 -13.98 7.35 -67.36
CA GLN DB 126 -14.91 7.26 -66.24
C GLN DB 126 -14.50 8.17 -65.08
N VAL DB 127 -13.22 8.50 -64.94
CA VAL DB 127 -12.79 9.42 -63.90
C VAL DB 127 -13.32 10.83 -64.18
N VAL DB 128 -13.24 11.27 -65.44
CA VAL DB 128 -13.80 12.58 -65.76
C VAL DB 128 -15.33 12.53 -65.67
N LYS DB 129 -15.93 11.39 -65.99
CA LYS DB 129 -17.37 11.21 -65.74
C LYS DB 129 -17.70 11.45 -64.27
N LEU DB 130 -16.98 10.78 -63.38
CA LEU DB 130 -17.25 10.89 -61.95
C LEU DB 130 -17.00 12.31 -61.46
N LYS DB 131 -15.94 12.95 -61.95
CA LYS DB 131 -15.65 14.32 -61.54
C LYS DB 131 -16.76 15.26 -61.98
N GLN DB 132 -17.25 15.10 -63.20
CA GLN DB 132 -18.34 15.94 -63.68
C GLN DB 132 -19.62 15.71 -62.89
N ILE DB 133 -19.93 14.44 -62.58
CA ILE DB 133 -21.12 14.15 -61.78
C ILE DB 133 -20.99 14.78 -60.40
N TYR DB 134 -19.81 14.69 -59.79
CA TYR DB 134 -19.60 15.28 -58.47
C TYR DB 134 -19.77 16.79 -58.51
N GLU DB 135 -19.19 17.45 -59.52
CA GLU DB 135 -19.32 18.90 -59.61
C GLU DB 135 -20.77 19.30 -59.87
N THR DB 136 -21.48 18.53 -60.68
CA THR DB 136 -22.90 18.80 -60.92
C THR DB 136 -23.71 18.66 -59.64
N SER DB 137 -23.42 17.62 -58.84
CA SER DB 137 -24.12 17.44 -57.58
C SER DB 137 -23.84 18.59 -56.62
N GLU DB 138 -22.58 19.05 -56.55
CA GLU DB 138 -22.25 20.19 -55.70
C GLU DB 138 -22.94 21.45 -56.18
N TYR DB 139 -23.03 21.64 -57.50
CA TYR DB 139 -23.73 22.80 -58.05
C TYR DB 139 -25.20 22.77 -57.68
N ALA DB 140 -25.84 21.60 -57.78
CA ALA DB 140 -27.24 21.48 -57.40
C ALA DB 140 -27.43 21.71 -55.90
N LYS DB 141 -26.50 21.22 -55.08
CA LYS DB 141 -26.60 21.41 -53.64
C LYS DB 141 -26.43 22.87 -53.25
N ALA DB 142 -25.54 23.59 -53.92
CA ALA DB 142 -25.25 24.97 -53.57
C ALA DB 142 -26.15 25.97 -54.28
N ALA DB 143 -27.04 25.52 -55.15
CA ALA DB 143 -27.93 26.43 -55.86
C ALA DB 143 -29.02 26.94 -54.93
N THR DB 144 -29.24 28.24 -54.94
CA THR DB 144 -30.27 28.85 -54.12
C THR DB 144 -31.64 28.61 -54.74
N PRO DB 145 -32.62 28.17 -53.96
CA PRO DB 145 -33.98 27.98 -54.52
C PRO DB 145 -34.62 29.34 -54.82
N GLY DB 146 -35.13 29.47 -56.03
CA GLY DB 146 -35.70 30.73 -56.45
C GLY DB 146 -34.64 31.76 -56.75
N THR DB 147 -35.08 33.00 -56.86
CA THR DB 147 -34.16 34.10 -57.12
C THR DB 147 -33.46 34.49 -55.82
N PRO DB 148 -32.13 34.56 -55.80
CA PRO DB 148 -31.45 35.09 -54.64
C PRO DB 148 -31.82 36.54 -54.41
N PRO DB 149 -31.82 37.01 -53.17
CA PRO DB 149 -32.20 38.40 -52.90
C PRO DB 149 -31.27 39.37 -53.60
N LYS DB 150 -31.85 40.46 -54.10
CA LYS DB 150 -31.06 41.50 -54.74
C LYS DB 150 -30.23 42.23 -53.68
N PRO DB 151 -28.92 42.33 -53.84
CA PRO DB 151 -28.09 43.05 -52.88
C PRO DB 151 -28.22 44.56 -53.09
N THR DB 152 -28.91 45.22 -52.16
CA THR DB 152 -29.15 46.65 -52.25
C THR DB 152 -28.55 47.37 -51.06
N ALA DB 153 -28.08 48.59 -51.30
CA ALA DB 153 -27.61 49.49 -50.26
C ALA DB 153 -28.64 50.60 -50.15
N THR DB 154 -29.51 50.51 -49.15
CA THR DB 154 -30.63 51.43 -49.01
C THR DB 154 -30.31 52.49 -47.97
N SER DB 155 -31.21 53.46 -47.86
CA SER DB 155 -31.08 54.55 -46.89
C SER DB 155 -32.46 54.91 -46.38
N GLN DB 156 -32.62 54.89 -45.05
CA GLN DB 156 -33.90 55.16 -44.41
C GLN DB 156 -33.76 56.35 -43.47
N PHE DB 157 -34.87 57.02 -43.22
CA PHE DB 157 -34.93 58.12 -42.27
C PHE DB 157 -35.70 57.63 -41.04
N VAL DB 158 -35.03 57.61 -39.89
CA VAL DB 158 -35.65 57.13 -38.66
C VAL DB 158 -36.43 58.27 -38.04
N ASN DB 159 -37.75 58.08 -37.93
CA ASN DB 159 -38.64 59.05 -37.30
C ASN DB 159 -39.06 58.50 -35.94
N LEU DB 160 -38.58 59.14 -34.88
CA LEU DB 160 -38.80 58.67 -33.52
C LEU DB 160 -40.10 59.17 -32.91
N SER DB 161 -40.86 59.98 -33.64
CA SER DB 161 -42.14 60.46 -33.12
C SER DB 161 -43.08 59.27 -32.93
N PRO DB 162 -43.88 59.27 -31.85
CA PRO DB 162 -44.82 58.18 -31.64
C PRO DB 162 -45.81 58.05 -32.78
N GLY DB 163 -46.13 56.81 -33.14
CA GLY DB 163 -46.98 56.52 -34.27
C GLY DB 163 -46.25 56.16 -35.54
N SER DB 164 -44.93 56.37 -35.59
CA SER DB 164 -44.14 56.05 -36.77
C SER DB 164 -43.63 54.62 -36.67
N THR DB 165 -43.72 53.92 -37.80
CA THR DB 165 -43.33 52.52 -37.85
C THR DB 165 -41.82 52.37 -37.71
N PRO DB 166 -41.36 51.42 -36.89
CA PRO DB 166 -39.92 51.19 -36.77
C PRO DB 166 -39.34 50.75 -38.10
N PRO DB 167 -38.10 51.14 -38.40
CA PRO DB 167 -37.49 50.74 -39.68
C PRO DB 167 -37.36 49.23 -39.81
N VAL DB 168 -37.56 48.75 -41.02
CA VAL DB 168 -37.49 47.33 -41.35
C VAL DB 168 -36.19 47.08 -42.12
N ILE DB 169 -35.49 46.01 -41.75
CA ILE DB 169 -34.19 45.67 -42.32
C ILE DB 169 -34.31 44.30 -42.96
N ARG DB 170 -34.03 44.24 -44.26
CA ARG DB 170 -34.10 42.99 -45.02
C ARG DB 170 -32.76 42.28 -44.90
N LEU DB 171 -32.76 41.13 -44.23
CA LEU DB 171 -31.56 40.33 -44.04
C LEU DB 171 -31.64 39.08 -44.92
N SER DB 172 -30.58 38.26 -44.85
CA SER DB 172 -30.53 36.99 -45.54
C SER DB 172 -29.68 36.03 -44.74
N GLN DB 173 -30.00 34.75 -44.83
CA GLN DB 173 -29.29 33.75 -44.05
C GLN DB 173 -27.84 33.64 -44.49
N GLY DB 174 -26.93 33.81 -43.54
CA GLY DB 174 -25.50 33.72 -43.82
C GLY DB 174 -24.89 34.96 -44.46
N PHE DB 175 -25.64 36.05 -44.59
CA PHE DB 175 -25.15 37.26 -45.23
C PHE DB 175 -25.05 38.39 -44.20
N VAL DB 176 -24.02 39.21 -44.37
CA VAL DB 176 -23.75 40.32 -43.45
C VAL DB 176 -24.52 41.55 -43.92
N SER DB 177 -25.38 42.07 -43.06
CA SER DB 177 -26.08 43.32 -43.29
C SER DB 177 -25.60 44.33 -42.25
N SER DB 178 -25.01 45.42 -42.71
CA SER DB 178 -24.44 46.43 -41.82
C SER DB 178 -25.33 47.66 -41.81
N LEU DB 179 -25.72 48.10 -40.62
CA LEU DB 179 -26.39 49.37 -40.45
C LEU DB 179 -25.42 50.38 -39.87
N VAL DB 180 -25.31 51.53 -40.52
CA VAL DB 180 -24.60 52.68 -39.99
C VAL DB 180 -25.67 53.68 -39.53
N PHE DB 181 -25.46 54.25 -38.35
CA PHE DB 181 -26.39 55.21 -37.78
C PHE DB 181 -25.85 56.62 -37.99
N LEU DB 182 -26.60 57.43 -38.72
CA LEU DB 182 -26.24 58.81 -38.98
C LEU DB 182 -27.33 59.71 -38.40
N ASP DB 183 -26.95 60.92 -38.05
CA ASP DB 183 -27.91 61.91 -37.57
C ASP DB 183 -28.54 62.61 -38.77
N SER DB 184 -29.37 63.63 -38.51
CA SER DB 184 -30.03 64.33 -39.61
C SER DB 184 -29.05 65.06 -40.50
N THR DB 185 -27.87 65.40 -39.98
CA THR DB 185 -26.84 66.06 -40.77
C THR DB 185 -26.00 65.08 -41.57
N GLY DB 186 -26.25 63.78 -41.46
CA GLY DB 186 -25.50 62.78 -42.19
C GLY DB 186 -24.20 62.36 -41.54
N ALA DB 187 -23.83 62.95 -40.42
CA ALA DB 187 -22.63 62.65 -39.66
C ALA DB 187 -22.82 61.36 -38.86
N PRO DB 188 -21.73 60.65 -38.56
CA PRO DB 188 -21.85 59.42 -37.76
C PRO DB 188 -22.43 59.70 -36.38
N TRP DB 189 -23.24 58.74 -35.90
CA TRP DB 189 -23.81 58.79 -34.56
C TRP DB 189 -23.39 57.53 -33.82
N PRO DB 190 -22.38 57.60 -32.95
CA PRO DB 190 -21.87 56.39 -32.30
C PRO DB 190 -22.94 55.70 -31.48
N ILE DB 191 -22.69 54.43 -31.18
CA ILE DB 191 -23.67 53.54 -30.56
C ILE DB 191 -23.29 53.37 -29.11
N ALA DB 192 -24.17 53.78 -28.19
CA ALA DB 192 -23.92 53.57 -26.78
C ALA DB 192 -24.11 52.10 -26.40
N ALA DB 193 -25.17 51.46 -26.89
CA ALA DB 193 -25.43 50.07 -26.60
C ALA DB 193 -26.48 49.54 -27.57
N TYR DB 194 -26.60 48.22 -27.63
CA TYR DB 194 -27.69 47.61 -28.37
C TYR DB 194 -28.20 46.40 -27.60
N ASP DB 195 -29.47 46.07 -27.82
CA ASP DB 195 -30.12 44.93 -27.21
C ASP DB 195 -30.84 44.14 -28.31
N LEU DB 196 -30.49 42.87 -28.45
CA LEU DB 196 -30.99 42.02 -29.52
C LEU DB 196 -31.96 41.01 -28.93
N GLY DB 197 -33.24 41.13 -29.30
CA GLY DB 197 -34.21 40.12 -28.93
C GLY DB 197 -34.14 38.92 -29.87
N ASP DB 198 -34.22 37.73 -29.30
CA ASP DB 198 -34.02 36.47 -30.01
C ASP DB 198 -32.65 36.47 -30.69
N PRO DB 199 -31.56 36.41 -29.92
CA PRO DB 199 -30.23 36.40 -30.52
C PRO DB 199 -29.80 35.05 -31.07
N SER DB 200 -30.67 34.04 -31.01
CA SER DB 200 -30.39 32.75 -31.62
C SER DB 200 -30.68 32.75 -33.12
N SER DB 201 -31.34 33.78 -33.64
CA SER DB 201 -31.64 33.91 -35.05
C SER DB 201 -30.83 34.98 -35.75
N PHE DB 202 -30.12 35.83 -35.00
CA PHE DB 202 -29.27 36.85 -35.57
C PHE DB 202 -27.97 36.93 -34.80
N ASN DB 203 -26.86 37.07 -35.52
CA ASN DB 203 -25.54 37.26 -34.92
C ASN DB 203 -25.06 38.66 -35.22
N ILE DB 204 -24.75 39.44 -34.19
CA ILE DB 204 -24.39 40.84 -34.34
C ILE DB 204 -22.93 41.02 -33.95
N GLN DB 205 -22.15 41.58 -34.87
CA GLN DB 205 -20.77 41.98 -34.61
C GLN DB 205 -20.70 43.50 -34.60
N TRP DB 206 -20.02 44.04 -33.60
CA TRP DB 206 -19.94 45.49 -33.43
C TRP DB 206 -18.77 45.79 -32.50
N ASP DB 207 -17.74 46.45 -33.01
CA ASP DB 207 -16.73 46.99 -32.13
C ASP DB 207 -17.34 48.08 -31.26
N LYS DB 208 -16.96 48.10 -29.98
CA LYS DB 208 -17.70 48.86 -28.98
C LYS DB 208 -17.62 50.36 -29.19
N THR DB 209 -16.76 50.85 -30.08
CA THR DB 209 -16.59 52.28 -30.29
C THR DB 209 -17.36 52.82 -31.48
N SER DB 210 -17.49 52.03 -32.56
CA SER DB 210 -18.03 52.55 -33.81
C SER DB 210 -19.55 52.65 -33.74
N ASN DB 211 -20.15 53.01 -34.88
CA ASN DB 211 -21.59 53.17 -35.01
C ASN DB 211 -22.21 52.19 -36.00
N THR DB 212 -21.49 51.12 -36.35
CA THR DB 212 -21.91 50.19 -37.39
C THR DB 212 -22.16 48.82 -36.78
N LEU DB 213 -23.33 48.27 -37.02
CA LEU DB 213 -23.68 46.93 -36.57
C LEU DB 213 -23.77 46.00 -37.78
N MET DB 214 -23.11 44.84 -37.71
CA MET DB 214 -23.15 43.87 -38.78
C MET DB 214 -23.90 42.63 -38.29
N ILE DB 215 -25.06 42.35 -38.87
CA ILE DB 215 -25.91 41.25 -38.46
C ILE DB 215 -25.92 40.19 -39.55
N GLN DB 216 -25.74 38.94 -39.15
CA GLN DB 216 -25.86 37.79 -40.01
C GLN DB 216 -27.09 37.00 -39.56
N ALA DB 217 -28.04 36.79 -40.46
CA ALA DB 217 -29.24 36.05 -40.14
C ALA DB 217 -28.90 34.57 -39.98
N THR DB 218 -28.86 34.09 -38.74
CA THR DB 218 -28.51 32.70 -38.50
C THR DB 218 -29.57 31.76 -39.05
N LYS DB 219 -30.84 32.14 -38.94
CA LYS DB 219 -31.94 31.28 -39.37
C LYS DB 219 -32.61 31.87 -40.60
N LEU DB 220 -33.30 30.99 -41.34
CA LEU DB 220 -33.79 31.33 -42.67
C LEU DB 220 -34.82 32.45 -42.62
N TYR DB 221 -35.98 32.19 -42.01
CA TYR DB 221 -37.13 33.08 -42.12
C TYR DB 221 -37.58 33.68 -40.80
N ASN DB 222 -36.92 33.37 -39.70
CA ASN DB 222 -37.35 33.88 -38.40
C ASN DB 222 -36.92 35.32 -38.24
N TYR DB 223 -37.88 36.21 -38.05
CA TYR DB 223 -37.63 37.64 -37.89
C TYR DB 223 -37.72 38.04 -36.43
N GLY DB 224 -37.08 39.17 -36.12
CA GLY DB 224 -37.08 39.68 -34.76
C GLY DB 224 -36.96 41.19 -34.72
N ASN DB 225 -36.56 41.75 -33.58
CA ASN DB 225 -36.34 43.19 -33.49
C ASN DB 225 -35.06 43.46 -32.72
N LEU DB 226 -34.72 44.75 -32.61
CA LEU DB 226 -33.47 45.17 -32.02
C LEU DB 226 -33.61 46.61 -31.54
N ALA DB 227 -33.03 46.90 -30.38
CA ALA DB 227 -33.00 48.24 -29.82
C ALA DB 227 -31.58 48.77 -29.87
N VAL DB 228 -31.41 50.00 -30.33
CA VAL DB 228 -30.10 50.62 -30.48
C VAL DB 228 -30.13 51.94 -29.73
N ARG DB 229 -29.50 51.97 -28.56
CA ARG DB 229 -29.36 53.21 -27.79
C ARG DB 229 -28.11 53.92 -28.28
N LEU DB 230 -28.29 55.10 -28.88
CA LEU DB 230 -27.19 55.87 -29.42
C LEU DB 230 -26.58 56.76 -28.33
N ARG DB 231 -25.60 57.57 -28.72
CA ARG DB 231 -24.81 58.31 -27.73
C ARG DB 231 -25.64 59.43 -27.09
N GLY DB 232 -26.08 60.38 -27.91
CA GLY DB 232 -26.84 61.51 -27.41
C GLY DB 232 -28.34 61.31 -27.36
N LEU DB 233 -28.83 60.12 -27.65
CA LEU DB 233 -30.26 59.86 -27.72
C LEU DB 233 -30.76 59.22 -26.42
N ASN DB 234 -31.75 59.85 -25.81
CA ASN DB 234 -32.48 59.19 -24.73
C ASN DB 234 -33.45 58.16 -25.29
N THR DB 235 -34.04 58.45 -26.44
CA THR DB 235 -34.98 57.53 -27.07
C THR DB 235 -34.23 56.49 -27.88
N PRO DB 236 -34.33 55.21 -27.54
CA PRO DB 236 -33.65 54.18 -28.34
C PRO DB 236 -34.29 54.03 -29.70
N VAL DB 237 -33.48 53.54 -30.65
CA VAL DB 237 -33.93 53.31 -32.01
C VAL DB 237 -34.40 51.87 -32.12
N MET DB 238 -35.68 51.66 -32.37
CA MET DB 238 -36.26 50.33 -32.50
C MET DB 238 -36.32 49.95 -33.97
N LEU DB 239 -35.77 48.79 -34.31
CA LEU DB 239 -35.78 48.29 -35.68
C LEU DB 239 -36.27 46.86 -35.68
N THR DB 240 -36.86 46.44 -36.80
CA THR DB 240 -37.27 45.06 -36.99
C THR DB 240 -36.47 44.43 -38.13
N LEU DB 241 -35.95 43.24 -37.89
CA LEU DB 241 -35.08 42.54 -38.82
C LEU DB 241 -35.82 41.33 -39.37
N ILE DB 242 -36.09 41.33 -40.67
CA ILE DB 242 -36.75 40.21 -41.33
C ILE DB 242 -35.78 39.61 -42.36
N PRO DB 243 -35.41 38.35 -42.23
CA PRO DB 243 -34.58 37.70 -43.24
C PRO DB 243 -35.43 37.00 -44.29
N GLY DB 244 -34.75 36.51 -45.33
CA GLY DB 244 -35.42 35.77 -46.38
C GLY DB 244 -36.39 36.58 -47.21
N GLN DB 245 -36.02 37.79 -47.60
CA GLN DB 245 -36.87 38.62 -48.43
C GLN DB 245 -36.37 38.61 -49.88
N LYS DB 246 -37.14 39.25 -50.75
CA LYS DB 246 -36.72 39.37 -52.15
C LYS DB 246 -35.52 40.30 -52.33
N ALA DB 247 -35.15 41.05 -51.30
CA ALA DB 247 -33.97 41.89 -51.31
C ALA DB 247 -33.18 41.68 -50.04
N VAL DB 248 -31.87 41.88 -50.12
CA VAL DB 248 -30.98 41.81 -48.97
C VAL DB 248 -30.27 43.15 -48.85
N ASP DB 249 -30.38 43.78 -47.69
CA ASP DB 249 -29.79 45.09 -47.45
C ASP DB 249 -28.34 44.89 -47.02
N TYR DB 250 -27.42 45.04 -47.96
CA TYR DB 250 -26.00 44.96 -47.62
C TYR DB 250 -25.59 46.08 -46.67
N ARG DB 251 -26.17 47.27 -46.85
CA ARG DB 251 -25.88 48.40 -45.99
C ARG DB 251 -27.09 49.32 -45.96
N VAL DB 252 -27.43 49.81 -44.76
CA VAL DB 252 -28.55 50.71 -44.56
C VAL DB 252 -28.02 51.97 -43.88
N ASP DB 253 -28.31 53.13 -44.48
CA ASP DB 253 -27.92 54.42 -43.91
C ASP DB 253 -29.13 54.98 -43.16
N LEU DB 254 -29.13 54.83 -41.84
CA LEU DB 254 -30.27 55.24 -41.02
C LEU DB 254 -30.05 56.68 -40.56
N ARG DB 255 -30.85 57.59 -41.10
CA ARG DB 255 -30.78 59.00 -40.73
C ARG DB 255 -31.73 59.25 -39.56
N VAL DB 256 -31.20 59.13 -38.34
CA VAL DB 256 -32.01 59.37 -37.16
C VAL DB 256 -32.42 60.83 -37.09
N GLN DB 257 -33.50 61.10 -36.35
CA GLN DB 257 -34.09 62.43 -36.32
C GLN DB 257 -33.20 63.45 -35.61
N GLY DB 258 -32.47 63.02 -34.60
CA GLY DB 258 -31.74 63.95 -33.75
C GLY DB 258 -30.42 64.40 -34.34
N TYR DB 259 -29.66 65.11 -33.53
CA TYR DB 259 -28.32 65.59 -33.88
C TYR DB 259 -27.32 64.89 -32.98
N GLY DB 260 -26.37 64.19 -33.59
CA GLY DB 260 -25.40 63.42 -32.85
C GLY DB 260 -24.23 64.26 -32.35
N PRO DB 261 -23.25 63.61 -31.73
CA PRO DB 261 -22.06 64.35 -31.25
C PRO DB 261 -21.17 64.86 -32.37
N ASN DB 262 -21.48 64.58 -33.63
CA ASN DB 262 -20.73 65.09 -34.77
C ASN DB 262 -21.64 66.04 -35.54
N ALA DB 263 -21.18 67.27 -35.73
CA ALA DB 263 -21.97 68.29 -36.42
C ALA DB 263 -21.31 68.72 -37.72
N CYS EB 1 -70.18 31.95 -33.85
CA CYS EB 1 -69.26 32.93 -33.27
C CYS EB 1 -69.90 33.70 -32.13
N THR EB 2 -70.16 34.98 -32.38
CA THR EB 2 -70.74 35.84 -31.35
C THR EB 2 -72.15 35.41 -30.98
N ASP EB 3 -72.95 34.99 -31.97
CA ASP EB 3 -74.29 34.49 -31.66
C ASP EB 3 -74.23 33.27 -30.75
N ALA EB 4 -73.33 32.33 -31.07
CA ALA EB 4 -73.17 31.15 -30.23
C ALA EB 4 -72.66 31.52 -28.85
N ALA EB 5 -71.73 32.49 -28.77
CA ALA EB 5 -71.21 32.91 -27.48
C ALA EB 5 -72.29 33.53 -26.61
N LEU EB 6 -73.11 34.41 -27.18
CA LEU EB 6 -74.20 35.01 -26.42
C LEU EB 6 -75.25 33.98 -26.02
N ALA EB 7 -75.56 33.04 -26.92
CA ALA EB 7 -76.54 32.01 -26.58
C ALA EB 7 -76.03 31.13 -25.45
N ALA EB 8 -74.74 30.75 -25.49
CA ALA EB 8 -74.17 29.95 -24.41
C ALA EB 8 -74.12 30.74 -23.11
N LEU EB 9 -73.81 32.03 -23.18
CA LEU EB 9 -73.78 32.85 -21.98
C LEU EB 9 -75.16 32.96 -21.35
N GLU EB 10 -76.20 33.16 -22.16
CA GLU EB 10 -77.55 33.25 -21.62
C GLU EB 10 -78.04 31.89 -21.12
N TYR EB 11 -77.60 30.80 -21.75
CA TYR EB 11 -77.92 29.47 -21.24
C TYR EB 11 -77.28 29.24 -19.89
N HIS EB 12 -76.04 29.70 -19.71
CA HIS EB 12 -75.37 29.57 -18.42
C HIS EB 12 -76.01 30.46 -17.36
N LYS EB 13 -76.44 31.66 -17.75
CA LYS EB 13 -77.06 32.57 -16.79
C LYS EB 13 -78.44 32.09 -16.36
N SER EB 14 -79.25 31.60 -17.30
CA SER EB 14 -80.56 31.08 -16.95
C SER EB 14 -80.45 29.75 -16.21
N ASN EB 15 -79.54 28.89 -16.62
CA ASN EB 15 -79.27 27.62 -15.96
C ASN EB 15 -77.93 27.76 -15.23
N ALA EB 16 -78.00 28.23 -14.00
CA ALA EB 16 -76.82 28.59 -13.21
C ALA EB 16 -75.75 27.51 -13.17
N CYS FB 1 -67.80 35.28 -17.81
CA CYS FB 1 -68.11 33.90 -17.49
C CYS FB 1 -67.80 32.97 -18.66
N VAL FB 2 -67.57 33.56 -19.83
CA VAL FB 2 -67.30 32.81 -21.05
C VAL FB 2 -65.83 32.96 -21.40
N SER FB 3 -65.17 31.84 -21.66
CA SER FB 3 -63.80 31.83 -22.15
C SER FB 3 -63.85 31.59 -23.65
N MET FB 4 -63.30 32.55 -24.41
CA MET FB 4 -63.53 32.57 -25.85
C MET FB 4 -62.84 31.44 -26.58
N ILE FB 5 -61.81 30.83 -25.98
CA ILE FB 5 -61.09 29.75 -26.64
C ILE FB 5 -62.01 28.55 -26.83
N GLY FB 6 -62.88 28.28 -25.86
CA GLY FB 6 -63.83 27.19 -25.99
C GLY FB 6 -65.04 27.54 -26.84
N GLY FB 7 -64.79 28.18 -27.97
CA GLY FB 7 -65.85 28.61 -28.87
C GLY FB 7 -66.08 27.59 -29.98
N SER FB 8 -67.35 27.26 -30.20
CA SER FB 8 -67.74 26.33 -31.25
C SER FB 8 -69.14 26.68 -31.71
N ARG FB 9 -69.32 26.80 -33.02
CA ARG FB 9 -70.61 27.16 -33.58
C ARG FB 9 -71.60 26.01 -33.40
N ARG GB 1 -68.60 25.48 -24.75
CA ARG GB 1 -68.25 26.45 -23.72
C ARG GB 1 -68.55 25.89 -22.34
N VAL GB 2 -67.72 26.25 -21.37
CA VAL GB 2 -67.86 25.76 -19.99
C VAL GB 2 -67.71 26.94 -19.04
N SER GB 3 -68.60 27.01 -18.06
CA SER GB 3 -68.69 28.13 -17.14
C SER GB 3 -67.62 28.03 -16.06
N ILE GB 4 -67.47 29.11 -15.28
CA ILE GB 4 -66.56 29.13 -14.13
C ILE GB 4 -67.14 28.38 -12.94
N GLY GB 5 -68.40 27.98 -13.00
CA GLY GB 5 -68.91 27.09 -11.96
C GLY GB 5 -68.36 25.68 -12.05
N GLY GB 6 -67.68 25.33 -13.12
CA GLY GB 6 -67.18 23.99 -13.34
C GLY GB 6 -68.08 23.10 -14.18
N THR GB 7 -69.33 23.52 -14.40
CA THR GB 7 -70.27 22.76 -15.20
C THR GB 7 -70.28 23.27 -16.63
N VAL GB 8 -70.47 22.36 -17.58
CA VAL GB 8 -70.47 22.70 -19.00
C VAL GB 8 -71.83 23.27 -19.38
N TYR GB 9 -71.81 24.41 -20.06
CA TYR GB 9 -73.01 25.03 -20.63
C TYR GB 9 -72.66 25.54 -22.02
N THR GB 10 -73.16 24.86 -23.05
CA THR GB 10 -72.78 25.13 -24.42
C THR GB 10 -74.03 25.34 -25.28
N ALA GB 11 -73.89 26.17 -26.31
CA ALA GB 11 -74.97 26.40 -27.26
C ALA GB 11 -75.08 25.23 -28.23
N LYS GB 12 -76.23 25.13 -28.88
CA LYS GB 12 -76.49 24.02 -29.79
C LYS GB 12 -75.86 24.23 -31.16
N LYS GB 13 -76.31 25.25 -31.88
CA LYS GB 13 -75.82 25.52 -33.24
C LYS GB 13 -76.14 26.96 -33.59
N TYR GB 14 -75.10 27.76 -33.85
CA TYR GB 14 -75.28 29.17 -34.21
C TYR GB 14 -74.14 29.57 -35.14
N ASP GB 15 -74.50 30.10 -36.31
CA ASP GB 15 -73.52 30.49 -37.32
C ASP GB 15 -73.71 31.95 -37.70
N ASP GB 16 -72.62 32.59 -38.08
CA ASP GB 16 -72.65 33.99 -38.51
C ASP GB 16 -71.93 34.17 -39.84
N PRO HB 1 -61.87 29.78 -32.16
CA PRO HB 1 -62.05 29.19 -33.48
C PRO HB 1 -63.17 29.85 -34.28
N PHE HB 2 -62.89 31.00 -34.89
CA PHE HB 2 -63.89 31.82 -35.53
C PHE HB 2 -63.44 32.21 -36.94
N GLY HB 3 -64.31 32.93 -37.63
CA GLY HB 3 -64.04 33.36 -38.99
C GLY HB 3 -63.84 34.85 -39.16
N ALA HB 4 -64.18 35.61 -38.11
CA ALA HB 4 -64.01 37.06 -38.11
C ALA HB 4 -62.69 37.50 -37.50
N ASP HB 5 -61.73 36.60 -37.39
CA ASP HB 5 -60.44 36.92 -36.79
C ASP HB 5 -59.68 37.98 -37.60
N ARG IB 207 -69.64 62.20 -29.68
CA ARG IB 207 -69.34 61.53 -28.43
C ARG IB 207 -67.84 61.23 -28.33
N ILE IB 208 -67.49 60.23 -27.51
CA ILE IB 208 -66.12 59.80 -27.32
C ILE IB 208 -65.99 58.37 -27.83
N ILE IB 209 -65.00 58.13 -28.69
CA ILE IB 209 -64.81 56.84 -29.33
C ILE IB 209 -63.77 56.05 -28.53
N TYR IB 210 -64.12 54.83 -28.14
CA TYR IB 210 -63.26 53.98 -27.34
C TYR IB 210 -62.69 52.87 -28.21
N TYR IB 211 -61.37 52.69 -28.16
CA TYR IB 211 -60.67 51.61 -28.85
C TYR IB 211 -60.13 50.63 -27.83
N ILE IB 212 -59.81 49.43 -28.29
CA ILE IB 212 -59.20 48.43 -27.43
C ILE IB 212 -57.70 48.66 -27.41
N GLN IB 213 -57.16 48.91 -26.21
CA GLN IB 213 -55.72 48.91 -26.04
C GLN IB 213 -55.18 47.50 -25.94
N ALA IB 214 -55.80 46.68 -25.09
CA ALA IB 214 -55.43 45.27 -24.96
C ALA IB 214 -56.66 44.48 -24.54
N VAL IB 215 -56.65 43.19 -24.83
CA VAL IB 215 -57.79 42.33 -24.52
C VAL IB 215 -57.28 40.96 -24.10
N ILE IB 216 -57.88 40.44 -23.04
CA ILE IB 216 -57.65 39.07 -22.58
C ILE IB 216 -58.98 38.48 -22.14
N PRO IB 217 -59.07 37.14 -22.01
CA PRO IB 217 -60.30 36.55 -21.47
C PRO IB 217 -60.71 37.17 -20.15
N GLY IB 218 -61.83 37.87 -20.15
CA GLY IB 218 -62.23 38.65 -18.99
C GLY IB 218 -62.04 40.13 -19.19
N ARG IB 219 -61.00 40.71 -18.57
CA ARG IB 219 -60.78 42.14 -18.64
C ARG IB 219 -60.39 42.58 -20.05
N ALA IB 220 -60.63 43.85 -20.33
CA ALA IB 220 -60.19 44.47 -21.58
C ALA IB 220 -59.85 45.92 -21.28
N TRP IB 221 -58.61 46.31 -21.58
CA TRP IB 221 -58.15 47.67 -21.37
C TRP IB 221 -58.40 48.49 -22.63
N LEU IB 222 -59.10 49.61 -22.46
CA LEU IB 222 -59.50 50.48 -23.57
C LEU IB 222 -58.90 51.86 -23.40
N ILE IB 223 -58.68 52.53 -24.54
CA ILE IB 223 -58.22 53.91 -24.59
C ILE IB 223 -59.19 54.70 -25.46
N GLY IB 224 -59.67 55.83 -24.93
CA GLY IB 224 -60.59 56.68 -25.64
C GLY IB 224 -59.89 57.73 -26.48
N SER IB 225 -60.68 58.69 -26.97
CA SER IB 225 -60.15 59.78 -27.76
C SER IB 225 -59.55 60.89 -26.92
N ASN IB 226 -59.79 60.90 -25.61
CA ASN IB 226 -59.25 61.91 -24.71
C ASN IB 226 -57.94 61.49 -24.07
N GLY IB 227 -57.43 60.32 -24.41
CA GLY IB 227 -56.27 59.76 -23.73
C GLY IB 227 -56.59 59.03 -22.46
N SER IB 228 -57.87 58.97 -22.06
CA SER IB 228 -58.24 58.25 -20.86
C SER IB 228 -58.12 56.74 -21.07
N THR IB 229 -57.83 56.03 -19.98
CA THR IB 229 -57.66 54.59 -20.00
C THR IB 229 -58.68 53.95 -19.06
N LEU IB 230 -59.40 52.96 -19.56
CA LEU IB 230 -60.37 52.22 -18.77
C LEU IB 230 -60.05 50.73 -18.84
N THR IB 231 -60.64 49.97 -17.94
CA THR IB 231 -60.61 48.51 -18.01
C THR IB 231 -62.01 48.00 -17.72
N VAL IB 232 -62.50 47.07 -18.55
CA VAL IB 232 -63.88 46.64 -18.49
C VAL IB 232 -63.94 45.12 -18.38
N ARG IB 233 -65.03 44.64 -17.82
CA ARG IB 233 -65.29 43.21 -17.63
C ARG IB 233 -66.54 42.82 -18.42
N GLU IB 234 -66.98 41.56 -18.23
CA GLU IB 234 -68.11 41.03 -18.98
C GLU IB 234 -69.31 41.95 -18.90
N GLY IB 235 -69.71 42.34 -17.69
CA GLY IB 235 -70.72 43.36 -17.53
C GLY IB 235 -70.16 44.59 -16.85
N SER IB 236 -70.05 45.70 -17.58
CA SER IB 236 -69.41 46.90 -17.05
C SER IB 236 -69.88 48.10 -17.84
N LYS IB 237 -70.10 49.22 -17.14
CA LYS IB 237 -70.61 50.43 -17.78
C LYS IB 237 -69.49 51.15 -18.52
N ILE IB 238 -69.80 51.64 -19.71
CA ILE IB 238 -68.89 52.45 -20.51
C ILE IB 238 -69.63 53.73 -20.89
N PRO IB 239 -69.06 54.91 -20.65
CA PRO IB 239 -69.76 56.16 -20.96
C PRO IB 239 -70.02 56.29 -22.45
N GLY IB 240 -71.28 56.39 -22.81
CA GLY IB 240 -71.72 56.52 -24.20
C GLY IB 240 -72.03 55.21 -24.89
N TYR IB 241 -71.25 54.16 -24.61
CA TYR IB 241 -71.47 52.85 -25.20
C TYR IB 241 -72.41 51.97 -24.41
N GLY IB 242 -72.86 52.41 -23.23
CA GLY IB 242 -73.80 51.64 -22.45
C GLY IB 242 -73.15 50.68 -21.48
N MET IB 243 -73.44 49.38 -21.62
CA MET IB 243 -72.90 48.34 -20.75
C MET IB 243 -72.33 47.22 -21.61
N VAL IB 244 -71.18 46.69 -21.19
CA VAL IB 244 -70.52 45.64 -21.95
C VAL IB 244 -71.40 44.38 -21.95
N LYS IB 245 -71.61 43.81 -23.14
CA LYS IB 245 -72.39 42.60 -23.29
C LYS IB 245 -71.54 41.38 -23.58
N LEU IB 246 -70.41 41.55 -24.26
CA LEU IB 246 -69.52 40.43 -24.57
C LEU IB 246 -68.13 40.98 -24.88
N ILE IB 247 -67.11 40.23 -24.51
CA ILE IB 247 -65.72 40.58 -24.79
C ILE IB 247 -65.11 39.40 -25.55
N ASP IB 248 -65.13 39.46 -26.87
CA ASP IB 248 -64.52 38.45 -27.72
C ASP IB 248 -63.03 38.71 -27.76
N SER IB 249 -62.27 37.94 -26.97
CA SER IB 249 -60.84 38.18 -26.84
C SER IB 249 -60.06 37.77 -28.09
N LEU IB 250 -60.49 36.69 -28.76
CA LEU IB 250 -59.72 36.20 -29.91
C LEU IB 250 -59.79 37.17 -31.08
N GLN IB 251 -60.98 37.71 -31.38
CA GLN IB 251 -61.12 38.67 -32.46
C GLN IB 251 -60.84 40.10 -32.04
N GLY IB 252 -60.64 40.34 -30.74
CA GLY IB 252 -60.50 41.71 -30.25
C GLY IB 252 -61.75 42.54 -30.43
N ARG IB 253 -62.91 41.97 -30.14
CA ARG IB 253 -64.18 42.66 -30.25
C ARG IB 253 -64.79 42.85 -28.86
N ILE IB 254 -65.55 43.92 -28.70
CA ILE IB 254 -66.35 44.15 -27.50
C ILE IB 254 -67.74 44.56 -27.94
N LEU IB 255 -68.71 43.68 -27.73
CA LEU IB 255 -70.11 43.98 -27.99
C LEU IB 255 -70.70 44.64 -26.76
N THR IB 256 -71.31 45.82 -26.94
CA THR IB 256 -71.97 46.54 -25.87
C THR IB 256 -73.49 46.48 -26.05
N SER IB 257 -74.20 47.01 -25.06
CA SER IB 257 -75.65 46.95 -25.06
C SER IB 257 -76.26 47.89 -26.11
N SER IB 258 -75.61 49.02 -26.37
CA SER IB 258 -76.11 49.99 -27.34
C SER IB 258 -75.87 49.55 -28.79
N GLY IB 259 -75.26 48.39 -29.00
CA GLY IB 259 -74.95 47.91 -30.34
C GLY IB 259 -73.62 48.35 -30.87
N GLN IB 260 -72.99 49.36 -30.26
CA GLN IB 260 -71.67 49.78 -30.70
C GLN IB 260 -70.63 48.73 -30.35
N VAL IB 261 -69.71 48.48 -31.27
CA VAL IB 261 -68.67 47.49 -31.11
C VAL IB 261 -67.34 48.22 -30.90
N ILE IB 262 -66.63 47.83 -29.85
CA ILE IB 262 -65.31 48.38 -29.57
C ILE IB 262 -64.26 47.45 -30.17
N LYS IB 263 -63.36 48.01 -30.97
CA LYS IB 263 -62.35 47.27 -31.68
C LYS IB 263 -60.99 47.91 -31.43
N PHE IB 264 -59.94 47.17 -31.80
CA PHE IB 264 -58.61 47.76 -31.85
C PHE IB 264 -58.58 48.90 -32.85
N SER IB 265 -57.79 49.93 -32.54
CA SER IB 265 -57.71 51.09 -33.42
C SER IB 265 -57.14 50.69 -34.77
N GLN IB 266 -57.63 51.36 -35.82
CA GLN IB 266 -57.21 51.02 -37.17
C GLN IB 266 -55.72 51.22 -37.36
N GLU IB 267 -55.19 52.32 -36.82
CA GLU IB 267 -53.76 52.61 -36.88
C GLU IB 267 -52.98 51.95 -35.74
N ASP IB 268 -53.55 50.92 -35.10
CA ASP IB 268 -52.89 50.25 -34.00
C ASP IB 268 -52.91 48.72 -34.11
N SER IB 269 -53.74 48.14 -34.95
CA SER IB 269 -53.81 46.69 -35.07
C SER IB 269 -53.34 46.21 -36.44
N GLN JB 791 -54.28 -1.24 -42.28
CA GLN JB 791 -54.45 -0.23 -41.24
C GLN JB 791 -53.12 0.03 -40.52
N GLN JB 792 -52.17 -0.88 -40.71
CA GLN JB 792 -50.86 -0.74 -40.08
C GLN JB 792 -50.15 0.53 -40.57
N GLU JB 793 -50.26 0.82 -41.87
CA GLU JB 793 -49.65 2.04 -42.40
C GLU JB 793 -50.24 3.29 -41.76
N ILE JB 794 -51.50 3.23 -41.33
CA ILE JB 794 -52.12 4.38 -40.67
C ILE JB 794 -51.42 4.68 -39.35
N GLN JB 795 -51.24 3.65 -38.51
CA GLN JB 795 -50.54 3.86 -37.25
C GLN JB 795 -49.08 4.24 -37.47
N GLN JB 796 -48.43 3.65 -38.47
CA GLN JB 796 -47.04 4.04 -38.76
C GLN JB 796 -46.97 5.51 -39.14
N ARG JB 797 -47.87 5.97 -40.01
CA ARG JB 797 -47.90 7.36 -40.42
C ARG JB 797 -48.13 8.27 -39.21
N THR JB 798 -49.11 7.92 -38.38
CA THR JB 798 -49.41 8.72 -37.20
C THR JB 798 -48.20 8.81 -36.28
N SER JB 799 -47.48 7.70 -36.13
CA SER JB 799 -46.28 7.71 -35.29
C SER JB 799 -45.22 8.65 -35.86
N ASP JB 800 -45.00 8.61 -37.18
CA ASP JB 800 -44.02 9.50 -37.78
C ASP JB 800 -44.39 10.97 -37.60
N MET JB 801 -45.66 11.31 -37.85
CA MET JB 801 -46.07 12.70 -37.68
C MET JB 801 -46.00 13.14 -36.23
N LEU JB 802 -46.31 12.25 -35.28
CA LEU JB 802 -46.20 12.61 -33.87
C LEU JB 802 -44.74 12.82 -33.47
N THR JB 803 -43.84 11.98 -34.00
CA THR JB 803 -42.42 12.14 -33.70
C THR JB 803 -41.90 13.47 -34.24
N ALA JB 804 -42.31 13.84 -35.45
CA ALA JB 804 -41.93 15.16 -35.98
C ALA JB 804 -42.57 16.28 -35.16
N ALA JB 805 -43.82 16.10 -34.73
CA ALA JB 805 -44.56 17.17 -34.10
C ALA JB 805 -44.05 17.47 -32.70
N THR JB 806 -43.63 16.46 -31.96
CA THR JB 806 -43.04 16.72 -30.65
C THR JB 806 -41.82 17.61 -30.79
N GLN JB 807 -40.95 17.31 -31.76
CA GLN JB 807 -39.78 18.14 -32.00
C GLN JB 807 -40.18 19.54 -32.44
N LEU JB 808 -41.19 19.65 -33.31
CA LEU JB 808 -41.64 20.96 -33.78
C LEU JB 808 -42.18 21.81 -32.62
N VAL JB 809 -43.01 21.21 -31.76
CA VAL JB 809 -43.55 21.94 -30.62
C VAL JB 809 -42.43 22.34 -29.66
N GLN JB 810 -41.45 21.45 -29.45
CA GLN JB 810 -40.31 21.79 -28.62
C GLN JB 810 -39.54 22.98 -29.20
N ASP JB 811 -39.38 23.01 -30.52
CA ASP JB 811 -38.72 24.14 -31.16
C ASP JB 811 -39.51 25.43 -30.98
N TRP JB 812 -40.83 25.35 -31.09
CA TRP JB 812 -41.66 26.53 -30.90
C TRP JB 812 -41.62 27.02 -29.46
N LYS JB 813 -41.51 26.11 -28.49
CA LYS JB 813 -41.44 26.51 -27.09
C LYS JB 813 -40.16 27.28 -26.78
N GLN JB 814 -39.08 27.01 -27.51
CA GLN JB 814 -37.80 27.64 -27.23
C GLN JB 814 -37.85 29.12 -27.51
N VAL JB 815 -37.40 29.92 -26.55
CA VAL JB 815 -37.26 31.36 -26.70
C VAL JB 815 -35.89 31.75 -26.17
N GLU JB 816 -35.07 32.38 -27.03
CA GLU JB 816 -33.74 32.79 -26.62
C GLU JB 816 -33.81 34.15 -25.93
N THR JB 817 -33.29 34.23 -24.71
CA THR JB 817 -33.35 35.45 -23.93
C THR JB 817 -32.54 36.56 -24.60
N GLN JB 818 -33.02 37.79 -24.48
CA GLN JB 818 -32.37 38.92 -25.11
C GLN JB 818 -30.99 39.15 -24.51
N VAL JB 819 -30.11 39.76 -25.30
CA VAL JB 819 -28.74 40.05 -24.89
C VAL JB 819 -28.54 41.56 -24.95
N TYR JB 820 -28.01 42.12 -23.87
CA TYR JB 820 -27.69 43.54 -23.78
C TYR JB 820 -26.18 43.69 -23.80
N THR JB 821 -25.67 44.42 -24.79
CA THR JB 821 -24.23 44.65 -24.93
C THR JB 821 -23.95 46.12 -24.70
N GLU JB 822 -23.13 46.42 -23.69
CA GLU JB 822 -22.77 47.79 -23.37
C GLU JB 822 -21.49 48.19 -24.11
N GLY JB 823 -21.48 49.40 -24.63
CA GLY JB 823 -20.31 49.90 -25.32
C GLY JB 823 -19.19 50.26 -24.38
N THR JB 824 -18.02 50.50 -24.95
CA THR JB 824 -16.84 50.84 -24.18
C THR JB 824 -16.84 52.33 -23.82
N ALA KB 104 -18.46 -8.22 -72.80
CA ALA KB 104 -17.17 -7.59 -73.08
C ALA KB 104 -16.97 -6.36 -72.21
N GLU KB 105 -17.00 -5.18 -72.84
CA GLU KB 105 -16.81 -3.92 -72.13
C GLU KB 105 -18.13 -3.27 -71.74
N VAL KB 106 -19.27 -3.82 -72.16
CA VAL KB 106 -20.56 -3.27 -71.75
C VAL KB 106 -20.80 -3.50 -70.26
N ILE KB 107 -20.16 -4.51 -69.68
CA ILE KB 107 -20.23 -4.71 -68.24
C ILE KB 107 -19.71 -3.48 -67.51
N ASP KB 108 -18.61 -2.90 -68.01
CA ASP KB 108 -18.07 -1.70 -67.40
C ASP KB 108 -19.07 -0.54 -67.46
N LYS KB 109 -19.70 -0.34 -68.61
CA LYS KB 109 -20.64 0.77 -68.75
C LYS KB 109 -21.84 0.61 -67.83
N LYS KB 110 -22.44 -0.58 -67.82
CA LYS KB 110 -23.64 -0.78 -67.00
C LYS KB 110 -23.30 -0.80 -65.51
N ALA KB 111 -22.11 -1.30 -65.16
CA ALA KB 111 -21.65 -1.21 -63.78
C ALA KB 111 -21.42 0.24 -63.37
N PHE KB 112 -20.92 1.07 -64.29
CA PHE KB 112 -20.77 2.48 -63.99
C PHE KB 112 -22.11 3.15 -63.79
N LYS KB 113 -23.11 2.77 -64.59
CA LYS KB 113 -24.45 3.31 -64.39
C LYS KB 113 -25.00 2.94 -63.01
N ASP KB 114 -24.91 1.67 -62.64
CA ASP KB 114 -25.40 1.23 -61.33
C ASP KB 114 -24.62 1.90 -60.21
N MET KB 115 -23.30 1.98 -60.36
CA MET KB 115 -22.44 2.65 -59.40
C MET KB 115 -22.80 4.10 -59.22
N THR KB 116 -22.96 4.85 -60.32
CA THR KB 116 -23.23 6.27 -60.19
C THR KB 116 -24.64 6.54 -59.71
N ARG KB 117 -25.54 5.57 -59.86
CA ARG KB 117 -26.84 5.68 -59.21
C ARG KB 117 -26.74 5.40 -57.71
N ASN KB 118 -25.85 4.50 -57.31
CA ASN KB 118 -25.70 4.19 -55.89
C ASN KB 118 -24.93 5.27 -55.14
N LEU KB 119 -23.95 5.91 -55.78
CA LEU KB 119 -23.13 6.91 -55.09
C LEU KB 119 -23.89 8.20 -54.89
N TYR KB 120 -24.69 8.61 -55.87
CA TYR KB 120 -25.48 9.83 -55.82
C TYR KB 120 -26.94 9.44 -56.06
N PRO KB 121 -27.61 8.92 -55.04
CA PRO KB 121 -29.01 8.48 -55.23
C PRO KB 121 -29.96 9.61 -55.58
N LEU KB 122 -29.61 10.86 -55.28
CA LEU KB 122 -30.44 12.00 -55.61
C LEU KB 122 -29.91 12.66 -56.88
N ASN KB 123 -30.77 12.77 -57.89
CA ASN KB 123 -30.40 13.39 -59.14
C ASN KB 123 -30.17 14.88 -58.93
N PRO KB 124 -29.46 15.54 -59.84
CA PRO KB 124 -29.30 17.00 -59.73
C PRO KB 124 -30.61 17.75 -59.68
N GLU KB 125 -31.65 17.21 -60.34
CA GLU KB 125 -32.98 17.81 -60.25
C GLU KB 125 -33.63 17.47 -58.90
N GLN KB 126 -33.48 16.23 -58.44
CA GLN KB 126 -34.05 15.87 -57.14
C GLN KB 126 -33.36 16.58 -55.99
N VAL KB 127 -32.11 17.01 -56.16
CA VAL KB 127 -31.46 17.78 -55.11
C VAL KB 127 -32.12 19.14 -54.95
N VAL KB 128 -32.44 19.80 -56.06
CA VAL KB 128 -33.15 21.08 -55.96
C VAL KB 128 -34.57 20.84 -55.47
N LYS KB 129 -35.17 19.70 -55.83
CA LYS KB 129 -36.46 19.32 -55.26
C LYS KB 129 -36.39 19.29 -53.73
N LEU KB 130 -35.42 18.56 -53.20
CA LEU KB 130 -35.29 18.41 -51.76
C LEU KB 130 -34.96 19.74 -51.09
N LYS KB 131 -34.12 20.56 -51.73
CA LYS KB 131 -33.80 21.87 -51.16
C LYS KB 131 -35.04 22.75 -51.08
N GLN KB 132 -35.85 22.75 -52.15
CA GLN KB 132 -37.07 23.55 -52.13
C GLN KB 132 -38.05 23.05 -51.10
N ILE KB 133 -38.19 21.72 -50.96
CA ILE KB 133 -39.08 21.16 -49.95
C ILE KB 133 -38.61 21.55 -48.56
N TYR KB 134 -37.30 21.49 -48.31
CA TYR KB 134 -36.77 21.88 -47.01
C TYR KB 134 -37.03 23.36 -46.73
N GLU KB 135 -36.80 24.23 -47.72
CA GLU KB 135 -37.04 25.65 -47.51
C GLU KB 135 -38.52 25.94 -47.26
N THR KB 136 -39.40 25.25 -47.98
CA THR KB 136 -40.84 25.43 -47.76
C THR KB 136 -41.23 24.96 -46.36
N SER KB 137 -40.67 23.85 -45.90
CA SER KB 137 -40.94 23.37 -44.55
C SER KB 137 -40.46 24.37 -43.51
N GLU KB 138 -39.28 24.94 -43.71
CA GLU KB 138 -38.78 25.96 -42.78
C GLU KB 138 -39.64 27.20 -42.79
N TYR KB 139 -40.12 27.61 -43.97
CA TYR KB 139 -41.02 28.76 -44.05
C TYR KB 139 -42.32 28.50 -43.31
N ALA KB 140 -42.89 27.30 -43.47
CA ALA KB 140 -44.12 26.97 -42.77
C ALA KB 140 -43.88 26.92 -41.26
N LYS KB 141 -42.74 26.36 -40.84
CA LYS KB 141 -42.43 26.28 -39.41
C LYS KB 141 -42.24 27.66 -38.79
N ALA KB 142 -41.56 28.55 -39.51
CA ALA KB 142 -41.26 29.88 -38.99
C ALA KB 142 -42.38 30.88 -39.23
N ALA KB 143 -43.41 30.52 -39.99
CA ALA KB 143 -44.51 31.43 -40.25
C ALA KB 143 -45.37 31.58 -38.99
N THR KB 144 -45.65 32.81 -38.62
CA THR KB 144 -46.45 33.05 -37.43
C THR KB 144 -47.92 32.75 -37.73
N PRO KB 145 -48.68 32.25 -36.75
CA PRO KB 145 -50.11 32.03 -36.97
C PRO KB 145 -50.89 33.35 -36.84
N GLY KB 146 -51.67 33.65 -37.86
CA GLY KB 146 -52.41 34.88 -37.88
C GLY KB 146 -51.55 36.08 -38.24
N THR KB 147 -52.11 37.25 -38.02
CA THR KB 147 -51.41 38.49 -38.31
C THR KB 147 -50.39 38.79 -37.21
N PRO KB 148 -49.13 39.04 -37.55
CA PRO KB 148 -48.18 39.48 -36.54
C PRO KB 148 -48.63 40.78 -35.92
N PRO KB 149 -48.30 41.02 -34.65
CA PRO KB 149 -48.69 42.28 -34.02
C PRO KB 149 -48.06 43.47 -34.73
N LYS KB 150 -48.82 44.54 -34.85
CA LYS KB 150 -48.32 45.75 -35.49
C LYS KB 150 -47.26 46.38 -34.60
N PRO KB 151 -46.05 46.63 -35.11
CA PRO KB 151 -45.01 47.27 -34.30
C PRO KB 151 -45.28 48.76 -34.16
N THR KB 152 -45.69 49.17 -32.96
CA THR KB 152 -46.06 50.55 -32.70
C THR KB 152 -45.16 51.15 -31.63
N ALA KB 153 -44.85 52.43 -31.79
CA ALA KB 153 -44.16 53.21 -30.78
C ALA KB 153 -45.18 54.18 -30.19
N THR KB 154 -45.68 53.85 -29.01
CA THR KB 154 -46.77 54.60 -28.40
C THR KB 154 -46.25 55.50 -27.28
N SER KB 155 -47.14 56.37 -26.81
CA SER KB 155 -46.83 57.29 -25.72
C SER KB 155 -48.04 57.36 -24.80
N GLN KB 156 -47.80 57.19 -23.50
CA GLN KB 156 -48.85 57.20 -22.50
C GLN KB 156 -48.54 58.22 -21.42
N PHE KB 157 -49.58 58.76 -20.80
CA PHE KB 157 -49.43 59.65 -19.66
C PHE KB 157 -49.79 58.89 -18.39
N VAL KB 158 -48.80 58.71 -17.51
CA VAL KB 158 -48.98 57.95 -16.29
C VAL KB 158 -49.60 58.86 -15.24
N ASN KB 159 -50.85 58.59 -14.89
CA ASN KB 159 -51.54 59.32 -13.83
C ASN KB 159 -51.46 58.50 -12.55
N LEU KB 160 -50.80 59.05 -11.54
CA LEU KB 160 -50.53 58.34 -10.30
C LEU KB 160 -51.60 58.56 -9.24
N SER KB 161 -52.62 59.36 -9.53
CA SER KB 161 -53.68 59.58 -8.57
C SER KB 161 -54.46 58.28 -8.33
N PRO KB 162 -54.94 58.06 -7.11
CA PRO KB 162 -55.74 56.86 -6.84
C PRO KB 162 -57.00 56.85 -7.69
N GLY KB 163 -57.38 55.66 -8.14
CA GLY KB 163 -58.50 55.47 -9.05
C GLY KB 163 -58.12 55.40 -10.50
N SER KB 164 -56.89 55.73 -10.85
CA SER KB 164 -56.42 55.68 -12.23
C SER KB 164 -55.87 54.29 -12.56
N THR KB 165 -56.18 53.83 -13.76
CA THR KB 165 -55.76 52.50 -14.20
C THR KB 165 -54.28 52.50 -14.58
N PRO KB 166 -53.53 51.51 -14.10
CA PRO KB 166 -52.11 51.41 -14.45
C PRO KB 166 -51.92 51.26 -15.94
N PRO KB 167 -50.86 51.84 -16.51
CA PRO KB 167 -50.65 51.74 -17.95
C PRO KB 167 -50.43 50.31 -18.42
N VAL KB 168 -50.85 50.06 -19.66
CA VAL KB 168 -50.78 48.74 -20.28
C VAL KB 168 -49.62 48.74 -21.27
N ILE KB 169 -48.82 47.68 -21.22
CA ILE KB 169 -47.70 47.50 -22.14
C ILE KB 169 -47.99 46.25 -22.97
N ARG KB 170 -48.12 46.44 -24.28
CA ARG KB 170 -48.37 45.35 -25.21
C ARG KB 170 -47.03 44.73 -25.60
N LEU KB 171 -46.81 43.49 -25.22
CA LEU KB 171 -45.59 42.77 -25.53
C LEU KB 171 -45.86 41.71 -26.60
N SER KB 172 -44.80 41.01 -26.98
CA SER KB 172 -44.86 39.90 -27.91
C SER KB 172 -43.72 38.95 -27.59
N GLN KB 173 -44.00 37.66 -27.71
CA GLN KB 173 -43.02 36.65 -27.32
C GLN KB 173 -41.76 36.76 -28.18
N GLY KB 174 -40.63 36.97 -27.52
CA GLY KB 174 -39.35 37.09 -28.19
C GLY KB 174 -39.01 38.46 -28.73
N PHE KB 175 -39.85 39.46 -28.50
CA PHE KB 175 -39.62 40.81 -28.99
C PHE KB 175 -39.28 41.75 -27.84
N VAL KB 176 -38.43 42.72 -28.12
CA VAL KB 176 -37.98 43.67 -27.11
C VAL KB 176 -38.91 44.87 -27.11
N SER KB 177 -39.49 45.16 -25.95
CA SER KB 177 -40.30 46.36 -25.73
C SER KB 177 -39.53 47.27 -24.80
N SER KB 178 -39.22 48.48 -25.26
CA SER KB 178 -38.37 49.40 -24.52
C SER KB 178 -39.22 50.53 -23.96
N LEU KB 179 -39.41 50.55 -22.64
CA LEU KB 179 -40.10 51.64 -21.98
C LEU KB 179 -39.07 52.65 -21.50
N VAL KB 180 -39.23 53.90 -21.93
CA VAL KB 180 -38.47 55.02 -21.40
C VAL KB 180 -39.41 55.84 -20.53
N PHE KB 181 -38.93 56.26 -19.36
CA PHE KB 181 -39.72 57.01 -18.41
C PHE KB 181 -39.34 58.48 -18.47
N LEU KB 182 -40.34 59.33 -18.69
CA LEU KB 182 -40.17 60.77 -18.77
C LEU KB 182 -41.12 61.44 -17.79
N ASP KB 183 -40.74 62.62 -17.33
CA ASP KB 183 -41.60 63.41 -16.46
C ASP KB 183 -42.59 64.20 -17.32
N SER KB 184 -43.35 65.09 -16.68
CA SER KB 184 -44.34 65.87 -17.43
C SER KB 184 -43.69 66.80 -18.43
N THR KB 185 -42.47 67.26 -18.16
CA THR KB 185 -41.75 68.11 -19.10
C THR KB 185 -41.11 67.34 -20.24
N GLY KB 186 -41.20 66.01 -20.23
CA GLY KB 186 -40.62 65.20 -21.27
C GLY KB 186 -39.17 64.81 -21.07
N ALA KB 187 -38.52 65.33 -20.04
CA ALA KB 187 -37.14 65.03 -19.70
C ALA KB 187 -37.02 63.62 -19.13
N PRO KB 188 -35.86 62.98 -19.28
CA PRO KB 188 -35.68 61.63 -18.73
C PRO KB 188 -35.86 61.60 -17.21
N TRP KB 189 -36.40 60.48 -16.73
CA TRP KB 189 -36.58 60.25 -15.29
C TRP KB 189 -35.89 58.95 -14.92
N PRO KB 190 -34.66 59.00 -14.40
CA PRO KB 190 -33.90 57.77 -14.13
C PRO KB 190 -34.62 56.86 -13.14
N ILE KB 191 -34.31 55.57 -13.24
CA ILE KB 191 -34.99 54.53 -12.50
C ILE KB 191 -34.16 54.18 -11.28
N ALA KB 192 -34.76 54.32 -10.09
CA ALA KB 192 -34.08 53.90 -8.88
C ALA KB 192 -34.08 52.38 -8.73
N ALA KB 193 -35.20 51.73 -9.02
CA ALA KB 193 -35.29 50.28 -8.88
C ALA KB 193 -36.55 49.80 -9.61
N TYR KB 194 -36.65 48.49 -9.76
CA TYR KB 194 -37.87 47.89 -10.31
C TYR KB 194 -38.09 46.53 -9.69
N ASP KB 195 -39.36 46.19 -9.47
CA ASP KB 195 -39.79 44.89 -8.98
C ASP KB 195 -40.62 44.22 -10.06
N LEU KB 196 -40.25 43.00 -10.42
CA LEU KB 196 -40.88 42.27 -11.51
C LEU KB 196 -41.59 41.05 -10.94
N GLY KB 197 -42.92 41.09 -10.93
CA GLY KB 197 -43.70 39.92 -10.56
C GLY KB 197 -43.78 38.94 -11.72
N ASP KB 198 -43.67 37.66 -11.39
CA ASP KB 198 -43.62 36.58 -12.37
C ASP KB 198 -42.47 36.82 -13.35
N PRO KB 199 -41.21 36.74 -12.90
CA PRO KB 199 -40.09 36.97 -13.81
C PRO KB 199 -39.79 35.79 -14.73
N SER KB 200 -40.57 34.71 -14.65
CA SER KB 200 -40.42 33.59 -15.57
C SER KB 200 -41.10 33.84 -16.91
N SER KB 201 -41.98 34.83 -16.99
CA SER KB 201 -42.69 35.15 -18.22
C SER KB 201 -42.16 36.41 -18.90
N PHE KB 202 -41.35 37.20 -18.22
CA PHE KB 202 -40.75 38.40 -18.81
C PHE KB 202 -39.28 38.47 -18.41
N ASN KB 203 -38.43 38.85 -19.35
CA ASN KB 203 -37.02 39.10 -19.10
C ASN KB 203 -36.76 40.59 -19.26
N ILE KB 204 -36.13 41.20 -18.26
CA ILE KB 204 -35.95 42.64 -18.25
C ILE KB 204 -34.45 42.95 -18.26
N GLN KB 205 -34.01 43.71 -19.23
CA GLN KB 205 -32.64 44.22 -19.30
C GLN KB 205 -32.66 45.71 -19.02
N TRP KB 206 -31.75 46.15 -18.14
CA TRP KB 206 -31.71 47.55 -17.74
C TRP KB 206 -30.35 47.82 -17.12
N ASP KB 207 -29.56 48.68 -17.76
CA ASP KB 207 -28.36 49.20 -17.10
C ASP KB 207 -28.79 50.08 -15.93
N LYS KB 208 -28.08 49.95 -14.82
CA LYS KB 208 -28.55 50.49 -13.54
C LYS KB 208 -28.61 52.01 -13.52
N THR KB 209 -28.02 52.69 -14.50
CA THR KB 209 -27.99 54.15 -14.51
C THR KB 209 -29.11 54.77 -15.32
N SER KB 210 -29.52 54.15 -16.42
CA SER KB 210 -30.46 54.77 -17.35
C SER KB 210 -31.89 54.69 -16.84
N ASN KB 211 -32.82 55.12 -17.67
CA ASN KB 211 -34.25 55.12 -17.36
C ASN KB 211 -35.05 54.22 -18.28
N THR KB 212 -34.39 53.35 -19.05
CA THR KB 212 -35.04 52.55 -20.07
C THR KB 212 -35.01 51.07 -19.67
N LEU KB 213 -36.18 50.45 -19.62
CA LEU KB 213 -36.31 49.03 -19.35
C LEU KB 213 -36.66 48.31 -20.64
N MET KB 214 -35.97 47.22 -20.92
CA MET KB 214 -36.16 46.48 -22.16
C MET KB 214 -36.70 45.10 -21.79
N ILE KB 215 -37.99 44.88 -22.01
CA ILE KB 215 -38.71 43.70 -21.57
C ILE KB 215 -39.00 42.81 -22.76
N GLN KB 216 -38.67 41.53 -22.65
CA GLN KB 216 -38.95 40.53 -23.67
C GLN KB 216 -39.88 39.50 -23.08
N ALA KB 217 -41.01 39.29 -23.74
CA ALA KB 217 -42.00 38.33 -23.28
C ALA KB 217 -41.48 36.92 -23.52
N THR KB 218 -41.08 36.23 -22.45
CA THR KB 218 -40.61 34.86 -22.58
C THR KB 218 -41.74 33.92 -22.98
N LYS KB 219 -42.93 34.14 -22.44
CA LYS KB 219 -44.08 33.27 -22.70
C LYS KB 219 -45.04 33.94 -23.67
N LEU KB 220 -45.85 33.10 -24.32
CA LEU KB 220 -46.75 33.58 -25.37
C LEU KB 220 -47.78 34.56 -24.82
N TYR KB 221 -48.65 34.10 -23.93
CA TYR KB 221 -49.81 34.87 -23.54
C TYR KB 221 -49.88 35.17 -22.04
N ASN KB 222 -48.90 34.75 -21.26
CA ASN KB 222 -48.93 34.97 -19.82
C ASN KB 222 -48.62 36.44 -19.51
N TYR KB 223 -49.56 37.12 -18.87
CA TYR KB 223 -49.38 38.53 -18.55
C TYR KB 223 -49.09 38.70 -17.06
N GLY KB 224 -48.50 39.83 -16.73
CA GLY KB 224 -48.15 40.14 -15.36
C GLY KB 224 -48.12 41.63 -15.14
N ASN KB 225 -47.40 42.05 -14.10
CA ASN KB 225 -47.24 43.47 -13.83
C ASN KB 225 -45.80 43.76 -13.43
N LEU KB 226 -45.52 45.05 -13.23
CA LEU KB 226 -44.18 45.53 -12.92
C LEU KB 226 -44.28 46.84 -12.15
N ALA KB 227 -43.42 47.00 -11.16
CA ALA KB 227 -43.32 48.23 -10.39
C ALA KB 227 -41.98 48.90 -10.67
N VAL KB 228 -42.01 50.20 -10.91
CA VAL KB 228 -40.83 50.96 -11.27
C VAL KB 228 -40.73 52.14 -10.31
N ARG KB 229 -39.80 52.06 -9.36
CA ARG KB 229 -39.54 53.16 -8.45
C ARG KB 229 -38.51 54.09 -9.10
N LEU KB 230 -38.92 55.32 -9.39
CA LEU KB 230 -38.07 56.30 -10.05
C LEU KB 230 -37.25 57.06 -9.02
N ARG KB 231 -36.47 58.03 -9.48
CA ARG KB 231 -35.50 58.69 -8.60
C ARG KB 231 -36.19 59.58 -7.58
N GLY KB 232 -36.90 60.60 -8.04
CA GLY KB 232 -37.56 61.54 -7.16
C GLY KB 232 -38.97 61.18 -6.75
N LEU KB 233 -39.44 59.99 -7.09
CA LEU KB 233 -40.80 59.58 -6.81
C LEU KB 233 -40.87 58.65 -5.61
N ASN KB 234 -41.69 59.01 -4.62
CA ASN KB 234 -42.05 58.07 -3.58
C ASN KB 234 -43.08 57.07 -4.07
N THR KB 235 -43.98 57.49 -4.94
CA THR KB 235 -45.01 56.62 -5.48
C THR KB 235 -44.45 55.82 -6.64
N PRO KB 236 -44.40 54.48 -6.56
CA PRO KB 236 -43.91 53.70 -7.68
C PRO KB 236 -44.88 53.72 -8.85
N VAL KB 237 -44.33 53.49 -10.05
CA VAL KB 237 -45.13 53.43 -11.27
C VAL KB 237 -45.50 51.98 -11.51
N MET KB 238 -46.79 51.70 -11.58
CA MET KB 238 -47.30 50.35 -11.78
C MET KB 238 -47.76 50.18 -13.21
N LEU KB 239 -47.26 49.13 -13.87
CA LEU KB 239 -47.63 48.84 -15.24
C LEU KB 239 -48.05 47.38 -15.35
N THR KB 240 -48.94 47.09 -16.30
CA THR KB 240 -49.36 45.72 -16.56
C THR KB 240 -48.88 45.32 -17.95
N LEU KB 241 -48.11 44.24 -18.02
CA LEU KB 241 -47.48 43.76 -19.25
C LEU KB 241 -48.30 42.59 -19.77
N ILE KB 242 -48.90 42.76 -20.94
CA ILE KB 242 -49.71 41.72 -21.58
C ILE KB 242 -49.08 41.39 -22.93
N PRO KB 243 -48.59 40.17 -23.12
CA PRO KB 243 -48.07 39.77 -24.43
C PRO KB 243 -49.14 39.11 -25.28
N GLY KB 244 -48.79 38.91 -26.55
CA GLY KB 244 -49.68 38.22 -27.47
C GLY KB 244 -50.85 39.04 -27.94
N GLN KB 245 -50.70 40.35 -28.04
CA GLN KB 245 -51.78 41.22 -28.48
C GLN KB 245 -51.68 41.50 -29.97
N LYS KB 246 -52.70 42.17 -30.50
CA LYS KB 246 -52.69 42.55 -31.92
C LYS KB 246 -51.76 43.70 -32.22
N ALA KB 247 -51.17 44.31 -31.19
CA ALA KB 247 -50.12 45.31 -31.35
C ALA KB 247 -48.97 44.96 -30.43
N VAL KB 248 -47.75 45.29 -30.87
CA VAL KB 248 -46.55 45.09 -30.07
C VAL KB 248 -45.90 46.46 -29.89
N ASP KB 249 -45.73 46.86 -28.63
CA ASP KB 249 -45.18 48.17 -28.31
C ASP KB 249 -43.66 48.05 -28.36
N TYR KB 250 -43.06 48.45 -29.47
CA TYR KB 250 -41.60 48.46 -29.57
C TYR KB 250 -41.00 49.45 -28.59
N ARG KB 251 -41.66 50.58 -28.39
CA ARG KB 251 -41.21 51.58 -27.43
C ARG KB 251 -42.40 52.35 -26.90
N VAL KB 252 -42.41 52.58 -25.59
CA VAL KB 252 -43.48 53.32 -24.92
C VAL KB 252 -42.86 54.52 -24.22
N ASP KB 253 -43.38 55.70 -24.51
CA ASP KB 253 -42.92 56.95 -23.90
C ASP KB 253 -43.85 57.26 -22.73
N LEU KB 254 -43.44 56.86 -21.52
CA LEU KB 254 -44.30 56.96 -20.35
C LEU KB 254 -44.08 58.30 -19.67
N ARG KB 255 -45.10 59.16 -19.73
CA ARG KB 255 -45.03 60.51 -19.16
C ARG KB 255 -45.60 60.48 -17.74
N VAL KB 256 -44.72 60.25 -16.76
CA VAL KB 256 -45.14 60.24 -15.37
C VAL KB 256 -45.61 61.63 -14.95
N GLN KB 257 -46.40 61.68 -13.88
CA GLN KB 257 -47.08 62.91 -13.49
C GLN KB 257 -46.13 63.94 -12.91
N GLY KB 258 -45.12 63.50 -12.17
CA GLY KB 258 -44.27 64.41 -11.43
C GLY KB 258 -43.20 65.06 -12.30
N TYR KB 259 -42.31 65.78 -11.63
CA TYR KB 259 -41.16 66.42 -12.25
C TYR KB 259 -39.90 65.71 -11.76
N GLY KB 260 -39.10 65.20 -12.69
CA GLY KB 260 -37.94 64.42 -12.35
C GLY KB 260 -36.73 65.28 -12.03
N PRO KB 261 -35.57 64.63 -11.87
CA PRO KB 261 -34.34 65.39 -11.60
C PRO KB 261 -33.83 66.20 -12.78
N ASN KB 262 -34.47 66.10 -13.94
CA ASN KB 262 -34.13 66.88 -15.11
C ASN KB 262 -35.27 67.84 -15.41
N ALA KB 263 -34.95 69.13 -15.54
CA ALA KB 263 -35.97 70.15 -15.78
C ALA KB 263 -35.76 70.83 -17.12
N CYS LB 1 -79.20 29.45 -7.45
CA CYS LB 1 -78.08 30.18 -6.86
C CYS LB 1 -78.29 30.41 -5.37
N THR LB 2 -78.74 31.62 -5.02
CA THR LB 2 -78.90 31.99 -3.62
C THR LB 2 -80.09 31.32 -2.97
N ASP LB 3 -81.11 30.95 -3.74
CA ASP LB 3 -82.26 30.26 -3.17
C ASP LB 3 -81.85 28.93 -2.53
N ALA LB 4 -81.01 28.17 -3.23
CA ALA LB 4 -80.52 26.91 -2.68
C ALA LB 4 -79.68 27.15 -1.44
N ALA LB 5 -78.87 28.21 -1.44
CA ALA LB 5 -78.03 28.51 -0.28
C ALA LB 5 -78.90 28.84 0.94
N LEU LB 6 -79.90 29.70 0.76
CA LEU LB 6 -80.77 30.04 1.88
C LEU LB 6 -81.58 28.85 2.36
N ALA LB 7 -82.07 28.02 1.43
CA ALA LB 7 -82.83 26.84 1.83
C ALA LB 7 -81.96 25.87 2.61
N ALA LB 8 -80.73 25.64 2.15
CA ALA LB 8 -79.83 24.75 2.89
C ALA LB 8 -79.46 25.33 4.24
N LEU LB 9 -79.26 26.65 4.31
CA LEU LB 9 -78.94 27.29 5.59
C LEU LB 9 -80.09 27.14 6.58
N GLU LB 10 -81.33 27.34 6.12
CA GLU LB 10 -82.47 27.19 7.03
C GLU LB 10 -82.69 25.72 7.40
N TYR LB 11 -82.39 24.79 6.48
CA TYR LB 11 -82.45 23.37 6.81
C TYR LB 11 -81.44 23.02 7.89
N HIS LB 12 -80.23 23.57 7.79
CA HIS LB 12 -79.22 23.33 8.81
C HIS LB 12 -79.61 23.97 10.14
N LYS LB 13 -80.16 25.18 10.10
CA LYS LB 13 -80.54 25.85 11.35
C LYS LB 13 -81.71 25.16 12.04
N SER LB 14 -82.71 24.71 11.29
CA SER LB 14 -83.83 24.00 11.90
C SER LB 14 -83.41 22.62 12.39
N ASN LB 15 -82.54 21.93 11.66
CA ASN LB 15 -82.03 20.61 12.04
C ASN LB 15 -80.57 20.80 12.44
N ALA LB 16 -80.35 21.04 13.74
CA ALA LB 16 -79.04 21.38 14.26
C ALA LB 16 -77.96 20.39 13.86
N CYS MB 1 -72.25 29.67 8.20
CA CYS MB 1 -72.39 28.24 8.39
C CYS MB 1 -72.39 27.51 7.04
N VAL MB 2 -72.53 28.28 5.97
CA VAL MB 2 -72.57 27.73 4.62
C VAL MB 2 -71.30 28.11 3.89
N SER MB 3 -70.58 27.12 3.36
CA SER MB 3 -69.43 27.36 2.51
C SER MB 3 -69.91 27.40 1.07
N MET MB 4 -69.64 28.51 0.38
CA MET MB 4 -70.20 28.72 -0.94
C MET MB 4 -69.68 27.73 -1.97
N ILE MB 5 -68.52 27.13 -1.72
CA ILE MB 5 -67.94 26.19 -2.68
C ILE MB 5 -68.85 24.99 -2.88
N GLY MB 6 -69.46 24.49 -1.81
CA GLY MB 6 -70.38 23.39 -1.91
C GLY MB 6 -71.75 23.80 -2.39
N GLY MB 7 -71.81 24.65 -3.41
CA GLY MB 7 -73.07 25.16 -3.92
C GLY MB 7 -73.56 24.31 -5.08
N SER MB 8 -74.78 23.80 -4.94
CA SER MB 8 -75.42 23.01 -5.98
C SER MB 8 -76.90 23.33 -5.98
N ARG MB 9 -77.43 23.65 -7.16
CA ARG MB 9 -78.84 24.01 -7.27
C ARG MB 9 -79.74 22.84 -6.90
N ARG NB 1 -74.23 21.10 0.15
CA ARG NB 1 -73.68 21.92 1.23
C ARG NB 1 -73.59 21.11 2.52
N VAL NB 2 -72.52 21.36 3.29
CA VAL NB 2 -72.26 20.64 4.54
C VAL NB 2 -71.90 21.65 5.62
N SER NB 3 -72.50 21.49 6.79
CA SER NB 3 -72.37 22.45 7.89
C SER NB 3 -71.03 22.27 8.60
N ILE NB 4 -70.68 23.25 9.44
CA ILE NB 4 -69.50 23.18 10.30
C ILE NB 4 -69.68 22.19 11.44
N GLY NB 5 -70.89 21.69 11.66
CA GLY NB 5 -71.05 20.60 12.60
C GLY NB 5 -70.47 19.28 12.16
N GLY NB 6 -70.06 19.18 10.89
CA GLY NB 6 -69.56 17.95 10.32
C GLY NB 6 -70.61 17.12 9.62
N THR NB 7 -71.89 17.40 9.85
CA THR NB 7 -72.97 16.67 9.19
C THR NB 7 -73.40 17.41 7.92
N VAL NB 8 -73.92 16.64 6.97
CA VAL NB 8 -74.34 17.18 5.68
C VAL NB 8 -75.78 17.67 5.78
N TYR NB 9 -76.01 18.90 5.36
CA TYR NB 9 -77.35 19.48 5.29
C TYR NB 9 -77.47 20.26 3.99
N THR NB 10 -78.22 19.72 3.04
CA THR NB 10 -78.29 20.28 1.70
C THR NB 10 -79.74 20.47 1.28
N ALA NB 11 -79.98 21.51 0.49
CA ALA NB 11 -81.30 21.73 -0.09
C ALA NB 11 -81.55 20.72 -1.21
N LYS NB 12 -82.84 20.51 -1.51
CA LYS NB 12 -83.21 19.46 -2.46
C LYS NB 12 -83.01 19.92 -3.91
N LYS NB 13 -83.77 20.93 -4.34
CA LYS NB 13 -83.79 21.38 -5.73
C LYS NB 13 -84.22 22.84 -5.73
N TYR NB 14 -83.31 23.73 -6.11
CA TYR NB 14 -83.60 25.16 -6.12
C TYR NB 14 -82.83 25.83 -7.24
N ASP NB 15 -83.54 26.45 -8.17
CA ASP NB 15 -82.93 27.13 -9.31
C ASP NB 15 -83.21 28.63 -9.23
N ASP NB 16 -82.25 29.42 -9.70
CA ASP NB 16 -82.39 30.87 -9.72
C ASP NB 16 -82.42 31.40 -11.14
N PRO OB 1 -70.69 27.43 -7.61
CA PRO OB 1 -70.95 27.12 -9.02
C PRO OB 1 -72.32 27.58 -9.48
N PHE OB 2 -72.45 28.85 -9.83
CA PHE OB 2 -73.72 29.44 -10.23
C PHE OB 2 -73.56 30.17 -11.56
N GLY OB 3 -74.60 30.88 -11.97
CA GLY OB 3 -74.61 31.56 -13.24
C GLY OB 3 -74.49 33.06 -13.15
N ALA OB 4 -74.63 33.60 -11.94
CA ALA OB 4 -74.51 35.03 -11.71
C ALA OB 4 -73.08 35.43 -11.34
N ASP OB 5 -72.09 34.61 -11.68
CA ASP OB 5 -70.70 34.91 -11.34
C ASP OB 5 -70.21 36.16 -12.05
N ARG PB 207 -79.08 57.67 2.46
CA ARG PB 207 -78.41 56.84 3.45
C ARG PB 207 -76.93 56.68 3.11
N ILE PB 208 -76.34 55.57 3.58
CA ILE PB 208 -74.95 55.24 3.31
C ILE PB 208 -74.93 53.95 2.51
N ILE PB 209 -74.25 53.98 1.36
CA ILE PB 209 -74.19 52.84 0.46
C ILE PB 209 -72.91 52.07 0.75
N TYR PB 210 -73.03 50.77 0.99
CA TYR PB 210 -71.89 49.93 1.35
C TYR PB 210 -71.52 49.04 0.16
N TYR PB 211 -70.24 49.02 -0.17
CA TYR PB 211 -69.69 48.15 -1.19
C TYR PB 211 -68.80 47.10 -0.55
N ILE PB 212 -68.54 46.04 -1.30
CA ILE PB 212 -67.64 45.00 -0.82
C ILE PB 212 -66.20 45.38 -1.16
N GLN PB 213 -65.38 45.56 -0.15
CA GLN PB 213 -63.95 45.73 -0.37
C GLN PB 213 -63.29 44.39 -0.64
N ALA PB 214 -63.56 43.39 0.20
CA ALA PB 214 -63.06 42.05 -0.01
C ALA PB 214 -64.07 41.06 0.56
N VAL PB 215 -64.03 39.83 0.06
CA VAL PB 215 -64.98 38.81 0.49
C VAL PB 215 -64.28 37.46 0.54
N ILE PB 216 -64.56 36.71 1.59
CA ILE PB 216 -64.12 35.32 1.74
C ILE PB 216 -65.25 34.53 2.38
N PRO PB 217 -65.20 33.18 2.29
CA PRO PB 217 -66.20 32.38 3.00
C PRO PB 217 -66.26 32.72 4.48
N GLY PB 218 -67.38 33.30 4.92
CA GLY PB 218 -67.47 33.84 6.26
C GLY PB 218 -67.41 35.35 6.29
N ARG PB 219 -66.26 35.90 6.70
CA ARG PB 219 -66.13 37.35 6.83
C ARG PB 219 -66.21 38.05 5.48
N ALA PB 220 -66.61 39.31 5.52
CA ALA PB 220 -66.60 40.17 4.33
C ALA PB 220 -66.26 41.58 4.78
N TRP PB 221 -65.20 42.14 4.22
CA TRP PB 221 -64.76 43.50 4.51
C TRP PB 221 -65.46 44.46 3.56
N LEU PB 222 -66.16 45.44 4.12
CA LEU PB 222 -66.94 46.40 3.35
C LEU PB 222 -66.45 47.82 3.62
N ILE PB 223 -66.57 48.66 2.60
CA ILE PB 223 -66.25 50.08 2.70
C ILE PB 223 -67.46 50.88 2.23
N GLY PB 224 -67.89 51.84 3.06
CA GLY PB 224 -69.04 52.67 2.75
C GLY PB 224 -68.65 53.93 2.00
N SER PB 225 -69.61 54.85 1.96
CA SER PB 225 -69.40 56.14 1.28
C SER PB 225 -68.67 57.16 2.14
N ASN PB 226 -68.55 56.91 3.44
CA ASN PB 226 -67.85 57.82 4.34
C ASN PB 226 -66.39 57.46 4.53
N GLY PB 227 -65.90 56.44 3.83
CA GLY PB 227 -64.57 55.94 4.05
C GLY PB 227 -64.44 54.97 5.20
N SER PB 228 -65.52 54.68 5.92
CA SER PB 228 -65.47 53.73 7.01
C SER PB 228 -65.32 52.31 6.48
N THR PB 229 -64.68 51.46 7.27
CA THR PB 229 -64.46 50.06 6.93
C THR PB 229 -65.02 49.18 8.03
N LEU PB 230 -65.80 48.18 7.64
CA LEU PB 230 -66.35 47.20 8.56
C LEU PB 230 -66.04 45.80 8.06
N THR PB 231 -66.26 44.81 8.92
CA THR PB 231 -66.21 43.41 8.53
C THR PB 231 -67.44 42.73 9.11
N VAL PB 232 -68.10 41.91 8.29
CA VAL PB 232 -69.38 41.32 8.65
C VAL PB 232 -69.31 39.81 8.47
N ARG PB 233 -70.21 39.13 9.17
CA ARG PB 233 -70.31 37.67 9.12
C ARG PB 233 -71.74 37.28 8.76
N GLU PB 234 -72.04 35.98 8.89
CA GLU PB 234 -73.31 35.44 8.42
C GLU PB 234 -74.50 36.24 8.93
N GLY PB 235 -74.55 36.47 10.23
CA GLY PB 235 -75.55 37.37 10.78
C GLY PB 235 -74.92 38.53 11.53
N SER PB 236 -75.04 39.73 10.99
CA SER PB 236 -74.34 40.88 11.55
C SER PB 236 -75.06 42.16 11.16
N LYS PB 237 -75.22 43.05 12.13
CA LYS PB 237 -75.93 44.31 11.90
C LYS PB 237 -75.09 45.25 11.05
N ILE PB 238 -75.72 45.83 10.03
CA ILE PB 238 -75.10 46.85 9.19
C ILE PB 238 -75.97 48.09 9.26
N PRO PB 239 -75.42 49.26 9.56
CA PRO PB 239 -76.26 50.47 9.72
C PRO PB 239 -77.00 50.81 8.43
N GLY PB 240 -78.32 50.81 8.52
CA GLY PB 240 -79.20 51.13 7.40
C GLY PB 240 -79.56 49.95 6.52
N TYR PB 241 -78.66 48.97 6.42
CA TYR PB 241 -78.88 47.81 5.56
C TYR PB 241 -79.55 46.65 6.29
N GLY PB 242 -79.80 46.77 7.60
CA GLY PB 242 -80.42 45.71 8.35
C GLY PB 242 -79.39 44.75 8.95
N MET PB 243 -79.65 43.46 8.79
CA MET PB 243 -78.78 42.40 9.30
C MET PB 243 -78.41 41.46 8.16
N VAL PB 244 -77.14 41.05 8.12
CA VAL PB 244 -76.67 40.18 7.05
C VAL PB 244 -77.43 38.86 7.08
N LYS PB 245 -77.88 38.41 5.92
CA LYS PB 245 -78.60 37.15 5.76
C LYS PB 245 -77.76 36.10 5.04
N LEU PB 246 -76.91 36.50 4.11
CA LEU PB 246 -76.06 35.56 3.39
C LEU PB 246 -74.87 36.32 2.81
N ILE PB 247 -73.72 35.64 2.77
CA ILE PB 247 -72.49 36.20 2.21
C ILE PB 247 -72.02 35.23 1.13
N ASP PB 248 -72.39 35.51 -0.12
CA ASP PB 248 -72.00 34.70 -1.27
C ASP PB 248 -70.62 35.14 -1.73
N SER PB 249 -69.60 34.34 -1.42
CA SER PB 249 -68.22 34.74 -1.67
C SER PB 249 -67.83 34.62 -3.14
N LEU PB 250 -68.32 33.59 -3.82
CA LEU PB 250 -67.93 33.38 -5.21
C LEU PB 250 -68.41 34.52 -6.11
N GLN PB 251 -69.66 34.96 -5.92
CA GLN PB 251 -70.20 36.06 -6.71
C GLN PB 251 -69.95 37.42 -6.10
N GLY PB 252 -69.33 37.48 -4.91
CA GLY PB 252 -69.14 38.76 -4.25
C GLY PB 252 -70.43 39.46 -3.93
N ARG PB 253 -71.42 38.73 -3.43
CA ARG PB 253 -72.72 39.27 -3.11
C ARG PB 253 -72.98 39.13 -1.61
N ILE PB 254 -73.79 40.03 -1.07
CA ILE PB 254 -74.21 39.96 0.33
C ILE PB 254 -75.69 40.28 0.38
N LEU PB 255 -76.50 39.29 0.73
CA LEU PB 255 -77.92 39.47 0.92
C LEU PB 255 -78.17 39.87 2.37
N THR PB 256 -78.86 40.99 2.57
CA THR PB 256 -79.24 41.47 3.89
C THR PB 256 -80.73 41.28 4.13
N SER PB 257 -81.15 41.58 5.35
CA SER PB 257 -82.55 41.36 5.72
C SER PB 257 -83.48 42.37 5.06
N SER PB 258 -83.02 43.61 4.87
CA SER PB 258 -83.84 44.65 4.28
C SER PB 258 -84.01 44.49 2.78
N GLY PB 259 -83.44 43.44 2.19
CA GLY PB 259 -83.51 43.22 0.76
C GLY PB 259 -82.40 43.87 -0.04
N GLN PB 260 -81.68 44.82 0.54
CA GLN PB 260 -80.56 45.44 -0.16
C GLN PB 260 -79.42 44.46 -0.31
N VAL PB 261 -78.78 44.49 -1.47
CA VAL PB 261 -77.68 43.59 -1.80
C VAL PB 261 -76.39 44.40 -1.84
N ILE PB 262 -75.38 43.93 -1.13
CA ILE PB 262 -74.06 44.55 -1.15
C ILE PB 262 -73.21 43.83 -2.19
N LYS PB 263 -72.56 44.59 -3.07
CA LYS PB 263 -71.70 44.04 -4.09
C LYS PB 263 -70.44 44.89 -4.20
N PHE PB 264 -69.47 44.37 -4.94
CA PHE PB 264 -68.26 45.14 -5.22
C PHE PB 264 -68.63 46.44 -5.94
N SER PB 265 -67.86 47.48 -5.67
CA SER PB 265 -68.12 48.78 -6.30
C SER PB 265 -67.96 48.66 -7.80
N GLN PB 266 -68.78 49.43 -8.53
CA GLN PB 266 -68.75 49.36 -10.00
C GLN PB 266 -67.40 49.74 -10.56
N GLU PB 267 -66.77 50.77 -10.00
CA GLU PB 267 -65.44 51.18 -10.39
C GLU PB 267 -64.34 50.45 -9.62
N ASP PB 268 -64.67 49.29 -9.04
CA ASP PB 268 -63.70 48.49 -8.32
C ASP PB 268 -63.70 47.02 -8.69
N SER PB 269 -64.74 46.50 -9.32
CA SER PB 269 -64.80 45.09 -9.71
C SER PB 269 -64.47 44.90 -11.18
N GLN QB 791 -64.09 -0.49 -25.56
CA GLN QB 791 -64.22 -0.11 -24.15
C GLN QB 791 -62.86 0.20 -23.55
N GLN QB 792 -61.81 -0.48 -24.03
CA GLN QB 792 -60.47 -0.23 -23.55
C GLN QB 792 -59.93 1.10 -24.06
N GLU QB 793 -60.41 1.56 -25.22
CA GLU QB 793 -60.00 2.87 -25.71
C GLU QB 793 -60.43 3.97 -24.75
N ILE QB 794 -61.52 3.77 -24.02
CA ILE QB 794 -61.94 4.73 -23.00
C ILE QB 794 -60.85 4.88 -21.94
N GLN QB 795 -60.37 3.74 -21.43
CA GLN QB 795 -59.31 3.78 -20.41
C GLN QB 795 -58.03 4.38 -20.97
N GLN QB 796 -57.68 4.04 -22.21
CA GLN QB 796 -56.47 4.59 -22.82
C GLN QB 796 -56.56 6.11 -22.93
N ARG QB 797 -57.71 6.61 -23.43
CA ARG QB 797 -57.91 8.04 -23.57
C ARG QB 797 -57.85 8.74 -22.22
N THR QB 798 -58.54 8.17 -21.23
CA THR QB 798 -58.52 8.76 -19.88
C THR QB 798 -57.10 8.82 -19.35
N SER QB 799 -56.31 7.79 -19.60
CA SER QB 799 -54.92 7.78 -19.15
C SER QB 799 -54.12 8.91 -19.82
N ASP QB 800 -54.29 9.09 -21.13
CA ASP QB 800 -53.55 10.15 -21.82
C ASP QB 800 -53.91 11.52 -21.28
N MET QB 801 -55.21 11.80 -21.14
CA MET QB 801 -55.58 13.13 -20.66
C MET QB 801 -55.21 13.34 -19.19
N LEU QB 802 -55.26 12.29 -18.36
CA LEU QB 802 -54.78 12.42 -17.00
C LEU QB 802 -53.29 12.73 -16.97
N THR QB 803 -52.51 12.05 -17.82
CA THR QB 803 -51.07 12.30 -17.87
C THR QB 803 -50.78 13.73 -18.29
N ALA QB 804 -51.51 14.25 -19.28
CA ALA QB 804 -51.28 15.62 -19.71
C ALA QB 804 -51.73 16.61 -18.64
N ALA QB 805 -52.86 16.35 -17.99
CA ALA QB 805 -53.44 17.32 -17.07
C ALA QB 805 -52.73 17.35 -15.71
N THR QB 806 -52.10 16.26 -15.29
CA THR QB 806 -51.24 16.35 -14.12
C THR QB 806 -50.12 17.34 -14.36
N GLN QB 807 -49.51 17.28 -15.55
CA GLN QB 807 -48.50 18.27 -15.93
C GLN QB 807 -49.09 19.67 -15.99
N LEU QB 808 -50.31 19.79 -16.54
CA LEU QB 808 -50.96 21.10 -16.62
C LEU QB 808 -51.18 21.69 -15.23
N VAL QB 809 -51.67 20.88 -14.30
CA VAL QB 809 -51.90 21.35 -12.94
C VAL QB 809 -50.59 21.71 -12.27
N GLN QB 810 -49.55 20.90 -12.49
CA GLN QB 810 -48.23 21.23 -11.94
C GLN QB 810 -47.72 22.56 -12.48
N ASP QB 811 -47.94 22.82 -13.77
CA ASP QB 811 -47.55 24.10 -14.35
C ASP QB 811 -48.33 25.25 -13.72
N TRP QB 812 -49.63 25.04 -13.48
CA TRP QB 812 -50.43 26.10 -12.86
C TRP QB 812 -50.02 26.35 -11.42
N LYS QB 813 -49.59 25.31 -10.69
CA LYS QB 813 -49.16 25.49 -9.30
C LYS QB 813 -47.88 26.31 -9.19
N GLN QB 814 -47.07 26.35 -10.25
CA GLN QB 814 -45.81 27.06 -10.20
C GLN QB 814 -46.03 28.57 -10.14
N VAL QB 815 -45.39 29.22 -9.18
CA VAL QB 815 -45.38 30.67 -9.06
C VAL QB 815 -43.93 31.11 -8.85
N GLU QB 816 -43.41 31.91 -9.78
CA GLU QB 816 -42.04 32.39 -9.68
C GLU QB 816 -42.01 33.63 -8.79
N THR QB 817 -41.21 33.58 -7.73
CA THR QB 817 -41.13 34.70 -6.80
C THR QB 817 -40.57 35.92 -7.51
N GLN QB 818 -41.06 37.10 -7.11
CA GLN QB 818 -40.68 38.34 -7.75
C GLN QB 818 -39.21 38.65 -7.50
N VAL QB 819 -38.65 39.50 -8.35
CA VAL QB 819 -37.26 39.91 -8.26
C VAL QB 819 -37.19 41.42 -8.09
N TYR QB 820 -36.34 41.86 -7.17
CA TYR QB 820 -36.10 43.27 -6.92
C TYR QB 820 -34.69 43.61 -7.37
N THR QB 821 -34.58 44.55 -8.31
CA THR QB 821 -33.29 44.96 -8.85
C THR QB 821 -33.02 46.40 -8.40
N GLU QB 822 -32.03 46.57 -7.54
CA GLU QB 822 -31.66 47.88 -7.03
C GLU QB 822 -30.71 48.56 -8.00
N GLY QB 823 -30.93 49.84 -8.25
CA GLY QB 823 -30.07 50.59 -9.13
C GLY QB 823 -28.73 50.92 -8.50
N THR QB 824 -27.81 51.38 -9.34
CA THR QB 824 -26.48 51.75 -8.89
C THR QB 824 -26.46 53.16 -8.31
N ALA RB 104 -38.17 1.08 -65.09
CA ALA RB 104 -37.17 1.99 -65.65
C ALA RB 104 -36.81 3.08 -64.65
N GLU RB 105 -37.10 4.33 -65.00
CA GLU RB 105 -36.81 5.48 -64.14
C GLU RB 105 -37.98 5.91 -63.30
N VAL RB 106 -39.16 5.29 -63.46
CA VAL RB 106 -40.30 5.61 -62.61
C VAL RB 106 -40.06 5.14 -61.19
N ILE RB 107 -39.21 4.13 -61.00
CA ILE RB 107 -38.84 3.71 -59.65
C ILE RB 107 -38.19 4.86 -58.90
N ASP RB 108 -37.35 5.65 -59.59
CA ASP RB 108 -36.73 6.80 -58.96
C ASP RB 108 -37.77 7.82 -58.50
N LYS RB 109 -38.76 8.11 -59.36
CA LYS RB 109 -39.78 9.09 -59.00
C LYS RB 109 -40.62 8.63 -57.82
N LYS RB 110 -41.05 7.37 -57.84
CA LYS RB 110 -41.87 6.86 -56.75
C LYS RB 110 -41.07 6.74 -55.45
N ALA RB 111 -39.79 6.37 -55.55
CA ALA RB 111 -38.93 6.35 -54.38
C ALA RB 111 -38.72 7.76 -53.83
N PHE RB 112 -38.64 8.75 -54.71
CA PHE RB 112 -38.51 10.13 -54.23
C PHE RB 112 -39.77 10.59 -53.53
N LYS RB 113 -40.94 10.22 -54.06
CA LYS RB 113 -42.19 10.56 -53.38
C LYS RB 113 -42.25 9.93 -52.00
N ASP RB 114 -41.91 8.64 -51.90
CA ASP RB 114 -41.91 7.96 -50.61
C ASP RB 114 -40.89 8.59 -49.66
N MET RB 115 -39.70 8.92 -50.17
CA MET RB 115 -38.65 9.49 -49.34
C MET RB 115 -39.04 10.86 -48.81
N THR RB 116 -39.62 11.70 -49.66
CA THR RB 116 -40.02 13.03 -49.21
C THR RB 116 -41.25 12.99 -48.32
N ARG RB 117 -42.05 11.93 -48.40
CA ARG RB 117 -43.12 11.76 -47.42
C ARG RB 117 -42.59 11.27 -46.08
N ASN RB 118 -41.55 10.43 -46.09
CA ASN RB 118 -40.98 9.92 -44.84
C ASN RB 118 -40.10 10.95 -44.14
N LEU RB 119 -39.38 11.77 -44.90
CA LEU RB 119 -38.49 12.75 -44.30
C LEU RB 119 -39.25 13.90 -43.66
N TYR RB 120 -40.31 14.36 -44.32
CA TYR RB 120 -41.15 15.46 -43.84
C TYR RB 120 -42.58 14.94 -43.75
N PRO RB 121 -42.91 14.17 -42.71
CA PRO RB 121 -44.26 13.61 -42.60
C PRO RB 121 -45.35 14.65 -42.48
N LEU RB 122 -45.03 15.85 -42.01
CA LEU RB 122 -46.00 16.93 -41.87
C LEU RB 122 -45.88 17.85 -43.08
N ASN RB 123 -46.98 18.00 -43.81
CA ASN RB 123 -47.02 18.88 -44.96
C ASN RB 123 -46.84 20.33 -44.52
N PRO RB 124 -46.46 21.22 -45.43
CA PRO RB 124 -46.39 22.64 -45.07
C PRO RB 124 -47.71 23.19 -44.57
N GLU RB 125 -48.84 22.65 -45.03
CA GLU RB 125 -50.14 23.03 -44.48
C GLU RB 125 -50.35 22.42 -43.11
N GLN RB 126 -49.95 21.17 -42.92
CA GLN RB 126 -50.12 20.54 -41.61
C GLN RB 126 -49.19 21.17 -40.57
N VAL RB 127 -48.07 21.76 -41.00
CA VAL RB 127 -47.20 22.45 -40.05
C VAL RB 127 -47.89 23.68 -39.49
N VAL RB 128 -48.57 24.46 -40.35
CA VAL RB 128 -49.31 25.60 -39.84
C VAL RB 128 -50.51 25.14 -39.02
N LYS RB 129 -51.11 24.00 -39.40
CA LYS RB 129 -52.14 23.39 -38.56
C LYS RB 129 -51.62 23.15 -37.14
N LEU RB 130 -50.48 22.49 -37.04
CA LEU RB 130 -49.91 22.14 -35.73
C LEU RB 130 -49.52 23.38 -34.96
N LYS RB 131 -48.95 24.38 -35.64
CA LYS RB 131 -48.56 25.61 -34.97
C LYS RB 131 -49.78 26.33 -34.41
N GLN RB 132 -50.86 26.41 -35.18
CA GLN RB 132 -52.07 27.06 -34.70
C GLN RB 132 -52.69 26.27 -33.54
N ILE RB 133 -52.69 24.94 -33.62
CA ILE RB 133 -53.22 24.13 -32.53
C ILE RB 133 -52.40 24.36 -31.26
N TYR RB 134 -51.08 24.41 -31.39
CA TYR RB 134 -50.22 24.66 -30.24
C TYR RB 134 -50.48 26.03 -29.64
N GLU RB 135 -50.64 27.06 -30.48
CA GLU RB 135 -50.92 28.39 -29.95
C GLU RB 135 -52.27 28.45 -29.26
N THR RB 136 -53.28 27.77 -29.82
CA THR RB 136 -54.59 27.73 -29.17
C THR RB 136 -54.52 27.01 -27.83
N SER RB 137 -53.76 25.91 -27.77
CA SER RB 137 -53.60 25.20 -26.51
C SER RB 137 -52.89 26.06 -25.48
N GLU RB 138 -51.87 26.81 -25.90
CA GLU RB 138 -51.17 27.71 -24.98
C GLU RB 138 -52.08 28.84 -24.52
N TYR RB 139 -52.95 29.32 -25.40
CA TYR RB 139 -53.91 30.35 -25.00
C TYR RB 139 -54.90 29.80 -23.98
N ALA RB 140 -55.38 28.57 -24.19
CA ALA RB 140 -56.27 27.94 -23.21
C ALA RB 140 -55.57 27.74 -21.87
N LYS RB 141 -54.29 27.33 -21.91
CA LYS RB 141 -53.55 27.11 -20.68
C LYS RB 141 -53.30 28.43 -19.93
N ALA RB 142 -53.01 29.51 -20.67
CA ALA RB 142 -52.71 30.79 -20.05
C ALA RB 142 -53.95 31.61 -19.75
N ALA RB 143 -55.12 31.20 -20.24
CA ALA RB 143 -56.35 31.95 -19.99
C ALA RB 143 -56.72 31.84 -18.52
N THR RB 144 -57.07 32.97 -17.93
CA THR RB 144 -57.46 32.99 -16.52
C THR RB 144 -58.94 32.64 -16.38
N PRO RB 145 -59.32 31.84 -15.38
CA PRO RB 145 -60.74 31.51 -15.20
C PRO RB 145 -61.50 32.69 -14.65
N GLY RB 146 -62.58 33.07 -15.33
CA GLY RB 146 -63.35 34.22 -14.94
C GLY RB 146 -62.67 35.52 -15.31
N THR RB 147 -63.24 36.61 -14.84
CA THR RB 147 -62.68 37.93 -15.11
C THR RB 147 -61.44 38.14 -14.25
N PRO RB 148 -60.34 38.61 -14.83
CA PRO RB 148 -59.18 38.97 -14.01
C PRO RB 148 -59.54 40.11 -13.07
N PRO RB 149 -58.87 40.18 -11.93
CA PRO RB 149 -59.15 41.29 -10.99
C PRO RB 149 -58.84 42.63 -11.64
N LYS RB 150 -59.67 43.62 -11.32
CA LYS RB 150 -59.45 44.96 -11.85
C LYS RB 150 -58.21 45.56 -11.20
N PRO RB 151 -57.23 46.00 -11.99
CA PRO RB 151 -56.03 46.62 -11.41
C PRO RB 151 -56.34 48.03 -10.92
N THR RB 152 -56.40 48.20 -9.61
CA THR RB 152 -56.77 49.47 -9.00
C THR RB 152 -55.64 49.96 -8.11
N ALA RB 153 -55.42 51.27 -8.12
CA ALA RB 153 -54.54 51.94 -7.17
C ALA RB 153 -55.41 52.71 -6.20
N THR RB 154 -55.53 52.20 -4.98
CA THR RB 154 -56.47 52.73 -4.00
C THR RB 154 -55.71 53.46 -2.90
N SER RB 155 -56.48 54.18 -2.08
CA SER RB 155 -55.94 54.91 -0.94
C SER RB 155 -56.81 54.65 0.27
N GLN RB 156 -56.19 54.31 1.39
CA GLN RB 156 -56.89 54.02 2.63
C GLN RB 156 -56.33 54.90 3.75
N PHE RB 157 -57.19 55.21 4.72
CA PHE RB 157 -56.78 55.94 5.91
C PHE RB 157 -56.69 54.95 7.07
N VAL RB 158 -55.50 54.80 7.62
CA VAL RB 158 -55.26 53.84 8.69
C VAL RB 158 -55.59 54.50 10.03
N ASN RB 159 -56.64 54.01 10.67
CA ASN RB 159 -57.03 54.48 12.00
C ASN RB 159 -56.53 53.47 13.02
N LEU RB 160 -55.69 53.94 13.96
CA LEU RB 160 -55.05 53.07 14.93
C LEU RB 160 -55.79 53.03 16.26
N SER RB 161 -56.91 53.73 16.38
CA SER RB 161 -57.68 53.68 17.62
C SER RB 161 -58.28 52.30 17.80
N PRO RB 162 -58.38 51.82 19.04
CA PRO RB 162 -58.98 50.50 19.27
C PRO RB 162 -60.43 50.46 18.80
N GLY RB 163 -60.82 49.34 18.22
CA GLY RB 163 -62.15 49.16 17.67
C GLY RB 163 -62.23 49.34 16.17
N SER RB 164 -61.20 49.90 15.53
CA SER RB 164 -61.19 50.11 14.10
C SER RB 164 -60.58 48.90 13.39
N THR RB 165 -61.21 48.49 12.30
CA THR RB 165 -60.80 47.30 11.59
C THR RB 165 -59.49 47.55 10.85
N PRO RB 166 -58.56 46.60 10.89
CA PRO RB 166 -57.31 46.76 10.15
C PRO RB 166 -57.58 46.84 8.66
N PRO RB 167 -56.78 47.62 7.92
CA PRO RB 167 -56.99 47.74 6.48
C PRO RB 167 -56.81 46.40 5.77
N VAL RB 168 -57.62 46.19 4.74
CA VAL RB 168 -57.56 44.97 3.93
C VAL RB 168 -56.90 45.31 2.60
N ILE RB 169 -55.98 44.45 2.16
CA ILE RB 169 -55.22 44.64 0.94
C ILE RB 169 -55.57 43.52 -0.02
N ARG RB 170 -56.07 43.88 -1.20
CA ARG RB 170 -56.47 42.92 -2.21
C ARG RB 170 -55.25 42.55 -3.04
N LEU RB 171 -54.85 41.29 -2.98
CA LEU RB 171 -53.71 40.78 -3.71
C LEU RB 171 -54.18 39.86 -4.83
N SER RB 172 -53.22 39.31 -5.56
CA SER RB 172 -53.49 38.35 -6.62
C SER RB 172 -52.26 37.47 -6.77
N GLN RB 173 -52.50 36.19 -7.10
CA GLN RB 173 -51.41 35.24 -7.20
C GLN RB 173 -50.45 35.61 -8.32
N GLY RB 174 -49.17 35.83 -7.97
CA GLY RB 174 -48.15 36.16 -8.94
C GLY RB 174 -48.06 37.63 -9.32
N PHE RB 175 -48.81 38.51 -8.67
CA PHE RB 175 -48.80 39.92 -8.99
C PHE RB 175 -48.23 40.74 -7.84
N VAL RB 176 -47.56 41.84 -8.19
CA VAL RB 176 -46.94 42.71 -7.21
C VAL RB 176 -47.96 43.73 -6.73
N SER RB 177 -48.16 43.80 -5.41
CA SER RB 177 -48.96 44.81 -4.76
C SER RB 177 -48.07 45.55 -3.78
N SER RB 178 -47.85 46.83 -4.02
CA SER RB 178 -46.96 47.62 -3.18
C SER RB 178 -47.79 48.59 -2.33
N LEU RB 179 -47.51 48.61 -1.03
CA LEU RB 179 -48.08 49.62 -0.15
C LEU RB 179 -46.99 50.65 0.13
N VAL RB 180 -47.33 51.92 -0.05
CA VAL RB 180 -46.52 53.02 0.43
C VAL RB 180 -47.19 53.56 1.68
N PHE RB 181 -46.40 53.83 2.71
CA PHE RB 181 -46.91 54.30 3.99
C PHE RB 181 -46.70 55.80 4.09
N LEU RB 182 -47.79 56.52 4.33
CA LEU RB 182 -47.78 57.97 4.45
C LEU RB 182 -48.45 58.35 5.77
N ASP RB 183 -48.05 59.48 6.32
CA ASP RB 183 -48.67 60.00 7.52
C ASP RB 183 -49.93 60.78 7.14
N SER RB 184 -50.53 61.48 8.11
CA SER RB 184 -51.76 62.21 7.84
C SER RB 184 -51.53 63.34 6.83
N THR RB 185 -50.39 64.01 6.91
CA THR RB 185 -50.06 65.09 5.99
C THR RB 185 -49.69 64.61 4.60
N GLY RB 186 -49.72 63.29 4.35
CA GLY RB 186 -49.42 62.74 3.05
C GLY RB 186 -47.95 62.56 2.76
N ALA RB 187 -47.07 62.94 3.68
CA ALA RB 187 -45.64 62.76 3.52
C ALA RB 187 -45.26 61.30 3.72
N PRO RB 188 -44.11 60.88 3.17
CA PRO RB 188 -43.67 59.49 3.37
C PRO RB 188 -43.42 59.19 4.84
N TRP RB 189 -43.58 57.91 5.20
CA TRP RB 189 -43.31 57.42 6.54
C TRP RB 189 -42.45 56.16 6.43
N PRO RB 190 -41.13 56.29 6.57
CA PRO RB 190 -40.26 55.11 6.41
C PRO RB 190 -40.63 53.99 7.38
N ILE RB 191 -40.18 52.79 7.04
CA ILE RB 191 -40.59 51.57 7.74
C ILE RB 191 -39.43 51.13 8.62
N ALA RB 192 -39.67 51.02 9.92
CA ALA RB 192 -38.64 50.53 10.83
C ALA RB 192 -38.46 49.02 10.68
N ALA RB 193 -39.56 48.28 10.60
CA ALA RB 193 -39.49 46.83 10.46
C ALA RB 193 -40.86 46.32 10.02
N TYR RB 194 -40.89 45.06 9.60
CA TYR RB 194 -42.15 44.40 9.30
C TYR RB 194 -42.08 42.94 9.73
N ASP RB 195 -43.26 42.38 10.00
CA ASP RB 195 -43.41 41.02 10.47
C ASP RB 195 -44.52 40.35 9.67
N LEU RB 196 -44.21 39.24 9.02
CA LEU RB 196 -45.12 38.59 8.09
C LEU RB 196 -45.55 37.23 8.64
N GLY RB 197 -46.83 37.12 8.98
CA GLY RB 197 -47.39 35.82 9.33
C GLY RB 197 -47.73 35.02 8.09
N ASP RB 198 -47.43 33.72 8.14
CA ASP RB 198 -47.58 32.82 7.01
C ASP RB 198 -46.80 33.34 5.81
N PRO RB 199 -45.46 33.33 5.87
CA PRO RB 199 -44.67 33.84 4.75
C PRO RB 199 -44.60 32.90 3.55
N SER RB 200 -45.23 31.73 3.61
CA SER RB 200 -45.28 30.83 2.47
C SER RB 200 -46.34 31.22 1.46
N SER RB 201 -47.30 32.06 1.84
CA SER RB 201 -48.36 32.50 0.95
C SER RB 201 -48.13 33.91 0.41
N PHE RB 202 -47.15 34.64 0.94
CA PHE RB 202 -46.84 35.98 0.49
C PHE RB 202 -45.33 36.17 0.47
N ASN RB 203 -44.82 36.80 -0.59
CA ASN RB 203 -43.41 37.11 -0.71
C ASN RB 203 -43.26 38.63 -0.71
N ILE RB 204 -42.48 39.16 0.23
CA ILE RB 204 -42.36 40.59 0.44
C ILE RB 204 -40.95 41.02 0.07
N GLN RB 205 -40.87 42.01 -0.82
CA GLN RB 205 -39.62 42.68 -1.16
C GLN RB 205 -39.66 44.10 -0.64
N TRP RB 206 -38.58 44.51 0.02
CA TRP RB 206 -38.51 45.83 0.65
C TRP RB 206 -37.05 46.17 0.90
N ASP RB 207 -36.53 47.17 0.19
CA ASP RB 207 -35.24 47.73 0.56
C ASP RB 207 -35.35 48.36 1.94
N LYS RB 208 -34.32 48.15 2.76
CA LYS RB 208 -34.45 48.38 4.20
C LYS RB 208 -34.64 49.85 4.57
N THR RB 209 -34.47 50.77 3.63
CA THR RB 209 -34.58 52.20 3.92
C THR RB 209 -35.95 52.78 3.55
N SER RB 210 -36.55 52.32 2.46
CA SER RB 210 -37.74 52.96 1.91
C SER RB 210 -38.97 52.63 2.75
N ASN RB 211 -40.12 53.13 2.30
CA ASN RB 211 -41.40 52.94 2.97
C ASN RB 211 -42.37 52.12 2.13
N THR RB 212 -41.88 51.40 1.13
CA THR RB 212 -42.72 50.67 0.19
C THR RB 212 -42.48 49.17 0.35
N LEU RB 213 -43.56 48.42 0.54
CA LEU RB 213 -43.50 46.96 0.60
C LEU RB 213 -44.18 46.38 -0.63
N MET RB 214 -43.50 45.47 -1.34
CA MET RB 214 -44.04 44.85 -2.53
C MET RB 214 -44.30 43.38 -2.23
N ILE RB 215 -45.58 43.01 -2.14
CA ILE RB 215 -45.99 41.64 -1.81
C ILE RB 215 -46.52 40.98 -3.06
N GLN RB 216 -46.03 39.78 -3.33
CA GLN RB 216 -46.56 38.91 -4.36
C GLN RB 216 -47.24 37.73 -3.69
N ALA RB 217 -48.52 37.55 -3.98
CA ALA RB 217 -49.27 36.44 -3.40
C ALA RB 217 -48.80 35.13 -4.01
N THR RB 218 -48.12 34.31 -3.20
CA THR RB 218 -47.64 33.02 -3.70
C THR RB 218 -48.78 32.02 -3.89
N LYS RB 219 -49.77 32.03 -3.00
CA LYS RB 219 -50.88 31.10 -3.07
C LYS RB 219 -52.14 31.81 -3.56
N LEU RB 220 -53.05 31.02 -4.13
CA LEU RB 220 -54.23 31.58 -4.79
C LEU RB 220 -55.13 32.31 -3.82
N TYR RB 221 -55.69 31.60 -2.83
CA TYR RB 221 -56.75 32.15 -1.99
C TYR RB 221 -56.39 32.20 -0.52
N ASN RB 222 -55.18 31.82 -0.13
CA ASN RB 222 -54.78 31.82 1.26
C ASN RB 222 -54.48 33.25 1.70
N TYR RB 223 -55.21 33.72 2.71
CA TYR RB 223 -55.03 35.08 3.22
C TYR RB 223 -54.32 35.07 4.57
N GLY RB 224 -53.74 36.21 4.91
CA GLY RB 224 -53.00 36.33 6.15
C GLY RB 224 -53.02 37.75 6.64
N ASN RB 225 -52.09 38.06 7.55
CA ASN RB 225 -51.96 39.41 8.05
C ASN RB 225 -50.48 39.81 8.10
N LEU RB 226 -50.24 41.08 8.40
CA LEU RB 226 -48.91 41.64 8.36
C LEU RB 226 -48.81 42.82 9.32
N ALA RB 227 -47.71 42.88 10.05
CA ALA RB 227 -47.40 43.98 10.96
C ALA RB 227 -46.30 44.84 10.36
N VAL RB 228 -46.48 46.16 10.44
CA VAL RB 228 -45.53 47.12 9.89
C VAL RB 228 -45.24 48.12 10.99
N ARG RB 229 -44.07 48.02 11.62
CA ARG RB 229 -43.64 48.99 12.61
C ARG RB 229 -42.94 50.13 11.89
N LEU RB 230 -43.53 51.33 11.96
CA LEU RB 230 -42.99 52.50 11.29
C LEU RB 230 -41.94 53.17 12.19
N ARG RB 231 -41.39 54.28 11.70
CA ARG RB 231 -40.26 54.92 12.38
C ARG RB 231 -40.69 55.54 13.71
N GLY RB 232 -41.58 56.52 13.65
CA GLY RB 232 -42.01 57.23 14.84
C GLY RB 232 -43.19 56.64 15.57
N LEU RB 233 -43.67 55.47 15.17
CA LEU RB 233 -44.85 54.86 15.75
C LEU RB 233 -44.47 53.75 16.71
N ASN RB 234 -44.98 53.84 17.95
CA ASN RB 234 -44.93 52.70 18.85
C ASN RB 234 -45.97 51.67 18.49
N THR RB 235 -47.15 52.12 18.08
CA THR RB 235 -48.21 51.20 17.66
C THR RB 235 -47.94 50.70 16.25
N PRO RB 236 -47.78 49.40 16.03
CA PRO RB 236 -47.59 48.89 14.68
C PRO RB 236 -48.86 48.98 13.85
N VAL RB 237 -48.68 49.05 12.54
CA VAL RB 237 -49.79 49.07 11.60
C VAL RB 237 -50.06 47.63 11.17
N MET RB 238 -51.23 47.11 11.51
CA MET RB 238 -51.63 45.77 11.08
C MET RB 238 -52.57 45.84 9.88
N LEU RB 239 -52.26 45.03 8.88
CA LEU RB 239 -53.08 44.89 7.68
C LEU RB 239 -53.40 43.43 7.46
N THR RB 240 -54.51 43.16 6.77
CA THR RB 240 -54.88 41.81 6.39
C THR RB 240 -54.82 41.69 4.87
N LEU RB 241 -54.03 40.75 4.38
CA LEU RB 241 -53.79 40.57 2.96
C LEU RB 241 -54.62 39.40 2.47
N ILE RB 242 -55.52 39.66 1.52
CA ILE RB 242 -56.40 38.64 0.96
C ILE RB 242 -56.18 38.59 -0.54
N PRO RB 243 -55.71 37.48 -1.09
CA PRO RB 243 -55.55 37.36 -2.54
C PRO RB 243 -56.79 36.74 -3.19
N GLY RB 244 -56.80 36.78 -4.53
CA GLY RB 244 -57.85 36.14 -5.29
C GLY RB 244 -59.17 36.86 -5.28
N GLN RB 245 -59.17 38.18 -5.13
CA GLN RB 245 -60.39 38.96 -5.11
C GLN RB 245 -60.75 39.44 -6.52
N LYS RB 246 -61.89 40.11 -6.63
CA LYS RB 246 -62.31 40.68 -7.90
C LYS RB 246 -61.61 41.99 -8.22
N ALA RB 247 -60.79 42.49 -7.30
CA ALA RB 247 -59.93 43.64 -7.54
C ALA RB 247 -58.52 43.29 -7.07
N VAL RB 248 -57.52 43.81 -7.77
CA VAL RB 248 -56.12 43.64 -7.38
C VAL RB 248 -55.53 45.01 -7.13
N ASP RB 249 -55.01 45.22 -5.93
CA ASP RB 249 -54.47 46.51 -5.50
C ASP RB 249 -53.04 46.61 -5.99
N TYR RB 250 -52.85 47.24 -7.15
CA TYR RB 250 -51.49 47.43 -7.66
C TYR RB 250 -50.67 48.30 -6.73
N ARG RB 251 -51.29 49.31 -6.12
CA ARG RB 251 -50.62 50.16 -5.16
C ARG RB 251 -51.65 50.68 -4.16
N VAL RB 252 -51.28 50.69 -2.89
CA VAL RB 252 -52.16 51.15 -1.81
C VAL RB 252 -51.47 52.30 -1.10
N ASP RB 253 -52.14 53.45 -1.05
CA ASP RB 253 -51.62 54.64 -0.38
C ASP RB 253 -52.23 54.71 1.01
N LEU RB 254 -51.48 54.28 2.01
CA LEU RB 254 -51.99 54.19 3.37
C LEU RB 254 -51.67 55.48 4.13
N ARG RB 255 -52.72 56.10 4.69
CA ARG RB 255 -52.59 57.36 5.42
C ARG RB 255 -52.70 57.03 6.92
N VAL RB 256 -51.56 56.73 7.53
CA VAL RB 256 -51.54 56.43 8.97
C VAL RB 256 -51.93 57.68 9.76
N GLN RB 257 -52.41 57.45 10.99
CA GLN RB 257 -52.98 58.54 11.78
C GLN RB 257 -51.93 59.53 12.26
N GLY RB 258 -50.72 59.07 12.53
CA GLY RB 258 -49.71 59.92 13.15
C GLY RB 258 -49.03 60.85 12.17
N TYR RB 259 -48.00 61.52 12.67
CA TYR RB 259 -47.14 62.40 11.87
C TYR RB 259 -45.75 61.77 11.81
N GLY RB 260 -45.26 61.55 10.59
CA GLY RB 260 -44.00 60.87 10.40
C GLY RB 260 -42.80 61.77 10.58
N PRO RB 261 -41.61 61.25 10.29
CA PRO RB 261 -40.39 62.07 10.42
C PRO RB 261 -40.29 63.17 9.38
N ASN RB 262 -41.15 63.18 8.36
CA ASN RB 262 -41.19 64.24 7.37
C ASN RB 262 -42.52 64.97 7.48
N ALA RB 263 -42.46 66.29 7.62
CA ALA RB 263 -43.66 67.10 7.77
C ALA RB 263 -43.83 68.07 6.61
N CYS SB 1 -79.63 20.28 20.50
CA CYS SB 1 -78.30 20.80 20.76
C CYS SB 1 -78.11 21.16 22.23
N THR SB 2 -78.51 22.38 22.60
CA THR SB 2 -78.39 22.80 23.99
C THR SB 2 -79.29 21.98 24.92
N ASP SB 3 -80.51 21.66 24.47
CA ASP SB 3 -81.39 20.82 25.26
C ASP SB 3 -80.78 19.44 25.48
N ALA SB 4 -80.21 18.86 24.42
CA ALA SB 4 -79.55 17.56 24.56
C ALA SB 4 -78.37 17.63 25.50
N ALA SB 5 -77.58 18.70 25.40
CA ALA SB 5 -76.42 18.84 26.30
C ALA SB 5 -76.86 18.96 27.75
N LEU SB 6 -77.88 19.76 28.03
CA LEU SB 6 -78.36 19.91 29.40
C LEU SB 6 -78.96 18.61 29.92
N ALA SB 7 -79.71 17.89 29.07
CA ALA SB 7 -80.28 16.61 29.48
C ALA SB 7 -79.18 15.60 29.78
N ALA SB 8 -78.14 15.55 28.96
CA ALA SB 8 -77.02 14.66 29.22
C ALA SB 8 -76.28 15.05 30.49
N LEU SB 9 -76.13 16.35 30.74
CA LEU SB 9 -75.48 16.81 31.96
C LEU SB 9 -76.29 16.39 33.19
N GLU SB 10 -77.60 16.55 33.16
CA GLU SB 10 -78.42 16.14 34.30
C GLU SB 10 -78.47 14.63 34.44
N TYR SB 11 -78.40 13.90 33.32
CA TYR SB 11 -78.32 12.43 33.39
C TYR SB 11 -77.02 11.99 34.06
N HIS SB 12 -75.91 12.66 33.74
CA HIS SB 12 -74.64 12.34 34.39
C HIS SB 12 -74.63 12.75 35.86
N LYS SB 13 -75.26 13.88 36.19
CA LYS SB 13 -75.29 14.32 37.59
C LYS SB 13 -76.14 13.39 38.44
N SER SB 14 -77.33 13.01 37.95
CA SER SB 14 -78.18 12.09 38.69
C SER SB 14 -77.60 10.69 38.73
N ASN SB 15 -77.07 10.22 37.60
CA ASN SB 15 -76.40 8.92 37.52
C ASN SB 15 -74.89 9.20 37.50
N ALA SB 16 -74.32 9.33 38.69
CA ALA SB 16 -72.94 9.78 38.86
C ALA SB 16 -71.93 8.94 38.07
N CYS TB 1 -68.60 19.46 33.10
CA CYS TB 1 -68.54 18.01 32.95
C CYS TB 1 -68.89 17.60 31.53
N VAL TB 2 -69.57 18.48 30.81
CA VAL TB 2 -70.00 18.22 29.43
C VAL TB 2 -68.91 18.70 28.47
N SER TB 3 -68.57 17.85 27.52
CA SER TB 3 -67.65 18.20 26.43
C SER TB 3 -68.48 18.53 25.20
N MET TB 4 -68.43 19.78 24.76
CA MET TB 4 -69.33 20.26 23.72
C MET TB 4 -69.03 19.67 22.36
N ILE TB 5 -67.80 19.19 22.13
CA ILE TB 5 -67.45 18.60 20.85
C ILE TB 5 -68.21 17.29 20.63
N GLY TB 6 -68.39 16.51 21.70
CA GLY TB 6 -69.13 15.27 21.61
C GLY TB 6 -70.63 15.49 21.68
N GLY TB 7 -71.12 16.48 20.94
CA GLY TB 7 -72.54 16.81 20.96
C GLY TB 7 -73.29 16.10 19.85
N SER TB 8 -74.44 15.54 20.22
CA SER TB 8 -75.29 14.84 19.26
C SER TB 8 -76.73 14.91 19.76
N ARG TB 9 -77.64 15.33 18.89
CA ARG TB 9 -79.04 15.44 19.26
C ARG TB 9 -79.64 14.06 19.46
N ARG UB 1 -72.22 12.04 24.33
CA ARG UB 1 -71.44 12.79 25.31
C ARG UB 1 -70.89 11.85 26.38
N VAL UB 2 -69.67 12.13 26.86
CA VAL UB 2 -69.01 11.31 27.86
C VAL UB 2 -68.41 12.21 28.92
N SER UB 3 -68.56 11.82 30.18
CA SER UB 3 -68.20 12.64 31.32
C SER UB 3 -66.70 12.51 31.62
N ILE UB 4 -66.23 13.31 32.59
CA ILE UB 4 -64.85 13.24 33.05
C ILE UB 4 -64.62 12.07 34.01
N GLY UB 5 -65.69 11.39 34.43
CA GLY UB 5 -65.49 10.18 35.20
C GLY UB 5 -64.97 9.01 34.40
N GLY UB 6 -64.92 9.13 33.08
CA GLY UB 6 -64.52 8.04 32.21
C GLY UB 6 -65.66 7.21 31.68
N THR UB 7 -66.86 7.33 32.26
CA THR UB 7 -68.02 6.59 31.80
C THR UB 7 -68.85 7.44 30.86
N VAL UB 8 -69.57 6.77 29.97
CA VAL UB 8 -70.39 7.44 28.96
C VAL UB 8 -71.77 7.73 29.52
N TYR UB 9 -72.21 8.98 29.40
CA TYR UB 9 -73.56 9.39 29.78
C TYR UB 9 -74.09 10.32 28.71
N THR UB 10 -75.04 9.83 27.93
CA THR UB 10 -75.54 10.54 26.76
C THR UB 10 -77.06 10.65 26.81
N ALA UB 11 -77.57 11.73 26.23
CA ALA UB 11 -79.00 11.92 26.12
C ALA UB 11 -79.56 11.07 24.97
N LYS UB 12 -80.88 10.91 24.97
CA LYS UB 12 -81.53 10.04 23.99
C LYS UB 12 -81.81 10.76 22.67
N LYS UB 13 -82.65 11.79 22.71
CA LYS UB 13 -83.03 12.53 21.51
C LYS UB 13 -83.59 13.89 21.92
N TYR UB 14 -82.95 14.97 21.49
CA TYR UB 14 -83.40 16.31 21.81
C TYR UB 14 -83.03 17.23 20.65
N ASP UB 15 -84.03 17.89 20.07
CA ASP UB 15 -83.84 18.78 18.94
C ASP UB 15 -84.34 20.18 19.28
N ASP UB 16 -83.71 21.18 18.68
CA ASP UB 16 -84.11 22.56 18.88
C ASP UB 16 -84.25 23.29 17.54
N PRO VB 1 -71.22 19.76 16.89
CA PRO VB 1 -72.12 19.52 15.77
C PRO VB 1 -73.51 20.08 16.00
N PHE VB 2 -73.66 21.40 15.89
CA PHE VB 2 -74.90 22.09 16.19
C PHE VB 2 -75.28 23.00 15.01
N GLY VB 3 -76.51 23.53 15.08
CA GLY VB 3 -77.01 24.37 14.01
C GLY VB 3 -77.01 25.85 14.34
N ALA VB 4 -76.81 26.19 15.61
CA ALA VB 4 -76.75 27.57 16.04
C ALA VB 4 -75.34 28.16 16.00
N ASP VB 5 -74.45 27.57 15.20
CA ASP VB 5 -73.07 28.03 15.12
C ASP VB 5 -72.97 29.40 14.47
N ARG WB 207 -78.49 47.13 34.79
CA ARG WB 207 -77.48 46.24 35.34
C ARG WB 207 -76.18 46.34 34.56
N ILE WB 208 -75.34 45.31 34.66
CA ILE WB 208 -74.07 45.23 33.95
C ILE WB 208 -74.17 44.06 32.97
N ILE WB 209 -73.90 44.35 31.69
CA ILE WB 209 -74.01 43.35 30.64
C ILE WB 209 -72.65 42.69 30.45
N TYR WB 210 -72.64 41.36 30.46
CA TYR WB 210 -71.42 40.57 30.32
C TYR WB 210 -71.39 39.93 28.94
N TYR WB 211 -70.26 40.09 28.25
CA TYR WB 211 -70.03 39.47 26.95
C TYR WB 211 -68.90 38.46 27.07
N ILE WB 212 -68.90 37.47 26.19
CA ILE WB 212 -67.81 36.50 26.15
C ILE WB 212 -66.62 37.13 25.47
N GLN WB 213 -65.50 37.18 26.18
CA GLN WB 213 -64.23 37.61 25.60
C GLN WB 213 -63.51 36.43 24.95
N ALA WB 214 -63.55 35.27 25.59
CA ALA WB 214 -63.01 34.04 25.01
C ALA WB 214 -63.71 32.86 25.67
N VAL WB 215 -63.74 31.74 24.96
CA VAL WB 215 -64.42 30.55 25.47
C VAL WB 215 -63.67 29.31 25.03
N ILE WB 216 -63.47 28.39 25.96
CA ILE WB 216 -62.91 27.06 25.70
C ILE WB 216 -63.73 26.04 26.47
N PRO WB 217 -63.64 24.76 26.09
CA PRO WB 217 -64.35 23.73 26.87
C PRO WB 217 -64.01 23.81 28.35
N GLY WB 218 -64.99 24.17 29.17
CA GLY WB 218 -64.74 24.47 30.56
C GLY WB 218 -64.77 25.95 30.86
N ARG WB 219 -63.60 26.56 31.04
CA ARG WB 219 -63.52 27.96 31.42
C ARG WB 219 -64.04 28.88 30.31
N ALA WB 220 -64.50 30.06 30.72
CA ALA WB 220 -64.93 31.09 29.79
C ALA WB 220 -64.55 32.44 30.38
N TRP WB 221 -63.78 33.22 29.62
CA TRP WB 221 -63.37 34.56 30.03
C TRP WB 221 -64.37 35.57 29.49
N LEU WB 222 -64.93 36.38 30.38
CA LEU WB 222 -65.94 37.37 30.04
C LEU WB 222 -65.45 38.76 30.40
N ILE WB 223 -65.96 39.76 29.68
CA ILE WB 223 -65.70 41.16 29.96
C ILE WB 223 -67.03 41.89 30.02
N GLY WB 224 -67.25 42.65 31.09
CA GLY WB 224 -68.48 43.38 31.29
C GLY WB 224 -68.45 44.75 30.63
N SER WB 225 -69.46 45.55 30.97
CA SER WB 225 -69.56 46.91 30.45
C SER WB 225 -68.66 47.90 31.20
N ASN WB 226 -68.16 47.52 32.38
CA ASN WB 226 -67.31 48.39 33.18
C ASN WB 226 -65.82 48.12 32.97
N GLY WB 227 -65.47 47.24 32.03
CA GLY WB 227 -64.09 46.88 31.80
C GLY WB 227 -63.55 45.78 32.69
N SER WB 228 -64.35 45.26 33.62
CA SER WB 228 -63.91 44.18 34.48
C SER WB 228 -63.80 42.87 33.69
N THR WB 229 -62.82 42.06 34.07
CA THR WB 229 -62.59 40.77 33.44
C THR WB 229 -62.87 39.66 34.46
N LEU WB 230 -63.66 38.67 34.04
CA LEU WB 230 -64.06 37.56 34.89
C LEU WB 230 -63.79 36.26 34.16
N THR WB 231 -63.70 35.17 34.90
CA THR WB 231 -63.62 33.84 34.32
C THR WB 231 -64.58 32.93 35.06
N VAL WB 232 -65.34 32.12 34.30
CA VAL WB 232 -66.40 31.31 34.86
C VAL WB 232 -66.26 29.87 34.38
N ARG WB 233 -66.81 28.96 35.17
CA ARG WB 233 -66.79 27.53 34.92
C ARG WB 233 -68.23 27.03 34.77
N GLU WB 234 -68.38 25.70 34.66
CA GLU WB 234 -69.70 25.09 34.42
C GLU WB 234 -70.73 25.60 35.42
N GLY WB 235 -70.40 25.57 36.70
CA GLY WB 235 -71.25 26.20 37.69
C GLY WB 235 -70.50 27.27 38.46
N SER WB 236 -70.88 28.53 38.26
CA SER WB 236 -70.14 29.64 38.83
C SER WB 236 -71.03 30.87 38.88
N LYS WB 237 -70.94 31.62 39.98
CA LYS WB 237 -71.80 32.78 40.18
C LYS WB 237 -71.33 33.95 39.31
N ILE WB 238 -72.30 34.64 38.71
CA ILE WB 238 -72.05 35.86 37.95
C ILE WB 238 -72.95 36.95 38.52
N PRO WB 239 -72.41 38.12 38.85
CA PRO WB 239 -73.25 39.18 39.44
C PRO WB 239 -74.31 39.66 38.45
N GLY WB 240 -75.56 39.55 38.86
CA GLY WB 240 -76.70 39.97 38.06
C GLY WB 240 -77.24 38.91 37.12
N TYR WB 241 -76.36 38.08 36.56
CA TYR WB 241 -76.79 37.04 35.63
C TYR WB 241 -77.13 35.72 36.31
N GLY WB 242 -76.95 35.62 37.62
CA GLY WB 242 -77.28 34.41 38.35
C GLY WB 242 -76.08 33.48 38.45
N MET WB 243 -76.27 32.21 38.09
CA MET WB 243 -75.24 31.19 38.16
C MET WB 243 -75.13 30.50 36.80
N VAL WB 244 -73.90 30.23 36.37
CA VAL WB 244 -73.68 29.60 35.07
C VAL WB 244 -74.30 28.21 35.08
N LYS WB 245 -75.10 27.93 34.06
CA LYS WB 245 -75.74 26.62 33.89
C LYS WB 245 -75.10 25.77 32.80
N LEU WB 246 -74.58 26.40 31.74
CA LEU WB 246 -73.95 25.67 30.65
C LEU WB 246 -73.03 26.62 29.89
N ILE WB 247 -71.95 26.06 29.36
CA ILE WB 247 -70.97 26.83 28.58
C ILE WB 247 -70.77 26.08 27.26
N ASP WB 248 -71.42 26.55 26.21
CA ASP WB 248 -71.26 25.99 24.86
C ASP WB 248 -70.08 26.67 24.20
N SER WB 249 -68.96 25.94 24.08
CA SER WB 249 -67.75 26.52 23.52
C SER WB 249 -67.81 26.64 22.00
N LEU WB 250 -68.47 25.70 21.32
CA LEU WB 250 -68.51 25.74 19.86
C LEU WB 250 -69.32 26.92 19.36
N GLN WB 251 -70.48 27.19 19.97
CA GLN WB 251 -71.29 28.34 19.57
C GLN WB 251 -70.89 29.62 20.29
N GLY WB 252 -70.03 29.54 21.30
CA GLY WB 252 -69.74 30.71 22.10
C GLY WB 252 -70.94 31.22 22.88
N ARG WB 253 -71.69 30.31 23.50
CA ARG WB 253 -72.86 30.67 24.28
C ARG WB 253 -72.64 30.30 25.74
N ILE WB 254 -73.29 31.04 26.63
CA ILE WB 254 -73.30 30.71 28.06
C ILE WB 254 -74.73 30.82 28.55
N LEU WB 255 -75.32 29.69 28.91
CA LEU WB 255 -76.64 29.66 29.53
C LEU WB 255 -76.48 29.83 31.04
N THR WB 256 -77.18 30.81 31.60
CA THR WB 256 -77.18 31.04 33.04
C THR WB 256 -78.53 30.70 33.62
N SER WB 257 -78.60 30.71 34.96
CA SER WB 257 -79.81 30.26 35.64
C SER WB 257 -80.93 31.28 35.55
N SER WB 258 -80.59 32.55 35.36
CA SER WB 258 -81.61 33.59 35.25
C SER WB 258 -82.27 33.63 33.87
N GLY WB 259 -81.82 32.80 32.94
CA GLY WB 259 -82.31 32.81 31.59
C GLY WB 259 -81.53 33.71 30.64
N GLN WB 260 -80.74 34.63 31.17
CA GLN WB 260 -79.91 35.48 30.32
C GLN WB 260 -78.79 34.65 29.70
N VAL WB 261 -78.55 34.89 28.41
CA VAL WB 261 -77.54 34.17 27.66
C VAL WB 261 -76.38 35.11 27.38
N ILE WB 262 -75.16 34.66 27.67
CA ILE WB 262 -73.96 35.44 27.41
C ILE WB 262 -73.40 35.01 26.05
N LYS WB 263 -73.16 36.00 25.20
CA LYS WB 263 -72.64 35.79 23.86
C LYS WB 263 -71.42 36.68 23.65
N PHE WB 264 -70.68 36.38 22.59
CA PHE WB 264 -69.63 37.29 22.13
C PHE WB 264 -70.25 38.64 21.79
N SER WB 265 -69.46 39.70 22.00
CA SER WB 265 -69.96 41.04 21.71
C SER WB 265 -70.26 41.18 20.23
N GLN WB 266 -71.31 41.95 19.93
CA GLN WB 266 -71.73 42.13 18.54
C GLN WB 266 -70.63 42.77 17.70
N GLU WB 267 -69.94 43.76 18.26
CA GLU WB 267 -68.82 44.41 17.59
C GLU WB 267 -67.50 43.69 17.83
N ASP WB 268 -67.54 42.42 18.23
CA ASP WB 268 -66.33 41.64 18.48
C ASP WB 268 -66.31 40.28 17.80
N SER WB 269 -67.46 39.71 17.45
CA SER WB 269 -67.48 38.39 16.83
C SER WB 269 -67.73 38.46 15.33
N GLN XB 791 -68.63 -3.60 -6.28
CA GLN XB 791 -68.14 -3.68 -4.91
C GLN XB 791 -66.69 -3.22 -4.82
N GLN XB 792 -65.84 -3.79 -5.69
CA GLN XB 792 -64.42 -3.45 -5.68
C GLN XB 792 -64.19 -1.99 -6.07
N GLU XB 793 -65.03 -1.45 -6.96
CA GLU XB 793 -64.89 -0.04 -7.33
C GLU XB 793 -65.11 0.87 -6.13
N ILE XB 794 -65.96 0.45 -5.18
CA ILE XB 794 -66.15 1.23 -3.96
C ILE XB 794 -64.86 1.29 -3.16
N GLN XB 795 -64.18 0.14 -3.02
CA GLN XB 795 -62.91 0.12 -2.30
C GLN XB 795 -61.86 0.97 -3.01
N GLN XB 796 -61.81 0.91 -4.34
CA GLN XB 796 -60.85 1.73 -5.08
C GLN XB 796 -61.14 3.21 -4.88
N ARG XB 797 -62.42 3.59 -4.94
CA ARG XB 797 -62.78 5.00 -4.75
C ARG XB 797 -62.41 5.46 -3.35
N THR XB 798 -62.68 4.63 -2.34
CA THR XB 798 -62.31 4.98 -0.97
C THR XB 798 -60.80 5.13 -0.83
N SER XB 799 -60.04 4.26 -1.50
CA SER XB 799 -58.59 4.37 -1.47
C SER XB 799 -58.12 5.69 -2.09
N ASP XB 800 -58.74 6.10 -3.20
CA ASP XB 800 -58.38 7.37 -3.82
C ASP XB 800 -58.69 8.54 -2.91
N MET XB 801 -59.86 8.54 -2.27
CA MET XB 801 -60.19 9.62 -1.34
C MET XB 801 -59.22 9.65 -0.16
N LEU XB 802 -58.86 8.48 0.37
CA LEU XB 802 -57.89 8.44 1.47
C LEU XB 802 -56.55 8.99 1.03
N THR XB 803 -56.09 8.60 -0.17
CA THR XB 803 -54.80 9.06 -0.66
C THR XB 803 -54.78 10.58 -0.84
N ALA XB 804 -55.84 11.15 -1.41
CA ALA XB 804 -55.88 12.59 -1.58
C ALA XB 804 -55.98 13.31 -0.23
N ALA XB 805 -56.81 12.79 0.68
CA ALA XB 805 -57.10 13.51 1.91
C ALA XB 805 -55.98 13.42 2.94
N THR XB 806 -55.17 12.35 2.92
CA THR XB 806 -53.99 12.36 3.77
C THR XB 806 -53.08 13.53 3.41
N GLN XB 807 -52.87 13.74 2.10
CA GLN XB 807 -52.11 14.88 1.64
C GLN XB 807 -52.80 16.19 2.01
N LEU XB 808 -54.12 16.25 1.88
CA LEU XB 808 -54.85 17.47 2.22
C LEU XB 808 -54.69 17.82 3.70
N VAL XB 809 -54.82 16.83 4.58
CA VAL XB 809 -54.68 17.07 6.01
C VAL XB 809 -53.24 17.44 6.35
N GLN XB 810 -52.26 16.80 5.70
CA GLN XB 810 -50.87 17.16 5.91
C GLN XB 810 -50.61 18.61 5.50
N ASP XB 811 -51.22 19.05 4.39
CA ASP XB 811 -51.08 20.44 3.97
C ASP XB 811 -51.72 21.38 4.98
N TRP XB 812 -52.89 21.01 5.51
CA TRP XB 812 -53.56 21.87 6.49
C TRP XB 812 -52.77 21.96 7.79
N LYS XB 813 -52.13 20.87 8.21
CA LYS XB 813 -51.34 20.89 9.44
C LYS XB 813 -50.14 21.82 9.35
N GLN XB 814 -49.62 22.04 8.15
CA GLN XB 814 -48.42 22.88 8.00
C GLN XB 814 -48.73 24.32 8.31
N VAL XB 815 -47.89 24.93 9.15
CA VAL XB 815 -47.96 26.36 9.46
C VAL XB 815 -46.56 26.92 9.34
N GLU XB 816 -46.39 27.93 8.48
CA GLU XB 816 -45.09 28.56 8.31
C GLU XB 816 -44.88 29.60 9.41
N THR XB 817 -43.77 29.47 10.12
CA THR XB 817 -43.47 30.39 11.21
C THR XB 817 -43.25 31.80 10.67
N GLN XB 818 -43.67 32.78 11.44
CA GLN XB 818 -43.58 34.18 11.03
C GLN XB 818 -42.11 34.59 10.89
N VAL XB 819 -41.88 35.56 10.01
CA VAL XB 819 -40.55 36.11 9.78
C VAL XB 819 -40.57 37.59 10.15
N TYR XB 820 -39.59 38.00 10.96
CA TYR XB 820 -39.43 39.38 11.37
C TYR XB 820 -38.20 39.95 10.68
N THR XB 821 -38.39 41.01 9.90
CA THR XB 821 -37.32 41.64 9.16
C THR XB 821 -37.05 43.01 9.77
N GLU XB 822 -35.80 43.26 10.15
CA GLU XB 822 -35.39 44.51 10.76
C GLU XB 822 -34.80 45.44 9.71
N GLY XB 823 -35.20 46.71 9.77
CA GLY XB 823 -34.66 47.69 8.84
C GLY XB 823 -33.22 48.04 9.16
N THR XB 824 -32.59 48.71 8.19
CA THR XB 824 -31.20 49.12 8.34
C THR XB 824 -31.09 50.41 9.14
N ALA YB 104 -55.69 7.01 -50.71
CA ALA YB 104 -54.78 7.96 -51.36
C ALA YB 104 -54.16 8.91 -50.34
N GLU YB 105 -54.66 10.15 -50.31
CA GLU YB 105 -54.18 11.16 -49.39
C GLU YB 105 -55.09 11.34 -48.18
N VAL YB 106 -56.23 10.65 -48.14
CA VAL YB 106 -57.09 10.72 -46.96
C VAL YB 106 -56.42 10.05 -45.76
N ILE YB 107 -55.48 9.13 -46.03
CA ILE YB 107 -54.71 8.53 -44.95
C ILE YB 107 -53.94 9.60 -44.20
N ASP YB 108 -53.36 10.56 -44.93
CA ASP YB 108 -52.64 11.65 -44.29
C ASP YB 108 -53.57 12.47 -43.39
N LYS YB 109 -54.76 12.80 -43.88
CA LYS YB 109 -55.69 13.62 -43.11
C LYS YB 109 -56.12 12.91 -41.83
N LYS YB 110 -56.55 11.65 -41.95
CA LYS YB 110 -57.03 10.94 -40.77
C LYS YB 110 -55.90 10.60 -39.81
N ALA YB 111 -54.69 10.36 -40.34
CA ALA YB 111 -53.53 10.16 -39.47
C ALA YB 111 -53.19 11.44 -38.73
N PHE YB 112 -53.33 12.60 -39.38
CA PHE YB 112 -53.11 13.86 -38.69
C PHE YB 112 -54.17 14.09 -37.62
N LYS YB 113 -55.41 13.67 -37.89
CA LYS YB 113 -56.45 13.78 -36.87
C LYS YB 113 -56.12 12.94 -35.64
N ASP YB 114 -55.76 11.68 -35.85
CA ASP YB 114 -55.39 10.82 -34.72
C ASP YB 114 -54.14 11.35 -34.02
N MET YB 115 -53.18 11.82 -34.80
CA MET YB 115 -52.01 12.53 -34.31
C MET YB 115 -52.37 13.67 -33.36
N THR YB 116 -53.18 14.61 -33.83
CA THR YB 116 -53.47 15.81 -33.05
C THR YB 116 -54.39 15.52 -31.88
N ARG YB 117 -55.11 14.40 -31.92
CA ARG YB 117 -55.83 13.97 -30.72
C ARG YB 117 -54.90 13.34 -29.71
N ASN YB 118 -53.85 12.64 -30.16
CA ASN YB 118 -52.90 12.02 -29.24
C ASN YB 118 -51.93 13.03 -28.62
N LEU YB 119 -51.53 14.05 -29.39
CA LEU YB 119 -50.54 15.01 -28.89
C LEU YB 119 -51.14 15.94 -27.85
N TYR YB 120 -52.39 16.37 -28.07
CA TYR YB 120 -53.10 17.27 -27.17
C TYR YB 120 -54.38 16.56 -26.76
N PRO YB 121 -54.31 15.62 -25.80
CA PRO YB 121 -55.51 14.88 -25.40
C PRO YB 121 -56.58 15.74 -24.78
N LEU YB 122 -56.24 16.92 -24.28
CA LEU YB 122 -57.21 17.86 -23.73
C LEU YB 122 -57.52 18.93 -24.77
N ASN YB 123 -58.79 19.05 -25.13
CA ASN YB 123 -59.20 20.08 -26.07
C ASN YB 123 -59.01 21.46 -25.46
N PRO YB 124 -58.95 22.51 -26.29
CA PRO YB 124 -58.85 23.86 -25.73
C PRO YB 124 -59.98 24.20 -24.77
N GLU YB 125 -61.17 23.62 -24.98
CA GLU YB 125 -62.26 23.79 -24.02
C GLU YB 125 -62.03 22.95 -22.76
N GLN YB 126 -61.54 21.72 -22.93
CA GLN YB 126 -61.25 20.89 -21.77
C GLN YB 126 -60.12 21.46 -20.92
N VAL YB 127 -59.21 22.23 -21.51
CA VAL YB 127 -58.15 22.85 -20.73
C VAL YB 127 -58.73 23.90 -19.78
N VAL YB 128 -59.65 24.72 -20.28
CA VAL YB 128 -60.30 25.69 -19.39
C VAL YB 128 -61.18 24.97 -18.38
N LYS YB 129 -61.80 23.85 -18.76
CA LYS YB 129 -62.50 23.02 -17.80
C LYS YB 129 -61.59 22.62 -16.65
N LEU YB 130 -60.43 22.06 -16.99
CA LEU YB 130 -59.49 21.59 -15.98
C LEU YB 130 -58.98 22.73 -15.11
N LYS YB 131 -58.70 23.88 -15.73
CA LYS YB 131 -58.23 25.03 -14.96
C LYS YB 131 -59.29 25.50 -13.97
N GLN YB 132 -60.55 25.54 -14.40
CA GLN YB 132 -61.62 25.95 -13.49
C GLN YB 132 -61.79 24.95 -12.35
N ILE YB 133 -61.72 23.64 -12.65
CA ILE YB 133 -61.83 22.64 -11.60
C ILE YB 133 -60.68 22.77 -10.61
N TYR YB 134 -59.47 23.02 -11.12
CA TYR YB 134 -58.32 23.19 -10.25
C TYR YB 134 -58.49 24.41 -9.34
N GLU YB 135 -58.94 25.53 -9.89
CA GLU YB 135 -59.13 26.72 -9.07
C GLU YB 135 -60.24 26.51 -8.04
N THR YB 136 -61.31 25.81 -8.42
CA THR YB 136 -62.37 25.51 -7.47
C THR YB 136 -61.86 24.63 -6.34
N SER YB 137 -61.04 23.63 -6.67
CA SER YB 137 -60.46 22.78 -5.63
C SER YB 137 -59.55 23.57 -4.70
N GLU YB 138 -58.75 24.49 -5.25
CA GLU YB 138 -57.90 25.32 -4.40
C GLU YB 138 -58.73 26.23 -3.51
N TYR YB 139 -59.82 26.78 -4.04
CA TYR YB 139 -60.71 27.61 -3.21
C TYR YB 139 -61.33 26.79 -2.08
N ALA YB 140 -61.74 25.55 -2.39
CA ALA YB 140 -62.28 24.69 -1.34
C ALA YB 140 -61.23 24.37 -0.29
N LYS YB 141 -59.99 24.10 -0.72
CA LYS YB 141 -58.93 23.77 0.22
C LYS YB 141 -58.57 24.97 1.11
N ALA YB 142 -58.56 26.17 0.54
CA ALA YB 142 -58.15 27.36 1.27
C ALA YB 142 -59.28 28.00 2.06
N ALA YB 143 -60.52 27.54 1.89
CA ALA YB 143 -61.64 28.14 2.59
C ALA YB 143 -61.59 27.79 4.07
N THR YB 144 -61.78 28.81 4.91
CA THR YB 144 -61.81 28.58 6.36
C THR YB 144 -63.14 27.96 6.76
N PRO YB 145 -63.13 26.93 7.60
CA PRO YB 145 -64.40 26.35 8.06
C PRO YB 145 -65.09 27.29 9.03
N GLY YB 146 -66.32 27.65 8.70
CA GLY YB 146 -67.07 28.59 9.51
C GLY YB 146 -66.65 30.03 9.26
N THR YB 147 -67.06 30.88 10.18
CA THR YB 147 -66.74 32.29 10.07
C THR YB 147 -65.31 32.53 10.54
N PRO YB 148 -64.46 33.15 9.71
CA PRO YB 148 -63.11 33.48 10.19
C PRO YB 148 -63.18 34.47 11.33
N PRO YB 149 -62.19 34.47 12.22
CA PRO YB 149 -62.21 35.39 13.36
C PRO YB 149 -62.22 36.84 12.89
N LYS YB 150 -62.99 37.66 13.60
CA LYS YB 150 -63.04 39.07 13.29
C LYS YB 150 -61.73 39.73 13.71
N PRO YB 151 -61.04 40.44 12.80
CA PRO YB 151 -59.79 41.11 13.16
C PRO YB 151 -60.07 42.38 13.96
N THR YB 152 -59.77 42.34 15.25
CA THR YB 152 -60.05 43.46 16.14
C THR YB 152 -58.77 43.96 16.77
N ALA YB 153 -58.68 45.27 16.96
CA ALA YB 153 -57.60 45.89 17.71
C ALA YB 153 -58.18 46.36 19.03
N THR YB 154 -57.88 45.64 20.11
CA THR YB 154 -58.49 45.88 21.40
C THR YB 154 -57.49 46.55 22.35
N SER YB 155 -58.02 47.00 23.49
CA SER YB 155 -57.22 47.64 24.53
C SER YB 155 -57.68 47.12 25.87
N GLN YB 156 -56.75 46.60 26.67
CA GLN YB 156 -57.05 46.06 27.98
C GLN YB 156 -56.24 46.80 29.04
N PHE YB 157 -56.80 46.89 30.24
CA PHE YB 157 -56.10 47.46 31.39
C PHE YB 157 -55.61 46.32 32.27
N VAL YB 158 -54.30 46.20 32.39
CA VAL YB 158 -53.68 45.12 33.16
C VAL YB 158 -53.69 45.53 34.63
N ASN YB 159 -54.45 44.81 35.44
CA ASN YB 159 -54.50 45.03 36.89
C ASN YB 159 -53.66 43.95 37.57
N LEU YB 160 -52.60 44.37 38.25
CA LEU YB 160 -51.64 43.46 38.86
C LEU YB 160 -51.96 43.14 40.31
N SER YB 161 -53.04 43.68 40.86
CA SER YB 161 -53.42 43.37 42.22
C SER YB 161 -53.84 41.90 42.33
N PRO YB 162 -53.56 41.26 43.47
CA PRO YB 162 -53.96 39.86 43.64
C PRO YB 162 -55.47 39.69 43.53
N GLY YB 163 -55.88 38.58 42.92
CA GLY YB 163 -57.28 38.30 42.68
C GLY YB 163 -57.79 38.74 41.33
N SER YB 164 -57.01 39.54 40.61
CA SER YB 164 -57.42 40.00 39.28
C SER YB 164 -57.01 38.98 38.22
N THR YB 165 -57.93 38.70 37.31
CA THR YB 165 -57.70 37.70 36.29
C THR YB 165 -56.66 38.19 35.29
N PRO YB 166 -55.69 37.35 34.92
CA PRO YB 166 -54.73 37.75 33.91
C PRO YB 166 -55.41 38.03 32.59
N PRO YB 167 -54.94 39.01 31.84
CA PRO YB 167 -55.56 39.32 30.55
C PRO YB 167 -55.44 38.17 29.57
N VAL YB 168 -56.46 38.00 28.74
CA VAL YB 168 -56.51 36.96 27.72
C VAL YB 168 -56.27 37.60 26.36
N ILE YB 169 -55.54 36.89 25.50
CA ILE YB 169 -55.24 37.35 24.15
C ILE YB 169 -55.85 36.34 23.18
N ARG YB 170 -56.78 36.83 22.35
CA ARG YB 170 -57.41 35.99 21.34
C ARG YB 170 -56.49 35.93 20.13
N LEU YB 171 -55.97 34.74 19.84
CA LEU YB 171 -55.07 34.52 18.72
C LEU YB 171 -55.78 33.74 17.62
N SER YB 172 -55.04 33.42 16.57
CA SER YB 172 -55.52 32.59 15.48
C SER YB 172 -54.33 31.90 14.84
N GLN YB 173 -54.54 30.68 14.36
CA GLN YB 173 -53.45 29.90 13.79
C GLN YB 173 -52.91 30.57 12.53
N GLY YB 174 -51.62 30.88 12.54
CA GLY YB 174 -50.96 31.51 11.41
C GLY YB 174 -51.11 33.01 11.32
N PHE YB 175 -51.75 33.65 12.30
CA PHE YB 175 -51.95 35.08 12.30
C PHE YB 175 -51.11 35.73 13.39
N VAL YB 176 -50.63 36.93 13.12
CA VAL YB 176 -49.74 37.66 14.02
C VAL YB 176 -50.57 38.57 14.91
N SER YB 177 -50.40 38.42 16.22
CA SER YB 177 -51.02 39.29 17.21
C SER YB 177 -49.92 40.06 17.92
N SER YB 178 -49.98 41.39 17.87
CA SER YB 178 -48.96 42.24 18.46
C SER YB 178 -49.49 42.81 19.77
N LEU YB 179 -48.84 42.46 20.87
CA LEU YB 179 -49.10 43.09 22.16
C LEU YB 179 -48.07 44.18 22.38
N VAL YB 180 -48.56 45.41 22.53
CA VAL YB 180 -47.74 46.54 22.94
C VAL YB 180 -48.06 46.83 24.39
N PHE YB 181 -47.03 47.07 25.19
CA PHE YB 181 -47.18 47.27 26.62
C PHE YB 181 -47.03 48.75 26.94
N LEU YB 182 -48.02 49.30 27.61
CA LEU YB 182 -48.05 50.70 27.99
C LEU YB 182 -48.29 50.81 29.49
N ASP YB 183 -47.84 51.91 30.08
CA ASP YB 183 -48.11 52.19 31.48
C ASP YB 183 -49.47 52.86 31.59
N SER YB 184 -49.83 53.30 32.81
CA SER YB 184 -51.13 53.94 33.01
C SER YB 184 -51.24 55.26 32.27
N THR YB 185 -50.11 55.90 31.98
CA THR YB 185 -50.12 57.14 31.23
C THR YB 185 -50.20 56.93 29.72
N GLY YB 186 -50.22 55.67 29.26
CA GLY YB 186 -50.27 55.38 27.84
C GLY YB 186 -48.94 55.41 27.13
N ALA YB 187 -47.86 55.74 27.82
CA ALA YB 187 -46.53 55.77 27.25
C ALA YB 187 -45.99 54.36 27.09
N PRO YB 188 -45.04 54.17 26.17
CA PRO YB 188 -44.44 52.83 25.99
C PRO YB 188 -43.76 52.35 27.27
N TRP YB 189 -43.80 51.04 27.48
CA TRP YB 189 -43.13 50.40 28.61
C TRP YB 189 -42.28 49.25 28.07
N PRO YB 190 -40.99 49.48 27.83
CA PRO YB 190 -40.14 48.47 27.20
C PRO YB 190 -40.11 47.17 28.00
N ILE YB 191 -39.81 46.08 27.30
CA ILE YB 191 -39.88 44.74 27.85
C ILE YB 191 -38.48 44.31 28.24
N ALA YB 192 -38.29 43.98 29.53
CA ALA YB 192 -37.01 43.47 29.97
C ALA YB 192 -36.80 42.03 29.52
N ALA YB 193 -37.82 41.19 29.66
CA ALA YB 193 -37.71 39.79 29.28
C ALA YB 193 -39.10 39.20 29.13
N TYR YB 194 -39.16 38.02 28.50
CA TYR YB 194 -40.40 37.27 28.42
C TYR YB 194 -40.10 35.79 28.60
N ASP YB 195 -41.11 35.07 29.08
CA ASP YB 195 -41.02 33.62 29.28
C ASP YB 195 -42.28 32.98 28.72
N LEU YB 196 -42.12 32.09 27.77
CA LEU YB 196 -43.23 31.49 27.03
C LEU YB 196 -43.38 30.04 27.44
N GLY YB 197 -44.49 29.72 28.11
CA GLY YB 197 -44.82 28.33 28.39
C GLY YB 197 -45.47 27.68 27.19
N ASP YB 198 -45.08 26.44 26.91
CA ASP YB 198 -45.49 25.70 25.73
C ASP YB 198 -45.14 26.48 24.47
N PRO YB 199 -43.86 26.63 24.15
CA PRO YB 199 -43.47 27.40 22.95
C PRO YB 199 -43.66 26.64 21.64
N SER YB 200 -44.15 25.41 21.68
CA SER YB 200 -44.46 24.67 20.45
C SER YB 200 -45.79 25.08 19.86
N SER YB 201 -46.66 25.75 20.62
CA SER YB 201 -47.96 26.18 20.15
C SER YB 201 -48.01 27.68 19.83
N PHE YB 202 -47.01 28.45 20.25
CA PHE YB 202 -46.94 29.86 19.93
C PHE YB 202 -45.51 30.22 19.54
N ASN YB 203 -45.37 31.05 18.52
CA ASN YB 203 -44.09 31.58 18.09
C ASN YB 203 -44.06 33.07 18.39
N ILE YB 204 -43.02 33.52 19.09
CA ILE YB 204 -42.93 34.90 19.55
C ILE YB 204 -41.73 35.56 18.88
N GLN YB 205 -41.99 36.66 18.18
CA GLN YB 205 -40.95 37.50 17.59
C GLN YB 205 -40.91 38.82 18.35
N TRP YB 206 -39.70 39.21 18.76
CA TRP YB 206 -39.53 40.41 19.57
C TRP YB 206 -38.08 40.85 19.48
N ASP YB 207 -37.83 41.99 18.83
CA ASP YB 207 -36.52 42.62 18.96
C ASP YB 207 -36.32 43.04 20.41
N LYS YB 208 -35.09 42.87 20.89
CA LYS YB 208 -34.83 42.89 22.33
C LYS YB 208 -35.01 44.25 22.96
N THR YB 209 -35.25 45.30 22.18
CA THR YB 209 -35.33 46.66 22.70
C THR YB 209 -36.75 47.16 22.93
N SER YB 210 -37.69 46.82 22.04
CA SER YB 210 -38.99 47.46 22.05
C SER YB 210 -39.90 46.84 23.11
N ASN YB 211 -41.17 47.23 23.09
CA ASN YB 211 -42.19 46.71 24.00
C ASN YB 211 -43.22 45.85 23.31
N THR YB 212 -42.99 45.48 22.06
CA THR YB 212 -43.99 44.82 21.23
C THR YB 212 -43.62 43.36 21.02
N LEU YB 213 -44.52 42.46 21.36
CA LEU YB 213 -44.37 41.04 21.11
C LEU YB 213 -45.33 40.62 20.01
N MET YB 214 -44.82 39.94 18.99
CA MET YB 214 -45.65 39.45 17.89
C MET YB 214 -45.76 37.94 18.04
N ILE YB 215 -46.93 37.47 18.45
CA ILE YB 215 -47.18 36.06 18.73
C ILE YB 215 -48.05 35.50 17.61
N GLN YB 216 -47.62 34.36 17.07
CA GLN YB 216 -48.35 33.65 16.03
C GLN YB 216 -48.70 32.27 16.57
N ALA YB 217 -49.98 31.93 16.51
CA ALA YB 217 -50.44 30.63 17.02
C ALA YB 217 -50.03 29.55 16.05
N THR YB 218 -49.10 28.69 16.46
CA THR YB 218 -48.68 27.58 15.61
C THR YB 218 -49.76 26.51 15.52
N LYS YB 219 -50.42 26.22 16.63
CA LYS YB 219 -51.45 25.19 16.68
C LYS YB 219 -52.84 25.81 16.70
N LEU YB 220 -53.82 24.99 16.31
CA LEU YB 220 -55.18 25.49 16.12
C LEU YB 220 -55.79 25.97 17.42
N TYR YB 221 -55.98 25.07 18.39
CA TYR YB 221 -56.76 25.35 19.58
C TYR YB 221 -55.98 25.22 20.88
N ASN YB 222 -54.68 24.94 20.82
CA ASN YB 222 -53.89 24.77 22.03
C ASN YB 222 -53.57 26.13 22.64
N TYR YB 223 -54.03 26.35 23.86
CA TYR YB 223 -53.81 27.60 24.56
C TYR YB 223 -52.74 27.46 25.63
N GLY YB 224 -52.19 28.60 26.04
CA GLY YB 224 -51.13 28.61 27.03
C GLY YB 224 -51.10 29.92 27.76
N ASN YB 225 -49.96 30.20 28.39
CA ASN YB 225 -49.77 31.48 29.07
C ASN YB 225 -48.40 32.04 28.72
N LEU YB 226 -48.13 33.24 29.24
CA LEU YB 226 -46.92 33.98 28.91
C LEU YB 226 -46.63 34.96 30.04
N ALA YB 227 -45.35 35.10 30.36
CA ALA YB 227 -44.87 36.07 31.34
C ALA YB 227 -44.07 37.15 30.64
N VAL YB 228 -44.32 38.41 31.00
CA VAL YB 228 -43.63 39.55 30.43
C VAL YB 228 -43.11 40.39 31.59
N ARG YB 229 -41.80 40.30 31.85
CA ARG YB 229 -41.16 41.16 32.84
C ARG YB 229 -40.77 42.46 32.16
N LEU YB 230 -41.39 43.55 32.58
CA LEU YB 230 -41.14 44.86 31.98
C LEU YB 230 -39.90 45.49 32.62
N ARG YB 231 -39.60 46.73 32.26
CA ARG YB 231 -38.35 47.34 32.68
C ARG YB 231 -38.36 47.68 34.16
N GLY YB 232 -39.28 48.54 34.58
CA GLY YB 232 -39.36 48.96 35.97
C GLY YB 232 -40.27 48.14 36.85
N LEU YB 233 -40.79 47.02 36.35
CA LEU YB 233 -41.75 46.22 37.08
C LEU YB 233 -41.07 45.06 37.78
N ASN YB 234 -41.24 44.99 39.11
CA ASN YB 234 -40.86 43.78 39.84
C ASN YB 234 -41.87 42.67 39.57
N THR YB 235 -43.15 43.01 39.55
CA THR YB 235 -44.19 42.02 39.28
C THR YB 235 -44.31 41.77 37.79
N PRO YB 236 -44.10 40.53 37.33
CA PRO YB 236 -44.28 40.26 35.90
C PRO YB 236 -45.74 40.32 35.49
N VAL YB 237 -45.95 40.61 34.21
CA VAL YB 237 -47.29 40.67 33.64
C VAL YB 237 -47.61 39.31 33.05
N MET YB 238 -48.67 38.68 33.54
CA MET YB 238 -49.06 37.35 33.10
C MET YB 238 -50.28 37.43 32.19
N LEU YB 239 -50.18 36.78 31.03
CA LEU YB 239 -51.27 36.75 30.07
C LEU YB 239 -51.56 35.31 29.68
N THR YB 240 -52.80 35.05 29.29
CA THR YB 240 -53.19 33.75 28.77
C THR YB 240 -53.55 33.88 27.30
N LEU YB 241 -52.85 33.12 26.45
CA LEU YB 241 -53.00 33.17 25.01
C LEU YB 241 -53.91 32.04 24.58
N ILE YB 242 -55.04 32.39 23.95
CA ILE YB 242 -56.06 31.42 23.58
C ILE YB 242 -56.30 31.56 22.08
N PRO YB 243 -55.95 30.57 21.27
CA PRO YB 243 -56.19 30.66 19.82
C PRO YB 243 -57.52 30.03 19.42
N GLY YB 244 -57.90 30.26 18.17
CA GLY YB 244 -59.11 29.70 17.62
C GLY YB 244 -60.40 30.26 18.19
N GLN YB 245 -60.48 31.58 18.39
CA GLN YB 245 -61.67 32.22 18.91
C GLN YB 245 -62.45 32.90 17.80
N LYS YB 246 -63.64 33.39 18.15
CA LYS YB 246 -64.47 34.12 17.20
C LYS YB 246 -63.92 35.50 16.91
N ALA YB 247 -62.92 35.95 17.64
CA ALA YB 247 -62.22 37.20 17.37
C ALA YB 247 -60.72 36.94 17.38
N VAL YB 248 -59.99 37.63 16.53
CA VAL YB 248 -58.53 37.58 16.51
C VAL YB 248 -58.01 38.97 16.82
N ASP YB 249 -57.22 39.07 17.89
CA ASP YB 249 -56.68 40.35 18.34
C ASP YB 249 -55.45 40.65 17.51
N TYR YB 250 -55.61 41.49 16.48
CA TYR YB 250 -54.47 41.90 15.69
C TYR YB 250 -53.48 42.68 16.53
N ARG YB 251 -53.97 43.58 17.38
CA ARG YB 251 -53.12 44.36 18.26
C ARG YB 251 -53.84 44.65 19.56
N VAL YB 252 -53.13 44.50 20.67
CA VAL YB 252 -53.69 44.72 22.01
C VAL YB 252 -52.84 45.77 22.71
N ASP YB 253 -53.48 46.85 23.15
CA ASP YB 253 -52.83 47.88 23.94
C ASP YB 253 -53.03 47.55 25.42
N LEU YB 254 -51.98 47.01 26.05
CA LEU YB 254 -52.07 46.55 27.43
C LEU YB 254 -51.61 47.66 28.35
N ARG YB 255 -52.55 48.22 29.10
CA ARG YB 255 -52.28 49.35 30.00
C ARG YB 255 -51.95 48.80 31.39
N VAL YB 256 -50.66 48.54 31.62
CA VAL YB 256 -50.22 48.04 32.91
C VAL YB 256 -50.47 49.11 34.00
N GLN YB 257 -50.54 48.64 35.25
CA GLN YB 257 -50.95 49.51 36.35
C GLN YB 257 -49.87 50.54 36.69
N GLY YB 258 -48.61 50.17 36.57
CA GLY YB 258 -47.53 51.01 37.04
C GLY YB 258 -47.20 52.15 36.09
N TYR YB 259 -46.13 52.86 36.43
CA TYR YB 259 -45.58 53.95 35.62
C TYR YB 259 -44.23 53.50 35.08
N GLY YB 260 -44.10 53.51 33.76
CA GLY YB 260 -42.90 53.02 33.12
C GLY YB 260 -41.79 54.05 33.07
N PRO YB 261 -40.70 53.71 32.37
CA PRO YB 261 -39.58 54.66 32.24
C PRO YB 261 -39.89 55.86 31.36
N ASN YB 262 -41.05 55.90 30.72
CA ASN YB 262 -41.48 57.03 29.91
C ASN YB 262 -42.68 57.69 30.59
N ALA YB 263 -42.56 58.98 30.86
CA ALA YB 263 -43.62 59.71 31.55
C ALA YB 263 -44.21 60.79 30.65
N CYS ZB 1 -71.07 7.59 44.82
CA CYS ZB 1 -70.05 8.61 45.05
C CYS ZB 1 -69.53 8.57 46.48
N THR ZB 2 -69.86 9.62 47.24
CA THR ZB 2 -69.37 9.73 48.61
C THR ZB 2 -69.92 8.62 49.50
N ASP ZB 3 -71.19 8.24 49.31
CA ASP ZB 3 -71.76 7.17 50.10
C ASP ZB 3 -70.98 5.88 49.90
N ALA ZB 4 -70.65 5.55 48.65
CA ALA ZB 4 -69.83 4.37 48.39
C ALA ZB 4 -68.44 4.51 48.99
N ALA ZB 5 -67.88 5.73 48.97
CA ALA ZB 5 -66.56 5.94 49.53
C ALA ZB 5 -66.52 5.66 51.02
N LEU ZB 6 -67.46 6.24 51.78
CA LEU ZB 6 -67.51 5.98 53.21
C LEU ZB 6 -67.89 4.54 53.51
N ALA ZB 7 -68.77 3.93 52.71
CA ALA ZB 7 -69.11 2.53 52.94
C ALA ZB 7 -67.90 1.62 52.76
N ALA ZB 8 -67.12 1.86 51.70
CA ALA ZB 8 -65.91 1.07 51.48
C ALA ZB 8 -64.88 1.34 52.57
N LEU ZB 9 -64.76 2.59 53.01
CA LEU ZB 9 -63.83 2.91 54.08
C LEU ZB 9 -64.18 2.19 55.37
N GLU ZB 10 -65.48 2.17 55.73
CA GLU ZB 10 -65.88 1.47 56.94
C GLU ZB 10 -65.78 -0.04 56.78
N TYR ZB 11 -65.98 -0.55 55.56
CA TYR ZB 11 -65.79 -1.98 55.30
C TYR ZB 11 -64.32 -2.35 55.49
N HIS ZB 12 -63.41 -1.50 55.04
CA HIS ZB 12 -61.98 -1.77 55.22
C HIS ZB 12 -61.55 -1.59 56.68
N LYS ZB 13 -62.15 -0.65 57.40
CA LYS ZB 13 -61.78 -0.45 58.79
C LYS ZB 13 -62.30 -1.58 59.67
N SER ZB 14 -63.55 -1.99 59.49
CA SER ZB 14 -64.09 -3.10 60.27
C SER ZB 14 -63.43 -4.42 59.90
N ASN ZB 15 -63.20 -4.65 58.61
CA ASN ZB 15 -62.49 -5.83 58.13
C ASN ZB 15 -61.07 -5.39 57.78
N ALA ZB 16 -60.18 -5.46 58.78
CA ALA ZB 16 -58.83 -4.92 58.69
C ALA ZB 16 -58.05 -5.42 57.47
N CYS AC 1 -57.07 6.07 53.64
CA CYS AC 1 -56.87 4.68 53.21
C CYS AC 1 -57.55 4.43 51.87
N VAL AC 2 -58.35 5.39 51.41
CA VAL AC 2 -59.10 5.28 50.17
C VAL AC 2 -58.47 6.18 49.12
N SER AC 3 -58.16 5.60 47.96
CA SER AC 3 -57.75 6.38 46.80
C SER AC 3 -59.00 6.69 45.98
N MET AC 4 -59.26 7.98 45.78
CA MET AC 4 -60.55 8.39 45.24
C MET AC 4 -60.72 7.98 43.79
N ILE AC 5 -59.61 7.88 43.04
CA ILE AC 5 -59.70 7.54 41.63
C ILE AC 5 -60.17 6.11 41.40
N GLY AC 6 -60.02 5.24 42.40
CA GLY AC 6 -60.56 3.89 42.31
C GLY AC 6 -61.99 3.83 42.78
N GLY AC 7 -62.79 4.83 42.39
CA GLY AC 7 -64.15 4.94 42.85
C GLY AC 7 -65.13 4.33 41.88
N SER AC 8 -66.10 3.58 42.43
CA SER AC 8 -67.14 2.95 41.63
C SER AC 8 -68.37 2.80 42.51
N ARG AC 9 -69.52 3.25 42.01
CA ARG AC 9 -70.75 3.18 42.77
C ARG AC 9 -71.17 1.73 42.99
N ARG BC 1 -62.54 -0.21 45.21
CA ARG BC 1 -61.55 0.43 46.07
C ARG BC 1 -60.67 -0.61 46.74
N VAL BC 2 -59.39 -0.28 46.90
CA VAL BC 2 -58.42 -1.19 47.49
C VAL BC 2 -57.59 -0.43 48.53
N SER BC 3 -57.43 -1.03 49.70
CA SER BC 3 -56.80 -0.39 50.84
C SER BC 3 -55.28 -0.39 50.67
N ILE BC 4 -54.59 0.39 51.50
CA ILE BC 4 -53.13 0.42 51.53
C ILE BC 4 -52.55 -0.85 52.16
N GLY BC 5 -53.38 -1.70 52.75
CA GLY BC 5 -52.89 -2.99 53.19
C GLY BC 5 -52.54 -3.93 52.06
N GLY BC 6 -52.89 -3.59 50.83
CA GLY BC 6 -52.67 -4.45 49.69
C GLY BC 6 -53.85 -5.33 49.33
N THR BC 7 -54.83 -5.44 50.21
CA THR BC 7 -56.01 -6.25 49.95
C THR BC 7 -57.16 -5.38 49.48
N VAL BC 8 -58.04 -5.97 48.67
CA VAL BC 8 -59.18 -5.27 48.08
C VAL BC 8 -60.32 -5.25 49.08
N TYR BC 9 -60.88 -4.06 49.32
CA TYR BC 9 -62.06 -3.88 50.15
C TYR BC 9 -62.94 -2.84 49.49
N THR BC 10 -64.04 -3.29 48.87
CA THR BC 10 -64.88 -2.43 48.05
C THR BC 10 -66.33 -2.53 48.52
N ALA BC 11 -67.06 -1.43 48.31
CA ALA BC 11 -68.49 -1.40 48.62
C ALA BC 11 -69.26 -2.16 47.55
N LYS BC 12 -70.53 -2.45 47.86
CA LYS BC 12 -71.36 -3.24 46.96
C LYS BC 12 -72.06 -2.38 45.92
N LYS BC 13 -72.92 -1.46 46.37
CA LYS BC 13 -73.69 -0.60 45.46
C LYS BC 13 -74.19 0.59 46.25
N TYR BC 14 -73.76 1.79 45.87
CA TYR BC 14 -74.20 3.01 46.54
C TYR BC 14 -74.23 4.14 45.52
N ASP BC 15 -75.40 4.77 45.38
CA ASP BC 15 -75.59 5.85 44.43
C ASP BC 15 -75.92 7.14 45.16
N ASP BC 16 -75.45 8.26 44.60
CA ASP BC 16 -75.71 9.57 45.18
C ASP BC 16 -76.45 10.47 44.19
N PRO CC 1 -64.31 8.58 38.99
CA PRO CC 1 -65.52 8.35 38.20
C PRO CC 1 -66.79 8.75 38.94
N PHE CC 2 -67.02 10.07 39.06
CA PHE CC 2 -68.09 10.61 39.88
C PHE CC 2 -68.85 11.67 39.11
N GLY CC 3 -70.09 11.90 39.52
CA GLY CC 3 -70.97 12.83 38.84
C GLY CC 3 -71.02 14.21 39.46
N ALA CC 4 -70.42 14.36 40.64
CA ALA CC 4 -70.38 15.65 41.33
C ALA CC 4 -69.10 16.43 41.04
N ASP CC 5 -68.36 16.04 40.01
CA ASP CC 5 -67.11 16.69 39.65
C ASP CC 5 -67.32 18.15 39.27
N ARG DC 207 -67.91 31.90 62.98
CA ARG DC 207 -66.72 31.05 63.09
C ARG DC 207 -65.70 31.40 62.02
N ILE DC 208 -64.81 30.44 61.72
CA ILE DC 208 -63.81 30.58 60.69
C ILE DC 208 -64.11 29.56 59.59
N ILE DC 209 -64.19 30.05 58.36
CA ILE DC 209 -64.56 29.22 57.22
C ILE DC 209 -63.29 28.79 56.49
N TYR DC 210 -63.18 27.49 56.21
CA TYR DC 210 -62.00 26.92 55.58
C TYR DC 210 -62.31 26.50 54.15
N TYR DC 211 -61.45 26.91 53.23
CA TYR DC 211 -61.51 26.49 51.83
C TYR DC 211 -60.32 25.60 51.50
N ILE DC 212 -60.46 24.81 50.44
CA ILE DC 212 -59.37 23.98 49.97
C ILE DC 212 -58.44 24.82 49.11
N GLN DC 213 -57.21 25.01 49.56
CA GLN DC 213 -56.18 25.61 48.73
C GLN DC 213 -55.64 24.61 47.71
N ALA DC 214 -55.46 23.35 48.12
CA ALA DC 214 -55.02 22.30 47.22
C ALA DC 214 -55.44 20.96 47.79
N VAL DC 215 -55.55 19.96 46.92
CA VAL DC 215 -55.99 18.64 47.35
C VAL DC 215 -55.31 17.58 46.48
N ILE DC 216 -54.91 16.49 47.13
CA ILE DC 216 -54.37 15.30 46.48
C ILE DC 216 -54.88 14.10 47.26
N PRO DC 217 -54.84 12.88 46.71
CA PRO DC 217 -55.20 11.70 47.52
C PRO DC 217 -54.39 11.65 48.81
N GLY DC 218 -55.08 11.77 49.93
CA GLY DC 218 -54.40 11.89 51.21
C GLY DC 218 -54.46 13.29 51.77
N ARG DC 219 -53.35 14.02 51.72
CA ARG DC 219 -53.29 15.36 52.30
C ARG DC 219 -54.17 16.34 51.54
N ALA DC 220 -54.60 17.38 52.25
CA ALA DC 220 -55.33 18.49 51.65
C ALA DC 220 -54.90 19.76 52.36
N TRP DC 221 -54.41 20.74 51.59
CA TRP DC 221 -53.99 22.02 52.13
C TRP DC 221 -55.18 22.97 52.10
N LEU DC 222 -55.54 23.51 53.27
CA LEU DC 222 -56.67 24.42 53.42
C LEU DC 222 -56.18 25.79 53.86
N ILE DC 223 -56.91 26.82 53.45
CA ILE DC 223 -56.68 28.20 53.88
C ILE DC 223 -57.98 28.73 54.44
N GLY DC 224 -57.91 29.30 55.65
CA GLY DC 224 -59.07 29.84 56.32
C GLY DC 224 -59.28 31.31 55.99
N SER DC 225 -60.18 31.93 56.77
CA SER DC 225 -60.49 33.34 56.59
C SER DC 225 -59.46 34.27 57.24
N ASN DC 226 -58.61 33.75 58.12
CA ASN DC 226 -57.59 34.55 58.78
C ASN DC 226 -56.27 34.55 58.02
N GLY DC 227 -56.20 33.89 56.87
CA GLY DC 227 -54.94 33.71 56.18
C GLY DC 227 -54.11 32.54 56.68
N SER DC 228 -54.58 31.83 57.69
CA SER DC 228 -53.86 30.66 58.19
C SER DC 228 -53.93 29.52 57.19
N THR DC 229 -52.89 28.68 57.19
CA THR DC 229 -52.81 27.54 56.29
C THR DC 229 -52.63 26.27 57.10
N LEU DC 230 -53.43 25.27 56.81
CA LEU DC 230 -53.38 23.97 57.47
C LEU DC 230 -53.24 22.89 56.42
N THR DC 231 -52.85 21.70 56.87
CA THR DC 231 -52.85 20.51 56.03
C THR DC 231 -53.51 19.37 56.81
N VAL DC 232 -54.41 18.66 56.16
CA VAL DC 232 -55.24 17.66 56.83
C VAL DC 232 -55.13 16.33 56.10
N ARG DC 233 -55.39 15.26 56.85
CA ARG DC 233 -55.38 13.89 56.35
C ARG DC 233 -56.76 13.27 56.57
N GLU DC 234 -56.86 11.96 56.32
CA GLU DC 234 -58.15 11.27 56.39
C GLU DC 234 -58.84 11.50 57.72
N GLY DC 235 -58.14 11.28 58.83
CA GLY DC 235 -58.67 11.63 60.13
C GLY DC 235 -57.83 12.69 60.81
N SER DC 236 -58.37 13.90 60.94
CA SER DC 236 -57.59 15.01 61.45
C SER DC 236 -58.53 16.08 61.97
N LYS DC 237 -58.19 16.66 63.12
CA LYS DC 237 -59.02 17.69 63.74
C LYS DC 237 -58.88 19.00 63.00
N ILE DC 238 -60.01 19.66 62.76
CA ILE DC 238 -60.06 21.00 62.19
C ILE DC 238 -60.81 21.89 63.17
N PRO DC 239 -60.25 23.03 63.58
CA PRO DC 239 -60.93 23.88 64.57
C PRO DC 239 -62.25 24.41 64.02
N GLY DC 240 -63.33 24.09 64.73
CA GLY DC 240 -64.67 24.52 64.37
C GLY DC 240 -65.40 23.57 63.44
N TYR DC 241 -64.66 22.90 62.55
CA TYR DC 241 -65.27 21.98 61.59
C TYR DC 241 -65.31 20.54 62.06
N GLY DC 242 -64.80 20.25 63.26
CA GLY DC 242 -64.84 18.91 63.80
C GLY DC 242 -63.60 18.11 63.41
N MET DC 243 -63.81 16.92 62.87
CA MET DC 243 -62.74 16.03 62.45
C MET DC 243 -62.99 15.55 61.03
N VAL DC 244 -61.93 15.51 60.22
CA VAL DC 244 -62.06 15.12 58.83
C VAL DC 244 -62.57 13.68 58.75
N LYS DC 245 -63.59 13.47 57.93
CA LYS DC 245 -64.17 12.15 57.73
C LYS DC 245 -63.85 11.55 56.36
N LEU DC 246 -63.70 12.38 55.34
CA LEU DC 246 -63.35 11.92 54.01
C LEU DC 246 -62.77 13.08 53.21
N ILE DC 247 -61.82 12.76 52.34
CA ILE DC 247 -61.21 13.75 51.45
C ILE DC 247 -61.41 13.26 50.03
N ASP DC 248 -62.49 13.71 49.40
CA ASP DC 248 -62.78 13.40 48.00
C ASP DC 248 -61.89 14.31 47.16
N SER DC 249 -60.77 13.76 46.69
CA SER DC 249 -59.77 14.58 46.01
C SER DC 249 -60.19 14.93 44.58
N LEU DC 250 -60.94 14.05 43.91
CA LEU DC 250 -61.33 14.33 42.53
C LEU DC 250 -62.32 15.50 42.45
N GLN DC 251 -63.29 15.55 43.36
CA GLN DC 251 -64.26 16.64 43.38
C GLN DC 251 -63.78 17.84 44.17
N GLY DC 252 -62.62 17.75 44.83
CA GLY DC 252 -62.18 18.83 45.70
C GLY DC 252 -63.10 19.06 46.87
N ARG DC 253 -63.59 17.97 47.48
CA ARG DC 253 -64.50 18.05 48.61
C ARG DC 253 -63.86 17.41 49.83
N ILE DC 254 -64.23 17.91 51.00
CA ILE DC 254 -63.79 17.34 52.28
C ILE DC 254 -65.02 17.24 53.18
N LEU DC 255 -65.43 16.02 53.48
CA LEU DC 255 -66.51 15.77 54.43
C LEU DC 255 -65.91 15.67 55.83
N THR DC 256 -66.45 16.44 56.77
CA THR DC 256 -66.02 16.40 58.15
C THR DC 256 -67.12 15.79 59.02
N SER DC 257 -66.82 15.63 60.31
CA SER DC 257 -67.75 14.97 61.21
C SER DC 257 -68.96 15.84 61.51
N SER DC 258 -68.76 17.16 61.58
CA SER DC 258 -69.85 18.08 61.89
C SER DC 258 -70.81 18.28 60.72
N GLY DC 259 -70.58 17.60 59.60
CA GLY DC 259 -71.43 17.75 58.43
C GLY DC 259 -71.01 18.87 57.50
N GLN DC 260 -70.16 19.79 57.96
CA GLN DC 260 -69.69 20.87 57.10
C GLN DC 260 -68.76 20.31 56.02
N VAL DC 261 -68.92 20.82 54.80
CA VAL DC 261 -68.13 20.37 53.66
C VAL DC 261 -67.15 21.48 53.29
N ILE DC 262 -65.88 21.12 53.16
CA ILE DC 262 -64.84 22.04 52.74
C ILE DC 262 -64.63 21.88 51.25
N LYS DC 263 -64.71 22.98 50.51
CA LYS DC 263 -64.53 22.98 49.07
C LYS DC 263 -63.60 24.13 48.68
N PHE DC 264 -63.24 24.16 47.40
CA PHE DC 264 -62.46 25.26 46.88
C PHE DC 264 -63.25 26.56 46.97
N SER DC 265 -62.53 27.67 47.15
CA SER DC 265 -63.19 28.96 47.22
C SER DC 265 -63.90 29.27 45.91
N GLN DC 266 -65.04 29.95 46.01
CA GLN DC 266 -65.82 30.29 44.83
C GLN DC 266 -65.03 31.16 43.87
N GLU DC 267 -64.29 32.13 44.39
CA GLU DC 267 -63.43 32.98 43.59
C GLU DC 267 -62.06 32.36 43.32
N ASP DC 268 -61.92 31.05 43.55
CA ASP DC 268 -60.65 30.38 43.31
C ASP DC 268 -60.79 29.08 42.53
N SER DC 269 -62.01 28.60 42.29
CA SER DC 269 -62.20 27.35 41.57
C SER DC 269 -62.78 27.58 40.18
N GLN EC 791 -67.19 -10.41 12.17
CA GLN EC 791 -66.48 -10.56 13.43
C GLN EC 791 -65.06 -10.03 13.30
N GLN EC 792 -64.41 -10.33 12.17
CA GLN EC 792 -63.05 -9.86 11.94
C GLN EC 792 -62.99 -8.35 11.72
N GLU EC 793 -64.08 -7.76 11.20
CA GLU EC 793 -64.12 -6.31 11.06
C GLU EC 793 -64.03 -5.62 12.41
N ILE EC 794 -64.54 -6.25 13.46
CA ILE EC 794 -64.39 -5.72 14.81
C ILE EC 794 -62.92 -5.64 15.20
N GLN EC 795 -62.16 -6.70 14.90
CA GLN EC 795 -60.73 -6.69 15.19
C GLN EC 795 -60.01 -5.64 14.38
N GLN EC 796 -60.37 -5.49 13.10
CA GLN EC 796 -59.74 -4.47 12.27
C GLN EC 796 -60.01 -3.07 12.82
N ARG EC 797 -61.27 -2.82 13.21
CA ARG EC 797 -61.63 -1.52 13.77
C ARG EC 797 -60.89 -1.24 15.08
N THR EC 798 -60.79 -2.27 15.95
CA THR EC 798 -60.06 -2.10 17.20
C THR EC 798 -58.60 -1.80 16.94
N SER EC 799 -57.98 -2.49 15.98
CA SER EC 799 -56.60 -2.20 15.63
C SER EC 799 -56.45 -0.78 15.11
N ASP EC 800 -57.42 -0.31 14.31
CA ASP EC 800 -57.35 1.05 13.78
C ASP EC 800 -57.39 2.08 14.91
N MET EC 801 -58.35 1.95 15.83
CA MET EC 801 -58.39 2.89 16.94
C MET EC 801 -57.16 2.80 17.82
N LEU EC 802 -56.63 1.59 18.03
CA LEU EC 802 -55.41 1.46 18.83
C LEU EC 802 -54.24 2.18 18.16
N THR EC 803 -54.09 2.01 16.85
CA THR EC 803 -52.99 2.66 16.14
C THR EC 803 -53.12 4.18 16.20
N ALA EC 804 -54.34 4.71 16.04
CA ALA EC 804 -54.52 6.15 16.13
C ALA EC 804 -54.29 6.66 17.54
N ALA EC 805 -54.77 5.93 18.55
CA ALA EC 805 -54.79 6.45 19.90
C ALA EC 805 -53.46 6.29 20.62
N THR EC 806 -52.63 5.33 20.23
CA THR EC 806 -51.26 5.34 20.75
C THR EC 806 -50.54 6.61 20.35
N GLN EC 807 -50.71 7.03 19.09
CA GLN EC 807 -50.17 8.31 18.65
C GLN EC 807 -50.81 9.47 19.39
N LEU EC 808 -52.13 9.41 19.62
CA LEU EC 808 -52.80 10.47 20.35
C LEU EC 808 -52.26 10.62 21.77
N VAL EC 809 -52.09 9.50 22.47
CA VAL EC 809 -51.54 9.52 23.82
C VAL EC 809 -50.11 10.03 23.82
N GLN EC 810 -49.31 9.60 22.83
CA GLN EC 810 -47.95 10.10 22.73
C GLN EC 810 -47.93 11.60 22.53
N ASP EC 811 -48.84 12.12 21.70
CA ASP EC 811 -48.93 13.58 21.51
C ASP EC 811 -49.31 14.28 22.79
N TRP EC 812 -50.25 13.71 23.56
CA TRP EC 812 -50.65 14.33 24.82
C TRP EC 812 -49.53 14.30 25.85
N LYS EC 813 -48.69 13.25 25.84
CA LYS EC 813 -47.59 13.17 26.79
C LYS EC 813 -46.53 14.24 26.56
N GLN EC 814 -46.42 14.75 25.34
CA GLN EC 814 -45.37 15.72 25.03
C GLN EC 814 -45.67 17.06 25.70
N VAL EC 815 -44.67 17.60 26.39
CA VAL EC 815 -44.74 18.93 26.99
C VAL EC 815 -43.46 19.66 26.59
N GLU EC 816 -43.62 20.77 25.88
CA GLU EC 816 -42.47 21.57 25.46
C GLU EC 816 -42.00 22.43 26.62
N THR EC 817 -40.71 22.34 26.92
CA THR EC 817 -40.15 23.12 28.03
C THR EC 817 -40.23 24.61 27.72
N GLN EC 818 -40.49 25.40 28.76
CA GLN EC 818 -40.60 26.84 28.61
C GLN EC 818 -39.28 27.44 28.18
N VAL EC 819 -39.35 28.57 27.48
CA VAL EC 819 -38.17 29.29 27.00
C VAL EC 819 -38.15 30.66 27.65
N TYR EC 820 -36.98 31.05 28.16
CA TYR EC 820 -36.78 32.37 28.76
C TYR EC 820 -35.88 33.17 27.83
N THR EC 821 -36.38 34.31 27.36
CA THR EC 821 -35.64 35.18 26.46
C THR EC 821 -35.28 36.45 27.21
N GLU EC 822 -33.98 36.75 27.27
CA GLU EC 822 -33.49 37.93 27.97
C GLU EC 822 -33.28 39.07 26.99
N GLY EC 823 -33.73 40.25 27.37
CA GLY EC 823 -33.56 41.42 26.53
C GLY EC 823 -32.13 41.91 26.50
N THR EC 824 -31.86 42.79 25.54
CA THR EC 824 -30.52 43.35 25.37
C THR EC 824 -30.28 44.49 26.35
N ALA FC 104 -68.19 8.33 -31.31
CA ALA FC 104 -67.68 9.55 -31.92
C ALA FC 104 -66.91 10.39 -30.93
N GLU FC 105 -67.45 11.58 -30.60
CA GLU FC 105 -66.82 12.49 -29.66
C GLU FC 105 -67.36 12.35 -28.24
N VAL FC 106 -68.39 11.52 -28.03
CA VAL FC 106 -68.88 11.28 -26.68
C VAL FC 106 -67.85 10.52 -25.85
N ILE FC 107 -66.97 9.76 -26.51
CA ILE FC 107 -65.89 9.10 -25.79
C ILE FC 107 -65.02 10.13 -25.08
N ASP FC 108 -64.74 11.26 -25.76
CA ASP FC 108 -63.95 12.31 -25.14
C ASP FC 108 -64.64 12.88 -23.91
N LYS FC 109 -65.95 13.13 -24.00
CA LYS FC 109 -66.67 13.71 -22.87
C LYS FC 109 -66.70 12.77 -21.67
N LYS FC 110 -67.04 11.51 -21.91
CA LYS FC 110 -67.14 10.57 -20.79
C LYS FC 110 -65.76 10.21 -20.24
N ALA FC 111 -64.73 10.20 -21.10
CA ALA FC 111 -63.38 10.03 -20.61
C ALA FC 111 -62.94 11.22 -19.76
N PHE FC 112 -63.36 12.43 -20.14
CA PHE FC 112 -63.05 13.59 -19.31
C PHE FC 112 -63.75 13.51 -17.97
N LYS FC 113 -65.00 13.03 -17.95
CA LYS FC 113 -65.70 12.86 -16.69
C LYS FC 113 -64.99 11.87 -15.78
N ASP FC 114 -64.64 10.70 -16.32
CA ASP FC 114 -63.94 9.69 -15.52
C ASP FC 114 -62.58 10.21 -15.07
N MET FC 115 -61.86 10.89 -15.96
CA MET FC 115 -60.55 11.43 -15.63
C MET FC 115 -60.63 12.47 -14.51
N THR FC 116 -61.56 13.41 -14.63
CA THR FC 116 -61.67 14.46 -13.62
C THR FC 116 -62.20 13.92 -12.31
N ARG FC 117 -62.90 12.78 -12.33
CA ARG FC 117 -63.20 12.10 -11.07
C ARG FC 117 -61.96 11.45 -10.49
N ASN FC 118 -61.07 10.94 -11.34
CA ASN FC 118 -59.86 10.28 -10.84
C ASN FC 118 -58.85 11.29 -10.30
N LEU FC 119 -58.71 12.44 -10.97
CA LEU FC 119 -57.69 13.41 -10.60
C LEU FC 119 -58.00 14.06 -9.26
N TYR FC 120 -59.24 14.50 -9.07
CA TYR FC 120 -59.71 15.11 -7.84
C TYR FC 120 -60.78 14.20 -7.25
N PRO FC 121 -60.37 13.13 -6.57
CA PRO FC 121 -61.36 12.19 -6.01
C PRO FC 121 -62.27 12.82 -4.96
N LEU FC 122 -61.83 13.90 -4.31
CA LEU FC 122 -62.64 14.62 -3.34
C LEU FC 122 -63.30 15.80 -4.04
N ASN FC 123 -64.63 15.84 -4.02
CA ASN FC 123 -65.37 16.94 -4.60
C ASN FC 123 -65.09 18.22 -3.83
N PRO FC 124 -65.35 19.38 -4.45
CA PRO FC 124 -65.18 20.64 -3.70
C PRO FC 124 -66.00 20.70 -2.43
N GLU FC 125 -67.18 20.08 -2.41
CA GLU FC 125 -67.96 19.98 -1.18
C GLU FC 125 -67.33 18.99 -0.20
N GLN FC 126 -66.85 17.85 -0.71
CA GLN FC 126 -66.19 16.89 0.15
C GLN FC 126 -64.89 17.43 0.73
N VAL FC 127 -64.25 18.39 0.06
CA VAL FC 127 -63.05 19.01 0.62
C VAL FC 127 -63.38 19.82 1.86
N VAL FC 128 -64.46 20.60 1.80
CA VAL FC 128 -64.88 21.34 2.99
C VAL FC 128 -65.37 20.38 4.08
N LYS FC 129 -66.00 19.28 3.68
CA LYS FC 129 -66.34 18.22 4.64
C LYS FC 129 -65.11 17.75 5.38
N LEU FC 130 -64.07 17.40 4.63
CA LEU FC 130 -62.84 16.88 5.23
C LEU FC 130 -62.17 17.92 6.11
N LYS FC 131 -62.15 19.18 5.66
CA LYS FC 131 -61.52 20.24 6.46
C LYS FC 131 -62.26 20.43 7.78
N GLN FC 132 -63.60 20.42 7.73
CA GLN FC 132 -64.38 20.56 8.95
C GLN FC 132 -64.16 19.38 9.89
N ILE FC 133 -64.12 18.16 9.34
CA ILE FC 133 -63.88 16.98 10.17
C ILE FC 133 -62.51 17.07 10.84
N TYR FC 134 -61.50 17.50 10.08
CA TYR FC 134 -60.16 17.64 10.64
C TYR FC 134 -60.13 18.68 11.76
N GLU FC 135 -60.79 19.83 11.54
CA GLU FC 135 -60.80 20.86 12.57
C GLU FC 135 -61.53 20.38 13.83
N THR FC 136 -62.64 19.66 13.64
CA THR FC 136 -63.36 19.11 14.79
C THR FC 136 -62.50 18.09 15.55
N SER FC 137 -61.76 17.26 14.81
CA SER FC 137 -60.87 16.29 15.46
C SER FC 137 -59.78 17.01 16.26
N GLU FC 138 -59.20 18.07 15.69
CA GLU FC 138 -58.17 18.81 16.42
C GLU FC 138 -58.75 19.49 17.64
N TYR FC 139 -59.97 20.02 17.53
CA TYR FC 139 -60.62 20.66 18.67
C TYR FC 139 -60.88 19.64 19.79
N ALA FC 140 -61.35 18.45 19.42
CA ALA FC 140 -61.56 17.40 20.42
C ALA FC 140 -60.24 16.96 21.05
N LYS FC 141 -59.17 16.90 20.25
CA LYS FC 141 -57.87 16.50 20.78
C LYS FC 141 -57.32 17.54 21.75
N ALA FC 142 -57.50 18.82 21.45
CA ALA FC 142 -56.92 19.89 22.24
C ALA FC 142 -57.81 20.32 23.40
N ALA FC 143 -59.02 19.78 23.51
CA ALA FC 143 -59.93 20.17 24.59
C ALA FC 143 -59.46 19.59 25.91
N THR FC 144 -59.44 20.43 26.95
CA THR FC 144 -59.05 19.99 28.28
C THR FC 144 -60.17 19.17 28.92
N PRO FC 145 -59.87 18.04 29.53
CA PRO FC 145 -60.91 17.28 30.24
C PRO FC 145 -61.29 17.98 31.54
N GLY FC 146 -62.58 18.26 31.69
CA GLY FC 146 -63.05 18.98 32.85
C GLY FC 146 -62.81 20.47 32.74
N THR FC 147 -63.11 21.17 33.82
CA THR FC 147 -62.90 22.61 33.84
C THR FC 147 -61.40 22.90 33.93
N PRO FC 148 -60.86 23.72 33.03
CA PRO FC 148 -59.47 24.12 33.17
C PRO FC 148 -59.28 24.91 34.45
N PRO FC 149 -58.08 24.84 35.05
CA PRO FC 149 -57.86 25.55 36.32
C PRO FC 149 -58.05 27.05 36.15
N LYS FC 150 -58.65 27.66 37.16
CA LYS FC 150 -58.85 29.10 37.14
C LYS FC 150 -57.51 29.81 37.28
N PRO FC 151 -57.17 30.71 36.36
CA PRO FC 151 -55.90 31.45 36.46
C PRO FC 151 -56.00 32.54 37.52
N THR FC 152 -55.34 32.32 38.66
CA THR FC 152 -55.41 33.23 39.78
C THR FC 152 -54.03 33.78 40.10
N ALA FC 153 -53.98 35.05 40.48
CA ALA FC 153 -52.76 35.68 40.97
C ALA FC 153 -52.94 35.87 42.48
N THR FC 154 -52.37 34.95 43.25
CA THR FC 154 -52.57 34.93 44.69
C THR FC 154 -51.41 35.59 45.41
N SER FC 155 -51.60 35.78 46.72
CA SER FC 155 -50.57 36.37 47.58
C SER FC 155 -50.58 35.63 48.91
N GLN FC 156 -49.42 35.10 49.30
CA GLN FC 156 -49.27 34.35 50.53
C GLN FC 156 -48.27 35.03 51.44
N PHE FC 157 -48.41 34.80 52.74
CA PHE FC 157 -47.46 35.29 53.74
C PHE FC 157 -46.66 34.10 54.25
N VAL FC 158 -45.37 34.08 53.93
CA VAL FC 158 -44.50 32.98 54.33
C VAL FC 158 -44.12 33.16 55.79
N ASN FC 159 -44.55 32.22 56.62
CA ASN FC 159 -44.18 32.19 58.04
C ASN FC 159 -43.12 31.12 58.24
N LEU FC 160 -41.93 31.54 58.68
CA LEU FC 160 -40.80 30.64 58.82
C LEU FC 160 -40.66 30.05 60.22
N SER FC 161 -41.57 30.39 61.14
CA SER FC 161 -41.51 29.83 62.47
C SER FC 161 -41.78 28.33 62.42
N PRO FC 162 -41.13 27.55 63.29
CA PRO FC 162 -41.37 26.11 63.31
C PRO FC 162 -42.82 25.79 63.62
N GLY FC 163 -43.34 24.77 62.96
CA GLY FC 163 -44.74 24.39 63.09
C GLY FC 163 -45.65 24.96 62.02
N SER FC 164 -45.17 25.93 61.25
CA SER FC 164 -45.97 26.53 60.19
C SER FC 164 -45.83 25.73 58.90
N THR FC 165 -46.97 25.49 58.26
CA THR FC 165 -46.99 24.67 57.05
C THR FC 165 -46.35 25.44 55.90
N PRO FC 166 -45.46 24.81 55.13
CA PRO FC 166 -44.84 25.49 54.00
C PRO FC 166 -45.88 25.90 52.98
N PRO FC 167 -45.68 27.04 52.31
CA PRO FC 167 -46.65 27.49 51.31
C PRO FC 167 -46.77 26.51 50.15
N VAL FC 168 -47.97 26.40 49.62
CA VAL FC 168 -48.27 25.52 48.51
C VAL FC 168 -48.48 26.35 47.25
N ILE FC 169 -48.03 25.83 46.11
CA ILE FC 169 -48.12 26.50 44.83
C ILE FC 169 -48.91 25.60 43.89
N ARG FC 170 -50.03 26.11 43.38
CA ARG FC 170 -50.87 25.38 42.43
C ARG FC 170 -50.32 25.60 41.03
N LEU FC 171 -49.83 24.53 40.40
CA LEU FC 171 -49.27 24.58 39.07
C LEU FC 171 -50.22 23.90 38.08
N SER FC 172 -49.78 23.85 36.82
CA SER FC 172 -50.52 23.17 35.77
C SER FC 172 -49.53 22.73 34.71
N GLN FC 173 -49.83 21.60 34.06
CA GLN FC 173 -48.93 21.02 33.09
C GLN FC 173 -48.77 21.94 31.89
N GLY FC 174 -47.54 22.41 31.66
CA GLY FC 174 -47.23 23.28 30.55
C GLY FC 174 -47.50 24.76 30.79
N PHE FC 175 -47.91 25.14 31.99
CA PHE FC 175 -48.21 26.53 32.31
C PHE FC 175 -47.13 27.09 33.24
N VAL FC 176 -46.88 28.39 33.11
CA VAL FC 176 -45.83 29.08 33.86
C VAL FC 176 -46.44 29.71 35.10
N SER FC 177 -45.89 29.38 36.26
CA SER FC 177 -46.25 29.99 37.53
C SER FC 177 -45.05 30.80 38.02
N SER FC 178 -45.26 32.08 38.23
CA SER FC 178 -44.18 33.01 38.58
C SER FC 178 -44.28 33.32 40.06
N LEU FC 179 -43.30 32.83 40.83
CA LEU FC 179 -43.19 33.14 42.24
C LEU FC 179 -42.25 34.32 42.42
N VAL FC 180 -42.79 35.41 42.95
CA VAL FC 180 -42.01 36.58 43.32
C VAL FC 180 -41.91 36.61 44.84
N PHE FC 181 -40.71 36.84 45.36
CA PHE FC 181 -40.47 36.86 46.80
C PHE FC 181 -40.36 38.30 47.27
N LEU FC 182 -41.18 38.66 48.25
CA LEU FC 182 -41.18 39.98 48.85
C LEU FC 182 -41.01 39.82 50.36
N ASP FC 183 -40.37 40.81 50.98
CA ASP FC 183 -40.23 40.81 52.42
C ASP FC 183 -41.52 41.34 53.07
N SER FC 184 -41.48 41.59 54.37
CA SER FC 184 -42.69 42.05 55.07
C SER FC 184 -43.15 43.40 54.54
N THR FC 185 -42.22 44.29 54.23
CA THR FC 185 -42.55 45.61 53.71
C THR FC 185 -42.97 45.57 52.24
N GLY FC 186 -43.05 44.40 51.64
CA GLY FC 186 -43.46 44.27 50.25
C GLY FC 186 -42.37 44.53 49.24
N ALA FC 187 -41.16 44.84 49.68
CA ALA FC 187 -40.05 45.11 48.77
C ALA FC 187 -39.50 43.80 48.20
N PRO FC 188 -38.86 43.86 47.04
CA PRO FC 188 -38.29 42.64 46.46
C PRO FC 188 -37.22 42.03 47.35
N TRP FC 189 -37.08 40.71 47.27
CA TRP FC 189 -36.07 39.98 48.02
C TRP FC 189 -35.33 39.06 47.06
N PRO FC 190 -34.17 39.48 46.54
CA PRO FC 190 -33.46 38.67 45.54
C PRO FC 190 -33.11 37.30 46.07
N ILE FC 191 -32.95 36.36 45.13
CA ILE FC 191 -32.79 34.95 45.44
C ILE FC 191 -31.31 34.62 45.37
N ALA FC 192 -30.76 34.09 46.47
CA ALA FC 192 -29.38 33.66 46.46
C ALA FC 192 -29.21 32.35 45.71
N ALA FC 193 -30.12 31.40 45.94
CA ALA FC 193 -30.03 30.10 45.28
C ALA FC 193 -31.37 29.38 45.41
N TYR FC 194 -31.53 28.33 44.61
CA TYR FC 194 -32.71 27.48 44.73
C TYR FC 194 -32.30 26.03 44.46
N ASP FC 195 -33.08 25.11 45.03
CA ASP FC 195 -32.88 23.68 44.87
C ASP FC 195 -34.23 23.04 44.61
N LEU FC 196 -34.34 22.28 43.52
CA LEU FC 196 -35.58 21.68 43.08
C LEU FC 196 -35.52 20.17 43.29
N GLY FC 197 -36.34 19.68 44.21
CA GLY FC 197 -36.51 18.25 44.36
C GLY FC 197 -37.42 17.70 43.27
N ASP FC 198 -37.00 16.58 42.68
CA ASP FC 198 -37.64 15.98 41.53
C ASP FC 198 -37.70 17.00 40.39
N PRO FC 199 -36.57 17.36 39.79
CA PRO FC 199 -36.58 18.32 38.69
C PRO FC 199 -37.05 17.74 37.36
N SER FC 200 -37.37 16.45 37.31
CA SER FC 200 -37.94 15.86 36.12
C SER FC 200 -39.42 16.16 35.96
N SER FC 201 -40.07 16.69 37.00
CA SER FC 201 -41.48 17.04 36.96
C SER FC 201 -41.72 18.55 36.94
N PHE FC 202 -40.69 19.36 37.18
CA PHE FC 202 -40.82 20.81 37.14
C PHE FC 202 -39.61 21.41 36.44
N ASN FC 203 -39.85 22.40 35.59
CA ASN FC 203 -38.80 23.14 34.92
C ASN FC 203 -38.81 24.57 35.46
N ILE FC 204 -37.69 25.02 36.00
CA ILE FC 204 -37.60 26.33 36.64
C ILE FC 204 -36.66 27.20 35.83
N GLN FC 205 -37.17 28.36 35.40
CA GLN FC 205 -36.36 29.38 34.74
C GLN FC 205 -36.19 30.56 35.69
N TRP FC 206 -34.95 31.03 35.80
CA TRP FC 206 -34.63 32.11 36.74
C TRP FC 206 -33.31 32.73 36.33
N ASP FC 207 -33.34 33.99 35.91
CA ASP FC 207 -32.10 34.74 35.76
C ASP FC 207 -31.45 34.91 37.12
N LYS FC 208 -30.12 34.80 37.15
CA LYS FC 208 -29.41 34.62 38.42
C LYS FC 208 -29.49 35.84 39.33
N THR FC 209 -29.96 36.98 38.85
CA THR FC 209 -29.98 38.21 39.63
C THR FC 209 -31.35 38.50 40.25
N SER FC 210 -32.44 38.19 39.56
CA SER FC 210 -33.76 38.63 39.99
C SER FC 210 -34.27 37.80 41.16
N ASN FC 211 -35.50 38.07 41.57
CA ASN FC 211 -36.15 37.39 42.68
C ASN FC 211 -37.34 36.55 42.24
N THR FC 212 -37.51 36.32 40.95
CA THR FC 212 -38.70 35.67 40.40
C THR FC 212 -38.32 34.34 39.80
N LEU FC 213 -39.01 33.27 40.22
CA LEU FC 213 -38.83 31.95 39.66
C LEU FC 213 -40.03 31.61 38.79
N MET FC 214 -39.78 31.09 37.59
CA MET FC 214 -40.84 30.74 36.66
C MET FC 214 -40.87 29.22 36.54
N ILE FC 215 -41.87 28.60 37.14
CA ILE FC 215 -41.94 27.14 37.28
C ILE FC 215 -43.02 26.61 36.36
N GLN FC 216 -42.66 25.61 35.57
CA GLN FC 216 -43.59 24.97 34.64
C GLN FC 216 -43.70 23.50 35.00
N ALA FC 217 -44.92 23.03 35.23
CA ALA FC 217 -45.15 21.64 35.60
C ALA FC 217 -44.98 20.77 34.36
N THR FC 218 -43.90 19.99 34.32
CA THR FC 218 -43.67 19.08 33.20
C THR FC 218 -44.65 17.91 33.22
N LYS FC 219 -44.97 17.38 34.40
CA LYS FC 219 -45.86 16.24 34.53
C LYS FC 219 -47.24 16.70 35.01
N LEU FC 220 -48.23 15.84 34.76
CA LEU FC 220 -49.62 16.20 35.03
C LEU FC 220 -49.87 16.42 36.52
N TYR FC 221 -49.70 15.38 37.32
CA TYR FC 221 -50.12 15.39 38.72
C TYR FC 221 -48.98 15.14 39.71
N ASN FC 222 -47.76 14.95 39.24
CA ASN FC 222 -46.64 14.69 40.15
C ASN FC 222 -46.25 15.96 40.87
N TYR FC 223 -46.37 15.95 42.20
CA TYR FC 223 -46.04 17.11 43.02
C TYR FC 223 -44.69 16.90 43.71
N GLY FC 224 -44.11 18.01 44.13
CA GLY FC 224 -42.82 17.97 44.80
C GLY FC 224 -42.65 19.15 45.71
N ASN FC 225 -41.40 19.45 46.03
CA ASN FC 225 -41.09 20.61 46.86
C ASN FC 225 -39.90 21.36 46.27
N LEU FC 226 -39.60 22.50 46.87
CA LEU FC 226 -38.57 23.40 46.38
C LEU FC 226 -38.04 24.21 47.55
N ALA FC 227 -36.72 24.43 47.57
CA ALA FC 227 -36.07 25.22 48.59
C ALA FC 227 -35.48 26.47 47.96
N VAL FC 228 -35.76 27.63 48.55
CA VAL FC 228 -35.33 28.91 48.00
C VAL FC 228 -34.55 29.63 49.09
N ARG FC 229 -33.23 29.72 48.93
CA ARG FC 229 -32.38 30.45 49.85
C ARG FC 229 -32.28 31.89 49.34
N LEU FC 230 -32.83 32.84 50.10
CA LEU FC 230 -32.83 34.23 49.71
C LEU FC 230 -31.51 34.89 50.09
N ARG FC 231 -31.43 36.20 49.87
CA ARG FC 231 -30.15 36.90 50.03
C ARG FC 231 -29.77 37.05 51.49
N GLY FC 232 -30.59 37.76 52.26
CA GLY FC 232 -30.31 38.00 53.66
C GLY FC 232 -30.84 36.98 54.63
N LEU FC 233 -31.41 35.88 54.13
CA LEU FC 233 -32.05 34.89 54.98
C LEU FC 233 -31.12 33.70 55.22
N ASN FC 234 -30.92 33.36 56.49
CA ASN FC 234 -30.29 32.09 56.82
C ASN FC 234 -31.26 30.93 56.67
N THR FC 235 -32.51 31.15 57.03
CA THR FC 235 -33.52 30.10 56.93
C THR FC 235 -34.05 30.02 55.50
N PRO FC 236 -33.89 28.89 54.81
CA PRO FC 236 -34.45 28.77 53.46
C PRO FC 236 -35.97 28.71 53.48
N VAL FC 237 -36.56 29.15 52.38
CA VAL FC 237 -38.01 29.12 52.21
C VAL FC 237 -38.39 27.80 51.57
N MET FC 238 -39.30 27.07 52.19
CA MET FC 238 -39.74 25.77 51.71
C MET FC 238 -41.12 25.90 51.08
N LEU FC 239 -41.25 25.43 49.85
CA LEU FC 239 -42.53 25.46 49.15
C LEU FC 239 -42.86 24.07 48.63
N THR FC 240 -44.15 23.76 48.57
CA THR FC 240 -44.62 22.52 47.99
C THR FC 240 -45.42 22.83 46.73
N LEU FC 241 -44.97 22.28 45.60
CA LEU FC 241 -45.55 22.56 44.30
C LEU FC 241 -46.43 21.39 43.89
N ILE FC 242 -47.72 21.64 43.73
CA ILE FC 242 -48.69 20.63 43.35
C ILE FC 242 -49.33 21.05 42.03
N PRO FC 243 -49.18 20.29 40.96
CA PRO FC 243 -49.86 20.60 39.70
C PRO FC 243 -51.19 19.86 39.60
N GLY FC 244 -52.00 20.30 38.63
CA GLY FC 244 -53.26 19.63 38.36
C GLY FC 244 -54.39 19.98 39.30
N GLN FC 245 -54.37 21.16 39.90
CA GLN FC 245 -55.41 21.57 40.82
C GLN FC 245 -56.50 22.33 40.07
N LYS FC 246 -57.62 22.57 40.76
CA LYS FC 246 -58.72 23.32 40.17
C LYS FC 246 -58.41 24.80 40.00
N ALA FC 247 -57.29 25.27 40.55
CA ALA FC 247 -56.79 26.61 40.32
C ALA FC 247 -55.34 26.53 39.87
N VAL FC 248 -54.93 27.45 39.01
CA VAL FC 248 -53.54 27.57 38.58
C VAL FC 248 -53.05 28.93 39.03
N ASP FC 249 -52.04 28.92 39.89
CA ASP FC 249 -51.45 30.16 40.39
C ASP FC 249 -50.52 30.69 39.32
N TYR FC 250 -51.01 31.65 38.53
CA TYR FC 250 -50.15 32.31 37.55
C TYR FC 250 -49.01 33.03 38.26
N ARG FC 251 -49.33 33.86 39.25
CA ARG FC 251 -48.30 34.57 40.00
C ARG FC 251 -48.63 34.52 41.48
N VAL FC 252 -47.62 34.25 42.29
CA VAL FC 252 -47.74 34.20 43.74
C VAL FC 252 -46.74 35.19 44.34
N ASP FC 253 -47.23 36.11 45.15
CA ASP FC 253 -46.37 37.07 45.85
C ASP FC 253 -46.16 36.55 47.26
N LEU FC 254 -44.98 35.97 47.51
CA LEU FC 254 -44.69 35.30 48.78
C LEU FC 254 -44.05 36.31 49.72
N ARG FC 255 -44.81 36.72 50.75
CA ARG FC 255 -44.37 37.74 51.70
C ARG FC 255 -43.62 37.05 52.84
N VAL FC 256 -42.30 36.92 52.66
CA VAL FC 256 -41.46 36.28 53.67
C VAL FC 256 -41.46 37.13 54.95
N GLN FC 257 -41.19 36.46 56.08
CA GLN FC 257 -41.31 37.11 57.38
C GLN FC 257 -40.25 38.18 57.60
N GLY FC 258 -39.07 38.01 57.03
CA GLY FC 258 -37.95 38.88 57.32
C GLY FC 258 -37.99 40.20 56.57
N TYR FC 259 -36.89 40.94 56.69
CA TYR FC 259 -36.68 42.19 55.99
C TYR FC 259 -35.55 42.00 54.99
N GLY FC 260 -35.84 42.24 53.71
CA GLY FC 260 -34.87 42.00 52.67
C GLY FC 260 -33.87 43.13 52.55
N PRO FC 261 -32.98 43.01 51.57
CA PRO FC 261 -31.97 44.06 51.34
C PRO FC 261 -32.54 45.35 50.80
N ASN FC 262 -33.84 45.41 50.52
CA ASN FC 262 -34.52 46.63 50.11
C ASN FC 262 -35.54 47.00 51.17
N ALA FC 263 -35.46 48.23 51.67
CA ALA FC 263 -36.36 48.69 52.73
C ALA FC 263 -37.27 49.81 52.25
N CYS GC 1 -55.37 -7.45 63.39
CA CYS GC 1 -54.31 -6.46 63.43
C CYS GC 1 -53.35 -6.70 64.59
N THR GC 2 -53.42 -5.82 65.60
CA THR GC 2 -52.52 -5.93 66.74
C THR GC 2 -52.78 -7.20 67.55
N ASP GC 3 -54.03 -7.67 67.57
CA ASP GC 3 -54.33 -8.92 68.27
C ASP GC 3 -53.58 -10.08 67.65
N ALA GC 4 -53.61 -10.19 66.32
CA ALA GC 4 -52.89 -11.25 65.63
C ALA GC 4 -51.39 -11.11 65.83
N ALA GC 5 -50.88 -9.88 65.79
CA ALA GC 5 -49.46 -9.66 65.99
C ALA GC 5 -49.01 -10.11 67.37
N LEU GC 6 -49.77 -9.74 68.41
CA LEU GC 6 -49.40 -10.12 69.77
C LEU GC 6 -49.54 -11.63 69.97
N ALA GC 7 -50.58 -12.24 69.39
CA ALA GC 7 -50.75 -13.68 69.48
C ALA GC 7 -49.58 -14.41 68.82
N ALA GC 8 -49.16 -13.95 67.64
CA ALA GC 8 -48.03 -14.57 66.97
C ALA GC 8 -46.74 -14.35 67.75
N LEU GC 9 -46.58 -13.16 68.35
CA LEU GC 9 -45.40 -12.89 69.16
C LEU GC 9 -45.33 -13.82 70.37
N GLU GC 10 -46.45 -14.03 71.05
CA GLU GC 10 -46.45 -14.93 72.20
C GLU GC 10 -46.29 -16.39 71.76
N TYR GC 11 -46.80 -16.75 70.58
CA TYR GC 11 -46.57 -18.08 70.05
C TYR GC 11 -45.09 -18.31 69.75
N HIS GC 12 -44.41 -17.30 69.21
CA HIS GC 12 -42.98 -17.42 68.94
C HIS GC 12 -42.16 -17.42 70.22
N LYS GC 13 -42.59 -16.65 71.23
CA LYS GC 13 -41.86 -16.63 72.49
C LYS GC 13 -42.02 -17.95 73.25
N SER GC 14 -43.23 -18.50 73.29
CA SER GC 14 -43.43 -19.79 73.96
C SER GC 14 -42.78 -20.93 73.18
N ASN GC 15 -42.85 -20.89 71.85
CA ASN GC 15 -42.25 -21.90 70.98
C ASN GC 15 -41.05 -21.23 70.30
N ALA GC 16 -39.88 -21.37 70.92
CA ALA GC 16 -38.66 -20.67 70.50
C ALA GC 16 -38.32 -20.90 69.03
N CYS HC 1 -39.10 -9.00 67.42
CA CYS HC 1 -39.06 -10.28 66.74
C CYS HC 1 -40.10 -10.35 65.63
N VAL HC 2 -41.12 -9.51 65.74
CA VAL HC 2 -42.20 -9.46 64.77
C VAL HC 2 -41.94 -8.35 63.77
N SER HC 3 -42.04 -8.68 62.48
CA SER HC 3 -42.00 -7.69 61.41
C SER HC 3 -43.43 -7.36 61.02
N MET HC 4 -43.81 -6.09 61.17
CA MET HC 4 -45.19 -5.69 60.99
C MET HC 4 -45.68 -5.91 59.57
N ILE HC 5 -44.78 -5.90 58.58
CA ILE HC 5 -45.22 -5.99 57.19
C ILE HC 5 -45.70 -7.41 56.86
N GLY HC 6 -45.24 -8.41 57.60
CA GLY HC 6 -45.71 -9.77 57.40
C GLY HC 6 -46.95 -10.05 58.23
N GLY HC 7 -47.88 -9.11 58.25
CA GLY HC 7 -49.07 -9.22 59.08
C GLY HC 7 -50.25 -9.78 58.30
N SER HC 8 -50.97 -10.68 58.95
CA SER HC 8 -52.17 -11.29 58.37
C SER HC 8 -53.09 -11.70 59.49
N ARG HC 9 -54.36 -11.30 59.41
CA ARG HC 9 -55.33 -11.63 60.44
C ARG HC 9 -55.62 -13.13 60.43
N ARG IC 1 -46.71 -14.32 60.12
CA ARG IC 1 -45.52 -13.72 60.74
C ARG IC 1 -44.40 -14.76 60.83
N VAL IC 2 -43.16 -14.30 60.70
CA VAL IC 2 -41.99 -15.17 60.73
C VAL IC 2 -40.95 -14.56 61.66
N SER IC 3 -40.32 -15.42 62.46
CA SER IC 3 -39.42 -15.01 63.53
C SER IC 3 -38.03 -14.68 62.98
N ILE IC 4 -37.22 -14.05 63.85
CA ILE IC 4 -35.84 -13.72 63.52
C ILE IC 4 -34.93 -14.94 63.59
N GLY IC 5 -35.42 -16.07 64.09
CA GLY IC 5 -34.64 -17.29 64.06
C GLY IC 5 -34.62 -18.01 62.72
N GLY IC 6 -35.41 -17.53 61.76
CA GLY IC 6 -35.56 -18.19 60.48
C GLY IC 6 -36.76 -19.10 60.37
N THR IC 7 -37.37 -19.48 61.50
CA THR IC 7 -38.56 -20.31 61.49
C THR IC 7 -39.81 -19.44 61.48
N VAL IC 8 -40.89 -20.00 60.92
CA VAL IC 8 -42.15 -19.29 60.80
C VAL IC 8 -43.02 -19.58 62.01
N TYR IC 9 -43.55 -18.53 62.63
CA TYR IC 9 -44.47 -18.63 63.75
C TYR IC 9 -45.59 -17.62 63.54
N THR IC 10 -46.77 -18.11 63.15
CA THR IC 10 -47.88 -17.26 62.75
C THR IC 10 -49.12 -17.59 63.58
N ALA IC 11 -49.94 -16.58 63.80
CA ALA IC 11 -51.21 -16.78 64.49
C ALA IC 11 -52.23 -17.41 63.55
N LYS IC 12 -53.29 -17.96 64.15
CA LYS IC 12 -54.30 -18.67 63.38
C LYS IC 12 -55.31 -17.71 62.75
N LYS IC 13 -56.08 -17.00 63.58
CA LYS IC 13 -57.11 -16.09 63.09
C LYS IC 13 -57.45 -15.10 64.19
N TYR IC 14 -57.21 -13.82 63.94
CA TYR IC 14 -57.50 -12.78 64.92
C TYR IC 14 -57.91 -11.52 64.18
N ASP IC 15 -59.11 -11.01 64.49
CA ASP IC 15 -59.64 -9.81 63.85
C ASP IC 15 -59.84 -8.72 64.89
N ASP IC 16 -59.63 -7.48 64.46
CA ASP IC 16 -59.82 -6.32 65.34
C ASP IC 16 -60.77 -5.31 64.71
N PRO JC 1 -50.52 -5.04 55.99
CA PRO JC 1 -51.91 -5.31 55.65
C PRO JC 1 -52.84 -5.16 56.84
N PHE JC 2 -53.10 -3.92 57.26
CA PHE JC 2 -53.85 -3.63 58.46
C PHE JC 2 -54.92 -2.58 58.16
N GLY JC 3 -55.99 -2.60 58.96
CA GLY JC 3 -57.12 -1.74 58.75
C GLY JC 3 -57.11 -0.44 59.53
N ALA JC 4 -56.22 -0.33 60.51
CA ALA JC 4 -56.09 0.87 61.31
C ALA JC 4 -55.00 1.80 60.80
N ASP JC 5 -54.68 1.73 59.52
CA ASP JC 5 -53.63 2.56 58.93
C ASP JC 5 -54.04 4.02 58.88
N ARG KC 207 -48.49 13.72 83.94
CA ARG KC 207 -47.28 13.01 83.59
C ARG KC 207 -46.61 13.64 82.36
N ILE KC 208 -45.81 12.84 81.66
CA ILE KC 208 -45.12 13.27 80.45
C ILE KC 208 -45.68 12.48 79.28
N ILE KC 209 -46.12 13.17 78.24
CA ILE KC 209 -46.75 12.54 77.09
C ILE KC 209 -45.69 12.31 76.01
N TYR KC 210 -45.59 11.07 75.53
CA TYR KC 210 -44.63 10.68 74.53
C TYR KC 210 -45.34 10.44 73.20
N TYR KC 211 -44.83 11.06 72.14
CA TYR KC 211 -45.30 10.84 70.78
C TYR KC 211 -44.21 10.16 69.97
N ILE KC 212 -44.61 9.57 68.84
CA ILE KC 212 -43.65 8.97 67.93
C ILE KC 212 -43.08 10.06 67.03
N GLN KC 213 -41.76 10.20 67.04
CA GLN KC 213 -41.07 11.06 66.09
C GLN KC 213 -40.77 10.32 64.80
N ALA KC 214 -40.36 9.05 64.90
CA ALA KC 214 -40.17 8.21 63.73
C ALA KC 214 -40.31 6.76 64.16
N VAL KC 215 -40.66 5.90 63.21
CA VAL KC 215 -40.88 4.49 63.51
C VAL KC 215 -40.39 3.64 62.35
N ILE KC 216 -39.73 2.54 62.69
CA ILE KC 216 -39.32 1.50 61.74
C ILE KC 216 -39.50 0.14 62.40
N PRO KC 217 -39.51 -0.93 61.60
CA PRO KC 217 -39.55 -2.28 62.20
C PRO KC 217 -38.43 -2.47 63.20
N GLY KC 218 -38.78 -2.61 64.49
CA GLY KC 218 -37.78 -2.62 65.53
C GLY KC 218 -37.76 -1.32 66.32
N ARG KC 219 -36.76 -0.48 66.07
CA ARG KC 219 -36.60 0.76 66.82
C ARG KC 219 -37.76 1.73 66.56
N ALA KC 220 -37.96 2.63 67.52
CA ALA KC 220 -38.91 3.73 67.36
C ALA KC 220 -38.38 4.92 68.13
N TRP KC 221 -38.18 6.04 67.44
CA TRP KC 221 -37.71 7.27 68.05
C TRP KC 221 -38.91 8.08 68.52
N LEU KC 222 -38.95 8.40 69.81
CA LEU KC 222 -40.04 9.13 70.44
C LEU KC 222 -39.56 10.47 70.97
N ILE KC 223 -40.47 11.44 71.01
CA ILE KC 223 -40.22 12.75 71.58
C ILE KC 223 -41.32 13.05 72.59
N GLY KC 224 -40.93 13.46 73.79
CA GLY KC 224 -41.87 13.76 74.84
C GLY KC 224 -42.30 15.22 74.84
N SER KC 225 -43.00 15.60 75.91
CA SER KC 225 -43.46 16.97 76.08
C SER KC 225 -42.37 17.91 76.58
N ASN KC 226 -41.27 17.38 77.10
CA ASN KC 226 -40.17 18.19 77.60
C ASN KC 226 -39.08 18.39 76.57
N GLY KC 227 -39.26 17.90 75.35
CA GLY KC 227 -38.25 18.01 74.31
C GLY KC 227 -37.20 16.91 74.33
N SER KC 228 -37.26 15.99 75.28
CA SER KC 228 -36.32 14.88 75.31
C SER KC 228 -36.63 13.90 74.18
N THR KC 229 -35.57 13.26 73.68
CA THR KC 229 -35.68 12.27 72.61
C THR KC 229 -35.23 10.92 73.14
N LEU KC 230 -36.03 9.89 72.87
CA LEU KC 230 -35.75 8.53 73.30
C LEU KC 230 -35.86 7.61 72.10
N THR KC 231 -35.32 6.39 72.24
CA THR KC 231 -35.51 5.35 71.23
C THR KC 231 -35.84 4.05 71.95
N VAL KC 232 -36.82 3.32 71.42
CA VAL KC 232 -37.35 2.15 72.11
C VAL KC 232 -37.32 0.96 71.16
N ARG KC 233 -37.27 -0.23 71.75
CA ARG KC 233 -37.27 -1.50 71.04
C ARG KC 233 -38.50 -2.31 71.45
N GLU KC 234 -38.59 -3.55 70.97
CA GLU KC 234 -39.78 -4.37 71.17
C GLU KC 234 -40.19 -4.42 72.64
N GLY KC 235 -39.24 -4.70 73.53
CA GLY KC 235 -39.48 -4.55 74.95
C GLY KC 235 -38.50 -3.60 75.58
N SER KC 236 -38.96 -2.44 76.04
CA SER KC 236 -38.07 -1.41 76.55
C SER KC 236 -38.85 -0.51 77.49
N LYS KC 237 -38.20 -0.11 78.59
CA LYS KC 237 -38.86 0.70 79.60
C LYS KC 237 -39.06 2.13 79.12
N ILE KC 238 -40.26 2.66 79.34
CA ILE KC 238 -40.59 4.05 79.07
C ILE KC 238 -41.07 4.68 80.37
N PRO KC 239 -40.54 5.83 80.77
CA PRO KC 239 -40.99 6.44 82.03
C PRO KC 239 -42.45 6.85 81.96
N GLY KC 240 -43.26 6.28 82.84
CA GLY KC 240 -44.68 6.55 82.90
C GLY KC 240 -45.55 5.63 82.08
N TYR KC 241 -45.06 5.22 80.90
CA TYR KC 241 -45.81 4.32 80.03
C TYR KC 241 -45.52 2.85 80.30
N GLY KC 242 -44.62 2.53 81.22
CA GLY KC 242 -44.34 1.14 81.53
C GLY KC 242 -43.24 0.54 80.67
N MET KC 243 -43.56 -0.54 79.97
CA MET KC 243 -42.63 -1.23 79.10
C MET KC 243 -43.28 -1.47 77.74
N VAL KC 244 -42.50 -1.32 76.68
CA VAL KC 244 -43.03 -1.47 75.33
C VAL KC 244 -43.47 -2.92 75.12
N LYS KC 245 -44.68 -3.10 74.63
CA LYS KC 245 -45.24 -4.41 74.34
C LYS KC 245 -45.25 -4.73 72.85
N LEU KC 246 -45.47 -3.74 72.00
CA LEU KC 246 -45.49 -3.95 70.56
C LEU KC 246 -45.24 -2.62 69.86
N ILE KC 247 -44.58 -2.68 68.71
CA ILE KC 247 -44.30 -1.51 67.89
C ILE KC 247 -44.85 -1.79 66.49
N ASP KC 248 -46.05 -1.30 66.21
CA ASP KC 248 -46.67 -1.42 64.90
C ASP KC 248 -46.12 -0.28 64.04
N SER KC 249 -45.19 -0.62 63.15
CA SER KC 249 -44.52 0.40 62.34
C SER KC 249 -45.41 0.90 61.21
N LEU KC 250 -46.28 0.05 60.65
CA LEU KC 250 -47.11 0.48 59.53
C LEU KC 250 -48.17 1.48 59.98
N GLN KC 251 -48.80 1.25 61.14
CA GLN KC 251 -49.78 2.17 61.67
C GLN KC 251 -49.17 3.29 62.49
N GLY KC 252 -47.86 3.24 62.75
CA GLY KC 252 -47.25 4.21 63.63
C GLY KC 252 -47.78 4.17 65.04
N ARG KC 253 -47.99 2.97 65.57
CA ARG KC 253 -48.53 2.78 66.91
C ARG KC 253 -47.52 2.04 67.78
N ILE KC 254 -47.59 2.27 69.08
CA ILE KC 254 -46.77 1.57 70.06
C ILE KC 254 -47.67 1.20 71.23
N LEU KC 255 -47.91 -0.10 71.40
CA LEU KC 255 -48.65 -0.62 72.53
C LEU KC 255 -47.68 -0.85 73.68
N THR KC 256 -47.98 -0.28 74.83
CA THR KC 256 -47.17 -0.45 76.03
C THR KC 256 -47.92 -1.32 77.04
N SER KC 257 -47.21 -1.67 78.12
CA SER KC 257 -47.78 -2.59 79.10
C SER KC 257 -48.89 -1.93 79.92
N SER KC 258 -48.78 -0.63 80.18
CA SER KC 258 -49.77 0.09 80.97
C SER KC 258 -51.05 0.37 80.19
N GLY KC 259 -51.17 -0.12 78.96
CA GLY KC 259 -52.32 0.13 78.14
C GLY KC 259 -52.28 1.42 77.35
N GLN KC 260 -51.36 2.32 77.68
CA GLN KC 260 -51.24 3.56 76.94
C GLN KC 260 -50.63 3.31 75.56
N VAL KC 261 -51.17 3.98 74.55
CA VAL KC 261 -50.74 3.81 73.17
C VAL KC 261 -49.99 5.08 72.76
N ILE KC 262 -48.78 4.90 72.24
CA ILE KC 262 -47.97 6.01 71.74
C ILE KC 262 -48.14 6.09 70.23
N LYS KC 263 -48.48 7.27 69.74
CA LYS KC 263 -48.72 7.47 68.31
C LYS KC 263 -48.04 8.77 67.87
N PHE KC 264 -48.01 8.97 66.55
CA PHE KC 264 -47.55 10.24 66.02
C PHE KC 264 -48.40 11.37 66.57
N SER KC 265 -47.76 12.50 66.86
CA SER KC 265 -48.49 13.66 67.38
C SER KC 265 -49.49 14.15 66.33
N GLN KC 266 -50.64 14.62 66.82
CA GLN KC 266 -51.68 15.11 65.90
C GLN KC 266 -51.19 16.28 65.07
N GLU KC 267 -50.33 17.13 65.62
CA GLU KC 267 -49.74 18.24 64.89
C GLU KC 267 -48.57 17.80 64.02
N ASP KC 268 -48.32 16.49 63.88
CA ASP KC 268 -47.19 16.01 63.12
C ASP KC 268 -47.52 14.87 62.17
N SER KC 269 -48.70 14.28 62.26
CA SER KC 269 -49.04 13.15 61.39
C SER KC 269 -49.98 13.57 60.27
N GLN LC 791 -59.82 -19.63 28.12
CA GLN LC 791 -58.63 -20.07 28.84
C GLN LC 791 -57.40 -19.33 28.31
N GLN LC 792 -57.26 -19.30 26.98
CA GLN LC 792 -56.13 -18.60 26.36
C GLN LC 792 -56.19 -17.10 26.62
N GLU LC 793 -57.40 -16.52 26.59
CA GLU LC 793 -57.52 -15.09 26.86
C GLU LC 793 -57.07 -14.75 28.28
N ILE LC 794 -57.14 -15.71 29.20
CA ILE LC 794 -56.67 -15.48 30.56
C ILE LC 794 -55.18 -15.20 30.56
N GLN LC 795 -54.41 -16.07 29.91
CA GLN LC 795 -52.96 -15.85 29.84
C GLN LC 795 -52.61 -14.63 29.00
N GLN LC 796 -53.37 -14.37 27.94
CA GLN LC 796 -53.11 -13.17 27.14
C GLN LC 796 -53.29 -11.91 27.98
N ARG LC 797 -54.38 -11.83 28.74
CA ARG LC 797 -54.62 -10.69 29.62
C ARG LC 797 -53.54 -10.58 30.69
N THR LC 798 -53.17 -11.71 31.30
CA THR LC 798 -52.14 -11.69 32.32
C THR LC 798 -50.82 -11.17 31.76
N SER LC 799 -50.45 -11.62 30.56
CA SER LC 799 -49.23 -11.13 29.94
C SER LC 799 -49.31 -9.64 29.62
N ASP LC 800 -50.45 -9.17 29.14
CA ASP LC 800 -50.60 -7.75 28.82
C ASP LC 800 -50.42 -6.89 30.05
N MET LC 801 -51.10 -7.22 31.14
CA MET LC 801 -50.94 -6.42 32.35
C MET LC 801 -49.61 -6.66 33.05
N LEU LC 802 -48.95 -7.79 32.80
CA LEU LC 802 -47.56 -7.93 33.26
C LEU LC 802 -46.65 -6.95 32.54
N THR LC 803 -46.81 -6.84 31.22
CA THR LC 803 -46.03 -5.86 30.45
C THR LC 803 -46.31 -4.44 30.94
N ALA LC 804 -47.56 -4.14 31.23
CA ALA LC 804 -47.89 -2.82 31.78
C ALA LC 804 -47.28 -2.62 33.16
N ALA LC 805 -47.35 -3.65 34.02
CA ALA LC 805 -46.94 -3.50 35.41
C ALA LC 805 -45.43 -3.37 35.54
N THR LC 806 -44.67 -4.09 34.71
CA THR LC 806 -43.22 -3.94 34.76
C THR LC 806 -42.82 -2.51 34.42
N GLN LC 807 -43.43 -1.94 33.38
CA GLN LC 807 -43.15 -0.56 33.03
C GLN LC 807 -43.59 0.40 34.13
N LEU LC 808 -44.74 0.15 34.74
CA LEU LC 808 -45.21 1.02 35.82
C LEU LC 808 -44.26 0.99 37.01
N VAL LC 809 -43.80 -0.21 37.38
CA VAL LC 809 -42.85 -0.34 38.49
C VAL LC 809 -41.53 0.35 38.15
N GLN LC 810 -41.07 0.19 36.91
CA GLN LC 810 -39.84 0.85 36.48
C GLN LC 810 -39.98 2.37 36.56
N ASP LC 811 -41.15 2.90 36.18
CA ASP LC 811 -41.38 4.33 36.29
C ASP LC 811 -41.39 4.78 37.75
N TRP LC 812 -41.99 3.98 38.64
CA TRP LC 812 -42.04 4.35 40.05
C TRP LC 812 -40.67 4.29 40.70
N LYS LC 813 -39.81 3.34 40.28
CA LYS LC 813 -38.47 3.24 40.84
C LYS LC 813 -37.61 4.46 40.52
N GLN LC 814 -37.90 5.16 39.42
CA GLN LC 814 -37.06 6.28 39.02
C GLN LC 814 -37.24 7.46 39.97
N VAL LC 815 -36.11 8.02 40.41
CA VAL LC 815 -36.09 9.23 41.23
C VAL LC 815 -35.05 10.16 40.62
N GLU LC 816 -35.48 11.38 40.27
CA GLU LC 816 -34.56 12.34 39.69
C GLU LC 816 -33.88 13.12 40.80
N THR LC 817 -32.55 13.12 40.79
CA THR LC 817 -31.79 13.78 41.84
C THR LC 817 -32.00 15.29 41.80
N GLN LC 818 -31.97 15.89 42.99
CA GLN LC 818 -32.17 17.32 43.12
C GLN LC 818 -31.06 18.10 42.45
N VAL LC 819 -31.38 19.32 42.02
CA VAL LC 819 -30.43 20.20 41.34
C VAL LC 819 -30.30 21.48 42.14
N TYR LC 820 -29.07 21.86 42.46
CA TYR LC 820 -28.78 23.08 43.19
C TYR LC 820 -28.23 24.12 42.21
N THR LC 821 -28.93 25.24 42.09
CA THR LC 821 -28.55 26.32 41.21
C THR LC 821 -28.09 27.51 42.04
N GLU LC 822 -26.82 27.90 41.86
CA GLU LC 822 -26.24 29.01 42.60
C GLU LC 822 -26.44 30.30 41.84
N GLY LC 823 -26.76 31.37 42.56
CA GLY LC 823 -26.93 32.66 41.96
C GLY LC 823 -25.60 33.29 41.55
N THR LC 824 -25.70 34.35 40.77
CA THR LC 824 -24.53 35.07 40.30
C THR LC 824 -23.98 36.01 41.38
N ALA MC 104 -74.92 5.34 -9.09
CA ALA MC 104 -74.54 6.61 -9.70
C ALA MC 104 -73.56 7.37 -8.81
N GLU MC 105 -74.05 8.43 -8.16
CA GLU MC 105 -73.25 9.25 -7.27
C GLU MC 105 -73.33 8.83 -5.81
N VAL MC 106 -74.20 7.87 -5.49
CA VAL MC 106 -74.26 7.36 -4.11
C VAL MC 106 -72.98 6.60 -3.78
N ILE MC 107 -72.31 6.05 -4.79
CA ILE MC 107 -71.02 5.40 -4.56
C ILE MC 107 -70.03 6.39 -3.98
N ASP MC 108 -70.02 7.63 -4.50
CA ASP MC 108 -69.13 8.66 -3.97
C ASP MC 108 -69.44 8.94 -2.50
N LYS MC 109 -70.73 9.09 -2.16
CA LYS MC 109 -71.10 9.41 -0.79
C LYS MC 109 -70.70 8.29 0.17
N LYS MC 110 -71.03 7.05 -0.17
CA LYS MC 110 -70.73 5.95 0.75
C LYS MC 110 -69.23 5.66 0.80
N ALA MC 111 -68.52 5.85 -0.32
CA ALA MC 111 -67.07 5.72 -0.30
C ALA MC 111 -66.45 6.80 0.58
N PHE MC 112 -67.00 8.02 0.55
CA PHE MC 112 -66.49 9.07 1.42
C PHE MC 112 -66.78 8.76 2.88
N LYS MC 113 -67.93 8.15 3.17
CA LYS MC 113 -68.24 7.76 4.55
C LYS MC 113 -67.25 6.71 5.05
N ASP MC 114 -67.02 5.66 4.26
CA ASP MC 114 -66.05 4.63 4.64
C ASP MC 114 -64.66 5.23 4.78
N MET MC 115 -64.31 6.12 3.85
CA MET MC 115 -63.04 6.82 3.90
C MET MC 115 -62.87 7.61 5.18
N THR MC 116 -63.84 8.45 5.52
CA THR MC 116 -63.70 9.31 6.69
C THR MC 116 -63.79 8.51 7.99
N ARG MC 117 -64.37 7.31 7.95
CA ARG MC 117 -64.26 6.43 9.10
C ARG MC 117 -62.87 5.81 9.19
N ASN MC 118 -62.23 5.56 8.05
CA ASN MC 118 -60.89 4.97 8.06
C ASN MC 118 -59.83 5.99 8.43
N LEU MC 119 -60.00 7.25 8.03
CA LEU MC 119 -58.98 8.27 8.28
C LEU MC 119 -58.97 8.69 9.74
N TYR MC 120 -60.15 8.85 10.34
CA TYR MC 120 -60.29 9.24 11.74
C TYR MC 120 -61.08 8.14 12.44
N PRO MC 121 -60.42 7.05 12.82
CA PRO MC 121 -61.14 5.93 13.46
C PRO MC 121 -61.75 6.30 14.80
N LEU MC 122 -61.28 7.37 15.44
CA LEU MC 122 -61.82 7.82 16.71
C LEU MC 122 -62.71 9.03 16.47
N ASN MC 123 -63.97 8.94 16.86
CA ASN MC 123 -64.87 10.07 16.81
C ASN MC 123 -64.41 11.14 17.81
N PRO MC 124 -64.83 12.39 17.63
CA PRO MC 124 -64.49 13.41 18.63
C PRO MC 124 -64.94 13.04 20.04
N GLU MC 125 -66.12 12.43 20.16
CA GLU MC 125 -66.56 11.93 21.46
C GLU MC 125 -65.63 10.84 21.97
N GLN MC 126 -65.23 9.92 21.10
CA GLN MC 126 -64.25 8.91 21.51
C GLN MC 126 -62.89 9.51 21.79
N VAL MC 127 -62.55 10.64 21.17
CA VAL MC 127 -61.29 11.30 21.45
C VAL MC 127 -61.30 11.91 22.84
N VAL MC 128 -62.42 12.55 23.23
CA VAL MC 128 -62.49 13.04 24.60
C VAL MC 128 -62.56 11.88 25.59
N LYS MC 129 -63.18 10.77 25.21
CA LYS MC 129 -63.14 9.56 26.02
C LYS MC 129 -61.70 9.13 26.28
N LEU MC 130 -60.91 9.03 25.21
CA LEU MC 130 -59.53 8.60 25.32
C LEU MC 130 -58.71 9.57 26.16
N LYS MC 131 -58.91 10.88 25.95
CA LYS MC 131 -58.16 11.86 26.73
C LYS MC 131 -58.50 11.77 28.21
N GLN MC 132 -59.78 11.60 28.54
CA GLN MC 132 -60.17 11.46 29.94
C GLN MC 132 -59.60 10.18 30.54
N ILE MC 133 -59.62 9.08 29.78
CA ILE MC 133 -59.08 7.82 30.28
C ILE MC 133 -57.58 7.95 30.53
N TYR MC 134 -56.88 8.62 29.62
CA TYR MC 134 -55.44 8.85 29.80
C TYR MC 134 -55.16 9.69 31.04
N GLU MC 135 -55.93 10.77 31.23
CA GLU MC 135 -55.71 11.61 32.41
C GLU MC 135 -56.02 10.84 33.70
N THR MC 136 -57.07 10.01 33.68
CA THR MC 136 -57.39 9.21 34.86
C THR MC 136 -56.29 8.19 35.15
N SER MC 137 -55.73 7.58 34.10
CA SER MC 137 -54.63 6.64 34.30
C SER MC 137 -53.41 7.33 34.87
N GLU MC 138 -53.09 8.53 34.37
CA GLU MC 138 -51.97 9.28 34.92
C GLU MC 138 -52.23 9.68 36.37
N TYR MC 139 -53.47 10.03 36.69
CA TYR MC 139 -53.81 10.36 38.07
C TYR MC 139 -53.61 9.16 38.99
N ALA MC 140 -54.06 7.99 38.55
CA ALA MC 140 -53.88 6.77 39.35
C ALA MC 140 -52.41 6.43 39.51
N LYS MC 141 -51.63 6.62 38.45
CA LYS MC 141 -50.19 6.34 38.53
C LYS MC 141 -49.48 7.30 39.47
N ALA MC 142 -49.85 8.58 39.42
CA ALA MC 142 -49.18 9.60 40.23
C ALA MC 142 -49.75 9.72 41.63
N ALA MC 143 -50.85 9.05 41.95
CA ALA MC 143 -51.42 9.14 43.28
C ALA MC 143 -50.57 8.35 44.26
N THR MC 144 -50.26 8.96 45.40
CA THR MC 144 -49.45 8.30 46.40
C THR MC 144 -50.30 7.29 47.17
N PRO MC 145 -49.68 6.20 47.65
CA PRO MC 145 -50.42 5.24 48.49
C PRO MC 145 -50.48 5.72 49.93
N GLY MC 146 -51.70 5.86 50.44
CA GLY MC 146 -51.88 6.37 51.78
C GLY MC 146 -51.76 7.87 51.83
N THR MC 147 -51.78 8.39 53.06
CA THR MC 147 -51.63 9.82 53.24
C THR MC 147 -50.19 10.23 52.97
N PRO MC 148 -49.96 11.27 52.18
CA PRO MC 148 -48.60 11.78 52.04
C PRO MC 148 -48.09 12.30 53.37
N PRO MC 149 -46.78 12.27 53.60
CA PRO MC 149 -46.25 12.78 54.87
C PRO MC 149 -46.58 14.25 55.06
N LYS MC 150 -46.88 14.62 56.29
CA LYS MC 150 -47.20 16.00 56.60
C LYS MC 150 -45.94 16.85 56.47
N PRO MC 151 -45.95 17.91 55.66
CA PRO MC 151 -44.77 18.76 55.53
C PRO MC 151 -44.63 19.67 56.73
N THR MC 152 -43.64 19.38 57.59
CA THR MC 152 -43.45 20.11 58.83
C THR MC 152 -42.07 20.75 58.83
N ALA MC 153 -41.99 21.95 59.40
CA ALA MC 153 -40.72 22.61 59.68
C ALA MC 153 -40.50 22.54 61.18
N THR MC 154 -39.61 21.64 61.60
CA THR MC 154 -39.39 21.35 63.01
C THR MC 154 -38.09 21.96 63.49
N SER MC 155 -37.90 21.91 64.81
CA SER MC 155 -36.70 22.40 65.46
C SER MC 155 -36.29 21.43 66.55
N GLN MC 156 -35.02 21.07 66.58
CA GLN MC 156 -34.48 20.14 67.56
C GLN MC 156 -33.30 20.76 68.27
N PHE MC 157 -33.07 20.34 69.52
CA PHE MC 157 -31.90 20.74 70.28
C PHE MC 157 -30.93 19.58 70.32
N VAL MC 158 -29.76 19.79 69.72
CA VAL MC 158 -28.75 18.73 69.61
C VAL MC 158 -27.95 18.73 70.91
N ASN MC 159 -28.09 17.66 71.70
CA ASN MC 159 -27.33 17.47 72.92
C ASN MC 159 -26.19 16.51 72.62
N LEU MC 160 -24.95 16.99 72.74
CA LEU MC 160 -23.77 16.22 72.38
C LEU MC 160 -23.18 15.45 73.55
N SER MC 161 -23.79 15.53 74.73
CA SER MC 161 -23.30 14.77 75.87
C SER MC 161 -23.47 13.28 75.62
N PRO MC 162 -22.56 12.45 76.13
CA PRO MC 162 -22.70 11.00 75.96
C PRO MC 162 -23.99 10.49 76.59
N GLY MC 163 -24.62 9.53 75.93
CA GLY MC 163 -25.89 8.99 76.35
C GLY MC 163 -27.10 9.62 75.71
N SER MC 164 -26.93 10.74 75.00
CA SER MC 164 -28.03 11.41 74.34
C SER MC 164 -28.22 10.86 72.92
N THR MC 165 -29.47 10.59 72.58
CA THR MC 165 -29.79 9.98 71.29
C THR MC 165 -29.54 10.98 70.16
N PRO MC 166 -28.93 10.53 69.07
CA PRO MC 166 -28.71 11.43 67.94
C PRO MC 166 -30.02 11.90 67.35
N PRO MC 167 -30.07 13.13 66.85
CA PRO MC 167 -31.31 13.65 66.27
C PRO MC 167 -31.73 12.84 65.04
N VAL MC 168 -33.05 12.73 64.88
CA VAL MC 168 -33.66 11.97 63.79
C VAL MC 168 -34.30 12.94 62.80
N ILE MC 169 -34.03 12.73 61.52
CA ILE MC 169 -34.58 13.54 60.45
C ILE MC 169 -35.55 12.68 59.64
N ARG MC 170 -36.80 13.13 59.56
CA ARG MC 170 -37.83 12.44 58.79
C ARG MC 170 -37.74 12.94 57.35
N LEU MC 171 -37.39 12.04 56.44
CA LEU MC 171 -37.26 12.36 55.03
C LEU MC 171 -38.41 11.75 54.24
N SER MC 172 -38.37 11.94 52.92
CA SER MC 172 -39.34 11.36 52.01
C SER MC 172 -38.70 11.25 50.64
N GLN MC 173 -39.10 10.22 49.89
CA GLN MC 173 -38.48 9.94 48.61
C GLN MC 173 -38.76 11.05 47.61
N GLY MC 174 -37.70 11.66 47.08
CA GLY MC 174 -37.82 12.72 46.11
C GLY MC 174 -38.08 14.10 46.67
N PHE MC 175 -38.08 14.27 47.99
CA PHE MC 175 -38.36 15.54 48.62
C PHE MC 175 -37.11 16.07 49.31
N VAL MC 176 -36.96 17.39 49.29
CA VAL MC 176 -35.78 18.06 49.83
C VAL MC 176 -36.05 18.41 51.29
N SER MC 177 -35.19 17.91 52.18
CA SER MC 177 -35.21 18.24 53.60
C SER MC 177 -33.95 19.01 53.93
N SER MC 178 -34.09 20.23 54.42
CA SER MC 178 -32.95 21.09 54.68
C SER MC 178 -32.69 21.17 56.18
N LEU MC 179 -31.49 20.78 56.59
CA LEU MC 179 -31.02 20.99 57.95
C LEU MC 179 -30.16 22.24 57.97
N VAL MC 180 -30.58 23.22 58.76
CA VAL MC 180 -29.79 24.40 59.08
C VAL MC 180 -29.27 24.22 60.49
N PHE MC 181 -27.98 24.47 60.67
CA PHE MC 181 -27.32 24.25 61.96
C PHE MC 181 -27.14 25.58 62.65
N LEU MC 182 -27.62 25.66 63.89
CA LEU MC 182 -27.55 26.86 64.69
C LEU MC 182 -26.94 26.50 66.04
N ASP MC 183 -26.27 27.47 66.66
CA ASP MC 183 -25.72 27.27 67.99
C ASP MC 183 -26.83 27.51 69.01
N SER MC 184 -26.47 27.47 70.31
CA SER MC 184 -27.47 27.65 71.35
C SER MC 184 -28.06 29.05 71.34
N THR MC 185 -27.34 30.03 70.79
CA THR MC 185 -27.86 31.39 70.69
C THR MC 185 -28.74 31.59 69.47
N GLY MC 186 -28.92 30.57 68.63
CA GLY MC 186 -29.74 30.68 67.44
C GLY MC 186 -29.04 31.20 66.21
N ALA MC 187 -27.79 31.64 66.34
CA ALA MC 187 -26.97 32.12 65.24
C ALA MC 187 -26.52 30.98 64.36
N PRO MC 188 -26.25 31.24 63.07
CA PRO MC 188 -25.80 30.18 62.18
C PRO MC 188 -24.47 29.58 62.65
N TRP MC 189 -24.30 28.29 62.35
CA TRP MC 189 -23.05 27.59 62.63
C TRP MC 189 -22.57 26.94 61.34
N PRO MC 190 -21.60 27.55 60.64
CA PRO MC 190 -21.18 27.00 59.35
C PRO MC 190 -20.63 25.60 59.47
N ILE MC 191 -20.64 24.88 58.36
CA ILE MC 191 -20.32 23.46 58.32
C ILE MC 191 -18.91 23.32 57.75
N ALA MC 192 -18.02 22.71 58.55
CA ALA MC 192 -16.67 22.44 58.06
C ALA MC 192 -16.67 21.28 57.07
N ALA MC 193 -17.41 20.21 57.37
CA ALA MC 193 -17.44 19.05 56.48
C ALA MC 193 -18.63 18.17 56.86
N TYR MC 194 -18.97 17.26 55.96
CA TYR MC 194 -19.98 16.25 56.24
C TYR MC 194 -19.54 14.91 55.68
N ASP MC 195 -20.04 13.85 56.29
CA ASP MC 195 -19.69 12.47 55.93
C ASP MC 195 -20.98 11.67 55.86
N LEU MC 196 -21.33 11.21 54.66
CA LEU MC 196 -22.62 10.56 54.42
C LEU MC 196 -22.39 9.06 54.27
N GLY MC 197 -22.86 8.29 55.24
CA GLY MC 197 -22.84 6.84 55.11
C GLY MC 197 -24.03 6.36 54.29
N ASP MC 198 -23.76 5.39 53.41
CA ASP MC 198 -24.72 4.91 52.43
C ASP MC 198 -25.21 6.08 51.58
N PRO MC 199 -24.36 6.67 50.74
CA PRO MC 199 -24.79 7.78 49.89
C PRO MC 199 -25.62 7.37 48.69
N SER MC 200 -25.89 6.08 48.52
CA SER MC 200 -26.77 5.61 47.44
C SER MC 200 -28.24 5.75 47.80
N SER MC 201 -28.57 6.05 49.06
CA SER MC 201 -29.94 6.22 49.49
C SER MC 201 -30.31 7.67 49.79
N PHE MC 202 -29.32 8.56 49.91
CA PHE MC 202 -29.58 9.98 50.13
C PHE MC 202 -28.66 10.80 49.25
N ASN MC 203 -29.19 11.88 48.68
CA ASN MC 203 -28.42 12.82 47.89
C ASN MC 203 -28.35 14.14 48.64
N ILE MC 204 -27.14 14.63 48.89
CA ILE MC 204 -26.93 15.80 49.72
C ILE MC 204 -26.37 16.92 48.84
N GLN MC 205 -27.05 18.06 48.83
CA GLN MC 205 -26.55 19.28 48.20
C GLN MC 205 -26.16 20.27 49.29
N TRP MC 206 -24.99 20.87 49.11
CA TRP MC 206 -24.45 21.80 50.10
C TRP MC 206 -23.37 22.62 49.44
N ASP MC 207 -23.59 23.93 49.31
CA ASP MC 207 -22.50 24.81 48.95
C ASP MC 207 -21.48 24.84 50.07
N LYS MC 208 -20.19 24.88 49.71
CA LYS MC 208 -19.12 24.57 50.65
C LYS MC 208 -18.99 25.59 51.77
N THR MC 209 -19.65 26.75 51.67
CA THR MC 209 -19.49 27.81 52.65
C THR MC 209 -20.63 27.88 53.66
N SER MC 210 -21.85 27.53 53.26
CA SER MC 210 -23.02 27.76 54.10
C SER MC 210 -23.10 26.72 55.21
N ASN MC 211 -24.20 26.80 55.98
CA ASN MC 211 -24.46 25.92 57.10
C ASN MC 211 -25.68 25.03 56.86
N THR MC 212 -26.16 24.96 55.62
CA THR MC 212 -27.38 24.25 55.30
C THR MC 212 -27.08 23.04 54.44
N LEU MC 213 -27.43 21.85 54.92
CA LEU MC 213 -27.37 20.64 54.11
C LEU MC 213 -28.78 20.34 53.62
N MET MC 214 -28.89 19.94 52.35
CA MET MC 214 -30.20 19.74 51.75
C MET MC 214 -30.24 18.33 51.18
N ILE MC 215 -30.96 17.43 51.86
CA ILE MC 215 -30.90 15.99 51.64
C ILE MC 215 -32.19 15.54 50.98
N GLN MC 216 -32.06 14.72 49.94
CA GLN MC 216 -33.19 14.13 49.23
C GLN MC 216 -33.10 12.61 49.35
N ALA MC 217 -34.15 11.99 49.87
CA ALA MC 217 -34.18 10.55 50.03
C ALA MC 217 -34.33 9.88 48.67
N THR MC 218 -33.27 9.27 48.18
CA THR MC 218 -33.33 8.59 46.89
C THR MC 218 -34.18 7.33 46.96
N LYS MC 219 -34.06 6.58 48.05
CA LYS MC 219 -34.79 5.33 48.22
C LYS MC 219 -35.98 5.52 49.16
N LEU MC 220 -36.94 4.60 49.04
CA LEU MC 220 -38.21 4.75 49.76
C LEU MC 220 -38.01 4.67 51.27
N TYR MC 221 -37.54 3.52 51.76
CA TYR MC 221 -37.54 3.25 53.20
C TYR MC 221 -36.15 2.99 53.77
N ASN MC 222 -35.10 3.08 52.95
CA ASN MC 222 -33.75 2.82 53.44
C ASN MC 222 -33.27 4.00 54.26
N TYR MC 223 -32.95 3.75 55.53
CA TYR MC 223 -32.49 4.80 56.45
C TYR MC 223 -31.00 4.64 56.71
N GLY MC 224 -30.39 5.74 57.13
CA GLY MC 224 -28.98 5.75 57.39
C GLY MC 224 -28.62 6.80 58.42
N ASN MC 225 -27.37 7.24 58.40
CA ASN MC 225 -26.92 8.29 59.30
C ASN MC 225 -26.00 9.25 58.54
N LEU MC 226 -25.59 10.31 59.23
CA LEU MC 226 -24.79 11.36 58.63
C LEU MC 226 -23.98 12.05 59.71
N ALA MC 227 -22.73 12.36 59.40
CA ALA MC 227 -21.84 13.11 60.27
C ALA MC 227 -21.71 14.54 59.75
N VAL MC 228 -21.74 15.51 60.67
CA VAL MC 228 -21.60 16.91 60.32
C VAL MC 228 -20.56 17.51 61.26
N ARG MC 229 -19.36 17.75 60.75
CA ARG MC 229 -18.34 18.44 61.51
C ARG MC 229 -18.49 19.94 61.28
N LEU MC 230 -18.83 20.68 62.34
CA LEU MC 230 -19.07 22.11 62.25
C LEU MC 230 -17.74 22.86 62.39
N ARG MC 231 -17.80 24.19 62.37
CA ARG MC 231 -16.58 24.98 62.32
C ARG MC 231 -15.84 24.94 63.65
N GLY MC 232 -16.48 25.41 64.72
CA GLY MC 232 -15.85 25.47 66.02
C GLY MC 232 -16.00 24.23 66.88
N LEU MC 233 -16.56 23.16 66.34
CA LEU MC 233 -16.82 21.95 67.11
C LEU MC 233 -15.79 20.88 66.79
N ASN MC 234 -15.14 20.36 67.83
CA ASN MC 234 -14.36 19.14 67.67
C ASN MC 234 -15.25 17.91 67.62
N THR MC 235 -16.33 17.92 68.40
CA THR MC 235 -17.27 16.81 68.42
C THR MC 235 -18.20 16.89 67.21
N PRO MC 236 -18.18 15.91 66.31
CA PRO MC 236 -19.11 15.94 65.17
C PRO MC 236 -20.55 15.73 65.62
N VAL MC 237 -21.47 16.30 64.86
CA VAL MC 237 -22.90 16.15 65.09
C VAL MC 237 -23.38 14.94 64.30
N MET MC 238 -23.98 13.97 64.99
CA MET MC 238 -24.42 12.74 64.37
C MET MC 238 -25.94 12.74 64.24
N LEU MC 239 -26.43 12.48 63.04
CA LEU MC 239 -27.87 12.45 62.80
C LEU MC 239 -28.25 11.15 62.12
N THR MC 240 -29.47 10.69 62.37
CA THR MC 240 -30.01 9.52 61.69
C THR MC 240 -31.16 9.96 60.80
N LEU MC 241 -31.11 9.56 59.54
CA LEU MC 241 -32.07 9.98 58.52
C LEU MC 241 -32.95 8.80 58.17
N ILE MC 242 -34.25 8.91 58.42
CA ILE MC 242 -35.20 7.87 58.11
C ILE MC 242 -36.24 8.43 57.15
N PRO MC 243 -36.36 7.89 55.94
CA PRO MC 243 -37.40 8.35 55.01
C PRO MC 243 -38.67 7.51 55.14
N GLY MC 244 -39.71 7.97 54.44
CA GLY MC 244 -40.98 7.26 54.42
C GLY MC 244 -41.73 7.27 55.73
N GLN MC 245 -41.73 8.39 56.43
CA GLN MC 245 -42.44 8.50 57.70
C GLN MC 245 -43.78 9.20 57.48
N LYS MC 246 -44.60 9.22 58.54
CA LYS MC 246 -45.87 9.94 58.49
C LYS MC 246 -45.70 11.45 58.44
N ALA MC 247 -44.48 11.95 58.68
CA ALA MC 247 -44.15 13.35 58.54
C ALA MC 247 -42.88 13.48 57.71
N VAL MC 248 -42.78 14.57 56.97
CA VAL MC 248 -41.59 14.91 56.21
C VAL MC 248 -41.09 16.26 56.70
N ASP MC 249 -39.84 16.30 57.15
CA ASP MC 249 -39.24 17.52 57.69
C ASP MC 249 -38.73 18.34 56.52
N TYR MC 250 -39.52 19.33 56.09
CA TYR MC 250 -39.06 20.22 55.03
C TYR MC 250 -37.86 21.03 55.48
N ARG MC 251 -37.76 21.31 56.78
CA ARG MC 251 -36.64 22.07 57.32
C ARG MC 251 -36.51 21.76 58.80
N VAL MC 252 -35.27 21.51 59.24
CA VAL MC 252 -34.96 21.23 60.65
C VAL MC 252 -33.95 22.27 61.11
N ASP MC 253 -34.27 22.96 62.20
CA ASP MC 253 -33.36 23.94 62.80
C ASP MC 253 -32.67 23.27 63.98
N LEU MC 254 -31.46 22.78 63.74
CA LEU MC 254 -30.74 21.97 64.72
C LEU MC 254 -29.93 22.90 65.63
N ARG MC 255 -30.34 23.01 66.89
CA ARG MC 255 -29.70 23.89 67.86
C ARG MC 255 -28.63 23.10 68.59
N VAL MC 256 -27.40 23.14 68.06
CA VAL MC 256 -26.28 22.46 68.68
C VAL MC 256 -25.97 23.09 70.04
N GLN MC 257 -25.29 22.31 70.88
CA GLN MC 257 -25.08 22.73 72.27
C GLN MC 257 -24.08 23.87 72.39
N GLY MC 258 -23.08 23.91 71.52
CA GLY MC 258 -21.99 24.86 71.65
C GLY MC 258 -22.35 26.25 71.16
N TYR MC 259 -21.33 27.11 71.15
CA TYR MC 259 -21.44 28.48 70.64
C TYR MC 259 -20.61 28.58 69.37
N GLY MC 260 -21.26 28.98 68.28
CA GLY MC 260 -20.60 29.03 67.00
C GLY MC 260 -19.79 30.29 66.81
N PRO MC 261 -19.19 30.41 65.62
CA PRO MC 261 -18.38 31.61 65.31
C PRO MC 261 -19.19 32.89 65.20
N ASN MC 262 -20.52 32.81 65.26
CA ASN MC 262 -21.38 33.99 65.28
C ASN MC 262 -22.09 34.06 66.63
N ALA MC 263 -21.96 35.20 67.31
CA ALA MC 263 -22.53 35.35 68.63
C ALA MC 263 -23.60 36.45 68.65
N CYS NC 1 -34.20 -23.11 74.11
CA CYS NC 1 -33.17 -22.10 73.90
C CYS NC 1 -31.86 -22.50 74.54
N THR NC 2 -31.62 -21.97 75.74
CA THR NC 2 -30.34 -22.21 76.42
C THR NC 2 -30.25 -23.62 76.97
N ASP NC 3 -31.39 -24.26 77.27
CA ASP NC 3 -31.36 -25.62 77.79
C ASP NC 3 -30.76 -26.57 76.76
N ALA NC 4 -31.18 -26.45 75.49
CA ALA NC 4 -30.64 -27.30 74.45
C ALA NC 4 -29.15 -27.05 74.23
N ALA NC 5 -28.75 -25.78 74.27
CA ALA NC 5 -27.34 -25.45 74.09
C ALA NC 5 -26.48 -26.03 75.21
N LEU NC 6 -26.94 -25.90 76.45
CA LEU NC 6 -26.17 -26.43 77.57
C LEU NC 6 -26.13 -27.95 77.55
N ALA NC 7 -27.25 -28.60 77.18
CA ALA NC 7 -27.26 -30.05 77.09
C ALA NC 7 -26.32 -30.53 75.99
N ALA NC 8 -26.31 -29.85 74.84
CA ALA NC 8 -25.38 -30.22 73.78
C ALA NC 8 -23.94 -29.98 74.20
N LEU NC 9 -23.68 -28.89 74.93
CA LEU NC 9 -22.33 -28.63 75.41
C LEU NC 9 -21.85 -29.71 76.37
N GLU NC 10 -22.72 -30.15 77.29
CA GLU NC 10 -22.33 -31.21 78.21
C GLU NC 10 -22.20 -32.54 77.50
N TYR NC 11 -23.01 -32.78 76.46
CA TYR NC 11 -22.85 -33.98 75.65
C TYR NC 11 -21.52 -33.99 74.92
N HIS NC 12 -21.10 -32.83 74.41
CA HIS NC 12 -19.81 -32.73 73.74
C HIS NC 12 -18.66 -32.87 74.73
N LYS NC 13 -18.80 -32.30 75.92
CA LYS NC 13 -17.73 -32.41 76.92
C LYS NC 13 -17.59 -33.82 77.45
N SER NC 14 -18.70 -34.51 77.70
CA SER NC 14 -18.63 -35.89 78.17
C SER NC 14 -18.18 -36.84 77.06
N ASN NC 15 -18.65 -36.61 75.84
CA ASN NC 15 -18.25 -37.40 74.67
C ASN NC 15 -17.37 -36.50 73.81
N ALA NC 16 -16.07 -36.54 74.08
CA ALA NC 16 -15.10 -35.63 73.47
C ALA NC 16 -15.16 -35.62 71.94
N CYS OC 1 -16.98 -23.72 72.96
CA CYS OC 1 -17.06 -24.91 72.14
C CYS OC 1 -18.39 -24.98 71.39
N VAL OC 2 -19.36 -24.20 71.85
CA VAL OC 2 -20.67 -24.11 71.22
C VAL OC 2 -20.71 -22.88 70.34
N SER OC 3 -21.21 -23.04 69.12
CA SER OC 3 -21.48 -21.93 68.22
C SER OC 3 -22.99 -21.72 68.22
N MET OC 4 -23.44 -20.62 68.83
CA MET OC 4 -24.86 -20.43 69.12
C MET OC 4 -25.72 -20.35 67.87
N ILE OC 5 -25.12 -20.01 66.72
CA ILE OC 5 -25.91 -19.81 65.51
C ILE OC 5 -26.55 -21.13 65.06
N GLY OC 6 -25.82 -22.23 65.16
CA GLY OC 6 -26.39 -23.53 64.82
C GLY OC 6 -27.18 -24.14 65.95
N GLY OC 7 -28.17 -23.40 66.45
CA GLY OC 7 -28.98 -23.84 67.57
C GLY OC 7 -30.33 -24.38 67.10
N SER OC 8 -30.77 -25.45 67.76
CA SER OC 8 -32.05 -26.07 67.44
C SER OC 8 -32.56 -26.78 68.68
N ARG OC 9 -33.84 -26.59 69.00
CA ARG OC 9 -34.42 -27.22 70.17
C ARG OC 9 -34.53 -28.73 69.96
N ARG PC 1 -26.10 -28.79 66.97
CA ARG PC 1 -24.85 -28.15 67.33
C ARG PC 1 -23.66 -29.04 66.97
N VAL PC 2 -22.56 -28.43 66.56
CA VAL PC 2 -21.36 -29.14 66.15
C VAL PC 2 -20.15 -28.54 66.84
N SER PC 3 -19.25 -29.39 67.32
CA SER PC 3 -18.10 -28.99 68.11
C SER PC 3 -16.98 -28.47 67.22
N ILE PC 4 -15.96 -27.87 67.85
CA ILE PC 4 -14.76 -27.42 67.17
C ILE PC 4 -13.82 -28.58 66.85
N GLY PC 5 -14.07 -29.77 67.40
CA GLY PC 5 -13.30 -30.91 66.97
C GLY PC 5 -13.62 -31.40 65.57
N GLY PC 6 -14.67 -30.85 64.96
CA GLY PC 6 -15.13 -31.30 63.67
C GLY PC 6 -16.22 -32.34 63.72
N THR PC 7 -16.44 -32.96 64.87
CA THR PC 7 -17.50 -33.94 65.04
C THR PC 7 -18.79 -33.28 65.51
N VAL PC 8 -19.92 -33.85 65.11
CA VAL PC 8 -21.22 -33.31 65.43
C VAL PC 8 -21.69 -33.86 66.77
N TYR PC 9 -22.15 -32.97 67.64
CA TYR PC 9 -22.67 -33.35 68.96
C TYR PC 9 -23.88 -32.48 69.25
N THR PC 10 -25.08 -33.04 69.05
CA THR PC 10 -26.32 -32.29 69.18
C THR PC 10 -27.18 -32.87 70.29
N ALA PC 11 -27.96 -31.99 70.92
CA ALA PC 11 -28.93 -32.41 71.91
C ALA PC 11 -30.16 -33.00 71.24
N LYS PC 12 -30.95 -33.76 72.01
CA LYS PC 12 -32.10 -34.46 71.45
C LYS PC 12 -33.31 -33.55 71.30
N LYS PC 13 -33.84 -33.04 72.42
CA LYS PC 13 -35.03 -32.19 72.40
C LYS PC 13 -35.09 -31.41 73.71
N TYR PC 14 -35.03 -30.09 73.62
CA TYR PC 14 -35.08 -29.24 74.80
C TYR PC 14 -35.75 -27.92 74.43
N ASP PC 15 -36.87 -27.61 75.09
CA ASP PC 15 -37.62 -26.39 74.83
C ASP PC 15 -37.56 -25.47 76.03
N ASP PC 16 -37.42 -24.17 75.75
CA ASP PC 16 -37.38 -23.16 76.81
C ASP PC 16 -38.66 -22.32 76.81
N PRO QC 1 -31.49 -19.45 66.55
CA PRO QC 1 -32.93 -19.49 66.28
C PRO QC 1 -33.76 -19.80 67.52
N PHE QC 2 -34.04 -18.77 68.32
CA PHE QC 2 -34.74 -18.94 69.59
C PHE QC 2 -35.86 -17.91 69.69
N GLY QC 3 -36.62 -18.00 70.78
CA GLY QC 3 -37.74 -17.11 71.00
C GLY QC 3 -37.45 -15.98 71.96
N ALA QC 4 -36.29 -16.02 72.59
CA ALA QC 4 -35.89 -14.99 73.55
C ALA QC 4 -35.02 -13.90 72.91
N ASP QC 5 -35.03 -13.81 71.58
CA ASP QC 5 -34.23 -12.81 70.87
C ASP QC 5 -34.70 -11.40 71.19
N ARG RC 207 -22.74 -5.25 95.11
CA ARG RC 207 -21.64 -5.75 94.30
C ARG RC 207 -21.41 -4.86 93.09
N ILE RC 208 -20.80 -5.43 92.06
CA ILE RC 208 -20.53 -4.74 90.80
C ILE RC 208 -21.34 -5.42 89.70
N ILE RC 209 -22.10 -4.63 88.95
CA ILE RC 209 -22.97 -5.14 87.91
C ILE RC 209 -22.25 -5.05 86.57
N TYR RC 210 -22.25 -6.16 85.83
CA TYR RC 210 -21.59 -6.24 84.53
C TYR RC 210 -22.62 -6.35 83.43
N TYR RC 211 -22.48 -5.51 82.41
CA TYR RC 211 -23.31 -5.54 81.22
C TYR RC 211 -22.47 -5.96 80.03
N ILE RC 212 -23.14 -6.45 78.99
CA ILE RC 212 -22.44 -6.78 77.75
C ILE RC 212 -22.22 -5.51 76.96
N GLN RC 213 -20.96 -5.22 76.65
CA GLN RC 213 -20.62 -4.16 75.71
C GLN RC 213 -20.70 -4.66 74.27
N ALA RC 214 -20.20 -5.86 74.02
CA ALA RC 214 -20.33 -6.49 72.70
C ALA RC 214 -20.21 -7.99 72.89
N VAL RC 215 -20.77 -8.74 71.94
CA VAL RC 215 -20.78 -10.20 72.05
C VAL RC 215 -20.64 -10.80 70.66
N ILE RC 216 -19.78 -11.81 70.55
CA ILE RC 216 -19.63 -12.63 69.36
C ILE RC 216 -19.54 -14.09 69.78
N PRO RC 217 -19.74 -15.02 68.84
CA PRO RC 217 -19.51 -16.44 69.17
C PRO RC 217 -18.13 -16.66 69.76
N GLY RC 218 -18.07 -17.05 71.03
CA GLY RC 218 -16.81 -17.11 71.74
C GLY RC 218 -16.64 -15.98 72.74
N ARG RC 219 -15.82 -14.99 72.41
CA ARG RC 219 -15.55 -13.90 73.33
C ARG RC 219 -16.78 -13.04 73.55
N ALA RC 220 -16.73 -12.25 74.62
CA ALA RC 220 -17.76 -11.26 74.92
C ALA RC 220 -17.12 -10.17 75.76
N TRP RC 221 -17.14 -8.94 75.24
CA TRP RC 221 -16.59 -7.79 75.95
C TRP RC 221 -17.67 -7.20 76.85
N LEU RC 222 -17.36 -7.09 78.14
CA LEU RC 222 -18.28 -6.62 79.16
C LEU RC 222 -17.74 -5.34 79.79
N ILE RC 223 -18.66 -4.46 80.21
CA ILE RC 223 -18.34 -3.24 80.93
C ILE RC 223 -19.12 -3.25 82.23
N GLY RC 224 -18.41 -3.01 83.34
CA GLY RC 224 -19.02 -3.01 84.66
C GLY RC 224 -19.53 -1.64 85.07
N SER RC 225 -19.86 -1.52 86.35
CA SER RC 225 -20.35 -0.27 86.89
C SER RC 225 -19.24 0.70 87.25
N ASN RC 226 -17.98 0.24 87.31
CA ASN RC 226 -16.84 1.10 87.62
C ASN RC 226 -16.18 1.65 86.37
N GLY RC 227 -16.71 1.37 85.19
CA GLY RC 227 -16.04 1.70 83.95
C GLY RC 227 -15.00 0.69 83.52
N SER RC 228 -14.77 -0.36 84.29
CA SER RC 228 -13.82 -1.39 83.91
C SER RC 228 -14.36 -2.22 82.75
N THR RC 229 -13.45 -2.69 81.91
CA THR RC 229 -13.79 -3.49 80.74
C THR RC 229 -13.06 -4.82 80.81
N LEU RC 230 -13.79 -5.91 80.59
CA LEU RC 230 -13.23 -7.25 80.53
C LEU RC 230 -13.67 -7.92 79.24
N THR RC 231 -13.05 -9.07 78.95
CA THR RC 231 -13.50 -9.94 77.86
C THR RC 231 -13.49 -11.37 78.38
N VAL RC 232 -14.57 -12.09 78.12
CA VAL RC 232 -14.77 -13.41 78.70
C VAL RC 232 -15.04 -14.43 77.60
N ARG RC 233 -14.70 -15.68 77.88
CA ARG RC 233 -14.90 -16.79 76.96
C ARG RC 233 -15.83 -17.81 77.62
N GLU RC 234 -15.94 -18.99 76.99
CA GLU RC 234 -16.90 -20.00 77.43
C GLU RC 234 -16.76 -20.29 78.92
N GLY RC 235 -15.55 -20.58 79.38
CA GLY RC 235 -15.31 -20.70 80.81
C GLY RC 235 -14.33 -19.66 81.29
N SER RC 236 -14.80 -18.69 82.07
CA SER RC 236 -13.95 -17.58 82.48
C SER RC 236 -14.49 -16.98 83.77
N LYS RC 237 -13.58 -16.65 84.69
CA LYS RC 237 -13.97 -16.13 85.99
C LYS RC 237 -14.37 -14.66 85.87
N ILE RC 238 -15.54 -14.33 86.43
CA ILE RC 238 -16.01 -12.95 86.52
C ILE RC 238 -16.16 -12.62 88.01
N PRO RC 239 -15.54 -11.55 88.50
CA PRO RC 239 -15.64 -11.23 89.93
C PRO RC 239 -17.07 -10.93 90.34
N GLY RC 240 -17.59 -11.71 91.27
CA GLY RC 240 -18.95 -11.58 91.76
C GLY RC 240 -19.95 -12.46 91.05
N TYR RC 241 -19.79 -12.63 89.75
CA TYR RC 241 -20.70 -13.45 88.96
C TYR RC 241 -20.27 -14.91 88.87
N GLY RC 242 -19.14 -15.27 89.44
CA GLY RC 242 -18.68 -16.66 89.41
C GLY RC 242 -17.88 -16.96 88.16
N MET RC 243 -18.30 -18.00 87.43
CA MET RC 243 -17.62 -18.45 86.23
C MET RC 243 -18.61 -18.53 85.08
N VAL RC 244 -18.19 -18.08 83.89
CA VAL RC 244 -19.06 -18.10 82.73
C VAL RC 244 -19.43 -19.53 82.39
N LYS RC 245 -20.73 -19.76 82.17
CA LYS RC 245 -21.24 -21.08 81.80
C LYS RC 245 -21.70 -21.16 80.35
N LEU RC 246 -22.20 -20.07 79.79
CA LEU RC 246 -22.66 -20.05 78.41
C LEU RC 246 -22.70 -18.62 77.92
N ILE RC 247 -22.41 -18.43 76.63
CA ILE RC 247 -22.42 -17.13 75.99
C ILE RC 247 -23.32 -17.23 74.77
N ASP RC 248 -24.59 -16.83 74.93
CA ASP RC 248 -25.55 -16.80 73.83
C ASP RC 248 -25.33 -15.50 73.05
N SER RC 249 -24.68 -15.60 71.90
CA SER RC 249 -24.36 -14.41 71.12
C SER RC 249 -25.56 -13.86 70.38
N LEU RC 250 -26.51 -14.72 69.98
CA LEU RC 250 -27.66 -14.25 69.23
C LEU RC 250 -28.59 -13.42 70.10
N GLN RC 251 -28.86 -13.85 71.33
CA GLN RC 251 -29.70 -13.10 72.25
C GLN RC 251 -28.92 -12.07 73.06
N GLY RC 252 -27.60 -12.06 72.97
CA GLY RC 252 -26.81 -11.19 73.82
C GLY RC 252 -26.94 -11.52 75.29
N ARG RC 253 -26.91 -12.80 75.63
CA ARG RC 253 -27.03 -13.25 77.02
C ARG RC 253 -25.77 -13.99 77.43
N ILE RC 254 -25.47 -13.96 78.72
CA ILE RC 254 -24.35 -14.71 79.28
C ILE RC 254 -24.83 -15.36 80.56
N LEU RC 255 -24.93 -16.69 80.56
CA LEU RC 255 -25.28 -17.45 81.74
C LEU RC 255 -24.00 -17.76 82.52
N THR RC 256 -24.00 -17.42 83.80
CA THR RC 256 -22.87 -17.71 84.68
C THR RC 256 -23.24 -18.80 85.67
N SER RC 257 -22.24 -19.25 86.43
CA SER RC 257 -22.44 -20.36 87.35
C SER RC 257 -23.29 -19.96 88.55
N SER RC 258 -23.21 -18.69 88.97
CA SER RC 258 -23.99 -18.23 90.11
C SER RC 258 -25.45 -17.99 89.76
N GLY RC 259 -25.87 -18.26 88.52
CA GLY RC 259 -27.22 -18.01 88.09
C GLY RC 259 -27.47 -16.61 87.58
N GLN RC 260 -26.57 -15.68 87.83
CA GLN RC 260 -26.73 -14.32 87.33
C GLN RC 260 -26.52 -14.30 85.82
N VAL RC 261 -27.39 -13.58 85.12
CA VAL RC 261 -27.35 -13.45 83.68
C VAL RC 261 -26.83 -12.06 83.33
N ILE RC 262 -25.82 -12.01 82.48
CA ILE RC 262 -25.25 -10.75 81.99
C ILE RC 262 -25.86 -10.45 80.63
N LYS RC 263 -26.39 -9.24 80.48
CA LYS RC 263 -27.06 -8.84 79.26
C LYS RC 263 -26.64 -7.42 78.90
N PHE RC 264 -27.04 -6.99 77.70
CA PHE RC 264 -26.81 -5.62 77.29
C PHE RC 264 -27.52 -4.67 78.23
N SER RC 265 -26.92 -3.51 78.46
CA SER RC 265 -27.49 -2.53 79.36
C SER RC 265 -28.84 -2.05 78.82
N GLN RC 266 -29.75 -1.75 79.76
CA GLN RC 266 -31.11 -1.34 79.38
C GLN RC 266 -31.08 -0.08 78.54
N GLU RC 267 -30.25 0.89 78.91
CA GLU RC 267 -30.10 2.12 78.15
C GLU RC 267 -29.03 2.01 77.07
N ASP RC 268 -28.70 0.80 76.64
CA ASP RC 268 -27.70 0.59 75.61
C ASP RC 268 -28.11 -0.39 74.51
N SER RC 269 -29.25 -1.06 74.66
CA SER RC 269 -29.69 -2.01 73.64
C SER RC 269 -31.07 -1.65 73.09
N GLN SC 791 -47.62 -30.56 39.43
CA GLN SC 791 -46.28 -30.95 39.86
C GLN SC 791 -45.24 -30.06 39.19
N GLN SC 792 -45.44 -29.79 37.90
CA GLN SC 792 -44.54 -28.91 37.16
C GLN SC 792 -44.67 -27.45 37.61
N GLU SC 793 -45.87 -27.03 37.99
CA GLU SC 793 -46.03 -25.67 38.50
C GLU SC 793 -45.23 -25.45 39.78
N ILE SC 794 -45.00 -26.52 40.55
CA ILE SC 794 -44.14 -26.42 41.72
C ILE SC 794 -42.73 -25.98 41.32
N GLN SC 795 -42.15 -26.67 40.33
CA GLN SC 795 -40.81 -26.32 39.88
C GLN SC 795 -40.77 -24.94 39.25
N GLN SC 796 -41.80 -24.59 38.48
CA GLN SC 796 -41.85 -23.26 37.88
C GLN SC 796 -41.88 -22.16 38.94
N ARG SC 797 -42.72 -22.34 39.96
CA ARG SC 797 -42.81 -21.38 41.05
C ARG SC 797 -41.48 -21.27 41.79
N THR SC 798 -40.87 -22.42 42.09
CA THR SC 798 -39.59 -22.41 42.80
C THR SC 798 -38.52 -21.69 41.99
N SER SC 799 -38.50 -21.91 40.68
CA SER SC 799 -37.54 -21.21 39.82
C SER SC 799 -37.79 -19.70 39.84
N ASP SC 800 -39.06 -19.29 39.80
CA ASP SC 800 -39.37 -17.86 39.83
C ASP SC 800 -38.89 -17.22 41.14
N MET SC 801 -39.18 -17.87 42.27
CA MET SC 801 -38.73 -17.32 43.54
C MET SC 801 -37.21 -17.33 43.67
N LEU SC 802 -36.54 -18.34 43.10
CA LEU SC 802 -35.08 -18.33 43.10
C LEU SC 802 -34.52 -17.18 42.27
N THR SC 803 -35.12 -16.92 41.12
CA THR SC 803 -34.67 -15.79 40.30
C THR SC 803 -34.88 -14.46 41.02
N ALA SC 804 -36.00 -14.32 41.73
CA ALA SC 804 -36.20 -13.11 42.53
C ALA SC 804 -35.18 -13.03 43.66
N ALA SC 805 -34.90 -14.16 44.30
CA ALA SC 805 -34.07 -14.16 45.51
C ALA SC 805 -32.61 -13.89 45.20
N THR SC 806 -32.11 -14.37 44.06
CA THR SC 806 -30.74 -14.05 43.69
C THR SC 806 -30.55 -12.54 43.60
N GLN SC 807 -31.47 -11.87 42.92
CA GLN SC 807 -31.42 -10.41 42.82
C GLN SC 807 -31.58 -9.76 44.19
N LEU SC 808 -32.49 -10.27 45.01
CA LEU SC 808 -32.71 -9.68 46.33
C LEU SC 808 -31.46 -9.78 47.20
N VAL SC 809 -30.83 -10.96 47.21
CA VAL SC 809 -29.62 -11.15 48.01
C VAL SC 809 -28.48 -10.30 47.45
N GLN SC 810 -28.39 -10.20 46.12
CA GLN SC 810 -27.37 -9.34 45.52
C GLN SC 810 -27.56 -7.88 45.94
N ASP SC 811 -28.82 -7.43 46.01
CA ASP SC 811 -29.10 -6.07 46.47
C ASP SC 811 -28.72 -5.90 47.93
N TRP SC 812 -29.03 -6.91 48.77
CA TRP SC 812 -28.69 -6.81 50.17
C TRP SC 812 -27.17 -6.81 50.41
N LYS SC 813 -26.42 -7.54 49.58
CA LYS SC 813 -24.97 -7.57 49.72
C LYS SC 813 -24.34 -6.22 49.41
N GLN SC 814 -24.99 -5.40 48.60
CA GLN SC 814 -24.41 -4.12 48.20
C GLN SC 814 -24.35 -3.16 49.37
N VAL SC 815 -23.18 -2.55 49.56
CA VAL SC 815 -22.98 -1.51 50.56
C VAL SC 815 -22.22 -0.37 49.89
N GLU SC 816 -22.85 0.79 49.78
CA GLU SC 816 -22.20 1.94 49.17
C GLU SC 816 -21.25 2.59 50.17
N THR SC 817 -19.99 2.74 49.77
CA THR SC 817 -18.99 3.29 50.67
C THR SC 817 -19.31 4.74 51.00
N GLN SC 818 -18.99 5.13 52.23
CA GLN SC 818 -19.29 6.49 52.69
C GLN SC 818 -18.49 7.51 51.89
N VAL SC 819 -19.01 8.74 51.85
CA VAL SC 819 -18.38 9.84 51.16
C VAL SC 819 -18.10 10.95 52.17
N TYR SC 820 -16.88 11.46 52.14
CA TYR SC 820 -16.48 12.59 52.98
C TYR SC 820 -16.29 13.81 52.09
N THR SC 821 -17.04 14.86 52.37
CA THR SC 821 -17.01 16.09 51.58
C THR SC 821 -16.40 17.19 52.43
N GLU SC 822 -15.35 17.81 51.92
CA GLU SC 822 -14.63 18.84 52.65
C GLU SC 822 -15.10 20.22 52.23
N GLY SC 823 -15.29 21.10 53.21
CA GLY SC 823 -15.70 22.46 52.92
C GLY SC 823 -14.57 23.29 52.34
N THR SC 824 -14.95 24.44 51.80
CA THR SC 824 -13.99 25.35 51.19
C THR SC 824 -13.26 26.16 52.24
N ALA TC 104 -74.50 -1.91 12.95
CA ALA TC 104 -74.47 -0.50 12.58
C ALA TC 104 -73.32 0.23 13.26
N GLU TC 105 -73.65 1.12 14.20
CA GLU TC 105 -72.67 1.87 14.95
C GLU TC 105 -72.28 1.22 16.26
N VAL TC 106 -72.93 0.10 16.63
CA VAL TC 106 -72.55 -0.62 17.84
C VAL TC 106 -71.20 -1.29 17.68
N ILE TC 107 -70.79 -1.57 16.45
CA ILE TC 107 -69.46 -2.10 16.19
C ILE TC 107 -68.40 -1.12 16.68
N ASP TC 108 -68.62 0.17 16.43
CA ASP TC 108 -67.68 1.19 16.88
C ASP TC 108 -67.57 1.20 18.41
N LYS TC 109 -68.71 1.12 19.10
CA LYS TC 109 -68.68 1.12 20.56
C LYS TC 109 -67.96 -0.11 21.11
N LYS TC 110 -68.29 -1.29 20.58
CA LYS TC 110 -67.65 -2.51 21.06
C LYS TC 110 -66.16 -2.51 20.75
N ALA TC 111 -65.77 -2.04 19.56
CA ALA TC 111 -64.36 -1.97 19.21
C ALA TC 111 -63.62 -0.98 20.09
N PHE TC 112 -64.27 0.14 20.43
CA PHE TC 112 -63.62 1.11 21.32
C PHE TC 112 -63.45 0.54 22.72
N LYS TC 113 -64.45 -0.22 23.20
CA LYS TC 113 -64.32 -0.85 24.51
C LYS TC 113 -63.17 -1.84 24.53
N ASP TC 114 -63.11 -2.72 23.53
CA ASP TC 114 -62.01 -3.69 23.45
C ASP TC 114 -60.67 -2.98 23.31
N MET TC 115 -60.63 -1.94 22.49
CA MET TC 115 -59.41 -1.16 22.32
C MET TC 115 -58.94 -0.54 23.62
N THR TC 116 -59.84 0.14 24.34
CA THR TC 116 -59.44 0.82 25.57
C THR TC 116 -59.12 -0.17 26.67
N ARG TC 117 -59.62 -1.40 26.59
CA ARG TC 117 -59.13 -2.44 27.48
C ARG TC 117 -57.73 -2.90 27.09
N ASN TC 118 -57.42 -2.92 25.80
CA ASN TC 118 -56.10 -3.37 25.36
C ASN TC 118 -55.03 -2.30 25.63
N LEU TC 119 -55.39 -1.02 25.50
CA LEU TC 119 -54.41 0.06 25.63
C LEU TC 119 -53.98 0.23 27.07
N TYR TC 120 -54.95 0.24 28.00
CA TYR TC 120 -54.69 0.37 29.43
C TYR TC 120 -55.17 -0.90 30.10
N PRO TC 121 -54.39 -1.98 30.06
CA PRO TC 121 -54.83 -3.25 30.66
C PRO TC 121 -55.03 -3.17 32.16
N LEU TC 122 -54.41 -2.21 32.83
CA LEU TC 122 -54.57 -2.02 34.26
C LEU TC 122 -55.58 -0.89 34.49
N ASN TC 123 -56.66 -1.21 35.20
CA ASN TC 123 -57.66 -0.21 35.53
C ASN TC 123 -57.08 0.82 36.49
N PRO TC 124 -57.71 1.99 36.62
CA PRO TC 124 -57.22 2.96 37.61
C PRO TC 124 -57.22 2.42 39.03
N GLU TC 125 -58.10 1.47 39.34
CA GLU TC 125 -58.05 0.80 40.63
C GLU TC 125 -56.91 -0.20 40.69
N GLN TC 126 -56.69 -0.95 39.61
CA GLN TC 126 -55.59 -1.90 39.59
C GLN TC 126 -54.24 -1.20 39.61
N VAL TC 127 -54.17 0.04 39.12
CA VAL TC 127 -52.91 0.78 39.17
C VAL TC 127 -52.55 1.12 40.61
N VAL TC 128 -53.53 1.57 41.40
CA VAL TC 128 -53.24 1.84 42.80
C VAL TC 128 -52.98 0.53 43.55
N LYS TC 129 -53.64 -0.56 43.14
CA LYS TC 129 -53.30 -1.87 43.68
C LYS TC 129 -51.81 -2.18 43.47
N LEU TC 130 -51.35 -2.03 42.24
CA LEU TC 130 -49.97 -2.35 41.90
C LEU TC 130 -49.00 -1.43 42.62
N LYS TC 131 -49.34 -0.15 42.74
CA LYS TC 131 -48.49 0.80 43.44
C LYS TC 131 -48.35 0.42 44.91
N GLN TC 132 -49.48 0.07 45.54
CA GLN TC 132 -49.43 -0.34 46.94
C GLN TC 132 -48.63 -1.62 47.12
N ILE TC 133 -48.79 -2.57 46.21
CA ILE TC 133 -48.04 -3.83 46.31
C ILE TC 133 -46.55 -3.57 46.15
N TYR TC 134 -46.18 -2.68 45.22
CA TYR TC 134 -44.78 -2.34 45.01
C TYR TC 134 -44.20 -1.67 46.26
N GLU TC 135 -44.94 -0.73 46.85
CA GLU TC 135 -44.45 -0.07 48.05
C GLU TC 135 -44.31 -1.05 49.21
N THR TC 136 -45.26 -1.99 49.33
CA THR TC 136 -45.18 -3.01 50.37
C THR TC 136 -43.97 -3.90 50.16
N SER TC 137 -43.69 -4.28 48.91
CA SER TC 137 -42.52 -5.09 48.63
C SER TC 137 -41.23 -4.36 48.96
N GLU TC 138 -41.15 -3.07 48.62
CA GLU TC 138 -39.96 -2.29 48.96
C GLU TC 138 -39.82 -2.13 50.47
N TYR TC 139 -40.94 -1.99 51.18
CA TYR TC 139 -40.90 -1.91 52.64
C TYR TC 139 -40.37 -3.21 53.24
N ALA TC 140 -40.84 -4.35 52.74
CA ALA TC 140 -40.37 -5.63 53.22
C ALA TC 140 -38.89 -5.83 52.92
N LYS TC 141 -38.45 -5.40 51.73
CA LYS TC 141 -37.04 -5.53 51.37
C LYS TC 141 -36.16 -4.64 52.24
N ALA TC 142 -36.62 -3.43 52.55
CA ALA TC 142 -35.83 -2.47 53.31
C ALA TC 142 -35.92 -2.65 54.82
N ALA TC 143 -36.79 -3.52 55.30
CA ALA TC 143 -36.95 -3.70 56.74
C ALA TC 143 -35.77 -4.47 57.31
N THR TC 144 -35.20 -3.95 58.39
CA THR TC 144 -34.07 -4.61 59.04
C THR TC 144 -34.57 -5.83 59.82
N PRO TC 145 -33.92 -6.98 59.68
CA PRO TC 145 -34.32 -8.15 60.48
C PRO TC 145 -33.99 -7.94 61.95
N GLY TC 146 -34.97 -8.21 62.80
CA GLY TC 146 -34.80 -7.99 64.22
C GLY TC 146 -34.84 -6.51 64.57
N THR TC 147 -34.33 -6.22 65.75
CA THR TC 147 -34.27 -4.84 66.20
C THR TC 147 -33.03 -4.14 65.64
N PRO TC 148 -33.18 -2.99 64.99
CA PRO TC 148 -32.00 -2.24 64.58
C PRO TC 148 -31.20 -1.81 65.80
N PRO TC 149 -29.88 -1.69 65.67
CA PRO TC 149 -29.06 -1.33 66.84
C PRO TC 149 -29.44 0.04 67.38
N LYS TC 150 -29.38 0.17 68.69
CA LYS TC 150 -29.65 1.45 69.34
C LYS TC 150 -28.53 2.43 69.02
N PRO TC 151 -28.82 3.59 68.45
CA PRO TC 151 -27.78 4.58 68.16
C PRO TC 151 -27.36 5.31 69.42
N THR TC 152 -26.16 5.00 69.91
CA THR TC 152 -25.66 5.57 71.15
C THR TC 152 -24.38 6.34 70.91
N ALA TC 153 -24.20 7.42 71.67
CA ALA TC 153 -22.97 8.18 71.69
C ALA TC 153 -22.30 7.92 73.03
N THR TC 154 -21.31 7.04 73.04
CA THR TC 154 -20.68 6.57 74.27
C THR TC 154 -19.35 7.28 74.49
N SER TC 155 -18.78 7.03 75.67
CA SER TC 155 -17.48 7.58 76.04
C SER TC 155 -16.70 6.50 76.78
N GLN TC 156 -15.43 6.32 76.41
CA GLN TC 156 -14.56 5.32 77.00
C GLN TC 156 -13.27 5.96 77.45
N PHE TC 157 -12.65 5.37 78.48
CA PHE TC 157 -11.34 5.78 78.94
C PHE TC 157 -10.32 4.75 78.47
N VAL TC 158 -9.38 5.18 77.65
CA VAL TC 158 -8.38 4.28 77.07
C VAL TC 158 -7.22 4.15 78.06
N ASN TC 159 -7.06 2.95 78.62
CA ASN TC 159 -5.96 2.65 79.51
C ASN TC 159 -4.89 1.89 78.71
N LEU TC 160 -3.71 2.48 78.60
CA LEU TC 160 -2.63 1.93 77.78
C LEU TC 160 -1.67 1.04 78.56
N SER TC 161 -1.90 0.85 79.85
CA SER TC 161 -1.04 -0.02 80.64
C SER TC 161 -1.20 -1.46 80.17
N PRO TC 162 -0.13 -2.25 80.22
CA PRO TC 162 -0.23 -3.67 79.85
C PRO TC 162 -1.22 -4.40 80.73
N GLY TC 163 -1.98 -5.32 80.11
CA GLY TC 163 -3.01 -6.06 80.79
C GLY TC 163 -4.41 -5.50 80.65
N SER TC 164 -4.54 -4.28 80.14
CA SER TC 164 -5.83 -3.65 79.95
C SER TC 164 -6.38 -3.98 78.57
N THR TC 165 -7.67 -4.32 78.54
CA THR TC 165 -8.31 -4.73 77.29
C THR TC 165 -8.44 -3.55 76.34
N PRO TC 166 -8.13 -3.74 75.06
CA PRO TC 166 -8.30 -2.65 74.10
C PRO TC 166 -9.75 -2.24 74.01
N PRO TC 167 -10.01 -0.94 73.81
CA PRO TC 167 -11.41 -0.48 73.70
C PRO TC 167 -12.11 -1.11 72.51
N VAL TC 168 -13.41 -1.36 72.68
CA VAL TC 168 -14.24 -1.99 71.67
C VAL TC 168 -15.18 -0.95 71.07
N ILE TC 169 -15.45 -1.09 69.78
CA ILE TC 169 -16.31 -0.16 69.04
C ILE TC 169 -17.43 -0.98 68.40
N ARG TC 170 -18.67 -0.64 68.73
CA ARG TC 170 -19.85 -1.27 68.16
C ARG TC 170 -20.19 -0.55 66.86
N LEU TC 171 -20.11 -1.26 65.75
CA LEU TC 171 -20.40 -0.70 64.43
C LEU TC 171 -21.69 -1.29 63.90
N SER TC 172 -22.02 -0.91 62.66
CA SER TC 172 -23.18 -1.43 61.96
C SER TC 172 -22.93 -1.28 60.46
N GLN TC 173 -23.42 -2.23 59.69
CA GLN TC 173 -23.16 -2.25 58.26
C GLN TC 173 -23.81 -1.04 57.59
N GLY TC 174 -22.98 -0.21 56.95
CA GLY TC 174 -23.45 0.98 56.27
C GLY TC 174 -23.65 2.20 57.14
N PHE TC 175 -23.30 2.14 58.42
CA PHE TC 175 -23.48 3.26 59.33
C PHE TC 175 -22.12 3.80 59.75
N VAL TC 176 -22.04 5.13 59.85
CA VAL TC 176 -20.79 5.80 60.18
C VAL TC 176 -20.64 5.89 61.69
N SER TC 177 -19.52 5.38 62.21
CA SER TC 177 -19.14 5.51 63.61
C SER TC 177 -17.91 6.39 63.69
N SER TC 178 -18.00 7.47 64.45
CA SER TC 178 -16.91 8.45 64.53
C SER TC 178 -16.23 8.32 65.88
N LEU TC 179 -14.95 7.97 65.86
CA LEU TC 179 -14.12 8.00 67.05
C LEU TC 179 -13.34 9.30 67.07
N VAL TC 180 -13.55 10.10 68.12
CA VAL TC 180 -12.75 11.28 68.41
C VAL TC 180 -11.84 10.92 69.58
N PHE TC 181 -10.57 11.28 69.45
CA PHE TC 181 -9.57 10.93 70.46
C PHE TC 181 -9.27 12.15 71.31
N LEU TC 182 -9.51 12.02 72.61
CA LEU TC 182 -9.24 13.07 73.57
C LEU TC 182 -8.19 12.58 74.56
N ASP TC 183 -7.46 13.51 75.16
CA ASP TC 183 -6.53 13.17 76.22
C ASP TC 183 -7.27 13.15 77.55
N SER TC 184 -6.53 13.07 78.66
CA SER TC 184 -7.17 13.01 79.97
C SER TC 184 -7.96 14.28 80.28
N THR TC 185 -7.42 15.43 79.88
CA THR TC 185 -8.09 16.71 80.12
C THR TC 185 -9.28 16.94 79.19
N GLY TC 186 -9.59 15.99 78.31
CA GLY TC 186 -10.70 16.14 77.40
C GLY TC 186 -10.41 16.92 76.14
N ALA TC 187 -9.19 17.45 76.00
CA ALA TC 187 -8.76 18.19 74.83
C ALA TC 187 -8.52 17.23 73.66
N PRO TC 188 -8.63 17.72 72.42
CA PRO TC 188 -8.39 16.86 71.27
C PRO TC 188 -6.96 16.34 71.24
N TRP TC 189 -6.78 15.17 70.65
CA TRP TC 189 -5.47 14.57 70.45
C TRP TC 189 -5.33 14.21 68.98
N PRO TC 190 -4.69 15.06 68.17
CA PRO TC 190 -4.63 14.82 66.72
C PRO TC 190 -3.94 13.50 66.41
N ILE TC 191 -4.39 12.88 65.33
CA ILE TC 191 -3.98 11.53 64.95
C ILE TC 191 -2.77 11.67 64.03
N ALA TC 192 -1.65 11.05 64.43
CA ALA TC 192 -0.48 11.03 63.57
C ALA TC 192 -0.71 10.10 62.38
N ALA TC 193 -1.23 8.91 62.63
CA ALA TC 193 -1.49 7.94 61.57
C ALA TC 193 -2.42 6.87 62.11
N TYR TC 194 -2.95 6.04 61.20
CA TYR TC 194 -3.74 4.89 61.58
C TYR TC 194 -3.39 3.73 60.66
N ASP TC 195 -3.63 2.52 61.18
CA ASP TC 195 -3.34 1.27 60.48
C ASP TC 195 -4.54 0.35 60.65
N LEU TC 196 -5.20 0.03 59.53
CA LEU TC 196 -6.44 -0.72 59.55
C LEU TC 196 -6.18 -2.15 59.11
N GLY TC 197 -6.39 -3.10 60.02
CA GLY TC 197 -6.33 -4.51 59.65
C GLY TC 197 -7.67 -4.96 59.08
N ASP TC 198 -7.59 -5.76 58.02
CA ASP TC 198 -8.76 -6.21 57.27
C ASP TC 198 -9.54 -5.01 56.77
N PRO TC 199 -9.01 -4.24 55.82
CA PRO TC 199 -9.72 -3.05 55.33
C PRO TC 199 -10.87 -3.36 54.39
N SER TC 200 -11.11 -4.63 54.07
CA SER TC 200 -12.26 -4.99 53.25
C SER TC 200 -13.56 -4.98 54.03
N SER TC 201 -13.51 -5.06 55.36
CA SER TC 201 -14.69 -5.09 56.20
C SER TC 201 -14.98 -3.74 56.85
N PHE TC 202 -14.05 -2.80 56.82
CA PHE TC 202 -14.27 -1.47 57.37
C PHE TC 202 -13.67 -0.44 56.43
N ASN TC 203 -14.40 0.65 56.21
CA ASN TC 203 -13.94 1.78 55.43
C ASN TC 203 -13.74 2.97 56.36
N ILE TC 204 -12.54 3.54 56.34
CA ILE TC 204 -12.17 4.60 57.27
C ILE TC 204 -11.94 5.89 56.48
N GLN TC 205 -12.66 6.93 56.87
CA GLN TC 205 -12.49 8.27 56.32
C GLN TC 205 -11.89 9.17 57.40
N TRP TC 206 -10.83 9.89 57.05
CA TRP TC 206 -10.13 10.73 58.01
C TRP TC 206 -9.33 11.76 57.23
N ASP TC 207 -9.72 13.03 57.31
CA ASP TC 207 -8.85 14.09 56.84
C ASP TC 207 -7.59 14.12 57.69
N LYS TC 208 -6.45 14.35 57.03
CA LYS TC 208 -5.16 14.00 57.61
C LYS TC 208 -4.78 14.85 58.81
N THR TC 209 -5.52 15.92 59.11
CA THR TC 209 -5.15 16.84 60.17
C THR TC 209 -5.89 16.60 61.48
N SER TC 210 -7.14 16.14 61.42
CA SER TC 210 -8.01 16.13 62.60
C SER TC 210 -7.70 14.91 63.48
N ASN TC 211 -8.55 14.70 64.48
CA ASN TC 211 -8.44 13.59 65.41
C ASN TC 211 -9.62 12.64 65.34
N THR TC 212 -10.41 12.71 64.25
CA THR TC 212 -11.66 11.99 64.13
C THR TC 212 -11.57 10.99 62.99
N LEU TC 213 -11.90 9.73 63.30
CA LEU TC 213 -11.98 8.67 62.29
C LEU TC 213 -13.43 8.25 62.11
N MET TC 214 -13.89 8.23 60.87
CA MET TC 214 -15.26 7.80 60.56
C MET TC 214 -15.19 6.44 59.89
N ILE TC 215 -15.60 5.40 60.60
CA ILE TC 215 -15.52 4.02 60.14
C ILE TC 215 -16.92 3.55 59.79
N GLN TC 216 -17.06 3.00 58.58
CA GLN TC 216 -18.31 2.41 58.12
C GLN TC 216 -18.06 0.92 57.91
N ALA TC 217 -18.87 0.10 58.57
CA ALA TC 217 -18.71 -1.35 58.45
C ALA TC 217 -19.22 -1.81 57.10
N THR TC 218 -18.31 -2.29 56.25
CA THR TC 218 -18.71 -2.79 54.94
C THR TC 218 -19.41 -4.13 55.03
N LYS TC 219 -18.93 -5.02 55.90
CA LYS TC 219 -19.49 -6.35 56.06
C LYS TC 219 -20.35 -6.43 57.31
N LEU TC 220 -21.28 -7.39 57.30
CA LEU TC 220 -22.28 -7.49 58.35
C LEU TC 220 -21.65 -7.77 59.70
N TYR TC 221 -21.02 -8.92 59.85
CA TYR TC 221 -20.55 -9.39 61.16
C TYR TC 221 -19.05 -9.57 61.24
N ASN TC 222 -18.31 -9.27 60.18
CA ASN TC 222 -16.85 -9.43 60.22
C ASN TC 222 -16.23 -8.34 61.08
N TYR TC 223 -15.53 -8.73 62.13
CA TYR TC 223 -14.90 -7.80 63.05
C TYR TC 223 -13.39 -7.80 62.85
N GLY TC 224 -12.76 -6.74 63.30
CA GLY TC 224 -11.33 -6.61 63.17
C GLY TC 224 -10.77 -5.70 64.24
N ASN TC 225 -9.56 -5.19 63.97
CA ASN TC 225 -8.93 -4.25 64.90
C ASN TC 225 -8.33 -3.09 64.12
N LEU TC 226 -7.80 -2.12 64.87
CA LEU TC 226 -7.27 -0.90 64.29
C LEU TC 226 -6.22 -0.31 65.22
N ALA TC 227 -5.16 0.23 64.63
CA ALA TC 227 -4.10 0.92 65.35
C ALA TC 227 -4.20 2.40 65.07
N VAL TC 228 -4.08 3.22 66.11
CA VAL TC 228 -4.18 4.67 66.00
C VAL TC 228 -2.95 5.27 66.69
N ARG TC 229 -1.96 5.68 65.91
CA ARG TC 229 -0.80 6.36 66.44
C ARG TC 229 -1.12 7.84 66.56
N LEU TC 230 -1.17 8.35 67.79
CA LEU TC 230 -1.50 9.75 68.03
C LEU TC 230 -0.24 10.61 67.91
N ARG TC 231 -0.41 11.91 68.16
CA ARG TC 231 0.67 12.86 67.91
C ARG TC 231 1.80 12.71 68.93
N GLY TC 232 1.49 12.93 70.20
CA GLY TC 232 2.49 12.86 71.25
C GLY TC 232 2.67 11.50 71.88
N LEU TC 233 2.02 10.47 71.35
CA LEU TC 233 2.06 9.13 71.94
C LEU TC 233 3.03 8.24 71.17
N ASN TC 234 3.97 7.65 71.88
CA ASN TC 234 4.75 6.55 71.33
C ASN TC 234 3.95 5.26 71.32
N THR TC 235 3.10 5.07 72.33
CA THR TC 235 2.28 3.86 72.42
C THR TC 235 1.04 4.01 71.55
N PRO TC 236 0.87 3.18 70.53
CA PRO TC 236 -0.34 3.29 69.70
C PRO TC 236 -1.58 2.83 70.45
N VAL TC 237 -2.72 3.36 70.02
CA VAL TC 237 -4.01 3.02 70.60
C VAL TC 237 -4.59 1.85 69.81
N MET TC 238 -4.84 0.73 70.49
CA MET TC 238 -5.38 -0.46 69.88
C MET TC 238 -6.88 -0.51 70.14
N LEU TC 239 -7.68 -0.62 69.08
CA LEU TC 239 -9.12 -0.74 69.20
C LEU TC 239 -9.59 -1.97 68.44
N THR TC 240 -10.69 -2.56 68.91
CA THR TC 240 -11.32 -3.68 68.23
C THR TC 240 -12.72 -3.28 67.79
N LEU TC 241 -12.99 -3.43 66.50
CA LEU TC 241 -14.24 -3.00 65.88
C LEU TC 241 -15.08 -4.22 65.58
N ILE TC 242 -16.25 -4.32 66.20
CA ILE TC 242 -17.20 -5.39 65.91
C ILE TC 242 -18.49 -4.77 65.37
N PRO TC 243 -18.91 -5.09 64.16
CA PRO TC 243 -20.21 -4.62 63.67
C PRO TC 243 -21.32 -5.62 63.99
N GLY TC 244 -22.55 -5.19 63.73
CA GLY TC 244 -23.69 -6.06 63.91
C GLY TC 244 -24.07 -6.31 65.35
N GLN TC 245 -23.87 -5.33 66.23
CA GLN TC 245 -24.22 -5.48 67.63
C GLN TC 245 -25.60 -4.90 67.90
N LYS TC 246 -26.13 -5.17 69.10
CA LYS TC 246 -27.42 -4.61 69.49
C LYS TC 246 -27.34 -3.11 69.76
N ALA TC 247 -26.15 -2.54 69.79
CA ALA TC 247 -25.94 -1.10 69.84
C ALA TC 247 -25.00 -0.69 68.72
N VAL TC 248 -25.20 0.51 68.22
CA VAL TC 248 -24.31 1.11 67.22
C VAL TC 248 -23.77 2.40 67.79
N ASP TC 249 -22.46 2.48 67.92
CA ASP TC 249 -21.80 3.67 68.46
C ASP TC 249 -21.71 4.70 67.35
N TYR TC 250 -22.61 5.67 67.35
CA TYR TC 250 -22.50 6.78 66.40
C TYR TC 250 -21.24 7.60 66.67
N ARG TC 251 -20.88 7.78 67.93
CA ARG TC 251 -19.69 8.54 68.28
C ARG TC 251 -19.14 8.01 69.60
N VAL TC 252 -17.82 7.82 69.65
CA VAL TC 252 -17.14 7.35 70.84
C VAL TC 252 -16.11 8.39 71.23
N ASP TC 253 -16.16 8.83 72.48
CA ASP TC 253 -15.19 9.76 73.04
C ASP TC 253 -14.11 8.96 73.75
N LEU TC 254 -12.97 8.77 73.07
CA LEU TC 254 -11.89 7.92 73.58
C LEU TC 254 -10.92 8.79 74.36
N ARG TC 255 -10.99 8.71 75.69
CA ARG TC 255 -10.15 9.52 76.57
C ARG TC 255 -8.87 8.74 76.86
N VAL TC 256 -7.84 8.99 76.04
CA VAL TC 256 -6.56 8.32 76.19
C VAL TC 256 -5.87 8.79 77.47
N GLN TC 257 -5.01 7.92 78.01
CA GLN TC 257 -4.42 8.15 79.32
C GLN TC 257 -3.51 9.36 79.37
N GLY TC 258 -2.82 9.68 78.28
CA GLY TC 258 -1.80 10.70 78.29
C GLY TC 258 -2.35 12.11 78.17
N TYR TC 259 -1.42 13.05 78.03
CA TYR TC 259 -1.73 14.45 77.80
C TYR TC 259 -1.29 14.82 76.39
N GLY TC 260 -2.22 15.33 75.58
CA GLY TC 260 -1.96 15.63 74.20
C GLY TC 260 -1.31 16.99 74.02
N PRO TC 261 -1.17 17.41 72.75
CA PRO TC 261 -0.55 18.71 72.48
C PRO TC 261 -1.39 19.91 72.89
N ASN TC 262 -2.66 19.71 73.24
CA ASN TC 262 -3.52 20.76 73.75
C ASN TC 262 -3.86 20.47 75.20
N ALA TC 263 -3.66 21.46 76.06
CA ALA TC 263 -3.91 21.30 77.49
C ALA TC 263 -4.95 22.30 77.99
N CYS UC 1 -9.36 -38.32 74.93
CA CYS UC 1 -8.41 -37.35 74.41
C CYS UC 1 -6.96 -37.60 74.82
N THR UC 2 -6.57 -37.08 75.98
CA THR UC 2 -5.19 -37.23 76.41
C THR UC 2 -4.85 -38.68 76.72
N ASP UC 3 -5.83 -39.46 77.19
CA ASP UC 3 -5.57 -40.88 77.41
C ASP UC 3 -5.25 -41.58 76.09
N ALA UC 4 -6.04 -41.32 75.05
CA ALA UC 4 -5.77 -41.92 73.75
C ALA UC 4 -4.43 -41.45 73.19
N ALA UC 5 -4.12 -40.16 73.35
CA ALA UC 5 -2.86 -39.63 72.85
C ALA UC 5 -1.67 -40.28 73.55
N LEU UC 6 -1.74 -40.43 74.88
CA LEU UC 6 -0.64 -41.05 75.61
C LEU UC 6 -0.53 -42.54 75.30
N ALA UC 7 -1.66 -43.22 75.14
CA ALA UC 7 -1.62 -44.62 74.77
C ALA UC 7 -0.99 -44.82 73.40
N ALA UC 8 -1.36 -43.97 72.44
CA ALA UC 8 -0.76 -44.05 71.11
C ALA UC 8 0.72 -43.71 71.16
N LEU UC 9 1.10 -42.73 71.98
CA LEU UC 9 2.51 -42.38 72.11
C LEU UC 9 3.32 -43.54 72.68
N GLU UC 10 2.80 -44.21 73.71
CA GLU UC 10 3.52 -45.34 74.27
C GLU UC 10 3.52 -46.54 73.33
N TYR UC 11 2.46 -46.69 72.53
CA TYR UC 11 2.45 -47.73 71.49
C TYR UC 11 3.53 -47.47 70.45
N HIS UC 12 3.69 -46.21 70.05
CA HIS UC 12 4.76 -45.84 69.13
C HIS UC 12 6.13 -46.06 69.74
N LYS UC 13 6.30 -45.68 71.02
CA LYS UC 13 7.60 -45.83 71.65
C LYS UC 13 7.99 -47.28 71.84
N SER UC 14 7.04 -48.13 72.25
CA SER UC 14 7.31 -49.55 72.41
C SER UC 14 7.47 -50.27 71.07
N ASN UC 15 6.68 -49.88 70.07
CA ASN UC 15 6.77 -50.43 68.72
C ASN UC 15 7.35 -49.34 67.83
N ALA UC 16 8.68 -49.33 67.73
CA ALA UC 16 9.43 -48.27 67.06
C ALA UC 16 8.91 -47.95 65.66
N CYS VC 1 6.58 -36.47 68.91
CA CYS VC 1 6.35 -37.61 68.02
C CYS VC 1 4.87 -37.69 67.62
N VAL VC 2 4.01 -37.10 68.44
CA VAL VC 2 2.57 -37.12 68.22
C VAL VC 2 2.12 -35.77 67.70
N SER VC 3 1.37 -35.77 66.61
CA SER VC 3 0.71 -34.58 66.11
C SER VC 3 -0.72 -34.57 66.66
N MET VC 4 -1.08 -33.50 67.36
CA MET VC 4 -2.31 -33.50 68.13
C MET VC 4 -3.55 -33.47 67.24
N ILE VC 5 -3.41 -32.91 66.03
CA ILE VC 5 -4.56 -32.71 65.14
C ILE VC 5 -5.10 -34.04 64.65
N GLY VC 6 -4.25 -35.07 64.56
CA GLY VC 6 -4.71 -36.40 64.19
C GLY VC 6 -5.20 -37.18 65.38
N GLY VC 7 -6.04 -36.55 66.20
CA GLY VC 7 -6.54 -37.17 67.41
C GLY VC 7 -7.88 -37.84 67.19
N SER VC 8 -8.01 -39.05 67.74
CA SER VC 8 -9.25 -39.80 67.65
C SER VC 8 -9.32 -40.74 68.84
N ARG VC 9 -10.46 -40.74 69.54
CA ARG VC 9 -10.64 -41.60 70.70
C ARG VC 9 -10.73 -43.05 70.26
N ARG WC 1 -3.53 -41.68 64.94
CA ARG WC 1 -2.27 -40.97 65.12
C ARG WC 1 -1.17 -41.65 64.32
N VAL WC 2 -0.24 -40.85 63.78
CA VAL WC 2 0.83 -41.35 62.93
C VAL WC 2 2.15 -40.74 63.38
N SER WC 3 3.17 -41.59 63.50
CA SER WC 3 4.45 -41.21 64.07
C SER WC 3 5.29 -40.42 63.05
N ILE WC 4 6.39 -39.83 63.53
CA ILE WC 4 7.32 -39.11 62.66
C ILE WC 4 8.16 -40.06 61.82
N GLY WC 5 8.10 -41.37 62.06
CA GLY WC 5 8.78 -42.32 61.21
C GLY WC 5 8.09 -42.60 59.89
N GLY WC 6 6.87 -42.09 59.71
CA GLY WC 6 6.10 -42.36 58.52
C GLY WC 6 5.10 -43.50 58.65
N THR WC 7 5.22 -44.30 59.71
CA THR WC 7 4.32 -45.41 59.91
C THR WC 7 3.18 -45.02 60.85
N VAL WC 8 2.04 -45.70 60.71
CA VAL WC 8 0.86 -45.42 61.51
C VAL WC 8 0.97 -46.18 62.84
N TYR WC 9 0.66 -45.49 63.93
CA TYR WC 9 0.61 -46.09 65.26
C TYR WC 9 -0.49 -45.39 66.05
N THR WC 10 -1.63 -46.06 66.19
CA THR WC 10 -2.81 -45.45 66.78
C THR WC 10 -3.34 -46.30 67.92
N ALA WC 11 -3.97 -45.64 68.89
CA ALA WC 11 -4.60 -46.32 70.00
C ALA WC 11 -5.93 -46.92 69.57
N LYS WC 12 -6.40 -47.90 70.36
CA LYS WC 12 -7.62 -48.62 69.98
C LYS WC 12 -8.87 -47.82 70.34
N LYS WC 13 -9.08 -47.57 71.64
CA LYS WC 13 -10.28 -46.86 72.09
C LYS WC 13 -10.01 -46.33 73.49
N TYR WC 14 -10.11 -45.01 73.66
CA TYR WC 14 -9.88 -44.37 74.95
C TYR WC 14 -10.74 -43.13 75.05
N ASP WC 15 -11.60 -43.08 76.05
CA ASP WC 15 -12.50 -41.95 76.27
C ASP WC 15 -12.21 -41.31 77.63
N ASP WC 16 -12.45 -40.01 77.71
CA ASP WC 16 -12.24 -39.27 78.96
C ASP WC 16 -13.41 -38.32 79.23
N PRO XC 1 -9.49 -33.11 67.80
CA PRO XC 1 -10.94 -33.28 67.89
C PRO XC 1 -11.37 -33.80 69.25
N PHE XC 2 -11.44 -32.90 70.24
CA PHE XC 2 -11.69 -33.29 71.62
C PHE XC 2 -12.83 -32.46 72.20
N GLY XC 3 -13.18 -32.76 73.45
CA GLY XC 3 -14.26 -32.07 74.14
C GLY XC 3 -13.79 -31.12 75.21
N ALA XC 4 -12.49 -31.16 75.50
CA ALA XC 4 -11.88 -30.29 76.50
C ALA XC 4 -11.31 -29.01 75.90
N ASP XC 5 -11.69 -28.69 74.66
CA ASP XC 5 -11.18 -27.50 73.98
C ASP XC 5 -11.64 -26.22 74.68
N ARG YC 207 6.41 -22.61 95.11
CA ARG YC 207 7.23 -22.85 93.92
C ARG YC 207 7.01 -21.76 92.87
N ILE YC 208 7.30 -22.09 91.62
CA ILE YC 208 7.11 -21.18 90.50
C ILE YC 208 6.06 -21.78 89.57
N ILE YC 209 5.03 -21.00 89.27
CA ILE YC 209 3.92 -21.47 88.44
C ILE YC 209 4.21 -21.09 86.99
N TYR YC 210 4.09 -22.06 86.09
CA TYR YC 210 4.36 -21.86 84.67
C TYR YC 210 3.05 -21.89 83.89
N TYR YC 211 2.84 -20.88 83.06
CA TYR YC 211 1.70 -20.80 82.16
C TYR YC 211 2.20 -20.93 80.72
N ILE YC 212 1.32 -21.37 79.84
CA ILE YC 212 1.65 -21.42 78.41
C ILE YC 212 1.54 -20.02 77.83
N GLN YC 213 2.62 -19.53 77.25
CA GLN YC 213 2.59 -18.31 76.48
C GLN YC 213 2.13 -18.56 75.05
N ALA YC 214 2.66 -19.60 74.42
CA ALA YC 214 2.22 -20.01 73.09
C ALA YC 214 2.43 -21.50 72.95
N VAL YC 215 1.67 -22.13 72.05
CA VAL YC 215 1.76 -23.57 71.85
C VAL YC 215 1.56 -23.87 70.38
N ILE YC 216 2.34 -24.83 69.88
CA ILE YC 216 2.23 -25.37 68.53
C ILE YC 216 2.52 -26.86 68.62
N PRO YC 217 2.18 -27.68 67.62
CA PRO YC 217 2.57 -29.10 67.66
C PRO YC 217 4.07 -29.25 67.83
N GLY YC 218 4.49 -29.81 68.96
CA GLY YC 218 5.90 -29.85 69.31
C GLY YC 218 6.25 -28.86 70.40
N ARG YC 219 6.91 -27.77 70.03
CA ARG YC 219 7.38 -26.80 71.02
C ARG YC 219 6.22 -26.11 71.72
N ALA YC 220 6.50 -25.63 72.93
CA ALA YC 220 5.56 -24.81 73.68
C ALA YC 220 6.37 -23.77 74.45
N TRP YC 221 6.07 -22.50 74.20
CA TRP YC 221 6.71 -21.39 74.91
C TRP YC 221 5.90 -21.10 76.17
N LEU YC 222 6.57 -21.12 77.31
CA LEU YC 222 5.97 -20.90 78.62
C LEU YC 222 6.58 -19.68 79.29
N ILE YC 223 5.78 -19.03 80.14
CA ILE YC 223 6.24 -17.92 80.95
C ILE YC 223 5.86 -18.19 82.40
N GLY YC 224 6.82 -18.07 83.31
CA GLY YC 224 6.60 -18.32 84.71
C GLY YC 224 6.18 -17.07 85.47
N SER YC 225 6.22 -17.18 86.80
CA SER YC 225 5.86 -16.06 87.65
C SER YC 225 6.99 -15.06 87.83
N ASN YC 226 8.22 -15.41 87.47
CA ASN YC 226 9.35 -14.51 87.56
C ASN YC 226 9.59 -13.71 86.29
N GLY YC 227 8.74 -13.87 85.28
CA GLY YC 227 8.97 -13.25 83.99
C GLY YC 227 9.91 -14.01 83.09
N SER YC 228 10.44 -15.15 83.53
CA SER YC 228 11.32 -15.94 82.70
C SER YC 228 10.54 -16.62 81.58
N THR YC 229 11.20 -16.77 80.43
CA THR YC 229 10.62 -17.40 79.26
C THR YC 229 11.35 -18.70 78.98
N LEU YC 230 10.59 -19.77 78.73
CA LEU YC 230 11.14 -21.09 78.47
C LEU YC 230 10.46 -21.66 77.23
N THR YC 231 11.10 -22.64 76.61
CA THR YC 231 10.49 -23.40 75.52
C THR YC 231 10.72 -24.88 75.77
N VAL YC 232 9.68 -25.69 75.60
CA VAL YC 232 9.72 -27.09 75.95
C VAL YC 232 9.24 -27.94 74.79
N ARG YC 233 9.65 -29.21 74.81
CA ARG YC 233 9.25 -30.18 73.80
C ARG YC 233 8.66 -31.42 74.47
N GLU YC 234 8.46 -32.49 73.69
CA GLU YC 234 7.71 -33.64 74.18
C GLU YC 234 8.27 -34.18 75.49
N GLY YC 235 9.57 -34.43 75.53
CA GLY YC 235 10.23 -34.75 76.79
C GLY YC 235 11.27 -33.73 77.15
N SER YC 236 11.02 -32.94 78.19
CA SER YC 236 11.91 -31.84 78.53
C SER YC 236 11.70 -31.47 80.00
N LYS YC 237 12.81 -31.28 80.71
CA LYS YC 237 12.76 -30.98 82.13
C LYS YC 237 12.26 -29.56 82.36
N ILE YC 238 11.35 -29.41 83.31
CA ILE YC 238 10.86 -28.10 83.76
C ILE YC 238 11.15 -27.99 85.25
N PRO YC 239 11.79 -26.91 85.71
CA PRO YC 239 12.10 -26.79 87.14
C PRO YC 239 10.84 -26.74 87.99
N GLY YC 240 10.70 -27.72 88.87
CA GLY YC 240 9.56 -27.83 89.77
C GLY YC 240 8.42 -28.65 89.24
N TYR YC 241 8.19 -28.61 87.92
CA TYR YC 241 7.09 -29.34 87.31
C TYR YC 241 7.48 -30.73 86.84
N GLY YC 242 8.74 -31.11 86.98
CA GLY YC 242 9.19 -32.44 86.58
C GLY YC 242 9.67 -32.46 85.14
N MET YC 243 9.13 -33.38 84.35
CA MET YC 243 9.48 -33.55 82.95
C MET YC 243 8.22 -33.57 82.11
N VAL YC 244 8.25 -32.90 80.96
CA VAL YC 244 7.09 -32.84 80.09
C VAL YC 244 6.74 -34.23 79.60
N LYS YC 245 5.46 -34.58 79.69
CA LYS YC 245 4.96 -35.88 79.25
C LYS YC 245 4.12 -35.79 77.98
N LEU YC 246 3.37 -34.71 77.81
CA LEU YC 246 2.55 -34.53 76.62
C LEU YC 246 2.26 -33.05 76.44
N ILE YC 247 2.15 -32.62 75.18
CA ILE YC 247 1.86 -31.23 74.83
C ILE YC 247 0.65 -31.24 73.91
N ASP YC 248 -0.54 -31.05 74.48
CA ASP YC 248 -1.77 -30.96 73.71
C ASP YC 248 -1.86 -29.55 73.14
N SER YC 249 -1.54 -29.42 71.86
CA SER YC 249 -1.50 -28.10 71.22
C SER YC 249 -2.90 -27.56 70.93
N LEU YC 250 -3.89 -28.45 70.69
CA LEU YC 250 -5.22 -27.97 70.37
C LEU YC 250 -5.92 -27.38 71.60
N GLN YC 251 -5.82 -28.05 72.75
CA GLN YC 251 -6.41 -27.54 73.98
C GLN YC 251 -5.50 -26.57 74.71
N GLY YC 252 -4.26 -26.41 74.28
CA GLY YC 252 -3.32 -25.59 75.02
C GLY YC 252 -3.00 -26.16 76.39
N ARG YC 253 -2.79 -27.46 76.47
CA ARG YC 253 -2.49 -28.13 77.73
C ARG YC 253 -1.11 -28.78 77.65
N ILE YC 254 -0.48 -28.94 78.81
CA ILE YC 254 0.79 -29.64 78.91
C ILE YC 254 0.72 -30.54 80.14
N LEU YC 255 0.73 -31.86 79.90
CA LEU YC 255 0.80 -32.85 80.97
C LEU YC 255 2.27 -33.10 81.30
N THR YC 256 2.62 -32.97 82.57
CA THR YC 256 3.97 -33.23 83.05
C THR YC 256 3.98 -34.50 83.89
N SER YC 257 5.19 -34.94 84.23
CA SER YC 257 5.35 -36.20 84.96
C SER YC 257 4.84 -36.10 86.39
N SER YC 258 5.00 -34.94 87.03
CA SER YC 258 4.57 -34.76 88.41
C SER YC 258 3.06 -34.60 88.54
N GLY YC 259 2.31 -34.72 87.45
CA GLY YC 259 0.88 -34.56 87.46
C GLY YC 259 0.40 -33.14 87.29
N GLN YC 260 1.28 -32.16 87.43
CA GLN YC 260 0.89 -30.76 87.22
C GLN YC 260 0.62 -30.51 85.75
N VAL YC 261 -0.43 -29.73 85.48
CA VAL YC 261 -0.84 -29.40 84.13
C VAL YC 261 -0.56 -27.92 83.88
N ILE YC 262 0.13 -27.64 82.78
CA ILE YC 262 0.41 -26.27 82.36
C ILE YC 262 -0.65 -25.86 81.35
N LYS YC 263 -1.25 -24.69 81.58
CA LYS YC 263 -2.28 -24.17 80.70
C LYS YC 263 -2.04 -22.68 80.48
N PHE YC 264 -2.77 -22.13 79.50
CA PHE YC 264 -2.74 -20.69 79.28
C PHE YC 264 -3.20 -19.96 80.54
N SER YC 265 -2.58 -18.80 80.77
CA SER YC 265 -2.92 -18.01 81.95
C SER YC 265 -4.39 -17.61 81.91
N GLN YC 266 -5.01 -17.56 83.09
CA GLN YC 266 -6.44 -17.26 83.18
C GLN YC 266 -6.74 -15.87 82.64
N GLU YC 267 -5.89 -14.89 82.94
CA GLU YC 267 -6.04 -13.54 82.43
C GLU YC 267 -5.40 -13.35 81.06
N ASP YC 268 -5.15 -14.45 80.33
CA ASP YC 268 -4.55 -14.38 79.00
C ASP YC 268 -5.27 -15.22 77.96
N SER YC 269 -6.04 -16.23 78.34
CA SER YC 269 -6.70 -17.10 77.37
C SER YC 269 -8.14 -16.65 77.11
N GLN ZC 791 -32.18 -41.63 44.73
CA GLN ZC 791 -30.74 -41.89 44.83
C GLN ZC 791 -29.95 -40.81 44.10
N GLN ZC 792 -30.46 -40.40 42.93
CA GLN ZC 792 -29.80 -39.35 42.15
C GLN ZC 792 -29.94 -37.98 42.81
N GLU ZC 793 -31.03 -37.77 43.56
CA GLU ZC 793 -31.18 -36.51 44.27
C GLU ZC 793 -30.08 -36.32 45.32
N ILE ZC 794 -29.55 -37.42 45.85
CA ILE ZC 794 -28.43 -37.34 46.78
C ILE ZC 794 -27.21 -36.75 46.07
N GLN ZC 795 -26.92 -37.25 44.86
CA GLN ZC 795 -25.79 -36.72 44.11
C GLN ZC 795 -26.01 -35.27 43.72
N GLN ZC 796 -27.23 -34.92 43.32
CA GLN ZC 796 -27.54 -33.53 42.97
C GLN ZC 796 -27.32 -32.62 44.18
N ARG ZC 797 -27.83 -33.03 45.35
CA ARG ZC 797 -27.64 -32.26 46.56
C ARG ZC 797 -26.17 -32.11 46.88
N THR ZC 798 -25.42 -33.20 46.82
CA THR ZC 798 -23.99 -33.15 47.12
C THR ZC 798 -23.26 -32.20 46.18
N SER ZC 799 -23.65 -32.19 44.90
CA SER ZC 799 -23.07 -31.25 43.96
C SER ZC 799 -23.34 -29.81 44.37
N ASP ZC 800 -24.58 -29.51 44.76
CA ASP ZC 800 -24.91 -28.15 45.19
C ASP ZC 800 -24.10 -27.76 46.43
N MET ZC 801 -24.02 -28.65 47.42
CA MET ZC 801 -23.26 -28.34 48.62
C MET ZC 801 -21.77 -28.19 48.34
N LEU ZC 802 -21.24 -28.94 47.37
CA LEU ZC 802 -19.83 -28.78 47.01
C LEU ZC 802 -19.59 -27.45 46.32
N THR ZC 803 -20.50 -27.03 45.43
CA THR ZC 803 -20.35 -25.72 44.80
C THR ZC 803 -20.42 -24.61 45.84
N ALA ZC 804 -21.28 -24.75 46.84
CA ALA ZC 804 -21.34 -23.76 47.91
C ALA ZC 804 -20.07 -23.81 48.77
N ALA ZC 805 -19.58 -25.00 49.08
CA ALA ZC 805 -18.48 -25.15 50.02
C ALA ZC 805 -17.17 -24.66 49.43
N THR ZC 806 -16.93 -24.91 48.13
CA THR ZC 806 -15.72 -24.40 47.51
C THR ZC 806 -15.69 -22.87 47.56
N GLN ZC 807 -16.83 -22.24 47.25
CA GLN ZC 807 -16.89 -20.77 47.32
C GLN ZC 807 -16.69 -20.28 48.75
N LEU ZC 808 -17.28 -20.97 49.73
CA LEU ZC 808 -17.11 -20.57 51.12
C LEU ZC 808 -15.65 -20.68 51.55
N VAL ZC 809 -14.98 -21.77 51.17
CA VAL ZC 809 -13.57 -21.94 51.51
C VAL ZC 809 -12.73 -20.86 50.83
N GLN ZC 810 -13.04 -20.56 49.57
CA GLN ZC 810 -12.32 -19.50 48.87
C GLN ZC 810 -12.50 -18.16 49.57
N ASP ZC 811 -13.71 -17.86 50.03
CA ASP ZC 811 -13.96 -16.62 50.75
C ASP ZC 811 -13.19 -16.59 52.07
N TRP ZC 812 -13.12 -17.73 52.76
CA TRP ZC 812 -12.38 -17.78 54.01
C TRP ZC 812 -10.88 -17.63 53.80
N LYS ZC 813 -10.34 -18.14 52.68
CA LYS ZC 813 -8.93 -18.02 52.40
C LYS ZC 813 -8.50 -16.57 52.17
N GLN ZC 814 -9.42 -15.71 51.76
CA GLN ZC 814 -9.07 -14.33 51.46
C GLN ZC 814 -8.72 -13.56 52.73
N VAL ZC 815 -7.61 -12.83 52.68
CA VAL ZC 815 -7.20 -11.94 53.75
C VAL ZC 815 -6.68 -10.65 53.11
N GLU ZC 816 -7.34 -9.54 53.39
CA GLU ZC 816 -6.93 -8.26 52.85
C GLU ZC 816 -5.78 -7.70 53.67
N THR ZC 817 -4.70 -7.32 52.99
CA THR ZC 817 -3.52 -6.81 53.68
C THR ZC 817 -3.85 -5.49 54.35
N GLN ZC 818 -3.21 -5.25 55.50
CA GLN ZC 818 -3.44 -4.04 56.26
C GLN ZC 818 -2.99 -2.80 55.48
N VAL ZC 819 -3.62 -1.67 55.78
CA VAL ZC 819 -3.30 -0.40 55.14
C VAL ZC 819 -2.79 0.56 56.20
N TYR ZC 820 -1.69 1.23 55.89
CA TYR ZC 820 -1.09 2.23 56.77
C TYR ZC 820 -1.23 3.59 56.11
N THR ZC 821 -1.95 4.50 56.75
CA THR ZC 821 -2.23 5.82 56.22
C THR ZC 821 -1.50 6.86 57.07
N GLU ZC 822 -0.46 7.45 56.51
CA GLU ZC 822 0.32 8.45 57.21
C GLU ZC 822 -0.37 9.80 57.14
N GLY ZC 823 -0.34 10.53 58.25
CA GLY ZC 823 -0.97 11.83 58.31
C GLY ZC 823 -0.15 12.91 57.60
N THR ZC 824 -0.76 14.07 57.46
CA THR ZC 824 -0.11 15.21 56.81
C THR ZC 824 0.78 15.96 57.78
N ALA AD 104 -67.09 -12.40 32.33
CA ALA AD 104 -67.30 -10.96 32.32
C ALA AD 104 -66.04 -10.23 32.80
N GLU AD 105 -66.16 -9.57 33.95
CA GLU AD 105 -65.06 -8.81 34.53
C GLU AD 105 -64.27 -9.59 35.57
N VAL AD 106 -64.72 -10.80 35.93
CA VAL AD 106 -63.96 -11.63 36.85
C VAL AD 106 -62.64 -12.09 36.22
N ILE AD 107 -62.59 -12.17 34.90
CA ILE AD 107 -61.35 -12.47 34.20
C ILE AD 107 -60.29 -11.45 34.56
N ASP AD 108 -60.68 -10.17 34.62
CA ASP AD 108 -59.73 -9.11 34.99
C ASP AD 108 -59.19 -9.32 36.40
N LYS AD 109 -60.08 -9.65 37.36
CA LYS AD 109 -59.64 -9.80 38.74
C LYS AD 109 -58.68 -10.98 38.89
N LYS AD 110 -59.05 -12.14 38.33
CA LYS AD 110 -58.19 -13.30 38.47
C LYS AD 110 -56.91 -13.17 37.64
N ALA AD 111 -56.97 -12.44 36.52
CA ALA AD 111 -55.76 -12.14 35.78
C ALA AD 111 -54.85 -11.21 36.57
N PHE AD 112 -55.42 -10.28 37.33
CA PHE AD 112 -54.60 -9.43 38.19
C PHE AD 112 -53.98 -10.24 39.32
N LYS AD 113 -54.72 -11.19 39.87
CA LYS AD 113 -54.14 -12.07 40.89
C LYS AD 113 -52.95 -12.84 40.32
N ASP AD 114 -53.12 -13.45 39.15
CA ASP AD 114 -52.01 -14.17 38.53
C ASP AD 114 -50.85 -13.23 38.19
N MET AD 115 -51.16 -12.03 37.71
CA MET AD 115 -50.13 -11.08 37.31
C MET AD 115 -49.31 -10.62 38.50
N THR AD 116 -49.96 -10.32 39.63
CA THR AD 116 -49.23 -9.90 40.81
C THR AD 116 -48.54 -11.05 41.51
N ARG AD 117 -48.98 -12.29 41.29
CA ARG AD 117 -48.20 -13.42 41.78
C ARG AD 117 -46.97 -13.67 40.93
N ASN AD 118 -47.05 -13.41 39.63
CA ASN AD 118 -45.90 -13.59 38.75
C ASN AD 118 -44.90 -12.45 38.87
N LEU AD 119 -45.36 -11.23 39.10
CA LEU AD 119 -44.45 -10.08 39.17
C LEU AD 119 -43.63 -10.11 40.45
N TYR AD 120 -44.28 -10.43 41.57
CA TYR AD 120 -43.63 -10.48 42.88
C TYR AD 120 -43.82 -11.90 43.42
N PRO AD 121 -43.00 -12.85 42.99
CA PRO AD 121 -43.17 -14.23 43.46
C PRO AD 121 -42.98 -14.40 44.95
N LEU AD 122 -42.26 -13.49 45.61
CA LEU AD 122 -42.04 -13.55 47.04
C LEU AD 122 -42.98 -12.57 47.73
N ASN AD 123 -43.83 -13.09 48.62
CA ASN AD 123 -44.68 -12.25 49.44
C ASN AD 123 -43.82 -11.42 50.38
N PRO AD 124 -44.35 -10.32 50.91
CA PRO AD 124 -43.58 -9.56 51.91
C PRO AD 124 -43.14 -10.40 53.09
N GLU AD 125 -44.01 -11.30 53.56
CA GLU AD 125 -43.63 -12.22 54.62
C GLU AD 125 -42.47 -13.11 54.18
N GLN AD 126 -42.53 -13.63 52.95
CA GLN AD 126 -41.43 -14.43 52.44
C GLN AD 126 -40.19 -13.59 52.15
N VAL AD 127 -40.36 -12.28 51.89
CA VAL AD 127 -39.20 -11.42 51.73
C VAL AD 127 -38.48 -11.24 53.05
N VAL AD 128 -39.22 -11.03 54.14
CA VAL AD 128 -38.55 -10.96 55.44
C VAL AD 128 -37.97 -12.32 55.81
N LYS AD 129 -38.63 -13.42 55.42
CA LYS AD 129 -38.04 -14.74 55.60
C LYS AD 129 -36.68 -14.84 54.92
N LEU AD 130 -36.63 -14.45 53.65
CA LEU AD 130 -35.39 -14.56 52.88
C LEU AD 130 -34.31 -13.66 53.45
N LYS AD 131 -34.68 -12.45 53.86
CA LYS AD 131 -33.70 -11.55 54.46
C LYS AD 131 -33.14 -12.12 55.75
N GLN AD 132 -34.01 -12.71 56.58
CA GLN AD 132 -33.54 -13.33 57.82
C GLN AD 132 -32.63 -14.52 57.54
N ILE AD 133 -32.98 -15.35 56.55
CA ILE AD 133 -32.15 -16.48 56.20
C ILE AD 133 -30.79 -16.01 55.70
N TYR AD 134 -30.77 -14.94 54.90
CA TYR AD 134 -29.52 -14.39 54.40
C TYR AD 134 -28.64 -13.88 55.54
N GLU AD 135 -29.23 -13.12 56.46
CA GLU AD 135 -28.44 -12.61 57.59
C GLU AD 135 -27.94 -13.75 58.47
N THR AD 136 -28.77 -14.78 58.66
CA THR AD 136 -28.34 -15.94 59.43
C THR AD 136 -27.17 -16.66 58.76
N SER AD 137 -27.23 -16.80 57.43
CA SER AD 137 -26.13 -17.44 56.71
C SER AD 137 -24.86 -16.62 56.82
N GLU AD 138 -24.96 -15.30 56.70
CA GLU AD 138 -23.77 -14.45 56.85
C GLU AD 138 -23.21 -14.53 58.26
N TYR AD 139 -24.08 -14.59 59.26
CA TYR AD 139 -23.63 -14.74 60.64
C TYR AD 139 -22.88 -16.04 60.83
N ALA AD 140 -23.41 -17.14 60.28
CA ALA AD 140 -22.73 -18.42 60.37
C ALA AD 140 -21.40 -18.40 59.63
N LYS AD 141 -21.34 -17.73 58.48
CA LYS AD 141 -20.10 -17.66 57.72
C LYS AD 141 -19.04 -16.83 58.44
N ALA AD 142 -19.45 -15.76 59.11
CA ALA AD 142 -18.52 -14.87 59.78
C ALA AD 142 -18.17 -15.30 61.20
N ALA AD 143 -18.82 -16.34 61.71
CA ALA AD 143 -18.57 -16.78 63.08
C ALA AD 143 -17.20 -17.45 63.17
N THR AD 144 -16.44 -17.07 64.18
CA THR AD 144 -15.13 -17.66 64.42
C THR AD 144 -15.29 -19.04 65.07
N PRO AD 145 -14.62 -20.07 64.57
CA PRO AD 145 -14.70 -21.39 65.20
C PRO AD 145 -13.97 -21.40 66.53
N GLY AD 146 -14.70 -21.69 67.60
CA GLY AD 146 -14.14 -21.66 68.93
C GLY AD 146 -14.08 -20.25 69.48
N THR AD 147 -13.46 -20.15 70.65
CA THR AD 147 -13.31 -18.83 71.27
C THR AD 147 -12.27 -18.02 70.49
N PRO AD 148 -12.59 -16.81 70.06
CA PRO AD 148 -11.57 -15.97 69.44
C PRO AD 148 -10.48 -15.65 70.45
N PRO AD 149 -9.27 -15.37 69.98
CA PRO AD 149 -8.18 -15.07 70.91
C PRO AD 149 -8.48 -13.84 71.75
N LYS AD 150 -8.06 -13.89 73.01
CA LYS AD 150 -8.25 -12.76 73.90
C LYS AD 150 -7.32 -11.62 73.48
N PRO AD 151 -7.85 -10.42 73.23
CA PRO AD 151 -7.00 -9.29 72.85
C PRO AD 151 -6.27 -8.73 74.05
N THR AD 152 -4.95 -8.97 74.12
CA THR AD 152 -4.15 -8.55 75.25
C THR AD 152 -3.04 -7.62 74.78
N ALA AD 153 -2.71 -6.64 75.62
CA ALA AD 153 -1.55 -5.78 75.43
C ALA AD 153 -0.51 -6.19 76.45
N THR AD 154 0.50 -6.93 76.01
CA THR AD 154 1.49 -7.51 76.91
C THR AD 154 2.77 -6.68 76.90
N SER AD 155 3.68 -7.06 77.81
CA SER AD 155 4.97 -6.40 77.94
C SER AD 155 6.02 -7.45 78.26
N GLN AD 156 7.05 -7.53 77.43
CA GLN AD 156 8.13 -8.49 77.58
C GLN AD 156 9.45 -7.77 77.78
N PHE AD 157 10.38 -8.44 78.46
CA PHE AD 157 11.74 -7.94 78.62
C PHE AD 157 12.66 -8.78 77.74
N VAL AD 158 13.33 -8.13 76.79
CA VAL AD 158 14.19 -8.82 75.84
C VAL AD 158 15.57 -8.97 76.45
N ASN AD 159 15.97 -10.22 76.70
CA ASN AD 159 17.30 -10.53 77.20
C ASN AD 159 18.14 -11.02 76.04
N LEU AD 160 19.19 -10.26 75.70
CA LEU AD 160 20.03 -10.55 74.55
C LEU AD 160 21.22 -11.44 74.88
N SER AD 161 21.38 -11.83 76.14
CA SER AD 161 22.47 -12.72 76.51
C SER AD 161 22.28 -14.09 75.84
N PRO AD 162 23.35 -14.75 75.44
CA PRO AD 162 23.22 -16.06 74.82
C PRO AD 162 22.57 -17.06 75.77
N GLY AD 163 21.74 -17.94 75.20
CA GLY AD 163 20.98 -18.90 75.97
C GLY AD 163 19.59 -18.45 76.34
N SER AD 164 19.24 -17.20 76.10
CA SER AD 164 17.92 -16.68 76.40
C SER AD 164 16.99 -16.90 75.21
N THR AD 165 15.78 -17.34 75.51
CA THR AD 165 14.81 -17.65 74.46
C THR AD 165 14.32 -16.36 73.80
N PRO AD 166 14.28 -16.30 72.48
CA PRO AD 166 13.76 -15.11 71.81
C PRO AD 166 12.31 -14.91 72.15
N PRO AD 167 11.86 -13.66 72.27
CA PRO AD 167 10.45 -13.40 72.60
C PRO AD 167 9.51 -13.94 71.55
N VAL AD 168 8.36 -14.43 72.01
CA VAL AD 168 7.32 -14.99 71.16
C VAL AD 168 6.17 -14.00 71.11
N ILE AD 169 5.65 -13.75 69.91
CA ILE AD 169 4.60 -12.78 69.67
C ILE AD 169 3.37 -13.53 69.16
N ARG AD 170 2.27 -13.42 69.89
CA ARG AD 170 1.03 -14.09 69.55
C ARG AD 170 0.26 -13.23 68.55
N LEU AD 171 0.08 -13.73 67.34
CA LEU AD 171 -0.62 -13.03 66.28
C LEU AD 171 -1.96 -13.70 66.02
N SER AD 172 -2.68 -13.17 65.03
CA SER AD 172 -3.95 -13.73 64.60
C SER AD 172 -4.18 -13.32 63.16
N GLN AD 173 -4.74 -14.23 62.37
CA GLN AD 173 -4.91 -13.99 60.94
C GLN AD 173 -5.83 -12.79 60.69
N GLY AD 174 -5.32 -11.79 60.00
CA GLY AD 174 -6.08 -10.59 59.71
C GLY AD 174 -6.09 -9.54 60.79
N PHE AD 175 -5.33 -9.72 61.87
CA PHE AD 175 -5.31 -8.79 62.99
C PHE AD 175 -3.94 -8.12 63.07
N VAL AD 176 -3.95 -6.84 63.42
CA VAL AD 176 -2.72 -6.06 63.51
C VAL AD 176 -2.14 -6.22 64.91
N SER AD 177 -0.89 -6.66 64.99
CA SER AD 177 -0.15 -6.72 66.24
C SER AD 177 0.98 -5.71 66.15
N SER AD 178 1.05 -4.79 67.10
CA SER AD 178 2.00 -3.70 67.10
C SER AD 178 3.04 -3.94 68.19
N LEU AD 179 4.31 -3.92 67.81
CA LEU AD 179 5.42 -4.02 68.75
C LEU AD 179 6.14 -2.68 68.78
N VAL AD 180 6.21 -2.08 69.97
CA VAL AD 180 7.05 -0.92 70.22
C VAL AD 180 8.30 -1.41 70.95
N PHE AD 181 9.45 -0.91 70.52
CA PHE AD 181 10.72 -1.31 71.12
C PHE AD 181 11.19 -0.23 72.07
N LEU AD 182 11.40 -0.60 73.33
CA LEU AD 182 11.85 0.30 74.37
C LEU AD 182 13.14 -0.21 74.96
N ASP AD 183 13.98 0.71 75.44
CA ASP AD 183 15.20 0.33 76.13
C ASP AD 183 14.87 -0.03 77.58
N SER AD 184 15.89 -0.30 78.39
CA SER AD 184 15.66 -0.67 79.77
C SER AD 184 15.04 0.47 80.57
N THR AD 185 15.25 1.71 80.14
CA THR AD 185 14.66 2.87 80.81
C THR AD 185 13.22 3.12 80.38
N GLY AD 186 12.69 2.37 79.43
CA GLY AD 186 11.33 2.55 78.96
C GLY AD 186 11.16 3.55 77.85
N ALA AD 187 12.22 4.26 77.48
CA ALA AD 187 12.17 5.24 76.40
C ALA AD 187 12.11 4.54 75.04
N PRO AD 188 11.60 5.22 74.02
CA PRO AD 188 11.56 4.61 72.69
C PRO AD 188 12.95 4.28 72.16
N TRP AD 189 13.03 3.21 71.37
CA TRP AD 189 14.26 2.79 70.72
C TRP AD 189 13.98 2.63 69.23
N PRO AD 190 14.28 3.65 68.43
CA PRO AD 190 13.95 3.60 67.00
C PRO AD 190 14.58 2.40 66.32
N ILE AD 191 14.02 2.02 65.17
CA ILE AD 191 14.38 0.80 64.48
C ILE AD 191 15.24 1.18 63.29
N ALA AD 192 16.44 0.62 63.24
CA ALA AD 192 17.32 0.85 62.08
C ALA AD 192 16.86 0.06 60.87
N ALA AD 193 16.49 -1.21 61.07
CA ALA AD 193 16.07 -2.06 59.96
C ALA AD 193 15.37 -3.29 60.53
N TYR AD 194 14.72 -4.03 59.64
CA TYR AD 194 14.11 -5.31 60.01
C TYR AD 194 14.24 -6.28 58.85
N ASP AD 195 14.17 -7.57 59.19
CA ASP AD 195 14.28 -8.66 58.22
C ASP AD 195 13.23 -9.69 58.56
N LEU AD 196 12.32 -9.96 57.63
CA LEU AD 196 11.18 -10.83 57.85
C LEU AD 196 11.37 -12.12 57.07
N GLY AD 197 11.66 -13.21 57.78
CA GLY AD 197 11.69 -14.51 57.16
C GLY AD 197 10.28 -15.02 56.94
N ASP AD 198 10.08 -15.63 55.76
CA ASP AD 198 8.76 -16.06 55.31
C ASP AD 198 7.79 -14.88 55.30
N PRO AD 199 7.99 -13.91 54.42
CA PRO AD 199 7.08 -12.75 54.37
C PRO AD 199 5.76 -13.02 53.67
N SER AD 200 5.50 -14.25 53.23
CA SER AD 200 4.21 -14.61 52.67
C SER AD 200 3.17 -14.92 53.73
N SER AD 201 3.60 -15.15 54.98
CA SER AD 201 2.70 -15.45 56.08
C SER AD 201 2.52 -14.28 57.03
N PHE AD 202 3.30 -13.22 56.88
CA PHE AD 202 3.19 -12.04 57.71
C PHE AD 202 3.38 -10.78 56.86
N ASN AD 203 2.54 -9.78 57.10
CA ASN AD 203 2.67 -8.48 56.44
C ASN AD 203 3.11 -7.46 57.48
N ILE AD 204 4.14 -6.69 57.16
CA ILE AD 204 4.75 -5.76 58.11
C ILE AD 204 4.57 -4.33 57.58
N GLN AD 205 4.00 -3.47 58.40
CA GLN AD 205 3.89 -2.04 58.13
C GLN AD 205 4.75 -1.29 59.14
N TRP AD 206 5.60 -0.40 58.64
CA TRP AD 206 6.51 0.36 59.49
C TRP AD 206 6.99 1.57 58.70
N ASP AD 207 6.58 2.77 59.13
CA ASP AD 207 7.23 3.97 58.64
C ASP AD 207 8.68 3.99 59.11
N LYS AD 208 9.58 4.40 58.21
CA LYS AD 208 11.01 4.15 58.37
C LYS AD 208 11.65 4.90 59.54
N THR AD 209 10.88 5.68 60.31
CA THR AD 209 11.45 6.49 61.37
C THR AD 209 11.12 5.98 62.78
N SER AD 210 9.92 5.44 62.98
CA SER AD 210 9.45 5.14 64.34
C SER AD 210 10.07 3.85 64.86
N ASN AD 211 9.59 3.41 66.03
CA ASN AD 211 10.05 2.19 66.67
C ASN AD 211 8.95 1.13 66.73
N THR AD 212 7.89 1.30 65.94
CA THR AD 212 6.72 0.46 66.01
C THR AD 212 6.56 -0.34 64.72
N LEU AD 213 6.45 -1.66 64.85
CA LEU AD 213 6.16 -2.54 63.73
C LEU AD 213 4.75 -3.08 63.87
N MET AD 214 3.99 -3.07 62.78
CA MET AD 214 2.63 -3.61 62.79
C MET AD 214 2.59 -4.80 61.84
N ILE AD 215 2.52 -6.01 62.40
CA ILE AD 215 2.43 -7.22 61.60
C ILE AD 215 1.01 -7.77 61.63
N GLN AD 216 0.50 -8.10 60.46
CA GLN AD 216 -0.77 -8.79 60.29
C GLN AD 216 -0.48 -10.19 59.78
N ALA AD 217 -0.99 -11.19 60.49
CA ALA AD 217 -0.76 -12.58 60.09
C ALA AD 217 -1.57 -12.90 58.84
N THR AD 218 -0.87 -13.15 57.74
CA THR AD 218 -1.55 -13.47 56.49
C THR AD 218 -2.13 -14.88 56.51
N LYS AD 219 -1.39 -15.83 57.07
CA LYS AD 219 -1.80 -17.23 57.10
C LYS AD 219 -2.27 -17.61 58.50
N LEU AD 220 -3.09 -18.65 58.56
CA LEU AD 220 -3.77 -19.01 59.80
C LEU AD 220 -2.78 -19.42 60.89
N TYR AD 221 -2.06 -20.52 60.67
CA TYR AD 221 -1.21 -21.10 61.70
C TYR AD 221 0.26 -21.15 61.35
N ASN AD 222 0.66 -20.60 60.21
CA ASN AD 222 2.06 -20.62 59.81
C ASN AD 222 2.85 -19.60 60.63
N TYR AD 223 3.82 -20.07 61.40
CA TYR AD 223 4.63 -19.22 62.24
C TYR AD 223 6.02 -19.05 61.63
N GLY AD 224 6.70 -17.99 62.05
CA GLY AD 224 8.02 -17.69 61.55
C GLY AD 224 8.81 -16.90 62.55
N ASN AD 225 9.82 -16.17 62.06
CA ASN AD 225 10.62 -15.32 62.92
C ASN AD 225 10.89 -13.99 62.22
N LEU AD 226 11.47 -13.07 62.98
CA LEU AD 226 11.74 -11.72 62.51
C LEU AD 226 12.95 -11.16 63.25
N ALA AD 227 13.79 -10.43 62.52
CA ALA AD 227 14.97 -9.78 63.07
C ALA AD 227 14.75 -8.27 63.05
N VAL AD 228 15.05 -7.61 64.15
CA VAL AD 228 14.86 -6.17 64.30
C VAL AD 228 16.18 -5.57 64.76
N ARG AD 229 16.88 -4.91 63.84
CA ARG AD 229 18.11 -4.20 64.16
C ARG AD 229 17.76 -2.79 64.58
N LEU AD 230 18.05 -2.47 65.85
CA LEU AD 230 17.70 -1.17 66.41
C LEU AD 230 18.81 -0.16 66.13
N ARG AD 231 18.63 1.06 66.63
CA ARG AD 231 19.53 2.16 66.28
C ARG AD 231 20.91 1.96 66.93
N GLY AD 232 20.97 1.94 68.26
CA GLY AD 232 22.21 1.81 68.97
C GLY AD 232 22.65 0.39 69.24
N LEU AD 233 21.92 -0.60 68.75
CA LEU AD 233 22.21 -2.00 69.04
C LEU AD 233 23.02 -2.63 67.91
N ASN AD 234 24.16 -3.21 68.27
CA ASN AD 234 24.88 -4.07 67.34
C ASN AD 234 24.21 -5.44 67.24
N THR AD 235 23.66 -5.92 68.35
CA THR AD 235 23.01 -7.22 68.39
C THR AD 235 21.56 -7.09 67.95
N PRO AD 236 21.15 -7.74 66.86
CA PRO AD 236 19.75 -7.66 66.44
C PRO AD 236 18.84 -8.39 67.42
N VAL AD 237 17.59 -7.92 67.49
CA VAL AD 237 16.58 -8.50 68.37
C VAL AD 237 15.82 -9.55 67.56
N MET AD 238 15.78 -10.78 68.06
CA MET AD 238 15.13 -11.87 67.37
C MET AD 238 13.81 -12.22 68.04
N LEU AD 239 12.75 -12.29 67.24
CA LEU AD 239 11.44 -12.64 67.75
C LEU AD 239 10.84 -13.75 66.90
N THR AD 240 10.03 -14.59 67.53
CA THR AD 240 9.28 -15.62 66.81
C THR AD 240 7.80 -15.28 66.83
N LEU AD 241 7.21 -15.20 65.65
CA LEU AD 241 5.83 -14.78 65.46
C LEU AD 241 4.97 -16.02 65.22
N ILE AD 242 4.03 -16.27 66.13
CA ILE AD 242 3.18 -17.45 66.05
C ILE AD 242 1.73 -16.98 65.99
N PRO AD 243 1.01 -17.22 64.91
CA PRO AD 243 -0.40 -16.84 64.84
C PRO AD 243 -1.32 -17.98 65.28
N GLY AD 244 -2.60 -17.65 65.38
CA GLY AD 244 -3.60 -18.65 65.73
C GLY AD 244 -3.50 -19.19 67.13
N GLN AD 245 -3.22 -18.34 68.11
CA GLN AD 245 -3.12 -18.76 69.50
C GLN AD 245 -4.40 -18.39 70.26
N LYS AD 246 -4.47 -18.84 71.51
CA LYS AD 246 -5.62 -18.52 72.35
C LYS AD 246 -5.58 -17.09 72.86
N ALA AD 247 -4.49 -16.36 72.62
CA ALA AD 247 -4.39 -14.94 72.90
C ALA AD 247 -3.83 -14.24 71.68
N VAL AD 248 -4.29 -13.01 71.44
CA VAL AD 248 -3.78 -12.18 70.36
C VAL AD 248 -3.17 -10.94 70.98
N ASP AD 249 -1.88 -10.72 70.72
CA ASP AD 249 -1.16 -9.58 71.28
C ASP AD 249 -1.44 -8.37 70.39
N TYR AD 250 -2.38 -7.53 70.82
CA TYR AD 250 -2.63 -6.30 70.09
C TYR AD 250 -1.41 -5.38 70.13
N ARG AD 251 -0.74 -5.32 71.27
CA ARG AD 251 0.47 -4.50 71.40
C ARG AD 251 1.42 -5.17 72.39
N VAL AD 252 2.71 -5.15 72.05
CA VAL AD 252 3.76 -5.73 72.88
C VAL AD 252 4.79 -4.65 73.16
N ASP AD 253 5.11 -4.45 74.44
CA ASP AD 253 6.15 -3.51 74.87
C ASP AD 253 7.42 -4.32 75.14
N LEU AD 254 8.40 -4.22 74.24
CA LEU AD 254 9.61 -5.02 74.33
C LEU AD 254 10.71 -4.18 74.96
N ARG AD 255 11.06 -4.52 76.21
CA ARG AD 255 12.10 -3.81 76.96
C ARG AD 255 13.44 -4.47 76.65
N VAL AD 256 14.12 -3.96 75.62
CA VAL AD 256 15.44 -4.49 75.28
C VAL AD 256 16.44 -4.19 76.39
N GLN AD 257 17.52 -4.99 76.43
CA GLN AD 257 18.47 -4.90 77.54
C GLN AD 257 19.28 -3.60 77.52
N GLY AD 258 19.59 -3.08 76.33
CA GLY AD 258 20.47 -1.95 76.23
C GLY AD 258 19.81 -0.62 76.54
N TYR AD 259 20.58 0.44 76.36
CA TYR AD 259 20.12 1.82 76.53
C TYR AD 259 20.07 2.46 75.14
N GLY AD 260 18.89 2.96 74.76
CA GLY AD 260 18.70 3.50 73.45
C GLY AD 260 19.18 4.94 73.32
N PRO AD 261 18.95 5.55 72.15
CA PRO AD 261 19.35 6.95 71.96
C PRO AD 261 18.55 7.94 72.78
N ASN AD 262 17.51 7.51 73.48
CA ASN AD 262 16.72 8.36 74.36
C ASN AD 262 16.95 7.91 75.78
N ALA AD 263 17.37 8.84 76.64
CA ALA AD 263 17.65 8.52 78.04
C ALA AD 263 16.67 9.21 78.97
N CYS BD 1 15.14 -50.11 66.60
CA CYS BD 1 15.85 -48.87 66.33
C CYS BD 1 17.31 -49.12 66.00
N THR BD 2 18.17 -48.89 67.00
CA THR BD 2 19.62 -49.00 66.79
C THR BD 2 20.10 -50.43 66.68
N ASP BD 3 19.38 -51.39 67.26
CA ASP BD 3 19.79 -52.79 67.16
C ASP BD 3 19.79 -53.25 65.71
N ALA BD 4 18.73 -52.93 64.97
CA ALA BD 4 18.65 -53.31 63.56
C ALA BD 4 19.73 -52.62 62.75
N ALA BD 5 19.99 -51.34 63.04
CA ALA BD 5 21.02 -50.60 62.30
C ALA BD 5 22.40 -51.21 62.54
N LEU BD 6 22.72 -51.53 63.79
CA LEU BD 6 24.03 -52.12 64.08
C LEU BD 6 24.15 -53.52 63.48
N ALA BD 7 23.08 -54.31 63.54
CA ALA BD 7 23.12 -55.64 62.94
C ALA BD 7 23.32 -55.55 61.43
N ALA BD 8 22.63 -54.61 60.77
CA ALA BD 8 22.81 -54.44 59.34
C ALA BD 8 24.21 -53.94 59.02
N LEU BD 9 24.75 -53.05 59.85
CA LEU BD 9 26.12 -52.56 59.63
C LEU BD 9 27.12 -53.69 59.74
N GLU BD 10 26.98 -54.56 60.74
CA GLU BD 10 27.91 -55.68 60.88
C GLU BD 10 27.70 -56.71 59.76
N TYR BD 11 26.46 -56.86 59.29
CA TYR BD 11 26.22 -57.74 58.15
C TYR BD 11 26.91 -57.22 56.90
N HIS BD 12 26.87 -55.90 56.68
CA HIS BD 12 27.55 -55.32 55.53
C HIS BD 12 29.07 -55.36 55.69
N LYS BD 13 29.58 -55.20 56.92
CA LYS BD 13 31.01 -55.27 57.12
C LYS BD 13 31.55 -56.68 56.94
N SER BD 14 30.85 -57.69 57.45
CA SER BD 14 31.28 -59.07 57.26
C SER BD 14 31.10 -59.52 55.82
N ASN BD 15 30.00 -59.12 55.18
CA ASN BD 15 29.72 -59.43 53.78
C ASN BD 15 29.93 -58.14 52.98
N ALA BD 16 31.15 -57.97 52.48
CA ALA BD 16 31.58 -56.73 51.84
C ALA BD 16 30.65 -56.28 50.72
N CYS CD 1 28.73 -46.11 56.77
CA CYS CD 1 28.22 -46.84 55.62
C CYS CD 1 26.71 -46.97 55.68
N VAL CD 2 26.14 -46.67 56.85
CA VAL CD 2 24.71 -46.76 57.07
C VAL CD 2 24.08 -45.38 56.93
N SER CD 3 22.91 -45.34 56.29
CA SER CD 3 22.07 -44.15 56.24
C SER CD 3 20.82 -44.43 57.05
N MET CD 4 20.62 -43.68 58.13
CA MET CD 4 19.55 -43.97 59.07
C MET CD 4 18.17 -43.83 58.47
N ILE CD 5 18.03 -43.03 57.39
CA ILE CD 5 16.71 -42.77 56.84
C ILE CD 5 16.11 -44.04 56.24
N GLY CD 6 16.94 -44.95 55.75
CA GLY CD 6 16.46 -46.23 55.26
C GLY CD 6 16.41 -47.27 56.36
N GLY CD 7 15.86 -46.89 57.50
CA GLY CD 7 15.82 -47.76 58.66
C GLY CD 7 14.51 -48.53 58.73
N SER CD 8 14.63 -49.84 58.97
CA SER CD 8 13.48 -50.72 59.12
C SER CD 8 13.82 -51.78 60.15
N ARG CD 9 12.94 -51.96 61.13
CA ARG CD 9 13.17 -52.94 62.18
C ARG CD 9 13.00 -54.34 61.65
N ARG DD 1 18.19 -51.33 54.64
CA ARG DD 1 19.42 -50.57 54.60
C ARG DD 1 20.28 -51.02 53.41
N VAL DD 2 20.98 -50.06 52.80
CA VAL DD 2 21.79 -50.33 51.62
C VAL DD 2 23.14 -49.66 51.79
N SER DD 3 24.20 -50.39 51.44
CA SER DD 3 25.57 -49.97 51.69
C SER DD 3 26.03 -48.94 50.66
N ILE DD 4 27.20 -48.32 50.90
CA ILE DD 4 27.80 -47.37 49.99
C ILE DD 4 28.40 -48.04 48.77
N GLY DD 5 28.49 -49.37 48.75
CA GLY DD 5 28.94 -50.07 47.56
C GLY DD 5 27.88 -50.24 46.50
N GLY DD 6 26.63 -49.88 46.79
CA GLY DD 6 25.53 -50.07 45.88
C GLY DD 6 24.73 -51.34 46.09
N THR DD 7 25.24 -52.27 46.91
CA THR DD 7 24.55 -53.52 47.17
C THR DD 7 23.68 -53.39 48.42
N VAL DD 8 22.60 -54.16 48.44
CA VAL DD 8 21.65 -54.16 49.55
C VAL DD 8 22.17 -55.09 50.65
N TYR DD 9 22.20 -54.57 51.88
CA TYR DD 9 22.59 -55.34 53.06
C TYR DD 9 21.70 -54.90 54.21
N THR DD 10 20.70 -55.71 54.54
CA THR DD 10 19.68 -55.35 55.52
C THR DD 10 19.58 -56.42 56.59
N ALA DD 11 19.23 -55.98 57.79
CA ALA DD 11 18.99 -56.88 58.90
C ALA DD 11 17.63 -57.57 58.75
N LYS DD 12 17.48 -58.71 59.43
CA LYS DD 12 16.27 -59.50 59.29
C LYS DD 12 15.11 -58.91 60.12
N LYS DD 13 15.26 -58.89 61.44
CA LYS DD 13 14.20 -58.41 62.33
C LYS DD 13 14.83 -58.06 63.67
N TYR DD 14 14.73 -56.80 64.08
CA TYR DD 14 15.29 -56.35 65.35
C TYR DD 14 14.44 -55.21 65.88
N ASP DD 15 13.86 -55.40 67.06
CA ASP DD 15 13.01 -54.40 67.69
C ASP DD 15 13.68 -53.86 68.94
N ASP DD 16 13.59 -52.54 69.12
CA ASP DD 16 14.16 -51.88 70.29
C ASP DD 16 13.07 -51.32 71.19
N PRO ED 1 12.84 -44.05 60.55
CA PRO ED 1 11.58 -44.53 61.10
C PRO ED 1 11.75 -45.31 62.40
N PHE ED 2 11.89 -44.59 63.51
CA PHE ED 2 12.14 -45.20 64.81
C PHE ED 2 11.16 -44.64 65.84
N GLY ED 3 11.14 -45.28 67.01
CA GLY ED 3 10.24 -44.87 68.08
C GLY ED 3 10.90 -44.01 69.14
N ALA ED 4 12.22 -43.87 69.07
CA ALA ED 4 12.97 -43.06 70.01
C ALA ED 4 13.22 -41.64 69.49
N ASP ED 5 12.47 -41.21 68.48
CA ASP ED 5 12.66 -39.88 67.89
C ASP ED 5 12.32 -38.78 68.90
N ARG FD 207 35.25 -36.31 83.91
CA ARG FD 207 35.71 -36.25 82.53
C ARG FD 207 35.12 -35.06 81.79
N ILE FD 208 35.10 -35.13 80.47
CA ILE FD 208 34.53 -34.09 79.62
C ILE FD 208 33.31 -34.67 78.93
N ILE FD 209 32.18 -34.00 79.06
CA ILE FD 209 30.92 -34.45 78.49
C ILE FD 209 30.73 -33.80 77.13
N TYR FD 210 30.46 -34.62 76.11
CA TYR FD 210 30.29 -34.16 74.74
C TYR FD 210 28.82 -34.21 74.37
N TYR FD 211 28.32 -33.11 73.82
CA TYR FD 211 26.96 -33.03 73.30
C TYR FD 211 27.00 -32.89 71.79
N ILE FD 212 25.88 -33.24 71.14
CA ILE FD 212 25.78 -33.07 69.70
C ILE FD 212 25.40 -31.62 69.41
N GLN FD 213 26.25 -30.93 68.65
CA GLN FD 213 25.93 -29.60 68.15
C GLN FD 213 25.10 -29.69 66.87
N ALA FD 214 25.51 -30.54 65.94
CA ALA FD 214 24.71 -30.79 64.75
C ALA FD 214 24.99 -32.22 64.27
N VAL FD 215 24.05 -32.78 63.53
CA VAL FD 215 24.20 -34.16 63.06
C VAL FD 215 23.56 -34.29 61.69
N ILE FD 216 24.29 -34.91 60.77
CA ILE FD 216 23.78 -35.29 59.45
C ILE FD 216 24.21 -36.72 59.16
N PRO FD 217 23.57 -37.39 58.20
CA PRO FD 217 24.01 -38.74 57.83
C PRO FD 217 25.49 -38.79 57.53
N GLY FD 218 26.25 -39.49 58.36
CA GLY FD 218 27.70 -39.43 58.28
C GLY FD 218 28.33 -38.63 59.40
N ARG FD 219 28.77 -37.40 59.09
CA ARG FD 219 29.45 -36.57 60.06
C ARG FD 219 28.51 -36.14 61.19
N ALA FD 220 29.13 -35.74 62.29
CA ALA FD 220 28.40 -35.21 63.44
C ALA FD 220 29.32 -34.23 64.17
N TRP FD 221 28.89 -32.97 64.25
CA TRP FD 221 29.66 -31.94 64.93
C TRP FD 221 29.26 -31.91 66.40
N LEU FD 222 30.24 -32.08 67.28
CA LEU FD 222 30.02 -32.13 68.72
C LEU FD 222 30.72 -30.97 69.40
N ILE FD 223 30.11 -30.47 70.48
CA ILE FD 223 30.69 -29.44 71.32
C ILE FD 223 30.72 -29.96 72.75
N GLY FD 224 31.89 -29.89 73.38
CA GLY FD 224 32.08 -30.38 74.73
C GLY FD 224 31.84 -29.32 75.78
N SER FD 225 32.27 -29.62 77.00
CA SER FD 225 32.12 -28.70 78.11
C SER FD 225 33.19 -27.63 78.16
N ASN FD 226 34.29 -27.79 77.41
CA ASN FD 226 35.36 -26.81 77.38
C ASN FD 226 35.18 -25.78 76.27
N GLY FD 227 34.08 -25.86 75.51
CA GLY FD 227 33.92 -25.03 74.33
C GLY FD 227 34.60 -25.57 73.10
N SER FD 228 35.30 -26.69 73.20
CA SER FD 228 35.95 -27.30 72.04
C SER FD 228 34.90 -27.91 71.11
N THR FD 229 35.21 -27.90 69.82
CA THR FD 229 34.34 -28.45 68.80
C THR FD 229 35.09 -29.48 67.99
N LEU FD 230 34.48 -30.66 67.82
CA LEU FD 230 35.02 -31.71 66.97
C LEU FD 230 33.97 -32.13 65.96
N THR FD 231 34.39 -32.94 64.99
CA THR FD 231 33.47 -33.59 64.06
C THR FD 231 33.87 -35.05 63.96
N VAL FD 232 32.89 -35.94 64.01
CA VAL FD 232 33.13 -37.37 64.09
C VAL FD 232 32.37 -38.08 62.98
N ARG FD 233 32.87 -39.24 62.59
CA ARG FD 233 32.28 -40.06 61.55
C ARG FD 233 31.91 -41.42 62.13
N GLU FD 234 31.53 -42.36 61.25
CA GLU FD 234 31.01 -43.65 61.69
C GLU FD 234 31.95 -44.32 62.69
N GLY FD 235 33.24 -44.38 62.39
CA GLY FD 235 34.21 -44.81 63.37
C GLY FD 235 35.25 -43.73 63.59
N SER FD 236 35.25 -43.13 64.77
CA SER FD 236 36.14 -42.00 65.03
C SER FD 236 36.42 -41.90 66.52
N LYS FD 237 37.67 -41.58 66.85
CA LYS FD 237 38.09 -41.54 68.24
C LYS FD 237 37.58 -40.27 68.91
N ILE FD 238 36.98 -40.43 70.08
CA ILE FD 238 36.52 -39.32 70.92
C ILE FD 238 37.22 -39.44 72.26
N PRO FD 239 37.89 -38.40 72.75
CA PRO FD 239 38.62 -38.51 74.02
C PRO FD 239 37.67 -38.76 75.18
N GLY FD 240 37.90 -39.87 75.88
CA GLY FD 240 37.10 -40.27 77.03
C GLY FD 240 35.88 -41.11 76.69
N TYR FD 241 35.27 -40.85 75.54
CA TYR FD 241 34.08 -41.58 75.12
C TYR FD 241 34.40 -42.82 74.29
N GLY FD 242 35.66 -43.08 74.00
CA GLY FD 242 36.04 -44.25 73.22
C GLY FD 242 36.01 -43.95 71.74
N MET FD 243 35.41 -44.85 70.97
CA MET FD 243 35.34 -44.75 69.52
C MET FD 243 33.88 -44.78 69.07
N VAL FD 244 33.55 -43.95 68.09
CA VAL FD 244 32.18 -43.89 67.59
C VAL FD 244 31.80 -45.22 66.99
N LYS FD 245 30.65 -45.75 67.39
CA LYS FD 245 30.13 -47.01 66.87
C LYS FD 245 28.96 -46.82 65.92
N LEU FD 246 28.12 -45.81 66.16
CA LEU FD 246 26.98 -45.55 65.29
C LEU FD 246 26.56 -44.10 65.47
N ILE FD 247 26.04 -43.51 64.40
CA ILE FD 247 25.58 -42.12 64.39
C ILE FD 247 24.15 -42.12 63.86
N ASP FD 248 23.17 -42.14 64.75
CA ASP FD 248 21.77 -42.06 64.38
C ASP FD 248 21.42 -40.59 64.16
N SER FD 249 21.28 -40.19 62.89
CA SER FD 249 21.02 -38.80 62.57
C SER FD 249 19.57 -38.40 62.82
N LEU FD 250 18.62 -39.34 62.64
CA LEU FD 250 17.22 -39.00 62.84
C LEU FD 250 16.91 -38.71 64.31
N GLN FD 251 17.40 -39.55 65.21
CA GLN FD 251 17.17 -39.33 66.64
C GLN FD 251 18.16 -38.36 67.24
N GLY FD 252 19.21 -37.98 66.53
CA GLY FD 252 20.27 -37.18 67.10
C GLY FD 252 21.00 -37.92 68.21
N ARG FD 253 21.34 -39.18 67.96
CA ARG FD 253 22.04 -40.01 68.92
C ARG FD 253 23.37 -40.47 68.34
N ILE FD 254 24.34 -40.72 69.22
CA ILE FD 254 25.62 -41.27 68.82
C ILE FD 254 26.01 -42.35 69.83
N LEU FD 255 26.05 -43.59 69.37
CA LEU FD 255 26.50 -44.71 70.20
C LEU FD 255 28.00 -44.86 70.04
N THR FD 256 28.71 -44.89 71.17
CA THR FD 256 30.15 -45.09 71.18
C THR FD 256 30.48 -46.48 71.73
N SER FD 257 31.76 -46.82 71.67
CA SER FD 257 32.19 -48.16 72.07
C SER FD 257 32.19 -48.33 73.58
N SER FD 258 32.32 -47.24 74.34
CA SER FD 258 32.32 -47.31 75.79
C SER FD 258 30.92 -47.41 76.37
N GLY FD 259 29.88 -47.37 75.54
CA GLY FD 259 28.51 -47.40 76.00
C GLY FD 259 27.91 -46.03 76.25
N GLN FD 260 28.73 -44.99 76.37
CA GLN FD 260 28.21 -43.64 76.55
C GLN FD 260 27.56 -43.16 75.26
N VAL FD 261 26.39 -42.54 75.40
CA VAL FD 261 25.60 -42.06 74.27
C VAL FD 261 25.70 -40.55 74.23
N ILE FD 262 26.05 -40.01 73.06
CA ILE FD 262 26.10 -38.58 72.85
C ILE FD 262 24.78 -38.13 72.25
N LYS FD 263 24.16 -37.11 72.86
CA LYS FD 263 22.90 -36.56 72.40
C LYS FD 263 22.98 -35.05 72.42
N PHE FD 264 22.02 -34.42 71.74
CA PHE FD 264 21.89 -32.96 71.82
C PHE FD 264 21.79 -32.51 73.26
N SER FD 265 22.28 -31.31 73.53
CA SER FD 265 22.20 -30.76 74.88
C SER FD 265 20.75 -30.59 75.31
N GLN FD 266 20.48 -30.81 76.59
CA GLN FD 266 19.12 -30.73 77.09
C GLN FD 266 18.54 -29.34 76.89
N GLU FD 267 19.34 -28.31 77.13
CA GLU FD 267 18.92 -26.93 76.93
C GLU FD 267 19.24 -26.43 75.52
N ASP FD 268 19.41 -27.34 74.56
CA ASP FD 268 19.68 -26.97 73.18
C ASP FD 268 18.83 -27.75 72.18
N SER FD 269 18.09 -28.76 72.62
CA SER FD 269 17.26 -29.55 71.71
C SER FD 269 15.77 -29.30 71.96
N GLN GD 791 -15.05 -51.59 43.24
CA GLN GD 791 -13.59 -51.60 43.16
C GLN GD 791 -13.08 -50.36 42.43
N GLN GD 792 -13.91 -49.82 41.54
CA GLN GD 792 -13.56 -48.59 40.84
C GLN GD 792 -13.55 -47.38 41.78
N GLU GD 793 -14.36 -47.43 42.84
CA GLU GD 793 -14.33 -46.36 43.83
C GLU GD 793 -12.96 -46.25 44.50
N ILE GD 794 -12.24 -47.36 44.61
CA ILE GD 794 -10.88 -47.33 45.13
C ILE GD 794 -10.00 -46.45 44.24
N GLN GD 795 -10.06 -46.67 42.93
CA GLN GD 795 -9.27 -45.88 42.00
C GLN GD 795 -9.69 -44.41 42.01
N GLN GD 796 -11.00 -44.16 42.09
CA GLN GD 796 -11.47 -42.78 42.13
C GLN GD 796 -10.97 -42.06 43.38
N ARG GD 797 -11.06 -42.72 44.54
CA ARG GD 797 -10.58 -42.12 45.78
C ARG GD 797 -9.08 -41.88 45.71
N THR GD 798 -8.33 -42.85 45.21
CA THR GD 798 -6.88 -42.69 45.10
C THR GD 798 -6.54 -41.52 44.19
N SER GD 799 -7.26 -41.36 43.08
CA SER GD 799 -7.03 -40.23 42.20
C SER GD 799 -7.32 -38.90 42.89
N ASP GD 800 -8.43 -38.83 43.64
CA ASP GD 800 -8.77 -37.58 44.32
C ASP GD 800 -7.70 -37.19 45.33
N MET GD 801 -7.30 -38.13 46.19
CA MET GD 801 -6.27 -37.78 47.18
C MET GD 801 -4.90 -37.61 46.55
N LEU GD 802 -4.65 -38.19 45.37
CA LEU GD 802 -3.39 -37.89 44.68
C LEU GD 802 -3.39 -36.45 44.15
N THR GD 803 -4.52 -36.00 43.59
CA THR GD 803 -4.62 -34.61 43.16
C THR GD 803 -4.46 -33.67 44.35
N ALA GD 804 -5.04 -34.04 45.50
CA ALA GD 804 -4.83 -33.23 46.71
C ALA GD 804 -3.38 -33.25 47.16
N ALA GD 805 -2.74 -34.42 47.10
CA ALA GD 805 -1.39 -34.59 47.63
C ALA GD 805 -0.36 -33.84 46.80
N THR GD 806 -0.53 -33.82 45.47
CA THR GD 806 0.39 -33.07 44.64
C THR GD 806 0.36 -31.58 44.99
N GLN GD 807 -0.84 -31.02 45.14
CA GLN GD 807 -0.97 -29.62 45.51
C GLN GD 807 -0.41 -29.35 46.91
N LEU GD 808 -0.66 -30.28 47.85
CA LEU GD 808 -0.13 -30.10 49.20
C LEU GD 808 1.39 -30.10 49.21
N VAL GD 809 2.01 -31.04 48.48
CA VAL GD 809 3.46 -31.09 48.39
C VAL GD 809 3.99 -29.83 47.72
N GLN GD 810 3.32 -29.38 46.65
CA GLN GD 810 3.76 -28.16 45.99
C GLN GD 810 3.72 -26.96 46.93
N ASP GD 811 2.67 -26.88 47.75
CA ASP GD 811 2.59 -25.80 48.74
C ASP GD 811 3.71 -25.91 49.77
N TRP GD 812 4.04 -27.14 50.18
CA TRP GD 812 5.11 -27.32 51.17
C TRP GD 812 6.48 -26.97 50.61
N LYS GD 813 6.73 -27.24 49.32
CA LYS GD 813 8.01 -26.90 48.72
C LYS GD 813 8.23 -25.40 48.61
N GLN GD 814 7.16 -24.61 48.60
CA GLN GD 814 7.29 -23.17 48.45
C GLN GD 814 7.96 -22.55 49.68
N VAL GD 815 8.97 -21.72 49.45
CA VAL GD 815 9.63 -20.97 50.51
C VAL GD 815 9.82 -19.54 50.00
N GLU GD 816 9.19 -18.58 50.67
CA GLU GD 816 9.30 -17.19 50.26
C GLU GD 816 10.61 -16.61 50.79
N THR GD 817 11.38 -16.00 49.89
CA THR GD 817 12.66 -15.43 50.29
C THR GD 817 12.45 -14.27 51.26
N GLN GD 818 13.36 -14.15 52.22
CA GLN GD 818 13.26 -13.11 53.23
C GLN GD 818 13.41 -11.73 52.59
N VAL GD 819 12.82 -10.73 53.24
CA VAL GD 819 12.87 -9.35 52.78
C VAL GD 819 13.55 -8.50 53.84
N TYR GD 820 14.50 -7.68 53.41
CA TYR GD 820 15.23 -6.78 54.28
C TYR GD 820 14.81 -5.35 53.97
N THR GD 821 14.27 -4.66 54.97
CA THR GD 821 13.79 -3.29 54.83
C THR GD 821 14.73 -2.36 55.59
N GLU GD 822 15.30 -1.38 54.90
CA GLU GD 822 16.24 -0.46 55.50
C GLU GD 822 15.54 0.82 55.92
N GLY GD 823 15.88 1.31 57.11
CA GLY GD 823 15.30 2.54 57.60
C GLY GD 823 15.82 3.76 56.87
N THR GD 824 15.11 4.87 57.05
CA THR GD 824 15.47 6.12 56.39
C THR GD 824 16.54 6.86 57.20
N ALA HD 104 -53.90 -24.79 46.70
CA ALA HD 104 -54.20 -23.40 47.02
C ALA HD 104 -52.92 -22.59 47.25
N GLU HD 105 -52.68 -22.23 48.51
CA GLU HD 105 -51.51 -21.45 48.88
C GLU HD 105 -50.41 -22.30 49.50
N VAL HD 106 -50.66 -23.59 49.76
CA VAL HD 106 -49.61 -24.47 50.26
C VAL HD 106 -48.53 -24.68 49.20
N ILE HD 107 -48.88 -24.53 47.92
CA ILE HD 107 -47.88 -24.60 46.87
C ILE HD 107 -46.82 -23.53 47.08
N ASP HD 108 -47.25 -22.33 47.47
CA ASP HD 108 -46.29 -21.25 47.73
C ASP HD 108 -45.36 -21.62 48.87
N LYS HD 109 -45.90 -22.18 49.96
CA LYS HD 109 -45.07 -22.52 51.11
C LYS HD 109 -44.06 -23.60 50.76
N LYS HD 110 -44.50 -24.68 50.12
CA LYS HD 110 -43.58 -25.77 49.81
C LYS HD 110 -42.58 -25.38 48.71
N ALA HD 111 -43.01 -24.53 47.77
CA ALA HD 111 -42.08 -24.01 46.77
C ALA HD 111 -41.03 -23.12 47.43
N PHE HD 112 -41.43 -22.33 48.42
CA PHE HD 112 -40.45 -21.51 49.15
C PHE HD 112 -39.50 -22.38 49.95
N LYS HD 113 -39.99 -23.50 50.48
CA LYS HD 113 -39.09 -24.41 51.20
C LYS HD 113 -38.04 -25.00 50.26
N ASP HD 114 -38.47 -25.53 49.11
CA ASP HD 114 -37.52 -26.08 48.15
C ASP HD 114 -36.59 -24.98 47.64
N MET HD 115 -37.14 -23.80 47.36
CA MET HD 115 -36.41 -22.60 47.04
C MET HD 115 -35.27 -22.31 48.02
N THR HD 116 -35.61 -22.17 49.29
CA THR HD 116 -34.60 -21.80 50.29
C THR HD 116 -33.63 -22.93 50.57
N ARG HD 117 -34.00 -24.18 50.24
CA ARG HD 117 -33.02 -25.25 50.30
C ARG HD 117 -32.04 -25.20 49.13
N ASN HD 118 -32.52 -24.79 47.95
CA ASN HD 118 -31.64 -24.70 46.78
C ASN HD 118 -30.74 -23.47 46.84
N LEU HD 119 -31.23 -22.35 47.39
CA LEU HD 119 -30.43 -21.13 47.42
C LEU HD 119 -29.28 -21.25 48.41
N TYR HD 120 -29.54 -21.84 49.58
CA TYR HD 120 -28.53 -22.00 50.64
C TYR HD 120 -28.46 -23.49 50.97
N PRO HD 121 -27.76 -24.27 50.14
CA PRO HD 121 -27.68 -25.72 50.40
C PRO HD 121 -26.98 -26.05 51.70
N LEU HD 122 -26.18 -25.15 52.25
CA LEU HD 122 -25.49 -25.35 53.52
C LEU HD 122 -26.29 -24.65 54.62
N ASN HD 123 -26.79 -25.43 55.58
CA ASN HD 123 -27.42 -24.85 56.76
C ASN HD 123 -26.38 -24.10 57.57
N PRO HD 124 -26.80 -23.17 58.44
CA PRO HD 124 -25.83 -22.49 59.31
C PRO HD 124 -25.01 -23.45 60.15
N GLU HD 125 -25.64 -24.51 60.67
CA GLU HD 125 -24.91 -25.55 61.38
C GLU HD 125 -23.87 -26.19 60.49
N GLN HD 126 -24.25 -26.52 59.26
CA GLN HD 126 -23.29 -27.11 58.33
C GLN HD 126 -22.27 -26.10 57.84
N VAL HD 127 -22.59 -24.81 57.89
CA VAL HD 127 -21.60 -23.79 57.55
C VAL HD 127 -20.52 -23.72 58.63
N VAL HD 128 -20.92 -23.76 59.90
CA VAL HD 128 -19.90 -23.80 60.95
C VAL HD 128 -19.14 -25.13 60.90
N LYS HD 129 -19.81 -26.22 60.52
CA LYS HD 129 -19.13 -27.48 60.30
C LYS HD 129 -18.02 -27.33 59.26
N LEU HD 130 -18.37 -26.75 58.10
CA LEU HD 130 -17.40 -26.59 57.03
C LEU HD 130 -16.26 -25.67 57.43
N LYS HD 131 -16.58 -24.58 58.14
CA LYS HD 131 -15.53 -23.67 58.59
C LYS HD 131 -14.56 -24.36 59.55
N GLN HD 132 -15.11 -25.15 60.48
CA GLN HD 132 -14.26 -25.87 61.42
C GLN HD 132 -13.40 -26.91 60.69
N ILE HD 133 -13.98 -27.60 59.72
CA ILE HD 133 -13.22 -28.59 58.96
C ILE HD 133 -12.10 -27.92 58.18
N TYR HD 134 -12.37 -26.75 57.60
CA TYR HD 134 -11.35 -26.02 56.87
C TYR HD 134 -10.22 -25.57 57.79
N GLU HD 135 -10.58 -25.06 58.97
CA GLU HD 135 -9.54 -24.64 59.92
C GLU HD 135 -8.72 -25.82 60.40
N THR HD 136 -9.37 -26.97 60.64
CA THR HD 136 -8.64 -28.17 61.04
C THR HD 136 -7.69 -28.63 59.94
N SER HD 137 -8.14 -28.58 58.67
CA SER HD 137 -7.28 -28.95 57.56
C SER HD 137 -6.08 -28.01 57.45
N GLU HD 138 -6.30 -26.71 57.64
CA GLU HD 138 -5.20 -25.76 57.61
C GLU HD 138 -4.23 -26.00 58.76
N TYR HD 139 -4.76 -26.35 59.94
CA TYR HD 139 -3.89 -26.67 61.08
C TYR HD 139 -3.04 -27.90 60.79
N ALA HD 140 -3.65 -28.93 60.21
CA ALA HD 140 -2.88 -30.13 59.87
C ALA HD 140 -1.82 -29.83 58.80
N LYS HD 141 -2.16 -29.00 57.82
CA LYS HD 141 -1.22 -28.66 56.76
C LYS HD 141 -0.05 -27.83 57.31
N ALA HD 142 -0.34 -26.90 58.21
CA ALA HD 142 0.69 -26.00 58.74
C ALA HD 142 1.44 -26.59 59.93
N ALA HD 143 1.00 -27.73 60.46
CA ALA HD 143 1.69 -28.34 61.59
C ALA HD 143 3.01 -28.94 61.12
N THR HD 144 4.08 -28.64 61.85
CA THR HD 144 5.37 -29.18 61.49
C THR HD 144 5.50 -30.63 61.94
N PRO HD 145 6.23 -31.46 61.20
CA PRO HD 145 6.43 -32.85 61.63
C PRO HD 145 7.50 -32.94 62.70
N GLY HD 146 7.14 -33.53 63.84
CA GLY HD 146 8.06 -33.62 64.95
C GLY HD 146 8.15 -32.31 65.72
N THR HD 147 9.11 -32.28 66.63
CA THR HD 147 9.31 -31.06 67.41
C THR HD 147 9.98 -29.99 66.55
N PRO HD 148 9.47 -28.77 66.57
CA PRO HD 148 10.17 -27.68 65.89
C PRO HD 148 11.52 -27.45 66.53
N PRO HD 149 12.50 -26.97 65.77
CA PRO HD 149 13.82 -26.70 66.36
C PRO HD 149 13.72 -25.68 67.48
N LYS HD 150 14.48 -25.91 68.53
CA LYS HD 150 14.51 -24.98 69.65
C LYS HD 150 15.18 -23.69 69.22
N PRO HD 151 14.53 -22.54 69.37
CA PRO HD 151 15.16 -21.26 68.99
C PRO HD 151 16.18 -20.83 70.02
N THR HD 152 17.46 -20.94 69.66
CA THR HD 152 18.55 -20.63 70.57
C THR HD 152 19.40 -19.52 70.01
N ALA HD 153 19.90 -18.65 70.89
CA ALA HD 153 20.87 -17.63 70.54
C ALA HD 153 22.19 -18.05 71.17
N THR HD 154 23.09 -18.60 70.37
CA THR HD 154 24.32 -19.19 70.86
C THR HD 154 25.50 -18.24 70.62
N SER HD 155 26.62 -18.58 71.25
CA SER HD 155 27.87 -17.85 71.08
C SER HD 155 28.99 -18.84 70.88
N GLN HD 156 29.81 -18.61 69.86
CA GLN HD 156 30.93 -19.47 69.53
C GLN HD 156 32.21 -18.66 69.45
N PHE HD 157 33.33 -19.32 69.74
CA PHE HD 157 34.64 -18.71 69.58
C PHE HD 157 35.29 -19.29 68.32
N VAL HD 158 35.55 -18.44 67.33
CA VAL HD 158 36.12 -18.87 66.07
C VAL HD 158 37.63 -18.95 66.22
N ASN HD 159 38.17 -20.16 66.14
CA ASN HD 159 39.61 -20.39 66.19
C ASN HD 159 40.10 -20.60 64.76
N LEU HD 160 40.97 -19.70 64.30
CA LEU HD 160 41.45 -19.72 62.93
C LEU HD 160 42.74 -20.50 62.75
N SER HD 161 43.30 -21.06 63.81
CA SER HD 161 44.51 -21.85 63.70
C SER HD 161 44.23 -23.12 62.89
N PRO HD 162 45.19 -23.57 62.09
CA PRO HD 162 44.99 -24.80 61.31
C PRO HD 162 44.72 -25.99 62.22
N GLY HD 163 43.83 -26.87 61.76
CA GLY HD 163 43.39 -28.01 62.54
C GLY HD 163 42.10 -27.80 63.30
N SER HD 164 41.65 -26.56 63.44
CA SER HD 164 40.40 -26.26 64.13
C SER HD 164 39.21 -26.38 63.18
N THR HD 165 38.13 -26.95 63.69
CA THR HD 165 36.95 -27.19 62.87
C THR HD 165 36.15 -25.91 62.68
N PRO HD 166 35.71 -25.64 61.45
CA PRO HD 166 34.92 -24.44 61.20
C PRO HD 166 33.62 -24.48 61.99
N PRO HD 167 33.16 -23.33 62.47
CA PRO HD 167 31.92 -23.30 63.27
C PRO HD 167 30.70 -23.72 62.46
N VAL HD 168 29.75 -24.33 63.16
CA VAL HD 168 28.52 -24.84 62.56
C VAL HD 168 27.38 -23.88 62.91
N ILE HD 169 26.59 -23.53 61.89
CA ILE HD 169 25.42 -22.67 62.07
C ILE HD 169 24.19 -23.54 61.83
N ARG HD 170 23.39 -23.73 62.87
CA ARG HD 170 22.15 -24.50 62.76
C ARG HD 170 21.05 -23.60 62.18
N LEU HD 171 20.60 -23.92 60.98
CA LEU HD 171 19.55 -23.17 60.32
C LEU HD 171 18.24 -23.95 60.34
N SER HD 172 17.21 -23.35 59.77
CA SER HD 172 15.92 -23.99 59.59
C SER HD 172 15.26 -23.37 58.38
N GLN HD 173 14.47 -24.17 57.66
CA GLN HD 173 13.88 -23.73 56.42
C GLN HD 173 12.89 -22.59 56.67
N GLY HD 174 13.12 -21.46 56.02
CA GLY HD 174 12.25 -20.31 56.14
C GLY HD 174 12.49 -19.43 57.36
N PHE HD 175 13.51 -19.73 58.16
CA PHE HD 175 13.81 -18.97 59.37
C PHE HD 175 15.12 -18.22 59.21
N VAL HD 176 15.19 -17.05 59.85
CA VAL HD 176 16.34 -16.17 59.73
C VAL HD 176 17.32 -16.49 60.85
N SER HD 177 18.55 -16.82 60.47
CA SER HD 177 19.66 -17.02 61.40
C SER HD 177 20.67 -15.91 61.17
N SER HD 178 20.97 -15.14 62.22
CA SER HD 178 21.83 -13.98 62.09
C SER HD 178 23.18 -14.26 62.75
N LEU HD 179 24.23 -14.14 61.96
CA LEU HD 179 25.59 -14.19 62.50
C LEU HD 179 26.12 -12.76 62.64
N VAL HD 180 26.47 -12.39 63.86
CA VAL HD 180 27.19 -11.16 64.14
C VAL HD 180 28.64 -11.54 64.45
N PHE HD 181 29.57 -10.85 63.82
CA PHE HD 181 30.98 -11.16 63.95
C PHE HD 181 31.63 -10.17 64.91
N LEU HD 182 32.28 -10.71 65.94
CA LEU HD 182 32.94 -9.92 66.97
C LEU HD 182 34.37 -10.41 67.11
N ASP HD 183 35.25 -9.51 67.52
CA ASP HD 183 36.64 -9.87 67.78
C ASP HD 183 36.75 -10.46 69.18
N SER HD 184 37.98 -10.70 69.64
CA SER HD 184 38.17 -11.29 70.96
C SER HD 184 37.65 -10.38 72.06
N THR HD 185 37.80 -9.07 71.88
CA THR HD 185 37.32 -8.11 72.87
C THR HD 185 35.81 -7.94 72.85
N GLY HD 186 35.11 -8.66 71.97
CA GLY HD 186 33.66 -8.58 71.88
C GLY HD 186 33.13 -7.42 71.07
N ALA HD 187 33.99 -6.58 70.53
CA ALA HD 187 33.60 -5.44 69.71
C ALA HD 187 33.19 -5.91 68.31
N PRO HD 188 32.33 -5.14 67.63
CA PRO HD 188 31.92 -5.53 66.28
C PRO HD 188 33.09 -5.58 65.32
N TRP HD 189 33.00 -6.49 64.35
CA TRP HD 189 34.01 -6.65 63.30
C TRP HD 189 33.33 -6.58 61.95
N PRO HD 190 33.38 -5.43 61.28
CA PRO HD 190 32.65 -5.28 60.01
C PRO HD 190 33.13 -6.27 58.95
N ILE HD 191 32.20 -6.64 58.07
CA ILE HD 191 32.43 -7.66 57.07
C ILE HD 191 32.90 -6.99 55.77
N ALA HD 192 34.09 -7.36 55.31
CA ALA HD 192 34.57 -6.83 54.03
C ALA HD 192 33.84 -7.46 52.86
N ALA HD 193 33.65 -8.78 52.89
CA ALA HD 193 32.98 -9.49 51.81
C ALA HD 193 32.56 -10.86 52.29
N TYR HD 194 31.70 -11.52 51.52
CA TYR HD 194 31.30 -12.87 51.82
C TYR HD 194 31.12 -13.64 50.52
N ASP HD 195 31.28 -14.96 50.62
CA ASP HD 195 31.13 -15.87 49.50
C ASP HD 195 30.27 -17.04 49.93
N LEU HD 196 29.17 -17.28 49.21
CA LEU HD 196 28.20 -18.31 49.57
C LEU HD 196 28.28 -19.44 48.55
N GLY HD 197 28.78 -20.60 48.99
CA GLY HD 197 28.73 -21.78 48.15
C GLY HD 197 27.35 -22.40 48.20
N ASP HD 198 26.87 -22.83 47.03
CA ASP HD 198 25.51 -23.32 46.86
C ASP HD 198 24.51 -22.25 47.31
N PRO HD 199 24.40 -21.13 46.61
CA PRO HD 199 23.45 -20.08 47.00
C PRO HD 199 22.00 -20.38 46.64
N SER HD 200 21.73 -21.55 46.05
CA SER HD 200 20.36 -21.98 45.79
C SER HD 200 19.70 -22.60 47.02
N SER HD 201 20.47 -22.92 48.05
CA SER HD 201 19.92 -23.51 49.27
C SER HD 201 19.92 -22.54 50.44
N PHE HD 202 20.61 -21.41 50.35
CA PHE HD 202 20.62 -20.41 51.39
C PHE HD 202 20.49 -19.02 50.77
N ASN HD 203 19.69 -18.16 51.39
CA ASN HD 203 19.54 -16.77 50.98
C ASN HD 203 20.14 -15.89 52.06
N ILE HD 204 21.07 -15.03 51.69
CA ILE HD 204 21.81 -14.20 52.64
C ILE HD 204 21.48 -12.74 52.39
N GLN HD 205 21.00 -12.06 53.43
CA GLN HD 205 20.77 -10.63 53.42
C GLN HD 205 21.82 -9.94 54.28
N TRP HD 206 22.43 -8.89 53.73
CA TRP HD 206 23.50 -8.19 54.42
C TRP HD 206 23.66 -6.82 53.78
N ASP HD 207 23.36 -5.77 54.53
CA ASP HD 207 23.76 -4.43 54.09
C ASP HD 207 25.28 -4.35 54.10
N LYS HD 208 25.83 -3.71 53.07
CA LYS HD 208 27.25 -3.84 52.77
C LYS HD 208 28.16 -3.21 53.82
N THR HD 209 27.61 -2.45 54.76
CA THR HD 209 28.42 -1.76 55.76
C THR HD 209 28.53 -2.51 57.08
N SER HD 210 27.50 -3.23 57.49
CA SER HD 210 27.45 -3.79 58.84
C SER HD 210 28.26 -5.08 58.93
N ASN HD 211 28.13 -5.77 60.05
CA ASN HD 211 28.85 -7.01 60.33
C ASN HD 211 27.90 -8.18 60.55
N THR HD 212 26.63 -8.04 60.22
CA THR HD 212 25.61 -9.04 60.50
C THR HD 212 25.10 -9.64 59.20
N LEU HD 213 25.18 -10.97 59.10
CA LEU HD 213 24.62 -11.70 57.97
C LEU HD 213 23.34 -12.39 58.42
N MET HD 214 22.31 -12.33 57.58
CA MET HD 214 21.02 -12.92 57.92
C MET HD 214 20.70 -13.98 56.87
N ILE HD 215 20.87 -15.25 57.24
CA ILE HD 215 20.78 -16.38 56.32
C ILE HD 215 19.47 -17.11 56.57
N GLN HD 216 18.77 -17.43 55.50
CA GLN HD 216 17.53 -18.17 55.54
C GLN HD 216 17.70 -19.43 54.69
N ALA HD 217 17.46 -20.59 55.29
CA ALA HD 217 17.60 -21.85 54.58
C ALA HD 217 16.44 -22.03 53.63
N THR HD 218 16.72 -22.02 52.33
CA THR HD 218 15.69 -22.23 51.32
C THR HD 218 15.35 -23.71 51.14
N LYS HD 219 16.21 -24.61 51.59
CA LYS HD 219 16.00 -26.04 51.47
C LYS HD 219 15.98 -26.69 52.85
N LEU HD 220 15.30 -27.83 52.94
CA LEU HD 220 15.08 -28.49 54.22
C LEU HD 220 16.39 -28.95 54.84
N TYR HD 221 17.09 -29.87 54.18
CA TYR HD 221 18.24 -30.54 54.77
C TYR HD 221 19.53 -30.35 53.99
N ASN HD 222 19.54 -29.51 52.97
CA ASN HD 222 20.75 -29.29 52.17
C ASN HD 222 21.69 -28.34 52.90
N TYR HD 223 22.86 -28.83 53.26
CA TYR HD 223 23.85 -28.04 53.99
C TYR HD 223 24.97 -27.60 53.07
N GLY HD 224 25.67 -26.56 53.48
CA GLY HD 224 26.76 -26.01 52.69
C GLY HD 224 27.77 -25.32 53.58
N ASN HD 225 28.57 -24.45 52.96
CA ASN HD 225 29.55 -23.67 53.70
C ASN HD 225 29.50 -22.22 53.24
N LEU HD 226 30.28 -21.39 53.92
CA LEU HD 226 30.27 -19.95 53.68
C LEU HD 226 31.61 -19.36 54.09
N ALA HD 227 32.09 -18.41 53.31
CA ALA HD 227 33.32 -17.67 53.59
C ALA HD 227 32.95 -16.24 53.94
N VAL HD 228 33.57 -15.71 54.99
CA VAL HD 228 33.34 -14.34 55.45
C VAL HD 228 34.71 -13.70 55.62
N ARG HD 229 35.09 -12.84 54.68
CA ARG HD 229 36.32 -12.06 54.79
C ARG HD 229 36.00 -10.77 55.54
N LEU HD 230 36.61 -10.62 56.71
CA LEU HD 230 36.34 -9.47 57.57
C LEU HD 230 37.27 -8.31 57.17
N ARG HD 231 37.21 -7.22 57.93
CA ARG HD 231 37.89 -5.99 57.52
C ARG HD 231 39.40 -6.13 57.65
N GLY HD 232 39.89 -6.35 58.86
CA GLY HD 232 41.31 -6.47 59.12
C GLY HD 232 41.88 -7.86 59.02
N LEU HD 233 41.07 -8.85 58.63
CA LEU HD 233 41.51 -10.24 58.61
C LEU HD 233 41.98 -10.63 57.23
N ASN HD 234 43.22 -11.14 57.16
CA ASN HD 234 43.69 -11.79 55.94
C ASN HD 234 43.10 -13.19 55.81
N THR HD 235 42.94 -13.88 56.93
CA THR HD 235 42.39 -15.23 56.94
C THR HD 235 40.86 -15.17 56.93
N PRO HD 236 40.20 -15.69 55.89
CA PRO HD 236 38.73 -15.68 55.89
C PRO HD 236 38.16 -16.62 56.94
N VAL HD 237 36.98 -16.25 57.44
CA VAL HD 237 36.26 -17.06 58.41
C VAL HD 237 35.41 -18.07 57.65
N MET HD 238 35.61 -19.35 57.94
CA MET HD 238 34.88 -20.42 57.27
C MET HD 238 33.82 -21.00 58.20
N LEU HD 239 32.59 -21.09 57.72
CA LEU HD 239 31.50 -21.65 58.50
C LEU HD 239 30.78 -22.70 57.68
N THR HD 240 30.18 -23.67 58.36
CA THR HD 240 29.35 -24.68 57.74
C THR HD 240 27.91 -24.48 58.19
N LEU HD 241 27.02 -24.29 57.23
CA LEU HD 241 25.61 -24.01 57.49
C LEU HD 241 24.83 -25.30 57.30
N ILE HD 242 24.17 -25.75 58.36
CA ILE HD 242 23.44 -27.01 58.35
C ILE HD 242 21.99 -26.75 58.76
N PRO HD 243 21.02 -26.92 57.87
CA PRO HD 243 19.62 -26.71 58.24
C PRO HD 243 18.96 -28.01 58.70
N GLY HD 244 17.74 -27.86 59.20
CA GLY HD 244 16.96 -29.01 59.63
C GLY HD 244 17.48 -29.72 60.84
N GLN HD 245 17.94 -28.99 61.85
CA GLN HD 245 18.46 -29.59 63.07
C GLN HD 245 17.44 -29.45 64.21
N LYS HD 246 17.75 -30.11 65.33
CA LYS HD 246 16.90 -30.02 66.51
C LYS HD 246 17.00 -28.67 67.20
N ALA HD 247 17.95 -27.83 66.79
CA ALA HD 247 18.07 -26.46 67.27
C ALA HD 247 18.17 -25.53 66.07
N VAL HD 248 17.55 -24.37 66.18
CA VAL HD 248 17.67 -23.32 65.16
C VAL HD 248 18.35 -22.13 65.82
N ASP HD 249 19.48 -21.71 65.25
CA ASP HD 249 20.27 -20.62 65.79
C ASP HD 249 19.68 -19.31 65.29
N TYR HD 250 18.84 -18.68 66.11
CA TYR HD 250 18.30 -17.38 65.75
C TYR HD 250 19.41 -16.35 65.63
N ARG HD 251 20.39 -16.40 66.52
CA ARG HD 251 21.55 -15.51 66.44
C ARG HD 251 22.78 -16.23 66.95
N VAL HD 252 23.90 -16.03 66.27
CA VAL HD 252 25.19 -16.59 66.67
C VAL HD 252 26.17 -15.44 66.79
N ASP HD 253 26.81 -15.33 67.96
CA ASP HD 253 27.83 -14.31 68.20
C ASP HD 253 29.19 -14.96 68.01
N LEU HD 254 29.79 -14.77 66.85
CA LEU HD 254 31.03 -15.45 66.48
C LEU HD 254 32.21 -14.61 66.94
N ARG HD 255 32.96 -15.11 67.92
CA ARG HD 255 34.11 -14.41 68.49
C ARG HD 255 35.36 -14.82 67.74
N VAL HD 256 35.66 -14.08 66.66
CA VAL HD 256 36.87 -14.37 65.88
C VAL HD 256 38.11 -14.13 66.74
N GLN HD 257 39.21 -14.77 66.34
CA GLN HD 257 40.43 -14.76 67.14
C GLN HD 257 41.10 -13.39 67.16
N GLY HD 258 41.06 -12.67 66.04
CA GLY HD 258 41.82 -11.45 65.90
C GLY HD 258 41.20 -10.27 66.64
N TYR HD 259 41.81 -9.11 66.43
CA TYR HD 259 41.34 -7.84 66.96
C TYR HD 259 40.84 -7.00 65.80
N GLY HD 260 39.58 -6.60 65.86
CA GLY HD 260 38.96 -5.86 64.78
C GLY HD 260 39.29 -4.38 64.82
N PRO HD 261 38.71 -3.61 63.89
CA PRO HD 261 38.94 -2.16 63.88
C PRO HD 261 38.31 -1.43 65.06
N ASN HD 262 37.58 -2.12 65.92
CA ASN HD 262 37.00 -1.54 67.13
C ASN HD 262 37.68 -2.17 68.34
N ALA HD 263 38.20 -1.34 69.23
CA ALA HD 263 38.91 -1.82 70.41
C ALA HD 263 38.24 -1.34 71.69
N CYS ID 1 37.05 -57.90 49.59
CA CYS ID 1 37.55 -56.55 49.36
C CYS ID 1 38.87 -56.56 48.60
N THR ID 2 39.96 -56.42 49.36
CA THR ID 2 41.28 -56.29 48.74
C THR ID 2 41.79 -57.62 48.21
N ASP ID 3 41.37 -58.74 48.79
CA ASP ID 3 41.84 -60.04 48.32
C ASP ID 3 41.48 -60.26 46.86
N ALA ID 4 40.24 -59.94 46.48
CA ALA ID 4 39.82 -60.04 45.09
C ALA ID 4 40.61 -59.08 44.21
N ALA ID 5 40.91 -57.89 44.73
CA ALA ID 5 41.68 -56.92 43.95
C ALA ID 5 43.08 -57.44 43.63
N LEU ID 6 43.79 -57.95 44.63
CA LEU ID 6 45.12 -58.51 44.39
C LEU ID 6 45.06 -59.75 43.51
N ALA ID 7 44.05 -60.60 43.71
CA ALA ID 7 43.93 -61.79 42.87
C ALA ID 7 43.71 -61.42 41.42
N ALA ID 8 42.83 -60.45 41.16
CA ALA ID 8 42.59 -60.02 39.78
C ALA ID 8 43.82 -59.33 39.20
N LEU ID 9 44.54 -58.55 40.02
CA LEU ID 9 45.75 -57.90 39.53
C LEU ID 9 46.81 -58.93 39.13
N GLU ID 10 46.99 -59.97 39.95
CA GLU ID 10 47.97 -60.99 39.60
C GLU ID 10 47.51 -61.84 38.42
N TYR ID 11 46.20 -62.05 38.28
CA TYR ID 11 45.68 -62.73 37.11
C TYR ID 11 45.93 -61.93 35.84
N HIS ID 12 45.76 -60.60 35.91
CA HIS ID 12 46.03 -59.76 34.76
C HIS ID 12 47.52 -59.66 34.45
N LYS ID 13 48.36 -59.67 35.49
CA LYS ID 13 49.80 -59.59 35.26
C LYS ID 13 50.36 -60.89 34.70
N SER ID 14 49.93 -62.04 35.22
CA SER ID 14 50.41 -63.31 34.68
C SER ID 14 49.82 -63.59 33.30
N ASN ID 15 48.54 -63.28 33.11
CA ASN ID 15 47.87 -63.39 31.82
C ASN ID 15 47.75 -61.98 31.26
N ALA ID 16 48.81 -61.54 30.57
CA ALA ID 16 48.94 -60.16 30.11
C ALA ID 16 47.75 -59.67 29.29
N CYS JD 1 46.90 -50.90 37.43
CA CYS JD 1 46.16 -51.47 36.32
C CYS JD 1 44.74 -51.84 36.72
N VAL JD 2 44.45 -51.70 38.02
CA VAL JD 2 43.13 -52.04 38.55
C VAL JD 2 42.39 -50.75 38.90
N SER JD 3 41.15 -50.65 38.42
CA SER JD 3 40.25 -49.57 38.83
C SER JD 3 39.34 -50.11 39.92
N MET JD 4 39.39 -49.49 41.10
CA MET JD 4 38.73 -50.05 42.26
C MET JD 4 37.21 -50.03 42.15
N ILE JD 5 36.65 -49.11 41.36
CA ILE JD 5 35.20 -49.00 41.26
C ILE JD 5 34.60 -50.20 40.54
N GLY JD 6 35.38 -50.91 39.74
CA GLY JD 6 34.92 -52.14 39.12
C GLY JD 6 35.21 -53.34 40.00
N GLY JD 7 34.99 -53.20 41.30
CA GLY JD 7 35.31 -54.23 42.26
C GLY JD 7 34.12 -55.15 42.53
N SER JD 8 34.41 -56.44 42.61
CA SER JD 8 33.39 -57.44 42.89
C SER JD 8 34.07 -58.65 43.52
N ARG JD 9 33.53 -59.12 44.64
CA ARG JD 9 34.11 -60.26 45.33
C ARG JD 9 33.95 -61.53 44.50
N ARG KD 1 36.65 -56.81 37.30
CA ARG KD 1 37.76 -55.91 37.01
C ARG KD 1 38.23 -56.05 35.57
N VAL KD 2 38.60 -54.94 34.95
CA VAL KD 2 39.05 -54.91 33.56
C VAL KD 2 40.33 -54.11 33.47
N SER KD 3 41.32 -54.66 32.78
CA SER KD 3 42.64 -54.06 32.68
C SER KD 3 42.64 -52.90 31.69
N ILE KD 4 43.72 -52.10 31.72
CA ILE KD 4 43.92 -51.00 30.76
C ILE KD 4 44.28 -51.53 29.38
N GLY KD 5 44.56 -52.82 29.25
CA GLY KD 5 44.73 -53.39 27.93
C GLY KD 5 43.45 -53.49 27.12
N GLY KD 6 42.29 -53.26 27.76
CA GLY KD 6 41.01 -53.40 27.11
C GLY KD 6 40.38 -54.77 27.27
N THR KD 7 41.11 -55.73 27.80
CA THR KD 7 40.60 -57.09 27.99
C THR KD 7 40.21 -57.29 29.45
N VAL KD 8 39.09 -57.96 29.66
CA VAL KD 8 38.57 -58.24 31.00
C VAL KD 8 39.47 -59.26 31.67
N TYR KD 9 39.85 -58.98 32.92
CA TYR KD 9 40.61 -59.91 33.75
C TYR KD 9 40.09 -59.79 35.18
N THR KD 10 39.30 -60.77 35.60
CA THR KD 10 38.59 -60.69 36.87
C THR KD 10 38.86 -61.93 37.71
N ALA KD 11 38.85 -61.75 39.03
CA ALA KD 11 38.99 -62.85 39.96
C ALA KD 11 37.69 -63.64 40.05
N LYS KD 12 37.80 -64.86 40.58
CA LYS KD 12 36.65 -65.76 40.64
C LYS KD 12 35.76 -65.45 41.84
N LYS KD 13 36.30 -65.63 43.06
CA LYS KD 13 35.52 -65.43 44.27
C LYS KD 13 36.49 -65.21 45.43
N TYR KD 14 36.42 -64.04 46.06
CA TYR KD 14 37.31 -63.71 47.18
C TYR KD 14 36.58 -62.78 48.12
N ASP KD 15 36.40 -63.21 49.37
CA ASP KD 15 35.69 -62.43 50.38
C ASP KD 15 36.66 -62.02 51.48
N ASP KD 16 36.53 -60.77 51.92
CA ASP KD 16 37.37 -60.25 53.00
C ASP KD 16 36.56 -60.03 54.26
N PRO LD 1 32.77 -51.19 45.44
CA PRO LD 1 31.72 -51.85 46.22
C PRO LD 1 32.30 -52.83 47.25
N PHE LD 2 32.76 -52.32 48.38
CA PHE LD 2 33.38 -53.11 49.42
C PHE LD 2 32.72 -52.84 50.75
N GLY LD 3 33.16 -53.59 51.77
CA GLY LD 3 32.58 -53.47 53.10
C GLY LD 3 33.43 -52.71 54.09
N ALA LD 4 34.67 -52.41 53.71
CA ALA LD 4 35.59 -51.67 54.56
C ALA LD 4 35.57 -50.17 54.29
N ASP LD 5 34.54 -49.68 53.61
CA ASP LD 5 34.44 -48.26 53.28
C ASP LD 5 34.31 -47.40 54.54
N ARG MD 207 60.46 -44.61 62.92
CA ARG MD 207 60.50 -44.32 61.48
C ARG MD 207 59.65 -43.10 61.15
N ILE MD 208 59.25 -43.00 59.89
CA ILE MD 208 58.40 -41.92 59.40
C ILE MD 208 57.08 -42.54 58.96
N ILE MD 209 55.98 -41.99 59.48
CA ILE MD 209 54.65 -42.53 59.23
C ILE MD 209 53.99 -41.70 58.14
N TYR MD 210 53.44 -42.38 57.13
CA TYR MD 210 52.84 -41.73 55.98
C TYR MD 210 51.33 -41.87 56.01
N TYR MD 211 50.63 -40.76 55.80
CA TYR MD 211 49.18 -40.73 55.70
C TYR MD 211 48.79 -40.37 54.27
N ILE MD 212 47.60 -40.80 53.87
CA ILE MD 212 47.06 -40.40 52.57
C ILE MD 212 46.54 -38.97 52.70
N GLN MD 213 47.07 -38.08 51.86
CA GLN MD 213 46.52 -36.74 51.75
C GLN MD 213 45.35 -36.70 50.77
N ALA MD 214 45.49 -37.37 49.63
CA ALA MD 214 44.39 -37.53 48.69
C ALA MD 214 44.63 -38.81 47.89
N VAL MD 215 43.55 -39.35 47.34
CA VAL MD 215 43.64 -40.61 46.61
C VAL MD 215 42.68 -40.59 45.44
N ILE MD 216 43.15 -41.07 44.29
CA ILE MD 216 42.34 -41.27 43.10
C ILE MD 216 42.75 -42.60 42.46
N PRO MD 217 41.90 -43.15 41.58
CA PRO MD 217 42.31 -44.37 40.85
C PRO MD 217 43.64 -44.19 40.16
N GLY MD 218 44.66 -44.91 40.62
CA GLY MD 218 46.02 -44.68 40.15
C GLY MD 218 46.87 -43.96 41.19
N ARG MD 219 47.12 -42.68 40.97
CA ARG MD 219 48.02 -41.92 41.84
C ARG MD 219 47.40 -41.74 43.22
N ALA MD 220 48.27 -41.50 44.20
CA ALA MD 220 47.85 -41.17 45.55
C ALA MD 220 48.85 -40.21 46.15
N TRP MD 221 48.38 -39.07 46.62
CA TRP MD 221 49.22 -38.07 47.26
C TRP MD 221 49.26 -38.33 48.76
N LEU MD 222 50.47 -38.47 49.31
CA LEU MD 222 50.69 -38.77 50.71
C LEU MD 222 51.47 -37.65 51.38
N ILE MD 223 51.23 -37.48 52.68
CA ILE MD 223 51.99 -36.55 53.52
C ILE MD 223 52.51 -37.32 54.72
N GLY MD 224 53.80 -37.19 55.00
CA GLY MD 224 54.44 -37.87 56.11
C GLY MD 224 54.42 -37.04 57.38
N SER MD 225 55.23 -37.47 58.34
CA SER MD 225 55.35 -36.77 59.61
C SER MD 225 56.31 -35.59 59.55
N ASN MD 226 57.12 -35.48 58.50
CA ASN MD 226 58.05 -34.38 58.35
C ASN MD 226 57.47 -33.22 57.54
N GLY MD 227 56.21 -33.31 57.13
CA GLY MD 227 55.64 -32.34 56.23
C GLY MD 227 55.96 -32.56 54.76
N SER MD 228 56.71 -33.59 54.43
CA SER MD 228 57.03 -33.89 53.04
C SER MD 228 55.80 -34.41 52.31
N THR MD 229 55.71 -34.08 51.02
CA THR MD 229 54.62 -34.51 50.17
C THR MD 229 55.16 -35.44 49.10
N LEU MD 230 54.47 -36.56 48.89
CA LEU MD 230 54.87 -37.58 47.94
C LEU MD 230 53.66 -37.97 47.10
N THR MD 231 53.92 -38.57 45.94
CA THR MD 231 52.87 -39.14 45.12
C THR MD 231 53.31 -40.53 44.66
N VAL MD 232 52.40 -41.50 44.76
CA VAL MD 232 52.73 -42.89 44.53
C VAL MD 232 51.74 -43.50 43.53
N ARG MD 233 52.21 -44.54 42.85
CA ARG MD 233 51.44 -45.27 41.85
C ARG MD 233 51.34 -46.74 42.28
N GLU MD 234 50.74 -47.56 41.41
CA GLU MD 234 50.45 -48.96 41.75
C GLU MD 234 51.68 -49.67 42.29
N GLY MD 235 52.82 -49.54 41.62
CA GLY MD 235 54.07 -50.02 42.17
C GLY MD 235 55.08 -48.90 42.29
N SER MD 236 55.43 -48.52 43.50
CA SER MD 236 56.29 -47.36 43.71
C SER MD 236 56.95 -47.45 45.07
N LYS MD 237 58.23 -47.08 45.13
CA LYS MD 237 58.99 -47.18 46.37
C LYS MD 237 58.58 -46.07 47.34
N ILE MD 238 58.35 -46.45 48.59
CA ILE MD 238 58.10 -45.51 49.68
C ILE MD 238 59.15 -45.76 50.75
N PRO MD 239 59.88 -44.74 51.19
CA PRO MD 239 60.94 -44.96 52.19
C PRO MD 239 60.37 -45.46 53.51
N GLY MD 240 60.82 -46.64 53.93
CA GLY MD 240 60.39 -47.27 55.16
C GLY MD 240 59.21 -48.21 54.99
N TYR MD 241 58.27 -47.86 54.12
CA TYR MD 241 57.08 -48.68 53.91
C TYR MD 241 57.25 -49.72 52.82
N GLY MD 242 58.38 -49.74 52.13
CA GLY MD 242 58.63 -50.74 51.10
C GLY MD 242 58.19 -50.23 49.73
N MET MD 243 57.40 -51.05 49.03
CA MET MD 243 56.90 -50.74 47.70
C MET MD 243 55.38 -50.86 47.68
N VAL MD 244 54.72 -49.92 47.01
CA VAL MD 244 53.26 -49.95 46.94
C VAL MD 244 52.80 -51.20 46.21
N LYS MD 245 51.83 -51.90 46.80
CA LYS MD 245 51.28 -53.11 46.23
C LYS MD 245 49.86 -52.92 45.71
N LEU MD 246 49.07 -52.04 46.33
CA LEU MD 246 47.72 -51.77 45.88
C LEU MD 246 47.28 -50.41 46.41
N ILE MD 247 46.46 -49.72 45.63
CA ILE MD 247 45.93 -48.41 46.01
C ILE MD 247 44.41 -48.50 45.89
N ASP MD 248 43.73 -48.78 47.00
CA ASP MD 248 42.27 -48.82 47.05
C ASP MD 248 41.79 -47.38 47.21
N SER MD 249 41.30 -46.80 46.11
CA SER MD 249 40.85 -45.41 46.14
C SER MD 249 39.51 -45.24 46.84
N LEU MD 250 38.65 -46.26 46.79
CA LEU MD 250 37.33 -46.12 47.40
C LEU MD 250 37.41 -46.12 48.92
N GLN MD 251 38.20 -47.02 49.50
CA GLN MD 251 38.39 -47.06 50.94
C GLN MD 251 39.47 -46.10 51.43
N GLY MD 252 40.20 -45.46 50.51
CA GLY MD 252 41.32 -44.65 50.93
C GLY MD 252 42.42 -45.43 51.61
N ARG MD 253 42.75 -46.61 51.07
CA ARG MD 253 43.77 -47.48 51.63
C ARG MD 253 44.89 -47.68 50.63
N ILE MD 254 46.08 -47.95 51.15
CA ILE MD 254 47.25 -48.28 50.33
C ILE MD 254 47.95 -49.45 50.99
N LEU MD 255 47.93 -50.61 50.33
CA LEU MD 255 48.66 -51.79 50.78
C LEU MD 255 50.06 -51.75 50.18
N THR MD 256 51.07 -51.89 51.04
CA THR MD 256 52.46 -51.92 50.63
C THR MD 256 53.03 -53.33 50.82
N SER MD 257 54.27 -53.51 50.36
CA SER MD 257 54.89 -54.83 50.42
C SER MD 257 55.26 -55.23 51.84
N SER MD 258 55.62 -54.27 52.68
CA SER MD 258 56.02 -54.56 54.05
C SER MD 258 54.85 -54.92 54.95
N GLY MD 259 53.62 -54.86 54.45
CA GLY MD 259 52.44 -55.10 55.23
C GLY MD 259 51.84 -53.88 55.88
N GLN MD 260 52.59 -52.78 55.96
CA GLN MD 260 52.05 -51.54 56.49
C GLN MD 260 51.01 -50.96 55.53
N VAL MD 261 49.93 -50.44 56.10
CA VAL MD 261 48.83 -49.88 55.33
C VAL MD 261 48.81 -48.38 55.54
N ILE MD 262 48.76 -47.63 54.44
CA ILE MD 262 48.67 -46.17 54.47
C ILE MD 262 47.20 -45.78 54.33
N LYS MD 263 46.73 -44.95 55.25
CA LYS MD 263 45.34 -44.50 55.24
C LYS MD 263 45.29 -43.01 55.53
N PHE MD 264 44.10 -42.44 55.37
CA PHE MD 264 43.88 -41.05 55.75
C PHE MD 264 44.15 -40.88 57.24
N SER MD 265 44.65 -39.71 57.61
CA SER MD 265 44.97 -39.45 59.00
C SER MD 265 43.72 -39.48 59.87
N GLN MD 266 43.89 -39.90 61.12
CA GLN MD 266 42.76 -40.00 62.03
C GLN MD 266 42.11 -38.65 62.26
N GLU MD 267 42.92 -37.60 62.43
CA GLU MD 267 42.41 -36.24 62.58
C GLU MD 267 42.19 -35.55 61.25
N ASP MD 268 42.07 -36.31 60.16
CA ASP MD 268 41.88 -35.74 58.84
C ASP MD 268 40.78 -36.42 58.02
N SER MD 269 40.31 -37.58 58.44
CA SER MD 269 39.28 -38.30 57.68
C SER MD 269 37.93 -38.26 58.38
N GLN ND 791 1.88 -59.02 35.72
CA GLN ND 791 3.09 -58.92 34.92
C GLN ND 791 3.24 -57.51 34.34
N GLN ND 792 2.11 -56.93 33.92
CA GLN ND 792 2.13 -55.58 33.37
C GLN ND 792 2.30 -54.54 34.47
N GLU ND 793 1.81 -54.82 35.68
CA GLU ND 793 2.02 -53.91 36.80
C GLU ND 793 3.49 -53.76 37.11
N ILE ND 794 4.30 -54.80 36.84
CA ILE ND 794 5.74 -54.70 37.01
C ILE ND 794 6.29 -53.61 36.08
N GLN ND 795 5.88 -53.64 34.82
CA GLN ND 795 6.35 -52.64 33.86
C GLN ND 795 5.86 -51.24 34.22
N GLN ND 796 4.61 -51.13 34.68
CA GLN ND 796 4.09 -49.83 35.07
C GLN ND 796 4.87 -49.26 36.25
N ARG ND 797 5.13 -50.09 37.26
CA ARG ND 797 5.92 -49.66 38.41
C ARG ND 797 7.33 -49.26 38.00
N THR ND 798 7.95 -50.05 37.12
CA THR ND 798 9.29 -49.73 36.66
C THR ND 798 9.32 -48.40 35.91
N SER ND 799 8.30 -48.15 35.09
CA SER ND 799 8.23 -46.87 34.38
C SER ND 799 8.04 -45.71 35.35
N ASP ND 800 7.21 -45.90 36.38
CA ASP ND 800 6.99 -44.84 37.36
C ASP ND 800 8.27 -44.49 38.10
N MET ND 801 8.98 -45.52 38.59
CA MET ND 801 10.22 -45.24 39.31
C MET ND 801 11.33 -44.75 38.38
N LEU ND 802 11.30 -45.13 37.10
CA LEU ND 802 12.23 -44.54 36.15
C LEU ND 802 11.96 -43.04 35.97
N THR ND 803 10.69 -42.67 35.86
CA THR ND 803 10.34 -41.26 35.76
C THR ND 803 10.79 -40.49 36.99
N ALA ND 804 10.60 -41.07 38.18
CA ALA ND 804 11.08 -40.41 39.39
C ALA ND 804 12.60 -40.34 39.43
N ALA ND 805 13.28 -41.41 39.01
CA ALA ND 805 14.72 -41.50 39.16
C ALA ND 805 15.45 -40.57 38.20
N THR ND 806 14.93 -40.40 36.99
CA THR ND 806 15.54 -39.43 36.07
C THR ND 806 15.49 -38.03 36.65
N GLN ND 807 14.36 -37.64 37.23
CA GLN ND 807 14.25 -36.33 37.86
C GLN ND 807 15.18 -36.22 39.06
N LEU ND 808 15.28 -37.29 39.87
CA LEU ND 808 16.17 -37.26 41.02
C LEU ND 808 17.62 -37.09 40.60
N VAL ND 809 18.05 -37.82 39.57
CA VAL ND 809 19.41 -37.70 39.07
C VAL ND 809 19.66 -36.31 38.50
N GLN ND 810 18.67 -35.77 37.78
CA GLN ND 810 18.80 -34.41 37.24
C GLN ND 810 18.96 -33.40 38.36
N ASP ND 811 18.20 -33.55 39.44
CA ASP ND 811 18.33 -32.65 40.58
C ASP ND 811 19.70 -32.78 41.24
N TRP ND 812 20.21 -34.01 41.33
CA TRP ND 812 21.53 -34.21 41.92
C TRP ND 812 22.65 -33.62 41.04
N LYS ND 813 22.47 -33.64 39.72
CA LYS ND 813 23.48 -33.10 38.83
C LYS ND 813 23.63 -31.59 38.97
N GLN ND 814 22.58 -30.89 39.41
CA GLN ND 814 22.63 -29.43 39.49
C GLN ND 814 23.59 -28.99 40.59
N VAL ND 815 24.46 -28.04 40.26
CA VAL ND 815 25.32 -27.37 41.21
C VAL ND 815 25.21 -25.88 40.96
N GLU ND 816 24.76 -25.13 41.97
CA GLU ND 816 24.64 -23.68 41.83
C GLU ND 816 25.97 -23.02 42.10
N THR ND 817 26.44 -22.24 41.14
CA THR ND 817 27.76 -21.62 41.24
C THR ND 817 27.79 -20.62 42.39
N GLN ND 818 28.95 -20.55 43.05
CA GLN ND 818 29.12 -19.67 44.20
C GLN ND 818 29.00 -18.22 43.79
N VAL ND 819 28.56 -17.39 44.73
CA VAL ND 819 28.39 -15.96 44.51
C VAL ND 819 29.30 -15.20 45.48
N TYR ND 820 29.96 -14.17 44.97
CA TYR ND 820 30.84 -13.33 45.76
C TYR ND 820 30.21 -11.94 45.87
N THR ND 821 29.97 -11.49 47.10
CA THR ND 821 29.38 -10.18 47.36
C THR ND 821 30.45 -9.29 47.97
N GLU ND 822 30.73 -8.18 47.31
CA GLU ND 822 31.73 -7.23 47.77
C GLU ND 822 31.07 -6.13 48.60
N GLY ND 823 31.70 -5.80 49.72
CA GLY ND 823 31.19 -4.75 50.58
C GLY ND 823 31.39 -3.38 49.98
N THR ND 824 30.71 -2.40 50.57
CA THR ND 824 30.78 -1.02 50.10
C THR ND 824 32.00 -0.31 50.67
N ALA OD 104 -36.10 -37.92 54.50
CA ALA OD 104 -36.41 -36.60 55.04
C ALA OD 104 -35.16 -35.71 55.06
N GLU OD 105 -34.66 -35.42 56.26
CA GLU OD 105 -33.49 -34.58 56.43
C GLU OD 105 -32.19 -35.39 56.52
N VAL OD 106 -32.28 -36.73 56.56
CA VAL OD 106 -31.08 -37.55 56.55
C VAL OD 106 -30.34 -37.44 55.22
N ILE OD 107 -31.06 -37.13 54.14
CA ILE OD 107 -30.41 -36.89 52.86
C ILE OD 107 -29.42 -35.74 52.99
N ASP OD 108 -29.80 -34.68 53.71
CA ASP OD 108 -28.89 -33.56 53.92
C ASP OD 108 -27.64 -33.99 54.67
N LYS OD 109 -27.79 -34.79 55.72
CA LYS OD 109 -26.64 -35.22 56.50
C LYS OD 109 -25.69 -36.07 55.67
N LYS OD 110 -26.23 -37.04 54.94
CA LYS OD 110 -25.36 -37.93 54.17
C LYS OD 110 -24.76 -37.22 52.97
N ALA OD 111 -25.48 -36.27 52.38
CA ALA OD 111 -24.90 -35.45 51.31
C ALA OD 111 -23.79 -34.57 51.86
N PHE OD 112 -23.94 -34.06 53.08
CA PHE OD 112 -22.87 -33.28 53.70
C PHE OD 112 -21.64 -34.15 53.97
N LYS OD 113 -21.86 -35.38 54.42
CA LYS OD 113 -20.74 -36.30 54.63
C LYS OD 113 -20.00 -36.57 53.33
N ASP OD 114 -20.75 -36.85 52.26
CA ASP OD 114 -20.13 -37.08 50.96
C ASP OD 114 -19.39 -35.86 50.46
N MET OD 115 -19.99 -34.67 50.64
CA MET OD 115 -19.37 -33.44 50.16
C MET OD 115 -18.08 -33.15 50.93
N THR OD 116 -18.08 -33.37 52.24
CA THR OD 116 -16.87 -33.10 53.02
C THR OD 116 -15.81 -34.18 52.81
N ARG OD 117 -16.20 -35.37 52.36
CA ARG OD 117 -15.18 -36.34 51.95
C ARG OD 117 -14.61 -36.00 50.58
N ASN OD 118 -15.43 -35.44 49.70
CA ASN OD 118 -14.95 -35.07 48.36
C ASN OD 118 -14.11 -33.80 48.37
N LEU OD 119 -14.44 -32.84 49.24
CA LEU OD 119 -13.74 -31.57 49.27
C LEU OD 119 -12.35 -31.73 49.89
N TYR OD 120 -12.24 -32.52 50.95
CA TYR OD 120 -10.98 -32.76 51.66
C TYR OD 120 -10.74 -34.27 51.65
N PRO OD 121 -10.25 -34.81 50.52
CA PRO OD 121 -10.03 -36.27 50.45
C PRO OD 121 -9.00 -36.77 51.44
N LEU OD 122 -8.10 -35.91 51.89
CA LEU OD 122 -7.08 -36.28 52.88
C LEU OD 122 -7.55 -35.86 54.26
N ASN OD 123 -7.63 -36.82 55.18
CA ASN OD 123 -8.02 -36.53 56.54
C ASN OD 123 -6.96 -35.66 57.22
N PRO OD 124 -7.31 -34.99 58.31
CA PRO OD 124 -6.28 -34.25 59.07
C PRO OD 124 -5.13 -35.14 59.52
N GLU OD 125 -5.41 -36.43 59.79
CA GLU OD 125 -4.33 -37.37 60.08
C GLU OD 125 -3.56 -37.74 58.82
N GLN OD 126 -4.27 -37.95 57.70
CA GLN OD 126 -3.59 -38.25 56.45
C GLN OD 126 -2.76 -37.08 55.95
N VAL OD 127 -3.11 -35.85 56.31
CA VAL OD 127 -2.29 -34.71 55.91
C VAL OD 127 -0.95 -34.73 56.62
N VAL OD 128 -0.95 -35.02 57.93
CA VAL OD 128 0.33 -35.14 58.63
C VAL OD 128 1.09 -36.37 58.14
N LYS OD 129 0.38 -37.43 57.76
CA LYS OD 129 1.03 -38.56 57.11
C LYS OD 129 1.79 -38.12 55.87
N LEU OD 130 1.10 -37.40 54.98
CA LEU OD 130 1.70 -36.98 53.72
C LEU OD 130 2.85 -36.02 53.96
N LYS OD 131 2.71 -35.11 54.93
CA LYS OD 131 3.79 -34.18 55.25
C LYS OD 131 5.02 -34.93 55.76
N GLN OD 132 4.82 -35.92 56.62
CA GLN OD 132 5.94 -36.70 57.12
C GLN OD 132 6.61 -37.49 56.01
N ILE OD 133 5.81 -38.08 55.11
CA ILE OD 133 6.38 -38.82 53.99
C ILE OD 133 7.19 -37.89 53.09
N TYR OD 134 6.67 -36.69 52.83
CA TYR OD 134 7.39 -35.73 52.01
C TYR OD 134 8.71 -35.31 52.66
N GLU OD 135 8.68 -35.03 53.96
CA GLU OD 135 9.92 -34.64 54.65
C GLU OD 135 10.93 -35.79 54.66
N THR OD 136 10.45 -37.02 54.84
CA THR OD 136 11.32 -38.18 54.79
C THR OD 136 11.95 -38.34 53.41
N SER OD 137 11.17 -38.14 52.36
CA SER OD 137 11.70 -38.23 50.99
C SER OD 137 12.75 -37.16 50.75
N GLU OD 138 12.49 -35.93 51.22
CA GLU OD 138 13.48 -34.87 51.06
C GLU OD 138 14.75 -35.17 51.84
N TYR OD 139 14.60 -35.74 53.04
CA TYR OD 139 15.77 -36.12 53.84
C TYR OD 139 16.59 -37.18 53.12
N ALA OD 140 15.93 -38.19 52.54
CA ALA OD 140 16.65 -39.21 51.79
C ALA OD 140 17.33 -38.62 50.56
N LYS OD 141 16.66 -37.69 49.88
CA LYS OD 141 17.24 -37.08 48.68
C LYS OD 141 18.45 -36.23 49.03
N ALA OD 142 18.41 -35.51 50.14
CA ALA OD 142 19.48 -34.61 50.53
C ALA OD 142 20.59 -35.28 51.32
N ALA OD 143 20.44 -36.56 51.64
CA ALA OD 143 21.46 -37.26 52.42
C ALA OD 143 22.68 -37.56 51.55
N THR OD 144 23.85 -37.25 52.09
CA THR OD 144 25.10 -37.52 51.37
C THR OD 144 25.45 -39.00 51.46
N PRO OD 145 25.76 -39.65 50.34
CA PRO OD 145 26.17 -41.06 50.40
C PRO OD 145 27.52 -41.20 51.08
N GLY OD 146 27.59 -42.12 52.02
CA GLY OD 146 28.81 -42.30 52.79
C GLY OD 146 29.02 -41.18 53.78
N THR OD 147 30.24 -41.11 54.28
CA THR OD 147 30.59 -40.05 55.22
C THR OD 147 30.90 -38.77 54.46
N PRO OD 148 30.27 -37.64 54.83
CA PRO OD 148 30.67 -36.37 54.23
C PRO OD 148 32.10 -36.05 54.58
N PRO OD 149 32.81 -35.34 53.71
CA PRO OD 149 34.22 -35.04 53.98
C PRO OD 149 34.37 -34.20 55.24
N LYS OD 150 35.43 -34.47 55.99
CA LYS OD 150 35.71 -33.71 57.19
C LYS OD 150 36.17 -32.30 56.81
N PRO OD 151 35.52 -31.26 57.32
CA PRO OD 151 35.93 -29.88 57.00
C PRO OD 151 37.19 -29.51 57.79
N THR OD 152 38.31 -29.44 57.10
CA THR OD 152 39.60 -29.16 57.73
C THR OD 152 40.18 -27.87 57.18
N ALA OD 153 40.87 -27.14 58.06
CA ALA OD 153 41.64 -25.96 57.68
C ALA OD 153 43.11 -26.33 57.81
N THR OD 154 43.73 -26.64 56.68
CA THR OD 154 45.10 -27.14 56.68
C THR OD 154 46.08 -26.02 56.33
N SER OD 155 47.36 -26.36 56.41
CA SER OD 155 48.45 -25.43 56.09
C SER OD 155 49.57 -26.21 55.44
N GLN OD 156 49.99 -25.77 54.26
CA GLN OD 156 51.03 -26.44 53.48
C GLN OD 156 52.17 -25.47 53.23
N PHE OD 157 53.36 -26.03 53.01
CA PHE OD 157 54.54 -25.26 52.63
C PHE OD 157 54.85 -25.54 51.17
N VAL OD 158 54.76 -24.51 50.34
CA VAL OD 158 55.01 -24.65 48.91
C VAL OD 158 56.52 -24.61 48.66
N ASN OD 159 57.05 -25.71 48.16
CA ASN OD 159 58.47 -25.80 47.80
C ASN OD 159 58.58 -25.75 46.28
N LEU OD 160 59.15 -24.67 45.77
CA LEU OD 160 59.21 -24.44 44.33
C LEU OD 160 60.45 -25.04 43.68
N SER OD 161 61.31 -25.69 44.47
CA SER OD 161 62.49 -26.32 43.89
C SER OD 161 62.06 -27.46 42.96
N PRO OD 162 62.75 -27.64 41.83
CA PRO OD 162 62.39 -28.74 40.93
C PRO OD 162 62.51 -30.08 41.61
N GLY OD 163 61.56 -30.98 41.29
CA GLY OD 163 61.47 -32.26 41.92
C GLY OD 163 60.48 -32.35 43.06
N SER OD 164 59.97 -31.22 43.53
CA SER OD 164 59.00 -31.20 44.61
C SER OD 164 57.58 -31.28 44.05
N THR OD 165 56.76 -32.11 44.69
CA THR OD 165 55.40 -32.34 44.22
C THR OD 165 54.55 -31.10 44.44
N PRO OD 166 53.77 -30.69 43.44
CA PRO OD 166 52.87 -29.55 43.60
C PRO OD 166 51.86 -29.81 44.70
N PRO OD 167 51.48 -28.78 45.45
CA PRO OD 167 50.50 -28.96 46.54
C PRO OD 167 49.16 -29.46 46.02
N VAL OD 168 48.54 -30.33 46.81
CA VAL OD 168 47.25 -30.91 46.49
C VAL OD 168 46.19 -30.27 47.38
N ILE OD 169 45.05 -29.93 46.77
CA ILE OD 169 43.96 -29.24 47.45
C ILE OD 169 42.71 -30.11 47.36
N ARG OD 170 42.16 -30.47 48.51
CA ARG OD 170 40.96 -31.30 48.58
C ARG OD 170 39.73 -30.40 48.52
N LEU OD 171 38.91 -30.62 47.50
CA LEU OD 171 37.68 -29.87 47.30
C LEU OD 171 36.48 -30.78 47.51
N SER OD 172 35.29 -30.20 47.37
CA SER OD 172 34.05 -30.94 47.46
C SER OD 172 33.02 -30.26 46.57
N GLN OD 173 32.14 -31.05 45.99
CA GLN OD 173 31.16 -30.52 45.05
C GLN OD 173 30.21 -29.55 45.74
N GLY OD 174 30.18 -28.31 45.25
CA GLY OD 174 29.33 -27.28 45.81
C GLY OD 174 29.87 -26.61 47.05
N PHE OD 175 31.09 -26.91 47.47
CA PHE OD 175 31.69 -26.36 48.67
C PHE OD 175 32.82 -25.41 48.29
N VAL OD 176 32.95 -24.33 49.07
CA VAL OD 176 33.94 -23.29 48.81
C VAL OD 176 35.21 -23.62 49.57
N SER OD 177 36.32 -23.73 48.86
CA SER OD 177 37.64 -23.93 49.44
C SER OD 177 38.48 -22.70 49.13
N SER OD 178 39.02 -22.07 50.17
CA SER OD 178 39.78 -20.84 50.02
C SER OD 178 41.27 -21.14 50.17
N LEU OD 179 42.05 -20.73 49.18
CA LEU OD 179 43.50 -20.73 49.29
C LEU OD 179 43.96 -19.31 49.57
N VAL OD 180 44.70 -19.14 50.66
CA VAL OD 180 45.40 -17.90 50.96
C VAL OD 180 46.89 -18.18 50.78
N PHE OD 181 47.57 -17.29 50.05
CA PHE OD 181 48.98 -17.46 49.75
C PHE OD 181 49.79 -16.56 50.66
N LEU OD 182 50.63 -17.16 51.49
CA LEU OD 182 51.52 -16.46 52.39
C LEU OD 182 52.96 -16.77 52.01
N ASP OD 183 53.86 -15.83 52.30
CA ASP OD 183 55.28 -16.06 52.06
C ASP OD 183 55.87 -16.83 53.25
N SER OD 184 57.19 -17.02 53.25
CA SER OD 184 57.83 -17.77 54.32
C SER OD 184 57.68 -17.07 55.67
N THR OD 185 57.49 -15.75 55.66
CA THR OD 185 57.29 -15.00 56.90
C THR OD 185 55.85 -15.03 57.38
N GLY OD 186 54.96 -15.67 56.64
CA GLY OD 186 53.56 -15.75 57.04
C GLY OD 186 52.72 -14.56 56.64
N ALA OD 187 53.31 -13.55 56.01
CA ALA OD 187 52.64 -12.35 55.55
C ALA OD 187 51.88 -12.63 54.25
N PRO OD 188 50.83 -11.86 53.97
CA PRO OD 188 50.08 -12.07 52.72
C PRO OD 188 50.96 -11.84 51.49
N TRP OD 189 50.73 -12.66 50.47
CA TRP OD 189 51.40 -12.52 49.18
C TRP OD 189 50.35 -12.34 48.10
N PRO OD 190 50.12 -11.11 47.63
CA PRO OD 190 49.04 -10.87 46.68
C PRO OD 190 49.23 -11.66 45.39
N ILE OD 191 48.12 -11.79 44.66
CA ILE OD 191 48.05 -12.66 43.49
C ILE OD 191 48.10 -11.78 42.24
N ALA OD 192 49.11 -11.98 41.41
CA ALA OD 192 49.17 -11.25 40.15
C ALA OD 192 48.16 -11.79 39.14
N ALA OD 193 48.05 -13.11 39.03
CA ALA OD 193 47.12 -13.71 38.09
C ALA OD 193 46.98 -15.20 38.42
N TYR OD 194 45.95 -15.82 37.86
CA TYR OD 194 45.82 -17.27 37.93
C TYR OD 194 45.31 -17.80 36.59
N ASP OD 195 45.60 -19.07 36.36
CA ASP OD 195 45.24 -19.78 35.14
C ASP OD 195 44.66 -21.12 35.54
N LEU OD 196 43.39 -21.34 35.22
CA LEU OD 196 42.66 -22.53 35.64
C LEU OD 196 42.45 -23.44 34.45
N GLY OD 197 43.10 -24.61 34.48
CA GLY OD 197 42.86 -25.62 33.47
C GLY OD 197 41.59 -26.40 33.79
N ASP OD 198 40.80 -26.68 32.75
CA ASP OD 198 39.49 -27.28 32.88
C ASP OD 198 38.61 -26.45 33.82
N PRO OD 199 38.23 -25.24 33.42
CA PRO OD 199 37.38 -24.40 34.27
C PRO OD 199 35.92 -24.80 34.29
N SER OD 200 35.54 -25.86 33.59
CA SER OD 200 34.18 -26.38 33.65
C SER OD 200 33.95 -27.28 34.86
N SER OD 201 35.00 -27.65 35.58
CA SER OD 201 34.89 -28.48 36.77
C SER OD 201 35.18 -27.72 38.05
N PHE OD 202 35.71 -26.50 37.95
CA PHE OD 202 35.97 -25.67 39.12
C PHE OD 202 35.57 -24.23 38.80
N ASN OD 203 34.92 -23.58 39.77
CA ASN OD 203 34.56 -22.17 39.66
C ASN OD 203 35.39 -21.40 40.68
N ILE OD 204 36.14 -20.40 40.21
CA ILE OD 204 37.05 -19.65 41.06
C ILE OD 204 36.57 -18.21 41.17
N GLN OD 205 36.38 -17.76 42.40
CA GLN OD 205 36.05 -16.37 42.69
C GLN OD 205 37.26 -15.72 43.36
N TRP OD 206 37.61 -14.53 42.89
CA TRP OD 206 38.79 -13.83 43.39
C TRP OD 206 38.67 -12.36 43.02
N ASP OD 207 38.57 -11.49 44.03
CA ASP OD 207 38.73 -10.07 43.77
C ASP OD 207 40.17 -9.80 43.34
N LYS OD 208 40.33 -8.93 42.35
CA LYS OD 208 41.59 -8.82 41.63
C LYS OD 208 42.73 -8.30 42.47
N THR OD 209 42.46 -7.78 43.68
CA THR OD 209 43.49 -7.20 44.54
C THR OD 209 44.02 -8.16 45.58
N SER OD 210 43.16 -9.02 46.15
CA SER OD 210 43.53 -9.82 47.31
C SER OD 210 44.42 -10.99 46.90
N ASN OD 211 44.72 -11.84 47.90
CA ASN OD 211 45.58 -13.01 47.71
C ASN OD 211 44.82 -14.30 47.96
N THR OD 212 43.49 -14.25 48.00
CA THR OD 212 42.66 -15.38 48.38
C THR OD 212 41.81 -15.81 47.19
N LEU OD 213 41.92 -17.08 46.82
CA LEU OD 213 41.10 -17.67 45.77
C LEU OD 213 40.07 -18.58 46.41
N MET OD 214 38.83 -18.54 45.94
CA MET OD 214 37.78 -19.40 46.47
C MET OD 214 37.25 -20.28 45.35
N ILE OD 215 37.52 -21.58 45.44
CA ILE OD 215 37.22 -22.56 44.40
C ILE OD 215 36.07 -23.43 44.86
N GLN OD 216 35.08 -23.59 44.00
CA GLN OD 216 33.95 -24.47 44.23
C GLN OD 216 34.00 -25.57 43.18
N ALA OD 217 34.06 -26.81 43.63
CA ALA OD 217 34.12 -27.95 42.71
C ALA OD 217 32.75 -28.11 42.05
N THR OD 218 32.68 -27.74 40.77
CA THR OD 218 31.41 -27.85 40.05
C THR OD 218 31.03 -29.31 39.83
N LYS OD 219 32.00 -30.18 39.57
CA LYS OD 219 31.77 -31.58 39.29
C LYS OD 219 32.27 -32.45 40.43
N LEU OD 220 31.72 -33.66 40.50
CA LEU OD 220 31.91 -34.52 41.66
C LEU OD 220 33.37 -34.94 41.82
N TYR OD 221 33.89 -35.71 40.88
CA TYR OD 221 35.17 -36.38 41.06
C TYR OD 221 36.25 -35.95 40.07
N ASN OD 222 35.94 -35.04 39.14
CA ASN OD 222 36.90 -34.63 38.14
C ASN OD 222 37.91 -33.66 38.75
N TYR OD 223 39.19 -34.04 38.73
CA TYR OD 223 40.27 -33.23 39.28
C TYR OD 223 41.01 -32.52 38.17
N GLY OD 224 41.71 -31.45 38.55
CA GLY OD 224 42.47 -30.66 37.60
C GLY OD 224 43.65 -29.98 38.26
N ASN OD 225 44.21 -28.94 37.62
CA ASN OD 225 45.29 -28.18 38.22
C ASN OD 225 45.05 -26.70 38.02
N LEU OD 226 45.96 -25.90 38.57
CA LEU OD 226 45.83 -24.45 38.57
C LEU OD 226 47.20 -23.82 38.74
N ALA OD 227 47.43 -22.72 38.04
CA ALA OD 227 48.67 -21.96 38.14
C ALA OD 227 48.38 -20.60 38.76
N VAL OD 228 49.17 -20.22 39.77
CA VAL OD 228 48.97 -18.98 40.50
C VAL OD 228 50.26 -18.19 40.42
N ARG OD 229 50.27 -17.16 39.56
CA ARG OD 229 51.41 -16.24 39.48
C ARG OD 229 51.22 -15.16 40.53
N LEU OD 230 52.14 -15.11 41.50
CA LEU OD 230 52.06 -14.17 42.60
C LEU OD 230 52.74 -12.85 42.19
N ARG OD 231 52.85 -11.92 43.13
CA ARG OD 231 53.32 -10.58 42.80
C ARG OD 231 54.81 -10.56 42.52
N GLY OD 232 55.62 -10.92 43.52
CA GLY OD 232 57.05 -10.91 43.38
C GLY OD 232 57.67 -12.20 42.87
N LEU OD 233 56.85 -13.16 42.47
CA LEU OD 233 57.35 -14.46 42.05
C LEU OD 233 57.41 -14.55 40.53
N ASN OD 234 58.59 -14.87 40.00
CA ASN OD 234 58.70 -15.25 38.60
C ASN OD 234 58.20 -16.67 38.39
N THR OD 235 58.45 -17.54 39.36
CA THR OD 235 58.02 -18.93 39.27
C THR OD 235 56.57 -19.05 39.71
N PRO OD 236 55.66 -19.47 38.83
CA PRO OD 236 54.26 -19.64 39.26
C PRO OD 236 54.11 -20.81 40.21
N VAL OD 237 53.06 -20.74 41.02
CA VAL OD 237 52.74 -21.79 41.99
C VAL OD 237 51.77 -22.75 41.31
N MET OD 238 52.20 -24.00 41.13
CA MET OD 238 51.37 -25.02 40.51
C MET OD 238 50.69 -25.85 41.60
N LEU OD 239 49.37 -25.98 41.52
CA LEU OD 239 48.61 -26.77 42.48
C LEU OD 239 47.69 -27.71 41.74
N THR OD 240 47.35 -28.82 42.37
CA THR OD 240 46.40 -29.77 41.81
C THR OD 240 45.18 -29.86 42.72
N LEU OD 241 43.99 -29.73 42.13
CA LEU OD 241 42.73 -29.69 42.86
C LEU OD 241 41.99 -30.99 42.61
N ILE OD 242 41.77 -31.76 43.67
CA ILE OD 242 41.02 -33.00 43.60
C ILE OD 242 39.77 -32.87 44.47
N PRO OD 243 38.58 -33.01 43.90
CA PRO OD 243 37.36 -33.00 44.71
C PRO OD 243 36.95 -34.43 45.10
N GLY OD 244 35.94 -34.51 45.96
CA GLY OD 244 35.41 -35.79 46.37
C GLY OD 244 36.35 -36.65 47.19
N GLN OD 245 37.05 -36.05 48.15
CA GLN OD 245 37.95 -36.79 49.01
C GLN OD 245 37.33 -36.99 50.39
N LYS OD 246 38.02 -37.77 51.23
CA LYS OD 246 37.54 -37.98 52.60
C LYS OD 246 37.67 -36.74 53.46
N ALA OD 247 38.37 -35.71 52.99
CA ALA OD 247 38.45 -34.43 53.68
C ALA OD 247 38.20 -33.31 52.68
N VAL OD 248 37.65 -32.21 53.17
CA VAL OD 248 37.41 -31.01 52.37
C VAL OD 248 38.18 -29.87 53.02
N ASP OD 249 39.07 -29.25 52.25
CA ASP OD 249 39.89 -28.15 52.75
C ASP OD 249 39.08 -26.87 52.68
N TYR OD 250 38.51 -26.46 53.81
CA TYR OD 250 37.79 -25.20 53.85
C TYR OD 250 38.74 -24.03 53.64
N ARG OD 251 39.97 -24.13 54.13
CA ARG OD 251 40.97 -23.09 53.96
C ARG OD 251 42.36 -23.72 54.03
N VAL OD 252 43.24 -23.31 53.12
CA VAL OD 252 44.61 -23.79 53.06
C VAL OD 252 45.54 -22.59 53.15
N ASP OD 253 46.48 -22.64 54.10
CA ASP OD 253 47.49 -21.60 54.26
C ASP OD 253 48.74 -22.05 53.51
N LEU OD 254 48.91 -21.56 52.29
CA LEU OD 254 50.00 -21.99 51.43
C LEU OD 254 51.21 -21.09 51.67
N ARG OD 255 52.22 -21.62 52.36
CA ARG OD 255 53.43 -20.87 52.68
C ARG OD 255 54.44 -21.05 51.56
N VAL OD 256 54.41 -20.13 50.60
CA VAL OD 256 55.34 -20.18 49.47
C VAL OD 256 56.77 -19.95 49.97
N GLN OD 257 57.74 -20.39 49.16
CA GLN OD 257 59.14 -20.39 49.59
C GLN OD 257 59.71 -18.98 49.65
N GLY OD 258 59.26 -18.08 48.79
CA GLY OD 258 59.88 -16.78 48.66
C GLY OD 258 59.43 -15.80 49.72
N TYR OD 259 59.84 -14.54 49.51
CA TYR OD 259 59.46 -13.43 50.37
C TYR OD 259 58.61 -12.46 49.54
N GLY OD 260 57.39 -12.22 50.01
CA GLY OD 260 56.46 -11.39 49.29
C GLY OD 260 56.68 -9.91 49.52
N PRO OD 261 55.82 -9.07 48.96
CA PRO OD 261 55.94 -7.62 49.17
C PRO OD 261 55.63 -7.17 50.60
N ASN OD 262 55.22 -8.08 51.48
CA ASN OD 262 54.96 -7.77 52.88
C ASN OD 262 56.02 -8.47 53.72
N ALA OD 263 56.72 -7.70 54.55
CA ALA OD 263 57.78 -8.25 55.37
C ALA OD 263 57.45 -8.13 56.85
N CYS PD 1 53.17 -60.34 25.00
CA CYS PD 1 53.75 -59.03 25.27
C CYS PD 1 54.96 -58.75 24.38
N THR PD 2 56.10 -58.53 25.04
CA THR PD 2 57.31 -58.17 24.31
C THR PD 2 57.81 -59.33 23.44
N ASP PD 3 57.62 -60.57 23.90
CA ASP PD 3 58.00 -61.72 23.09
C ASP PD 3 57.19 -61.75 21.79
N ALA PD 4 55.89 -61.52 21.87
CA ALA PD 4 55.06 -61.47 20.67
C ALA PD 4 55.46 -60.31 19.77
N ALA PD 5 55.79 -59.15 20.36
CA ALA PD 5 56.20 -58.00 19.57
C ALA PD 5 57.48 -58.29 18.81
N LEU PD 6 58.49 -58.86 19.48
CA LEU PD 6 59.73 -59.19 18.82
C LEU PD 6 59.54 -60.26 17.75
N ALA PD 7 58.72 -61.27 18.04
CA ALA PD 7 58.46 -62.31 17.05
C ALA PD 7 57.78 -61.74 15.81
N ALA PD 8 56.79 -60.86 16.01
CA ALA PD 8 56.12 -60.24 14.87
C ALA PD 8 57.06 -59.33 14.10
N LEU PD 9 57.93 -58.60 14.81
CA LEU PD 9 58.89 -57.74 14.14
C LEU PD 9 59.87 -58.55 13.29
N GLU PD 10 60.36 -59.67 13.83
CA GLU PD 10 61.28 -60.51 13.05
C GLU PD 10 60.56 -61.21 11.91
N TYR PD 11 59.27 -61.54 12.09
CA TYR PD 11 58.48 -62.08 10.98
C TYR PD 11 58.32 -61.06 9.87
N HIS PD 12 58.10 -59.79 10.23
CA HIS PD 12 57.98 -58.74 9.24
C HIS PD 12 59.32 -58.49 8.55
N LYS PD 13 60.42 -58.52 9.30
CA LYS PD 13 61.73 -58.28 8.70
C LYS PD 13 62.15 -59.42 7.77
N SER PD 14 61.91 -60.67 8.18
CA SER PD 14 62.26 -61.80 7.32
C SER PD 14 61.30 -61.93 6.14
N ASN PD 15 60.01 -61.77 6.38
CA ASN PD 15 58.99 -61.75 5.33
C ASN PD 15 58.62 -60.28 5.14
N ALA PD 16 59.40 -59.61 4.29
CA ALA PD 16 59.37 -58.16 4.18
C ALA PD 16 58.03 -57.61 3.68
N CYS QD 1 58.94 -50.08 13.03
CA CYS QD 1 58.09 -50.78 12.08
C CYS QD 1 56.88 -51.40 12.79
N VAL QD 2 56.95 -51.47 14.11
CA VAL QD 2 55.87 -52.01 14.94
C VAL QD 2 55.16 -50.87 15.64
N SER QD 3 53.84 -50.88 15.58
CA SER QD 3 53.00 -49.98 16.38
C SER QD 3 52.51 -50.78 17.58
N MET QD 4 52.89 -50.33 18.77
CA MET QD 4 52.64 -51.12 19.97
C MET QD 4 51.15 -51.27 20.28
N ILE QD 5 50.32 -50.32 19.83
CA ILE QD 5 48.91 -50.33 20.20
C ILE QD 5 48.20 -51.55 19.62
N GLY QD 6 48.59 -52.00 18.43
CA GLY QD 6 48.02 -53.20 17.86
C GLY QD 6 48.69 -54.46 18.37
N GLY QD 7 48.81 -54.58 19.69
CA GLY QD 7 49.48 -55.70 20.31
C GLY QD 7 48.50 -56.78 20.73
N SER QD 8 48.87 -58.03 20.48
CA SER QD 8 48.05 -59.17 20.86
C SER QD 8 48.97 -60.38 21.04
N ARG QD 9 48.81 -61.07 22.17
CA ARG QD 9 49.64 -62.24 22.45
C ARG QD 9 49.29 -63.39 21.51
N ARG RD 1 49.40 -57.41 14.66
CA ARG RD 1 50.33 -56.36 14.29
C ARG RD 1 50.40 -56.22 12.77
N VAL RD 2 50.51 -54.98 12.30
CA VAL RD 2 50.57 -54.69 10.87
C VAL RD 2 51.71 -53.72 10.60
N SER RD 3 52.51 -54.02 9.58
CA SER RD 3 53.71 -53.27 9.27
C SER RD 3 53.35 -51.97 8.56
N ILE RD 4 54.32 -51.06 8.46
CA ILE RD 4 54.18 -49.81 7.70
C ILE RD 4 54.17 -50.07 6.19
N GLY RD 5 54.46 -51.29 5.77
CA GLY RD 5 54.28 -51.61 4.37
C GLY RD 5 52.84 -51.73 3.94
N GLY RD 6 51.89 -51.75 4.88
CA GLY RD 6 50.50 -51.93 4.57
C GLY RD 6 50.03 -53.37 4.65
N THR RD 7 50.95 -54.32 4.74
CA THR RD 7 50.60 -55.74 4.82
C THR RD 7 50.64 -56.19 6.28
N VAL RD 8 49.74 -57.10 6.62
CA VAL RD 8 49.63 -57.62 7.98
C VAL RD 8 50.72 -58.66 8.22
N TYR RD 9 51.46 -58.49 9.30
CA TYR RD 9 52.47 -59.44 9.75
C TYR RD 9 52.34 -59.58 11.26
N THR RD 10 51.78 -60.70 11.71
CA THR RD 10 51.45 -60.89 13.12
C THR RD 10 52.05 -62.20 13.62
N ALA RD 11 52.38 -62.21 14.90
CA ALA RD 11 52.87 -63.42 15.55
C ALA RD 11 51.72 -64.37 15.84
N LYS RD 12 52.07 -65.63 16.08
CA LYS RD 12 51.05 -66.67 16.30
C LYS RD 12 50.54 -66.66 17.74
N LYS RD 13 51.42 -66.96 18.70
CA LYS RD 13 51.03 -67.03 20.11
C LYS RD 13 52.28 -66.91 20.96
N TYR RD 14 52.33 -65.87 21.80
CA TYR RD 14 53.48 -65.65 22.68
C TYR RD 14 52.99 -64.97 23.94
N ASP RD 15 53.25 -65.60 25.09
CA ASP RD 15 52.82 -65.08 26.38
C ASP RD 15 54.03 -64.81 27.27
N ASP RD 16 53.93 -63.78 28.09
CA ASP RD 16 55.01 -63.43 29.03
C ASP RD 16 54.49 -63.39 30.45
N PRO SD 1 47.71 -53.53 24.64
CA PRO SD 1 47.00 -54.49 25.49
C PRO SD 1 47.93 -55.50 26.14
N PHE SD 2 48.58 -55.10 27.24
CA PHE SD 2 49.61 -55.90 27.89
C PHE SD 2 49.33 -55.98 29.38
N GLY SD 3 50.15 -56.77 30.08
CA GLY SD 3 49.99 -56.96 31.50
C GLY SD 3 51.05 -56.29 32.34
N ALA SD 4 52.14 -55.86 31.72
CA ALA SD 4 53.23 -55.18 32.41
C ALA SD 4 53.08 -53.66 32.38
N ASP SD 5 51.85 -53.16 32.20
CA ASP SD 5 51.61 -51.73 32.14
C ASP SD 5 51.88 -51.05 33.48
N ARG TD 207 78.86 -46.74 34.58
CA ARG TD 207 78.48 -46.19 33.28
C ARG TD 207 77.50 -45.03 33.44
N ILE TD 208 76.71 -44.77 32.40
CA ILE TD 208 75.70 -43.72 32.40
C ILE TD 208 74.34 -44.38 32.24
N ILE TD 209 73.41 -44.04 33.14
CA ILE TD 209 72.09 -44.64 33.16
C ILE TD 209 71.13 -43.74 32.42
N TYR TD 210 70.41 -44.31 31.45
CA TYR TD 210 69.47 -43.58 30.60
C TYR TD 210 68.04 -43.91 31.03
N TYR TD 211 67.25 -42.87 31.26
CA TYR TD 211 65.83 -43.00 31.57
C TYR TD 211 65.01 -42.47 30.41
N ILE TD 212 63.74 -42.86 30.37
CA ILE TD 212 62.84 -42.36 29.35
C ILE TD 212 62.25 -41.03 29.81
N GLN TD 213 62.50 -39.97 29.04
CA GLN TD 213 61.83 -38.70 29.28
C GLN TD 213 60.41 -38.74 28.71
N ALA TD 214 60.27 -39.19 27.47
CA ALA TD 214 58.96 -39.35 26.84
C ALA TD 214 59.06 -40.47 25.82
N VAL TD 215 57.91 -41.06 25.50
CA VAL TD 215 57.87 -42.18 24.58
C VAL TD 215 56.59 -42.10 23.74
N ILE TD 216 56.74 -42.33 22.44
CA ILE TD 216 55.62 -42.45 21.51
C ILE TD 216 55.94 -43.58 20.54
N PRO TD 217 54.91 -44.09 19.83
CA PRO TD 217 55.20 -45.09 18.78
C PRO TD 217 56.26 -44.61 17.81
N GLY TD 218 57.40 -45.31 17.80
CA GLY TD 218 58.54 -44.85 17.04
C GLY TD 218 59.60 -44.21 17.92
N ARG TD 219 59.68 -42.89 17.90
CA ARG TD 219 60.72 -42.17 18.63
C ARG TD 219 60.53 -42.29 20.14
N ALA TD 220 61.63 -42.16 20.87
CA ALA TD 220 61.61 -42.11 22.32
C ALA TD 220 62.69 -41.14 22.78
N TRP TD 221 62.30 -40.12 23.55
CA TRP TD 221 63.24 -39.15 24.07
C TRP TD 221 63.71 -39.60 25.45
N LEU TD 222 65.03 -39.66 25.62
CA LEU TD 222 65.66 -40.15 26.85
C LEU TD 222 66.51 -39.05 27.48
N ILE TD 223 66.66 -39.13 28.80
CA ILE TD 223 67.56 -38.25 29.55
C ILE TD 223 68.49 -39.13 30.38
N GLY TD 224 69.79 -38.85 30.30
CA GLY TD 224 70.78 -39.61 31.03
C GLY TD 224 71.06 -39.00 32.39
N SER TD 225 72.11 -39.51 33.03
CA SER TD 225 72.54 -39.02 34.33
C SER TD 225 73.36 -37.74 34.24
N ASN TD 226 73.83 -37.38 33.04
CA ASN TD 226 74.62 -36.16 32.86
C ASN TD 226 73.77 -34.98 32.46
N GLY TD 227 72.45 -35.13 32.39
CA GLY TD 227 71.58 -34.10 31.87
C GLY TD 227 71.48 -34.06 30.36
N SER TD 228 72.16 -34.95 29.66
CA SER TD 228 72.09 -34.99 28.20
C SER TD 228 70.73 -35.53 27.75
N THR TD 229 70.25 -35.00 26.63
CA THR TD 229 68.98 -35.41 26.06
C THR TD 229 69.24 -36.10 24.72
N LEU TD 230 68.61 -37.26 24.53
CA LEU TD 230 68.78 -38.07 23.34
C LEU TD 230 67.41 -38.44 22.79
N THR TD 231 67.37 -38.83 21.52
CA THR TD 231 66.17 -39.38 20.93
C THR TD 231 66.54 -40.61 20.11
N VAL TD 232 65.77 -41.68 20.27
CA VAL TD 232 66.11 -42.96 19.67
C VAL TD 232 64.91 -43.51 18.90
N ARG TD 233 65.20 -44.39 17.95
CA ARG TD 233 64.22 -45.03 17.10
C ARG TD 233 64.30 -46.55 17.29
N GLU TD 234 63.55 -47.29 16.45
CA GLU TD 234 63.50 -48.74 16.54
C GLU TD 234 64.90 -49.35 16.56
N GLY TD 235 65.75 -48.93 15.63
CA GLY TD 235 67.14 -49.33 15.67
C GLY TD 235 68.06 -48.12 15.74
N SER TD 236 68.73 -47.94 16.88
CA SER TD 236 69.52 -46.75 17.10
C SER TD 236 70.54 -47.02 18.20
N LYS TD 237 71.74 -46.49 18.01
CA LYS TD 237 72.83 -46.72 18.94
C LYS TD 237 72.68 -45.86 20.18
N ILE TD 238 72.89 -46.47 21.35
CA ILE TD 238 72.88 -45.77 22.62
C ILE TD 238 74.20 -46.07 23.32
N PRO TD 239 74.95 -45.06 23.77
CA PRO TD 239 76.24 -45.32 24.41
C PRO TD 239 76.08 -46.13 25.68
N GLY TD 240 76.73 -47.28 25.71
CA GLY TD 240 76.67 -48.19 26.87
C GLY TD 240 75.56 -49.22 26.80
N TYR TD 241 74.38 -48.83 26.31
CA TYR TD 241 73.27 -49.75 26.20
C TYR TD 241 73.25 -50.53 24.90
N GLY TD 242 74.14 -50.22 23.96
CA GLY TD 242 74.20 -50.95 22.72
C GLY TD 242 73.35 -50.35 21.61
N MET TD 243 72.42 -51.13 21.07
CA MET TD 243 71.52 -50.70 20.01
C MET TD 243 70.09 -51.02 20.40
N VAL TD 244 69.17 -50.09 20.11
CA VAL TD 244 67.77 -50.29 20.47
C VAL TD 244 67.21 -51.47 19.70
N LYS TD 245 66.55 -52.38 20.42
CA LYS TD 245 65.91 -53.55 19.83
C LYS TD 245 64.40 -53.43 19.75
N LEU TD 246 63.77 -52.74 20.71
CA LEU TD 246 62.34 -52.56 20.72
C LEU TD 246 62.00 -51.35 21.59
N ILE TD 247 60.94 -50.63 21.21
CA ILE TD 247 60.45 -49.50 21.99
C ILE TD 247 58.97 -49.79 22.29
N ASP TD 248 58.71 -50.40 23.45
CA ASP TD 248 57.35 -50.66 23.90
C ASP TD 248 56.79 -49.35 24.43
N SER TD 249 56.05 -48.65 23.58
CA SER TD 249 55.60 -47.30 23.91
C SER TD 249 54.44 -47.30 24.91
N LEU TD 250 53.66 -48.37 24.96
CA LEU TD 250 52.54 -48.41 25.92
C LEU TD 250 53.03 -48.58 27.35
N GLN TD 251 53.98 -49.49 27.57
CA GLN TD 251 54.52 -49.69 28.91
C GLN TD 251 55.65 -48.74 29.26
N GLY TD 252 56.11 -47.95 28.29
CA GLY TD 252 57.29 -47.13 28.53
C GLY TD 252 58.56 -47.93 28.72
N ARG TD 253 58.75 -48.98 27.92
CA ARG TD 253 59.94 -49.81 27.99
C ARG TD 253 60.76 -49.64 26.72
N ILE TD 254 62.08 -49.79 26.85
CA ILE TD 254 62.97 -49.84 25.70
C ILE TD 254 63.91 -51.00 25.89
N LEU TD 255 63.74 -52.04 25.08
CA LEU TD 255 64.62 -53.20 25.07
C LEU TD 255 65.80 -52.89 24.15
N THR TD 256 67.02 -53.04 24.65
CA THR TD 256 68.22 -52.84 23.87
C THR TD 256 68.89 -54.18 23.60
N SER TD 257 69.97 -54.12 22.82
CA SER TD 257 70.66 -55.35 22.42
C SER TD 257 71.48 -55.94 23.55
N SER TD 258 71.97 -55.11 24.46
CA SER TD 258 72.76 -55.58 25.59
C SER TD 258 71.92 -56.18 26.70
N GLY TD 259 70.60 -56.20 26.55
CA GLY TD 259 69.71 -56.71 27.57
C GLY TD 259 69.24 -55.67 28.57
N GLN TD 260 69.92 -54.54 28.66
CA GLN TD 260 69.49 -53.48 29.56
C GLN TD 260 68.19 -52.87 29.06
N VAL TD 261 67.28 -52.61 29.99
CA VAL TD 261 65.96 -52.05 29.67
C VAL TD 261 65.94 -50.60 30.15
N ILE TD 262 65.54 -49.70 29.26
CA ILE TD 262 65.38 -48.30 29.60
C ILE TD 262 63.93 -48.05 29.98
N LYS TD 263 63.73 -47.44 31.14
CA LYS TD 263 62.41 -47.20 31.70
C LYS TD 263 62.29 -45.74 32.12
N PHE TD 264 61.05 -45.33 32.38
CA PHE TD 264 60.83 -44.04 33.02
C PHE TD 264 61.50 -44.02 34.39
N SER TD 265 62.02 -42.86 34.77
CA SER TD 265 62.70 -42.72 36.05
C SER TD 265 61.73 -42.99 37.19
N GLN TD 266 62.25 -43.60 38.26
CA GLN TD 266 61.39 -43.97 39.39
C GLN TD 266 60.77 -42.75 40.03
N GLU TD 267 61.54 -41.66 40.18
CA GLU TD 267 61.04 -40.41 40.73
C GLU TD 267 60.40 -39.52 39.65
N ASP TD 268 60.02 -40.09 38.52
CA ASP TD 268 59.41 -39.32 37.44
C ASP TD 268 58.15 -39.95 36.87
N SER TD 269 57.86 -41.21 37.15
CA SER TD 269 56.67 -41.86 36.60
C SER TD 269 55.69 -42.26 37.69
N GLN UD 791 16.00 -63.28 22.57
CA GLN UD 791 16.82 -62.82 21.46
C GLN UD 791 16.67 -61.33 21.24
N GLN UD 792 15.42 -60.86 21.21
CA GLN UD 792 15.16 -59.44 20.99
C GLN UD 792 15.63 -58.58 22.16
N GLU UD 793 15.55 -59.11 23.38
CA GLU UD 793 16.04 -58.36 24.54
C GLU UD 793 17.53 -58.10 24.42
N ILE UD 794 18.28 -58.97 23.74
CA ILE UD 794 19.71 -58.75 23.54
C ILE UD 794 19.94 -57.51 22.69
N GLN UD 795 19.22 -57.40 21.57
CA GLN UD 795 19.35 -56.23 20.72
C GLN UD 795 18.88 -54.97 21.45
N GLN UD 796 17.80 -55.06 22.22
CA GLN UD 796 17.33 -53.91 22.98
C GLN UD 796 18.39 -53.44 23.97
N ARG UD 797 18.99 -54.38 24.70
CA ARG UD 797 20.04 -54.05 25.65
C ARG UD 797 21.22 -53.39 24.96
N THR UD 798 21.66 -53.97 23.83
CA THR UD 798 22.78 -53.40 23.09
C THR UD 798 22.46 -51.97 22.63
N SER UD 799 21.22 -51.74 22.19
CA SER UD 799 20.82 -50.40 21.78
C SER UD 799 20.89 -49.42 22.94
N ASP UD 800 20.39 -49.82 24.12
CA ASP UD 800 20.43 -48.92 25.27
C ASP UD 800 21.86 -48.58 25.67
N MET UD 801 22.74 -49.58 25.73
CA MET UD 801 24.11 -49.28 26.13
C MET UD 801 24.86 -48.50 25.06
N LEU UD 802 24.55 -48.71 23.78
CA LEU UD 802 25.16 -47.88 22.74
C LEU UD 802 24.68 -46.43 22.86
N THR UD 803 23.39 -46.23 23.17
CA THR UD 803 22.87 -44.88 23.35
C THR UD 803 23.56 -44.19 24.52
N ALA UD 804 23.76 -44.91 25.62
CA ALA UD 804 24.50 -44.33 26.74
C ALA UD 804 25.96 -44.07 26.37
N ALA UD 805 26.56 -44.96 25.59
CA ALA UD 805 27.99 -44.88 25.32
C ALA UD 805 28.33 -43.74 24.37
N THR UD 806 27.45 -43.46 23.41
CA THR UD 806 27.69 -42.29 22.55
C THR UD 806 27.78 -41.03 23.38
N GLN UD 807 26.85 -40.85 24.31
CA GLN UD 807 26.88 -39.69 25.21
C GLN UD 807 28.14 -39.70 26.08
N LEU UD 808 28.51 -40.88 26.59
CA LEU UD 808 29.70 -40.98 27.44
C LEU UD 808 30.96 -40.59 26.68
N VAL UD 809 31.11 -41.10 25.46
CA VAL UD 809 32.29 -40.77 24.64
C VAL UD 809 32.28 -39.30 24.30
N GLN UD 810 31.11 -38.74 24.00
CA GLN UD 810 31.02 -37.31 23.73
C GLN UD 810 31.46 -36.49 24.95
N ASP UD 811 31.07 -36.93 26.14
CA ASP UD 811 31.49 -36.25 27.36
C ASP UD 811 33.01 -36.34 27.54
N TRP UD 812 33.59 -37.51 27.25
CA TRP UD 812 35.03 -37.67 27.39
C TRP UD 812 35.79 -36.83 26.36
N LYS UD 813 35.21 -36.63 25.17
CA LYS UD 813 35.88 -35.82 24.16
C LYS UD 813 35.93 -34.35 24.54
N GLN UD 814 34.97 -33.89 25.35
CA GLN UD 814 34.90 -32.47 25.70
C GLN UD 814 36.08 -32.07 26.58
N VAL UD 815 36.76 -31.00 26.20
CA VAL UD 815 37.83 -30.42 26.99
C VAL UD 815 37.58 -28.91 27.06
N GLU UD 816 37.45 -28.39 28.28
CA GLU UD 816 37.20 -26.96 28.46
C GLU UD 816 38.53 -26.21 28.43
N THR UD 817 38.63 -25.24 27.53
CA THR UD 817 39.87 -24.48 27.38
C THR UD 817 40.15 -23.67 28.64
N GLN UD 818 41.44 -23.55 28.97
CA GLN UD 818 41.85 -22.87 30.18
C GLN UD 818 41.50 -21.38 30.10
N VAL UD 819 41.34 -20.77 31.26
CA VAL UD 819 41.00 -19.36 31.38
C VAL UD 819 42.10 -18.65 32.15
N TYR UD 820 42.58 -17.54 31.61
CA TYR UD 820 43.61 -16.72 32.24
C TYR UD 820 42.97 -15.42 32.72
N THR UD 821 43.04 -15.17 34.02
CA THR UD 821 42.48 -13.98 34.63
C THR UD 821 43.62 -13.11 35.14
N GLU UD 822 43.73 -11.91 34.59
CA GLU UD 822 44.75 -10.96 35.01
C GLU UD 822 44.23 -10.07 36.14
N GLY UD 823 45.09 -9.83 37.12
CA GLY UD 823 44.72 -8.99 38.24
C GLY UD 823 44.68 -7.52 37.86
N THR UD 824 44.15 -6.73 38.78
CA THR UD 824 44.03 -5.29 38.57
C THR UD 824 45.34 -4.58 38.91
N ALA VD 104 -16.16 -49.79 54.48
CA ALA VD 104 -16.37 -48.62 55.33
C ALA VD 104 -15.24 -47.61 55.17
N GLU VD 105 -14.41 -47.48 56.20
CA GLU VD 105 -13.28 -46.55 56.19
C GLU VD 105 -11.97 -47.21 55.79
N VAL VD 106 -11.95 -48.54 55.61
CA VAL VD 106 -10.74 -49.20 55.15
C VAL VD 106 -10.42 -48.83 53.71
N ILE VD 107 -11.43 -48.43 52.94
CA ILE VD 107 -11.19 -47.93 51.59
C ILE VD 107 -10.27 -46.72 51.63
N ASP VD 108 -10.48 -45.83 52.61
CA ASP VD 108 -9.60 -44.67 52.75
C ASP VD 108 -8.17 -45.08 53.03
N LYS VD 109 -7.96 -46.04 53.93
CA LYS VD 109 -6.61 -46.47 54.28
C LYS VD 109 -5.90 -47.11 53.09
N LYS VD 110 -6.59 -48.00 52.38
CA LYS VD 110 -5.95 -48.68 51.25
C LYS VD 110 -5.75 -47.73 50.07
N ALA VD 111 -6.68 -46.78 49.87
CA ALA VD 111 -6.47 -45.76 48.86
C ALA VD 111 -5.30 -44.86 49.23
N PHE VD 112 -5.09 -44.60 50.52
CA PHE VD 112 -3.93 -43.81 50.93
C PHE VD 112 -2.63 -44.58 50.70
N LYS VD 113 -2.64 -45.88 50.96
CA LYS VD 113 -1.45 -46.68 50.67
C LYS VD 113 -1.12 -46.64 49.18
N ASP VD 114 -2.13 -46.82 48.33
CA ASP VD 114 -1.90 -46.75 46.89
C ASP VD 114 -1.45 -45.35 46.47
N MET VD 115 -2.06 -44.31 47.06
CA MET VD 115 -1.70 -42.94 46.72
C MET VD 115 -0.27 -42.61 47.10
N THR VD 116 0.16 -43.03 48.29
CA THR VD 116 1.52 -42.76 48.71
C THR VD 116 2.54 -43.63 47.99
N ARG VD 117 2.12 -44.78 47.45
CA ARG VD 117 3.03 -45.53 46.59
C ARG VD 117 3.14 -44.91 45.21
N ASN VD 118 2.05 -44.34 44.69
CA ASN VD 118 2.10 -43.71 43.37
C ASN VD 118 2.80 -42.36 43.40
N LEU VD 119 2.62 -41.60 44.49
CA LEU VD 119 3.21 -40.25 44.55
C LEU VD 119 4.71 -40.32 44.73
N TYR VD 120 5.19 -41.25 45.56
CA TYR VD 120 6.62 -41.43 45.83
C TYR VD 120 6.98 -42.87 45.48
N PRO VD 121 7.15 -43.17 44.20
CA PRO VD 121 7.44 -44.56 43.80
C PRO VD 121 8.77 -45.09 44.34
N LEU VD 122 9.68 -44.21 44.73
CA LEU VD 122 10.97 -44.61 45.30
C LEU VD 122 10.90 -44.48 46.82
N ASN VD 123 11.16 -45.58 47.51
CA ASN VD 123 11.16 -45.57 48.96
C ASN VD 123 12.33 -44.73 49.47
N PRO VD 124 12.27 -44.29 50.73
CA PRO VD 124 13.42 -43.57 51.30
C PRO VD 124 14.71 -44.37 51.25
N GLU VD 125 14.63 -45.70 51.30
CA GLU VD 125 15.81 -46.54 51.09
C GLU VD 125 16.19 -46.62 49.62
N GLN VD 126 15.21 -46.73 48.73
CA GLN VD 126 15.51 -46.76 47.31
C GLN VD 126 16.10 -45.44 46.82
N VAL VD 127 15.77 -44.33 47.50
CA VAL VD 127 16.36 -43.05 47.12
C VAL VD 127 17.85 -43.04 47.40
N VAL VD 128 18.27 -43.53 48.56
CA VAL VD 128 19.69 -43.61 48.86
C VAL VD 128 20.36 -44.65 47.96
N LYS VD 129 19.65 -45.72 47.60
CA LYS VD 129 20.15 -46.66 46.60
C LYS VD 129 20.49 -45.94 45.30
N LEU VD 130 19.53 -45.18 44.78
CA LEU VD 130 19.71 -44.50 43.51
C LEU VD 130 20.81 -43.45 43.60
N LYS VD 131 20.88 -42.73 44.72
CA LYS VD 131 21.93 -41.74 44.89
C LYS VD 131 23.31 -42.38 44.90
N GLN VD 132 23.46 -43.50 45.60
CA GLN VD 132 24.74 -44.20 45.62
C GLN VD 132 25.09 -44.73 44.25
N ILE VD 133 24.10 -45.28 43.52
CA ILE VD 133 24.37 -45.79 42.18
C ILE VD 133 24.80 -44.66 41.25
N TYR VD 134 24.14 -43.50 41.36
CA TYR VD 134 24.53 -42.35 40.54
C TYR VD 134 25.94 -41.88 40.87
N GLU VD 135 26.28 -41.80 42.15
CA GLU VD 135 27.63 -41.37 42.52
C GLU VD 135 28.67 -42.38 42.06
N THR VD 136 28.36 -43.68 42.14
CA THR VD 136 29.27 -44.70 41.65
C THR VD 136 29.47 -44.58 40.14
N SER VD 137 28.39 -44.33 39.40
CA SER VD 137 28.50 -44.15 37.95
C SER VD 137 29.34 -42.93 37.61
N GLU VD 138 29.15 -41.83 38.35
CA GLU VD 138 29.98 -40.64 38.10
C GLU VD 138 31.43 -40.90 38.45
N TYR VD 139 31.69 -41.66 39.51
CA TYR VD 139 33.06 -42.01 39.87
C TYR VD 139 33.71 -42.84 38.78
N ALA VD 140 32.99 -43.83 38.24
CA ALA VD 140 33.53 -44.65 37.16
C ALA VD 140 33.76 -43.81 35.90
N LYS VD 141 32.84 -42.90 35.60
CA LYS VD 141 33.00 -42.05 34.42
C LYS VD 141 34.20 -41.13 34.56
N ALA VD 142 34.40 -40.55 35.74
CA ALA VD 142 35.49 -39.61 35.96
C ALA VD 142 36.81 -40.28 36.30
N ALA VD 143 36.81 -41.59 36.51
CA ALA VD 143 38.05 -42.29 36.83
C ALA VD 143 38.94 -42.35 35.59
N THR VD 144 40.19 -41.94 35.74
CA THR VD 144 41.13 -41.97 34.64
C THR VD 144 41.59 -43.39 34.38
N PRO VD 145 41.78 -43.79 33.11
CA PRO VD 145 42.28 -45.15 32.84
C PRO VD 145 43.77 -45.23 33.10
N GLY VD 146 44.18 -46.22 33.88
CA GLY VD 146 45.57 -46.38 34.23
C GLY VD 146 46.02 -45.39 35.29
N THR VD 147 47.32 -45.30 35.44
CA THR VD 147 47.90 -44.40 36.42
C THR VD 147 47.90 -42.97 35.88
N PRO VD 148 47.39 -41.99 36.61
CA PRO VD 148 47.50 -40.61 36.18
C PRO VD 148 48.97 -40.22 36.10
N PRO VD 149 49.32 -39.31 35.19
CA PRO VD 149 50.72 -38.88 35.09
C PRO VD 149 51.18 -38.23 36.39
N LYS VD 150 52.42 -38.50 36.76
CA LYS VD 150 52.98 -37.92 37.97
C LYS VD 150 53.19 -36.42 37.75
N PRO VD 151 52.64 -35.56 38.60
CA PRO VD 151 52.84 -34.11 38.45
C PRO VD 151 54.24 -33.72 38.91
N THR VD 152 55.09 -33.39 37.94
CA THR VD 152 56.49 -33.07 38.22
C THR VD 152 56.79 -31.64 37.79
N ALA VD 153 57.66 -30.98 38.55
CA ALA VD 153 58.21 -29.67 38.21
C ALA VD 153 59.66 -29.89 37.86
N THR VD 154 59.98 -29.91 36.57
CA THR VD 154 61.30 -30.27 36.08
C THR VD 154 62.06 -29.02 35.65
N SER VD 155 63.35 -29.21 35.39
CA SER VD 155 64.22 -28.14 34.93
C SER VD 155 65.13 -28.71 33.86
N GLN VD 156 65.21 -28.01 32.72
CA GLN VD 156 66.03 -28.44 31.59
C GLN VD 156 66.98 -27.33 31.20
N PHE VD 157 68.10 -27.70 30.59
CA PHE VD 157 69.05 -26.76 30.04
C PHE VD 157 68.94 -26.78 28.52
N VAL VD 158 68.52 -25.66 27.94
CA VAL VD 158 68.30 -25.57 26.50
C VAL VD 158 69.64 -25.29 25.84
N ASN VD 159 70.15 -26.26 25.09
CA ASN VD 159 71.37 -26.11 24.31
C ASN VD 159 70.99 -25.79 22.88
N LEU VD 160 71.36 -24.60 22.42
CA LEU VD 160 70.96 -24.10 21.11
C LEU VD 160 71.97 -24.43 20.02
N SER VD 161 73.06 -25.09 20.35
CA SER VD 161 74.05 -25.46 19.34
C SER VD 161 73.45 -26.48 18.38
N PRO VD 162 73.83 -26.42 17.10
CA PRO VD 162 73.33 -27.41 16.14
C PRO VD 162 73.73 -28.82 16.53
N GLY VD 163 72.81 -29.76 16.32
CA GLY VD 163 72.99 -31.13 16.73
C GLY VD 163 72.36 -31.49 18.06
N SER VD 164 71.92 -30.49 18.82
CA SER VD 164 71.29 -30.74 20.11
C SER VD 164 69.79 -30.94 19.93
N THR VD 165 69.25 -31.89 20.68
CA THR VD 165 67.84 -32.25 20.59
C THR VD 165 66.98 -31.20 21.29
N PRO VD 166 65.91 -30.75 20.64
CA PRO VD 166 65.03 -29.77 21.28
C PRO VD 166 64.43 -30.35 22.55
N PRO VD 167 64.23 -29.52 23.58
CA PRO VD 167 63.67 -30.02 24.84
C PRO VD 167 62.26 -30.56 24.67
N VAL VD 168 61.93 -31.52 25.53
CA VAL VD 168 60.64 -32.22 25.50
C VAL VD 168 59.78 -31.69 26.65
N ILE VD 169 58.52 -31.41 26.36
CA ILE VD 169 57.56 -30.97 27.35
C ILE VD 169 56.47 -32.03 27.46
N ARG VD 170 56.36 -32.63 28.64
CA ARG VD 170 55.34 -33.65 28.90
C ARG VD 170 54.06 -32.94 29.32
N LEU VD 171 53.02 -33.07 28.51
CA LEU VD 171 51.73 -32.47 28.78
C LEU VD 171 50.72 -33.54 29.16
N SER VD 172 49.51 -33.09 29.48
CA SER VD 172 48.39 -33.98 29.78
C SER VD 172 47.11 -33.26 29.38
N GLN VD 173 46.15 -34.02 28.85
CA GLN VD 173 44.94 -33.43 28.33
C GLN VD 173 44.17 -32.73 29.44
N GLY VD 174 43.93 -31.43 29.26
CA GLY VD 174 43.19 -30.64 30.22
C GLY VD 174 44.00 -30.08 31.37
N PHE VD 175 45.31 -30.30 31.40
CA PHE VD 175 46.16 -29.82 32.46
C PHE VD 175 47.05 -28.69 31.96
N VAL VD 176 47.37 -27.77 32.87
CA VAL VD 176 48.19 -26.61 32.54
C VAL VD 176 49.65 -26.97 32.78
N SER VD 177 50.49 -26.74 31.77
CA SER VD 177 51.93 -26.87 31.88
C SER VD 177 52.54 -25.50 31.65
N SER VD 178 53.25 -25.00 32.67
CA SER VD 178 53.76 -23.64 32.65
C SER VD 178 55.26 -23.67 32.44
N LEU VD 179 55.71 -23.25 31.25
CA LEU VD 179 57.13 -23.10 30.97
C LEU VD 179 57.55 -21.68 31.27
N VAL VD 180 58.54 -21.53 32.15
CA VAL VD 180 59.22 -20.26 32.38
C VAL VD 180 60.59 -20.34 31.74
N PHE VD 181 60.99 -19.28 31.04
CA PHE VD 181 62.25 -19.25 30.34
C PHE VD 181 63.25 -18.42 31.13
N LEU VD 182 64.40 -19.02 31.42
CA LEU VD 182 65.48 -18.37 32.16
C LEU VD 182 66.75 -18.47 31.36
N ASP VD 183 67.65 -17.52 31.59
CA ASP VD 183 68.97 -17.56 30.95
C ASP VD 183 69.90 -18.45 31.77
N SER VD 184 71.18 -18.45 31.42
CA SER VD 184 72.15 -19.28 32.14
C SER VD 184 72.27 -18.85 33.59
N THR VD 185 72.17 -17.54 33.85
CA THR VD 185 72.24 -17.04 35.22
C THR VD 185 70.99 -17.33 36.03
N GLY VD 186 69.93 -17.85 35.40
CA GLY VD 186 68.70 -18.16 36.09
C GLY VD 186 67.69 -17.04 36.14
N ALA VD 187 68.04 -15.86 35.65
CA ALA VD 187 67.17 -14.70 35.60
C ALA VD 187 66.10 -14.88 34.52
N PRO VD 188 64.95 -14.23 34.68
CA PRO VD 188 63.89 -14.35 33.66
C PRO VD 188 64.35 -13.85 32.29
N TRP VD 189 63.84 -14.50 31.25
CA TRP VD 189 64.11 -14.11 29.87
C TRP VD 189 62.80 -13.85 29.15
N PRO VD 190 62.35 -12.61 29.05
CA PRO VD 190 61.03 -12.33 28.48
C PRO VD 190 60.90 -12.83 27.05
N ILE VD 191 59.65 -13.09 26.66
CA ILE VD 191 59.33 -13.73 25.39
C ILE VD 191 58.93 -12.65 24.39
N ALA VD 192 59.66 -12.58 23.28
CA ALA VD 192 59.29 -11.64 22.21
C ALA VD 192 58.07 -12.14 21.44
N ALA VD 193 58.04 -13.43 21.11
CA ALA VD 193 56.93 -14.00 20.35
C ALA VD 193 57.00 -15.52 20.44
N TYR VD 194 55.93 -16.17 19.96
CA TYR VD 194 55.92 -17.62 19.87
C TYR VD 194 55.07 -18.05 18.69
N ASP VD 195 55.50 -19.14 18.06
CA ASP VD 195 54.78 -19.75 16.95
C ASP VD 195 54.37 -21.15 17.37
N LEU VD 196 53.08 -21.46 17.26
CA LEU VD 196 52.52 -22.73 17.71
C LEU VD 196 52.02 -23.51 16.52
N GLY VD 197 52.73 -24.58 16.16
CA GLY VD 197 52.25 -25.48 15.14
C GLY VD 197 51.20 -26.43 15.69
N ASP VD 198 50.17 -26.68 14.88
CA ASP VD 198 49.02 -27.47 15.28
C ASP VD 198 48.39 -26.86 16.53
N PRO VD 199 47.81 -25.66 16.43
CA PRO VD 199 47.17 -25.05 17.61
C PRO VD 199 45.84 -25.65 17.97
N SER VD 200 45.36 -26.65 17.23
CA SER VD 200 44.14 -27.35 17.59
C SER VD 200 44.35 -28.38 18.68
N SER VD 201 45.60 -28.78 18.93
CA SER VD 201 45.91 -29.77 19.95
C SER VD 201 46.50 -29.15 21.21
N PHE VD 202 46.89 -27.88 21.18
CA PHE VD 202 47.41 -27.20 22.35
C PHE VD 202 46.83 -25.79 22.42
N ASN VD 203 46.46 -25.36 23.62
CA ASN VD 203 45.99 -24.01 23.88
C ASN VD 203 47.02 -23.30 24.74
N ILE VD 204 47.51 -22.16 24.27
CA ILE VD 204 48.60 -21.46 24.95
C ILE VD 204 48.08 -20.12 25.46
N GLN VD 205 48.23 -19.88 26.75
CA GLN VD 205 47.92 -18.61 27.39
C GLN VD 205 49.23 -17.93 27.78
N TRP VD 206 49.35 -16.65 27.43
CA TRP VD 206 50.58 -15.92 27.72
C TRP VD 206 50.26 -14.44 27.64
N ASP VD 207 50.36 -13.73 28.77
CA ASP VD 207 50.36 -12.28 28.72
C ASP VD 207 51.62 -11.80 28.03
N LYS VD 208 51.48 -10.79 27.17
CA LYS VD 208 52.52 -10.45 26.21
C LYS VD 208 53.79 -9.91 26.85
N THR VD 209 53.77 -9.60 28.15
CA THR VD 209 54.94 -9.02 28.80
C THR VD 209 55.83 -10.06 29.46
N SER VD 210 55.26 -11.11 30.04
CA SER VD 210 56.01 -12.03 30.88
C SER VD 210 56.79 -13.02 30.03
N ASN VD 211 57.41 -14.01 30.68
CA ASN VD 211 58.19 -15.04 30.02
C ASN VD 211 57.63 -16.43 30.23
N THR VD 212 56.38 -16.54 30.68
CA THR VD 212 55.77 -17.80 31.06
C THR VD 212 54.66 -18.15 30.08
N LEU VD 213 54.75 -19.32 29.46
CA LEU VD 213 53.72 -19.84 28.58
C LEU VD 213 52.97 -20.96 29.30
N MET VD 214 51.64 -20.90 29.27
CA MET VD 214 50.81 -21.90 29.94
C MET VD 214 50.09 -22.69 28.85
N ILE VD 215 50.52 -23.93 28.61
CA ILE VD 215 50.02 -24.75 27.52
C ILE VD 215 49.13 -25.83 28.11
N GLN VD 216 47.95 -25.99 27.53
CA GLN VD 216 47.01 -27.03 27.91
C GLN VD 216 46.78 -27.94 26.72
N ALA VD 217 47.02 -29.23 26.91
CA ALA VD 217 46.84 -30.20 25.84
C ALA VD 217 45.36 -30.40 25.58
N THR VD 218 44.88 -29.91 24.44
CA THR VD 218 43.47 -30.09 24.09
C THR VD 218 43.18 -31.54 23.74
N LYS VD 219 44.10 -32.20 23.05
CA LYS VD 219 43.91 -33.58 22.60
C LYS VD 219 44.70 -34.54 23.49
N LEU VD 220 44.27 -35.80 23.46
CA LEU VD 220 44.85 -36.81 24.34
C LEU VD 220 46.32 -37.05 24.03
N TYR VD 221 46.62 -37.53 22.83
CA TYR VD 221 47.96 -38.03 22.51
C TYR VD 221 48.62 -37.31 21.34
N ASN VD 222 47.96 -36.31 20.75
CA ASN VD 222 48.53 -35.62 19.60
C ASN VD 222 49.64 -34.69 20.05
N TYR VD 223 50.85 -34.92 19.54
CA TYR VD 223 52.01 -34.12 19.92
C TYR VD 223 52.39 -33.16 18.80
N GLY VD 224 53.11 -32.12 19.17
CA GLY VD 224 53.55 -31.14 18.21
C GLY VD 224 54.81 -30.47 18.69
N ASN VD 225 55.07 -29.28 18.16
CA ASN VD 225 56.23 -28.50 18.59
C ASN VD 225 55.83 -27.03 18.76
N LEU VD 226 56.78 -26.25 19.24
CA LEU VD 226 56.55 -24.84 19.53
C LEU VD 226 57.86 -24.07 19.42
N ALA VD 227 57.78 -22.88 18.84
CA ALA VD 227 58.91 -21.97 18.71
C ALA VD 227 58.70 -20.78 19.63
N VAL VD 228 59.74 -20.41 20.36
CA VAL VD 228 59.69 -19.30 21.31
C VAL VD 228 60.86 -18.38 20.99
N ARG VD 229 60.57 -17.23 20.38
CA ARG VD 229 61.57 -16.21 20.13
C ARG VD 229 61.64 -15.31 21.35
N LEU VD 230 62.79 -15.31 22.03
CA LEU VD 230 62.98 -14.55 23.25
C LEU VD 230 63.45 -13.13 22.91
N ARG VD 231 63.74 -12.34 23.95
CA ARG VD 231 64.01 -10.92 23.74
C ARG VD 231 65.35 -10.69 23.06
N GLY VD 232 66.43 -11.10 23.72
CA GLY VD 232 67.77 -10.89 23.18
C GLY VD 232 68.30 -12.00 22.30
N LEU VD 233 67.48 -13.00 21.99
CA LEU VD 233 67.93 -14.15 21.21
C LEU VD 233 67.53 -14.00 19.75
N ASN VD 234 68.48 -14.25 18.85
CA ASN VD 234 68.15 -14.38 17.45
C ASN VD 234 67.72 -15.81 17.13
N THR VD 235 68.34 -16.79 17.77
CA THR VD 235 67.97 -18.18 17.57
C THR VD 235 66.74 -18.50 18.40
N PRO VD 236 65.64 -18.95 17.79
CA PRO VD 236 64.46 -19.31 18.57
C PRO VD 236 64.67 -20.59 19.37
N VAL VD 237 63.93 -20.71 20.46
CA VAL VD 237 63.96 -21.89 21.31
C VAL VD 237 62.84 -22.82 20.88
N MET VD 238 63.18 -24.04 20.49
CA MET VD 238 62.19 -25.01 20.03
C MET VD 238 61.98 -26.12 21.04
N LEU VD 239 60.72 -26.44 21.28
CA LEU VD 239 60.32 -27.49 22.20
C LEU VD 239 59.34 -28.40 21.50
N THR VD 240 59.33 -29.67 21.90
CA THR VD 240 58.37 -30.63 21.39
C THR VD 240 57.41 -31.00 22.52
N LEU VD 241 56.13 -30.75 22.31
CA LEU VD 241 55.10 -30.93 23.31
C LEU VD 241 54.41 -32.27 23.05
N ILE VD 242 54.59 -33.21 23.96
CA ILE VD 242 54.00 -34.54 23.85
C ILE VD 242 53.05 -34.74 25.02
N PRO VD 243 51.74 -34.87 24.80
CA PRO VD 243 50.81 -35.14 25.90
C PRO VD 243 50.59 -36.64 26.07
N GLY VD 244 49.90 -36.97 27.16
CA GLY VD 244 49.56 -38.36 27.44
C GLY VD 244 50.73 -39.21 27.86
N GLN VD 245 51.69 -38.65 28.59
CA GLN VD 245 52.85 -39.39 29.05
C GLN VD 245 52.64 -39.87 30.50
N LYS VD 246 53.59 -40.67 30.98
CA LYS VD 246 53.52 -41.15 32.36
C LYS VD 246 53.92 -40.08 33.36
N ALA VD 247 54.37 -38.92 32.89
CA ALA VD 247 54.62 -37.75 33.73
C ALA VD 247 53.97 -36.53 33.08
N VAL VD 248 53.50 -35.61 33.92
CA VAL VD 248 52.94 -34.35 33.45
C VAL VD 248 53.78 -33.23 34.06
N ASP VD 249 54.35 -32.40 33.20
CA ASP VD 249 55.22 -31.31 33.63
C ASP VD 249 54.34 -30.13 34.00
N TYR VD 250 54.08 -29.97 35.31
CA TYR VD 250 53.31 -28.82 35.77
C TYR VD 250 54.08 -27.53 35.52
N ARG VD 251 55.40 -27.55 35.68
CA ARG VD 251 56.23 -26.40 35.41
C ARG VD 251 57.61 -26.86 34.97
N VAL VD 252 58.14 -26.20 33.94
CA VAL VD 252 59.46 -26.51 33.39
C VAL VD 252 60.31 -25.26 33.47
N ASP VD 253 61.49 -25.37 34.09
CA ASP VD 253 62.43 -24.26 34.22
C ASP VD 253 63.45 -24.41 33.10
N LEU VD 254 63.25 -23.69 32.00
CA LEU VD 254 64.06 -23.84 30.80
C LEU VD 254 65.23 -22.87 30.84
N ARG VD 255 66.44 -23.41 31.02
CA ARG VD 255 67.66 -22.61 31.13
C ARG VD 255 68.28 -22.48 29.75
N VAL VD 256 67.89 -21.42 29.03
CA VAL VD 256 68.46 -21.17 27.71
C VAL VD 256 69.96 -20.85 27.84
N GLN VD 257 70.68 -21.02 26.73
CA GLN VD 257 72.14 -20.95 26.76
C GLN VD 257 72.64 -19.53 26.95
N GLY VD 258 71.95 -18.54 26.39
CA GLY VD 258 72.45 -17.18 26.36
C GLY VD 258 72.23 -16.43 27.67
N TYR VD 259 72.53 -15.14 27.62
CA TYR VD 259 72.31 -14.22 28.73
C TYR VD 259 71.21 -13.26 28.33
N GLY VD 260 70.15 -13.20 29.13
CA GLY VD 260 69.00 -12.39 28.81
C GLY VD 260 69.16 -10.95 29.21
N PRO VD 261 68.09 -10.16 29.08
CA PRO VD 261 68.14 -8.75 29.49
C PRO VD 261 68.26 -8.55 30.99
N ASN VD 262 68.17 -9.61 31.78
CA ASN VD 262 68.33 -9.54 33.23
C ASN VD 262 69.62 -10.26 33.60
N ALA VD 263 70.49 -9.56 34.33
CA ALA VD 263 71.78 -10.13 34.71
C ALA VD 263 71.90 -10.28 36.23
#